data_4BED
#
_entry.id   4BED
#
_cell.length_a   1.000
_cell.length_b   1.000
_cell.length_c   1.000
_cell.angle_alpha   90.00
_cell.angle_beta   90.00
_cell.angle_gamma   90.00
#
_symmetry.space_group_name_H-M   'P 1'
#
loop_
_entity.id
_entity.type
_entity.pdbx_description
1 polymer 'HEMOCYANIN KLH1'
2 polymer 'HEMOCYANIN KLH1'
3 non-polymer 'CU2-O2 CLUSTER'
#
loop_
_entity_poly.entity_id
_entity_poly.type
_entity_poly.pdbx_seq_one_letter_code
_entity_poly.pdbx_strand_id
1 'polypeptide(L)'
;ENLVRKSVEHLTQEETLDLQAALRELQMDSSSIGFQKIAAAHGAPASCVHKDTSIACCIHGMPTFPHWHRAYVVHMERAL
QTKRRTSGLPYWDWTEPITQLPSLAADPVYIDSQGGKAHTNYWYRGNIDFLDKKTNRAVDDRLFEKVKPGQHTHLMESVL
DALEQDEFCKFEIQFELAHNAIHYLVGGKHDYSMANLEYTAYDPIFFLHHSNVDRIFAIWQRLQELRNKDPKAMDCAQEL
LHQKMEPFSWEDNDIPLTNEHSTPADLFDYCELHYDYDTLNLNGMTPEELKTYLDERSSRARAFASFRLKGFGGSANVFV
YVCIPDDNDRNDDHCEKAGDFFVLGGPSEMKWQFYRPYLFDLSDTVHKMGMKLDGHYTVKAELFSVNGTALPDDLLPHPV
VVHHPEKGFTDPPVKHHQSANLLVRKNINDLTREEVLNLREAFHKFQEDRSVDGYQATAEYHGLPARCPRPDAKDRYACC
VHGMPIFPHWHRLFVTQVEDALVGRGATIGIPYWDWTEPMTHIPGLAGNKTYVDSHGASHTNPFHSSVIAFEENAPHTKR
QIDQRLFKPATFGHHTDLFNQILYAFEQEDYCDFEVQFEITHNTIHAWTGGSEHFSMSSLHYTAFDPLFYFHHSNVDRLW
AVWQALQMRRHKPYRAHCAISLEHMHLKPFAFSSPLNNNEKTHANAMPNKIYDYENVLHYTYEDLTFGGISLENIEKMIH
ENQQEDRIYAGFLLAGIRTSANVDIFIKTTDSVQHKAGTFAVLGGSKEMKWGFDRVFKFDITHVLKDLDLTADGDFEVTV
DITEVDGTKLASSLIPHASVIREHARVKFDKVPRSRLIRKNVDRLSPEEMNELRKALALLKEDKSAGGFQQLGAFHGEPK
WCPSPEASKKFACCVHGMSVFPHWHRLLTVQSENALRRHGYDGALPYWDWTSPLNHLPELADHEKYVDPEDGVEKHNPWF
DGHIDTVDKTTTRSVQNKLFEQPEFGHYTSIAKQVLLALEQDNFCDFEIQYEIAHNYIHALVGGAQPYGMASLRYTAFDP
LFYLHHSNTDRIWAIWQALQKYRGKPYNVANCAVTSMREPLQPFGLSANINTDHVTKEHSVPFNVFDYKTNFNYEYDTLE
FNGLSISQLNKKLEAIKSQDRFFAGFLLSGFKKSSLVKFNICTDSSNCHPAGEFYLLGDENEMPWAYDRVFKYDITEKLH
DLKLHAEDHFYIDYEVFDLKPASLGKDLFKQPSVIHEPRIGHHEGEVYQAEVTSANRIRKNIENLSLGELESLRAAFLEI
ENDGTYESIAKFHGSPGLCQLNGNPISCCVHGMPTFPHWHRLYVVVVENALLKKGSSVAVPYWDWTKRIEHLPHLISDAT
YYNSRQHHYETNPFHHGKITHENEITTRDPKDSLFHSDYFYEQVLYALEQDNFCDFEIQLEILHNALHSLLGGKGKYSMS
NLDYAAFDPVFFLHHATTDRIWAIWQDLQRFRKRPYREANCAIQLMHTPLQPFDKSDNNDEATKTHATPHDGFEYQNSFG
YAYDNLELNHYSIPQLDHMLQERKRHDRVFAGFLLHNIGTSADGHVFVCLPTGEHTKDCSHEAGMFSILGGQTEMSFVFD
RLYKLDITKALKKNGVHLQGDFDLEIEITAVNGSHLDSHVIHSPTILFEAGTDSAHTDDGHTEP
;
A,C
2 'polypeptide(L)'
;VMIRKDITQLDKRQQLSLVKALESMKADHSSDGFQAIASFHALPPLCPSPAASKRFACCVHGMATFPQWHRLYTVQFQDS
LRKHGAVVGLPYWDWTLPRSELPELLTVSTIHDPETGRDIPNPFIGSKIEFEGENVHTKRDINRDRLFQGSTKTHHNWFI
EQALLALEQTNYCDFEVQFEIMHNGVHTWVGGKEPYGIGHLHYASYDPLFYIHHSQTDRIWAIWQSLQRFRGLSGSEANC
AVNLMKTPLKPFSFGAPYNLNDHTHDFSKPEDTFDYQKFGYIYDTLEFAGWSIRGIDHIVRNRQEHSRVFAGFLLEGFGT
SATVDFQVCRTAGDCEDAGYFTVLGGEKEMPWAFDRLYKYDITETLDKMNLRHDEIFQIEVTITSYDGTVLDSGLIPTPS
IIYDPAHHDISSHHLSLNKVRHDLSTLSERDIGSLKYALSSLQADTSADGFAAIASFHGLPAKCNDSHNNEVACCIHGMP
TFPHWHRLYTLQFEQALRRHGSSVAVPYWDWTKPIHNIPHLFTDKEYYDVWRNKVMPNPFARGYVPSHDTYTVRDVQEGL
FHLTSTGEHSALLNQALLALEQHDYCDFAVQFEVMHNTIHYLVGGPQVYSLSSLHYASYDPIFFIHHSFVDKVWAVWQAL
QEKRGLPSDRADCAVSLMTQNMRPFHYEINHNQFTKKHAVPNDVFKYELLGYRYDNLEIGGMNLHEIEKEIKDKQHHVRV
FAGFLLHGIRTSADVQFQICKTSEDCHHGGQIFVLGGTKEMAWAYNRLFKYDITHALHDAHITPEDVFHPSEPFFIKVSV
TAVNGTVLPASILHAPTIIYEPGLDHHEDHHSSSMAGHGVRKEINTLTTAEVDNLKDAMRAVMADHGPNGYQAIAAFHGN
PPMCPMPDGKNYSCCTHGMATFPHWHRLYTKQMEDALTAHGARVGLPYWDGTTAFTALPTFVTDEEDNPFHHGHIDYLGV
DTTRSPRDKLFNDPERGSESFFYRQVLLALEQTDFCQFEVQFEITHNAIHSWTGGLTPYGMSTLEYTTYDPLFWLHHANT
DRIWAIWQALQEYRGLPYDHANCEIQAMKRPLRPFSDPINHNAFTHSNAKPTDVFEYSRFNFQYDNLRFHGMTIKKLEHE
LEKQKEEDRTFAAFLLHGIKKSADVSFDVCNHDGECHFAGTFAILGGEHEMPWSFDRLFRYDITQVLKQMHLEYDSDFTF
HMRIIDTSGKQLPSDLIKMPTVEHSPGGKHHEKHHEDHHEDILVRKNIHSLSHHEAEELRDALYKLQNDESHGGYEHIAG
FHGYPNLCPEKGDEKYPCCVHGMSIFPHWHRLHTIQFERALKKHGSHLGIPYWDWTQTISSLPTFFADSGNNNPFFKYHI
RSINQDTVRDVNEAIFQQTKFGEFSSIFYLALQALEEDNYCDFEVQYEILHNEVHALIGGAEKYSMSTLEYSAFDPYFMI
HHASLDKIWIIWQELQKRRVKPAHAGSCAGDIMHVPLHPFNYESVNNDDFTRENSLPNAVVDSHRFNYKYDNLNLHGHNI
EELEEVLRSLRLKSRVFAGFVLSGIRTTAVVKVYIKSGTDSDDEYAGSFVILGGAKEMPWAYERLYRFDITETVHNLNLT
DDHVKFRFDLKKYDHTELDASVLPAPIIVRRPNNAVFDIIEIPIGKDVNLPPKVVVKRGTKIMFMSVDEAVTTPMLNLGS
YTAMFKCKVPPFSFHAFELGKMYSVESGDYFMTASTTELCNDNNLRIHVHVDDE
;
B,D
#
# COMPACT_ATOMS: atom_id res chain seq x y z
N GLU A 1 -22.18 -12.60 -138.32
CA GLU A 1 -20.80 -12.14 -138.04
C GLU A 1 -20.12 -13.13 -137.15
N ASN A 2 -19.85 -12.70 -135.89
CA ASN A 2 -19.20 -13.57 -134.96
C ASN A 2 -20.17 -14.64 -134.60
N LEU A 3 -19.65 -15.87 -134.38
CA LEU A 3 -20.48 -16.98 -134.02
C LEU A 3 -20.86 -16.78 -132.59
N VAL A 4 -22.05 -17.29 -132.21
CA VAL A 4 -22.47 -17.18 -130.84
C VAL A 4 -22.52 -18.56 -130.29
N ARG A 5 -22.13 -18.71 -129.01
CA ARG A 5 -22.19 -20.01 -128.42
C ARG A 5 -23.32 -19.97 -127.44
N LYS A 6 -24.18 -21.01 -127.48
CA LYS A 6 -25.33 -21.03 -126.64
C LYS A 6 -25.24 -22.28 -125.82
N SER A 7 -26.15 -22.43 -124.84
CA SER A 7 -26.10 -23.62 -124.05
C SER A 7 -26.64 -24.72 -124.90
N VAL A 8 -26.29 -25.96 -124.55
CA VAL A 8 -26.72 -27.10 -125.31
C VAL A 8 -28.21 -27.16 -125.26
N GLU A 9 -28.79 -26.90 -124.08
CA GLU A 9 -30.20 -27.00 -123.88
C GLU A 9 -30.90 -26.00 -124.77
N HIS A 10 -30.29 -24.81 -124.92
CA HIS A 10 -30.88 -23.75 -125.68
C HIS A 10 -31.04 -24.18 -127.11
N LEU A 11 -30.12 -25.02 -127.61
CA LEU A 11 -30.13 -25.38 -129.00
C LEU A 11 -31.47 -25.88 -129.40
N THR A 12 -31.91 -25.41 -130.59
CA THR A 12 -33.16 -25.78 -131.16
C THR A 12 -32.93 -27.08 -131.85
N GLN A 13 -34.01 -27.79 -132.25
CA GLN A 13 -33.81 -29.03 -132.92
C GLN A 13 -33.10 -28.72 -134.19
N GLU A 14 -33.55 -27.66 -134.88
CA GLU A 14 -32.96 -27.35 -136.15
C GLU A 14 -31.51 -27.10 -135.95
N GLU A 15 -31.18 -26.34 -134.89
CA GLU A 15 -29.80 -26.03 -134.64
C GLU A 15 -29.08 -27.31 -134.30
N THR A 16 -29.72 -28.16 -133.47
CA THR A 16 -29.07 -29.35 -133.02
C THR A 16 -28.81 -30.26 -134.18
N LEU A 17 -29.78 -30.41 -135.11
CA LEU A 17 -29.57 -31.30 -136.21
C LEU A 17 -28.43 -30.84 -137.05
N ASP A 18 -28.28 -29.52 -137.23
CA ASP A 18 -27.20 -29.02 -138.04
C ASP A 18 -25.94 -29.50 -137.40
N LEU A 19 -25.88 -29.37 -136.07
CA LEU A 19 -24.73 -29.78 -135.32
C LEU A 19 -24.58 -31.26 -135.45
N GLN A 20 -25.70 -31.98 -135.45
CA GLN A 20 -25.68 -33.41 -135.51
C GLN A 20 -25.02 -33.83 -136.77
N ALA A 21 -25.51 -33.29 -137.91
CA ALA A 21 -24.99 -33.66 -139.18
C ALA A 21 -23.57 -33.19 -139.32
N ALA A 22 -23.29 -31.95 -138.86
CA ALA A 22 -22.01 -31.37 -139.13
C ALA A 22 -20.89 -32.16 -138.55
N LEU A 23 -20.97 -32.52 -137.25
CA LEU A 23 -19.86 -33.21 -136.67
C LEU A 23 -19.78 -34.58 -137.26
N ARG A 24 -20.94 -35.20 -137.52
CA ARG A 24 -20.88 -36.51 -138.07
C ARG A 24 -20.18 -36.42 -139.39
N GLU A 25 -20.45 -35.34 -140.14
CA GLU A 25 -19.80 -35.11 -141.40
C GLU A 25 -18.34 -34.89 -141.12
N LEU A 26 -18.06 -34.14 -140.03
CA LEU A 26 -16.73 -33.74 -139.67
C LEU A 26 -15.92 -34.96 -139.36
N GLN A 27 -16.55 -35.96 -138.72
CA GLN A 27 -15.83 -37.13 -138.30
C GLN A 27 -15.25 -37.75 -139.52
N MET A 28 -16.02 -37.75 -140.62
CA MET A 28 -15.59 -38.35 -141.84
C MET A 28 -14.39 -37.65 -142.37
N ASP A 29 -14.33 -36.31 -142.21
CA ASP A 29 -13.27 -35.53 -142.78
C ASP A 29 -11.94 -36.10 -142.40
N SER A 30 -11.23 -36.63 -143.42
CA SER A 30 -9.92 -37.22 -143.29
C SER A 30 -8.89 -36.16 -143.17
N SER A 31 -9.22 -34.94 -143.62
CA SER A 31 -8.23 -33.90 -143.67
C SER A 31 -7.69 -33.65 -142.31
N SER A 32 -6.55 -32.92 -142.25
CA SER A 32 -5.92 -32.56 -141.02
C SER A 32 -6.90 -31.68 -140.32
N ILE A 33 -7.71 -30.97 -141.13
CA ILE A 33 -8.74 -30.12 -140.63
C ILE A 33 -9.69 -31.03 -139.89
N GLY A 34 -9.84 -32.26 -140.41
CA GLY A 34 -10.78 -33.21 -139.89
C GLY A 34 -10.60 -33.33 -138.41
N PHE A 35 -11.66 -33.85 -137.76
CA PHE A 35 -11.78 -33.97 -136.33
C PHE A 35 -10.71 -34.85 -135.79
N GLN A 36 -10.43 -35.98 -136.47
CA GLN A 36 -9.49 -36.91 -135.92
C GLN A 36 -8.17 -36.23 -135.77
N LYS A 37 -7.77 -35.46 -136.80
CA LYS A 37 -6.50 -34.78 -136.76
C LYS A 37 -6.52 -33.76 -135.67
N ILE A 38 -7.69 -33.10 -135.48
CA ILE A 38 -7.81 -32.05 -134.52
C ILE A 38 -7.55 -32.59 -133.15
N ALA A 39 -8.02 -33.81 -132.87
CA ALA A 39 -7.91 -34.44 -131.58
C ALA A 39 -6.48 -34.55 -131.16
N ALA A 40 -5.59 -34.79 -132.14
CA ALA A 40 -4.20 -35.04 -131.86
C ALA A 40 -3.60 -33.90 -131.09
N ALA A 41 -4.03 -32.65 -131.34
CA ALA A 41 -3.38 -31.54 -130.71
C ALA A 41 -3.46 -31.65 -129.21
N HIS A 42 -4.62 -32.06 -128.67
CA HIS A 42 -4.76 -32.08 -127.24
C HIS A 42 -3.79 -33.02 -126.61
N GLY A 43 -3.62 -34.23 -127.18
CA GLY A 43 -2.77 -35.18 -126.51
C GLY A 43 -2.20 -36.11 -127.52
N ALA A 44 -2.26 -37.43 -127.22
CA ALA A 44 -1.70 -38.38 -128.13
C ALA A 44 -2.46 -38.30 -129.40
N PRO A 45 -1.76 -38.49 -130.49
CA PRO A 45 -0.35 -38.68 -130.38
C PRO A 45 0.30 -37.38 -130.04
N ALA A 46 1.34 -37.39 -129.20
CA ALA A 46 1.99 -36.17 -128.83
C ALA A 46 3.13 -35.90 -129.75
N SER A 47 3.41 -34.60 -129.98
CA SER A 47 4.54 -34.17 -130.74
C SER A 47 4.72 -32.73 -130.37
N CYS A 48 4.40 -32.41 -129.11
CA CYS A 48 4.38 -31.05 -128.65
C CYS A 48 5.73 -30.43 -128.71
N VAL A 49 6.70 -31.13 -128.08
CA VAL A 49 8.09 -30.81 -128.18
C VAL A 49 8.52 -31.65 -129.35
N HIS A 50 9.13 -30.96 -130.34
CA HIS A 50 9.37 -31.43 -131.68
C HIS A 50 10.27 -32.64 -131.83
N LYS A 51 11.61 -32.42 -131.79
CA LYS A 51 12.55 -33.50 -131.96
C LYS A 51 12.75 -34.22 -130.65
N ASP A 52 12.77 -33.47 -129.53
CA ASP A 52 13.04 -34.10 -128.26
C ASP A 52 11.89 -35.00 -127.94
N THR A 53 12.00 -35.73 -126.81
CA THR A 53 10.99 -36.68 -126.45
C THR A 53 9.68 -35.97 -126.39
N SER A 54 8.62 -36.66 -126.85
CA SER A 54 7.33 -36.05 -126.88
C SER A 54 6.70 -36.13 -125.55
N ILE A 55 5.79 -35.19 -125.27
CA ILE A 55 5.03 -35.14 -124.06
C ILE A 55 3.67 -34.72 -124.48
N ALA A 56 2.67 -34.82 -123.59
CA ALA A 56 1.35 -34.42 -124.00
C ALA A 56 1.42 -32.98 -124.36
N CYS A 57 0.69 -32.57 -125.41
CA CYS A 57 0.76 -31.19 -125.75
C CYS A 57 -0.52 -30.56 -125.31
N CYS A 58 -0.47 -29.96 -124.11
CA CYS A 58 -1.56 -29.25 -123.53
C CYS A 58 -0.97 -28.69 -122.29
N ILE A 59 -1.25 -27.42 -121.97
CA ILE A 59 -0.60 -26.89 -120.82
C ILE A 59 -1.52 -27.14 -119.68
N HIS A 60 -1.04 -27.89 -118.67
CA HIS A 60 -1.85 -28.13 -117.52
C HIS A 60 -1.02 -27.83 -116.32
N GLY A 61 -1.66 -27.34 -115.25
CA GLY A 61 -0.92 -27.05 -114.06
C GLY A 61 -0.21 -25.77 -114.28
N MET A 62 -0.56 -25.05 -115.37
CA MET A 62 0.09 -23.81 -115.64
C MET A 62 -0.99 -22.80 -115.92
N PRO A 63 -0.63 -21.56 -115.75
CA PRO A 63 -1.55 -20.49 -116.00
C PRO A 63 -1.89 -20.40 -117.45
N THR A 64 -1.03 -20.98 -118.31
CA THR A 64 -1.19 -20.98 -119.74
C THR A 64 -2.37 -21.83 -120.07
N PHE A 65 -2.72 -22.74 -119.15
CA PHE A 65 -3.70 -23.77 -119.34
C PHE A 65 -4.99 -23.20 -119.88
N PRO A 66 -5.59 -22.19 -119.33
CA PRO A 66 -6.83 -21.76 -119.90
C PRO A 66 -6.68 -21.24 -121.29
N HIS A 67 -5.51 -20.64 -121.61
CA HIS A 67 -5.31 -20.07 -122.91
C HIS A 67 -5.32 -21.15 -123.93
N TRP A 68 -4.59 -22.23 -123.67
CA TRP A 68 -4.40 -23.27 -124.63
C TRP A 68 -5.72 -23.88 -124.98
N HIS A 69 -6.52 -24.23 -123.96
CA HIS A 69 -7.77 -24.89 -124.20
C HIS A 69 -8.69 -23.97 -124.93
N ARG A 70 -8.69 -22.67 -124.58
CA ARG A 70 -9.60 -21.78 -125.22
C ARG A 70 -9.30 -21.79 -126.69
N ALA A 71 -8.01 -21.80 -127.04
CA ALA A 71 -7.62 -21.79 -128.42
C ALA A 71 -8.14 -23.05 -129.05
N TYR A 72 -8.12 -24.15 -128.29
CA TYR A 72 -8.48 -25.44 -128.80
C TYR A 72 -9.91 -25.42 -129.28
N VAL A 73 -10.84 -24.83 -128.50
CA VAL A 73 -12.22 -24.89 -128.86
C VAL A 73 -12.44 -24.21 -130.18
N VAL A 74 -11.79 -23.06 -130.37
CA VAL A 74 -11.96 -22.28 -131.56
C VAL A 74 -11.59 -23.11 -132.74
N HIS A 75 -10.50 -23.89 -132.61
CA HIS A 75 -10.04 -24.65 -133.73
C HIS A 75 -11.16 -25.56 -134.15
N MET A 76 -11.77 -26.25 -133.18
CA MET A 76 -12.84 -27.15 -133.51
C MET A 76 -13.97 -26.35 -134.06
N GLU A 77 -14.24 -25.16 -133.46
CA GLU A 77 -15.38 -24.39 -133.85
C GLU A 77 -15.26 -24.10 -135.31
N ARG A 78 -14.05 -23.72 -135.75
CA ARG A 78 -13.85 -23.39 -137.13
C ARG A 78 -14.21 -24.61 -137.94
N ALA A 79 -13.84 -25.79 -137.42
CA ALA A 79 -14.08 -27.01 -138.14
C ALA A 79 -15.54 -27.15 -138.36
N LEU A 80 -16.36 -26.82 -137.34
CA LEU A 80 -17.78 -26.98 -137.50
C LEU A 80 -18.24 -26.10 -138.62
N GLN A 81 -17.68 -24.88 -138.73
CA GLN A 81 -18.14 -23.98 -139.74
C GLN A 81 -17.94 -24.59 -141.08
N THR A 82 -16.81 -25.32 -141.25
CA THR A 82 -16.59 -25.97 -142.50
C THR A 82 -17.71 -26.93 -142.67
N LYS A 83 -18.09 -27.56 -141.55
CA LYS A 83 -19.15 -28.52 -141.46
C LYS A 83 -20.42 -27.80 -141.80
N ARG A 84 -20.38 -26.45 -141.75
CA ARG A 84 -21.51 -25.61 -141.98
C ARG A 84 -22.35 -25.60 -140.74
N ARG A 85 -21.70 -25.81 -139.58
CA ARG A 85 -22.40 -25.77 -138.33
C ARG A 85 -23.03 -24.41 -138.26
N THR A 86 -24.34 -24.38 -137.94
CA THR A 86 -25.07 -23.15 -137.92
C THR A 86 -24.57 -22.27 -136.82
N SER A 87 -24.30 -22.82 -135.63
CA SER A 87 -23.92 -21.95 -134.57
C SER A 87 -22.63 -22.40 -133.96
N GLY A 88 -22.19 -21.67 -132.92
CA GLY A 88 -20.94 -21.93 -132.27
C GLY A 88 -21.11 -23.14 -131.41
N LEU A 89 -19.99 -23.57 -130.80
CA LEU A 89 -19.90 -24.76 -130.02
C LEU A 89 -20.71 -24.53 -128.78
N PRO A 90 -21.63 -25.41 -128.51
CA PRO A 90 -22.43 -25.24 -127.32
C PRO A 90 -21.64 -25.56 -126.11
N TYR A 91 -22.07 -25.05 -124.94
CA TYR A 91 -21.34 -25.32 -123.73
C TYR A 91 -22.27 -25.97 -122.76
N TRP A 92 -21.76 -26.98 -122.02
CA TRP A 92 -22.56 -27.63 -121.05
C TRP A 92 -22.24 -27.01 -119.73
N ASP A 93 -23.23 -26.38 -119.09
CA ASP A 93 -22.93 -25.73 -117.84
C ASP A 93 -22.99 -26.76 -116.77
N TRP A 94 -21.80 -27.23 -116.34
CA TRP A 94 -21.65 -28.21 -115.31
C TRP A 94 -22.04 -27.64 -113.99
N THR A 95 -21.77 -26.33 -113.81
CA THR A 95 -21.92 -25.69 -112.54
C THR A 95 -23.31 -25.92 -112.05
N GLU A 96 -24.32 -25.62 -112.88
CA GLU A 96 -25.65 -25.85 -112.42
C GLU A 96 -25.82 -27.32 -112.34
N PRO A 97 -26.55 -27.77 -111.36
CA PRO A 97 -26.78 -29.18 -111.29
C PRO A 97 -27.77 -29.50 -112.35
N ILE A 98 -27.68 -30.70 -112.96
CA ILE A 98 -28.63 -31.01 -113.97
C ILE A 98 -29.26 -32.31 -113.60
N THR A 99 -30.59 -32.40 -113.74
CA THR A 99 -31.28 -33.60 -113.38
C THR A 99 -30.78 -34.71 -114.25
N GLN A 100 -30.66 -34.45 -115.56
CA GLN A 100 -30.19 -35.51 -116.41
C GLN A 100 -29.07 -34.96 -117.23
N LEU A 101 -28.36 -35.86 -117.93
CA LEU A 101 -27.29 -35.41 -118.77
C LEU A 101 -27.92 -34.71 -119.91
N PRO A 102 -27.17 -33.89 -120.59
CA PRO A 102 -27.72 -33.18 -121.71
C PRO A 102 -28.11 -34.17 -122.74
N SER A 103 -29.25 -33.92 -123.41
CA SER A 103 -29.77 -34.85 -124.37
C SER A 103 -28.83 -34.97 -125.52
N LEU A 104 -28.28 -33.84 -125.99
CA LEU A 104 -27.49 -33.94 -127.18
C LEU A 104 -26.31 -34.83 -126.94
N ALA A 105 -25.49 -34.53 -125.93
CA ALA A 105 -24.32 -35.32 -125.71
C ALA A 105 -24.67 -36.69 -125.19
N ALA A 106 -25.59 -36.76 -124.23
CA ALA A 106 -25.88 -37.97 -123.51
C ALA A 106 -26.42 -39.05 -124.39
N ASP A 107 -27.45 -38.75 -125.20
CA ASP A 107 -28.18 -39.82 -125.83
C ASP A 107 -27.24 -40.62 -126.69
N PRO A 108 -27.08 -41.93 -126.46
CA PRO A 108 -26.16 -42.65 -127.28
C PRO A 108 -26.67 -42.72 -128.67
N VAL A 109 -28.00 -42.59 -128.82
CA VAL A 109 -28.58 -42.68 -130.12
C VAL A 109 -29.34 -41.41 -130.33
N TYR A 110 -29.35 -40.91 -131.57
CA TYR A 110 -30.09 -39.71 -131.82
C TYR A 110 -31.21 -40.10 -132.70
N ILE A 111 -32.43 -39.75 -132.31
CA ILE A 111 -33.54 -40.16 -133.11
C ILE A 111 -34.02 -38.96 -133.85
N ASP A 112 -33.98 -39.05 -135.19
CA ASP A 112 -34.43 -37.98 -136.00
C ASP A 112 -35.92 -38.02 -135.97
N SER A 113 -36.56 -36.91 -136.37
CA SER A 113 -37.99 -36.86 -136.39
C SER A 113 -38.42 -37.49 -137.67
N GLN A 114 -39.75 -37.53 -137.90
CA GLN A 114 -40.27 -38.08 -139.10
C GLN A 114 -39.85 -39.50 -139.21
N GLY A 115 -39.71 -40.19 -138.07
CA GLY A 115 -39.36 -41.58 -138.13
C GLY A 115 -37.97 -41.69 -138.64
N GLY A 116 -37.10 -40.73 -138.27
CA GLY A 116 -35.74 -40.83 -138.75
C GLY A 116 -35.16 -42.05 -138.13
N LYS A 117 -34.15 -42.64 -138.78
CA LYS A 117 -33.58 -43.82 -138.23
C LYS A 117 -32.79 -43.43 -137.04
N ALA A 118 -32.66 -44.37 -136.08
CA ALA A 118 -31.91 -44.05 -134.91
C ALA A 118 -30.50 -44.44 -135.19
N HIS A 119 -29.57 -43.49 -135.00
CA HIS A 119 -28.19 -43.76 -135.26
C HIS A 119 -27.43 -43.28 -134.07
N THR A 120 -26.18 -43.74 -133.92
CA THR A 120 -25.41 -43.33 -132.78
C THR A 120 -25.17 -41.86 -132.94
N ASN A 121 -25.25 -41.12 -131.82
CA ASN A 121 -25.04 -39.72 -131.92
C ASN A 121 -23.58 -39.49 -132.04
N TYR A 122 -23.20 -38.53 -132.89
CA TYR A 122 -21.84 -38.16 -133.12
C TYR A 122 -21.29 -37.60 -131.84
N TRP A 123 -22.11 -36.78 -131.14
CA TRP A 123 -21.70 -36.19 -129.89
C TRP A 123 -21.51 -37.24 -128.87
N TYR A 124 -22.24 -38.37 -128.99
CA TYR A 124 -22.06 -39.34 -127.96
C TYR A 124 -20.64 -39.80 -127.95
N ARG A 125 -20.05 -40.10 -129.12
CA ARG A 125 -18.68 -40.51 -129.04
C ARG A 125 -18.01 -40.40 -130.37
N GLY A 126 -16.71 -40.76 -130.39
CA GLY A 126 -15.89 -40.72 -131.57
C GLY A 126 -14.99 -41.91 -131.47
N ASN A 127 -14.14 -42.11 -132.49
CA ASN A 127 -13.28 -43.25 -132.47
C ASN A 127 -11.87 -42.76 -132.48
N ILE A 128 -10.94 -43.58 -131.95
CA ILE A 128 -9.55 -43.19 -131.94
C ILE A 128 -8.94 -43.92 -133.09
N ASP A 129 -8.58 -43.17 -134.17
CA ASP A 129 -8.01 -43.79 -135.33
C ASP A 129 -6.65 -44.33 -135.03
N PHE A 130 -5.77 -43.52 -134.43
CA PHE A 130 -4.41 -43.99 -134.28
C PHE A 130 -4.42 -45.21 -133.41
N LEU A 131 -5.05 -45.13 -132.24
CA LEU A 131 -5.13 -46.33 -131.47
C LEU A 131 -6.48 -46.86 -131.75
N ASP A 132 -6.56 -47.94 -132.55
CA ASP A 132 -7.83 -48.48 -132.92
C ASP A 132 -8.53 -48.81 -131.66
N LYS A 133 -9.55 -47.99 -131.33
CA LYS A 133 -10.28 -48.22 -130.12
C LYS A 133 -11.40 -47.24 -130.18
N LYS A 134 -12.47 -47.47 -129.40
CA LYS A 134 -13.56 -46.52 -129.41
C LYS A 134 -13.49 -45.86 -128.08
N THR A 135 -13.75 -44.53 -128.04
CA THR A 135 -13.70 -43.87 -126.77
C THR A 135 -14.98 -44.20 -126.06
N ASN A 136 -14.93 -44.20 -124.72
CA ASN A 136 -16.10 -44.52 -123.95
C ASN A 136 -16.05 -43.66 -122.72
N ARG A 137 -17.22 -43.47 -122.06
CA ARG A 137 -17.24 -42.67 -120.87
C ARG A 137 -18.16 -43.32 -119.90
N ALA A 138 -17.81 -43.26 -118.59
CA ALA A 138 -18.69 -43.81 -117.61
C ALA A 138 -18.82 -42.79 -116.54
N VAL A 139 -20.05 -42.50 -116.10
CA VAL A 139 -20.18 -41.53 -115.06
C VAL A 139 -20.42 -42.27 -113.79
N ASP A 140 -19.36 -42.45 -112.99
CA ASP A 140 -19.49 -43.10 -111.73
C ASP A 140 -20.27 -42.18 -110.85
N ASP A 141 -19.98 -40.87 -110.96
CA ASP A 141 -20.62 -39.93 -110.10
C ASP A 141 -21.85 -39.39 -110.76
N ARG A 142 -22.93 -40.17 -110.75
CA ARG A 142 -24.20 -39.77 -111.23
C ARG A 142 -24.73 -38.78 -110.23
N LEU A 143 -24.29 -38.94 -108.97
CA LEU A 143 -24.74 -38.23 -107.81
C LEU A 143 -24.51 -36.77 -107.95
N PHE A 144 -23.49 -36.37 -108.74
CA PHE A 144 -23.14 -34.98 -108.86
C PHE A 144 -24.36 -34.23 -109.27
N GLU A 145 -25.19 -34.81 -110.16
CA GLU A 145 -26.36 -34.13 -110.62
C GLU A 145 -27.24 -33.79 -109.45
N LYS A 146 -27.74 -32.54 -109.46
CA LYS A 146 -28.70 -32.00 -108.53
C LYS A 146 -28.28 -32.15 -107.10
N VAL A 147 -26.97 -32.08 -106.80
CA VAL A 147 -26.65 -32.17 -105.42
C VAL A 147 -26.47 -30.77 -104.92
N LYS A 148 -27.35 -30.32 -104.00
CA LYS A 148 -27.16 -28.99 -103.53
C LYS A 148 -28.20 -28.69 -102.50
N PRO A 149 -27.73 -28.07 -101.46
CA PRO A 149 -28.61 -27.62 -100.42
C PRO A 149 -29.37 -26.46 -100.97
N GLY A 150 -28.88 -25.88 -102.08
CA GLY A 150 -29.51 -24.74 -102.66
C GLY A 150 -28.81 -24.45 -103.94
N GLN A 151 -28.83 -23.17 -104.36
CA GLN A 151 -28.22 -22.80 -105.59
C GLN A 151 -26.77 -23.12 -105.50
N HIS A 152 -26.16 -22.87 -104.33
CA HIS A 152 -24.76 -23.14 -104.19
C HIS A 152 -24.55 -24.60 -104.38
N THR A 153 -23.48 -24.95 -105.12
CA THR A 153 -23.14 -26.30 -105.37
C THR A 153 -21.69 -26.43 -105.08
N HIS A 154 -21.15 -27.66 -105.07
CA HIS A 154 -19.76 -27.83 -104.80
C HIS A 154 -19.01 -27.12 -105.87
N LEU A 155 -19.41 -27.31 -107.13
CA LEU A 155 -18.71 -26.67 -108.20
C LEU A 155 -18.87 -25.19 -108.06
N MET A 156 -20.08 -24.75 -107.72
CA MET A 156 -20.33 -23.34 -107.61
C MET A 156 -19.45 -22.78 -106.55
N GLU A 157 -19.34 -23.48 -105.41
CA GLU A 157 -18.54 -22.96 -104.34
C GLU A 157 -17.12 -22.88 -104.80
N SER A 158 -16.65 -23.96 -105.47
CA SER A 158 -15.28 -23.98 -105.88
C SER A 158 -15.04 -22.86 -106.84
N VAL A 159 -15.95 -22.72 -107.83
CA VAL A 159 -15.77 -21.71 -108.85
C VAL A 159 -15.84 -20.37 -108.21
N LEU A 160 -16.77 -20.19 -107.25
CA LEU A 160 -17.01 -18.90 -106.68
C LEU A 160 -15.76 -18.45 -105.99
N ASP A 161 -15.11 -19.35 -105.25
CA ASP A 161 -13.94 -18.95 -104.52
C ASP A 161 -12.92 -18.49 -105.50
N ALA A 162 -12.79 -19.24 -106.61
CA ALA A 162 -11.83 -18.89 -107.61
C ALA A 162 -12.20 -17.55 -108.15
N LEU A 163 -13.52 -17.32 -108.30
CA LEU A 163 -13.98 -16.10 -108.90
C LEU A 163 -13.49 -14.98 -108.06
N GLU A 164 -13.60 -15.11 -106.72
CA GLU A 164 -13.16 -14.03 -105.91
C GLU A 164 -11.68 -14.10 -105.77
N GLN A 165 -10.97 -13.73 -106.85
CA GLN A 165 -9.53 -13.70 -106.79
C GLN A 165 -9.09 -12.78 -107.88
N ASP A 166 -8.51 -11.64 -107.48
CA ASP A 166 -8.07 -10.67 -108.45
C ASP A 166 -6.95 -11.24 -109.23
N GLU A 167 -6.01 -11.93 -108.54
CA GLU A 167 -4.86 -12.42 -109.25
C GLU A 167 -5.33 -13.45 -110.22
N PHE A 168 -4.78 -13.36 -111.46
CA PHE A 168 -5.11 -14.30 -112.48
C PHE A 168 -4.61 -15.64 -112.08
N CYS A 169 -3.34 -15.69 -111.63
CA CYS A 169 -2.75 -16.94 -111.27
C CYS A 169 -3.44 -17.56 -110.11
N LYS A 170 -3.83 -16.74 -109.11
CA LYS A 170 -4.49 -17.29 -107.97
C LYS A 170 -5.75 -17.92 -108.47
N PHE A 171 -6.42 -17.23 -109.40
CA PHE A 171 -7.67 -17.67 -109.95
C PHE A 171 -7.49 -18.97 -110.67
N GLU A 172 -6.39 -19.07 -111.44
CA GLU A 172 -6.15 -20.21 -112.28
C GLU A 172 -6.08 -21.46 -111.46
N ILE A 173 -5.38 -21.43 -110.31
CA ILE A 173 -5.23 -22.63 -109.57
C ILE A 173 -6.57 -23.12 -109.15
N GLN A 174 -7.42 -22.22 -108.62
CA GLN A 174 -8.73 -22.59 -108.17
C GLN A 174 -9.54 -23.02 -109.34
N PHE A 175 -9.46 -22.24 -110.44
CA PHE A 175 -10.28 -22.45 -111.58
C PHE A 175 -9.97 -23.77 -112.21
N GLU A 176 -8.68 -24.10 -112.34
CA GLU A 176 -8.29 -25.30 -113.02
C GLU A 176 -8.85 -26.49 -112.31
N LEU A 177 -8.84 -26.46 -110.97
CA LEU A 177 -9.29 -27.60 -110.24
C LEU A 177 -10.73 -27.86 -110.56
N ALA A 178 -11.54 -26.80 -110.68
CA ALA A 178 -12.93 -27.00 -110.96
C ALA A 178 -13.06 -27.67 -112.28
N HIS A 179 -12.20 -27.27 -113.24
CA HIS A 179 -12.26 -27.75 -114.59
C HIS A 179 -12.03 -29.23 -114.62
N ASN A 180 -11.07 -29.72 -113.81
CA ASN A 180 -10.70 -31.11 -113.86
C ASN A 180 -11.82 -32.02 -113.43
N ALA A 181 -12.72 -31.55 -112.55
CA ALA A 181 -13.69 -32.45 -111.99
C ALA A 181 -14.50 -33.09 -113.07
N ILE A 182 -14.92 -32.32 -114.09
CA ILE A 182 -15.78 -32.88 -115.10
C ILE A 182 -15.08 -34.00 -115.80
N HIS A 183 -13.78 -33.85 -116.09
CA HIS A 183 -13.10 -34.91 -116.78
C HIS A 183 -13.19 -36.14 -115.93
N TYR A 184 -12.99 -36.01 -114.62
CA TYR A 184 -12.99 -37.17 -113.77
C TYR A 184 -14.33 -37.83 -113.76
N LEU A 185 -15.41 -37.06 -113.58
CA LEU A 185 -16.69 -37.70 -113.46
C LEU A 185 -17.06 -38.38 -114.74
N VAL A 186 -16.92 -37.68 -115.88
CA VAL A 186 -17.33 -38.25 -117.12
C VAL A 186 -16.50 -39.44 -117.46
N GLY A 187 -15.16 -39.29 -117.39
CA GLY A 187 -14.29 -40.34 -117.83
C GLY A 187 -14.45 -41.55 -117.00
N GLY A 188 -14.48 -41.38 -115.66
CA GLY A 188 -14.59 -42.55 -114.84
C GLY A 188 -13.30 -43.31 -114.98
N LYS A 189 -13.38 -44.63 -114.77
CA LYS A 189 -12.27 -45.53 -114.82
C LYS A 189 -11.74 -45.72 -116.21
N HIS A 190 -12.60 -45.69 -117.24
CA HIS A 190 -12.22 -46.03 -118.59
C HIS A 190 -10.96 -45.34 -119.01
N ASP A 191 -10.03 -46.15 -119.58
CA ASP A 191 -8.75 -45.71 -120.05
C ASP A 191 -8.92 -44.80 -121.22
N TYR A 192 -9.85 -45.12 -122.13
CA TYR A 192 -10.00 -44.26 -123.27
C TYR A 192 -11.17 -43.40 -122.97
N SER A 193 -10.91 -42.18 -122.46
CA SER A 193 -12.04 -41.34 -122.17
C SER A 193 -11.55 -40.00 -121.76
N MET A 194 -12.48 -39.18 -121.23
CA MET A 194 -12.21 -37.86 -120.78
C MET A 194 -11.29 -37.96 -119.62
N ALA A 195 -11.43 -39.06 -118.84
CA ALA A 195 -10.63 -39.24 -117.68
C ALA A 195 -9.18 -39.24 -118.06
N ASN A 196 -8.82 -39.88 -119.19
CA ASN A 196 -7.43 -39.88 -119.55
C ASN A 196 -7.10 -38.61 -120.27
N LEU A 197 -5.86 -38.12 -120.04
CA LEU A 197 -5.39 -36.90 -120.59
C LEU A 197 -5.31 -37.01 -122.08
N GLU A 198 -4.66 -38.07 -122.59
CA GLU A 198 -4.46 -38.17 -124.01
C GLU A 198 -5.74 -38.43 -124.73
N TYR A 199 -6.54 -39.37 -124.21
CA TYR A 199 -7.76 -39.86 -124.82
C TYR A 199 -8.86 -38.85 -124.81
N THR A 200 -8.92 -37.99 -123.78
CA THR A 200 -10.04 -37.13 -123.53
C THR A 200 -10.38 -36.32 -124.74
N ALA A 201 -9.38 -35.90 -125.52
CA ALA A 201 -9.64 -35.03 -126.63
C ALA A 201 -10.65 -35.65 -127.55
N TYR A 202 -10.60 -36.98 -127.74
CA TYR A 202 -11.49 -37.61 -128.67
C TYR A 202 -12.93 -37.38 -128.31
N ASP A 203 -13.30 -37.47 -127.03
CA ASP A 203 -14.69 -37.33 -126.68
C ASP A 203 -15.15 -35.96 -127.10
N PRO A 204 -16.35 -35.95 -127.63
CA PRO A 204 -16.98 -34.72 -128.04
C PRO A 204 -17.39 -33.89 -126.87
N ILE A 205 -17.53 -34.50 -125.69
CA ILE A 205 -17.95 -33.83 -124.49
C ILE A 205 -16.93 -32.80 -124.14
N PHE A 206 -15.65 -33.13 -124.39
CA PHE A 206 -14.53 -32.29 -124.10
C PHE A 206 -14.83 -30.97 -124.74
N PHE A 207 -15.34 -31.05 -125.98
CA PHE A 207 -15.70 -29.93 -126.79
C PHE A 207 -16.70 -29.08 -126.08
N LEU A 208 -17.80 -29.69 -125.59
CA LEU A 208 -18.83 -28.95 -124.94
C LEU A 208 -18.35 -28.41 -123.63
N HIS A 209 -17.63 -29.25 -122.86
CA HIS A 209 -17.17 -28.90 -121.54
C HIS A 209 -16.29 -27.69 -121.60
N HIS A 210 -15.30 -27.72 -122.50
CA HIS A 210 -14.36 -26.65 -122.56
C HIS A 210 -15.07 -25.40 -122.98
N SER A 211 -16.13 -25.53 -123.79
CA SER A 211 -16.82 -24.34 -124.18
C SER A 211 -17.31 -23.67 -122.93
N ASN A 212 -17.87 -24.45 -121.98
CA ASN A 212 -18.37 -23.87 -120.77
C ASN A 212 -17.25 -23.28 -119.97
N VAL A 213 -16.15 -24.02 -119.81
CA VAL A 213 -15.08 -23.53 -118.99
C VAL A 213 -14.56 -22.29 -119.61
N ASP A 214 -14.45 -22.28 -120.95
CA ASP A 214 -13.97 -21.11 -121.63
C ASP A 214 -14.94 -20.02 -121.34
N ARG A 215 -16.24 -20.36 -121.32
CA ARG A 215 -17.25 -19.38 -121.09
C ARG A 215 -17.05 -18.82 -119.72
N ILE A 216 -16.79 -19.70 -118.74
CA ILE A 216 -16.61 -19.29 -117.37
C ILE A 216 -15.40 -18.42 -117.33
N PHE A 217 -14.34 -18.80 -118.06
CA PHE A 217 -13.13 -18.03 -118.06
C PHE A 217 -13.47 -16.67 -118.54
N ALA A 218 -14.29 -16.59 -119.60
CA ALA A 218 -14.69 -15.33 -120.16
C ALA A 218 -15.42 -14.59 -119.11
N ILE A 219 -16.23 -15.30 -118.31
CA ILE A 219 -17.02 -14.66 -117.31
C ILE A 219 -16.09 -13.98 -116.36
N TRP A 220 -14.99 -14.66 -115.99
CA TRP A 220 -14.06 -14.09 -115.06
C TRP A 220 -13.55 -12.82 -115.64
N GLN A 221 -13.26 -12.83 -116.95
CA GLN A 221 -12.75 -11.65 -117.57
C GLN A 221 -13.78 -10.59 -117.42
N ARG A 222 -15.06 -10.96 -117.61
CA ARG A 222 -16.13 -10.00 -117.54
C ARG A 222 -16.17 -9.44 -116.16
N LEU A 223 -16.06 -10.28 -115.13
CA LEU A 223 -16.12 -9.78 -113.80
C LEU A 223 -14.99 -8.84 -113.59
N GLN A 224 -13.81 -9.16 -114.14
CA GLN A 224 -12.68 -8.31 -113.97
C GLN A 224 -13.04 -6.98 -114.56
N GLU A 225 -13.77 -6.99 -115.69
CA GLU A 225 -14.15 -5.78 -116.33
C GLU A 225 -14.98 -5.00 -115.36
N LEU A 226 -15.83 -5.70 -114.60
CA LEU A 226 -16.66 -5.06 -113.62
C LEU A 226 -15.73 -4.46 -112.62
N ARG A 227 -14.63 -5.17 -112.34
CA ARG A 227 -13.62 -4.74 -111.43
C ARG A 227 -13.01 -3.52 -112.02
N ASN A 228 -13.13 -3.39 -113.36
CA ASN A 228 -12.53 -2.32 -114.09
C ASN A 228 -11.07 -2.59 -114.19
N LYS A 229 -10.73 -3.89 -114.07
CA LYS A 229 -9.38 -4.32 -114.30
C LYS A 229 -9.35 -4.74 -115.73
N ASP A 230 -8.16 -4.67 -116.36
CA ASP A 230 -8.08 -5.03 -117.74
C ASP A 230 -8.19 -6.52 -117.82
N PRO A 231 -9.32 -6.98 -118.27
CA PRO A 231 -9.58 -8.38 -118.37
C PRO A 231 -8.50 -9.03 -119.18
N LYS A 232 -8.02 -8.35 -120.23
CA LYS A 232 -7.04 -8.88 -121.13
C LYS A 232 -5.73 -9.04 -120.41
N ALA A 233 -5.37 -8.04 -119.59
CA ALA A 233 -4.06 -8.03 -118.99
C ALA A 233 -3.89 -9.21 -118.09
N MET A 234 -2.69 -9.83 -118.19
CA MET A 234 -2.33 -10.93 -117.33
C MET A 234 -0.94 -10.62 -116.86
N ASP A 235 -0.81 -10.11 -115.62
CA ASP A 235 0.47 -9.75 -115.10
C ASP A 235 1.29 -10.98 -114.82
N CYS A 236 0.67 -12.04 -114.27
CA CYS A 236 1.43 -13.18 -113.86
C CYS A 236 1.76 -14.06 -115.02
N ALA A 237 2.66 -15.03 -114.76
CA ALA A 237 3.08 -16.00 -115.73
C ALA A 237 3.47 -15.32 -117.00
N GLN A 238 4.36 -14.32 -116.91
CA GLN A 238 4.76 -13.63 -118.09
C GLN A 238 5.56 -14.54 -118.96
N GLU A 239 6.39 -15.42 -118.36
CA GLU A 239 7.28 -16.21 -119.17
C GLU A 239 6.48 -17.08 -120.09
N LEU A 240 5.50 -17.79 -119.52
CA LEU A 240 4.69 -18.73 -120.25
C LEU A 240 3.85 -18.03 -121.25
N LEU A 241 3.34 -16.83 -120.89
CA LEU A 241 2.39 -16.20 -121.74
C LEU A 241 3.00 -15.92 -123.08
N HIS A 242 4.25 -15.44 -123.12
CA HIS A 242 4.85 -15.11 -124.36
C HIS A 242 5.03 -16.36 -125.18
N GLN A 243 5.34 -17.48 -124.52
CA GLN A 243 5.54 -18.73 -125.18
C GLN A 243 4.35 -19.01 -126.04
N LYS A 244 4.60 -19.44 -127.29
CA LYS A 244 3.54 -19.76 -128.20
C LYS A 244 3.03 -21.11 -127.81
N MET A 245 1.75 -21.40 -128.12
CA MET A 245 1.24 -22.66 -127.73
C MET A 245 1.14 -23.55 -128.94
N GLU A 246 1.84 -24.70 -128.87
CA GLU A 246 1.80 -25.68 -129.93
C GLU A 246 0.69 -26.62 -129.60
N PRO A 247 0.31 -27.47 -130.51
CA PRO A 247 0.91 -27.54 -131.81
C PRO A 247 0.45 -26.41 -132.64
N PHE A 248 -0.41 -25.55 -132.10
CA PHE A 248 -1.00 -24.50 -132.88
C PHE A 248 0.11 -23.70 -133.47
N SER A 249 1.13 -23.35 -132.67
CA SER A 249 2.22 -22.58 -133.17
C SER A 249 2.97 -23.38 -134.18
N TRP A 250 2.93 -24.72 -134.07
CA TRP A 250 3.69 -25.56 -134.95
C TRP A 250 3.17 -25.34 -136.34
N GLU A 251 1.85 -25.07 -136.45
CA GLU A 251 1.20 -24.77 -137.70
C GLU A 251 1.15 -25.95 -138.61
N ASP A 252 1.09 -27.17 -138.05
CA ASP A 252 0.87 -28.31 -138.88
C ASP A 252 -0.53 -28.16 -139.39
N ASN A 253 -1.38 -27.57 -138.52
CA ASN A 253 -2.78 -27.41 -138.75
C ASN A 253 -3.02 -26.44 -139.85
N ASP A 254 -4.17 -26.64 -140.53
CA ASP A 254 -4.63 -25.86 -141.64
C ASP A 254 -4.98 -24.47 -141.21
N ILE A 255 -5.59 -24.30 -140.01
CA ILE A 255 -6.08 -22.99 -139.68
C ILE A 255 -4.97 -22.11 -139.20
N PRO A 256 -4.72 -21.13 -140.03
CA PRO A 256 -3.75 -20.11 -139.81
C PRO A 256 -4.16 -19.23 -138.68
N LEU A 257 -5.48 -19.16 -138.39
CA LEU A 257 -5.95 -18.26 -137.38
C LEU A 257 -5.34 -18.66 -136.09
N THR A 258 -5.36 -19.97 -135.80
CA THR A 258 -4.87 -20.45 -134.54
C THR A 258 -3.41 -20.16 -134.45
N ASN A 259 -2.68 -20.29 -135.57
CA ASN A 259 -1.26 -20.15 -135.56
C ASN A 259 -0.90 -18.81 -135.02
N GLU A 260 -1.55 -17.75 -135.54
CA GLU A 260 -1.25 -16.41 -135.10
C GLU A 260 -1.61 -16.29 -133.66
N HIS A 261 -2.73 -16.93 -133.29
CA HIS A 261 -3.32 -16.90 -131.98
C HIS A 261 -2.48 -17.60 -130.97
N SER A 262 -1.51 -18.43 -131.41
CA SER A 262 -0.76 -19.29 -130.53
C SER A 262 -0.25 -18.56 -129.32
N THR A 263 0.21 -17.30 -129.44
CA THR A 263 0.64 -16.66 -128.22
C THR A 263 -0.58 -16.53 -127.35
N PRO A 264 -0.42 -16.86 -126.10
CA PRO A 264 -1.50 -16.81 -125.17
C PRO A 264 -1.94 -15.41 -124.89
N ALA A 265 -1.08 -14.42 -125.14
CA ALA A 265 -1.44 -13.06 -124.83
C ALA A 265 -2.63 -12.70 -125.66
N ASP A 266 -2.59 -13.12 -126.94
CA ASP A 266 -3.61 -12.83 -127.89
C ASP A 266 -4.87 -13.53 -127.46
N LEU A 267 -4.71 -14.65 -126.75
CA LEU A 267 -5.77 -15.54 -126.39
C LEU A 267 -6.83 -14.83 -125.61
N PHE A 268 -6.46 -13.86 -124.75
CA PHE A 268 -7.44 -13.24 -123.90
C PHE A 268 -8.53 -12.64 -124.74
N ASP A 269 -8.18 -11.86 -125.78
CA ASP A 269 -9.22 -11.27 -126.58
C ASP A 269 -9.96 -12.38 -127.25
N TYR A 270 -11.16 -12.71 -126.76
CA TYR A 270 -11.99 -13.72 -127.34
C TYR A 270 -12.46 -13.20 -128.66
N CYS A 271 -12.68 -11.87 -128.73
CA CYS A 271 -13.24 -11.21 -129.87
C CYS A 271 -12.38 -11.48 -131.06
N GLU A 272 -11.06 -11.60 -130.88
CA GLU A 272 -10.22 -11.87 -132.02
C GLU A 272 -10.67 -13.18 -132.60
N LEU A 273 -11.07 -14.11 -131.71
CA LEU A 273 -11.56 -15.40 -132.08
C LEU A 273 -12.84 -15.18 -132.82
N HIS A 274 -13.54 -14.08 -132.48
CA HIS A 274 -14.79 -13.68 -133.08
C HIS A 274 -15.85 -14.68 -132.77
N TYR A 275 -15.87 -15.22 -131.54
CA TYR A 275 -16.96 -16.05 -131.15
C TYR A 275 -17.47 -15.42 -129.90
N ASP A 276 -18.80 -15.39 -129.71
CA ASP A 276 -19.33 -14.75 -128.55
C ASP A 276 -20.15 -15.75 -127.79
N TYR A 277 -20.55 -15.37 -126.57
CA TYR A 277 -21.38 -16.22 -125.75
C TYR A 277 -22.67 -15.46 -125.60
N ASP A 278 -23.79 -16.19 -125.64
CA ASP A 278 -25.05 -15.50 -125.56
C ASP A 278 -25.11 -14.74 -124.29
N THR A 279 -24.79 -15.38 -123.14
CA THR A 279 -24.80 -14.66 -121.91
C THR A 279 -23.62 -15.07 -121.12
N LEU A 280 -23.09 -14.13 -120.32
CA LEU A 280 -22.03 -14.46 -119.43
C LEU A 280 -22.59 -14.29 -118.06
N ASN A 281 -23.02 -15.40 -117.43
CA ASN A 281 -23.55 -15.33 -116.11
C ASN A 281 -23.15 -16.61 -115.43
N LEU A 282 -23.12 -16.60 -114.09
CA LEU A 282 -22.78 -17.82 -113.41
C LEU A 282 -23.91 -18.17 -112.49
N ASN A 283 -24.53 -19.33 -112.73
CA ASN A 283 -25.57 -19.85 -111.89
C ASN A 283 -26.66 -18.85 -111.70
N GLY A 284 -27.01 -18.09 -112.76
CA GLY A 284 -28.14 -17.21 -112.65
C GLY A 284 -27.76 -15.99 -111.88
N MET A 285 -26.46 -15.78 -111.60
CA MET A 285 -26.13 -14.60 -110.87
C MET A 285 -25.57 -13.64 -111.86
N THR A 286 -25.97 -12.36 -111.74
CA THR A 286 -25.49 -11.35 -112.64
C THR A 286 -24.04 -11.15 -112.30
N PRO A 287 -23.29 -10.62 -113.20
CA PRO A 287 -21.91 -10.38 -112.90
C PRO A 287 -21.86 -9.37 -111.80
N GLU A 288 -22.84 -8.46 -111.76
CA GLU A 288 -22.89 -7.50 -110.71
C GLU A 288 -23.20 -8.26 -109.46
N GLU A 289 -24.09 -9.25 -109.61
CA GLU A 289 -24.55 -10.04 -108.50
C GLU A 289 -23.39 -10.81 -107.94
N LEU A 290 -22.54 -11.36 -108.82
CA LEU A 290 -21.45 -12.18 -108.35
C LEU A 290 -20.53 -11.31 -107.54
N LYS A 291 -20.21 -10.12 -108.05
CA LYS A 291 -19.26 -9.28 -107.41
C LYS A 291 -19.75 -8.93 -106.04
N THR A 292 -21.04 -8.57 -105.93
CA THR A 292 -21.55 -8.18 -104.65
C THR A 292 -21.50 -9.36 -103.72
N TYR A 293 -21.80 -10.55 -104.24
CA TYR A 293 -21.87 -11.73 -103.42
C TYR A 293 -20.52 -12.00 -102.83
N LEU A 294 -19.45 -11.88 -103.63
CA LEU A 294 -18.13 -12.20 -103.17
C LEU A 294 -17.73 -11.30 -102.06
N ASP A 295 -18.15 -10.02 -102.13
CA ASP A 295 -17.74 -9.07 -101.14
C ASP A 295 -18.18 -9.55 -99.80
N GLU A 296 -19.39 -10.12 -99.73
CA GLU A 296 -19.94 -10.56 -98.50
C GLU A 296 -19.08 -11.66 -97.94
N ARG A 297 -18.56 -12.53 -98.81
CA ARG A 297 -17.80 -13.67 -98.37
C ARG A 297 -16.60 -13.20 -97.61
N SER A 298 -15.96 -12.14 -98.12
CA SER A 298 -14.74 -11.65 -97.51
C SER A 298 -15.05 -11.13 -96.14
N SER A 299 -16.34 -10.85 -95.85
CA SER A 299 -16.68 -10.25 -94.59
C SER A 299 -16.30 -11.16 -93.46
N ARG A 300 -16.54 -12.49 -93.61
CA ARG A 300 -16.35 -13.40 -92.50
C ARG A 300 -15.00 -13.99 -92.53
N ALA A 301 -14.47 -14.27 -91.32
CA ALA A 301 -13.18 -14.88 -91.16
C ALA A 301 -13.31 -16.35 -91.41
N ARG A 302 -12.31 -16.98 -92.04
CA ARG A 302 -12.57 -18.37 -92.24
C ARG A 302 -11.31 -19.13 -92.02
N ALA A 303 -11.43 -20.47 -91.90
CA ALA A 303 -10.29 -21.30 -91.74
C ALA A 303 -10.13 -22.06 -93.02
N PHE A 304 -8.88 -22.25 -93.47
CA PHE A 304 -8.68 -22.94 -94.71
C PHE A 304 -7.58 -23.93 -94.52
N ALA A 305 -7.44 -24.85 -95.48
CA ALA A 305 -6.37 -25.80 -95.45
C ALA A 305 -5.63 -25.57 -96.72
N SER A 306 -4.29 -25.68 -96.69
CA SER A 306 -3.55 -25.43 -97.89
C SER A 306 -3.08 -26.75 -98.38
N PHE A 307 -3.18 -26.96 -99.71
CA PHE A 307 -2.72 -28.21 -100.23
C PHE A 307 -1.76 -27.94 -101.34
N ARG A 308 -0.61 -28.64 -101.32
CA ARG A 308 0.32 -28.54 -102.40
C ARG A 308 -0.11 -29.57 -103.39
N LEU A 309 -0.05 -29.28 -104.69
CA LEU A 309 -0.48 -30.31 -105.57
C LEU A 309 0.68 -30.73 -106.42
N LYS A 310 1.16 -31.98 -106.19
CA LYS A 310 2.24 -32.45 -107.01
C LYS A 310 1.71 -32.60 -108.39
N GLY A 311 0.51 -33.21 -108.51
CA GLY A 311 -0.12 -33.35 -109.80
C GLY A 311 0.71 -34.21 -110.69
N PHE A 312 1.14 -35.39 -110.21
CA PHE A 312 1.95 -36.22 -111.07
C PHE A 312 1.26 -37.54 -111.22
N GLY A 313 1.62 -38.28 -112.29
CA GLY A 313 1.04 -39.57 -112.51
C GLY A 313 -0.22 -39.38 -113.30
N GLY A 314 -1.05 -40.43 -113.34
CA GLY A 314 -2.28 -40.34 -114.08
C GLY A 314 -3.22 -39.55 -113.23
N SER A 315 -4.44 -39.34 -113.75
CA SER A 315 -5.43 -38.59 -113.04
C SER A 315 -5.64 -39.28 -111.74
N ALA A 316 -5.90 -38.49 -110.67
CA ALA A 316 -6.11 -39.09 -109.39
C ALA A 316 -7.08 -38.24 -108.64
N ASN A 317 -7.74 -38.84 -107.64
CA ASN A 317 -8.68 -38.16 -106.81
C ASN A 317 -8.10 -38.17 -105.43
N VAL A 318 -8.25 -37.06 -104.69
CA VAL A 318 -7.72 -37.03 -103.37
C VAL A 318 -8.83 -36.66 -102.43
N PHE A 319 -8.77 -37.18 -101.20
CA PHE A 319 -9.77 -36.86 -100.22
C PHE A 319 -9.01 -36.36 -99.04
N VAL A 320 -9.61 -35.44 -98.27
CA VAL A 320 -8.96 -34.97 -97.09
C VAL A 320 -9.92 -35.11 -95.96
N TYR A 321 -9.42 -35.53 -94.78
CA TYR A 321 -10.30 -35.68 -93.68
C TYR A 321 -9.64 -35.03 -92.50
N VAL A 322 -10.42 -34.33 -91.67
CA VAL A 322 -9.84 -33.81 -90.48
C VAL A 322 -10.32 -34.72 -89.39
N CYS A 323 -9.39 -35.40 -88.72
CA CYS A 323 -9.85 -36.33 -87.74
C CYS A 323 -9.51 -35.76 -86.41
N ILE A 324 -10.14 -36.30 -85.36
CA ILE A 324 -9.89 -35.79 -84.05
C ILE A 324 -8.90 -36.72 -83.45
N PRO A 325 -7.77 -36.14 -83.14
CA PRO A 325 -6.65 -36.86 -82.65
C PRO A 325 -7.01 -37.62 -81.41
N ASP A 326 -8.11 -37.23 -80.73
CA ASP A 326 -8.48 -37.89 -79.50
C ASP A 326 -8.89 -39.30 -79.81
N ASP A 327 -8.45 -40.26 -78.97
CA ASP A 327 -8.82 -41.64 -79.13
C ASP A 327 -8.45 -42.35 -77.88
N ASN A 328 -9.34 -42.31 -76.89
CA ASN A 328 -8.98 -42.94 -75.67
C ASN A 328 -8.98 -44.40 -75.94
N ASP A 329 -9.95 -44.93 -76.73
CA ASP A 329 -9.99 -46.38 -76.62
C ASP A 329 -10.43 -47.17 -77.84
N ARG A 330 -10.46 -48.52 -77.62
CA ARG A 330 -11.00 -49.59 -78.43
C ARG A 330 -10.73 -49.52 -79.91
N ASN A 331 -9.46 -49.32 -80.35
CA ASN A 331 -9.16 -49.17 -81.77
C ASN A 331 -10.15 -48.23 -82.35
N ASP A 332 -9.95 -46.94 -82.02
CA ASP A 332 -10.82 -45.83 -82.19
C ASP A 332 -11.01 -45.68 -83.66
N ASP A 333 -12.22 -45.30 -84.11
CA ASP A 333 -12.45 -45.05 -85.51
C ASP A 333 -13.47 -43.94 -85.58
N HIS A 334 -13.04 -42.66 -85.51
CA HIS A 334 -14.06 -41.66 -85.65
C HIS A 334 -13.44 -40.58 -86.50
N CYS A 335 -14.12 -40.15 -87.58
CA CYS A 335 -13.54 -39.08 -88.34
C CYS A 335 -14.57 -38.60 -89.32
N GLU A 336 -14.27 -37.48 -90.00
CA GLU A 336 -15.18 -36.90 -90.94
C GLU A 336 -14.43 -36.53 -92.19
N LYS A 337 -15.16 -36.33 -93.31
CA LYS A 337 -14.53 -36.02 -94.56
C LYS A 337 -14.59 -34.53 -94.78
N ALA A 338 -13.41 -33.89 -94.87
CA ALA A 338 -13.30 -32.47 -95.07
C ALA A 338 -13.77 -32.04 -96.43
N GLY A 339 -13.29 -32.72 -97.50
CA GLY A 339 -13.65 -32.29 -98.83
C GLY A 339 -12.62 -32.82 -99.77
N ASP A 340 -12.88 -32.72 -101.09
CA ASP A 340 -11.90 -33.26 -101.99
C ASP A 340 -11.85 -32.47 -103.26
N PHE A 341 -10.76 -32.70 -104.04
CA PHE A 341 -10.59 -32.10 -105.33
C PHE A 341 -10.03 -33.18 -106.21
N PHE A 342 -10.03 -32.94 -107.54
CA PHE A 342 -9.57 -33.96 -108.45
C PHE A 342 -8.50 -33.37 -109.31
N VAL A 343 -7.72 -34.23 -109.99
CA VAL A 343 -6.70 -33.75 -110.89
C VAL A 343 -6.72 -34.64 -112.09
N LEU A 344 -6.34 -34.07 -113.26
CA LEU A 344 -6.35 -34.80 -114.50
C LEU A 344 -4.91 -34.88 -114.93
N GLY A 345 -4.48 -36.04 -115.47
CA GLY A 345 -3.13 -36.11 -115.95
C GLY A 345 -2.90 -37.44 -116.59
N GLY A 346 -2.21 -37.44 -117.75
CA GLY A 346 -1.91 -38.66 -118.45
C GLY A 346 -0.55 -39.10 -118.06
N PRO A 347 -0.20 -40.28 -118.50
CA PRO A 347 1.12 -40.80 -118.25
C PRO A 347 2.17 -40.00 -118.94
N SER A 348 1.87 -39.47 -120.15
CA SER A 348 2.89 -38.67 -120.76
C SER A 348 2.39 -37.27 -120.76
N GLU A 349 2.69 -36.56 -119.67
CA GLU A 349 2.27 -35.19 -119.59
C GLU A 349 3.45 -34.46 -119.05
N MET A 350 3.53 -33.15 -119.32
CA MET A 350 4.65 -32.43 -118.82
C MET A 350 4.49 -32.37 -117.34
N LYS A 351 5.61 -32.52 -116.61
CA LYS A 351 5.53 -32.49 -115.18
C LYS A 351 5.15 -31.09 -114.79
N TRP A 352 4.21 -30.98 -113.84
CA TRP A 352 3.81 -29.68 -113.40
C TRP A 352 3.52 -29.76 -111.94
N GLN A 353 3.85 -28.68 -111.20
CA GLN A 353 3.54 -28.64 -109.80
C GLN A 353 3.00 -27.26 -109.55
N PHE A 354 2.04 -27.14 -108.62
CA PHE A 354 1.50 -25.83 -108.39
C PHE A 354 2.50 -25.02 -107.63
N TYR A 355 2.72 -23.79 -108.10
CA TYR A 355 3.62 -22.87 -107.46
C TYR A 355 3.02 -22.49 -106.16
N ARG A 356 1.68 -22.26 -106.17
CA ARG A 356 0.99 -21.77 -105.02
C ARG A 356 0.16 -22.89 -104.47
N PRO A 357 -0.14 -22.77 -103.21
CA PRO A 357 -0.98 -23.75 -102.56
C PRO A 357 -2.41 -23.53 -102.93
N TYR A 358 -3.25 -24.57 -102.75
CA TYR A 358 -4.65 -24.46 -103.06
C TYR A 358 -5.37 -24.50 -101.76
N LEU A 359 -6.05 -23.39 -101.43
CA LEU A 359 -6.73 -23.30 -100.17
C LEU A 359 -8.09 -23.93 -100.30
N PHE A 360 -8.61 -24.44 -99.17
CA PHE A 360 -9.93 -25.00 -99.12
C PHE A 360 -10.53 -24.46 -97.86
N ASP A 361 -11.87 -24.40 -97.77
CA ASP A 361 -12.48 -23.82 -96.61
C ASP A 361 -12.92 -24.90 -95.67
N LEU A 362 -12.12 -25.11 -94.61
CA LEU A 362 -12.36 -26.08 -93.57
C LEU A 362 -13.46 -25.66 -92.65
N SER A 363 -13.69 -24.36 -92.50
CA SER A 363 -14.55 -23.84 -91.45
C SER A 363 -15.87 -24.53 -91.40
N ASP A 364 -16.48 -24.85 -92.56
CA ASP A 364 -17.78 -25.44 -92.51
C ASP A 364 -17.71 -26.73 -91.77
N THR A 365 -16.75 -27.59 -92.15
CA THR A 365 -16.68 -28.90 -91.57
C THR A 365 -16.36 -28.83 -90.12
N VAL A 366 -15.44 -27.93 -89.74
CA VAL A 366 -14.99 -27.85 -88.39
C VAL A 366 -16.18 -27.55 -87.54
N HIS A 367 -16.99 -26.57 -87.96
CA HIS A 367 -18.14 -26.17 -87.20
C HIS A 367 -19.08 -27.33 -87.13
N LYS A 368 -19.26 -28.02 -88.25
CA LYS A 368 -20.20 -29.12 -88.34
C LYS A 368 -19.79 -30.14 -87.33
N MET A 369 -18.47 -30.40 -87.23
CA MET A 369 -17.98 -31.37 -86.31
C MET A 369 -18.36 -30.93 -84.95
N GLY A 370 -18.30 -29.61 -84.71
CA GLY A 370 -18.59 -29.11 -83.40
C GLY A 370 -17.27 -28.75 -82.83
N MET A 371 -16.18 -29.13 -83.52
CA MET A 371 -14.90 -28.75 -83.03
C MET A 371 -14.76 -27.31 -83.36
N LYS A 372 -14.38 -26.51 -82.37
CA LYS A 372 -14.21 -25.12 -82.60
C LYS A 372 -12.89 -24.97 -83.27
N LEU A 373 -12.57 -23.76 -83.76
CA LEU A 373 -11.30 -23.59 -84.39
C LEU A 373 -10.32 -23.93 -83.32
N ASP A 374 -10.60 -23.50 -82.08
CA ASP A 374 -9.74 -23.84 -81.00
C ASP A 374 -10.09 -25.23 -80.58
N GLY A 375 -9.30 -26.20 -81.08
CA GLY A 375 -9.50 -27.59 -80.75
C GLY A 375 -8.30 -28.29 -81.29
N HIS A 376 -7.90 -29.41 -80.69
CA HIS A 376 -6.72 -30.06 -81.20
C HIS A 376 -7.16 -31.19 -82.07
N TYR A 377 -6.84 -31.07 -83.38
CA TYR A 377 -7.18 -32.08 -84.33
C TYR A 377 -6.05 -32.16 -85.31
N THR A 378 -5.99 -33.27 -86.08
CA THR A 378 -5.00 -33.38 -87.11
C THR A 378 -5.74 -33.75 -88.36
N VAL A 379 -5.09 -33.57 -89.52
CA VAL A 379 -5.76 -33.91 -90.74
C VAL A 379 -4.87 -34.82 -91.52
N LYS A 380 -5.49 -35.63 -92.41
CA LYS A 380 -4.77 -36.55 -93.25
C LYS A 380 -5.50 -36.59 -94.55
N ALA A 381 -4.79 -36.99 -95.63
CA ALA A 381 -5.44 -37.02 -96.92
C ALA A 381 -5.13 -38.32 -97.58
N GLU A 382 -6.02 -38.77 -98.50
CA GLU A 382 -5.75 -40.00 -99.19
C GLU A 382 -5.86 -39.74 -100.66
N LEU A 383 -5.04 -40.45 -101.46
CA LEU A 383 -5.08 -40.25 -102.88
C LEU A 383 -5.46 -41.54 -103.53
N PHE A 384 -6.35 -41.46 -104.53
CA PHE A 384 -6.80 -42.64 -105.22
C PHE A 384 -6.61 -42.36 -106.66
N SER A 385 -6.07 -43.34 -107.43
CA SER A 385 -5.86 -43.09 -108.81
C SER A 385 -7.08 -43.53 -109.55
N VAL A 386 -7.22 -43.06 -110.81
CA VAL A 386 -8.34 -43.42 -111.61
C VAL A 386 -8.21 -44.89 -111.79
N ASN A 387 -6.95 -45.36 -111.98
CA ASN A 387 -6.73 -46.76 -112.16
C ASN A 387 -7.13 -47.46 -110.90
N GLY A 388 -7.01 -46.78 -109.74
CA GLY A 388 -7.43 -47.40 -108.53
C GLY A 388 -6.23 -47.84 -107.76
N THR A 389 -5.04 -47.65 -108.32
CA THR A 389 -3.86 -48.01 -107.61
C THR A 389 -3.72 -47.01 -106.50
N ALA A 390 -3.36 -47.48 -105.30
CA ALA A 390 -3.21 -46.57 -104.19
C ALA A 390 -1.94 -45.83 -104.42
N LEU A 391 -1.89 -44.57 -103.93
CA LEU A 391 -0.68 -43.83 -104.09
C LEU A 391 -0.13 -43.58 -102.72
N PRO A 392 1.17 -43.57 -102.63
CA PRO A 392 1.76 -43.36 -101.34
C PRO A 392 1.50 -41.99 -100.83
N ASP A 393 0.86 -41.91 -99.65
CA ASP A 393 0.53 -40.69 -98.99
C ASP A 393 1.74 -40.09 -98.32
N ASP A 394 2.72 -40.93 -97.94
CA ASP A 394 3.86 -40.46 -97.21
C ASP A 394 4.59 -39.41 -97.99
N LEU A 395 4.66 -39.57 -99.33
CA LEU A 395 5.42 -38.64 -100.13
C LEU A 395 4.79 -37.30 -99.96
N LEU A 396 3.45 -37.25 -99.92
CA LEU A 396 2.72 -36.02 -99.85
C LEU A 396 2.96 -35.37 -98.52
N PRO A 397 3.06 -34.07 -98.55
CA PRO A 397 3.25 -33.30 -97.36
C PRO A 397 1.96 -33.12 -96.62
N HIS A 398 2.04 -32.85 -95.30
CA HIS A 398 0.87 -32.63 -94.52
C HIS A 398 0.35 -31.27 -94.87
N PRO A 399 -0.94 -31.17 -95.04
CA PRO A 399 -1.52 -29.90 -95.36
C PRO A 399 -1.59 -29.08 -94.12
N VAL A 400 -1.59 -27.74 -94.23
CA VAL A 400 -1.64 -26.98 -93.02
C VAL A 400 -2.96 -26.32 -92.95
N VAL A 401 -3.47 -26.16 -91.72
CA VAL A 401 -4.70 -25.49 -91.54
C VAL A 401 -4.36 -24.09 -91.19
N VAL A 402 -5.14 -23.12 -91.71
CA VAL A 402 -4.88 -21.76 -91.38
C VAL A 402 -6.12 -21.22 -90.76
N HIS A 403 -5.99 -20.38 -89.70
CA HIS A 403 -7.21 -19.79 -89.25
C HIS A 403 -7.12 -18.34 -89.53
N HIS A 404 -8.28 -17.68 -89.71
CA HIS A 404 -8.22 -16.30 -90.03
C HIS A 404 -7.73 -15.59 -88.82
N PRO A 405 -6.58 -14.93 -88.96
CA PRO A 405 -5.94 -14.23 -87.89
C PRO A 405 -6.71 -12.99 -87.57
N GLU A 406 -6.72 -12.59 -86.28
CA GLU A 406 -7.31 -11.34 -85.93
C GLU A 406 -6.12 -10.48 -85.59
N LYS A 407 -5.98 -9.32 -86.27
CA LYS A 407 -4.84 -8.46 -86.19
C LYS A 407 -5.30 -7.16 -85.61
N GLY A 408 -5.04 -6.95 -84.30
CA GLY A 408 -5.44 -5.74 -83.65
C GLY A 408 -4.71 -5.65 -82.35
N PHE A 409 -4.95 -4.62 -81.52
CA PHE A 409 -4.10 -4.21 -80.41
C PHE A 409 -3.48 -5.30 -79.53
N THR A 410 -4.17 -6.40 -79.13
CA THR A 410 -3.39 -7.45 -78.49
C THR A 410 -3.76 -8.78 -79.09
N ASP A 411 -2.89 -9.35 -79.97
CA ASP A 411 -3.07 -10.66 -80.57
C ASP A 411 -2.79 -11.85 -79.62
N PRO A 412 -1.74 -11.95 -78.78
CA PRO A 412 -1.59 -13.12 -77.91
C PRO A 412 -2.37 -13.02 -76.61
N PRO A 413 -2.70 -14.06 -75.89
CA PRO A 413 -3.41 -13.92 -74.64
C PRO A 413 -2.68 -13.31 -73.46
N VAL A 414 -1.35 -13.06 -73.55
CA VAL A 414 -0.51 -12.56 -72.47
C VAL A 414 -0.51 -11.05 -72.44
N LYS A 415 -0.13 -10.40 -71.30
CA LYS A 415 -0.15 -8.96 -71.33
C LYS A 415 1.23 -8.43 -71.41
N HIS A 416 1.62 -7.96 -72.62
CA HIS A 416 2.90 -7.34 -72.68
C HIS A 416 2.69 -5.98 -72.12
N HIS A 417 3.58 -5.56 -71.20
CA HIS A 417 3.47 -4.26 -70.62
C HIS A 417 4.84 -3.69 -70.65
N GLN A 418 4.97 -2.37 -70.41
CA GLN A 418 6.25 -1.68 -70.44
C GLN A 418 7.22 -2.43 -69.58
N SER A 419 8.19 -3.06 -70.29
CA SER A 419 9.20 -3.96 -69.81
C SER A 419 10.21 -3.22 -68.96
N ALA A 420 10.61 -3.90 -67.86
CA ALA A 420 11.60 -3.50 -66.90
C ALA A 420 12.98 -3.46 -67.50
N ASN A 421 13.26 -4.39 -68.45
CA ASN A 421 14.51 -4.65 -69.15
C ASN A 421 15.63 -5.17 -68.26
N LEU A 422 15.43 -6.35 -67.61
CA LEU A 422 16.47 -6.97 -66.83
C LEU A 422 17.58 -7.51 -67.70
N LEU A 423 17.28 -8.36 -68.73
CA LEU A 423 18.38 -8.80 -69.53
C LEU A 423 18.32 -8.06 -70.84
N VAL A 424 19.47 -7.53 -71.29
CA VAL A 424 19.46 -6.79 -72.50
C VAL A 424 20.47 -7.38 -73.43
N ARG A 425 20.16 -7.35 -74.74
CA ARG A 425 21.08 -7.84 -75.71
C ARG A 425 21.58 -6.62 -76.42
N LYS A 426 22.91 -6.50 -76.56
CA LYS A 426 23.46 -5.33 -77.18
C LYS A 426 24.27 -5.81 -78.35
N ASN A 427 24.63 -4.88 -79.25
CA ASN A 427 25.44 -5.31 -80.37
C ASN A 427 26.83 -5.46 -79.87
N ILE A 428 27.65 -6.25 -80.59
CA ILE A 428 28.98 -6.52 -80.14
C ILE A 428 29.74 -5.25 -80.07
N ASN A 429 29.58 -4.36 -81.07
CA ASN A 429 30.41 -3.19 -81.05
C ASN A 429 30.17 -2.37 -79.82
N ASP A 430 28.92 -2.27 -79.35
CA ASP A 430 28.66 -1.44 -78.20
C ASP A 430 29.33 -2.02 -76.99
N LEU A 431 29.50 -3.35 -76.96
CA LEU A 431 30.02 -3.98 -75.77
C LEU A 431 31.36 -3.39 -75.46
N THR A 432 31.57 -3.12 -74.15
CA THR A 432 32.81 -2.56 -73.69
C THR A 432 33.71 -3.69 -73.34
N ARG A 433 34.96 -3.36 -72.97
CA ARG A 433 35.92 -4.35 -72.59
C ARG A 433 35.41 -5.05 -71.39
N GLU A 434 34.84 -4.30 -70.43
CA GLU A 434 34.36 -4.92 -69.24
C GLU A 434 33.27 -5.87 -69.63
N GLU A 435 32.35 -5.42 -70.51
CA GLU A 435 31.25 -6.27 -70.89
C GLU A 435 31.78 -7.46 -71.61
N VAL A 436 32.74 -7.26 -72.52
CA VAL A 436 33.23 -8.38 -73.26
C VAL A 436 33.91 -9.30 -72.31
N LEU A 437 34.59 -8.74 -71.29
CA LEU A 437 35.35 -9.55 -70.38
C LEU A 437 34.45 -10.52 -69.71
N ASN A 438 33.28 -10.08 -69.21
CA ASN A 438 32.44 -11.01 -68.53
C ASN A 438 31.99 -12.05 -69.50
N LEU A 439 31.69 -11.64 -70.74
CA LEU A 439 31.21 -12.58 -71.71
C LEU A 439 32.26 -13.60 -71.99
N ARG A 440 33.53 -13.16 -72.12
CA ARG A 440 34.57 -14.12 -72.45
C ARG A 440 34.63 -15.12 -71.35
N GLU A 441 34.61 -14.64 -70.09
CA GLU A 441 34.75 -15.51 -68.96
C GLU A 441 33.60 -16.46 -68.92
N ALA A 442 32.37 -15.94 -69.12
CA ALA A 442 31.19 -16.76 -69.01
C ALA A 442 31.23 -17.84 -70.02
N PHE A 443 31.63 -17.50 -71.27
CA PHE A 443 31.62 -18.48 -72.31
C PHE A 443 32.62 -19.53 -71.96
N HIS A 444 33.80 -19.11 -71.45
CA HIS A 444 34.84 -20.03 -71.15
C HIS A 444 34.34 -21.01 -70.14
N LYS A 445 33.66 -20.51 -69.09
CA LYS A 445 33.16 -21.35 -68.05
C LYS A 445 32.14 -22.26 -68.64
N PHE A 446 31.32 -21.70 -69.54
CA PHE A 446 30.23 -22.41 -70.15
C PHE A 446 30.75 -23.55 -70.95
N GLN A 447 31.80 -23.32 -71.76
CA GLN A 447 32.28 -24.40 -72.56
C GLN A 447 32.82 -25.48 -71.67
N GLU A 448 33.39 -25.10 -70.52
CA GLU A 448 33.92 -26.04 -69.59
C GLU A 448 32.83 -26.90 -69.06
N ASP A 449 31.62 -26.32 -68.84
CA ASP A 449 30.55 -27.05 -68.22
C ASP A 449 30.29 -28.32 -68.98
N ARG A 450 30.59 -29.46 -68.33
CA ARG A 450 30.35 -30.73 -68.97
C ARG A 450 28.90 -31.07 -68.94
N SER A 451 28.15 -30.47 -68.00
CA SER A 451 26.74 -30.73 -67.81
C SER A 451 26.01 -30.61 -69.10
N VAL A 452 24.75 -31.10 -69.11
CA VAL A 452 23.87 -31.04 -70.23
C VAL A 452 23.63 -29.60 -70.54
N ASP A 453 23.50 -28.75 -69.50
CA ASP A 453 23.29 -27.37 -69.80
C ASP A 453 24.54 -26.89 -70.46
N GLY A 454 25.64 -27.64 -70.27
CA GLY A 454 26.92 -27.29 -70.79
C GLY A 454 26.81 -27.05 -72.26
N TYR A 455 27.85 -26.39 -72.81
CA TYR A 455 27.94 -25.92 -74.16
C TYR A 455 27.89 -27.05 -75.15
N GLN A 456 28.64 -28.13 -74.90
CA GLN A 456 28.68 -29.18 -75.87
C GLN A 456 27.30 -29.72 -76.06
N ALA A 457 26.58 -29.95 -74.94
CA ALA A 457 25.27 -30.52 -75.02
C ALA A 457 24.37 -29.59 -75.74
N THR A 458 24.49 -28.27 -75.49
CA THR A 458 23.60 -27.31 -76.11
C THR A 458 23.80 -27.34 -77.59
N ALA A 459 25.05 -27.54 -78.04
CA ALA A 459 25.36 -27.53 -79.43
C ALA A 459 24.59 -28.60 -80.14
N GLU A 460 24.43 -29.76 -79.48
CA GLU A 460 23.79 -30.90 -80.09
C GLU A 460 22.40 -30.57 -80.52
N TYR A 461 21.72 -29.66 -79.80
CA TYR A 461 20.34 -29.42 -80.09
C TYR A 461 20.16 -29.01 -81.52
N HIS A 462 21.02 -28.10 -82.01
CA HIS A 462 20.85 -27.59 -83.34
C HIS A 462 21.02 -28.67 -84.37
N GLY A 463 22.08 -29.50 -84.27
CA GLY A 463 22.31 -30.43 -85.33
C GLY A 463 22.90 -31.68 -84.76
N LEU A 464 23.94 -32.22 -85.45
CA LEU A 464 24.54 -33.46 -85.03
C LEU A 464 25.09 -33.24 -83.67
N PRO A 465 24.95 -34.23 -82.81
CA PRO A 465 24.28 -35.44 -83.18
C PRO A 465 22.80 -35.16 -83.23
N ALA A 466 22.03 -35.87 -84.10
CA ALA A 466 20.64 -35.53 -84.19
C ALA A 466 19.88 -36.28 -83.13
N ARG A 467 19.54 -35.54 -82.05
CA ARG A 467 18.76 -35.95 -80.92
C ARG A 467 17.30 -35.92 -81.23
N CYS A 468 16.92 -35.13 -82.25
CA CYS A 468 15.58 -34.64 -82.38
C CYS A 468 14.48 -35.67 -82.33
N PRO A 469 14.43 -36.65 -83.21
CA PRO A 469 13.33 -37.58 -83.24
C PRO A 469 13.20 -38.20 -81.88
N ARG A 470 14.34 -38.58 -81.31
CA ARG A 470 14.46 -39.16 -80.01
C ARG A 470 15.92 -39.44 -79.90
N PRO A 471 16.39 -39.68 -78.72
CA PRO A 471 17.76 -40.04 -78.63
C PRO A 471 17.89 -41.38 -79.27
N ASP A 472 16.79 -42.15 -79.30
CA ASP A 472 16.84 -43.42 -79.95
C ASP A 472 15.73 -43.46 -80.95
N ALA A 473 16.08 -43.25 -82.23
CA ALA A 473 15.09 -43.29 -83.25
C ALA A 473 15.71 -43.95 -84.44
N LYS A 474 14.88 -44.65 -85.24
CA LYS A 474 15.42 -45.31 -86.38
C LYS A 474 15.97 -44.27 -87.28
N ASP A 475 15.16 -43.22 -87.56
CA ASP A 475 15.63 -42.20 -88.44
C ASP A 475 15.93 -41.01 -87.61
N ARG A 476 17.22 -40.77 -87.32
CA ARG A 476 17.56 -39.59 -86.59
C ARG A 476 17.59 -38.47 -87.58
N TYR A 477 17.05 -37.31 -87.20
CA TYR A 477 17.08 -36.20 -88.08
C TYR A 477 17.48 -34.99 -87.30
N ALA A 478 18.00 -33.96 -88.01
CA ALA A 478 18.43 -32.77 -87.32
C ALA A 478 17.23 -32.18 -86.67
N CYS A 479 17.37 -31.76 -85.40
CA CYS A 479 16.24 -31.25 -84.69
C CYS A 479 15.84 -29.91 -85.18
N CYS A 480 16.81 -29.08 -85.57
CA CYS A 480 16.50 -27.72 -85.92
C CYS A 480 15.54 -27.70 -87.05
N VAL A 481 14.61 -26.73 -87.00
CA VAL A 481 13.62 -26.63 -88.03
C VAL A 481 14.12 -25.61 -89.02
N HIS A 482 14.17 -26.01 -90.30
CA HIS A 482 14.59 -25.12 -91.33
C HIS A 482 13.62 -25.30 -92.46
N GLY A 483 13.42 -24.23 -93.26
CA GLY A 483 12.55 -24.34 -94.38
C GLY A 483 11.14 -24.39 -93.88
N MET A 484 10.94 -24.00 -92.61
CA MET A 484 9.62 -24.03 -92.06
C MET A 484 9.37 -22.69 -91.43
N PRO A 485 8.12 -22.35 -91.28
CA PRO A 485 7.72 -21.12 -90.65
C PRO A 485 8.04 -21.16 -89.19
N ILE A 486 8.16 -22.38 -88.64
CA ILE A 486 8.45 -22.71 -87.28
C ILE A 486 9.83 -22.24 -86.98
N PHE A 487 10.65 -22.19 -88.04
CA PHE A 487 12.07 -21.97 -88.04
C PHE A 487 12.43 -20.81 -87.16
N PRO A 488 11.86 -19.65 -87.25
CA PRO A 488 12.31 -18.62 -86.36
C PRO A 488 12.03 -18.91 -84.92
N HIS A 489 10.95 -19.66 -84.63
CA HIS A 489 10.58 -19.94 -83.27
C HIS A 489 11.62 -20.78 -82.63
N TRP A 490 12.06 -21.83 -83.34
CA TRP A 490 12.97 -22.77 -82.77
C TRP A 490 14.26 -22.08 -82.44
N HIS A 491 14.77 -21.28 -83.40
CA HIS A 491 16.03 -20.63 -83.19
C HIS A 491 15.92 -19.68 -82.06
N ARG A 492 14.78 -18.95 -81.96
CA ARG A 492 14.66 -17.99 -80.91
C ARG A 492 14.79 -18.71 -79.61
N LEU A 493 14.16 -19.89 -79.49
CA LEU A 493 14.20 -20.61 -78.26
C LEU A 493 15.63 -21.01 -78.02
N PHE A 494 16.35 -21.36 -79.10
CA PHE A 494 17.70 -21.85 -78.97
C PHE A 494 18.56 -20.80 -78.34
N VAL A 495 18.43 -19.54 -78.79
CA VAL A 495 19.29 -18.51 -78.27
C VAL A 495 19.07 -18.35 -76.80
N THR A 496 17.81 -18.45 -76.34
CA THR A 496 17.56 -18.22 -74.95
C THR A 496 18.32 -19.24 -74.18
N GLN A 497 18.34 -20.49 -74.68
CA GLN A 497 18.95 -21.54 -73.92
C GLN A 497 20.38 -21.19 -73.68
N VAL A 498 21.09 -20.71 -74.72
CA VAL A 498 22.46 -20.37 -74.47
C VAL A 498 22.49 -19.22 -73.52
N GLU A 499 21.59 -18.23 -73.71
CA GLU A 499 21.61 -17.03 -72.93
C GLU A 499 21.43 -17.37 -71.48
N ASP A 500 20.52 -18.30 -71.10
CA ASP A 500 20.19 -18.72 -69.76
C ASP A 500 21.44 -19.31 -69.21
N ALA A 501 22.17 -20.02 -70.08
CA ALA A 501 23.44 -20.54 -69.68
C ALA A 501 24.35 -19.40 -69.29
N LEU A 502 24.47 -18.31 -70.12
CA LEU A 502 25.38 -17.25 -69.81
C LEU A 502 25.09 -16.69 -68.46
N VAL A 503 23.81 -16.50 -68.09
CA VAL A 503 23.54 -15.89 -66.82
C VAL A 503 24.11 -16.77 -65.76
N GLY A 504 23.94 -18.09 -65.90
CA GLY A 504 24.47 -19.00 -64.93
C GLY A 504 25.95 -18.78 -64.92
N ARG A 505 26.50 -18.51 -66.11
CA ARG A 505 27.91 -18.27 -66.28
C ARG A 505 28.23 -17.06 -65.46
N GLY A 506 27.26 -16.14 -65.37
CA GLY A 506 27.49 -14.93 -64.63
C GLY A 506 27.67 -13.82 -65.61
N ALA A 507 27.32 -14.07 -66.89
CA ALA A 507 27.45 -13.01 -67.85
C ALA A 507 26.53 -11.92 -67.43
N THR A 508 27.04 -10.68 -67.47
CA THR A 508 26.29 -9.52 -67.09
C THR A 508 25.21 -9.26 -68.09
N ILE A 509 25.51 -9.45 -69.39
CA ILE A 509 24.54 -9.07 -70.38
C ILE A 509 24.16 -10.27 -71.18
N GLY A 510 23.05 -10.12 -71.94
CA GLY A 510 22.56 -11.20 -72.74
C GLY A 510 23.45 -11.34 -73.93
N ILE A 511 23.17 -12.34 -74.78
CA ILE A 511 24.01 -12.57 -75.91
C ILE A 511 23.91 -11.39 -76.82
N PRO A 512 25.06 -10.95 -77.21
CA PRO A 512 25.16 -9.82 -78.11
C PRO A 512 24.82 -10.24 -79.50
N TYR A 513 24.44 -9.27 -80.36
CA TYR A 513 24.10 -9.62 -81.70
C TYR A 513 25.05 -8.91 -82.60
N TRP A 514 25.51 -9.63 -83.63
CA TRP A 514 26.42 -9.05 -84.57
C TRP A 514 25.58 -8.55 -85.70
N ASP A 515 25.30 -7.24 -85.73
CA ASP A 515 24.47 -6.73 -86.78
C ASP A 515 25.23 -6.91 -88.05
N TRP A 516 24.87 -7.93 -88.83
CA TRP A 516 25.51 -8.24 -90.06
C TRP A 516 25.14 -7.18 -91.05
N THR A 517 23.90 -6.67 -90.94
CA THR A 517 23.36 -5.77 -91.90
C THR A 517 24.28 -4.59 -92.03
N GLU A 518 24.76 -4.03 -90.90
CA GLU A 518 25.63 -2.91 -91.02
C GLU A 518 26.85 -3.40 -91.73
N PRO A 519 27.46 -2.54 -92.51
CA PRO A 519 28.63 -2.98 -93.21
C PRO A 519 29.72 -3.19 -92.21
N MET A 520 30.59 -4.20 -92.44
CA MET A 520 31.63 -4.43 -91.49
C MET A 520 32.93 -4.36 -92.21
N THR A 521 33.87 -3.58 -91.65
CA THR A 521 35.17 -3.48 -92.25
C THR A 521 35.78 -4.84 -92.20
N HIS A 522 35.71 -5.48 -91.02
CA HIS A 522 36.28 -6.77 -90.86
C HIS A 522 35.61 -7.43 -89.70
N ILE A 523 36.16 -8.60 -89.29
CA ILE A 523 35.65 -9.40 -88.22
C ILE A 523 35.64 -8.54 -86.99
N PRO A 524 34.67 -8.74 -86.14
CA PRO A 524 34.54 -7.92 -84.95
C PRO A 524 35.74 -8.00 -84.06
N GLY A 525 36.46 -9.13 -84.05
CA GLY A 525 37.66 -9.19 -83.28
C GLY A 525 37.35 -9.77 -81.95
N LEU A 526 36.12 -9.54 -81.44
CA LEU A 526 35.84 -10.15 -80.18
C LEU A 526 35.88 -11.61 -80.48
N ALA A 527 35.14 -11.99 -81.54
CA ALA A 527 35.12 -13.34 -82.01
C ALA A 527 36.45 -13.67 -82.61
N GLY A 528 37.00 -12.69 -83.37
CA GLY A 528 38.20 -12.88 -84.15
C GLY A 528 39.41 -13.16 -83.33
N ASN A 529 39.58 -12.46 -82.20
CA ASN A 529 40.83 -12.60 -81.48
C ASN A 529 41.03 -14.02 -81.08
N LYS A 530 42.16 -14.61 -81.52
CA LYS A 530 42.47 -15.98 -81.20
C LYS A 530 42.75 -16.09 -79.73
N THR A 531 43.59 -15.20 -79.20
CA THR A 531 43.91 -15.28 -77.80
C THR A 531 43.50 -14.00 -77.18
N TYR A 532 42.93 -14.08 -75.96
CA TYR A 532 42.49 -12.85 -75.37
C TYR A 532 43.37 -12.59 -74.20
N VAL A 533 44.21 -11.54 -74.30
CA VAL A 533 45.02 -11.22 -73.17
C VAL A 533 44.30 -10.13 -72.45
N ASP A 534 43.51 -10.51 -71.44
CA ASP A 534 42.81 -9.52 -70.69
C ASP A 534 43.89 -8.74 -70.01
N SER A 535 44.94 -9.48 -69.61
CA SER A 535 46.07 -8.96 -68.92
C SER A 535 45.67 -8.67 -67.51
N HIS A 536 44.35 -8.69 -67.23
CA HIS A 536 43.92 -8.54 -65.88
C HIS A 536 44.36 -9.80 -65.23
N GLY A 537 44.09 -10.92 -65.94
CA GLY A 537 44.45 -12.23 -65.51
C GLY A 537 45.58 -12.69 -66.38
N ALA A 538 45.49 -13.93 -66.87
CA ALA A 538 46.50 -14.49 -67.73
C ALA A 538 45.88 -14.64 -69.08
N SER A 539 46.73 -14.67 -70.12
CA SER A 539 46.21 -14.78 -71.45
C SER A 539 45.68 -16.15 -71.63
N HIS A 540 44.60 -16.28 -72.43
CA HIS A 540 44.02 -17.56 -72.71
C HIS A 540 43.50 -17.48 -74.11
N THR A 541 42.90 -18.58 -74.60
CA THR A 541 42.34 -18.52 -75.92
C THR A 541 41.05 -17.80 -75.75
N ASN A 542 40.48 -17.33 -76.87
CA ASN A 542 39.23 -16.65 -76.75
C ASN A 542 38.18 -17.70 -76.93
N PRO A 543 37.34 -17.82 -75.94
CA PRO A 543 36.29 -18.80 -76.02
C PRO A 543 35.34 -18.46 -77.12
N PHE A 544 35.19 -17.15 -77.42
CA PHE A 544 34.33 -16.72 -78.48
C PHE A 544 34.95 -17.20 -79.75
N HIS A 545 36.29 -17.17 -79.81
CA HIS A 545 36.98 -17.50 -81.01
C HIS A 545 36.62 -18.87 -81.48
N SER A 546 36.68 -19.90 -80.61
CA SER A 546 36.44 -21.20 -81.16
C SER A 546 35.81 -22.10 -80.16
N SER A 547 35.45 -23.30 -80.65
CA SER A 547 34.87 -24.33 -79.84
C SER A 547 35.37 -25.60 -80.45
N VAL A 548 35.11 -26.76 -79.80
CA VAL A 548 35.62 -27.98 -80.36
C VAL A 548 34.47 -28.91 -80.57
N ILE A 549 34.61 -29.86 -81.51
CA ILE A 549 33.54 -30.79 -81.71
C ILE A 549 33.99 -32.05 -81.04
N ALA A 550 33.39 -32.34 -79.88
CA ALA A 550 33.78 -33.48 -79.10
C ALA A 550 33.49 -34.75 -79.80
N PHE A 551 32.28 -34.91 -80.37
CA PHE A 551 31.95 -36.18 -80.94
C PHE A 551 32.84 -36.47 -82.11
N GLU A 552 32.96 -35.51 -83.04
CA GLU A 552 33.79 -35.78 -84.17
C GLU A 552 35.19 -35.82 -83.68
N GLU A 553 35.43 -35.07 -82.60
CA GLU A 553 36.73 -34.99 -82.02
C GLU A 553 37.57 -34.20 -82.97
N ASN A 554 36.89 -33.46 -83.86
CA ASN A 554 37.56 -32.58 -84.77
C ASN A 554 37.43 -31.23 -84.18
N ALA A 555 38.09 -30.24 -84.79
CA ALA A 555 37.97 -28.90 -84.28
C ALA A 555 37.14 -28.15 -85.27
N PRO A 556 36.27 -27.34 -84.75
CA PRO A 556 35.46 -26.55 -85.63
C PRO A 556 36.31 -25.50 -86.24
N HIS A 557 36.01 -25.10 -87.49
CA HIS A 557 36.80 -24.05 -88.05
C HIS A 557 36.11 -22.80 -87.66
N THR A 558 36.23 -22.45 -86.37
CA THR A 558 35.62 -21.26 -85.87
C THR A 558 36.29 -20.17 -86.61
N LYS A 559 37.60 -20.32 -86.83
CA LYS A 559 38.27 -19.37 -87.65
C LYS A 559 37.90 -19.83 -89.02
N ARG A 560 36.63 -19.58 -89.38
CA ARG A 560 36.03 -20.00 -90.62
C ARG A 560 36.61 -19.13 -91.67
N GLN A 561 36.60 -19.61 -92.93
CA GLN A 561 37.13 -18.78 -93.96
C GLN A 561 36.06 -17.83 -94.35
N ILE A 562 36.38 -16.53 -94.34
CA ILE A 562 35.41 -15.59 -94.80
C ILE A 562 35.85 -15.26 -96.18
N ASP A 563 35.38 -16.07 -97.15
CA ASP A 563 35.79 -15.90 -98.52
C ASP A 563 35.26 -14.61 -99.02
N GLN A 564 34.01 -14.28 -98.65
CA GLN A 564 33.45 -13.07 -99.18
C GLN A 564 33.67 -11.97 -98.21
N ARG A 565 34.08 -10.79 -98.71
CA ARG A 565 34.25 -9.67 -97.85
C ARG A 565 32.91 -9.06 -97.69
N LEU A 566 32.38 -9.10 -96.46
CA LEU A 566 31.10 -8.57 -96.17
C LEU A 566 31.13 -7.09 -96.28
N PHE A 567 32.30 -6.48 -95.98
CA PHE A 567 32.44 -5.06 -96.03
C PHE A 567 31.93 -4.61 -97.35
N LYS A 568 30.78 -3.89 -97.41
CA LYS A 568 30.21 -3.53 -98.70
C LYS A 568 29.90 -2.06 -98.74
N PRO A 569 30.22 -1.41 -99.85
CA PRO A 569 29.90 -0.01 -100.04
C PRO A 569 28.43 0.17 -100.30
N ALA A 570 27.83 1.26 -99.77
CA ALA A 570 26.41 1.45 -99.75
C ALA A 570 26.07 2.48 -100.76
N THR A 571 24.89 2.35 -101.37
CA THR A 571 24.47 3.35 -102.30
C THR A 571 24.41 4.61 -101.50
N PHE A 572 23.72 4.53 -100.35
CA PHE A 572 23.63 5.65 -99.48
C PHE A 572 23.64 5.13 -98.08
N GLY A 573 24.75 5.35 -97.35
CA GLY A 573 24.85 5.01 -95.96
C GLY A 573 24.37 3.63 -95.68
N HIS A 574 23.13 3.53 -95.19
CA HIS A 574 22.54 2.30 -94.72
C HIS A 574 22.36 1.27 -95.78
N HIS A 575 22.02 1.67 -97.03
CA HIS A 575 21.71 0.71 -98.06
C HIS A 575 22.79 -0.30 -98.16
N THR A 576 22.43 -1.58 -98.00
CA THR A 576 23.37 -2.66 -98.12
C THR A 576 22.65 -3.85 -98.67
N ASP A 577 23.41 -4.85 -99.15
CA ASP A 577 22.79 -6.02 -99.72
C ASP A 577 21.94 -6.68 -98.70
N LEU A 578 22.51 -6.91 -97.51
CA LEU A 578 21.75 -7.58 -96.49
C LEU A 578 20.61 -6.70 -96.13
N PHE A 579 20.84 -5.38 -96.09
CA PHE A 579 19.77 -4.48 -95.73
C PHE A 579 18.68 -4.66 -96.71
N ASN A 580 19.03 -4.69 -98.01
CA ASN A 580 17.99 -4.73 -98.99
C ASN A 580 17.19 -5.98 -98.82
N GLN A 581 17.89 -7.13 -98.66
CA GLN A 581 17.24 -8.40 -98.57
C GLN A 581 16.39 -8.41 -97.34
N ILE A 582 16.97 -7.96 -96.22
CA ILE A 582 16.29 -8.02 -94.98
C ILE A 582 15.11 -7.11 -95.04
N LEU A 583 15.28 -5.92 -95.62
CA LEU A 583 14.23 -4.94 -95.67
C LEU A 583 13.11 -5.51 -96.46
N TYR A 584 13.45 -6.22 -97.56
CA TYR A 584 12.44 -6.78 -98.41
C TYR A 584 11.60 -7.68 -97.56
N ALA A 585 12.24 -8.49 -96.70
CA ALA A 585 11.51 -9.43 -95.91
C ALA A 585 10.55 -8.65 -95.06
N PHE A 586 11.03 -7.52 -94.49
CA PHE A 586 10.24 -6.75 -93.58
C PHE A 586 9.02 -6.24 -94.29
N GLU A 587 9.13 -5.91 -95.57
CA GLU A 587 8.04 -5.33 -96.29
C GLU A 587 6.83 -6.23 -96.22
N GLN A 588 7.04 -7.55 -96.38
CA GLN A 588 5.91 -8.43 -96.48
C GLN A 588 5.08 -8.45 -95.23
N GLU A 589 3.76 -8.31 -95.45
CA GLU A 589 2.74 -8.28 -94.43
C GLU A 589 2.56 -9.62 -93.76
N ASP A 590 2.75 -10.69 -94.56
CA ASP A 590 2.50 -12.07 -94.24
C ASP A 590 3.69 -12.60 -93.50
N TYR A 591 3.41 -13.33 -92.42
CA TYR A 591 4.45 -13.90 -91.60
C TYR A 591 5.20 -14.91 -92.41
N CYS A 592 4.45 -15.82 -93.09
CA CYS A 592 5.06 -16.85 -93.86
C CYS A 592 5.80 -16.27 -95.02
N ASP A 593 5.25 -15.23 -95.66
CA ASP A 593 5.95 -14.64 -96.77
C ASP A 593 7.24 -14.08 -96.24
N PHE A 594 7.17 -13.48 -95.04
CA PHE A 594 8.30 -12.86 -94.41
C PHE A 594 9.35 -13.89 -94.11
N GLU A 595 8.93 -15.06 -93.60
CA GLU A 595 9.87 -16.04 -93.14
C GLU A 595 10.78 -16.48 -94.24
N VAL A 596 10.21 -16.72 -95.44
CA VAL A 596 11.05 -17.21 -96.51
C VAL A 596 12.15 -16.26 -96.77
N GLN A 597 11.81 -14.97 -96.92
CA GLN A 597 12.80 -13.98 -97.25
C GLN A 597 13.74 -13.87 -96.08
N PHE A 598 13.19 -13.89 -94.86
CA PHE A 598 13.97 -13.70 -93.68
C PHE A 598 14.96 -14.81 -93.52
N GLU A 599 14.52 -16.06 -93.72
CA GLU A 599 15.38 -17.19 -93.51
C GLU A 599 16.53 -17.14 -94.46
N ILE A 600 16.27 -16.78 -95.73
CA ILE A 600 17.31 -16.83 -96.72
C ILE A 600 18.40 -15.88 -96.34
N THR A 601 18.03 -14.67 -95.90
CA THR A 601 19.03 -13.70 -95.53
C THR A 601 19.84 -14.27 -94.42
N HIS A 602 19.17 -15.00 -93.51
CA HIS A 602 19.79 -15.58 -92.37
C HIS A 602 20.89 -16.51 -92.82
N ASN A 603 20.62 -17.27 -93.90
CA ASN A 603 21.51 -18.26 -94.40
C ASN A 603 22.81 -17.64 -94.86
N THR A 604 22.77 -16.41 -95.38
CA THR A 604 23.93 -15.84 -95.99
C THR A 604 25.06 -15.77 -95.00
N ILE A 605 24.78 -15.43 -93.74
CA ILE A 605 25.83 -15.26 -92.78
C ILE A 605 26.55 -16.56 -92.62
N HIS A 606 25.80 -17.67 -92.53
CA HIS A 606 26.45 -18.92 -92.28
C HIS A 606 27.39 -19.22 -93.39
N ALA A 607 26.93 -19.06 -94.65
CA ALA A 607 27.77 -19.39 -95.77
C ALA A 607 28.96 -18.51 -95.81
N TRP A 608 28.76 -17.20 -95.62
CA TRP A 608 29.87 -16.29 -95.73
C TRP A 608 30.90 -16.60 -94.70
N THR A 609 30.46 -16.69 -93.42
CA THR A 609 31.41 -16.90 -92.38
C THR A 609 32.10 -18.22 -92.55
N GLY A 610 31.32 -19.32 -92.70
CA GLY A 610 31.89 -20.64 -92.72
C GLY A 610 32.80 -20.79 -93.89
N GLY A 611 32.36 -20.35 -95.08
CA GLY A 611 33.21 -20.51 -96.23
C GLY A 611 33.28 -21.96 -96.58
N SER A 612 34.43 -22.35 -97.15
CA SER A 612 34.69 -23.68 -97.63
C SER A 612 34.82 -24.67 -96.53
N GLU A 613 35.17 -24.24 -95.31
CA GLU A 613 35.44 -25.21 -94.28
C GLU A 613 34.21 -26.03 -94.03
N HIS A 614 34.43 -27.36 -93.99
CA HIS A 614 33.39 -28.31 -93.78
C HIS A 614 32.88 -28.16 -92.39
N PHE A 615 33.80 -28.06 -91.41
CA PHE A 615 33.35 -27.94 -90.06
C PHE A 615 33.28 -26.48 -89.77
N SER A 616 32.06 -25.92 -89.80
CA SER A 616 31.97 -24.51 -89.56
C SER A 616 30.55 -24.10 -89.62
N MET A 617 30.32 -22.78 -89.75
CA MET A 617 29.03 -22.19 -89.83
C MET A 617 28.40 -22.65 -91.10
N SER A 618 29.23 -22.90 -92.12
CA SER A 618 28.75 -23.29 -93.42
C SER A 618 28.03 -24.60 -93.35
N SER A 619 28.33 -25.45 -92.35
CA SER A 619 27.68 -26.74 -92.31
C SER A 619 26.57 -26.69 -91.31
N LEU A 620 25.45 -27.35 -91.64
CA LEU A 620 24.29 -27.36 -90.79
C LEU A 620 24.62 -28.08 -89.53
N HIS A 621 25.30 -29.23 -89.63
CA HIS A 621 25.57 -30.01 -88.45
C HIS A 621 26.47 -29.24 -87.52
N TYR A 622 27.59 -28.76 -88.09
CA TYR A 622 28.69 -28.12 -87.44
C TYR A 622 28.39 -26.75 -86.90
N THR A 623 27.49 -26.00 -87.56
CA THR A 623 27.31 -24.60 -87.29
C THR A 623 27.11 -24.32 -85.82
N ALA A 624 26.37 -25.18 -85.10
CA ALA A 624 26.07 -24.89 -83.73
C ALA A 624 27.34 -24.71 -82.96
N PHE A 625 28.39 -25.47 -83.29
CA PHE A 625 29.61 -25.43 -82.54
C PHE A 625 30.19 -24.05 -82.53
N ASP A 626 30.23 -23.36 -83.68
CA ASP A 626 30.85 -22.06 -83.71
C ASP A 626 30.10 -21.14 -82.80
N PRO A 627 30.88 -20.39 -82.05
CA PRO A 627 30.31 -19.42 -81.14
C PRO A 627 29.67 -18.25 -81.84
N LEU A 628 30.02 -18.01 -83.12
CA LEU A 628 29.47 -16.91 -83.86
C LEU A 628 28.00 -17.16 -83.99
N PHE A 629 27.64 -18.45 -84.00
CA PHE A 629 26.31 -18.92 -84.23
C PHE A 629 25.41 -18.19 -83.29
N TYR A 630 25.79 -18.11 -82.00
CA TYR A 630 24.96 -17.44 -81.04
C TYR A 630 24.86 -16.00 -81.40
N PHE A 631 25.99 -15.37 -81.78
CA PHE A 631 25.97 -13.96 -82.06
C PHE A 631 25.02 -13.68 -83.19
N HIS A 632 25.14 -14.44 -84.30
CA HIS A 632 24.33 -14.19 -85.45
C HIS A 632 22.88 -14.39 -85.14
N HIS A 633 22.55 -15.49 -84.47
CA HIS A 633 21.17 -15.79 -84.23
C HIS A 633 20.59 -14.73 -83.36
N SER A 634 21.40 -14.16 -82.45
CA SER A 634 20.86 -13.14 -81.60
C SER A 634 20.38 -12.03 -82.49
N ASN A 635 21.18 -11.66 -83.51
CA ASN A 635 20.81 -10.58 -84.38
C ASN A 635 19.56 -10.96 -85.11
N VAL A 636 19.54 -12.18 -85.65
CA VAL A 636 18.47 -12.68 -86.46
C VAL A 636 17.23 -12.59 -85.62
N ASP A 637 17.36 -13.01 -84.35
CA ASP A 637 16.24 -13.00 -83.47
C ASP A 637 15.83 -11.57 -83.36
N ARG A 638 16.81 -10.65 -83.31
CA ARG A 638 16.48 -9.26 -83.18
C ARG A 638 15.67 -8.84 -84.35
N LEU A 639 16.07 -9.24 -85.57
CA LEU A 639 15.33 -8.81 -86.71
C LEU A 639 13.95 -9.35 -86.61
N TRP A 640 13.79 -10.59 -86.13
CA TRP A 640 12.47 -11.15 -86.05
C TRP A 640 11.67 -10.27 -85.14
N ALA A 641 12.25 -9.89 -84.00
CA ALA A 641 11.55 -9.08 -83.05
C ALA A 641 11.23 -7.78 -83.70
N VAL A 642 12.18 -7.25 -84.49
CA VAL A 642 11.97 -5.99 -85.14
C VAL A 642 10.77 -6.11 -86.02
N TRP A 643 10.66 -7.24 -86.73
CA TRP A 643 9.57 -7.43 -87.64
C TRP A 643 8.31 -7.39 -86.85
N GLN A 644 8.28 -8.05 -85.68
CA GLN A 644 7.06 -8.04 -84.93
C GLN A 644 6.77 -6.64 -84.49
N ALA A 645 7.82 -5.88 -84.12
CA ALA A 645 7.61 -4.54 -83.69
C ALA A 645 7.04 -3.74 -84.82
N LEU A 646 7.57 -3.95 -86.04
CA LEU A 646 7.12 -3.23 -87.19
C LEU A 646 5.69 -3.58 -87.38
N GLN A 647 5.35 -4.86 -87.20
CA GLN A 647 4.00 -5.29 -87.41
C GLN A 647 3.18 -4.51 -86.45
N MET A 648 3.67 -4.32 -85.22
CA MET A 648 2.93 -3.66 -84.19
C MET A 648 2.61 -2.29 -84.68
N ARG A 649 3.58 -1.64 -85.34
CA ARG A 649 3.35 -0.31 -85.84
C ARG A 649 2.24 -0.42 -86.84
N ARG A 650 2.26 -1.52 -87.62
CA ARG A 650 1.27 -1.82 -88.60
C ARG A 650 0.00 -2.12 -87.88
N HIS A 651 0.10 -2.34 -86.57
CA HIS A 651 -1.00 -2.72 -85.73
C HIS A 651 -1.36 -4.14 -86.05
N LYS A 652 -0.31 -4.89 -86.42
CA LYS A 652 -0.40 -6.29 -86.64
C LYS A 652 0.21 -6.91 -85.43
N PRO A 653 -0.61 -7.64 -84.73
CA PRO A 653 -0.28 -8.29 -83.50
C PRO A 653 0.53 -9.50 -83.72
N TYR A 654 0.85 -10.15 -82.59
CA TYR A 654 1.59 -11.36 -82.44
C TYR A 654 0.85 -12.47 -83.11
N ARG A 655 -0.50 -12.40 -83.11
CA ARG A 655 -1.32 -13.46 -83.66
C ARG A 655 -0.85 -13.78 -85.04
N ALA A 656 -0.58 -15.07 -85.32
CA ALA A 656 -0.07 -15.41 -86.61
C ALA A 656 -1.20 -16.07 -87.34
N HIS A 657 -1.42 -15.67 -88.62
CA HIS A 657 -2.39 -16.23 -89.52
C HIS A 657 -1.96 -17.55 -90.11
N CYS A 658 -0.66 -17.68 -90.45
CA CYS A 658 -0.07 -18.81 -91.10
C CYS A 658 0.45 -19.80 -90.12
N ALA A 659 0.64 -21.03 -90.64
CA ALA A 659 1.23 -22.14 -89.95
C ALA A 659 0.63 -22.34 -88.61
N ILE A 660 -0.71 -22.44 -88.55
CA ILE A 660 -1.34 -22.66 -87.30
C ILE A 660 -0.99 -24.02 -86.78
N SER A 661 -1.05 -25.03 -87.67
CA SER A 661 -0.82 -26.38 -87.22
C SER A 661 0.59 -26.51 -86.73
N LEU A 662 1.55 -25.85 -87.42
CA LEU A 662 2.92 -25.95 -87.07
C LEU A 662 3.16 -25.35 -85.72
N GLU A 663 2.47 -24.24 -85.41
CA GLU A 663 2.72 -23.55 -84.18
C GLU A 663 2.38 -24.40 -83.00
N HIS A 664 1.32 -25.22 -83.10
CA HIS A 664 0.89 -26.00 -81.97
C HIS A 664 1.95 -26.96 -81.55
N MET A 665 2.64 -27.61 -82.49
CA MET A 665 3.60 -28.62 -82.13
C MET A 665 4.68 -28.03 -81.29
N HIS A 666 5.13 -28.80 -80.28
CA HIS A 666 6.18 -28.36 -79.39
C HIS A 666 7.48 -28.57 -80.11
N LEU A 667 8.50 -27.76 -79.76
CA LEU A 667 9.76 -27.90 -80.40
C LEU A 667 10.69 -28.62 -79.47
N LYS A 668 11.24 -29.75 -79.96
CA LYS A 668 12.20 -30.51 -79.22
C LYS A 668 13.51 -29.91 -79.57
N PRO A 669 14.59 -30.25 -78.89
CA PRO A 669 14.56 -31.14 -77.77
C PRO A 669 14.03 -30.41 -76.58
N PHE A 670 13.64 -29.14 -76.75
CA PHE A 670 13.24 -28.32 -75.65
C PHE A 670 12.10 -28.99 -74.96
N ALA A 671 11.19 -29.62 -75.72
CA ALA A 671 10.07 -30.32 -75.17
C ALA A 671 10.58 -31.43 -74.31
N PHE A 672 11.64 -32.18 -74.69
CA PHE A 672 12.02 -33.35 -73.91
C PHE A 672 12.30 -32.95 -72.49
N SER A 673 11.42 -33.50 -71.60
CA SER A 673 11.42 -33.43 -70.16
C SER A 673 12.37 -34.45 -69.58
N SER A 674 12.22 -35.73 -69.99
CA SER A 674 13.02 -36.85 -69.56
C SER A 674 14.39 -36.89 -70.20
N PRO A 675 14.53 -36.70 -71.50
CA PRO A 675 15.85 -36.52 -72.05
C PRO A 675 16.35 -35.15 -71.71
N LEU A 676 17.63 -34.89 -72.02
CA LEU A 676 18.42 -33.79 -71.55
C LEU A 676 18.03 -32.36 -71.91
N ASN A 677 17.14 -31.70 -71.12
CA ASN A 677 17.18 -30.27 -71.06
C ASN A 677 16.98 -29.82 -69.66
N ASN A 678 18.00 -29.11 -69.15
CA ASN A 678 18.06 -28.56 -67.84
C ASN A 678 17.09 -27.42 -67.70
N ASN A 679 17.00 -26.57 -68.74
CA ASN A 679 16.24 -25.35 -68.62
C ASN A 679 14.77 -25.62 -68.67
N GLU A 680 14.09 -25.24 -67.57
CA GLU A 680 12.66 -25.38 -67.44
C GLU A 680 11.97 -24.39 -68.32
N LYS A 681 12.53 -23.17 -68.42
CA LYS A 681 11.91 -22.09 -69.12
C LYS A 681 11.73 -22.47 -70.56
N THR A 682 12.77 -23.04 -71.19
CA THR A 682 12.65 -23.42 -72.57
C THR A 682 11.59 -24.45 -72.69
N HIS A 683 11.53 -25.37 -71.71
CA HIS A 683 10.57 -26.41 -71.74
C HIS A 683 9.21 -25.79 -71.74
N ALA A 684 9.03 -24.74 -70.94
CA ALA A 684 7.73 -24.13 -70.82
C ALA A 684 7.29 -23.62 -72.15
N ASN A 685 8.18 -22.92 -72.90
CA ASN A 685 7.70 -22.39 -74.14
C ASN A 685 8.16 -23.24 -75.27
N ALA A 686 7.83 -24.55 -75.21
CA ALA A 686 8.20 -25.44 -76.27
C ALA A 686 7.43 -25.03 -77.48
N MET A 687 6.13 -24.70 -77.28
CA MET A 687 5.29 -24.36 -78.39
C MET A 687 5.76 -23.06 -78.94
N PRO A 688 5.78 -23.03 -80.24
CA PRO A 688 6.21 -21.84 -80.93
C PRO A 688 5.24 -20.72 -80.81
N ASN A 689 3.96 -20.99 -80.48
CA ASN A 689 3.02 -19.92 -80.37
C ASN A 689 3.45 -19.06 -79.22
N LYS A 690 3.92 -19.70 -78.14
CA LYS A 690 4.35 -19.02 -76.94
C LYS A 690 5.56 -18.19 -77.27
N ILE A 691 6.34 -18.65 -78.26
CA ILE A 691 7.61 -18.07 -78.64
C ILE A 691 7.45 -16.64 -79.04
N TYR A 692 6.34 -16.28 -79.70
CA TYR A 692 6.22 -14.97 -80.29
C TYR A 692 6.45 -13.90 -79.25
N ASP A 693 5.77 -13.96 -78.10
CA ASP A 693 5.99 -12.90 -77.15
C ASP A 693 7.23 -13.21 -76.40
N TYR A 694 8.37 -12.70 -76.89
CA TYR A 694 9.64 -12.96 -76.28
C TYR A 694 9.74 -12.26 -74.96
N GLU A 695 9.29 -10.99 -74.89
CA GLU A 695 9.51 -10.21 -73.72
C GLU A 695 8.87 -10.83 -72.52
N ASN A 696 7.55 -11.13 -72.60
CA ASN A 696 6.90 -11.59 -71.42
C ASN A 696 7.45 -12.92 -71.00
N VAL A 697 7.43 -13.92 -71.89
CA VAL A 697 7.87 -15.22 -71.49
C VAL A 697 9.36 -15.27 -71.26
N LEU A 698 10.15 -14.85 -72.26
CA LEU A 698 11.58 -15.00 -72.18
C LEU A 698 12.12 -14.04 -71.17
N HIS A 699 11.55 -12.83 -71.11
CA HIS A 699 12.04 -11.81 -70.22
C HIS A 699 13.43 -11.42 -70.64
N TYR A 700 13.65 -11.25 -71.96
CA TYR A 700 14.91 -10.72 -72.43
C TYR A 700 14.55 -9.60 -73.34
N THR A 701 15.40 -8.55 -73.41
CA THR A 701 15.08 -7.45 -74.26
C THR A 701 16.28 -7.12 -75.10
N TYR A 702 16.11 -6.17 -76.03
CA TYR A 702 17.18 -5.74 -76.88
C TYR A 702 17.39 -4.31 -76.57
N GLU A 703 18.65 -3.84 -76.67
CA GLU A 703 18.89 -2.48 -76.31
C GLU A 703 18.07 -1.61 -77.20
N ASP A 704 18.08 -1.90 -78.52
CA ASP A 704 17.30 -1.08 -79.40
C ASP A 704 16.67 -1.94 -80.43
N LEU A 705 15.42 -1.64 -80.78
CA LEU A 705 14.81 -2.35 -81.86
C LEU A 705 14.82 -1.42 -83.00
N THR A 706 15.98 -1.33 -83.70
CA THR A 706 16.09 -0.49 -84.86
C THR A 706 16.78 -1.27 -85.91
N PHE A 707 16.51 -0.91 -87.17
CA PHE A 707 17.20 -1.58 -88.23
C PHE A 707 17.94 -0.52 -88.97
N GLY A 708 19.27 -0.49 -88.85
CA GLY A 708 20.05 0.45 -89.59
C GLY A 708 19.90 1.81 -88.98
N GLY A 709 19.38 1.88 -87.75
CA GLY A 709 19.23 3.17 -87.13
C GLY A 709 17.96 3.76 -87.62
N ILE A 710 17.13 2.95 -88.31
CA ILE A 710 15.88 3.43 -88.79
C ILE A 710 14.88 3.19 -87.71
N SER A 711 14.10 4.24 -87.37
CA SER A 711 13.12 4.06 -86.34
C SER A 711 12.09 3.15 -86.90
N LEU A 712 11.28 2.53 -86.02
CA LEU A 712 10.29 1.61 -86.48
C LEU A 712 9.35 2.37 -87.35
N GLU A 713 8.98 3.59 -86.92
CA GLU A 713 8.08 4.39 -87.68
C GLU A 713 8.74 4.72 -88.98
N ASN A 714 10.03 5.09 -88.93
CA ASN A 714 10.75 5.50 -90.10
C ASN A 714 10.84 4.37 -91.08
N ILE A 715 11.09 3.15 -90.60
CA ILE A 715 11.25 2.07 -91.51
C ILE A 715 9.96 1.86 -92.26
N GLU A 716 8.83 1.95 -91.55
CA GLU A 716 7.57 1.69 -92.18
C GLU A 716 7.38 2.65 -93.31
N LYS A 717 7.68 3.94 -93.08
CA LYS A 717 7.45 4.87 -94.15
C LYS A 717 8.41 4.58 -95.26
N MET A 718 9.63 4.12 -94.90
CA MET A 718 10.67 3.84 -95.83
C MET A 718 10.23 2.76 -96.76
N ILE A 719 9.54 1.73 -96.23
CA ILE A 719 9.13 0.62 -97.04
C ILE A 719 8.24 1.13 -98.13
N HIS A 720 7.39 2.10 -97.81
CA HIS A 720 6.47 2.62 -98.78
C HIS A 720 7.24 3.19 -99.93
N GLU A 721 8.38 3.83 -99.66
CA GLU A 721 9.15 4.47 -100.67
C GLU A 721 9.60 3.47 -101.69
N ASN A 722 10.06 2.28 -101.25
CA ASN A 722 10.57 1.32 -102.19
C ASN A 722 9.46 0.87 -103.10
N GLN A 723 8.23 0.85 -102.58
CA GLN A 723 7.06 0.38 -103.27
C GLN A 723 6.87 1.17 -104.53
N GLN A 724 7.13 2.48 -104.47
CA GLN A 724 6.85 3.36 -105.56
C GLN A 724 7.66 3.02 -106.78
N GLU A 725 8.90 2.49 -106.60
CA GLU A 725 9.91 2.07 -107.58
C GLU A 725 9.53 0.77 -108.28
N ASP A 726 9.70 0.74 -109.63
CA ASP A 726 9.37 -0.35 -110.53
C ASP A 726 10.24 -1.53 -110.23
N ARG A 727 9.67 -2.76 -110.13
CA ARG A 727 10.62 -3.80 -109.81
C ARG A 727 10.24 -5.13 -110.38
N ILE A 728 11.18 -5.83 -111.04
CA ILE A 728 10.95 -7.13 -111.60
C ILE A 728 11.75 -8.02 -110.72
N TYR A 729 11.19 -9.19 -110.39
CA TYR A 729 11.88 -10.06 -109.49
C TYR A 729 12.01 -11.38 -110.18
N ALA A 730 13.03 -12.15 -109.79
CA ALA A 730 13.15 -13.48 -110.29
C ALA A 730 12.76 -14.32 -109.13
N GLY A 731 11.95 -15.37 -109.38
CA GLY A 731 11.55 -16.16 -108.26
C GLY A 731 12.28 -17.45 -108.33
N PHE A 732 12.78 -17.91 -107.17
CA PHE A 732 13.47 -19.16 -107.17
C PHE A 732 12.70 -20.07 -106.27
N LEU A 733 12.45 -21.30 -106.73
CA LEU A 733 11.79 -22.23 -105.87
C LEU A 733 12.89 -22.96 -105.20
N LEU A 734 12.96 -22.91 -103.86
CA LEU A 734 14.10 -23.54 -103.28
C LEU A 734 13.65 -24.72 -102.48
N ALA A 735 13.84 -25.92 -103.04
CA ALA A 735 13.63 -27.07 -102.22
C ALA A 735 15.05 -27.42 -101.88
N GLY A 736 15.53 -26.94 -100.73
CA GLY A 736 16.91 -27.15 -100.42
C GLY A 736 17.14 -28.60 -100.19
N ILE A 737 17.83 -29.24 -101.17
CA ILE A 737 18.11 -30.66 -101.29
C ILE A 737 19.27 -31.25 -100.51
N ARG A 738 20.50 -30.70 -100.59
CA ARG A 738 21.59 -31.44 -99.98
C ARG A 738 22.38 -30.59 -99.04
N THR A 739 23.74 -30.67 -99.14
CA THR A 739 24.69 -29.90 -98.38
C THR A 739 24.50 -28.49 -98.79
N SER A 740 25.01 -27.55 -97.99
CA SER A 740 24.78 -26.16 -98.21
C SER A 740 25.43 -25.80 -99.50
N ALA A 741 24.86 -24.79 -100.19
CA ALA A 741 25.41 -24.38 -101.44
C ALA A 741 25.13 -22.92 -101.59
N ASN A 742 25.94 -22.24 -102.42
CA ASN A 742 25.79 -20.84 -102.71
C ASN A 742 25.38 -20.76 -104.15
N VAL A 743 24.45 -19.84 -104.48
CA VAL A 743 24.02 -19.78 -105.85
C VAL A 743 24.12 -18.38 -106.36
N ASP A 744 24.79 -18.21 -107.51
CA ASP A 744 24.89 -16.92 -108.13
C ASP A 744 24.19 -17.03 -109.45
N ILE A 745 23.43 -15.99 -109.82
CA ILE A 745 22.67 -16.06 -111.03
C ILE A 745 22.99 -14.84 -111.84
N PHE A 746 23.07 -15.03 -113.17
CA PHE A 746 23.32 -13.92 -114.06
C PHE A 746 22.38 -14.04 -115.21
N ILE A 747 22.07 -12.91 -115.87
CA ILE A 747 21.13 -12.97 -116.94
C ILE A 747 21.87 -12.83 -118.23
N LYS A 748 21.66 -13.80 -119.12
CA LYS A 748 22.32 -13.82 -120.39
C LYS A 748 21.40 -13.24 -121.39
N THR A 749 21.94 -12.40 -122.29
CA THR A 749 21.14 -11.81 -123.32
C THR A 749 21.31 -12.65 -124.56
N THR A 750 20.56 -12.29 -125.62
CA THR A 750 20.67 -12.95 -126.89
C THR A 750 22.05 -12.68 -127.35
N ASP A 751 22.55 -11.48 -126.99
CA ASP A 751 23.86 -11.01 -127.30
C ASP A 751 24.80 -11.96 -126.64
N SER A 752 24.29 -12.70 -125.64
CA SER A 752 25.12 -13.61 -124.90
C SER A 752 26.00 -12.82 -124.01
N VAL A 753 25.57 -11.56 -123.73
CA VAL A 753 26.26 -10.75 -122.79
C VAL A 753 25.58 -11.07 -121.50
N GLN A 754 26.36 -11.35 -120.44
CA GLN A 754 25.71 -11.71 -119.21
C GLN A 754 26.20 -10.81 -118.13
N HIS A 755 25.30 -10.48 -117.18
CA HIS A 755 25.67 -9.66 -116.06
C HIS A 755 25.23 -10.40 -114.84
N LYS A 756 25.92 -10.21 -113.70
CA LYS A 756 25.53 -11.02 -112.58
C LYS A 756 24.35 -10.41 -111.90
N ALA A 757 23.24 -11.17 -111.85
CA ALA A 757 22.02 -10.73 -111.27
C ALA A 757 22.16 -10.55 -109.79
N GLY A 758 22.76 -11.53 -109.10
CA GLY A 758 22.86 -11.41 -107.67
C GLY A 758 23.07 -12.79 -107.11
N THR A 759 23.12 -12.91 -105.77
CA THR A 759 23.38 -14.21 -105.20
C THR A 759 22.60 -14.36 -103.93
N PHE A 760 22.38 -15.64 -103.53
CA PHE A 760 21.76 -16.02 -102.30
C PHE A 760 22.33 -17.35 -101.93
N ALA A 761 22.12 -17.82 -100.68
CA ALA A 761 22.72 -19.08 -100.33
C ALA A 761 21.76 -19.84 -99.46
N VAL A 762 21.94 -21.18 -99.41
CA VAL A 762 21.10 -22.00 -98.60
C VAL A 762 21.98 -22.85 -97.74
N LEU A 763 21.54 -23.10 -96.48
CA LEU A 763 22.30 -23.89 -95.56
C LEU A 763 21.62 -25.22 -95.46
N GLY A 764 22.41 -26.30 -95.35
CA GLY A 764 21.79 -27.58 -95.24
C GLY A 764 22.83 -28.61 -94.96
N GLY A 765 22.38 -29.82 -94.60
CA GLY A 765 23.25 -30.90 -94.31
C GLY A 765 22.49 -32.14 -94.65
N SER A 766 23.17 -33.30 -94.63
CA SER A 766 22.51 -34.53 -94.95
C SER A 766 21.49 -34.81 -93.89
N LYS A 767 21.83 -34.46 -92.63
CA LYS A 767 21.02 -34.75 -91.50
C LYS A 767 19.71 -34.00 -91.57
N GLU A 768 19.72 -32.79 -92.16
CA GLU A 768 18.56 -31.95 -92.17
C GLU A 768 17.39 -32.69 -92.73
N MET A 769 16.20 -32.40 -92.18
CA MET A 769 14.99 -33.02 -92.65
C MET A 769 14.67 -32.36 -93.95
N LYS A 770 13.96 -33.08 -94.84
CA LYS A 770 13.66 -32.54 -96.13
C LYS A 770 12.68 -31.42 -95.94
N TRP A 771 12.88 -30.32 -96.69
CA TRP A 771 11.97 -29.22 -96.62
C TRP A 771 11.91 -28.60 -97.97
N GLY A 772 10.81 -27.86 -98.24
CA GLY A 772 10.65 -27.20 -99.51
C GLY A 772 9.79 -26.02 -99.25
N PHE A 773 10.13 -24.86 -99.85
CA PHE A 773 9.33 -23.70 -99.64
C PHE A 773 8.08 -23.82 -100.44
N ASP A 774 6.94 -23.46 -99.83
CA ASP A 774 5.68 -23.48 -100.51
C ASP A 774 5.71 -22.41 -101.53
N ARG A 775 6.30 -21.26 -101.15
CA ARG A 775 6.32 -20.11 -101.99
C ARG A 775 7.70 -19.92 -102.53
N VAL A 776 7.80 -19.09 -103.58
CA VAL A 776 9.03 -18.80 -104.25
C VAL A 776 9.75 -17.73 -103.50
N PHE A 777 11.08 -17.67 -103.67
CA PHE A 777 11.89 -16.65 -103.08
C PHE A 777 12.12 -15.64 -104.15
N LYS A 778 11.96 -14.35 -103.81
CA LYS A 778 12.07 -13.33 -104.81
C LYS A 778 13.33 -12.56 -104.61
N PHE A 779 13.93 -12.13 -105.75
CA PHE A 779 15.12 -11.32 -105.75
C PHE A 779 14.84 -10.23 -106.74
N ASP A 780 15.53 -9.08 -106.61
CA ASP A 780 15.22 -7.97 -107.47
C ASP A 780 16.19 -7.91 -108.60
N ILE A 781 15.68 -8.29 -109.79
CA ILE A 781 16.31 -8.31 -111.08
C ILE A 781 16.49 -6.91 -111.62
N THR A 782 15.57 -6.01 -111.26
CA THR A 782 15.30 -4.76 -111.93
C THR A 782 16.54 -4.00 -112.31
N HIS A 783 17.48 -3.77 -111.39
CA HIS A 783 18.57 -2.90 -111.73
C HIS A 783 19.33 -3.45 -112.89
N VAL A 784 19.65 -4.75 -112.89
CA VAL A 784 20.43 -5.31 -113.94
C VAL A 784 19.70 -5.20 -115.25
N LEU A 785 18.41 -5.56 -115.26
CA LEU A 785 17.68 -5.57 -116.49
C LEU A 785 17.68 -4.20 -117.07
N LYS A 786 17.54 -3.17 -116.23
CA LYS A 786 17.49 -1.82 -116.72
C LYS A 786 18.76 -1.54 -117.44
N ASP A 787 19.89 -1.93 -116.82
CA ASP A 787 21.17 -1.64 -117.38
C ASP A 787 21.24 -2.26 -118.72
N LEU A 788 20.75 -3.52 -118.82
CA LEU A 788 20.76 -4.22 -120.06
C LEU A 788 19.83 -3.50 -120.97
N ASP A 789 18.80 -2.86 -120.39
CA ASP A 789 17.78 -2.20 -121.15
C ASP A 789 17.01 -3.28 -121.83
N LEU A 790 17.11 -4.52 -121.31
CA LEU A 790 16.34 -5.58 -121.85
C LEU A 790 14.97 -5.41 -121.29
N THR A 791 13.93 -5.75 -122.08
CA THR A 791 12.62 -5.62 -121.53
C THR A 791 12.31 -6.88 -120.81
N ALA A 792 11.30 -6.84 -119.92
CA ALA A 792 10.95 -8.01 -119.15
C ALA A 792 10.50 -9.06 -120.09
N ASP A 793 9.75 -8.64 -121.11
CA ASP A 793 9.14 -9.49 -122.09
C ASP A 793 10.21 -10.09 -122.95
N GLY A 794 11.33 -9.38 -123.12
CA GLY A 794 12.37 -9.81 -124.00
C GLY A 794 12.87 -11.16 -123.59
N ASP A 795 13.48 -11.87 -124.56
CA ASP A 795 13.96 -13.21 -124.32
C ASP A 795 15.38 -13.11 -123.87
N PHE A 796 15.63 -13.46 -122.60
CA PHE A 796 16.95 -13.47 -122.07
C PHE A 796 17.11 -14.77 -121.34
N GLU A 797 18.27 -15.41 -121.48
CA GLU A 797 18.49 -16.66 -120.81
C GLU A 797 18.91 -16.34 -119.41
N VAL A 798 18.58 -17.24 -118.46
CA VAL A 798 19.02 -17.02 -117.12
C VAL A 798 19.94 -18.15 -116.81
N THR A 799 21.17 -17.84 -116.35
CA THR A 799 22.07 -18.90 -116.05
C THR A 799 22.33 -18.83 -114.58
N VAL A 800 22.34 -19.99 -113.92
CA VAL A 800 22.57 -20.02 -112.52
C VAL A 800 23.75 -20.89 -112.26
N ASP A 801 24.64 -20.44 -111.35
CA ASP A 801 25.77 -21.25 -111.00
C ASP A 801 25.58 -21.61 -109.58
N ILE A 802 25.52 -22.93 -109.29
CA ILE A 802 25.36 -23.33 -107.92
C ILE A 802 26.66 -23.92 -107.51
N THR A 803 27.29 -23.35 -106.47
CA THR A 803 28.56 -23.87 -106.06
C THR A 803 28.37 -24.46 -104.70
N GLU A 804 28.94 -25.65 -104.49
CA GLU A 804 28.85 -26.31 -103.21
C GLU A 804 29.84 -25.65 -102.33
N VAL A 805 29.69 -25.87 -101.02
CA VAL A 805 30.60 -25.31 -100.06
C VAL A 805 31.93 -25.87 -100.40
N ASP A 806 31.95 -27.14 -100.86
CA ASP A 806 33.16 -27.80 -101.23
C ASP A 806 33.76 -27.00 -102.33
N GLY A 807 32.92 -26.38 -103.19
CA GLY A 807 33.45 -25.61 -104.27
C GLY A 807 33.32 -26.40 -105.52
N THR A 808 32.80 -27.63 -105.40
CA THR A 808 32.61 -28.44 -106.57
C THR A 808 31.47 -27.82 -107.32
N LYS A 809 31.45 -27.98 -108.65
CA LYS A 809 30.41 -27.37 -109.42
C LYS A 809 29.19 -28.19 -109.26
N LEU A 810 28.02 -27.53 -109.24
CA LEU A 810 26.76 -28.20 -109.05
C LEU A 810 25.94 -27.97 -110.28
N ALA A 811 25.25 -29.02 -110.76
CA ALA A 811 24.50 -28.93 -111.98
C ALA A 811 23.33 -28.03 -111.80
N SER A 812 22.98 -27.28 -112.86
CA SER A 812 21.90 -26.35 -112.83
C SER A 812 20.61 -27.10 -112.71
N SER A 813 20.66 -28.42 -112.99
CA SER A 813 19.46 -29.21 -113.00
C SER A 813 18.84 -29.15 -111.64
N LEU A 814 19.64 -28.88 -110.60
CA LEU A 814 19.10 -28.84 -109.27
C LEU A 814 18.05 -27.79 -109.19
N ILE A 815 18.30 -26.62 -109.82
CA ILE A 815 17.34 -25.56 -109.69
C ILE A 815 16.53 -25.48 -110.95
N PRO A 816 15.25 -25.35 -110.75
CA PRO A 816 14.34 -25.19 -111.85
C PRO A 816 14.46 -23.79 -112.36
N HIS A 817 14.00 -23.52 -113.59
CA HIS A 817 14.13 -22.19 -114.13
C HIS A 817 13.34 -21.27 -113.28
N ALA A 818 13.93 -20.09 -112.97
CA ALA A 818 13.25 -19.13 -112.15
C ALA A 818 12.26 -18.40 -113.00
N SER A 819 11.12 -18.00 -112.39
CA SER A 819 10.16 -17.24 -113.11
C SER A 819 10.50 -15.80 -112.91
N VAL A 820 10.02 -14.94 -113.82
CA VAL A 820 10.25 -13.54 -113.69
C VAL A 820 8.94 -12.89 -113.43
N ILE A 821 8.86 -12.10 -112.36
CA ILE A 821 7.63 -11.43 -112.12
C ILE A 821 7.90 -9.97 -112.14
N ARG A 822 6.99 -9.22 -112.77
CA ARG A 822 7.22 -7.81 -112.90
C ARG A 822 6.20 -7.12 -112.04
N GLU A 823 6.67 -6.17 -111.23
CA GLU A 823 5.87 -5.42 -110.34
C GLU A 823 5.80 -4.02 -110.87
N HIS A 824 4.60 -3.57 -111.24
CA HIS A 824 4.45 -2.23 -111.70
C HIS A 824 4.31 -1.38 -110.49
N ALA A 825 4.54 -0.07 -110.68
CA ALA A 825 4.52 0.99 -109.72
C ALA A 825 3.13 1.31 -109.26
N ARG A 826 3.07 1.73 -107.99
CA ARG A 826 1.91 2.15 -107.27
C ARG A 826 2.27 3.50 -106.78
N VAL A 827 1.29 4.18 -106.14
CA VAL A 827 1.42 5.51 -105.58
C VAL A 827 1.98 5.42 -104.18
N LYS A 828 2.60 6.53 -103.73
CA LYS A 828 3.19 6.66 -102.41
C LYS A 828 2.06 6.65 -101.42
N PHE A 829 2.22 5.92 -100.30
CA PHE A 829 1.12 5.76 -99.38
C PHE A 829 1.20 6.63 -98.15
N ASP A 830 1.37 5.98 -96.97
CA ASP A 830 1.01 6.70 -95.79
C ASP A 830 2.26 7.15 -95.12
N LYS A 831 2.18 8.22 -94.31
CA LYS A 831 3.37 8.64 -93.62
C LYS A 831 3.00 9.34 -92.34
N VAL A 832 3.84 9.13 -91.32
CA VAL A 832 3.71 9.81 -90.06
C VAL A 832 4.79 10.85 -90.08
N PRO A 833 4.61 11.99 -89.45
CA PRO A 833 5.70 12.94 -89.41
C PRO A 833 6.70 12.55 -88.36
N ARG A 834 8.02 12.72 -88.62
CA ARG A 834 8.95 12.33 -87.59
C ARG A 834 9.32 13.54 -86.76
N SER A 835 8.42 13.86 -85.80
CA SER A 835 8.51 14.94 -84.85
C SER A 835 9.41 14.63 -83.69
N ARG A 836 9.34 13.36 -83.26
CA ARG A 836 10.09 12.83 -82.18
C ARG A 836 11.48 12.74 -82.71
N LEU A 837 12.39 13.52 -82.10
CA LEU A 837 13.75 13.42 -82.50
C LEU A 837 14.39 12.59 -81.43
N ILE A 838 15.56 12.05 -81.76
CA ILE A 838 16.31 11.20 -80.89
C ILE A 838 17.66 11.80 -80.70
N ARG A 839 18.13 11.85 -79.44
CA ARG A 839 19.45 12.38 -79.18
C ARG A 839 20.31 11.20 -78.99
N LYS A 840 21.47 11.16 -79.69
CA LYS A 840 22.33 10.02 -79.57
C LYS A 840 23.68 10.49 -79.15
N ASN A 841 24.58 9.54 -78.80
CA ASN A 841 25.86 10.02 -78.43
C ASN A 841 26.53 10.47 -79.68
N VAL A 842 27.43 11.45 -79.54
CA VAL A 842 28.07 12.05 -80.67
C VAL A 842 28.85 11.00 -81.39
N ASP A 843 29.50 10.09 -80.66
CA ASP A 843 30.33 9.09 -81.25
C ASP A 843 29.50 8.23 -82.15
N ARG A 844 28.27 7.92 -81.71
CA ARG A 844 27.35 7.04 -82.36
C ARG A 844 27.01 7.54 -83.72
N LEU A 845 26.90 8.87 -83.89
CA LEU A 845 26.40 9.45 -85.08
C LEU A 845 27.11 8.93 -86.29
N SER A 846 26.32 8.63 -87.33
CA SER A 846 26.83 8.14 -88.58
C SER A 846 27.31 9.34 -89.34
N PRO A 847 28.05 9.10 -90.38
CA PRO A 847 28.54 10.21 -91.15
C PRO A 847 27.40 10.94 -91.78
N GLU A 848 26.30 10.24 -92.09
CA GLU A 848 25.18 10.90 -92.68
C GLU A 848 24.63 11.85 -91.67
N GLU A 849 24.47 11.37 -90.44
CA GLU A 849 23.90 12.19 -89.41
C GLU A 849 24.82 13.33 -89.13
N MET A 850 26.13 13.07 -89.11
CA MET A 850 27.10 14.07 -88.82
C MET A 850 27.02 15.14 -89.86
N ASN A 851 26.88 14.75 -91.13
CA ASN A 851 26.88 15.71 -92.18
C ASN A 851 25.72 16.63 -91.99
N GLU A 852 24.57 16.08 -91.58
CA GLU A 852 23.39 16.89 -91.44
C GLU A 852 23.65 17.93 -90.40
N LEU A 853 24.30 17.54 -89.28
CA LEU A 853 24.56 18.48 -88.23
C LEU A 853 25.46 19.56 -88.73
N ARG A 854 26.50 19.18 -89.50
CA ARG A 854 27.45 20.16 -89.94
C ARG A 854 26.73 21.21 -90.73
N LYS A 855 25.88 20.77 -91.69
CA LYS A 855 25.19 21.69 -92.53
C LYS A 855 24.23 22.51 -91.73
N ALA A 856 23.43 21.86 -90.86
CA ALA A 856 22.38 22.54 -90.17
C ALA A 856 22.94 23.63 -89.32
N LEU A 857 24.02 23.34 -88.58
CA LEU A 857 24.57 24.33 -87.70
C LEU A 857 25.06 25.47 -88.50
N ALA A 858 25.67 25.19 -89.66
CA ALA A 858 26.24 26.25 -90.43
C ALA A 858 25.14 27.20 -90.80
N LEU A 859 24.00 26.66 -91.22
CA LEU A 859 22.89 27.50 -91.59
C LEU A 859 22.44 28.19 -90.36
N LEU A 860 22.47 27.47 -89.24
CA LEU A 860 22.00 27.94 -87.97
C LEU A 860 22.80 29.13 -87.56
N LYS A 861 24.12 29.11 -87.80
CA LYS A 861 24.97 30.21 -87.46
C LYS A 861 24.54 31.41 -88.25
N GLU A 862 24.23 31.20 -89.54
CA GLU A 862 23.90 32.28 -90.43
C GLU A 862 22.63 32.94 -90.03
N ASP A 863 21.64 32.16 -89.53
CA ASP A 863 20.33 32.68 -89.25
C ASP A 863 20.42 33.91 -88.40
N LYS A 864 20.03 35.04 -89.01
CA LYS A 864 20.01 36.32 -88.38
C LYS A 864 18.86 36.39 -87.41
N SER A 865 17.79 35.65 -87.69
CA SER A 865 16.56 35.71 -86.94
C SER A 865 16.84 35.55 -85.48
N ALA A 866 15.80 35.87 -84.68
CA ALA A 866 15.83 35.74 -83.26
C ALA A 866 16.03 34.28 -82.99
N GLY A 867 15.42 33.45 -83.85
CA GLY A 867 15.52 32.03 -83.75
C GLY A 867 16.97 31.68 -83.96
N GLY A 868 17.70 32.51 -84.73
CA GLY A 868 19.06 32.23 -85.10
C GLY A 868 19.90 32.02 -83.89
N PHE A 869 21.11 31.45 -84.14
CA PHE A 869 22.07 31.03 -83.16
C PHE A 869 22.54 32.17 -82.32
N GLN A 870 22.92 33.29 -82.96
CA GLN A 870 23.48 34.37 -82.21
C GLN A 870 22.48 34.81 -81.20
N GLN A 871 21.21 34.92 -81.64
CA GLN A 871 20.18 35.36 -80.76
C GLN A 871 20.00 34.35 -79.67
N LEU A 872 20.05 33.05 -80.01
CA LEU A 872 19.83 32.03 -79.04
C LEU A 872 20.90 32.06 -77.99
N GLY A 873 22.14 32.34 -78.39
CA GLY A 873 23.25 32.34 -77.49
C GLY A 873 23.01 33.37 -76.42
N ALA A 874 22.37 34.47 -76.79
CA ALA A 874 22.14 35.59 -75.92
C ALA A 874 21.36 35.16 -74.72
N PHE A 875 20.47 34.17 -74.88
CA PHE A 875 19.63 33.80 -73.77
C PHE A 875 20.46 33.40 -72.59
N HIS A 876 21.50 32.58 -72.80
CA HIS A 876 22.28 32.08 -71.70
C HIS A 876 23.03 33.17 -70.98
N GLY A 877 23.67 34.11 -71.71
CA GLY A 877 24.49 35.07 -71.02
C GLY A 877 24.44 36.35 -71.79
N GLU A 878 25.60 37.03 -71.91
CA GLU A 878 25.62 38.29 -72.61
C GLU A 878 25.28 38.02 -74.04
N PRO A 879 24.57 38.93 -74.65
CA PRO A 879 24.10 40.09 -73.93
C PRO A 879 23.00 39.68 -73.02
N LYS A 880 22.83 40.39 -71.87
CA LYS A 880 21.90 39.96 -70.86
C LYS A 880 20.54 40.53 -71.08
N TRP A 881 19.59 39.64 -71.46
CA TRP A 881 18.20 39.87 -71.71
C TRP A 881 17.36 39.95 -70.46
N CYS A 882 17.84 39.39 -69.32
CA CYS A 882 16.98 39.09 -68.19
C CYS A 882 16.15 40.19 -67.64
N PRO A 883 16.59 41.38 -67.27
CA PRO A 883 15.58 42.41 -67.12
C PRO A 883 15.33 42.87 -68.54
N SER A 884 14.15 43.43 -68.91
CA SER A 884 13.75 43.72 -70.29
C SER A 884 14.87 44.32 -71.11
N PRO A 885 15.14 43.76 -72.30
CA PRO A 885 16.30 44.11 -73.12
C PRO A 885 16.65 45.56 -73.15
N GLU A 886 15.69 46.45 -73.50
CA GLU A 886 15.89 47.84 -73.22
C GLU A 886 15.93 48.11 -71.74
N ALA A 887 17.12 47.93 -71.08
CA ALA A 887 17.14 48.17 -69.65
C ALA A 887 18.50 47.88 -69.08
N SER A 888 18.79 48.80 -68.11
CA SER A 888 20.08 49.16 -67.56
C SER A 888 20.79 48.06 -66.87
N LYS A 889 20.39 47.75 -65.62
CA LYS A 889 21.09 46.71 -64.91
C LYS A 889 20.81 45.46 -65.65
N LYS A 890 21.84 44.93 -66.34
CA LYS A 890 21.64 43.75 -67.13
C LYS A 890 22.37 42.63 -66.47
N PHE A 891 21.59 41.68 -65.90
CA PHE A 891 22.17 40.56 -65.25
C PHE A 891 21.80 39.40 -66.15
N ALA A 892 22.61 38.31 -66.12
CA ALA A 892 22.60 37.20 -67.08
C ALA A 892 21.40 36.31 -67.03
N CYS A 893 20.95 35.85 -68.23
CA CYS A 893 19.76 35.05 -68.24
C CYS A 893 20.12 33.62 -68.15
N CYS A 894 19.91 33.06 -66.97
CA CYS A 894 20.12 31.68 -66.77
C CYS A 894 19.82 31.49 -65.33
N VAL A 895 19.32 30.31 -64.97
CA VAL A 895 19.07 30.10 -63.59
C VAL A 895 20.26 29.33 -63.10
N HIS A 896 21.04 29.94 -62.19
CA HIS A 896 22.19 29.26 -61.69
C HIS A 896 22.11 29.34 -60.21
N GLY A 897 22.56 28.28 -59.52
CA GLY A 897 22.55 28.30 -58.09
C GLY A 897 21.14 28.23 -57.64
N MET A 898 20.26 27.72 -58.53
CA MET A 898 18.86 27.61 -58.20
C MET A 898 18.39 26.26 -58.60
N SER A 899 17.29 25.80 -57.97
CA SER A 899 16.68 24.53 -58.22
C SER A 899 16.11 24.54 -59.61
N VAL A 900 15.73 25.75 -60.05
CA VAL A 900 15.15 26.06 -61.32
C VAL A 900 16.13 25.72 -62.41
N PHE A 901 17.41 25.66 -62.04
CA PHE A 901 18.53 25.55 -62.92
C PHE A 901 18.37 24.43 -63.92
N PRO A 902 18.08 23.21 -63.60
CA PRO A 902 18.01 22.24 -64.66
C PRO A 902 16.90 22.49 -65.62
N HIS A 903 15.80 23.07 -65.15
CA HIS A 903 14.64 23.30 -65.96
C HIS A 903 14.99 24.28 -67.04
N TRP A 904 15.67 25.36 -66.66
CA TRP A 904 15.97 26.40 -67.60
C TRP A 904 16.85 25.87 -68.68
N HIS A 905 17.91 25.13 -68.28
CA HIS A 905 18.84 24.61 -69.25
C HIS A 905 18.16 23.65 -70.14
N ARG A 906 17.24 22.83 -69.59
CA ARG A 906 16.61 21.84 -70.42
C ARG A 906 15.89 22.57 -71.51
N LEU A 907 15.22 23.68 -71.18
CA LEU A 907 14.47 24.41 -72.17
C LEU A 907 15.43 24.92 -73.19
N LEU A 908 16.63 25.36 -72.74
CA LEU A 908 17.56 25.97 -73.65
C LEU A 908 17.97 25.00 -74.70
N THR A 909 18.26 23.74 -74.33
CA THR A 909 18.75 22.80 -75.30
C THR A 909 17.70 22.60 -76.34
N VAL A 910 16.43 22.49 -75.92
CA VAL A 910 15.36 22.24 -76.84
C VAL A 910 15.30 23.37 -77.82
N GLN A 911 15.54 24.60 -77.33
CA GLN A 911 15.43 25.72 -78.19
C GLN A 911 16.41 25.55 -79.31
N SER A 912 17.64 25.13 -78.97
CA SER A 912 18.65 24.96 -79.98
C SER A 912 18.22 23.85 -80.90
N GLU A 913 17.69 22.77 -80.34
CA GLU A 913 17.35 21.61 -81.09
C GLU A 913 16.33 21.96 -82.12
N ASN A 914 15.31 22.73 -81.73
CA ASN A 914 14.26 23.07 -82.64
C ASN A 914 14.88 23.86 -83.75
N ALA A 915 15.85 24.72 -83.42
CA ALA A 915 16.44 25.55 -84.43
C ALA A 915 17.11 24.70 -85.44
N LEU A 916 17.85 23.66 -85.00
CA LEU A 916 18.54 22.84 -85.96
C LEU A 916 17.54 22.13 -86.83
N ARG A 917 16.42 21.68 -86.24
CA ARG A 917 15.49 20.94 -87.05
C ARG A 917 15.00 21.82 -88.14
N ARG A 918 14.80 23.12 -87.86
CA ARG A 918 14.35 24.01 -88.89
C ARG A 918 15.39 23.99 -89.95
N HIS A 919 16.66 23.93 -89.53
CA HIS A 919 17.77 23.89 -90.43
C HIS A 919 17.70 22.62 -91.21
N GLY A 920 17.03 21.59 -90.66
CA GLY A 920 16.90 20.38 -91.41
C GLY A 920 17.81 19.34 -90.86
N TYR A 921 18.25 19.49 -89.59
CA TYR A 921 19.06 18.43 -89.07
C TYR A 921 18.14 17.30 -88.72
N ASP A 922 18.48 16.10 -89.20
CA ASP A 922 17.65 14.94 -89.03
C ASP A 922 17.55 14.55 -87.58
N GLY A 923 18.68 14.56 -86.85
CA GLY A 923 18.66 14.07 -85.50
C GLY A 923 18.45 15.17 -84.51
N ALA A 924 18.59 14.79 -83.23
CA ALA A 924 18.50 15.69 -82.10
C ALA A 924 19.90 16.07 -81.75
N LEU A 925 20.05 17.05 -80.83
CA LEU A 925 21.37 17.44 -80.45
C LEU A 925 22.00 16.24 -79.82
N PRO A 926 23.19 15.95 -80.24
CA PRO A 926 23.89 14.82 -79.71
C PRO A 926 24.41 15.18 -78.35
N TYR A 927 24.71 14.17 -77.51
CA TYR A 927 25.22 14.47 -76.21
C TYR A 927 26.59 13.90 -76.13
N TRP A 928 27.52 14.68 -75.54
CA TRP A 928 28.87 14.24 -75.39
C TRP A 928 28.94 13.64 -74.02
N ASP A 929 29.05 12.31 -73.93
CA ASP A 929 29.06 11.68 -72.64
C ASP A 929 30.43 11.89 -72.08
N TRP A 930 30.58 12.99 -71.32
CA TRP A 930 31.82 13.36 -70.70
C TRP A 930 32.14 12.44 -69.58
N THR A 931 31.13 11.82 -68.96
CA THR A 931 31.37 10.99 -67.81
C THR A 931 32.34 9.92 -68.21
N SER A 932 32.14 9.30 -69.38
CA SER A 932 33.06 8.29 -69.80
C SER A 932 34.35 8.97 -70.09
N PRO A 933 35.40 8.22 -70.03
CA PRO A 933 36.69 8.78 -70.31
C PRO A 933 36.80 9.06 -71.77
N LEU A 934 37.57 10.09 -72.16
CA LEU A 934 37.68 10.43 -73.55
C LEU A 934 39.07 10.14 -74.01
N ASN A 935 39.21 9.29 -75.05
CA ASN A 935 40.53 9.03 -75.56
C ASN A 935 41.00 10.34 -76.09
N HIS A 936 40.13 10.99 -76.88
CA HIS A 936 40.42 12.27 -77.44
C HIS A 936 39.12 12.99 -77.57
N LEU A 937 39.16 14.29 -77.94
CA LEU A 937 37.95 15.02 -78.06
C LEU A 937 37.22 14.44 -79.22
N PRO A 938 35.93 14.64 -79.25
CA PRO A 938 35.18 14.10 -80.33
C PRO A 938 35.60 14.75 -81.60
N GLU A 939 35.62 13.97 -82.70
CA GLU A 939 36.08 14.44 -83.96
C GLU A 939 35.16 15.51 -84.47
N LEU A 940 33.84 15.37 -84.21
CA LEU A 940 32.91 16.30 -84.78
C LEU A 940 33.26 17.68 -84.32
N ALA A 941 33.36 17.88 -82.99
CA ALA A 941 33.69 19.19 -82.48
C ALA A 941 35.12 19.52 -82.79
N ASP A 942 36.01 18.53 -82.62
CA ASP A 942 37.44 18.75 -82.61
C ASP A 942 38.02 19.23 -83.91
N HIS A 943 37.77 18.58 -85.05
CA HIS A 943 38.58 19.00 -86.16
C HIS A 943 38.13 20.32 -86.69
N GLU A 944 39.13 21.09 -87.17
CA GLU A 944 38.96 22.43 -87.66
C GLU A 944 38.09 22.45 -88.85
N LYS A 945 38.30 21.55 -89.84
CA LYS A 945 37.48 21.68 -91.01
C LYS A 945 36.99 20.35 -91.44
N TYR A 946 35.80 20.35 -92.07
CA TYR A 946 35.24 19.15 -92.61
C TYR A 946 35.42 19.21 -94.09
N VAL A 947 36.22 18.26 -94.63
CA VAL A 947 36.29 18.11 -96.07
C VAL A 947 35.26 17.06 -96.39
N ASP A 948 34.12 17.48 -96.99
CA ASP A 948 33.05 16.57 -97.27
C ASP A 948 33.13 16.11 -98.69
N PRO A 949 32.80 14.86 -98.87
CA PRO A 949 32.78 14.29 -100.20
C PRO A 949 31.64 14.82 -101.06
N GLU A 950 30.70 15.60 -100.48
CA GLU A 950 29.54 16.16 -101.11
C GLU A 950 29.98 16.90 -102.34
N ASP A 951 31.03 17.73 -102.24
CA ASP A 951 31.53 18.39 -103.43
C ASP A 951 33.04 18.47 -103.37
N GLY A 952 33.61 18.46 -102.16
CA GLY A 952 35.03 18.50 -101.96
C GLY A 952 35.47 19.84 -101.39
N VAL A 953 34.56 20.84 -101.29
CA VAL A 953 34.90 22.13 -100.73
C VAL A 953 35.14 21.97 -99.25
N GLU A 954 36.28 22.52 -98.81
CA GLU A 954 36.82 22.44 -97.48
C GLU A 954 36.27 23.59 -96.71
N LYS A 955 35.55 23.29 -95.61
CA LYS A 955 34.78 24.26 -94.85
C LYS A 955 35.09 24.10 -93.38
N HIS A 956 35.24 25.22 -92.61
CA HIS A 956 35.57 25.17 -91.19
C HIS A 956 34.39 24.57 -90.48
N ASN A 957 34.62 23.74 -89.40
CA ASN A 957 33.51 23.11 -88.74
C ASN A 957 32.74 24.16 -88.02
N PRO A 958 31.47 24.20 -88.28
CA PRO A 958 30.65 25.11 -87.52
C PRO A 958 30.61 24.60 -86.13
N TRP A 959 30.80 23.27 -85.98
CA TRP A 959 30.80 22.62 -84.71
C TRP A 959 31.99 23.06 -83.93
N PHE A 960 33.13 23.26 -84.62
CA PHE A 960 34.34 23.57 -83.92
C PHE A 960 34.13 24.78 -83.08
N ASP A 961 33.68 25.90 -83.68
CA ASP A 961 33.45 27.07 -82.88
C ASP A 961 32.56 28.00 -83.62
N GLY A 962 32.22 29.11 -82.94
CA GLY A 962 31.41 30.15 -83.51
C GLY A 962 32.07 31.43 -83.10
N HIS A 963 31.57 32.57 -83.60
CA HIS A 963 32.18 33.82 -83.24
C HIS A 963 31.16 34.63 -82.51
N ILE A 964 31.63 35.45 -81.55
CA ILE A 964 30.70 36.29 -80.86
C ILE A 964 30.63 37.57 -81.64
N ASP A 965 29.40 37.98 -81.99
CA ASP A 965 29.23 39.22 -82.67
C ASP A 965 29.48 40.35 -81.71
N THR A 966 28.95 40.21 -80.47
CA THR A 966 28.95 41.29 -79.53
C THR A 966 30.35 41.74 -79.33
N VAL A 967 31.20 40.85 -78.81
CA VAL A 967 32.56 41.23 -78.65
C VAL A 967 33.18 40.81 -79.92
N ASP A 968 34.08 41.64 -80.49
CA ASP A 968 34.65 41.24 -81.74
C ASP A 968 35.69 40.24 -81.41
N LYS A 969 35.27 39.01 -81.10
CA LYS A 969 36.21 38.01 -80.74
C LYS A 969 35.65 36.70 -81.16
N THR A 970 36.50 35.65 -81.17
CA THR A 970 36.07 34.36 -81.56
C THR A 970 36.14 33.51 -80.34
N THR A 971 35.30 32.45 -80.27
CA THR A 971 35.35 31.60 -79.12
C THR A 971 36.62 30.83 -79.22
N THR A 972 37.20 30.49 -78.05
CA THR A 972 38.41 29.74 -78.04
C THR A 972 38.21 28.66 -77.03
N ARG A 973 39.04 27.61 -77.08
CA ARG A 973 38.93 26.60 -76.08
C ARG A 973 40.30 26.10 -75.77
N SER A 974 40.59 25.95 -74.46
CA SER A 974 41.83 25.37 -74.04
C SER A 974 41.43 24.33 -73.05
N VAL A 975 41.78 23.05 -73.32
CA VAL A 975 41.32 22.08 -72.39
C VAL A 975 42.47 21.35 -71.81
N GLN A 976 42.32 20.94 -70.54
CA GLN A 976 43.35 20.17 -69.92
C GLN A 976 43.28 18.83 -70.54
N ASN A 977 44.45 18.29 -70.93
CA ASN A 977 44.54 17.01 -71.55
C ASN A 977 44.20 15.97 -70.54
N LYS A 978 44.45 16.30 -69.27
CA LYS A 978 44.37 15.41 -68.14
C LYS A 978 43.04 14.73 -68.13
N LEU A 979 42.01 15.40 -68.67
CA LEU A 979 40.70 14.81 -68.64
C LEU A 979 40.74 13.49 -69.31
N PHE A 980 41.69 13.28 -70.25
CA PHE A 980 41.83 12.08 -71.01
C PHE A 980 41.73 10.93 -70.08
N GLU A 981 41.24 9.79 -70.59
CA GLU A 981 40.97 8.65 -69.78
C GLU A 981 42.14 8.28 -68.95
N GLN A 982 41.95 8.35 -67.63
CA GLN A 982 42.88 7.85 -66.67
C GLN A 982 42.06 7.51 -65.48
N PRO A 983 41.50 6.33 -65.50
CA PRO A 983 40.66 5.97 -64.40
C PRO A 983 41.46 5.40 -63.29
N GLU A 984 40.92 5.42 -62.06
CA GLU A 984 41.63 4.74 -61.04
C GLU A 984 41.60 3.34 -61.52
N PHE A 985 40.39 2.88 -61.92
CA PHE A 985 40.27 1.59 -62.51
C PHE A 985 39.03 1.58 -63.35
N GLY A 986 39.17 1.25 -64.64
CA GLY A 986 38.07 1.06 -65.53
C GLY A 986 37.16 2.24 -65.61
N HIS A 987 35.87 1.99 -65.31
CA HIS A 987 34.79 2.92 -65.43
C HIS A 987 34.93 4.06 -64.49
N TYR A 988 35.48 3.82 -63.27
CA TYR A 988 35.55 4.82 -62.26
C TYR A 988 36.14 6.08 -62.83
N THR A 989 35.39 7.18 -62.72
CA THR A 989 35.82 8.45 -63.21
C THR A 989 35.40 9.46 -62.20
N SER A 990 36.05 10.64 -62.20
CA SER A 990 35.70 11.66 -61.26
C SER A 990 34.29 12.07 -61.53
N ILE A 991 33.96 12.28 -62.82
CA ILE A 991 32.65 12.69 -63.21
C ILE A 991 31.66 11.66 -62.79
N ALA A 992 31.99 10.38 -63.04
CA ALA A 992 31.04 9.36 -62.71
C ALA A 992 30.79 9.42 -61.25
N LYS A 993 31.87 9.60 -60.47
CA LYS A 993 31.70 9.64 -59.04
C LYS A 993 30.84 10.80 -58.68
N GLN A 994 31.12 11.97 -59.26
CA GLN A 994 30.42 13.15 -58.87
C GLN A 994 28.97 13.01 -59.26
N VAL A 995 28.72 12.53 -60.48
CA VAL A 995 27.37 12.38 -60.95
C VAL A 995 26.66 11.37 -60.11
N LEU A 996 27.36 10.27 -59.75
CA LEU A 996 26.73 9.20 -59.05
C LEU A 996 26.18 9.72 -57.77
N LEU A 997 26.97 10.53 -57.05
CA LEU A 997 26.52 11.02 -55.77
C LEU A 997 25.29 11.84 -55.98
N ALA A 998 25.25 12.65 -57.04
CA ALA A 998 24.10 13.48 -57.24
C ALA A 998 22.94 12.56 -57.41
N LEU A 999 23.14 11.45 -58.12
CA LEU A 999 22.09 10.54 -58.46
C LEU A 999 21.47 10.00 -57.20
N GLU A 1000 22.30 9.76 -56.16
CA GLU A 1000 21.79 9.14 -54.97
C GLU A 1000 20.74 9.97 -54.29
N GLN A 1001 20.87 11.31 -54.31
CA GLN A 1001 19.95 12.12 -53.57
C GLN A 1001 18.55 11.93 -54.04
N ASP A 1002 17.65 11.58 -53.08
CA ASP A 1002 16.25 11.41 -53.35
C ASP A 1002 15.62 12.74 -53.63
N ASN A 1003 15.92 13.75 -52.79
CA ASN A 1003 15.24 15.00 -52.99
C ASN A 1003 15.89 15.72 -54.12
N PHE A 1004 15.05 16.43 -54.91
CA PHE A 1004 15.49 17.13 -56.07
C PHE A 1004 16.45 18.21 -55.70
N CYS A 1005 16.10 18.99 -54.66
CA CYS A 1005 16.91 20.13 -54.32
C CYS A 1005 18.30 19.68 -53.97
N ASP A 1006 18.43 18.63 -53.16
CA ASP A 1006 19.76 18.18 -52.80
C ASP A 1006 20.42 17.70 -54.05
N PHE A 1007 19.66 17.04 -54.94
CA PHE A 1007 20.17 16.48 -56.15
C PHE A 1007 20.73 17.58 -57.00
N GLU A 1008 20.00 18.70 -57.09
CA GLU A 1008 20.36 19.77 -57.97
C GLU A 1008 21.70 20.32 -57.62
N ILE A 1009 22.00 20.52 -56.32
CA ILE A 1009 23.23 21.17 -56.00
C ILE A 1009 24.39 20.34 -56.49
N GLN A 1010 24.36 19.03 -56.23
CA GLN A 1010 25.43 18.16 -56.62
C GLN A 1010 25.47 18.16 -58.12
N TYR A 1011 24.28 18.10 -58.72
CA TYR A 1011 24.04 17.98 -60.13
C TYR A 1011 24.64 19.14 -60.85
N GLU A 1012 24.38 20.37 -60.35
CA GLU A 1012 24.82 21.55 -61.02
C GLU A 1012 26.32 21.63 -61.05
N ILE A 1013 26.97 21.36 -59.91
CA ILE A 1013 28.39 21.52 -59.83
C ILE A 1013 29.09 20.59 -60.75
N ALA A 1014 28.60 19.34 -60.87
CA ALA A 1014 29.24 18.40 -61.74
C ALA A 1014 29.20 18.98 -63.12
N HIS A 1015 28.09 19.66 -63.43
CA HIS A 1015 27.84 20.27 -64.70
C HIS A 1015 28.92 21.28 -64.97
N ASN A 1016 29.36 21.99 -63.92
CA ASN A 1016 30.32 23.05 -64.02
C ASN A 1016 31.63 22.54 -64.53
N TYR A 1017 31.99 21.29 -64.22
CA TYR A 1017 33.31 20.80 -64.54
C TYR A 1017 33.60 20.92 -65.99
N ILE A 1018 32.65 20.53 -66.87
CA ILE A 1018 32.94 20.54 -68.27
C ILE A 1018 33.24 21.93 -68.74
N HIS A 1019 32.50 22.93 -68.23
CA HIS A 1019 32.73 24.28 -68.69
C HIS A 1019 34.16 24.61 -68.43
N ALA A 1020 34.64 24.30 -67.20
CA ALA A 1020 35.99 24.61 -66.86
C ALA A 1020 36.92 23.80 -67.70
N LEU A 1021 36.63 22.50 -67.94
CA LEU A 1021 37.57 21.72 -68.66
C LEU A 1021 37.80 22.26 -70.02
N VAL A 1022 36.72 22.50 -70.78
CA VAL A 1022 36.86 22.94 -72.13
C VAL A 1022 37.44 24.31 -72.17
N GLY A 1023 36.86 25.25 -71.41
CA GLY A 1023 37.28 26.62 -71.50
C GLY A 1023 38.69 26.75 -71.03
N GLY A 1024 39.01 26.19 -69.85
CA GLY A 1024 40.35 26.37 -69.41
C GLY A 1024 40.57 27.84 -69.19
N ALA A 1025 41.78 28.30 -69.59
CA ALA A 1025 42.27 29.64 -69.40
C ALA A 1025 41.53 30.69 -70.18
N GLN A 1026 41.13 30.44 -71.45
CA GLN A 1026 40.67 31.53 -72.26
C GLN A 1026 39.48 32.22 -71.65
N PRO A 1027 39.55 33.52 -71.77
CA PRO A 1027 38.49 34.37 -71.30
C PRO A 1027 37.26 34.22 -72.15
N TYR A 1028 37.42 33.79 -73.41
CA TYR A 1028 36.26 33.65 -74.26
C TYR A 1028 36.09 32.18 -74.45
N GLY A 1029 35.10 31.57 -73.79
CA GLY A 1029 34.96 30.17 -73.97
C GLY A 1029 33.95 29.65 -73.01
N MET A 1030 34.00 28.32 -72.82
CA MET A 1030 33.13 27.56 -71.99
C MET A 1030 33.38 28.00 -70.57
N ALA A 1031 34.63 28.41 -70.31
CA ALA A 1031 35.05 28.81 -69.00
C ALA A 1031 34.26 29.98 -68.51
N SER A 1032 33.95 30.96 -69.38
CA SER A 1032 33.26 32.14 -68.90
C SER A 1032 31.79 31.99 -69.10
N LEU A 1033 31.01 32.50 -68.14
CA LEU A 1033 29.58 32.35 -68.14
C LEU A 1033 29.02 33.04 -69.35
N ARG A 1034 29.49 34.27 -69.65
CA ARG A 1034 28.92 34.98 -70.75
C ARG A 1034 29.22 34.28 -72.04
N TYR A 1035 30.48 33.89 -72.23
CA TYR A 1035 31.03 33.32 -73.43
C TYR A 1035 30.53 31.93 -73.72
N THR A 1036 30.25 31.12 -72.69
CA THR A 1036 30.00 29.71 -72.87
C THR A 1036 28.97 29.44 -73.91
N ALA A 1037 27.88 30.24 -73.96
CA ALA A 1037 26.80 29.93 -74.84
C ALA A 1037 27.30 29.87 -76.25
N PHE A 1038 28.25 30.73 -76.62
CA PHE A 1038 28.69 30.81 -77.99
C PHE A 1038 29.23 29.50 -78.45
N ASP A 1039 30.08 28.83 -77.65
CA ASP A 1039 30.69 27.61 -78.12
C ASP A 1039 29.62 26.61 -78.38
N PRO A 1040 29.76 25.92 -79.49
CA PRO A 1040 28.82 24.90 -79.88
C PRO A 1040 28.85 23.70 -79.00
N LEU A 1041 29.97 23.49 -78.27
CA LEU A 1041 30.14 22.36 -77.40
C LEU A 1041 29.11 22.45 -76.33
N PHE A 1042 28.70 23.69 -76.02
CA PHE A 1042 27.78 23.97 -74.96
C PHE A 1042 26.57 23.12 -75.13
N TYR A 1043 26.00 23.09 -76.35
CA TYR A 1043 24.79 22.34 -76.56
C TYR A 1043 25.07 20.88 -76.35
N LEU A 1044 26.21 20.37 -76.86
CA LEU A 1044 26.47 18.97 -76.74
C LEU A 1044 26.57 18.62 -75.28
N HIS A 1045 27.28 19.45 -74.49
CA HIS A 1045 27.44 19.16 -73.10
C HIS A 1045 26.12 19.16 -72.40
N HIS A 1046 25.30 20.19 -72.67
CA HIS A 1046 24.05 20.31 -71.98
C HIS A 1046 23.17 19.17 -72.35
N SER A 1047 23.27 18.69 -73.60
CA SER A 1047 22.42 17.60 -73.98
C SER A 1047 22.72 16.47 -73.06
N ASN A 1048 24.01 16.24 -72.76
CA ASN A 1048 24.38 15.16 -71.89
C ASN A 1048 23.84 15.44 -70.52
N THR A 1049 23.97 16.69 -70.07
CA THR A 1049 23.56 17.05 -68.73
C THR A 1049 22.10 16.81 -68.61
N ASP A 1050 21.34 17.23 -69.65
CA ASP A 1050 19.91 17.05 -69.62
C ASP A 1050 19.64 15.58 -69.58
N ARG A 1051 20.47 14.81 -70.31
CA ARG A 1051 20.28 13.39 -70.38
C ARG A 1051 20.41 12.84 -68.99
N ILE A 1052 21.41 13.32 -68.23
CA ILE A 1052 21.63 12.84 -66.90
C ILE A 1052 20.44 13.18 -66.06
N TRP A 1053 19.88 14.39 -66.22
CA TRP A 1053 18.77 14.74 -65.41
C TRP A 1053 17.66 13.78 -65.71
N ALA A 1054 17.47 13.46 -67.00
CA ALA A 1054 16.39 12.60 -67.38
C ALA A 1054 16.56 11.28 -66.70
N ILE A 1055 17.81 10.76 -66.64
CA ILE A 1055 17.98 9.47 -66.03
C ILE A 1055 17.57 9.58 -64.59
N TRP A 1056 17.87 10.73 -63.94
CA TRP A 1056 17.52 10.86 -62.56
C TRP A 1056 16.04 10.72 -62.42
N GLN A 1057 15.27 11.36 -63.30
CA GLN A 1057 13.84 11.27 -63.16
C GLN A 1057 13.41 9.85 -63.34
N ALA A 1058 14.03 9.12 -64.27
CA ALA A 1058 13.66 7.75 -64.47
C ALA A 1058 13.98 7.01 -63.21
N LEU A 1059 15.12 7.32 -62.60
CA LEU A 1059 15.51 6.62 -61.41
C LEU A 1059 14.50 6.86 -60.36
N GLN A 1060 14.02 8.13 -60.24
CA GLN A 1060 13.02 8.49 -59.27
C GLN A 1060 11.78 7.72 -59.53
N LYS A 1061 11.40 7.53 -60.81
CA LYS A 1061 10.23 6.77 -61.20
C LYS A 1061 10.41 5.38 -60.63
N TYR A 1062 11.65 4.83 -60.70
CA TYR A 1062 11.96 3.48 -60.30
C TYR A 1062 11.79 3.46 -58.82
N ARG A 1063 12.21 4.56 -58.17
CA ARG A 1063 12.17 4.75 -56.76
C ARG A 1063 10.73 4.69 -56.35
N GLY A 1064 9.83 5.19 -57.22
CA GLY A 1064 8.44 5.17 -56.92
C GLY A 1064 7.97 6.59 -56.75
N LYS A 1065 8.91 7.54 -56.58
CA LYS A 1065 8.51 8.91 -56.47
C LYS A 1065 8.07 9.31 -57.84
N PRO A 1066 7.12 10.21 -57.93
CA PRO A 1066 6.75 10.64 -59.24
C PRO A 1066 7.87 11.41 -59.83
N TYR A 1067 8.27 11.10 -61.08
CA TYR A 1067 9.37 11.77 -61.67
C TYR A 1067 9.02 13.19 -61.97
N ASN A 1068 7.82 13.43 -62.56
CA ASN A 1068 7.53 14.78 -62.96
C ASN A 1068 7.38 15.68 -61.78
N VAL A 1069 6.69 15.24 -60.70
CA VAL A 1069 6.48 16.13 -59.60
C VAL A 1069 7.73 16.30 -58.82
N ALA A 1070 7.93 17.54 -58.32
CA ALA A 1070 9.06 17.79 -57.47
C ALA A 1070 8.50 18.28 -56.18
N ASN A 1071 8.96 17.67 -55.07
CA ASN A 1071 8.48 18.03 -53.77
C ASN A 1071 8.96 19.41 -53.41
N CYS A 1072 10.27 19.68 -53.59
CA CYS A 1072 10.79 20.92 -53.12
C CYS A 1072 10.55 22.02 -54.11
N ALA A 1073 10.60 23.27 -53.62
CA ALA A 1073 10.47 24.45 -54.42
C ALA A 1073 9.28 24.33 -55.31
N VAL A 1074 8.10 24.03 -54.74
CA VAL A 1074 6.93 23.91 -55.55
C VAL A 1074 6.65 25.26 -56.15
N THR A 1075 6.78 26.32 -55.34
CA THR A 1075 6.44 27.64 -55.78
C THR A 1075 7.32 28.08 -56.91
N SER A 1076 8.64 27.84 -56.81
CA SER A 1076 9.55 28.35 -57.79
C SER A 1076 9.25 27.76 -59.14
N MET A 1077 8.83 26.48 -59.15
CA MET A 1077 8.62 25.81 -60.40
C MET A 1077 7.53 26.47 -61.18
N ARG A 1078 6.48 26.96 -60.48
CA ARG A 1078 5.38 27.54 -61.19
C ARG A 1078 5.83 28.73 -61.98
N GLU A 1079 6.71 29.58 -61.42
CA GLU A 1079 7.08 30.77 -62.14
C GLU A 1079 7.78 30.38 -63.41
N PRO A 1080 7.47 31.14 -64.44
CA PRO A 1080 8.06 30.91 -65.72
C PRO A 1080 9.45 31.45 -65.79
N LEU A 1081 10.27 30.97 -66.74
CA LEU A 1081 11.61 31.44 -66.84
C LEU A 1081 11.76 32.16 -68.14
N GLN A 1082 12.38 33.36 -68.10
CA GLN A 1082 12.64 34.11 -69.29
C GLN A 1082 13.93 33.58 -69.83
N PRO A 1083 14.31 33.90 -71.02
CA PRO A 1083 13.53 34.72 -71.91
C PRO A 1083 12.40 33.94 -72.50
N PHE A 1084 12.31 32.64 -72.19
CA PHE A 1084 11.35 31.78 -72.82
C PHE A 1084 9.99 32.35 -72.60
N GLY A 1085 9.75 32.88 -71.38
CA GLY A 1085 8.49 33.42 -70.99
C GLY A 1085 8.11 34.58 -71.86
N LEU A 1086 9.10 35.32 -72.40
CA LEU A 1086 8.81 36.53 -73.14
C LEU A 1086 7.85 36.23 -74.23
N SER A 1087 8.06 35.14 -74.98
CA SER A 1087 7.11 34.72 -75.98
C SER A 1087 6.77 35.87 -76.89
N ALA A 1088 7.80 36.43 -77.53
CA ALA A 1088 7.64 37.55 -78.41
C ALA A 1088 8.67 37.36 -79.47
N ASN A 1089 9.03 38.46 -80.15
CA ASN A 1089 10.00 38.40 -81.21
C ASN A 1089 11.22 37.79 -80.61
N ILE A 1090 11.44 38.03 -79.30
CA ILE A 1090 12.60 37.47 -78.68
C ILE A 1090 12.54 35.98 -78.77
N ASN A 1091 11.40 35.34 -78.47
CA ASN A 1091 11.37 33.91 -78.54
C ASN A 1091 10.34 33.50 -79.55
N THR A 1092 10.80 32.95 -80.69
CA THR A 1092 9.92 32.49 -81.71
C THR A 1092 9.23 31.23 -81.30
N ASP A 1093 9.97 30.31 -80.64
CA ASP A 1093 9.45 29.02 -80.31
C ASP A 1093 8.25 29.12 -79.42
N HIS A 1094 7.12 28.54 -79.90
CA HIS A 1094 5.91 28.48 -79.14
C HIS A 1094 6.04 27.43 -78.07
N VAL A 1095 6.72 26.32 -78.41
CA VAL A 1095 6.83 25.19 -77.53
C VAL A 1095 7.46 25.60 -76.25
N THR A 1096 8.61 26.29 -76.33
CA THR A 1096 9.34 26.68 -75.16
C THR A 1096 8.53 27.65 -74.36
N LYS A 1097 7.83 28.58 -75.02
CA LYS A 1097 7.15 29.60 -74.29
C LYS A 1097 6.09 28.98 -73.42
N GLU A 1098 5.34 27.99 -73.94
CA GLU A 1098 4.33 27.35 -73.15
C GLU A 1098 5.03 26.64 -72.03
N HIS A 1099 6.19 26.06 -72.38
CA HIS A 1099 7.02 25.23 -71.55
C HIS A 1099 7.71 26.00 -70.47
N SER A 1100 7.70 27.35 -70.54
CA SER A 1100 8.43 28.21 -69.65
C SER A 1100 8.26 27.78 -68.24
N VAL A 1101 7.06 27.33 -67.84
CA VAL A 1101 6.94 26.92 -66.47
C VAL A 1101 7.83 25.73 -66.30
N PRO A 1102 8.59 25.74 -65.24
CA PRO A 1102 9.47 24.65 -64.99
C PRO A 1102 8.72 23.41 -64.62
N PHE A 1103 7.47 23.53 -64.15
CA PHE A 1103 6.78 22.34 -63.77
C PHE A 1103 6.61 21.51 -65.01
N ASN A 1104 6.29 22.20 -66.10
CA ASN A 1104 6.01 21.63 -67.39
C ASN A 1104 7.23 20.94 -67.93
N VAL A 1105 8.43 21.47 -67.65
CA VAL A 1105 9.64 20.99 -68.26
C VAL A 1105 9.92 19.57 -67.92
N PHE A 1106 9.46 19.07 -66.74
CA PHE A 1106 9.83 17.76 -66.30
C PHE A 1106 9.51 16.73 -67.34
N ASP A 1107 8.26 16.68 -67.82
CA ASP A 1107 7.95 15.65 -68.77
C ASP A 1107 8.51 16.10 -70.08
N TYR A 1108 9.79 15.76 -70.34
CA TYR A 1108 10.43 16.23 -71.52
C TYR A 1108 9.82 15.62 -72.74
N LYS A 1109 9.61 14.29 -72.77
CA LYS A 1109 9.22 13.64 -73.99
C LYS A 1109 7.92 14.14 -74.52
N THR A 1110 6.87 14.20 -73.69
CA THR A 1110 5.61 14.59 -74.28
C THR A 1110 5.65 16.00 -74.76
N ASN A 1111 6.08 16.93 -73.89
CA ASN A 1111 6.06 18.33 -74.22
C ASN A 1111 7.03 18.60 -75.32
N PHE A 1112 8.28 18.14 -75.13
CA PHE A 1112 9.30 18.35 -76.12
C PHE A 1112 9.42 17.04 -76.79
N ASN A 1113 9.15 16.98 -78.11
CA ASN A 1113 9.20 15.69 -78.70
C ASN A 1113 10.64 15.35 -78.96
N TYR A 1114 11.37 14.93 -77.91
CA TYR A 1114 12.70 14.48 -78.11
C TYR A 1114 12.94 13.37 -77.14
N GLU A 1115 13.87 12.46 -77.47
CA GLU A 1115 14.12 11.34 -76.63
C GLU A 1115 15.59 11.07 -76.70
N TYR A 1116 16.08 10.18 -75.82
CA TYR A 1116 17.46 9.82 -75.84
C TYR A 1116 17.48 8.40 -76.26
N ASP A 1117 18.54 7.98 -76.99
CA ASP A 1117 18.55 6.63 -77.44
C ASP A 1117 18.48 5.73 -76.25
N THR A 1118 19.32 5.99 -75.23
CA THR A 1118 19.26 5.17 -74.05
C THR A 1118 19.36 6.06 -72.87
N LEU A 1119 18.61 5.75 -71.81
CA LEU A 1119 18.81 6.48 -70.59
C LEU A 1119 19.54 5.53 -69.71
N GLU A 1120 20.86 5.74 -69.60
CA GLU A 1120 21.68 4.87 -68.80
C GLU A 1120 22.89 5.64 -68.41
N PHE A 1121 23.53 5.24 -67.30
CA PHE A 1121 24.73 5.91 -66.91
C PHE A 1121 25.80 4.87 -66.97
N ASN A 1122 26.81 5.08 -67.83
CA ASN A 1122 27.80 4.07 -67.90
C ASN A 1122 27.11 2.85 -68.41
N GLY A 1123 27.62 1.66 -68.05
CA GLY A 1123 27.03 0.42 -68.43
C GLY A 1123 25.72 0.21 -67.73
N LEU A 1124 25.60 0.68 -66.47
CA LEU A 1124 24.51 0.38 -65.59
C LEU A 1124 23.18 0.80 -66.12
N SER A 1125 22.17 -0.07 -65.84
CA SER A 1125 20.79 0.13 -66.16
C SER A 1125 20.22 0.97 -65.07
N ILE A 1126 18.98 1.45 -65.23
CA ILE A 1126 18.41 2.27 -64.21
C ILE A 1126 18.25 1.48 -62.96
N SER A 1127 17.70 0.26 -63.07
CA SER A 1127 17.51 -0.53 -61.88
C SER A 1127 18.86 -0.86 -61.35
N GLN A 1128 19.82 -1.03 -62.28
CA GLN A 1128 21.15 -1.40 -61.93
C GLN A 1128 21.72 -0.29 -61.09
N LEU A 1129 21.48 0.96 -61.53
CA LEU A 1129 22.02 2.10 -60.87
C LEU A 1129 21.49 2.20 -59.48
N ASN A 1130 20.19 1.97 -59.31
CA ASN A 1130 19.61 2.13 -58.01
C ASN A 1130 20.23 1.16 -57.06
N LYS A 1131 20.42 -0.10 -57.51
CA LYS A 1131 20.97 -1.08 -56.63
C LYS A 1131 22.34 -0.65 -56.24
N LYS A 1132 23.11 -0.13 -57.22
CA LYS A 1132 24.47 0.25 -56.96
C LYS A 1132 24.47 1.34 -55.94
N LEU A 1133 23.50 2.28 -56.04
CA LEU A 1133 23.45 3.42 -55.18
C LEU A 1133 23.28 2.95 -53.77
N GLU A 1134 22.44 1.92 -53.54
CA GLU A 1134 22.19 1.50 -52.20
C GLU A 1134 23.46 1.04 -51.60
N ALA A 1135 24.33 0.41 -52.41
CA ALA A 1135 25.55 -0.12 -51.88
C ALA A 1135 26.38 0.98 -51.28
N ILE A 1136 26.44 2.16 -51.93
CA ILE A 1136 27.28 3.18 -51.43
C ILE A 1136 26.85 3.62 -50.07
N LYS A 1137 25.52 3.78 -49.87
CA LYS A 1137 25.01 4.31 -48.63
C LYS A 1137 25.38 3.38 -47.51
N SER A 1138 25.46 2.09 -47.80
CA SER A 1138 25.68 1.10 -46.80
C SER A 1138 26.91 1.40 -46.00
N GLN A 1139 27.99 1.88 -46.66
CA GLN A 1139 29.22 2.11 -45.94
C GLN A 1139 29.27 3.48 -45.35
N ASP A 1140 30.14 3.61 -44.33
CA ASP A 1140 30.37 4.86 -43.66
C ASP A 1140 31.13 5.70 -44.63
N ARG A 1141 30.92 7.03 -44.57
CA ARG A 1141 31.68 7.87 -45.43
C ARG A 1141 31.85 9.20 -44.78
N PHE A 1142 32.85 9.97 -45.25
CA PHE A 1142 33.19 11.23 -44.67
C PHE A 1142 33.08 12.22 -45.79
N PHE A 1143 32.57 13.43 -45.49
CA PHE A 1143 32.45 14.38 -46.56
C PHE A 1143 32.84 15.72 -46.04
N ALA A 1144 33.14 16.64 -46.97
CA ALA A 1144 33.42 17.99 -46.64
C ALA A 1144 32.30 18.76 -47.24
N GLY A 1145 31.80 19.80 -46.56
CA GLY A 1145 30.69 20.51 -47.10
C GLY A 1145 31.14 21.89 -47.43
N PHE A 1146 30.65 22.43 -48.56
CA PHE A 1146 31.04 23.75 -48.93
C PHE A 1146 29.81 24.57 -49.07
N LEU A 1147 29.83 25.80 -48.53
CA LEU A 1147 28.72 26.67 -48.74
C LEU A 1147 29.17 27.52 -49.87
N LEU A 1148 28.39 27.57 -50.96
CA LEU A 1148 28.89 28.34 -52.05
C LEU A 1148 28.15 29.63 -52.12
N SER A 1149 28.86 30.74 -51.82
CA SER A 1149 28.30 32.03 -51.98
C SER A 1149 28.16 32.22 -53.46
N GLY A 1150 29.18 31.74 -54.20
CA GLY A 1150 29.15 31.76 -55.63
C GLY A 1150 29.16 33.16 -56.17
N PHE A 1151 29.84 34.04 -55.36
CA PHE A 1151 29.85 35.45 -55.65
C PHE A 1151 30.95 35.70 -56.64
N LYS A 1152 32.21 35.37 -56.26
CA LYS A 1152 33.28 35.41 -57.24
C LYS A 1152 33.21 34.05 -57.83
N LYS A 1153 32.25 33.94 -58.77
CA LYS A 1153 31.87 32.69 -59.36
C LYS A 1153 32.90 32.05 -60.25
N SER A 1154 33.39 32.67 -61.36
CA SER A 1154 34.26 31.87 -62.21
C SER A 1154 35.58 31.71 -61.56
N SER A 1155 35.79 30.51 -60.99
CA SER A 1155 37.01 30.24 -60.31
C SER A 1155 37.06 28.77 -60.02
N LEU A 1156 38.28 28.24 -59.80
CA LEU A 1156 38.42 26.86 -59.44
C LEU A 1156 38.73 26.81 -57.99
N VAL A 1157 38.17 25.83 -57.27
CA VAL A 1157 38.48 25.74 -55.89
C VAL A 1157 39.08 24.39 -55.67
N LYS A 1158 40.24 24.34 -55.00
CA LYS A 1158 40.86 23.08 -54.71
C LYS A 1158 41.07 23.04 -53.24
N PHE A 1159 40.80 21.88 -52.61
CA PHE A 1159 41.04 21.79 -51.21
C PHE A 1159 41.79 20.53 -50.94
N ASN A 1160 42.69 20.57 -49.94
CA ASN A 1160 43.50 19.44 -49.61
C ASN A 1160 43.42 19.23 -48.14
N ILE A 1161 43.50 17.95 -47.70
CA ILE A 1161 43.46 17.68 -46.29
C ILE A 1161 44.87 17.63 -45.83
N CYS A 1162 45.18 18.39 -44.78
CA CYS A 1162 46.54 18.30 -44.38
C CYS A 1162 46.54 17.72 -43.01
N THR A 1163 47.57 16.91 -42.69
CA THR A 1163 47.66 16.24 -41.43
C THR A 1163 47.99 17.25 -40.40
N ASP A 1164 47.81 16.99 -39.08
CA ASP A 1164 48.26 17.97 -38.11
C ASP A 1164 49.77 18.15 -38.20
N SER A 1165 50.56 17.05 -38.11
CA SER A 1165 52.00 16.94 -38.21
C SER A 1165 52.57 16.90 -39.63
N SER A 1166 52.03 15.99 -40.49
CA SER A 1166 52.53 15.56 -41.78
C SER A 1166 51.98 16.33 -42.98
N ASN A 1167 51.87 15.58 -44.12
CA ASN A 1167 51.59 16.02 -45.46
C ASN A 1167 50.14 16.41 -45.63
N CYS A 1168 49.98 17.02 -46.81
CA CYS A 1168 48.74 17.38 -47.36
C CYS A 1168 48.60 16.48 -48.53
N HIS A 1169 47.35 16.29 -48.99
CA HIS A 1169 47.08 15.45 -50.12
C HIS A 1169 45.91 16.15 -50.77
N PRO A 1170 45.83 16.29 -52.11
CA PRO A 1170 44.72 16.94 -52.72
C PRO A 1170 43.44 16.23 -52.43
N ALA A 1171 42.49 16.92 -51.76
CA ALA A 1171 41.23 16.34 -51.43
C ALA A 1171 40.43 16.15 -52.68
N GLY A 1172 40.41 17.17 -53.55
CA GLY A 1172 39.62 17.12 -54.74
C GLY A 1172 39.32 18.53 -55.11
N GLU A 1173 38.60 18.74 -56.23
CA GLU A 1173 38.32 20.09 -56.63
C GLU A 1173 36.95 20.15 -57.24
N PHE A 1174 36.35 21.36 -57.19
CA PHE A 1174 35.08 21.60 -57.81
C PHE A 1174 35.22 22.93 -58.50
N TYR A 1175 34.39 23.19 -59.52
CA TYR A 1175 34.52 24.42 -60.24
C TYR A 1175 33.20 25.13 -60.21
N LEU A 1176 33.25 26.48 -60.16
CA LEU A 1176 32.04 27.24 -60.22
C LEU A 1176 32.13 28.11 -61.43
N LEU A 1177 31.03 28.17 -62.20
CA LEU A 1177 31.01 29.00 -63.37
C LEU A 1177 30.22 30.22 -63.01
N GLY A 1178 30.77 31.41 -63.32
CA GLY A 1178 30.01 32.57 -63.01
C GLY A 1178 30.70 33.76 -63.59
N ASP A 1179 29.94 34.55 -64.36
CA ASP A 1179 30.45 35.76 -64.93
C ASP A 1179 30.11 36.84 -63.96
N GLU A 1180 30.64 38.05 -64.19
CA GLU A 1180 30.31 39.17 -63.36
C GLU A 1180 28.87 39.50 -63.63
N ASN A 1181 28.44 39.30 -64.89
CA ASN A 1181 27.13 39.63 -65.33
C ASN A 1181 26.10 38.86 -64.58
N GLU A 1182 26.40 37.59 -64.23
CA GLU A 1182 25.40 36.78 -63.60
C GLU A 1182 24.95 37.43 -62.33
N MET A 1183 23.66 37.21 -62.00
CA MET A 1183 23.06 37.75 -60.81
C MET A 1183 23.58 36.94 -59.66
N PRO A 1184 23.56 37.54 -58.50
CA PRO A 1184 24.05 36.81 -57.35
C PRO A 1184 23.09 35.74 -56.95
N TRP A 1185 23.64 34.61 -56.45
CA TRP A 1185 22.82 33.53 -55.99
C TRP A 1185 23.62 32.80 -54.95
N ALA A 1186 22.93 32.11 -54.01
CA ALA A 1186 23.68 31.35 -53.05
C ALA A 1186 22.95 30.06 -52.85
N TYR A 1187 23.71 29.01 -52.45
CA TYR A 1187 23.13 27.72 -52.27
C TYR A 1187 22.46 27.68 -50.94
N ASP A 1188 21.21 27.17 -50.92
CA ASP A 1188 20.49 27.04 -49.68
C ASP A 1188 21.21 26.03 -48.85
N ARG A 1189 21.72 24.95 -49.48
CA ARG A 1189 22.33 23.91 -48.70
C ARG A 1189 23.77 23.82 -49.08
N VAL A 1190 24.52 22.99 -48.31
CA VAL A 1190 25.92 22.77 -48.51
C VAL A 1190 26.10 21.76 -49.58
N PHE A 1191 27.24 21.87 -50.30
CA PHE A 1191 27.57 20.89 -51.31
C PHE A 1191 28.51 19.94 -50.64
N LYS A 1192 28.27 18.63 -50.81
CA LYS A 1192 29.10 17.67 -50.14
C LYS A 1192 30.03 17.05 -51.13
N TYR A 1193 31.25 16.74 -50.67
CA TYR A 1193 32.24 16.08 -51.47
C TYR A 1193 32.69 14.91 -50.65
N ASP A 1194 33.01 13.77 -51.30
CA ASP A 1194 33.38 12.60 -50.53
C ASP A 1194 34.86 12.55 -50.35
N ILE A 1195 35.31 12.95 -49.14
CA ILE A 1195 36.65 13.01 -48.63
C ILE A 1195 37.20 11.63 -48.41
N THR A 1196 36.33 10.67 -48.09
CA THR A 1196 36.65 9.37 -47.57
C THR A 1196 37.79 8.70 -48.26
N GLU A 1197 37.76 8.63 -49.61
CA GLU A 1197 38.79 7.86 -50.24
C GLU A 1197 40.14 8.44 -49.94
N LYS A 1198 40.26 9.78 -49.97
CA LYS A 1198 41.55 10.36 -49.75
C LYS A 1198 42.01 10.07 -48.36
N LEU A 1199 41.12 10.17 -47.37
CA LEU A 1199 41.54 9.98 -46.01
C LEU A 1199 42.07 8.59 -45.86
N HIS A 1200 41.44 7.62 -46.54
CA HIS A 1200 41.83 6.25 -46.41
C HIS A 1200 43.25 6.13 -46.86
N ASP A 1201 43.59 6.79 -47.98
CA ASP A 1201 44.93 6.69 -48.50
C ASP A 1201 45.86 7.22 -47.46
N LEU A 1202 45.46 8.32 -46.82
CA LEU A 1202 46.24 8.95 -45.79
C LEU A 1202 46.29 8.01 -44.63
N LYS A 1203 45.26 7.15 -44.51
CA LYS A 1203 45.11 6.31 -43.36
C LYS A 1203 44.69 7.18 -42.24
N LEU A 1204 44.15 8.37 -42.57
CA LEU A 1204 43.66 9.24 -41.54
C LEU A 1204 42.34 8.66 -41.11
N HIS A 1205 42.05 8.75 -39.80
CA HIS A 1205 40.81 8.25 -39.30
C HIS A 1205 39.82 9.36 -39.41
N ALA A 1206 38.52 9.03 -39.37
CA ALA A 1206 37.53 10.07 -39.42
C ALA A 1206 37.71 10.91 -38.21
N GLU A 1207 37.99 10.24 -37.08
CA GLU A 1207 38.13 10.86 -35.79
C GLU A 1207 39.31 11.76 -35.76
N ASP A 1208 40.42 11.39 -36.44
CA ASP A 1208 41.60 12.18 -36.29
C ASP A 1208 41.33 13.57 -36.75
N HIS A 1209 42.03 14.55 -36.16
CA HIS A 1209 41.77 15.88 -36.55
C HIS A 1209 42.79 16.32 -37.54
N PHE A 1210 42.29 16.71 -38.72
CA PHE A 1210 43.08 17.16 -39.82
C PHE A 1210 42.54 18.49 -40.19
N TYR A 1211 43.32 19.27 -40.94
CA TYR A 1211 42.86 20.57 -41.32
C TYR A 1211 42.71 20.58 -42.79
N ILE A 1212 41.63 21.22 -43.28
CA ILE A 1212 41.45 21.25 -44.69
C ILE A 1212 41.77 22.64 -45.14
N ASP A 1213 42.73 22.74 -46.08
CA ASP A 1213 43.09 24.02 -46.59
C ASP A 1213 42.52 24.08 -47.98
N TYR A 1214 41.72 25.11 -48.27
CA TYR A 1214 41.17 25.19 -49.58
C TYR A 1214 41.54 26.51 -50.18
N GLU A 1215 41.92 26.51 -51.46
CA GLU A 1215 42.29 27.72 -52.14
C GLU A 1215 41.43 27.84 -53.34
N VAL A 1216 40.98 29.06 -53.66
CA VAL A 1216 40.23 29.21 -54.88
C VAL A 1216 41.07 30.04 -55.78
N PHE A 1217 41.08 29.68 -57.07
CA PHE A 1217 41.86 30.45 -58.00
C PHE A 1217 40.93 30.90 -59.06
N ASP A 1218 41.24 32.04 -59.69
CA ASP A 1218 40.42 32.55 -60.75
C ASP A 1218 40.74 31.69 -61.94
N LEU A 1219 39.95 31.82 -63.03
CA LEU A 1219 40.24 31.02 -64.18
C LEU A 1219 41.61 31.41 -64.59
N LYS A 1220 41.89 32.73 -64.55
CA LYS A 1220 43.21 33.20 -64.79
C LYS A 1220 43.90 32.85 -63.52
N PRO A 1221 45.16 32.52 -63.54
CA PRO A 1221 45.75 32.15 -62.30
C PRO A 1221 45.82 33.34 -61.39
N ALA A 1222 45.35 33.17 -60.15
CA ALA A 1222 45.39 34.23 -59.18
C ALA A 1222 44.87 33.63 -57.92
N SER A 1223 45.17 34.28 -56.77
CA SER A 1223 44.69 33.71 -55.55
C SER A 1223 43.56 34.58 -55.10
N LEU A 1224 42.46 33.93 -54.66
CA LEU A 1224 41.34 34.68 -54.18
C LEU A 1224 41.34 34.52 -52.69
N GLY A 1225 41.05 35.62 -51.96
CA GLY A 1225 41.07 35.54 -50.53
C GLY A 1225 39.97 34.63 -50.09
N LYS A 1226 40.36 33.49 -49.49
CA LYS A 1226 39.50 32.48 -48.94
C LYS A 1226 38.88 32.92 -47.65
N ASP A 1227 39.54 33.86 -46.94
CA ASP A 1227 39.21 34.18 -45.58
C ASP A 1227 37.73 34.47 -45.43
N LEU A 1228 37.13 35.24 -46.33
CA LEU A 1228 35.74 35.56 -46.14
C LEU A 1228 34.97 34.27 -46.19
N PHE A 1229 35.37 33.36 -47.10
CA PHE A 1229 34.68 32.12 -47.32
C PHE A 1229 34.60 31.39 -46.01
N LYS A 1230 33.44 30.79 -45.72
CA LYS A 1230 33.25 30.08 -44.49
C LYS A 1230 33.99 28.79 -44.58
N GLN A 1231 34.55 28.35 -43.44
CA GLN A 1231 35.33 27.14 -43.47
C GLN A 1231 34.39 26.01 -43.75
N PRO A 1232 34.91 25.06 -44.48
CA PRO A 1232 34.11 23.92 -44.81
C PRO A 1232 33.90 23.03 -43.63
N SER A 1233 32.73 22.37 -43.55
CA SER A 1233 32.47 21.50 -42.46
C SER A 1233 32.94 20.14 -42.84
N VAL A 1234 33.33 19.32 -41.85
CA VAL A 1234 33.58 17.98 -42.27
C VAL A 1234 32.55 17.17 -41.60
N ILE A 1235 31.84 16.37 -42.40
CA ILE A 1235 30.74 15.60 -41.91
C ILE A 1235 31.02 14.16 -42.10
N HIS A 1236 30.61 13.36 -41.10
CA HIS A 1236 30.78 11.96 -41.27
C HIS A 1236 29.40 11.43 -41.42
N GLU A 1237 29.19 10.59 -42.47
CA GLU A 1237 27.90 9.99 -42.63
C GLU A 1237 28.07 8.54 -42.32
N PRO A 1238 27.75 8.19 -41.12
CA PRO A 1238 27.88 6.80 -40.75
C PRO A 1238 26.66 6.02 -41.06
N ARG A 1239 26.81 4.69 -41.14
CA ARG A 1239 25.67 3.83 -41.20
C ARG A 1239 25.38 3.70 -39.74
N ILE A 1240 24.12 3.54 -39.34
CA ILE A 1240 23.95 3.52 -37.92
C ILE A 1240 24.21 2.14 -37.45
N GLY A 1241 25.47 1.92 -37.01
CA GLY A 1241 25.87 0.62 -36.61
C GLY A 1241 25.64 -0.19 -37.83
N HIS A 1242 25.12 -1.40 -37.56
CA HIS A 1242 24.45 -2.14 -38.58
C HIS A 1242 23.09 -2.32 -37.99
N HIS A 1243 22.11 -1.41 -38.28
CA HIS A 1243 20.81 -1.42 -37.65
C HIS A 1243 20.15 -2.77 -37.76
N GLU A 1244 20.19 -3.53 -36.63
CA GLU A 1244 19.78 -4.90 -36.43
C GLU A 1244 18.28 -5.08 -36.39
N GLY A 1245 17.61 -4.16 -35.62
CA GLY A 1245 16.20 -4.09 -35.28
C GLY A 1245 15.24 -3.72 -36.40
N GLU A 1246 15.55 -2.67 -37.21
CA GLU A 1246 14.67 -2.25 -38.28
C GLU A 1246 14.63 -3.29 -39.37
N VAL A 1247 15.81 -3.75 -39.83
CA VAL A 1247 15.97 -4.70 -40.89
C VAL A 1247 16.63 -5.88 -40.28
N TYR A 1248 16.23 -7.08 -40.78
CA TYR A 1248 16.86 -8.35 -40.48
C TYR A 1248 18.20 -8.19 -41.14
N GLN A 1249 19.29 -8.63 -40.49
CA GLN A 1249 20.56 -8.24 -41.05
C GLN A 1249 20.78 -8.75 -42.44
N ALA A 1250 20.87 -7.74 -43.35
CA ALA A 1250 20.98 -7.84 -44.78
C ALA A 1250 22.18 -8.64 -45.16
N GLU A 1251 23.25 -8.55 -44.34
CA GLU A 1251 24.52 -9.19 -44.52
C GLU A 1251 24.34 -10.68 -44.80
N VAL A 1252 23.35 -11.38 -44.17
CA VAL A 1252 23.15 -12.80 -44.39
C VAL A 1252 22.70 -13.20 -45.79
N THR A 1253 21.79 -12.44 -46.46
CA THR A 1253 21.25 -12.83 -47.75
C THR A 1253 22.26 -12.57 -48.82
N SER A 1254 22.26 -13.42 -49.86
CA SER A 1254 23.21 -13.24 -50.91
C SER A 1254 22.44 -12.80 -52.10
N ALA A 1255 23.14 -12.04 -52.96
CA ALA A 1255 22.68 -11.73 -54.28
C ALA A 1255 23.05 -12.80 -55.27
N ASN A 1256 24.37 -13.17 -55.30
CA ASN A 1256 25.02 -13.97 -56.33
C ASN A 1256 24.64 -15.41 -56.49
N ARG A 1257 24.81 -16.26 -55.46
CA ARG A 1257 24.57 -17.65 -55.70
C ARG A 1257 23.49 -18.07 -54.77
N ILE A 1258 22.82 -19.21 -55.09
CA ILE A 1258 21.84 -19.75 -54.19
C ILE A 1258 22.23 -21.13 -53.80
N ARG A 1259 22.02 -21.46 -52.51
CA ARG A 1259 22.27 -22.77 -51.98
C ARG A 1259 20.91 -23.29 -51.65
N LYS A 1260 20.58 -24.50 -52.13
CA LYS A 1260 19.25 -25.00 -51.92
C LYS A 1260 19.37 -26.34 -51.28
N ASN A 1261 18.23 -26.85 -50.77
CA ASN A 1261 18.27 -28.17 -50.20
C ASN A 1261 18.47 -29.11 -51.33
N ILE A 1262 19.13 -30.25 -51.04
CA ILE A 1262 19.50 -31.21 -52.02
C ILE A 1262 18.27 -31.76 -52.68
N GLU A 1263 17.19 -31.98 -51.92
CA GLU A 1263 16.00 -32.53 -52.51
C GLU A 1263 15.49 -31.60 -53.55
N ASN A 1264 15.58 -30.28 -53.30
CA ASN A 1264 15.04 -29.26 -54.15
C ASN A 1264 15.65 -29.31 -55.52
N LEU A 1265 16.95 -29.67 -55.62
CA LEU A 1265 17.65 -29.58 -56.87
C LEU A 1265 16.92 -30.28 -57.96
N SER A 1266 16.86 -29.60 -59.12
CA SER A 1266 16.24 -30.14 -60.29
C SER A 1266 17.24 -31.05 -60.89
N LEU A 1267 16.79 -31.83 -61.88
CA LEU A 1267 17.65 -32.80 -62.46
C LEU A 1267 18.77 -32.04 -63.11
N GLY A 1268 18.43 -30.90 -63.74
CA GLY A 1268 19.44 -30.12 -64.39
C GLY A 1268 20.44 -29.64 -63.38
N GLU A 1269 19.96 -29.14 -62.22
CA GLU A 1269 20.87 -28.58 -61.27
C GLU A 1269 21.79 -29.66 -60.81
N LEU A 1270 21.25 -30.86 -60.53
CA LEU A 1270 22.04 -31.94 -60.03
C LEU A 1270 23.04 -32.33 -61.07
N GLU A 1271 22.63 -32.32 -62.34
CA GLU A 1271 23.50 -32.77 -63.38
C GLU A 1271 24.72 -31.89 -63.41
N SER A 1272 24.57 -30.58 -63.22
CA SER A 1272 25.76 -29.77 -63.24
C SER A 1272 26.63 -30.19 -62.12
N LEU A 1273 26.02 -30.46 -60.96
CA LEU A 1273 26.75 -30.80 -59.78
C LEU A 1273 27.49 -32.09 -59.99
N ARG A 1274 26.83 -33.08 -60.61
CA ARG A 1274 27.48 -34.35 -60.72
C ARG A 1274 28.73 -34.18 -61.50
N ALA A 1275 28.63 -33.46 -62.62
CA ALA A 1275 29.74 -33.26 -63.51
C ALA A 1275 30.82 -32.46 -62.85
N ALA A 1276 30.42 -31.37 -62.17
CA ALA A 1276 31.42 -30.48 -61.64
C ALA A 1276 32.26 -31.20 -60.66
N PHE A 1277 31.62 -31.99 -59.77
CA PHE A 1277 32.35 -32.68 -58.75
C PHE A 1277 33.25 -33.68 -59.42
N LEU A 1278 32.75 -34.36 -60.46
CA LEU A 1278 33.57 -35.37 -61.05
C LEU A 1278 34.79 -34.71 -61.60
N GLU A 1279 34.61 -33.53 -62.25
CA GLU A 1279 35.75 -32.87 -62.81
C GLU A 1279 36.65 -32.40 -61.71
N ILE A 1280 36.07 -31.90 -60.60
CA ILE A 1280 36.93 -31.40 -59.56
C ILE A 1280 37.73 -32.54 -59.04
N GLU A 1281 37.13 -33.72 -58.94
CA GLU A 1281 37.85 -34.84 -58.44
C GLU A 1281 39.03 -35.05 -59.34
N ASN A 1282 38.80 -34.93 -60.66
CA ASN A 1282 39.86 -35.10 -61.61
C ASN A 1282 40.86 -34.01 -61.42
N ASP A 1283 40.41 -32.77 -61.15
CA ASP A 1283 41.36 -31.71 -61.05
C ASP A 1283 42.12 -31.83 -59.77
N GLY A 1284 43.21 -31.05 -59.68
CA GLY A 1284 44.12 -31.05 -58.57
C GLY A 1284 43.44 -30.55 -57.33
N THR A 1285 42.48 -29.61 -57.48
CA THR A 1285 41.94 -28.96 -56.31
C THR A 1285 41.28 -29.92 -55.38
N TYR A 1286 40.54 -30.93 -55.90
CA TYR A 1286 39.75 -31.70 -54.99
C TYR A 1286 40.59 -32.37 -53.94
N GLU A 1287 41.67 -33.07 -54.34
CA GLU A 1287 42.43 -33.76 -53.32
C GLU A 1287 43.04 -32.78 -52.38
N SER A 1288 43.62 -31.69 -52.91
CA SER A 1288 44.31 -30.74 -52.09
C SER A 1288 43.35 -30.05 -51.18
N ILE A 1289 42.13 -29.78 -51.67
CA ILE A 1289 41.20 -29.04 -50.87
C ILE A 1289 40.86 -29.85 -49.66
N ALA A 1290 40.77 -31.18 -49.82
CA ALA A 1290 40.41 -32.06 -48.74
C ALA A 1290 41.44 -31.95 -47.65
N LYS A 1291 42.72 -31.76 -48.03
CA LYS A 1291 43.82 -31.74 -47.12
C LYS A 1291 43.62 -30.67 -46.09
N PHE A 1292 42.95 -29.57 -46.46
CA PHE A 1292 42.84 -28.46 -45.56
C PHE A 1292 42.20 -28.90 -44.28
N HIS A 1293 41.13 -29.71 -44.36
CA HIS A 1293 40.41 -30.13 -43.19
C HIS A 1293 41.29 -30.91 -42.25
N GLY A 1294 42.01 -31.92 -42.76
CA GLY A 1294 42.75 -32.76 -41.86
C GLY A 1294 43.95 -33.28 -42.58
N SER A 1295 44.18 -34.60 -42.48
CA SER A 1295 45.35 -35.17 -43.09
C SER A 1295 45.21 -35.06 -44.58
N PRO A 1296 46.33 -34.82 -45.21
CA PRO A 1296 47.55 -34.65 -44.48
C PRO A 1296 47.54 -33.31 -43.80
N GLY A 1297 48.19 -33.19 -42.63
CA GLY A 1297 48.19 -31.95 -41.88
C GLY A 1297 49.04 -30.92 -42.56
N LEU A 1298 48.36 -29.92 -43.14
CA LEU A 1298 48.89 -28.76 -43.81
C LEU A 1298 49.28 -27.64 -42.90
N CYS A 1299 48.75 -27.59 -41.66
CA CYS A 1299 48.85 -26.41 -40.84
C CYS A 1299 50.27 -25.98 -40.72
N GLN A 1300 51.16 -26.89 -40.30
CA GLN A 1300 52.53 -26.51 -40.34
C GLN A 1300 53.03 -27.19 -41.55
N LEU A 1301 53.39 -26.40 -42.58
CA LEU A 1301 53.83 -27.03 -43.78
C LEU A 1301 55.07 -27.76 -43.39
N ASN A 1302 55.94 -27.10 -42.60
CA ASN A 1302 57.13 -27.77 -42.17
C ASN A 1302 57.06 -27.79 -40.68
N GLY A 1303 57.69 -28.81 -40.06
CA GLY A 1303 57.62 -28.93 -38.64
C GLY A 1303 56.53 -29.91 -38.35
N ASN A 1304 56.24 -30.13 -37.04
CA ASN A 1304 55.23 -31.10 -36.71
C ASN A 1304 53.93 -30.60 -37.25
N PRO A 1305 53.24 -31.47 -37.91
CA PRO A 1305 51.96 -31.10 -38.45
C PRO A 1305 50.86 -31.18 -37.43
N ILE A 1306 49.76 -30.45 -37.65
CA ILE A 1306 48.60 -30.49 -36.83
C ILE A 1306 47.43 -30.38 -37.77
N SER A 1307 46.25 -30.89 -37.38
CA SER A 1307 45.12 -30.77 -38.26
C SER A 1307 44.76 -29.33 -38.33
N CYS A 1308 44.41 -28.84 -39.54
CA CYS A 1308 44.11 -27.45 -39.74
C CYS A 1308 42.80 -26.99 -39.20
N CYS A 1309 41.75 -27.82 -39.25
CA CYS A 1309 40.45 -27.32 -38.88
C CYS A 1309 40.44 -26.89 -37.46
N VAL A 1310 39.81 -25.73 -37.19
CA VAL A 1310 39.66 -25.32 -35.84
C VAL A 1310 38.46 -26.05 -35.32
N HIS A 1311 38.64 -26.80 -34.22
CA HIS A 1311 37.56 -27.51 -33.61
C HIS A 1311 37.69 -27.25 -32.16
N GLY A 1312 36.56 -27.18 -31.45
CA GLY A 1312 36.63 -26.95 -30.04
C GLY A 1312 36.99 -25.51 -29.84
N MET A 1313 36.79 -24.69 -30.88
CA MET A 1313 37.09 -23.29 -30.76
C MET A 1313 35.93 -22.52 -31.30
N PRO A 1314 35.80 -21.31 -30.83
CA PRO A 1314 34.74 -20.46 -31.31
C PRO A 1314 34.95 -20.08 -32.73
N THR A 1315 36.21 -20.19 -33.21
CA THR A 1315 36.62 -19.86 -34.54
C THR A 1315 36.03 -20.89 -35.48
N PHE A 1316 35.65 -22.04 -34.90
CA PHE A 1316 35.23 -23.23 -35.60
C PHE A 1316 34.17 -22.95 -36.64
N PRO A 1317 33.08 -22.28 -36.38
CA PRO A 1317 32.13 -22.12 -37.45
C PRO A 1317 32.67 -21.31 -38.58
N HIS A 1318 33.55 -20.33 -38.28
CA HIS A 1318 34.09 -19.48 -39.30
C HIS A 1318 34.94 -20.31 -40.19
N TRP A 1319 35.76 -21.20 -39.61
CA TRP A 1319 36.70 -21.94 -40.39
C TRP A 1319 35.94 -22.75 -41.39
N HIS A 1320 34.95 -23.51 -40.91
CA HIS A 1320 34.20 -24.38 -41.77
C HIS A 1320 33.43 -23.56 -42.75
N ARG A 1321 32.94 -22.38 -42.34
CA ARG A 1321 32.20 -21.60 -43.28
C ARG A 1321 33.08 -21.30 -44.44
N LEU A 1322 34.34 -20.92 -44.18
CA LEU A 1322 35.26 -20.62 -45.25
C LEU A 1322 35.49 -21.86 -46.05
N TYR A 1323 35.52 -23.03 -45.38
CA TYR A 1323 35.83 -24.23 -46.09
C TYR A 1323 34.80 -24.49 -47.14
N VAL A 1324 33.51 -24.34 -46.81
CA VAL A 1324 32.47 -24.66 -47.75
C VAL A 1324 32.60 -23.77 -48.95
N VAL A 1325 32.86 -22.47 -48.75
CA VAL A 1325 32.93 -21.62 -49.89
C VAL A 1325 34.07 -22.04 -50.76
N VAL A 1326 35.16 -22.53 -50.15
CA VAL A 1326 36.28 -22.93 -50.93
C VAL A 1326 35.84 -23.97 -51.90
N VAL A 1327 35.12 -25.00 -51.43
CA VAL A 1327 34.70 -26.04 -52.31
C VAL A 1327 33.73 -25.48 -53.29
N GLU A 1328 32.85 -24.57 -52.84
CA GLU A 1328 31.85 -24.04 -53.73
C GLU A 1328 32.52 -23.35 -54.86
N ASN A 1329 33.55 -22.55 -54.56
CA ASN A 1329 34.21 -21.81 -55.60
C ASN A 1329 34.80 -22.80 -56.56
N ALA A 1330 35.34 -23.91 -56.04
CA ALA A 1330 35.95 -24.91 -56.88
C ALA A 1330 34.91 -25.44 -57.81
N LEU A 1331 33.70 -25.68 -57.29
CA LEU A 1331 32.64 -26.25 -58.09
C LEU A 1331 32.32 -25.31 -59.20
N LEU A 1332 32.25 -24.00 -58.89
CA LEU A 1332 31.91 -23.04 -59.89
C LEU A 1332 32.96 -23.07 -60.96
N LYS A 1333 34.23 -23.21 -60.57
CA LYS A 1333 35.26 -23.28 -61.55
C LYS A 1333 34.95 -24.46 -62.39
N LYS A 1334 34.44 -25.51 -61.74
CA LYS A 1334 34.07 -26.75 -62.37
C LYS A 1334 32.96 -26.47 -63.33
N GLY A 1335 32.18 -25.38 -63.09
CA GLY A 1335 31.11 -25.11 -63.98
C GLY A 1335 29.82 -25.43 -63.31
N SER A 1336 29.85 -25.52 -61.96
CA SER A 1336 28.62 -25.77 -61.27
C SER A 1336 27.77 -24.56 -61.40
N SER A 1337 26.48 -24.77 -61.74
CA SER A 1337 25.54 -23.69 -61.89
C SER A 1337 25.08 -23.19 -60.56
N VAL A 1338 25.06 -24.05 -59.53
CA VAL A 1338 24.47 -23.64 -58.27
C VAL A 1338 25.45 -23.89 -57.16
N ALA A 1339 25.17 -23.31 -55.97
CA ALA A 1339 25.99 -23.44 -54.80
C ALA A 1339 25.80 -24.81 -54.23
N VAL A 1340 26.70 -25.21 -53.31
CA VAL A 1340 26.62 -26.52 -52.72
C VAL A 1340 25.33 -26.60 -51.97
N PRO A 1341 24.64 -27.67 -52.20
CA PRO A 1341 23.37 -27.89 -51.57
C PRO A 1341 23.56 -28.32 -50.15
N TYR A 1342 22.52 -28.20 -49.32
CA TYR A 1342 22.67 -28.59 -47.95
C TYR A 1342 21.72 -29.72 -47.67
N TRP A 1343 22.20 -30.72 -46.93
CA TRP A 1343 21.38 -31.84 -46.58
C TRP A 1343 20.82 -31.53 -45.23
N ASP A 1344 19.55 -31.07 -45.19
CA ASP A 1344 18.95 -30.72 -43.93
C ASP A 1344 18.82 -31.97 -43.12
N TRP A 1345 19.75 -32.18 -42.17
CA TRP A 1345 19.77 -33.33 -41.33
C TRP A 1345 18.69 -33.23 -40.31
N THR A 1346 18.39 -31.99 -39.85
CA THR A 1346 17.45 -31.82 -38.77
C THR A 1346 16.15 -32.41 -39.18
N LYS A 1347 15.72 -32.12 -40.40
CA LYS A 1347 14.50 -32.68 -40.90
C LYS A 1347 14.68 -34.17 -40.88
N ARG A 1348 13.65 -34.90 -40.40
CA ARG A 1348 13.79 -36.33 -40.35
C ARG A 1348 13.72 -36.83 -41.75
N ILE A 1349 14.62 -37.78 -42.11
CA ILE A 1349 14.61 -38.20 -43.47
C ILE A 1349 14.17 -39.62 -43.56
N GLU A 1350 13.26 -39.89 -44.51
CA GLU A 1350 12.77 -41.21 -44.70
C GLU A 1350 13.92 -42.04 -45.20
N HIS A 1351 14.71 -41.49 -46.15
CA HIS A 1351 15.79 -42.26 -46.69
C HIS A 1351 16.92 -41.32 -46.99
N LEU A 1352 18.10 -41.88 -47.30
CA LEU A 1352 19.19 -41.01 -47.60
C LEU A 1352 18.98 -40.45 -48.97
N PRO A 1353 19.44 -39.24 -49.12
CA PRO A 1353 19.27 -38.51 -50.35
C PRO A 1353 19.75 -39.31 -51.51
N HIS A 1354 19.00 -39.21 -52.62
CA HIS A 1354 19.26 -39.93 -53.83
C HIS A 1354 20.55 -39.44 -54.42
N LEU A 1355 20.81 -38.12 -54.33
CA LEU A 1355 21.96 -37.58 -54.96
C LEU A 1355 23.19 -38.24 -54.42
N ILE A 1356 23.34 -38.29 -53.08
CA ILE A 1356 24.51 -38.88 -52.49
C ILE A 1356 24.52 -40.37 -52.68
N SER A 1357 23.35 -41.01 -52.50
CA SER A 1357 23.23 -42.44 -52.44
C SER A 1357 23.60 -43.12 -53.72
N ASP A 1358 23.20 -42.57 -54.88
CA ASP A 1358 23.41 -43.26 -56.13
C ASP A 1358 24.85 -43.60 -56.31
N ALA A 1359 25.13 -44.89 -56.51
CA ALA A 1359 26.45 -45.37 -56.79
C ALA A 1359 26.86 -44.90 -58.15
N THR A 1360 25.95 -44.99 -59.14
CA THR A 1360 26.32 -44.65 -60.49
C THR A 1360 25.34 -43.66 -61.02
N TYR A 1361 25.79 -42.82 -61.98
CA TYR A 1361 24.90 -41.86 -62.56
C TYR A 1361 24.82 -42.17 -64.01
N TYR A 1362 23.59 -42.38 -64.51
CA TYR A 1362 23.37 -42.77 -65.87
C TYR A 1362 23.75 -41.66 -66.80
N ASN A 1363 23.33 -40.41 -66.48
CA ASN A 1363 23.57 -39.26 -67.32
C ASN A 1363 23.28 -39.63 -68.74
N SER A 1364 21.97 -39.73 -69.07
CA SER A 1364 21.48 -40.18 -70.34
C SER A 1364 21.92 -39.30 -71.46
N ARG A 1365 22.14 -38.00 -71.23
CA ARG A 1365 22.43 -37.12 -72.33
C ARG A 1365 23.67 -37.62 -73.01
N GLN A 1366 24.74 -37.86 -72.24
CA GLN A 1366 25.89 -38.42 -72.85
C GLN A 1366 25.95 -39.82 -72.35
N HIS A 1367 25.81 -40.80 -73.25
CA HIS A 1367 25.81 -42.14 -72.76
C HIS A 1367 27.12 -42.39 -72.11
N HIS A 1368 27.09 -42.65 -70.78
CA HIS A 1368 28.28 -42.94 -70.06
C HIS A 1368 27.86 -43.54 -68.78
N TYR A 1369 28.69 -44.45 -68.23
CA TYR A 1369 28.39 -45.01 -66.96
C TYR A 1369 29.53 -44.62 -66.08
N GLU A 1370 29.21 -43.89 -64.98
CA GLU A 1370 30.28 -43.48 -64.12
C GLU A 1370 29.76 -43.56 -62.72
N THR A 1371 30.68 -43.61 -61.75
CA THR A 1371 30.23 -43.65 -60.39
C THR A 1371 29.76 -42.27 -60.09
N ASN A 1372 28.96 -42.11 -59.03
CA ASN A 1372 28.52 -40.80 -58.69
C ASN A 1372 29.62 -40.20 -57.88
N PRO A 1373 30.10 -39.09 -58.31
CA PRO A 1373 31.17 -38.45 -57.60
C PRO A 1373 30.70 -38.04 -56.25
N PHE A 1374 29.39 -37.80 -56.12
CA PHE A 1374 28.79 -37.42 -54.88
C PHE A 1374 28.86 -38.60 -53.96
N HIS A 1375 28.73 -39.82 -54.51
CA HIS A 1375 28.69 -40.98 -53.70
C HIS A 1375 29.93 -41.09 -52.87
N HIS A 1376 31.13 -40.97 -53.47
CA HIS A 1376 32.28 -41.09 -52.64
C HIS A 1376 33.48 -40.56 -53.37
N GLY A 1377 34.65 -40.69 -52.73
CA GLY A 1377 35.89 -40.25 -53.30
C GLY A 1377 36.93 -41.18 -52.76
N LYS A 1378 38.19 -41.06 -53.25
CA LYS A 1378 39.19 -41.93 -52.72
C LYS A 1378 40.19 -41.09 -52.03
N ILE A 1379 40.95 -41.74 -51.12
CA ILE A 1379 41.93 -40.99 -50.42
C ILE A 1379 43.24 -41.35 -51.04
N THR A 1380 43.79 -40.37 -51.79
CA THR A 1380 44.97 -40.57 -52.56
C THR A 1380 46.17 -40.85 -51.71
N HIS A 1381 46.43 -40.01 -50.70
CA HIS A 1381 47.63 -40.17 -49.93
C HIS A 1381 47.59 -41.48 -49.25
N GLU A 1382 46.51 -41.75 -48.51
CA GLU A 1382 46.48 -43.01 -47.86
C GLU A 1382 45.67 -43.82 -48.79
N ASN A 1383 46.31 -44.70 -49.57
CA ASN A 1383 45.55 -45.37 -50.58
C ASN A 1383 44.47 -46.17 -49.95
N GLU A 1384 43.20 -45.71 -50.19
CA GLU A 1384 41.98 -46.30 -49.71
C GLU A 1384 40.81 -45.61 -50.37
N ILE A 1385 39.62 -46.19 -50.11
CA ILE A 1385 38.38 -45.64 -50.61
C ILE A 1385 37.68 -45.15 -49.37
N THR A 1386 37.00 -43.99 -49.42
CA THR A 1386 36.25 -43.55 -48.29
C THR A 1386 35.12 -44.51 -48.15
N THR A 1387 34.61 -44.70 -46.91
CA THR A 1387 33.51 -45.59 -46.73
C THR A 1387 32.52 -44.91 -45.84
N ARG A 1388 31.27 -45.43 -45.85
CA ARG A 1388 30.29 -44.91 -44.95
C ARG A 1388 29.59 -46.08 -44.35
N ASP A 1389 29.25 -45.99 -43.06
CA ASP A 1389 28.55 -47.06 -42.42
C ASP A 1389 27.57 -46.42 -41.49
N PRO A 1390 26.42 -46.02 -41.96
CA PRO A 1390 25.49 -45.49 -41.03
C PRO A 1390 25.00 -46.61 -40.19
N LYS A 1391 25.43 -46.64 -38.91
CA LYS A 1391 24.95 -47.68 -38.05
C LYS A 1391 23.52 -47.39 -37.83
N ASP A 1392 23.21 -46.10 -37.62
CA ASP A 1392 21.86 -45.73 -37.38
C ASP A 1392 21.31 -45.09 -38.60
N SER A 1393 20.50 -45.84 -39.36
CA SER A 1393 19.76 -45.27 -40.46
C SER A 1393 18.54 -44.68 -39.82
N LEU A 1394 18.41 -44.95 -38.51
CA LEU A 1394 17.26 -44.71 -37.68
C LEU A 1394 16.89 -43.27 -37.58
N PHE A 1395 17.86 -42.33 -37.67
CA PHE A 1395 17.65 -40.95 -37.35
C PHE A 1395 16.38 -40.42 -37.96
N HIS A 1396 15.36 -40.27 -37.10
CA HIS A 1396 14.11 -39.65 -37.40
C HIS A 1396 13.70 -39.11 -36.08
N SER A 1397 14.11 -37.88 -35.74
CA SER A 1397 13.72 -37.50 -34.42
C SER A 1397 13.92 -36.04 -34.25
N ASP A 1398 13.34 -35.55 -33.14
CA ASP A 1398 13.42 -34.20 -32.67
C ASP A 1398 14.81 -33.99 -32.18
N TYR A 1399 15.55 -35.07 -31.91
CA TYR A 1399 16.82 -35.00 -31.25
C TYR A 1399 17.73 -34.02 -31.93
N PHE A 1400 17.82 -34.06 -33.26
CA PHE A 1400 18.69 -33.15 -33.95
C PHE A 1400 18.16 -31.78 -33.67
N TYR A 1401 16.82 -31.64 -33.78
CA TYR A 1401 16.16 -30.38 -33.67
C TYR A 1401 16.36 -29.79 -32.32
N GLU A 1402 16.27 -30.62 -31.26
CA GLU A 1402 16.39 -30.16 -29.90
C GLU A 1402 17.77 -29.61 -29.72
N GLN A 1403 18.77 -30.35 -30.21
CA GLN A 1403 20.11 -29.93 -29.98
C GLN A 1403 20.33 -28.62 -30.67
N VAL A 1404 19.92 -28.52 -31.94
CA VAL A 1404 20.14 -27.33 -32.70
C VAL A 1404 19.34 -26.22 -32.09
N LEU A 1405 18.09 -26.54 -31.71
CA LEU A 1405 17.19 -25.56 -31.20
C LEU A 1405 17.75 -24.97 -29.97
N TYR A 1406 18.35 -25.81 -29.12
CA TYR A 1406 18.89 -25.33 -27.88
C TYR A 1406 19.96 -24.35 -28.24
N ALA A 1407 20.77 -24.69 -29.25
CA ALA A 1407 21.86 -23.84 -29.66
C ALA A 1407 21.29 -22.52 -30.09
N LEU A 1408 20.15 -22.56 -30.80
CA LEU A 1408 19.55 -21.37 -31.35
C LEU A 1408 19.21 -20.45 -30.23
N GLU A 1409 18.77 -21.03 -29.09
CA GLU A 1409 18.28 -20.26 -27.98
C GLU A 1409 19.33 -19.34 -27.46
N GLN A 1410 20.62 -19.75 -27.42
CA GLN A 1410 21.59 -18.90 -26.80
C GLN A 1410 21.84 -17.65 -27.57
N ASP A 1411 21.82 -16.52 -26.83
CA ASP A 1411 22.14 -15.23 -27.36
C ASP A 1411 23.61 -15.13 -27.57
N ASN A 1412 24.41 -15.65 -26.62
CA ASN A 1412 25.84 -15.51 -26.70
C ASN A 1412 26.34 -16.37 -27.80
N PHE A 1413 27.26 -15.82 -28.62
CA PHE A 1413 27.79 -16.54 -29.73
C PHE A 1413 28.55 -17.72 -29.25
N CYS A 1414 29.44 -17.50 -28.25
CA CYS A 1414 30.27 -18.57 -27.78
C CYS A 1414 29.42 -19.64 -27.16
N ASP A 1415 28.37 -19.25 -26.41
CA ASP A 1415 27.54 -20.26 -25.82
C ASP A 1415 26.92 -21.04 -26.94
N PHE A 1416 26.54 -20.32 -28.01
CA PHE A 1416 25.88 -20.89 -29.15
C PHE A 1416 26.79 -21.87 -29.82
N GLU A 1417 28.07 -21.50 -30.01
CA GLU A 1417 28.98 -22.31 -30.77
C GLU A 1417 29.17 -23.65 -30.16
N ILE A 1418 29.31 -23.71 -28.82
CA ILE A 1418 29.62 -24.97 -28.22
C ILE A 1418 28.51 -25.93 -28.50
N GLN A 1419 27.25 -25.47 -28.36
CA GLN A 1419 26.13 -26.33 -28.58
C GLN A 1419 26.09 -26.68 -30.03
N LEU A 1420 26.32 -25.68 -30.90
CA LEU A 1420 26.20 -25.83 -32.32
C LEU A 1420 27.19 -26.83 -32.81
N GLU A 1421 28.43 -26.77 -32.30
CA GLU A 1421 29.45 -27.66 -32.79
C GLU A 1421 29.08 -29.07 -32.49
N ILE A 1422 28.53 -29.32 -31.28
CA ILE A 1422 28.24 -30.66 -30.87
C ILE A 1422 27.22 -31.29 -31.77
N LEU A 1423 26.16 -30.57 -32.13
CA LEU A 1423 25.17 -31.16 -32.96
C LEU A 1423 25.81 -31.47 -34.27
N HIS A 1424 26.77 -30.63 -34.67
CA HIS A 1424 27.45 -30.76 -35.94
C HIS A 1424 28.10 -32.10 -36.01
N ASN A 1425 28.75 -32.53 -34.91
CA ASN A 1425 29.49 -33.76 -34.94
C ASN A 1425 28.60 -34.96 -35.12
N ALA A 1426 27.32 -34.88 -34.74
CA ALA A 1426 26.47 -36.04 -34.79
C ALA A 1426 26.43 -36.60 -36.18
N LEU A 1427 26.33 -35.76 -37.21
CA LEU A 1427 26.23 -36.30 -38.53
C LEU A 1427 27.48 -37.08 -38.83
N HIS A 1428 28.64 -36.55 -38.43
CA HIS A 1428 29.87 -37.19 -38.78
C HIS A 1428 29.91 -38.59 -38.24
N SER A 1429 29.63 -38.77 -36.94
CA SER A 1429 29.74 -40.08 -36.36
C SER A 1429 28.69 -40.99 -36.93
N LEU A 1430 27.48 -40.46 -37.11
CA LEU A 1430 26.38 -41.28 -37.54
C LEU A 1430 26.63 -41.81 -38.92
N LEU A 1431 27.07 -40.97 -39.88
CA LEU A 1431 27.32 -41.47 -41.20
C LEU A 1431 28.52 -42.37 -41.23
N GLY A 1432 29.65 -41.91 -40.63
CA GLY A 1432 30.88 -42.63 -40.71
C GLY A 1432 30.79 -43.95 -40.01
N GLY A 1433 30.21 -43.94 -38.80
CA GLY A 1433 30.08 -45.18 -38.08
C GLY A 1433 31.46 -45.68 -37.73
N LYS A 1434 31.60 -47.01 -37.81
CA LYS A 1434 32.77 -47.77 -37.48
C LYS A 1434 33.88 -47.50 -38.44
N GLY A 1435 33.56 -47.23 -39.72
CA GLY A 1435 34.56 -47.12 -40.76
C GLY A 1435 35.65 -46.18 -40.35
N LYS A 1436 36.89 -46.69 -40.44
CA LYS A 1436 38.09 -45.98 -40.11
C LYS A 1436 38.28 -44.85 -41.07
N TYR A 1437 38.00 -45.07 -42.36
CA TYR A 1437 38.17 -43.99 -43.29
C TYR A 1437 36.79 -43.52 -43.61
N SER A 1438 36.34 -42.44 -42.94
CA SER A 1438 34.99 -42.02 -43.17
C SER A 1438 34.80 -40.68 -42.55
N MET A 1439 33.51 -40.29 -42.46
CA MET A 1439 33.01 -39.07 -41.90
C MET A 1439 33.36 -39.09 -40.44
N SER A 1440 33.36 -40.30 -39.85
CA SER A 1440 33.58 -40.48 -38.45
C SER A 1440 34.98 -40.09 -38.07
N ASN A 1441 35.92 -40.02 -39.03
CA ASN A 1441 37.26 -39.69 -38.61
C ASN A 1441 37.57 -38.27 -38.97
N LEU A 1442 38.38 -37.62 -38.11
CA LEU A 1442 38.72 -36.24 -38.28
C LEU A 1442 39.51 -36.10 -39.54
N ASP A 1443 40.53 -36.97 -39.73
CA ASP A 1443 41.38 -36.82 -40.86
C ASP A 1443 40.66 -37.10 -42.15
N TYR A 1444 39.98 -38.26 -42.20
CA TYR A 1444 39.35 -38.83 -43.36
C TYR A 1444 38.09 -38.13 -43.79
N ALA A 1445 37.33 -37.53 -42.84
CA ALA A 1445 36.00 -37.06 -43.10
C ALA A 1445 35.96 -36.11 -44.27
N ALA A 1446 36.98 -35.27 -44.45
CA ALA A 1446 36.94 -34.28 -45.50
C ALA A 1446 36.76 -34.95 -46.82
N PHE A 1447 37.32 -36.16 -46.99
CA PHE A 1447 37.28 -36.83 -48.26
C PHE A 1447 35.88 -37.08 -48.71
N ASP A 1448 34.98 -37.53 -47.82
CA ASP A 1448 33.65 -37.85 -48.27
C ASP A 1448 32.98 -36.60 -48.75
N PRO A 1449 32.27 -36.73 -49.84
CA PRO A 1449 31.57 -35.62 -50.43
C PRO A 1449 30.41 -35.15 -49.61
N VAL A 1450 29.88 -36.02 -48.71
CA VAL A 1450 28.75 -35.70 -47.90
C VAL A 1450 29.14 -34.56 -47.02
N PHE A 1451 30.44 -34.49 -46.72
CA PHE A 1451 30.99 -33.51 -45.83
C PHE A 1451 30.54 -32.15 -46.29
N PHE A 1452 30.65 -31.89 -47.60
CA PHE A 1452 30.31 -30.60 -48.12
C PHE A 1452 28.86 -30.33 -47.88
N LEU A 1453 28.00 -31.32 -48.19
CA LEU A 1453 26.58 -31.11 -48.07
C LEU A 1453 26.23 -30.86 -46.64
N HIS A 1454 26.83 -31.64 -45.71
CA HIS A 1454 26.49 -31.48 -44.33
C HIS A 1454 26.90 -30.13 -43.84
N HIS A 1455 28.11 -29.69 -44.19
CA HIS A 1455 28.58 -28.44 -43.70
C HIS A 1455 27.73 -27.34 -44.26
N ALA A 1456 27.21 -27.53 -45.49
CA ALA A 1456 26.41 -26.50 -46.06
C ALA A 1456 25.24 -26.26 -45.16
N THR A 1457 24.59 -27.34 -44.67
CA THR A 1457 23.44 -27.14 -43.83
C THR A 1457 23.86 -26.52 -42.54
N THR A 1458 24.99 -26.95 -41.98
CA THR A 1458 25.41 -26.44 -40.71
C THR A 1458 25.65 -24.97 -40.88
N ASP A 1459 26.29 -24.60 -41.99
CA ASP A 1459 26.57 -23.23 -42.25
C ASP A 1459 25.26 -22.53 -42.37
N ARG A 1460 24.25 -23.19 -42.97
CA ARG A 1460 23.02 -22.47 -43.15
C ARG A 1460 22.43 -22.19 -41.81
N ILE A 1461 22.54 -23.14 -40.87
CA ILE A 1461 21.97 -22.96 -39.56
C ILE A 1461 22.66 -21.81 -38.90
N TRP A 1462 23.98 -21.69 -39.09
CA TRP A 1462 24.70 -20.62 -38.46
C TRP A 1462 24.10 -19.35 -38.96
N ALA A 1463 23.82 -19.28 -40.27
CA ALA A 1463 23.25 -18.11 -40.86
C ALA A 1463 21.92 -17.88 -40.21
N ILE A 1464 21.18 -18.95 -39.93
CA ILE A 1464 19.87 -18.83 -39.37
C ILE A 1464 19.99 -18.16 -38.05
N TRP A 1465 20.98 -18.58 -37.24
CA TRP A 1465 21.15 -18.03 -35.93
C TRP A 1465 21.41 -16.58 -36.07
N GLN A 1466 22.20 -16.23 -37.08
CA GLN A 1466 22.61 -14.89 -37.31
C GLN A 1466 21.38 -14.06 -37.55
N ASP A 1467 20.45 -14.50 -38.42
CA ASP A 1467 19.30 -13.68 -38.68
C ASP A 1467 18.42 -13.59 -37.48
N LEU A 1468 18.35 -14.66 -36.69
CA LEU A 1468 17.54 -14.64 -35.49
C LEU A 1468 18.10 -13.59 -34.59
N GLN A 1469 19.44 -13.47 -34.58
CA GLN A 1469 20.09 -12.57 -33.67
C GLN A 1469 19.58 -11.19 -33.92
N ARG A 1470 19.43 -10.81 -35.21
CA ARG A 1470 18.95 -9.50 -35.50
C ARG A 1470 17.54 -9.34 -35.03
N PHE A 1471 16.74 -10.43 -35.04
CA PHE A 1471 15.38 -10.35 -34.60
C PHE A 1471 15.42 -9.94 -33.16
N ARG A 1472 16.38 -10.51 -32.41
CA ARG A 1472 16.59 -10.21 -31.03
C ARG A 1472 17.06 -8.79 -30.93
N LYS A 1473 17.57 -8.27 -32.06
CA LYS A 1473 18.14 -6.97 -32.26
C LYS A 1473 19.53 -6.96 -31.74
N ARG A 1474 20.12 -8.15 -31.56
CA ARG A 1474 21.49 -8.20 -31.21
C ARG A 1474 22.22 -8.00 -32.50
N PRO A 1475 23.42 -7.50 -32.45
CA PRO A 1475 24.13 -7.31 -33.67
C PRO A 1475 24.39 -8.60 -34.35
N TYR A 1476 24.08 -8.65 -35.65
CA TYR A 1476 24.18 -9.81 -36.47
C TYR A 1476 25.62 -10.18 -36.72
N ARG A 1477 26.44 -9.19 -37.09
CA ARG A 1477 27.78 -9.52 -37.43
C ARG A 1477 28.63 -8.94 -36.36
N GLU A 1478 28.49 -9.48 -35.13
CA GLU A 1478 29.32 -8.97 -34.09
C GLU A 1478 29.49 -10.06 -33.10
N ALA A 1479 30.74 -10.33 -32.71
CA ALA A 1479 30.94 -11.32 -31.70
C ALA A 1479 31.75 -10.65 -30.65
N ASN A 1480 31.26 -10.66 -29.40
CA ASN A 1480 32.06 -10.05 -28.38
C ASN A 1480 32.58 -11.16 -27.53
N CYS A 1481 33.02 -12.25 -28.18
CA CYS A 1481 33.60 -13.32 -27.42
C CYS A 1481 34.74 -13.85 -28.21
N ALA A 1482 35.77 -14.38 -27.52
CA ALA A 1482 36.93 -14.90 -28.17
C ALA A 1482 37.44 -13.90 -29.15
N ILE A 1483 37.64 -12.65 -28.69
CA ILE A 1483 38.06 -11.59 -29.57
C ILE A 1483 39.39 -11.92 -30.16
N GLN A 1484 40.29 -12.50 -29.35
CA GLN A 1484 41.63 -12.76 -29.78
C GLN A 1484 41.61 -13.66 -30.97
N LEU A 1485 40.80 -14.73 -30.89
CA LEU A 1485 40.73 -15.73 -31.92
C LEU A 1485 40.17 -15.17 -33.18
N MET A 1486 39.18 -14.29 -33.08
CA MET A 1486 38.48 -13.84 -34.25
C MET A 1486 39.42 -13.19 -35.21
N HIS A 1487 40.31 -12.34 -34.70
CA HIS A 1487 41.19 -11.59 -35.56
C HIS A 1487 42.17 -12.50 -36.24
N THR A 1488 42.57 -13.59 -35.57
CA THR A 1488 43.57 -14.49 -36.09
C THR A 1488 43.20 -14.92 -37.47
N PRO A 1489 44.21 -15.02 -38.29
CA PRO A 1489 44.02 -15.49 -39.63
C PRO A 1489 43.73 -16.96 -39.58
N LEU A 1490 42.98 -17.47 -40.55
CA LEU A 1490 42.62 -18.85 -40.50
C LEU A 1490 43.36 -19.57 -41.60
N GLN A 1491 44.33 -20.42 -41.22
CA GLN A 1491 45.10 -21.16 -42.18
C GLN A 1491 44.29 -22.37 -42.52
N PRO A 1492 44.54 -23.05 -43.61
CA PRO A 1492 45.54 -22.68 -44.58
C PRO A 1492 45.08 -21.57 -45.46
N PHE A 1493 43.88 -21.02 -45.21
CA PHE A 1493 43.29 -20.06 -46.10
C PHE A 1493 44.26 -18.94 -46.31
N ASP A 1494 45.06 -18.63 -45.28
CA ASP A 1494 46.01 -17.56 -45.35
C ASP A 1494 47.03 -17.79 -46.44
N LYS A 1495 47.51 -19.04 -46.61
CA LYS A 1495 48.62 -19.33 -47.49
C LYS A 1495 48.28 -19.40 -48.94
N SER A 1496 49.37 -19.37 -49.75
CA SER A 1496 49.40 -19.37 -51.19
C SER A 1496 48.90 -20.68 -51.70
N ASP A 1497 48.90 -21.72 -50.86
CA ASP A 1497 48.43 -23.01 -51.29
C ASP A 1497 47.02 -22.77 -51.71
N ASN A 1498 46.34 -21.82 -51.04
CA ASN A 1498 44.99 -21.49 -51.36
C ASN A 1498 45.01 -20.50 -52.47
N ASN A 1499 44.58 -20.95 -53.67
CA ASN A 1499 44.51 -20.10 -54.83
C ASN A 1499 43.42 -19.09 -54.63
N ASP A 1500 42.30 -19.54 -54.04
CA ASP A 1500 41.14 -18.70 -53.88
C ASP A 1500 41.53 -17.45 -53.17
N GLU A 1501 41.40 -16.31 -53.86
CA GLU A 1501 41.71 -15.02 -53.31
C GLU A 1501 40.68 -14.61 -52.30
N ALA A 1502 39.40 -14.91 -52.57
CA ALA A 1502 38.36 -14.43 -51.71
C ALA A 1502 38.57 -14.97 -50.34
N THR A 1503 38.86 -16.27 -50.25
CA THR A 1503 39.01 -16.90 -48.98
C THR A 1503 40.15 -16.27 -48.24
N LYS A 1504 41.24 -15.95 -48.96
CA LYS A 1504 42.40 -15.42 -48.31
C LYS A 1504 42.04 -14.12 -47.65
N THR A 1505 41.25 -13.27 -48.33
CA THR A 1505 40.86 -12.01 -47.78
C THR A 1505 40.03 -12.29 -46.56
N HIS A 1506 39.18 -13.32 -46.67
CA HIS A 1506 38.21 -13.77 -45.71
C HIS A 1506 38.82 -14.44 -44.52
N ALA A 1507 40.15 -14.68 -44.53
CA ALA A 1507 40.77 -15.52 -43.52
C ALA A 1507 40.41 -15.09 -42.13
N THR A 1508 40.39 -13.79 -41.81
CA THR A 1508 40.02 -13.48 -40.46
C THR A 1508 38.58 -13.88 -40.30
N PRO A 1509 38.31 -14.54 -39.20
CA PRO A 1509 36.97 -15.01 -38.96
C PRO A 1509 36.00 -13.89 -38.75
N HIS A 1510 36.49 -12.70 -38.36
CA HIS A 1510 35.60 -11.62 -38.08
C HIS A 1510 34.85 -11.29 -39.34
N ASP A 1511 35.57 -11.27 -40.48
CA ASP A 1511 34.99 -10.92 -41.75
C ASP A 1511 34.01 -11.97 -42.17
N GLY A 1512 34.19 -13.21 -41.67
CA GLY A 1512 33.44 -14.37 -42.06
C GLY A 1512 31.98 -14.20 -41.80
N PHE A 1513 31.60 -13.42 -40.76
CA PHE A 1513 30.22 -13.37 -40.37
C PHE A 1513 29.35 -13.02 -41.53
N GLU A 1514 29.66 -11.94 -42.27
CA GLU A 1514 28.75 -11.62 -43.33
C GLU A 1514 29.06 -12.43 -44.53
N TYR A 1515 28.32 -13.56 -44.67
CA TYR A 1515 28.54 -14.40 -45.80
C TYR A 1515 28.09 -13.66 -47.01
N GLN A 1516 26.96 -12.92 -46.86
CA GLN A 1516 26.38 -12.21 -47.95
C GLN A 1516 27.34 -11.18 -48.45
N ASN A 1517 27.53 -11.18 -49.78
CA ASN A 1517 28.32 -10.25 -50.52
C ASN A 1517 29.77 -10.52 -50.28
N SER A 1518 30.13 -11.05 -49.09
CA SER A 1518 31.51 -11.38 -48.94
C SER A 1518 31.72 -12.57 -49.80
N PHE A 1519 31.02 -13.66 -49.41
CA PHE A 1519 31.03 -14.91 -50.08
C PHE A 1519 30.22 -14.82 -51.33
N GLY A 1520 29.07 -14.12 -51.27
CA GLY A 1520 28.26 -14.03 -52.44
C GLY A 1520 27.51 -15.33 -52.60
N TYR A 1521 27.11 -15.96 -51.49
CA TYR A 1521 26.29 -17.13 -51.64
C TYR A 1521 25.17 -17.01 -50.66
N ALA A 1522 23.95 -17.41 -51.08
CA ALA A 1522 22.80 -17.26 -50.26
C ALA A 1522 22.15 -18.59 -50.13
N TYR A 1523 21.13 -18.64 -49.25
CA TYR A 1523 20.38 -19.84 -49.05
C TYR A 1523 19.00 -19.55 -49.55
N ASP A 1524 18.31 -20.57 -50.07
CA ASP A 1524 17.01 -20.36 -50.60
C ASP A 1524 16.12 -19.88 -49.50
N ASN A 1525 16.17 -20.54 -48.31
CA ASN A 1525 15.32 -20.09 -47.25
C ASN A 1525 16.08 -20.26 -45.98
N LEU A 1526 15.88 -19.33 -45.02
CA LEU A 1526 16.52 -19.50 -43.75
C LEU A 1526 15.45 -19.83 -42.77
N GLU A 1527 15.16 -21.13 -42.59
CA GLU A 1527 14.16 -21.53 -41.65
C GLU A 1527 14.61 -22.82 -41.07
N LEU A 1528 14.15 -23.12 -39.85
CA LEU A 1528 14.48 -24.38 -39.29
C LEU A 1528 13.22 -25.15 -39.13
N ASN A 1529 13.18 -26.37 -39.70
CA ASN A 1529 12.00 -27.20 -39.60
C ASN A 1529 10.81 -26.44 -40.05
N HIS A 1530 10.92 -25.72 -41.18
CA HIS A 1530 9.79 -25.02 -41.71
C HIS A 1530 9.22 -24.13 -40.66
N TYR A 1531 10.08 -23.45 -39.89
CA TYR A 1531 9.58 -22.52 -38.92
C TYR A 1531 10.13 -21.20 -39.34
N SER A 1532 9.26 -20.17 -39.37
CA SER A 1532 9.72 -18.87 -39.77
C SER A 1532 10.59 -18.37 -38.68
N ILE A 1533 11.45 -17.38 -38.99
CA ILE A 1533 12.37 -16.89 -38.01
C ILE A 1533 11.58 -16.37 -36.86
N PRO A 1534 10.55 -15.60 -37.10
CA PRO A 1534 9.79 -15.13 -35.99
C PRO A 1534 9.11 -16.29 -35.33
N GLN A 1535 8.84 -17.36 -36.08
CA GLN A 1535 8.20 -18.51 -35.51
C GLN A 1535 9.16 -19.17 -34.58
N LEU A 1536 10.46 -19.25 -34.96
CA LEU A 1536 11.40 -19.91 -34.10
C LEU A 1536 11.49 -19.14 -32.82
N ASP A 1537 11.48 -17.80 -32.91
CA ASP A 1537 11.67 -17.01 -31.72
C ASP A 1537 10.58 -17.34 -30.75
N HIS A 1538 9.32 -17.42 -31.26
CA HIS A 1538 8.22 -17.69 -30.39
C HIS A 1538 8.39 -19.05 -29.80
N MET A 1539 8.86 -20.01 -30.62
CA MET A 1539 9.02 -21.37 -30.20
C MET A 1539 10.01 -21.42 -29.08
N LEU A 1540 11.10 -20.64 -29.18
CA LEU A 1540 12.15 -20.67 -28.21
C LEU A 1540 11.60 -20.27 -26.88
N GLN A 1541 10.73 -19.24 -26.86
CA GLN A 1541 10.25 -18.69 -25.64
C GLN A 1541 9.50 -19.74 -24.87
N GLU A 1542 8.71 -20.56 -25.58
CA GLU A 1542 7.87 -21.52 -24.94
C GLU A 1542 8.70 -22.48 -24.16
N ARG A 1543 9.86 -22.88 -24.72
CA ARG A 1543 10.75 -23.81 -24.10
C ARG A 1543 11.23 -23.23 -22.82
N LYS A 1544 11.45 -21.91 -22.81
CA LYS A 1544 11.93 -21.16 -21.69
C LYS A 1544 10.95 -21.25 -20.57
N ARG A 1545 9.66 -21.45 -20.89
CA ARG A 1545 8.61 -21.38 -19.92
C ARG A 1545 8.87 -22.31 -18.77
N HIS A 1546 9.24 -23.57 -19.03
CA HIS A 1546 9.42 -24.49 -17.94
C HIS A 1546 10.80 -24.39 -17.37
N ASP A 1547 10.94 -24.79 -16.09
CA ASP A 1547 12.23 -24.81 -15.46
C ASP A 1547 12.98 -25.91 -16.10
N ARG A 1548 14.32 -25.82 -16.09
CA ARG A 1548 15.07 -26.84 -16.78
C ARG A 1548 16.26 -27.17 -15.94
N VAL A 1549 16.72 -28.43 -16.04
CA VAL A 1549 17.91 -28.84 -15.37
C VAL A 1549 18.79 -29.41 -16.42
N PHE A 1550 20.10 -29.09 -16.38
CA PHE A 1550 20.96 -29.54 -17.43
C PHE A 1550 22.15 -30.19 -16.81
N ALA A 1551 22.87 -30.97 -17.63
CA ALA A 1551 24.10 -31.56 -17.20
C ALA A 1551 25.14 -30.86 -18.02
N GLY A 1552 26.27 -30.51 -17.40
CA GLY A 1552 27.26 -29.79 -18.15
C GLY A 1552 28.44 -30.69 -18.30
N PHE A 1553 29.06 -30.67 -19.49
CA PHE A 1553 30.20 -31.51 -19.69
C PHE A 1553 31.35 -30.63 -20.00
N LEU A 1554 32.50 -30.91 -19.35
CA LEU A 1554 33.67 -30.16 -19.69
C LEU A 1554 34.34 -31.01 -20.72
N LEU A 1555 34.43 -30.49 -21.95
CA LEU A 1555 34.99 -31.33 -22.97
C LEU A 1555 36.42 -30.96 -23.15
N HIS A 1556 37.31 -31.89 -22.76
CA HIS A 1556 38.70 -31.74 -23.06
C HIS A 1556 38.88 -32.81 -24.08
N ASN A 1557 38.23 -32.64 -25.24
CA ASN A 1557 38.26 -33.68 -26.21
C ASN A 1557 39.67 -33.92 -26.61
N ILE A 1558 40.15 -35.15 -26.41
CA ILE A 1558 41.48 -35.50 -26.79
C ILE A 1558 41.40 -36.91 -27.32
N GLY A 1559 42.27 -37.25 -28.28
CA GLY A 1559 42.26 -38.59 -28.81
C GLY A 1559 41.35 -38.64 -29.98
N THR A 1560 41.00 -39.88 -30.39
CA THR A 1560 40.18 -40.13 -31.54
C THR A 1560 38.79 -39.78 -31.17
N SER A 1561 37.89 -39.73 -32.17
CA SER A 1561 36.52 -39.40 -31.90
C SER A 1561 35.96 -40.47 -31.04
N ALA A 1562 34.95 -40.11 -30.24
CA ALA A 1562 34.35 -41.09 -29.37
C ALA A 1562 32.95 -40.66 -29.12
N ASP A 1563 32.11 -41.62 -28.70
CA ASP A 1563 30.74 -41.35 -28.39
C ASP A 1563 30.62 -41.47 -26.92
N GLY A 1564 29.75 -40.65 -26.31
CA GLY A 1564 29.59 -40.75 -24.89
C GLY A 1564 28.14 -40.87 -24.60
N HIS A 1565 27.79 -41.75 -23.65
CA HIS A 1565 26.42 -41.93 -23.26
C HIS A 1565 26.39 -41.73 -21.78
N VAL A 1566 25.28 -41.16 -21.26
CA VAL A 1566 25.24 -40.93 -19.85
C VAL A 1566 23.80 -40.94 -19.44
N PHE A 1567 23.52 -41.33 -18.17
CA PHE A 1567 22.21 -41.15 -17.62
C PHE A 1567 22.38 -40.96 -16.14
N VAL A 1568 21.36 -40.43 -15.46
CA VAL A 1568 21.46 -40.15 -14.05
C VAL A 1568 20.91 -41.27 -13.29
N CYS A 1569 21.69 -42.08 -12.53
CA CYS A 1569 21.11 -43.15 -11.80
C CYS A 1569 20.66 -42.65 -10.44
N LEU A 1570 19.53 -43.24 -10.00
CA LEU A 1570 18.86 -42.91 -8.78
C LEU A 1570 19.26 -43.93 -7.75
N PRO A 1571 19.38 -43.51 -6.52
CA PRO A 1571 19.86 -44.40 -5.48
C PRO A 1571 18.98 -45.56 -5.08
N THR A 1572 17.68 -45.53 -5.43
CA THR A 1572 16.76 -46.56 -5.02
C THR A 1572 16.09 -47.13 -6.22
N GLY A 1573 15.59 -48.37 -6.05
CA GLY A 1573 14.80 -49.08 -7.00
C GLY A 1573 13.40 -49.01 -6.47
N GLU A 1574 12.82 -50.19 -6.13
CA GLU A 1574 11.49 -50.19 -5.59
C GLU A 1574 10.52 -49.77 -6.65
N HIS A 1575 9.73 -48.72 -6.30
CA HIS A 1575 8.72 -48.02 -7.06
C HIS A 1575 9.32 -47.18 -8.18
N THR A 1576 10.49 -46.56 -7.92
CA THR A 1576 11.27 -45.69 -8.75
C THR A 1576 12.02 -46.45 -9.77
N LYS A 1577 12.14 -45.83 -10.96
CA LYS A 1577 12.74 -46.48 -12.08
C LYS A 1577 14.17 -46.64 -11.77
N ASP A 1578 14.77 -47.68 -12.37
CA ASP A 1578 16.15 -47.99 -12.28
C ASP A 1578 16.84 -47.04 -13.21
N CYS A 1579 18.16 -47.15 -13.33
CA CYS A 1579 18.91 -46.30 -14.20
C CYS A 1579 18.33 -46.34 -15.60
N SER A 1580 17.95 -45.15 -16.12
CA SER A 1580 17.22 -45.00 -17.32
C SER A 1580 18.20 -45.36 -18.37
N HIS A 1581 19.46 -45.00 -18.11
CA HIS A 1581 20.58 -45.26 -18.95
C HIS A 1581 20.45 -44.46 -20.21
N GLU A 1582 19.56 -43.45 -20.26
CA GLU A 1582 19.52 -42.76 -21.52
C GLU A 1582 19.35 -41.31 -21.26
N ALA A 1583 20.36 -40.63 -20.69
CA ALA A 1583 20.17 -39.23 -20.46
C ALA A 1583 20.14 -38.59 -21.81
N GLY A 1584 21.07 -39.03 -22.66
CA GLY A 1584 21.21 -38.51 -23.98
C GLY A 1584 22.62 -38.78 -24.36
N MET A 1585 22.98 -38.61 -25.65
CA MET A 1585 24.35 -38.87 -25.94
C MET A 1585 24.82 -37.77 -26.84
N PHE A 1586 26.13 -37.52 -26.80
CA PHE A 1586 26.72 -36.56 -27.68
C PHE A 1586 27.96 -37.20 -28.17
N SER A 1587 28.47 -36.76 -29.33
CA SER A 1587 29.66 -37.39 -29.82
C SER A 1587 30.66 -36.31 -30.04
N ILE A 1588 31.94 -36.69 -30.15
CA ILE A 1588 32.95 -35.70 -30.41
C ILE A 1588 33.77 -36.22 -31.55
N LEU A 1589 34.10 -35.34 -32.51
CA LEU A 1589 34.87 -35.74 -33.64
C LEU A 1589 36.29 -35.39 -33.33
N GLY A 1590 37.24 -36.29 -33.65
CA GLY A 1590 38.61 -35.97 -33.35
C GLY A 1590 39.49 -36.99 -34.00
N GLY A 1591 40.81 -36.71 -33.95
CA GLY A 1591 41.79 -37.59 -34.52
C GLY A 1591 43.05 -37.34 -33.78
N GLN A 1592 44.08 -38.16 -34.03
CA GLN A 1592 45.34 -37.98 -33.35
C GLN A 1592 45.94 -36.69 -33.81
N THR A 1593 45.73 -36.36 -35.09
CA THR A 1593 46.31 -35.21 -35.73
C THR A 1593 45.83 -33.95 -35.08
N GLU A 1594 44.57 -33.93 -34.61
CA GLU A 1594 44.00 -32.70 -34.13
C GLU A 1594 44.84 -32.06 -33.09
N MET A 1595 44.83 -30.71 -33.10
CA MET A 1595 45.55 -29.93 -32.14
C MET A 1595 44.72 -29.97 -30.90
N SER A 1596 45.37 -29.87 -29.73
CA SER A 1596 44.63 -29.98 -28.52
C SER A 1596 43.71 -28.81 -28.39
N PHE A 1597 42.49 -29.07 -27.90
CA PHE A 1597 41.56 -28.00 -27.70
C PHE A 1597 40.72 -28.34 -26.51
N VAL A 1598 40.30 -27.31 -25.76
CA VAL A 1598 39.46 -27.52 -24.62
C VAL A 1598 38.41 -26.47 -24.69
N PHE A 1599 37.17 -26.81 -24.31
CA PHE A 1599 36.13 -25.83 -24.38
C PHE A 1599 36.29 -24.89 -23.24
N ASP A 1600 36.06 -23.59 -23.51
CA ASP A 1600 36.15 -22.58 -22.51
C ASP A 1600 35.04 -22.79 -21.52
N ARG A 1601 33.85 -23.18 -22.03
CA ARG A 1601 32.72 -23.34 -21.16
C ARG A 1601 32.20 -24.73 -21.25
N LEU A 1602 31.19 -25.03 -20.41
CA LEU A 1602 30.58 -26.33 -20.34
C LEU A 1602 29.65 -26.49 -21.49
N TYR A 1603 29.36 -27.77 -21.82
CA TYR A 1603 28.46 -28.15 -22.85
C TYR A 1603 27.23 -28.60 -22.13
N LYS A 1604 26.10 -27.91 -22.37
CA LYS A 1604 24.91 -28.17 -21.62
C LYS A 1604 24.00 -29.06 -22.40
N LEU A 1605 23.39 -30.04 -21.71
CA LEU A 1605 22.44 -30.92 -22.31
C LEU A 1605 21.25 -30.90 -21.38
N ASP A 1606 20.03 -30.92 -21.94
CA ASP A 1606 18.85 -30.81 -21.12
C ASP A 1606 18.38 -32.17 -20.71
N ILE A 1607 18.62 -32.48 -19.42
CA ILE A 1607 18.23 -33.67 -18.69
C ILE A 1607 16.77 -33.66 -18.32
N THR A 1608 16.14 -32.47 -18.25
CA THR A 1608 14.87 -32.25 -17.59
C THR A 1608 13.85 -33.29 -17.93
N LYS A 1609 13.65 -33.63 -19.21
CA LYS A 1609 12.59 -34.52 -19.53
C LYS A 1609 12.80 -35.84 -18.84
N ALA A 1610 14.02 -36.39 -18.94
CA ALA A 1610 14.29 -37.67 -18.38
C ALA A 1610 14.12 -37.62 -16.89
N LEU A 1611 14.62 -36.55 -16.25
CA LEU A 1611 14.54 -36.52 -14.82
C LEU A 1611 13.12 -36.53 -14.41
N LYS A 1612 12.27 -35.75 -15.09
CA LYS A 1612 10.91 -35.68 -14.67
C LYS A 1612 10.30 -37.05 -14.84
N LYS A 1613 10.64 -37.73 -15.94
CA LYS A 1613 10.05 -39.02 -16.19
C LYS A 1613 10.34 -39.92 -15.04
N ASN A 1614 11.62 -39.94 -14.60
CA ASN A 1614 11.98 -40.82 -13.51
C ASN A 1614 11.29 -40.32 -12.28
N GLY A 1615 10.87 -39.04 -12.28
CA GLY A 1615 10.10 -38.55 -11.18
C GLY A 1615 11.00 -37.87 -10.19
N VAL A 1616 12.28 -37.67 -10.55
CA VAL A 1616 13.15 -37.00 -9.64
C VAL A 1616 13.00 -35.53 -9.82
N HIS A 1617 13.28 -34.80 -8.74
CA HIS A 1617 13.27 -33.37 -8.78
C HIS A 1617 14.70 -32.97 -8.89
N LEU A 1618 14.94 -31.65 -9.05
CA LEU A 1618 16.28 -31.16 -9.17
C LEU A 1618 17.02 -31.47 -7.91
N GLN A 1619 16.34 -31.31 -6.78
CA GLN A 1619 16.90 -31.48 -5.46
C GLN A 1619 17.33 -32.89 -5.25
N GLY A 1620 16.56 -33.87 -5.78
CA GLY A 1620 16.81 -35.26 -5.48
C GLY A 1620 18.22 -35.61 -5.75
N ASP A 1621 18.79 -36.43 -4.84
CA ASP A 1621 20.14 -36.87 -4.96
C ASP A 1621 20.17 -37.91 -6.02
N PHE A 1622 21.07 -37.72 -7.01
CA PHE A 1622 21.21 -38.69 -8.06
C PHE A 1622 22.62 -38.61 -8.54
N ASP A 1623 23.11 -39.71 -9.14
CA ASP A 1623 24.45 -39.67 -9.65
C ASP A 1623 24.37 -39.70 -11.14
N LEU A 1624 25.43 -39.27 -11.83
CA LEU A 1624 25.42 -39.31 -13.26
C LEU A 1624 26.43 -40.34 -13.64
N GLU A 1625 26.06 -41.27 -14.54
CA GLU A 1625 27.04 -42.23 -14.95
C GLU A 1625 27.33 -41.98 -16.39
N ILE A 1626 28.61 -41.98 -16.76
CA ILE A 1626 28.95 -41.70 -18.12
C ILE A 1626 29.77 -42.82 -18.65
N GLU A 1627 29.58 -43.15 -19.94
CA GLU A 1627 30.38 -44.16 -20.56
C GLU A 1627 30.93 -43.56 -21.80
N ILE A 1628 32.24 -43.71 -22.03
CA ILE A 1628 32.78 -43.16 -23.23
C ILE A 1628 33.28 -44.31 -24.04
N THR A 1629 32.88 -44.34 -25.33
CA THR A 1629 33.32 -45.42 -26.16
C THR A 1629 33.93 -44.81 -27.38
N ALA A 1630 35.00 -45.45 -27.88
CA ALA A 1630 35.64 -44.99 -29.07
C ALA A 1630 34.85 -45.53 -30.21
N VAL A 1631 35.11 -45.00 -31.42
CA VAL A 1631 34.45 -45.48 -32.59
C VAL A 1631 34.86 -46.92 -32.70
N ASN A 1632 36.11 -47.19 -32.29
CA ASN A 1632 36.69 -48.51 -32.32
C ASN A 1632 35.87 -49.40 -31.47
N GLY A 1633 35.33 -48.90 -30.34
CA GLY A 1633 34.55 -49.76 -29.49
C GLY A 1633 35.38 -50.07 -28.28
N SER A 1634 36.59 -49.49 -28.20
CA SER A 1634 37.41 -49.66 -27.04
C SER A 1634 36.85 -48.75 -26.00
N HIS A 1635 36.82 -49.22 -24.73
CA HIS A 1635 36.31 -48.37 -23.68
C HIS A 1635 37.38 -47.40 -23.32
N LEU A 1636 36.98 -46.17 -22.95
CA LEU A 1636 37.95 -45.18 -22.59
C LEU A 1636 37.84 -44.97 -21.12
N ASP A 1637 38.97 -44.73 -20.44
CA ASP A 1637 38.95 -44.54 -19.02
C ASP A 1637 38.19 -43.27 -18.74
N SER A 1638 37.08 -43.40 -18.00
CA SER A 1638 36.25 -42.29 -17.63
C SER A 1638 36.87 -41.55 -16.49
N HIS A 1639 37.81 -42.18 -15.76
CA HIS A 1639 38.33 -41.57 -14.58
C HIS A 1639 38.98 -40.26 -14.90
N VAL A 1640 39.73 -40.19 -16.01
CA VAL A 1640 40.43 -38.98 -16.33
C VAL A 1640 39.45 -37.86 -16.51
N ILE A 1641 38.33 -38.12 -17.21
CA ILE A 1641 37.41 -37.06 -17.50
C ILE A 1641 36.74 -36.61 -16.25
N HIS A 1642 36.60 -35.27 -16.11
CA HIS A 1642 35.97 -34.67 -14.96
C HIS A 1642 34.51 -34.99 -15.02
N SER A 1643 33.89 -35.10 -13.83
CA SER A 1643 32.49 -35.44 -13.77
C SER A 1643 31.69 -34.25 -14.21
N PRO A 1644 30.56 -34.54 -14.77
CA PRO A 1644 29.70 -33.48 -15.23
C PRO A 1644 29.01 -32.81 -14.09
N THR A 1645 28.63 -31.53 -14.27
CA THR A 1645 27.92 -30.86 -13.23
C THR A 1645 26.48 -30.84 -13.59
N ILE A 1646 25.63 -30.56 -12.57
CA ILE A 1646 24.22 -30.45 -12.82
C ILE A 1646 23.85 -29.03 -12.57
N LEU A 1647 23.25 -28.39 -13.59
CA LEU A 1647 22.83 -27.03 -13.42
C LEU A 1647 21.35 -26.97 -13.45
N PHE A 1648 20.78 -26.05 -12.66
CA PHE A 1648 19.36 -25.87 -12.67
C PHE A 1648 19.14 -24.51 -13.26
N GLU A 1649 18.25 -24.41 -14.27
CA GLU A 1649 18.04 -23.11 -14.80
C GLU A 1649 16.58 -22.80 -14.74
N ALA A 1650 16.28 -21.56 -14.31
CA ALA A 1650 14.93 -21.12 -14.17
C ALA A 1650 14.84 -19.80 -14.85
N GLY A 1651 13.60 -19.29 -14.99
CA GLY A 1651 13.41 -18.02 -15.62
C GLY A 1651 13.51 -16.98 -14.55
N THR A 1652 13.03 -15.75 -14.85
CA THR A 1652 13.13 -14.69 -13.89
C THR A 1652 12.37 -15.11 -12.68
N ASP A 1653 11.11 -15.53 -12.85
CA ASP A 1653 10.39 -15.95 -11.68
C ASP A 1653 11.11 -17.13 -11.15
N SER A 1654 11.56 -16.96 -9.90
CA SER A 1654 12.25 -17.96 -9.14
C SER A 1654 11.34 -18.22 -7.99
N ALA A 1655 11.65 -19.26 -7.18
CA ALA A 1655 10.88 -19.63 -6.03
C ALA A 1655 11.36 -18.88 -4.82
N HIS A 1656 10.46 -18.79 -3.81
CA HIS A 1656 10.71 -18.18 -2.55
C HIS A 1656 11.09 -19.31 -1.65
N THR A 1657 11.75 -19.01 -0.52
CA THR A 1657 12.18 -20.03 0.39
C THR A 1657 11.15 -20.27 1.46
N ASP A 1658 11.10 -21.54 1.93
CA ASP A 1658 10.33 -21.99 3.06
C ASP A 1658 11.00 -21.51 4.33
N ASP A 1659 12.30 -21.84 4.50
CA ASP A 1659 13.06 -21.50 5.68
C ASP A 1659 13.72 -20.19 5.44
N GLY A 1660 13.62 -19.27 6.43
CA GLY A 1660 14.19 -17.97 6.27
C GLY A 1660 13.12 -17.11 5.71
N HIS A 1661 13.41 -15.81 5.60
CA HIS A 1661 12.44 -14.87 5.10
C HIS A 1661 13.18 -13.83 4.31
N THR A 1662 12.93 -13.82 2.97
CA THR A 1662 13.56 -12.94 2.00
C THR A 1662 13.22 -11.48 2.20
N GLU A 1663 11.93 -11.13 2.41
CA GLU A 1663 11.50 -9.76 2.54
C GLU A 1663 11.63 -9.28 3.96
N PRO A 1664 12.03 -8.02 4.07
CA PRO A 1664 12.13 -7.40 5.38
C PRO A 1664 10.86 -6.70 5.68
N VAL B 1 18.78 -16.07 18.74
CA VAL B 1 19.43 -14.88 18.15
C VAL B 1 20.73 -14.57 18.82
N MET B 2 21.77 -15.37 18.53
CA MET B 2 23.07 -15.03 19.05
C MET B 2 23.53 -13.96 18.13
N ILE B 3 24.19 -12.90 18.64
CA ILE B 3 24.47 -11.83 17.71
C ILE B 3 25.93 -11.77 17.43
N ARG B 4 26.26 -11.59 16.13
CA ARG B 4 27.63 -11.44 15.74
C ARG B 4 27.80 -9.99 15.40
N LYS B 5 28.82 -9.35 15.99
CA LYS B 5 29.00 -7.94 15.81
C LYS B 5 30.39 -7.70 15.33
N ASP B 6 30.68 -6.43 15.01
CA ASP B 6 32.00 -6.08 14.57
C ASP B 6 32.87 -6.29 15.76
N ILE B 7 34.12 -6.73 15.52
CA ILE B 7 34.99 -7.03 16.61
C ILE B 7 35.24 -5.77 17.37
N THR B 8 35.34 -4.62 16.67
CA THR B 8 35.61 -3.37 17.31
C THR B 8 34.51 -3.00 18.27
N GLN B 9 33.24 -3.23 17.90
CA GLN B 9 32.10 -2.80 18.66
C GLN B 9 32.09 -3.45 20.00
N LEU B 10 32.60 -4.69 20.07
CA LEU B 10 32.49 -5.55 21.21
C LEU B 10 32.86 -4.86 22.49
N ASP B 11 32.13 -5.25 23.57
CA ASP B 11 32.30 -4.72 24.89
C ASP B 11 33.46 -5.42 25.54
N LYS B 12 33.98 -4.83 26.63
CA LYS B 12 35.06 -5.44 27.33
C LYS B 12 34.57 -6.74 27.86
N ARG B 13 33.32 -6.74 28.39
CA ARG B 13 32.79 -7.96 28.89
C ARG B 13 32.66 -8.91 27.75
N GLN B 14 32.20 -8.42 26.59
CA GLN B 14 32.02 -9.31 25.48
C GLN B 14 33.34 -9.90 25.15
N GLN B 15 34.39 -9.05 25.13
CA GLN B 15 35.72 -9.46 24.77
C GLN B 15 36.17 -10.48 25.78
N LEU B 16 35.85 -10.21 27.05
CA LEU B 16 36.27 -10.98 28.18
C LEU B 16 35.83 -12.38 27.95
N SER B 17 34.56 -12.54 27.55
CA SER B 17 34.06 -13.86 27.40
C SER B 17 34.81 -14.57 26.32
N LEU B 18 35.01 -13.90 25.18
CA LEU B 18 35.64 -14.57 24.08
C LEU B 18 37.03 -14.98 24.44
N VAL B 19 37.77 -14.10 25.12
CA VAL B 19 39.12 -14.49 25.42
C VAL B 19 39.13 -15.68 26.33
N LYS B 20 38.31 -15.68 27.38
CA LYS B 20 38.31 -16.77 28.29
C LYS B 20 37.83 -18.01 27.60
N ALA B 21 36.76 -17.87 26.80
CA ALA B 21 36.15 -19.02 26.20
C ALA B 21 37.11 -19.71 25.29
N LEU B 22 37.82 -18.94 24.44
CA LEU B 22 38.72 -19.54 23.51
C LEU B 22 39.83 -20.19 24.25
N GLU B 23 40.31 -19.55 25.33
CA GLU B 23 41.41 -20.09 26.04
C GLU B 23 40.99 -21.40 26.62
N SER B 24 39.77 -21.47 27.17
CA SER B 24 39.29 -22.70 27.72
C SER B 24 39.13 -23.68 26.60
N MET B 25 38.71 -23.21 25.42
CA MET B 25 38.49 -24.07 24.30
C MET B 25 39.79 -24.70 23.94
N LYS B 26 40.88 -23.93 24.03
CA LYS B 26 42.17 -24.42 23.67
C LYS B 26 42.48 -25.63 24.51
N ALA B 27 42.19 -25.53 25.81
CA ALA B 27 42.46 -26.55 26.79
C ALA B 27 41.64 -27.77 26.52
N ASP B 28 40.38 -27.58 26.04
CA ASP B 28 39.41 -28.63 25.90
C ASP B 28 40.02 -29.84 25.24
N HIS B 29 40.05 -30.92 26.04
CA HIS B 29 40.57 -32.23 25.73
C HIS B 29 39.67 -32.88 24.72
N SER B 30 38.39 -32.50 24.73
CA SER B 30 37.36 -33.12 23.94
C SER B 30 37.60 -32.95 22.47
N SER B 31 36.90 -33.79 21.67
CA SER B 31 36.97 -33.78 20.25
C SER B 31 36.40 -32.48 19.79
N ASP B 32 35.49 -31.93 20.62
CA ASP B 32 34.86 -30.66 20.38
C ASP B 32 35.93 -29.61 20.54
N GLY B 33 37.02 -29.96 21.25
CA GLY B 33 38.08 -29.05 21.59
C GLY B 33 38.63 -28.39 20.35
N PHE B 34 39.32 -27.24 20.57
CA PHE B 34 39.84 -26.36 19.57
C PHE B 34 40.81 -27.04 18.67
N GLN B 35 41.77 -27.78 19.25
CA GLN B 35 42.77 -28.39 18.41
C GLN B 35 42.08 -29.31 17.46
N ALA B 36 41.10 -30.07 17.97
CA ALA B 36 40.36 -31.00 17.17
C ALA B 36 39.57 -30.27 16.12
N ILE B 37 38.98 -29.12 16.50
CA ILE B 37 38.13 -28.38 15.59
C ILE B 37 38.97 -27.91 14.44
N ALA B 38 40.21 -27.47 14.74
CA ALA B 38 41.06 -26.91 13.73
C ALA B 38 41.30 -27.92 12.66
N SER B 39 41.46 -29.20 13.05
CA SER B 39 41.80 -30.23 12.12
C SER B 39 40.75 -30.36 11.06
N PHE B 40 39.53 -29.84 11.30
CA PHE B 40 38.48 -29.97 10.33
C PHE B 40 38.86 -29.32 9.03
N HIS B 41 39.37 -28.09 9.08
CA HIS B 41 39.68 -27.32 7.90
C HIS B 41 40.82 -27.88 7.10
N ALA B 42 41.88 -28.38 7.77
CA ALA B 42 43.06 -28.79 7.07
C ALA B 42 43.72 -29.87 7.86
N LEU B 43 45.06 -29.89 7.87
CA LEU B 43 45.79 -30.90 8.57
C LEU B 43 45.56 -30.78 10.05
N PRO B 44 45.51 -31.93 10.67
CA PRO B 44 45.65 -33.18 9.97
C PRO B 44 44.40 -33.43 9.18
N PRO B 45 44.51 -34.02 8.02
CA PRO B 45 43.35 -34.27 7.22
C PRO B 45 42.47 -35.37 7.75
N LEU B 46 41.20 -35.06 7.97
CA LEU B 46 40.12 -35.92 8.39
C LEU B 46 39.21 -36.45 7.31
N CYS B 47 39.24 -35.84 6.10
CA CYS B 47 38.18 -36.04 5.13
C CYS B 47 37.85 -37.42 4.70
N PRO B 48 38.73 -38.24 4.18
CA PRO B 48 38.29 -39.50 3.67
C PRO B 48 37.71 -40.31 4.77
N SER B 49 38.33 -40.23 5.95
CA SER B 49 37.91 -40.88 7.14
C SER B 49 38.90 -40.39 8.14
N PRO B 50 38.56 -40.46 9.40
CA PRO B 50 39.50 -39.99 10.37
C PRO B 50 40.73 -40.83 10.31
N ALA B 51 40.60 -42.14 10.05
CA ALA B 51 41.78 -42.93 9.91
C ALA B 51 41.71 -43.56 8.57
N ALA B 52 42.49 -43.03 7.61
CA ALA B 52 42.53 -43.55 6.29
C ALA B 52 43.93 -43.30 5.82
N SER B 53 44.45 -44.17 4.93
CA SER B 53 45.81 -44.02 4.50
C SER B 53 45.95 -42.69 3.86
N LYS B 54 45.27 -42.50 2.72
CA LYS B 54 45.41 -41.22 2.09
C LYS B 54 44.35 -40.36 2.63
N ARG B 55 44.75 -39.16 3.08
CA ARG B 55 43.78 -38.25 3.60
C ARG B 55 43.88 -36.99 2.80
N PHE B 56 42.74 -36.33 2.63
CA PHE B 56 42.67 -35.11 1.90
C PHE B 56 42.18 -34.09 2.88
N ALA B 57 42.42 -32.79 2.60
CA ALA B 57 42.07 -31.72 3.52
C ALA B 57 40.65 -31.29 3.29
N CYS B 58 39.95 -30.85 4.38
CA CYS B 58 38.57 -30.57 4.15
C CYS B 58 38.34 -29.22 3.66
N CYS B 59 38.42 -29.17 2.34
CA CYS B 59 38.21 -27.95 1.70
C CYS B 59 37.30 -28.23 0.57
N VAL B 60 36.09 -27.64 0.64
CA VAL B 60 35.14 -27.71 -0.42
C VAL B 60 35.30 -26.37 -1.08
N HIS B 61 36.60 -26.01 -1.25
CA HIS B 61 37.14 -24.80 -1.78
C HIS B 61 37.06 -24.96 -3.25
N GLY B 62 36.81 -23.85 -3.96
CA GLY B 62 36.76 -23.92 -5.39
C GLY B 62 35.48 -24.57 -5.79
N MET B 63 34.48 -24.58 -4.87
CA MET B 63 33.21 -25.19 -5.19
C MET B 63 32.12 -24.28 -4.70
N ALA B 64 30.90 -24.50 -5.21
CA ALA B 64 29.73 -23.73 -4.89
C ALA B 64 29.39 -23.93 -3.44
N THR B 65 29.62 -25.15 -2.94
CA THR B 65 29.31 -25.60 -1.61
C THR B 65 30.15 -24.83 -0.62
N PHE B 66 31.22 -24.19 -1.11
CA PHE B 66 32.22 -23.54 -0.31
C PHE B 66 31.65 -22.63 0.73
N PRO B 67 30.79 -21.70 0.45
CA PRO B 67 30.36 -20.84 1.54
C PRO B 67 29.61 -21.59 2.58
N GLN B 68 28.84 -22.62 2.19
CA GLN B 68 28.06 -23.35 3.15
C GLN B 68 28.98 -24.06 4.09
N TRP B 69 30.06 -24.69 3.57
CA TRP B 69 30.91 -25.46 4.41
C TRP B 69 31.50 -24.57 5.45
N HIS B 70 32.04 -23.42 5.01
CA HIS B 70 32.68 -22.49 5.91
C HIS B 70 31.65 -21.93 6.85
N ARG B 71 30.40 -21.73 6.37
CA ARG B 71 29.43 -21.18 7.27
C ARG B 71 29.26 -22.12 8.42
N LEU B 72 29.18 -23.45 8.17
CA LEU B 72 29.03 -24.39 9.24
C LEU B 72 30.26 -24.34 10.09
N TYR B 73 31.43 -24.11 9.48
CA TYR B 73 32.65 -24.16 10.22
C TYR B 73 32.59 -23.11 11.29
N THR B 74 32.14 -21.89 10.95
CA THR B 74 32.12 -20.83 11.92
C THR B 74 31.24 -21.19 13.06
N VAL B 75 30.04 -21.72 12.76
CA VAL B 75 29.10 -22.02 13.82
C VAL B 75 29.69 -23.08 14.69
N GLN B 76 30.46 -24.01 14.10
CA GLN B 76 31.04 -25.05 14.90
C GLN B 76 31.85 -24.40 15.96
N PHE B 77 32.63 -23.37 15.59
CA PHE B 77 33.42 -22.69 16.57
C PHE B 77 32.53 -21.95 17.52
N GLN B 78 31.47 -21.32 16.99
CA GLN B 78 30.61 -20.51 17.80
C GLN B 78 29.97 -21.36 18.86
N ASP B 79 29.48 -22.55 18.48
CA ASP B 79 28.82 -23.39 19.42
C ASP B 79 29.82 -23.79 20.46
N SER B 80 31.07 -24.02 20.03
CA SER B 80 32.09 -24.44 20.94
C SER B 80 32.31 -23.38 21.97
N LEU B 81 32.39 -22.11 21.53
CA LEU B 81 32.70 -21.05 22.45
C LEU B 81 31.61 -20.96 23.47
N ARG B 82 30.36 -21.16 23.03
CA ARG B 82 29.21 -21.10 23.89
C ARG B 82 29.36 -22.14 24.93
N LYS B 83 29.88 -23.32 24.57
CA LYS B 83 30.05 -24.33 25.57
C LYS B 83 30.98 -23.76 26.59
N HIS B 84 31.95 -22.99 26.12
CA HIS B 84 32.94 -22.34 26.93
C HIS B 84 32.31 -21.23 27.71
N GLY B 85 31.11 -20.77 27.30
CA GLY B 85 30.50 -19.69 28.03
C GLY B 85 30.63 -18.45 27.21
N ALA B 86 30.82 -18.61 25.90
CA ALA B 86 30.88 -17.45 25.06
C ALA B 86 29.54 -16.80 25.14
N VAL B 87 29.55 -15.51 25.51
CA VAL B 87 28.36 -14.75 25.66
C VAL B 87 27.76 -14.46 24.31
N VAL B 88 28.60 -14.18 23.29
CA VAL B 88 28.05 -13.78 22.03
C VAL B 88 28.61 -14.61 20.93
N GLY B 89 28.18 -14.29 19.70
CA GLY B 89 28.60 -14.98 18.53
C GLY B 89 29.93 -14.44 18.10
N LEU B 90 30.64 -15.21 17.24
CA LEU B 90 31.95 -14.81 16.83
C LEU B 90 31.81 -13.55 16.03
N PRO B 91 32.65 -12.62 16.38
CA PRO B 91 32.65 -11.31 15.76
C PRO B 91 33.27 -11.34 14.40
N TYR B 92 33.03 -10.29 13.59
CA TYR B 92 33.59 -10.27 12.27
C TYR B 92 34.49 -9.09 12.11
N TRP B 93 35.65 -9.32 11.44
CA TRP B 93 36.64 -8.31 11.19
C TRP B 93 36.40 -7.84 9.78
N ASP B 94 35.88 -6.62 9.64
CA ASP B 94 35.55 -6.15 8.32
C ASP B 94 36.79 -5.64 7.64
N TRP B 95 37.37 -6.46 6.75
CA TRP B 95 38.52 -6.12 5.96
C TRP B 95 38.18 -5.06 4.96
N THR B 96 36.91 -5.02 4.53
CA THR B 96 36.47 -4.16 3.47
C THR B 96 36.93 -2.76 3.75
N LEU B 97 36.76 -2.27 4.99
CA LEU B 97 37.25 -0.95 5.27
C LEU B 97 38.74 -1.03 5.40
N PRO B 98 39.42 0.05 5.11
CA PRO B 98 40.85 0.04 5.27
C PRO B 98 41.14 0.11 6.73
N ARG B 99 42.20 -0.55 7.21
CA ARG B 99 42.41 -0.48 8.63
C ARG B 99 43.83 -0.13 8.92
N SER B 100 44.06 1.05 9.50
CA SER B 100 45.39 1.49 9.80
C SER B 100 45.94 0.58 10.84
N GLU B 101 45.13 0.31 11.89
CA GLU B 101 45.57 -0.51 12.97
C GLU B 101 44.90 -1.85 12.82
N LEU B 102 45.63 -2.93 13.13
CA LEU B 102 45.02 -4.22 13.08
C LEU B 102 44.22 -4.37 14.32
N PRO B 103 43.18 -5.17 14.25
CA PRO B 103 42.28 -5.34 15.36
C PRO B 103 43.04 -5.67 16.60
N GLU B 104 42.74 -4.96 17.70
CA GLU B 104 43.42 -5.08 18.94
C GLU B 104 43.12 -6.40 19.58
N LEU B 105 41.89 -6.93 19.35
CA LEU B 105 41.53 -8.12 20.05
C LEU B 105 42.51 -9.20 19.65
N LEU B 106 42.70 -9.39 18.34
CA LEU B 106 43.57 -10.42 17.87
C LEU B 106 45.02 -10.05 18.00
N THR B 107 45.37 -8.78 17.80
CA THR B 107 46.74 -8.35 17.77
C THR B 107 47.45 -8.44 19.08
N VAL B 108 46.82 -8.07 20.22
CA VAL B 108 47.62 -7.98 21.40
C VAL B 108 48.01 -9.34 21.90
N SER B 109 49.31 -9.49 22.23
CA SER B 109 49.89 -10.72 22.71
C SER B 109 49.40 -11.01 24.09
N THR B 110 49.34 -9.98 24.96
CA THR B 110 48.96 -10.24 26.31
C THR B 110 47.65 -9.61 26.56
N ILE B 111 46.81 -10.24 27.40
CA ILE B 111 45.57 -9.58 27.69
C ILE B 111 45.53 -9.36 29.16
N HIS B 112 45.34 -8.09 29.56
CA HIS B 112 45.23 -7.83 30.96
C HIS B 112 43.83 -7.36 31.19
N ASP B 113 42.88 -8.32 31.25
CA ASP B 113 41.52 -7.98 31.50
C ASP B 113 41.47 -7.45 32.89
N PRO B 114 40.73 -6.39 33.05
CA PRO B 114 40.67 -5.79 34.34
C PRO B 114 40.00 -6.59 35.42
N GLU B 115 39.01 -7.44 35.07
CA GLU B 115 38.31 -8.10 36.15
C GLU B 115 39.25 -8.99 36.89
N THR B 116 39.94 -9.90 36.17
CA THR B 116 40.83 -10.80 36.84
C THR B 116 41.98 -10.02 37.39
N GLY B 117 42.52 -9.10 36.59
CA GLY B 117 43.64 -8.31 37.00
C GLY B 117 44.88 -9.10 36.70
N ARG B 118 44.70 -10.34 36.20
CA ARG B 118 45.82 -11.17 35.87
C ARG B 118 46.14 -10.97 34.43
N ASP B 119 47.40 -11.26 34.03
CA ASP B 119 47.77 -11.10 32.65
C ASP B 119 48.07 -12.45 32.08
N ILE B 120 47.48 -12.73 30.90
CA ILE B 120 47.66 -13.98 30.23
C ILE B 120 47.82 -13.67 28.78
N PRO B 121 48.32 -14.59 27.99
CA PRO B 121 48.44 -14.33 26.58
C PRO B 121 47.09 -14.31 25.96
N ASN B 122 46.93 -13.61 24.82
CA ASN B 122 45.63 -13.51 24.22
C ASN B 122 45.45 -14.73 23.38
N PRO B 123 44.55 -15.59 23.78
CA PRO B 123 44.32 -16.80 23.07
C PRO B 123 43.98 -16.47 21.65
N PHE B 124 43.38 -15.29 21.42
CA PHE B 124 43.03 -14.85 20.09
C PHE B 124 44.28 -14.56 19.30
N ILE B 125 45.38 -14.17 19.97
CA ILE B 125 46.57 -13.82 19.24
C ILE B 125 47.06 -14.99 18.46
N GLY B 126 47.04 -16.21 19.04
CA GLY B 126 47.55 -17.31 18.27
C GLY B 126 47.22 -18.59 18.97
N SER B 127 47.68 -19.70 18.39
CA SER B 127 47.45 -20.99 18.96
C SER B 127 48.70 -21.76 18.68
N LYS B 128 48.78 -22.99 19.20
CA LYS B 128 49.95 -23.76 18.92
C LYS B 128 49.52 -24.91 18.07
N ILE B 129 50.38 -25.35 17.15
CA ILE B 129 50.00 -26.44 16.31
C ILE B 129 50.57 -27.66 16.96
N GLU B 130 49.72 -28.42 17.66
CA GLU B 130 50.17 -29.57 18.41
C GLU B 130 50.60 -30.70 17.54
N PHE B 131 49.72 -31.18 16.63
CA PHE B 131 50.05 -32.37 15.91
C PHE B 131 51.25 -32.08 15.07
N GLU B 132 51.23 -30.94 14.35
CA GLU B 132 52.42 -30.61 13.65
C GLU B 132 53.35 -30.40 14.78
N GLY B 133 54.59 -30.83 14.61
CA GLY B 133 55.49 -30.76 15.70
C GLY B 133 55.64 -29.35 16.11
N GLU B 134 55.59 -28.44 15.13
CA GLU B 134 55.83 -27.05 15.37
C GLU B 134 54.98 -26.59 16.50
N ASN B 135 55.61 -26.50 17.68
CA ASN B 135 54.99 -26.02 18.86
C ASN B 135 55.38 -24.60 18.84
N VAL B 136 54.84 -23.91 17.84
CA VAL B 136 55.12 -22.55 17.63
C VAL B 136 53.79 -21.92 17.66
N HIS B 137 53.77 -20.59 17.91
CA HIS B 137 52.59 -19.80 17.85
C HIS B 137 52.25 -19.67 16.38
N THR B 138 50.95 -19.81 16.03
CA THR B 138 50.57 -19.74 14.65
C THR B 138 50.99 -18.39 14.18
N LYS B 139 51.98 -18.35 13.28
CA LYS B 139 52.62 -17.09 13.05
C LYS B 139 51.95 -16.37 11.94
N ARG B 140 51.77 -15.05 12.09
CA ARG B 140 51.26 -14.34 10.97
C ARG B 140 52.26 -13.29 10.70
N ASP B 141 52.67 -13.22 9.44
CA ASP B 141 53.62 -12.25 9.04
C ASP B 141 52.84 -11.39 8.10
N ILE B 142 52.19 -10.35 8.64
CA ILE B 142 51.45 -9.54 7.72
C ILE B 142 52.47 -8.63 7.17
N ASN B 143 53.25 -9.19 6.23
CA ASN B 143 54.33 -8.49 5.64
C ASN B 143 53.71 -7.33 4.97
N ARG B 144 52.56 -7.58 4.33
CA ARG B 144 51.91 -6.49 3.69
C ARG B 144 50.93 -5.92 4.67
N ASP B 145 51.36 -4.82 5.31
CA ASP B 145 50.61 -3.93 6.15
C ASP B 145 49.87 -3.06 5.20
N ARG B 146 50.26 -3.20 3.92
CA ARG B 146 49.83 -2.39 2.81
C ARG B 146 48.35 -2.43 2.74
N LEU B 147 47.72 -3.42 3.40
CA LEU B 147 46.29 -3.57 3.37
C LEU B 147 45.67 -2.26 3.77
N PHE B 148 46.22 -1.58 4.79
CA PHE B 148 45.65 -0.33 5.26
C PHE B 148 45.81 0.74 4.24
N GLN B 149 46.58 0.50 3.16
CA GLN B 149 46.71 1.51 2.15
C GLN B 149 45.54 1.46 1.25
N GLY B 150 44.44 2.08 1.69
CA GLY B 150 43.26 2.07 0.89
C GLY B 150 43.33 3.25 0.00
N SER B 151 42.19 3.51 -0.65
CA SER B 151 42.20 4.60 -1.55
C SER B 151 42.01 5.86 -0.76
N THR B 152 42.38 6.99 -1.40
CA THR B 152 42.27 8.30 -0.81
C THR B 152 40.84 8.69 -0.66
N LYS B 153 39.98 8.34 -1.63
CA LYS B 153 38.59 8.69 -1.55
C LYS B 153 38.11 8.02 -0.31
N THR B 154 38.73 6.85 -0.09
CA THR B 154 38.56 5.96 1.01
C THR B 154 37.41 5.02 0.84
N HIS B 155 36.31 5.41 0.17
CA HIS B 155 35.31 4.40 0.05
C HIS B 155 35.83 3.34 -0.85
N HIS B 156 36.23 3.73 -2.07
CA HIS B 156 36.64 2.73 -3.00
C HIS B 156 37.88 2.07 -2.48
N ASN B 157 37.78 0.74 -2.28
CA ASN B 157 38.90 -0.03 -1.85
C ASN B 157 38.93 -1.22 -2.75
N TRP B 158 40.04 -1.97 -2.75
CA TRP B 158 40.17 -3.12 -3.60
C TRP B 158 39.14 -4.10 -3.18
N PHE B 159 38.99 -4.32 -1.86
CA PHE B 159 38.04 -5.26 -1.34
C PHE B 159 36.69 -4.83 -1.81
N ILE B 160 36.37 -3.53 -1.65
CA ILE B 160 35.06 -3.07 -2.00
C ILE B 160 34.81 -3.27 -3.46
N GLU B 161 35.79 -2.96 -4.31
CA GLU B 161 35.53 -3.08 -5.71
C GLU B 161 35.23 -4.52 -5.99
N GLN B 162 36.03 -5.43 -5.42
CA GLN B 162 35.92 -6.84 -5.68
C GLN B 162 34.59 -7.32 -5.17
N ALA B 163 34.23 -6.94 -3.94
CA ALA B 163 33.03 -7.41 -3.30
C ALA B 163 31.82 -6.90 -4.01
N LEU B 164 31.84 -5.62 -4.43
CA LEU B 164 30.66 -5.04 -5.02
C LEU B 164 30.36 -5.82 -6.26
N LEU B 165 31.41 -6.18 -7.03
CA LEU B 165 31.20 -6.85 -8.27
C LEU B 165 30.52 -8.15 -7.97
N ALA B 166 30.96 -8.84 -6.90
CA ALA B 166 30.41 -10.12 -6.57
C ALA B 166 28.95 -9.95 -6.29
N LEU B 167 28.59 -8.85 -5.62
CA LEU B 167 27.22 -8.61 -5.25
C LEU B 167 26.38 -8.51 -6.48
N GLU B 168 26.95 -7.96 -7.57
CA GLU B 168 26.21 -7.68 -8.77
C GLU B 168 25.59 -8.94 -9.32
N GLN B 169 26.26 -10.11 -9.21
CA GLN B 169 25.68 -11.27 -9.87
C GLN B 169 24.48 -11.82 -9.17
N THR B 170 23.45 -12.14 -10.00
CA THR B 170 22.24 -12.77 -9.58
C THR B 170 22.50 -14.22 -9.33
N ASN B 171 23.28 -14.86 -10.22
CA ASN B 171 23.49 -16.28 -10.08
C ASN B 171 24.31 -16.50 -8.86
N TYR B 172 23.92 -17.52 -8.08
CA TYR B 172 24.64 -17.86 -6.89
C TYR B 172 26.00 -18.31 -7.33
N CYS B 173 26.12 -19.19 -8.35
CA CYS B 173 27.42 -19.77 -8.68
C CYS B 173 28.39 -18.67 -9.04
N ASP B 174 27.93 -17.78 -9.95
CA ASP B 174 28.73 -16.71 -10.45
C ASP B 174 29.16 -15.89 -9.29
N PHE B 175 28.22 -15.63 -8.37
CA PHE B 175 28.51 -14.84 -7.21
C PHE B 175 29.60 -15.48 -6.44
N GLU B 176 29.53 -16.81 -6.25
CA GLU B 176 30.48 -17.44 -5.36
C GLU B 176 31.88 -17.34 -5.86
N VAL B 177 32.11 -17.47 -7.19
CA VAL B 177 33.46 -17.46 -7.68
C VAL B 177 34.12 -16.17 -7.30
N GLN B 178 33.43 -15.03 -7.54
CA GLN B 178 33.98 -13.74 -7.23
C GLN B 178 34.14 -13.65 -5.75
N PHE B 179 33.10 -14.11 -5.02
CA PHE B 179 33.00 -14.03 -3.60
C PHE B 179 34.18 -14.72 -2.96
N GLU B 180 34.46 -15.95 -3.42
CA GLU B 180 35.47 -16.77 -2.83
C GLU B 180 36.83 -16.15 -3.01
N ILE B 181 37.12 -15.59 -4.19
CA ILE B 181 38.43 -15.06 -4.43
C ILE B 181 38.73 -13.92 -3.52
N MET B 182 37.72 -13.06 -3.29
CA MET B 182 37.86 -11.92 -2.42
C MET B 182 38.25 -12.44 -1.07
N HIS B 183 37.68 -13.59 -0.70
CA HIS B 183 37.89 -14.24 0.56
C HIS B 183 39.34 -14.58 0.71
N ASN B 184 39.99 -15.03 -0.38
CA ASN B 184 41.35 -15.50 -0.35
C ASN B 184 42.31 -14.42 0.06
N GLY B 185 42.04 -13.16 -0.31
CA GLY B 185 43.02 -12.12 -0.13
C GLY B 185 43.45 -12.01 1.30
N VAL B 186 42.51 -12.06 2.25
CA VAL B 186 42.87 -11.88 3.63
C VAL B 186 43.79 -12.98 4.05
N HIS B 187 43.55 -14.21 3.57
CA HIS B 187 44.36 -15.30 4.02
C HIS B 187 45.79 -15.02 3.70
N THR B 188 46.07 -14.58 2.46
CA THR B 188 47.42 -14.32 2.07
C THR B 188 47.99 -13.14 2.78
N TRP B 189 47.20 -12.07 2.91
CA TRP B 189 47.76 -10.85 3.43
C TRP B 189 48.28 -11.07 4.81
N VAL B 190 47.51 -11.71 5.70
CA VAL B 190 48.01 -11.96 7.02
C VAL B 190 49.12 -12.96 7.06
N GLY B 191 48.93 -14.13 6.41
CA GLY B 191 49.88 -15.21 6.53
C GLY B 191 51.21 -14.82 5.99
N GLY B 192 51.22 -14.15 4.82
CA GLY B 192 52.48 -13.74 4.28
C GLY B 192 53.33 -14.95 4.04
N LYS B 193 54.65 -14.76 4.28
CA LYS B 193 55.73 -15.70 4.09
C LYS B 193 55.68 -16.84 5.08
N GLU B 194 55.19 -16.59 6.30
CA GLU B 194 55.24 -17.56 7.37
C GLU B 194 54.68 -18.88 6.97
N PRO B 195 55.44 -19.88 7.34
CA PRO B 195 55.05 -21.24 7.05
C PRO B 195 53.83 -21.73 7.79
N TYR B 196 53.62 -21.31 9.05
CA TYR B 196 52.47 -21.81 9.74
C TYR B 196 51.59 -20.63 9.93
N GLY B 197 50.59 -20.43 9.05
CA GLY B 197 49.79 -19.26 9.21
C GLY B 197 48.54 -19.34 8.36
N ILE B 198 47.88 -18.18 8.20
CA ILE B 198 46.64 -17.94 7.51
C ILE B 198 46.83 -18.25 6.06
N GLY B 199 48.04 -17.97 5.58
CA GLY B 199 48.41 -18.14 4.21
C GLY B 199 48.33 -19.59 3.81
N HIS B 200 48.57 -20.54 4.73
CA HIS B 200 48.58 -21.90 4.26
C HIS B 200 47.27 -22.57 4.55
N LEU B 201 46.83 -23.44 3.64
CA LEU B 201 45.58 -24.12 3.80
C LEU B 201 45.66 -24.96 5.03
N HIS B 202 46.79 -25.66 5.21
CA HIS B 202 46.93 -26.60 6.29
C HIS B 202 46.83 -25.92 7.63
N TYR B 203 47.68 -24.91 7.85
CA TYR B 203 47.88 -24.17 9.07
C TYR B 203 46.82 -23.17 9.42
N ALA B 204 46.14 -22.57 8.43
CA ALA B 204 45.31 -21.42 8.64
C ALA B 204 44.26 -21.63 9.70
N SER B 205 43.65 -22.80 9.78
CA SER B 205 42.57 -22.93 10.73
C SER B 205 43.09 -22.72 12.12
N TYR B 206 44.40 -22.97 12.36
CA TYR B 206 44.95 -22.81 13.67
C TYR B 206 44.85 -21.39 14.15
N ASP B 207 45.12 -20.41 13.26
CA ASP B 207 45.09 -19.05 13.71
C ASP B 207 43.67 -18.66 14.00
N PRO B 208 43.52 -17.93 15.07
CA PRO B 208 42.22 -17.47 15.49
C PRO B 208 41.59 -16.43 14.59
N LEU B 209 42.39 -15.73 13.76
CA LEU B 209 41.92 -14.69 12.89
C LEU B 209 40.94 -15.30 11.96
N PHE B 210 41.17 -16.59 11.66
CA PHE B 210 40.44 -17.33 10.69
C PHE B 210 38.97 -17.20 10.99
N TYR B 211 38.58 -17.38 12.26
CA TYR B 211 37.20 -17.35 12.63
C TYR B 211 36.65 -15.98 12.37
N ILE B 212 37.40 -14.93 12.74
CA ILE B 212 36.94 -13.59 12.62
C ILE B 212 36.70 -13.28 11.17
N HIS B 213 37.65 -13.69 10.30
CA HIS B 213 37.53 -13.39 8.89
C HIS B 213 36.34 -14.05 8.31
N HIS B 214 36.16 -15.35 8.60
CA HIS B 214 35.10 -16.08 8.00
C HIS B 214 33.80 -15.51 8.45
N SER B 215 33.76 -14.98 9.69
CA SER B 215 32.56 -14.40 10.18
C SER B 215 32.17 -13.27 9.28
N GLN B 216 33.15 -12.45 8.87
CA GLN B 216 32.87 -11.32 8.02
C GLN B 216 32.43 -11.81 6.68
N THR B 217 33.11 -12.84 6.15
CA THR B 217 32.79 -13.34 4.86
C THR B 217 31.40 -13.91 4.88
N ASP B 218 31.05 -14.60 5.96
CA ASP B 218 29.75 -15.17 6.09
C ASP B 218 28.77 -14.03 6.14
N ARG B 219 29.19 -12.91 6.75
CA ARG B 219 28.32 -11.78 6.89
C ARG B 219 27.98 -11.25 5.52
N ILE B 220 28.99 -11.13 4.64
CA ILE B 220 28.75 -10.63 3.32
C ILE B 220 27.87 -11.57 2.57
N TRP B 221 28.04 -12.89 2.76
CA TRP B 221 27.23 -13.84 2.07
C TRP B 221 25.80 -13.59 2.44
N ALA B 222 25.55 -13.34 3.74
CA ALA B 222 24.22 -13.10 4.22
C ALA B 222 23.69 -11.89 3.52
N ILE B 223 24.57 -10.89 3.30
CA ILE B 223 24.17 -9.66 2.69
C ILE B 223 23.62 -9.97 1.33
N TRP B 224 24.31 -10.87 0.61
CA TRP B 224 23.92 -11.21 -0.73
C TRP B 224 22.56 -11.83 -0.70
N GLN B 225 22.30 -12.69 0.30
CA GLN B 225 21.03 -13.35 0.36
C GLN B 225 19.97 -12.30 0.52
N SER B 226 20.22 -11.29 1.35
CA SER B 226 19.21 -10.29 1.58
C SER B 226 18.95 -9.55 0.29
N LEU B 227 19.99 -9.29 -0.50
CA LEU B 227 19.83 -8.57 -1.73
C LEU B 227 18.99 -9.40 -2.65
N GLN B 228 19.20 -10.73 -2.64
CA GLN B 228 18.48 -11.58 -3.53
C GLN B 228 17.03 -11.49 -3.21
N ARG B 229 16.70 -11.41 -1.90
CA ARG B 229 15.31 -11.35 -1.51
C ARG B 229 14.74 -10.11 -2.14
N PHE B 230 15.51 -9.01 -2.13
CA PHE B 230 15.05 -7.79 -2.70
C PHE B 230 14.79 -8.06 -4.15
N ARG B 231 15.69 -8.83 -4.79
CA ARG B 231 15.57 -9.13 -6.17
C ARG B 231 14.28 -9.87 -6.36
N GLY B 232 13.90 -10.70 -5.37
CA GLY B 232 12.69 -11.45 -5.51
C GLY B 232 13.05 -12.90 -5.61
N LEU B 233 14.35 -13.20 -5.76
CA LEU B 233 14.74 -14.58 -5.77
C LEU B 233 14.65 -15.01 -4.33
N SER B 234 14.23 -16.25 -4.08
CA SER B 234 14.18 -16.62 -2.69
C SER B 234 15.59 -16.77 -2.23
N GLY B 235 15.86 -16.24 -1.02
CA GLY B 235 17.18 -16.22 -0.47
C GLY B 235 17.66 -17.61 -0.17
N SER B 236 16.78 -18.45 0.41
CA SER B 236 17.13 -19.78 0.82
C SER B 236 17.42 -20.61 -0.38
N GLU B 237 16.60 -20.44 -1.42
CA GLU B 237 16.66 -21.35 -2.53
C GLU B 237 17.85 -21.07 -3.38
N ALA B 238 18.54 -22.16 -3.74
CA ALA B 238 19.63 -22.04 -4.65
C ALA B 238 19.18 -22.82 -5.84
N ASN B 239 19.33 -22.24 -7.03
CA ASN B 239 19.01 -22.84 -8.30
C ASN B 239 20.15 -23.68 -8.79
N CYS B 240 21.37 -23.25 -8.47
CA CYS B 240 22.59 -23.77 -9.03
C CYS B 240 23.20 -24.80 -8.16
N ALA B 241 23.97 -25.71 -8.79
CA ALA B 241 24.70 -26.75 -8.13
C ALA B 241 23.81 -27.48 -7.18
N VAL B 242 22.66 -27.96 -7.67
CA VAL B 242 21.72 -28.63 -6.82
C VAL B 242 22.34 -29.89 -6.30
N ASN B 243 23.15 -30.58 -7.14
CA ASN B 243 23.70 -31.83 -6.74
C ASN B 243 24.58 -31.69 -5.54
N LEU B 244 25.46 -30.67 -5.51
CA LEU B 244 26.39 -30.49 -4.41
C LEU B 244 25.66 -30.17 -3.15
N MET B 245 24.58 -29.36 -3.26
CA MET B 245 23.92 -28.91 -2.08
C MET B 245 23.42 -30.07 -1.28
N LYS B 246 22.89 -31.10 -1.94
CA LYS B 246 22.31 -32.22 -1.25
C LYS B 246 23.34 -32.92 -0.42
N THR B 247 24.57 -33.09 -0.96
CA THR B 247 25.56 -33.87 -0.27
C THR B 247 25.92 -33.23 1.03
N PRO B 248 26.05 -34.08 2.02
CA PRO B 248 26.43 -33.62 3.33
C PRO B 248 27.89 -33.31 3.36
N LEU B 249 28.33 -32.38 4.22
CA LEU B 249 29.72 -32.03 4.25
C LEU B 249 30.37 -32.55 5.48
N LYS B 250 31.48 -33.29 5.28
CA LYS B 250 32.26 -33.87 6.35
C LYS B 250 33.17 -32.79 6.83
N PRO B 251 33.72 -32.89 8.02
CA PRO B 251 33.44 -33.94 8.95
C PRO B 251 32.14 -33.68 9.66
N PHE B 252 31.44 -32.61 9.30
CA PHE B 252 30.24 -32.26 10.02
C PHE B 252 29.34 -33.45 9.97
N SER B 253 29.30 -34.13 8.81
CA SER B 253 28.47 -35.29 8.66
C SER B 253 28.94 -36.35 9.60
N PHE B 254 30.27 -36.44 9.83
CA PHE B 254 30.75 -37.40 10.78
C PHE B 254 30.46 -36.84 12.12
N GLY B 255 29.48 -37.43 12.81
CA GLY B 255 29.07 -36.92 14.08
C GLY B 255 30.08 -37.41 15.07
N ALA B 256 29.63 -37.76 16.28
CA ALA B 256 30.56 -38.21 17.27
C ALA B 256 31.20 -39.44 16.76
N PRO B 257 32.32 -39.78 17.34
CA PRO B 257 32.88 -38.94 18.38
C PRO B 257 33.49 -37.69 17.87
N TYR B 258 33.81 -37.60 16.57
CA TYR B 258 34.52 -36.47 16.05
C TYR B 258 33.72 -35.20 16.16
N ASN B 259 32.42 -35.24 15.81
CA ASN B 259 31.68 -34.01 15.88
C ASN B 259 30.62 -34.16 16.92
N LEU B 260 30.84 -33.54 18.09
CA LEU B 260 29.90 -33.57 19.18
C LEU B 260 28.67 -32.80 18.80
N ASN B 261 28.86 -31.70 18.05
CA ASN B 261 27.79 -30.80 17.73
C ASN B 261 26.72 -31.49 16.97
N ASP B 262 25.48 -31.43 17.51
CA ASP B 262 24.31 -31.97 16.88
C ASP B 262 23.85 -31.09 15.74
N HIS B 263 23.86 -29.76 15.95
CA HIS B 263 23.30 -28.85 15.00
C HIS B 263 24.02 -28.94 13.69
N THR B 264 25.35 -28.87 13.71
CA THR B 264 26.09 -28.89 12.49
C THR B 264 25.83 -30.19 11.81
N HIS B 265 25.71 -31.27 12.59
CA HIS B 265 25.53 -32.59 12.04
C HIS B 265 24.25 -32.62 11.25
N ASP B 266 23.16 -32.11 11.82
CA ASP B 266 21.88 -32.16 11.15
C ASP B 266 21.95 -31.29 9.93
N PHE B 267 22.64 -30.15 10.07
CA PHE B 267 22.82 -29.09 9.12
C PHE B 267 23.78 -29.40 8.02
N SER B 268 24.54 -30.52 8.09
CA SER B 268 25.59 -30.80 7.14
C SER B 268 25.16 -30.60 5.71
N LYS B 269 23.89 -30.86 5.35
CA LYS B 269 23.55 -30.58 3.98
C LYS B 269 23.60 -29.09 3.80
N PRO B 270 24.24 -28.66 2.74
CA PRO B 270 24.34 -27.24 2.49
C PRO B 270 23.02 -26.64 2.14
N GLU B 271 22.06 -27.44 1.66
CA GLU B 271 20.81 -26.89 1.26
C GLU B 271 20.22 -26.23 2.45
N ASP B 272 20.37 -26.89 3.61
CA ASP B 272 19.86 -26.45 4.88
C ASP B 272 20.59 -25.23 5.35
N THR B 273 21.86 -25.08 4.94
CA THR B 273 22.76 -24.07 5.41
C THR B 273 22.33 -22.67 5.09
N PHE B 274 21.64 -22.45 3.97
CA PHE B 274 21.35 -21.09 3.54
C PHE B 274 20.64 -20.34 4.62
N ASP B 275 19.55 -20.90 5.16
CA ASP B 275 18.86 -20.17 6.18
C ASP B 275 19.73 -20.20 7.38
N TYR B 276 20.50 -19.10 7.57
CA TYR B 276 21.41 -19.02 8.66
C TYR B 276 20.65 -19.08 9.93
N GLN B 277 19.40 -18.59 9.96
CA GLN B 277 18.61 -18.53 11.15
C GLN B 277 18.57 -19.90 11.78
N LYS B 278 18.63 -20.97 10.96
CA LYS B 278 18.56 -22.31 11.50
C LYS B 278 19.65 -22.45 12.50
N PHE B 279 20.83 -21.86 12.25
CA PHE B 279 21.79 -21.82 13.29
C PHE B 279 21.44 -20.53 13.93
N GLY B 280 20.82 -20.54 15.12
CA GLY B 280 20.36 -19.28 15.62
C GLY B 280 21.49 -18.35 15.90
N TYR B 281 21.81 -17.47 14.93
CA TYR B 281 22.78 -16.43 15.11
C TYR B 281 22.39 -15.40 14.09
N ILE B 282 22.68 -14.12 14.38
CA ILE B 282 22.32 -13.08 13.47
C ILE B 282 23.42 -12.09 13.47
N TYR B 283 23.36 -11.12 12.56
CA TYR B 283 24.37 -10.11 12.51
C TYR B 283 23.71 -8.85 12.91
N ASP B 284 24.46 -7.94 13.56
CA ASP B 284 23.85 -6.72 14.00
C ASP B 284 23.33 -5.99 12.79
N THR B 285 24.12 -5.89 11.70
CA THR B 285 23.61 -5.17 10.57
C THR B 285 23.97 -5.89 9.31
N LEU B 286 23.11 -5.76 8.26
CA LEU B 286 23.45 -6.35 6.99
C LEU B 286 23.56 -5.22 6.02
N GLU B 287 24.79 -4.72 5.79
CA GLU B 287 24.93 -3.65 4.85
C GLU B 287 26.33 -3.69 4.33
N PHE B 288 26.56 -3.11 3.13
CA PHE B 288 27.89 -3.10 2.62
C PHE B 288 28.33 -1.67 2.44
N ALA B 289 29.26 -1.23 3.29
CA ALA B 289 29.84 0.09 3.19
C ALA B 289 28.79 1.16 3.14
N GLY B 290 27.74 1.06 3.97
CA GLY B 290 26.82 2.16 4.09
C GLY B 290 25.80 2.16 3.01
N TRP B 291 25.76 1.15 2.13
CA TRP B 291 24.73 1.22 1.13
C TRP B 291 23.61 0.35 1.57
N SER B 292 22.37 0.86 1.42
CA SER B 292 21.22 0.12 1.82
C SER B 292 21.09 -1.00 0.85
N ILE B 293 20.31 -2.02 1.22
CA ILE B 293 20.14 -3.13 0.35
C ILE B 293 19.51 -2.61 -0.91
N ARG B 294 18.48 -1.75 -0.76
CA ARG B 294 17.81 -1.19 -1.90
C ARG B 294 18.79 -0.35 -2.64
N GLY B 295 19.62 0.39 -1.90
CA GLY B 295 20.58 1.27 -2.50
C GLY B 295 21.54 0.47 -3.32
N ILE B 296 21.94 -0.70 -2.81
CA ILE B 296 22.91 -1.52 -3.49
C ILE B 296 22.37 -1.92 -4.81
N ASP B 297 21.10 -2.38 -4.86
CA ASP B 297 20.57 -2.86 -6.09
C ASP B 297 20.54 -1.75 -7.08
N HIS B 298 20.11 -0.55 -6.64
CA HIS B 298 20.02 0.53 -7.56
C HIS B 298 21.37 0.88 -8.06
N ILE B 299 22.38 0.90 -7.16
CA ILE B 299 23.69 1.31 -7.58
C ILE B 299 24.24 0.38 -8.61
N VAL B 300 24.03 -0.94 -8.43
CA VAL B 300 24.65 -1.89 -9.32
C VAL B 300 24.17 -1.65 -10.72
N ARG B 301 22.89 -1.32 -10.91
CA ARG B 301 22.40 -1.14 -12.24
C ARG B 301 23.15 -0.02 -12.89
N ASN B 302 23.46 1.04 -12.12
CA ASN B 302 24.14 2.19 -12.62
C ASN B 302 25.51 1.81 -13.07
N ARG B 303 26.18 0.88 -12.35
CA ARG B 303 27.53 0.50 -12.66
C ARG B 303 27.55 -0.05 -14.03
N GLN B 304 26.48 -0.78 -14.38
CA GLN B 304 26.43 -1.37 -15.67
C GLN B 304 26.46 -0.28 -16.70
N GLU B 305 25.86 0.89 -16.40
CA GLU B 305 25.61 1.93 -17.37
C GLU B 305 26.84 2.25 -18.18
N HIS B 306 28.05 2.15 -17.60
CA HIS B 306 29.22 2.51 -18.35
C HIS B 306 29.89 1.27 -18.89
N SER B 307 30.70 1.43 -19.95
CA SER B 307 31.38 0.31 -20.57
C SER B 307 32.44 -0.15 -19.64
N ARG B 308 32.71 -1.48 -19.65
CA ARG B 308 33.73 -2.00 -18.81
C ARG B 308 34.39 -3.12 -19.55
N VAL B 309 35.69 -3.34 -19.29
CA VAL B 309 36.40 -4.42 -19.91
C VAL B 309 36.93 -5.27 -18.81
N PHE B 310 36.88 -6.59 -18.99
CA PHE B 310 37.35 -7.45 -17.94
C PHE B 310 38.23 -8.49 -18.53
N ALA B 311 39.07 -9.10 -17.66
CA ALA B 311 39.88 -10.20 -18.06
C ALA B 311 39.30 -11.35 -17.32
N GLY B 312 39.23 -12.53 -17.96
CA GLY B 312 38.62 -13.62 -17.25
C GLY B 312 39.68 -14.61 -16.98
N PHE B 313 39.65 -15.19 -15.76
CA PHE B 313 40.65 -16.15 -15.47
C PHE B 313 39.95 -17.44 -15.18
N LEU B 314 40.48 -18.54 -15.73
CA LEU B 314 39.92 -19.81 -15.42
C LEU B 314 40.83 -20.32 -14.36
N LEU B 315 40.32 -20.59 -13.14
CA LEU B 315 41.18 -21.13 -12.11
C LEU B 315 41.07 -22.65 -12.11
N GLU B 316 42.15 -23.27 -12.65
CA GLU B 316 42.43 -24.67 -12.87
C GLU B 316 42.68 -25.39 -11.58
N GLY B 317 43.29 -24.68 -10.60
CA GLY B 317 43.61 -25.28 -9.34
C GLY B 317 45.09 -25.24 -9.28
N PHE B 318 45.60 -24.63 -8.19
CA PHE B 318 47.01 -24.40 -7.98
C PHE B 318 47.49 -25.47 -7.03
N GLY B 319 48.75 -25.36 -6.57
CA GLY B 319 49.30 -26.34 -5.67
C GLY B 319 49.24 -25.76 -4.30
N THR B 320 50.36 -25.17 -3.88
CA THR B 320 50.28 -24.45 -2.65
C THR B 320 49.70 -23.14 -3.00
N SER B 321 49.37 -22.33 -1.97
CA SER B 321 48.76 -21.06 -2.25
C SER B 321 49.75 -20.24 -2.98
N ALA B 322 49.26 -19.39 -3.89
CA ALA B 322 50.13 -18.53 -4.64
C ALA B 322 49.35 -17.32 -5.00
N THR B 323 50.05 -16.21 -5.29
CA THR B 323 49.37 -15.01 -5.66
C THR B 323 49.77 -14.73 -7.07
N VAL B 324 48.83 -14.17 -7.86
CA VAL B 324 49.15 -13.91 -9.23
C VAL B 324 48.99 -12.45 -9.51
N ASP B 325 49.90 -11.90 -10.33
CA ASP B 325 49.84 -10.53 -10.74
C ASP B 325 49.83 -10.55 -12.23
N PHE B 326 48.98 -9.71 -12.87
CA PHE B 326 48.96 -9.70 -14.31
C PHE B 326 48.98 -8.28 -14.77
N GLN B 327 49.56 -8.03 -15.97
CA GLN B 327 49.63 -6.70 -16.50
C GLN B 327 49.29 -6.76 -17.96
N VAL B 328 48.78 -5.63 -18.49
CA VAL B 328 48.45 -5.62 -19.89
C VAL B 328 49.59 -4.91 -20.56
N CYS B 329 50.13 -5.51 -21.64
CA CYS B 329 51.23 -4.85 -22.29
C CYS B 329 50.75 -4.48 -23.65
N ARG B 330 51.15 -3.29 -24.13
CA ARG B 330 50.79 -2.80 -25.43
C ARG B 330 51.74 -3.44 -26.41
N THR B 331 51.43 -3.32 -27.70
CA THR B 331 52.25 -3.87 -28.74
C THR B 331 53.58 -3.16 -28.65
N ALA B 332 53.53 -1.86 -28.30
CA ALA B 332 54.69 -1.05 -28.17
C ALA B 332 55.58 -1.67 -27.15
N GLY B 333 54.98 -2.31 -26.12
CA GLY B 333 55.80 -2.94 -25.13
C GLY B 333 55.59 -2.28 -23.81
N ASP B 334 54.72 -1.24 -23.76
CA ASP B 334 54.46 -0.66 -22.48
C ASP B 334 53.63 -1.66 -21.74
N CYS B 335 53.78 -1.73 -20.41
CA CYS B 335 52.95 -2.67 -19.73
C CYS B 335 52.55 -2.02 -18.45
N GLU B 336 51.29 -2.24 -18.01
CA GLU B 336 50.81 -1.61 -16.81
C GLU B 336 50.30 -2.69 -15.91
N ASP B 337 50.50 -2.52 -14.59
CA ASP B 337 50.03 -3.52 -13.68
C ASP B 337 48.53 -3.53 -13.75
N ALA B 338 47.95 -4.62 -14.26
CA ALA B 338 46.53 -4.77 -14.39
C ALA B 338 45.85 -4.94 -13.05
N GLY B 339 46.37 -5.84 -12.18
CA GLY B 339 45.71 -6.09 -10.92
C GLY B 339 46.14 -7.45 -10.45
N TYR B 340 45.66 -7.88 -9.26
CA TYR B 340 46.07 -9.16 -8.74
C TYR B 340 44.98 -9.81 -7.94
N PHE B 341 45.10 -11.14 -7.76
CA PHE B 341 44.23 -11.92 -6.93
C PHE B 341 45.02 -13.08 -6.45
N THR B 342 44.54 -13.79 -5.41
CA THR B 342 45.34 -14.88 -4.91
C THR B 342 44.47 -16.07 -4.65
N VAL B 343 45.11 -17.25 -4.56
CA VAL B 343 44.37 -18.45 -4.29
C VAL B 343 45.02 -19.14 -3.14
N LEU B 344 44.18 -19.67 -2.22
CA LEU B 344 44.65 -20.35 -1.04
C LEU B 344 44.67 -21.80 -1.37
N GLY B 345 45.71 -22.53 -0.89
CA GLY B 345 45.74 -23.93 -1.19
C GLY B 345 46.86 -24.55 -0.45
N GLY B 346 46.94 -25.89 -0.54
CA GLY B 346 47.97 -26.66 0.09
C GLY B 346 48.01 -27.96 -0.63
N GLU B 347 48.96 -28.83 -0.23
CA GLU B 347 49.10 -30.10 -0.89
C GLU B 347 47.88 -30.94 -0.64
N LYS B 348 47.37 -30.88 0.61
CA LYS B 348 46.30 -31.71 1.07
C LYS B 348 45.05 -31.43 0.28
N GLU B 349 44.92 -30.20 -0.26
CA GLU B 349 43.74 -29.77 -0.95
C GLU B 349 43.22 -30.80 -1.90
N MET B 350 41.88 -30.96 -1.89
CA MET B 350 41.19 -31.81 -2.82
C MET B 350 41.24 -31.08 -4.11
N PRO B 351 41.16 -31.77 -5.20
CA PRO B 351 41.23 -31.11 -6.47
C PRO B 351 40.00 -30.31 -6.74
N TRP B 352 40.15 -29.16 -7.43
CA TRP B 352 39.00 -28.38 -7.75
C TRP B 352 39.33 -27.48 -8.89
N ALA B 353 38.32 -27.19 -9.74
CA ALA B 353 38.50 -26.27 -10.83
C ALA B 353 37.19 -25.55 -10.97
N PHE B 354 37.24 -24.24 -11.31
CA PHE B 354 36.04 -23.48 -11.43
C PHE B 354 35.35 -23.82 -12.71
N ASP B 355 34.02 -23.85 -12.64
CA ASP B 355 33.10 -24.11 -13.71
C ASP B 355 33.12 -22.92 -14.63
N ARG B 356 33.40 -21.72 -14.11
CA ARG B 356 33.27 -20.55 -14.94
C ARG B 356 34.44 -19.64 -14.75
N LEU B 357 34.44 -18.52 -15.51
CA LEU B 357 35.49 -17.55 -15.48
C LEU B 357 35.37 -16.67 -14.27
N TYR B 358 36.52 -16.12 -13.86
CA TYR B 358 36.59 -15.19 -12.77
C TYR B 358 36.92 -13.89 -13.41
N LYS B 359 35.96 -12.95 -13.42
CA LYS B 359 36.17 -11.68 -14.07
C LYS B 359 36.86 -10.72 -13.16
N TYR B 360 37.75 -9.90 -13.74
CA TYR B 360 38.43 -8.85 -13.04
C TYR B 360 38.32 -7.66 -13.95
N ASP B 361 38.08 -6.45 -13.38
CA ASP B 361 37.85 -5.29 -14.20
C ASP B 361 39.15 -4.61 -14.51
N ILE B 362 39.59 -4.77 -15.78
CA ILE B 362 40.74 -4.18 -16.41
C ILE B 362 40.50 -2.74 -16.80
N THR B 363 39.22 -2.34 -16.93
CA THR B 363 38.80 -1.11 -17.55
C THR B 363 39.64 0.07 -17.19
N GLU B 364 39.90 0.31 -15.90
CA GLU B 364 40.57 1.53 -15.56
C GLU B 364 41.91 1.57 -16.22
N THR B 365 42.64 0.45 -16.21
CA THR B 365 43.96 0.41 -16.76
C THR B 365 43.91 0.68 -18.23
N LEU B 366 43.01 -0.02 -18.94
CA LEU B 366 42.96 0.12 -20.36
C LEU B 366 42.58 1.52 -20.72
N ASP B 367 41.67 2.14 -19.96
CA ASP B 367 41.25 3.46 -20.29
C ASP B 367 42.42 4.38 -20.25
N LYS B 368 43.27 4.26 -19.22
CA LYS B 368 44.41 5.12 -19.10
C LYS B 368 45.27 4.85 -20.29
N MET B 369 45.32 3.57 -20.67
CA MET B 369 46.10 3.08 -21.76
C MET B 369 45.54 3.66 -23.02
N ASN B 370 44.23 4.00 -22.99
CA ASN B 370 43.41 4.44 -24.09
C ASN B 370 43.35 3.35 -25.09
N LEU B 371 43.23 2.10 -24.58
CA LEU B 371 43.16 0.93 -25.40
C LEU B 371 41.72 0.55 -25.54
N ARG B 372 41.39 0.03 -26.74
CA ARG B 372 40.07 -0.43 -27.09
C ARG B 372 40.04 -1.91 -26.98
N HIS B 373 38.82 -2.46 -27.08
CA HIS B 373 38.58 -3.87 -27.03
C HIS B 373 39.26 -4.49 -28.21
N ASP B 374 39.15 -3.82 -29.37
CA ASP B 374 39.70 -4.29 -30.62
C ASP B 374 41.18 -4.37 -30.51
N GLU B 375 41.79 -3.40 -29.81
CA GLU B 375 43.22 -3.25 -29.77
C GLU B 375 43.88 -4.54 -29.44
N ILE B 376 45.05 -4.77 -30.06
CA ILE B 376 45.75 -5.98 -29.81
C ILE B 376 46.74 -5.69 -28.73
N PHE B 377 46.46 -6.25 -27.55
CA PHE B 377 47.35 -6.10 -26.44
C PHE B 377 47.47 -7.43 -25.82
N GLN B 378 48.60 -7.69 -25.15
CA GLN B 378 48.82 -8.97 -24.58
C GLN B 378 48.77 -8.83 -23.09
N ILE B 379 48.34 -9.91 -22.41
CA ILE B 379 48.31 -9.87 -20.97
C ILE B 379 49.34 -10.85 -20.50
N GLU B 380 50.19 -10.42 -19.57
CA GLU B 380 51.20 -11.30 -19.05
C GLU B 380 50.91 -11.49 -17.61
N VAL B 381 51.13 -12.72 -17.11
CA VAL B 381 50.83 -12.98 -15.72
C VAL B 381 52.02 -13.61 -15.10
N THR B 382 52.20 -13.36 -13.78
CA THR B 382 53.28 -13.97 -13.06
C THR B 382 52.68 -14.54 -11.81
N ILE B 383 53.02 -15.79 -11.48
CA ILE B 383 52.48 -16.39 -10.30
C ILE B 383 53.61 -16.54 -9.33
N THR B 384 53.37 -16.16 -8.07
CA THR B 384 54.43 -16.29 -7.11
C THR B 384 53.89 -17.07 -5.96
N SER B 385 54.78 -17.86 -5.31
CA SER B 385 54.38 -18.67 -4.20
C SER B 385 54.37 -17.81 -2.98
N TYR B 386 54.06 -18.37 -1.79
CA TYR B 386 54.14 -17.58 -0.58
C TYR B 386 55.54 -17.16 -0.30
N ASP B 387 56.49 -18.06 -0.58
CA ASP B 387 57.89 -17.78 -0.34
C ASP B 387 58.27 -16.58 -1.14
N GLY B 388 57.74 -16.44 -2.37
CA GLY B 388 58.27 -15.37 -3.15
C GLY B 388 58.99 -15.99 -4.29
N THR B 389 59.03 -17.34 -4.34
CA THR B 389 59.66 -17.99 -5.45
C THR B 389 58.76 -17.84 -6.62
N VAL B 390 59.35 -17.71 -7.82
CA VAL B 390 58.54 -17.55 -8.98
C VAL B 390 58.10 -18.90 -9.41
N LEU B 391 56.85 -19.00 -9.90
CA LEU B 391 56.34 -20.26 -10.37
C LEU B 391 56.28 -20.16 -11.86
N ASP B 392 56.53 -21.28 -12.55
CA ASP B 392 56.50 -21.28 -13.97
C ASP B 392 55.09 -21.07 -14.43
N SER B 393 55.09 -20.43 -15.61
CA SER B 393 54.04 -20.28 -16.57
C SER B 393 54.16 -21.48 -17.49
N GLY B 394 53.20 -21.66 -18.41
CA GLY B 394 53.23 -22.76 -19.33
C GLY B 394 52.02 -23.62 -19.11
N LEU B 395 51.83 -24.16 -17.89
CA LEU B 395 50.64 -24.89 -17.55
C LEU B 395 49.49 -23.94 -17.54
N ILE B 396 49.70 -22.68 -17.08
CA ILE B 396 48.68 -21.69 -16.91
C ILE B 396 48.15 -21.24 -18.22
N PRO B 397 46.84 -21.28 -18.26
CA PRO B 397 46.09 -20.87 -19.42
C PRO B 397 46.04 -19.38 -19.51
N THR B 398 45.84 -18.84 -20.73
CA THR B 398 45.77 -17.42 -20.88
C THR B 398 44.37 -16.99 -20.57
N PRO B 399 44.25 -15.78 -20.11
CA PRO B 399 42.97 -15.23 -19.81
C PRO B 399 42.28 -14.68 -21.03
N SER B 400 40.94 -14.57 -20.97
CA SER B 400 40.20 -14.00 -22.06
C SER B 400 40.01 -12.55 -21.74
N ILE B 401 39.68 -11.72 -22.76
CA ILE B 401 39.38 -10.36 -22.46
C ILE B 401 37.99 -10.13 -22.94
N ILE B 402 37.13 -9.62 -22.03
CA ILE B 402 35.75 -9.46 -22.39
C ILE B 402 35.43 -8.01 -22.37
N TYR B 403 34.47 -7.63 -23.22
CA TYR B 403 34.07 -6.25 -23.27
C TYR B 403 32.63 -6.21 -22.85
N ASP B 404 32.34 -5.40 -21.82
CA ASP B 404 31.00 -5.29 -21.34
C ASP B 404 30.57 -3.88 -21.60
N PRO B 405 29.84 -3.69 -22.65
CA PRO B 405 29.34 -2.39 -22.98
C PRO B 405 28.17 -2.19 -22.09
N ALA B 406 27.61 -0.98 -22.00
CA ALA B 406 26.42 -0.91 -21.22
C ALA B 406 25.38 -1.60 -22.07
N HIS B 407 24.61 -2.45 -21.39
CA HIS B 407 23.73 -3.39 -21.98
C HIS B 407 22.38 -2.85 -21.71
N HIS B 408 21.67 -3.47 -20.74
CA HIS B 408 20.34 -3.08 -20.36
C HIS B 408 20.42 -2.11 -19.21
N ASP B 409 20.62 -0.80 -19.56
CA ASP B 409 20.61 0.22 -18.55
C ASP B 409 19.21 0.35 -18.06
N ILE B 410 18.78 -0.38 -17.03
CA ILE B 410 17.38 -0.27 -16.70
C ILE B 410 17.24 0.93 -15.83
N SER B 411 16.61 2.00 -16.37
CA SER B 411 16.53 3.19 -15.58
C SER B 411 15.41 4.03 -16.11
N SER B 412 15.14 5.06 -15.28
CA SER B 412 14.26 6.18 -15.43
C SER B 412 14.83 7.14 -14.44
N HIS B 413 14.61 8.47 -14.57
CA HIS B 413 15.28 9.34 -13.62
C HIS B 413 14.52 9.41 -12.33
N HIS B 414 14.82 8.44 -11.41
CA HIS B 414 14.18 8.43 -10.13
C HIS B 414 15.22 8.60 -9.04
N LEU B 415 16.53 8.62 -9.40
CA LEU B 415 17.59 8.76 -8.44
C LEU B 415 17.92 10.21 -8.39
N SER B 416 18.31 10.69 -7.20
CA SER B 416 18.67 12.07 -7.06
C SER B 416 20.06 12.25 -7.55
N LEU B 417 20.28 13.34 -8.30
CA LEU B 417 21.57 13.69 -8.81
C LEU B 417 21.99 14.85 -7.96
N ASN B 418 23.00 15.64 -8.38
CA ASN B 418 23.50 16.73 -7.58
C ASN B 418 22.48 17.82 -7.41
N LYS B 419 21.47 17.91 -8.29
CA LYS B 419 20.74 19.14 -8.27
C LYS B 419 19.45 18.90 -8.97
N VAL B 420 18.40 19.60 -8.53
CA VAL B 420 17.12 19.46 -9.17
C VAL B 420 16.70 20.82 -9.59
N ARG B 421 15.97 20.90 -10.73
CA ARG B 421 15.53 22.18 -11.17
C ARG B 421 14.05 22.22 -10.98
N HIS B 422 13.49 23.39 -10.48
CA HIS B 422 12.08 23.49 -10.28
C HIS B 422 11.61 24.72 -10.97
N ASP B 423 10.27 24.84 -11.13
CA ASP B 423 9.69 25.98 -11.78
C ASP B 423 9.75 27.11 -10.80
N LEU B 424 9.67 28.35 -11.29
CA LEU B 424 9.77 29.49 -10.41
C LEU B 424 8.58 29.51 -9.50
N SER B 425 7.39 29.17 -10.03
CA SER B 425 6.18 29.21 -9.26
C SER B 425 6.27 28.21 -8.16
N THR B 426 6.87 27.04 -8.46
CA THR B 426 6.91 25.97 -7.50
C THR B 426 7.75 26.37 -6.34
N LEU B 427 8.78 27.22 -6.58
CA LEU B 427 9.71 27.58 -5.56
C LEU B 427 8.97 28.08 -4.36
N SER B 428 9.37 27.56 -3.19
CA SER B 428 8.81 27.94 -1.93
C SER B 428 9.54 29.16 -1.50
N GLU B 429 9.06 29.80 -0.43
CA GLU B 429 9.72 30.98 0.06
C GLU B 429 11.07 30.59 0.55
N ARG B 430 11.16 29.42 1.22
CA ARG B 430 12.44 29.06 1.75
C ARG B 430 13.39 28.86 0.63
N ASP B 431 12.94 28.17 -0.42
CA ASP B 431 13.75 27.89 -1.56
C ASP B 431 14.16 29.17 -2.21
N ILE B 432 13.19 30.08 -2.42
CA ILE B 432 13.49 31.32 -3.08
C ILE B 432 14.42 32.12 -2.24
N GLY B 433 14.23 32.09 -0.91
CA GLY B 433 15.05 32.90 -0.05
C GLY B 433 16.47 32.53 -0.28
N SER B 434 16.76 31.22 -0.41
CA SER B 434 18.13 30.82 -0.60
C SER B 434 18.62 31.43 -1.86
N LEU B 435 17.78 31.41 -2.91
CA LEU B 435 18.16 31.91 -4.19
C LEU B 435 18.40 33.38 -4.07
N LYS B 436 17.55 34.06 -3.28
CA LYS B 436 17.64 35.49 -3.17
C LYS B 436 18.99 35.85 -2.64
N TYR B 437 19.43 35.16 -1.58
CA TYR B 437 20.69 35.45 -0.94
C TYR B 437 21.81 35.08 -1.86
N ALA B 438 21.71 33.91 -2.52
CA ALA B 438 22.79 33.39 -3.32
C ALA B 438 23.11 34.35 -4.42
N LEU B 439 22.08 34.89 -5.09
CA LEU B 439 22.33 35.79 -6.17
C LEU B 439 23.02 36.99 -5.63
N SER B 440 22.57 37.45 -4.44
CA SER B 440 23.15 38.63 -3.88
C SER B 440 24.61 38.39 -3.71
N SER B 441 24.96 37.22 -3.14
CA SER B 441 26.34 36.90 -2.92
C SER B 441 27.01 36.72 -4.25
N LEU B 442 26.27 36.22 -5.27
CA LEU B 442 26.84 36.00 -6.57
C LEU B 442 27.31 37.31 -7.08
N GLN B 443 26.47 38.34 -6.90
CA GLN B 443 26.76 39.65 -7.43
C GLN B 443 28.02 40.12 -6.80
N ALA B 444 28.18 39.85 -5.49
CA ALA B 444 29.32 40.29 -4.76
C ALA B 444 30.57 39.69 -5.33
N ASP B 445 30.52 38.40 -5.73
CA ASP B 445 31.71 37.72 -6.16
C ASP B 445 32.39 38.48 -7.25
N THR B 446 33.57 39.05 -6.90
CA THR B 446 34.41 39.79 -7.79
C THR B 446 35.10 38.85 -8.73
N SER B 447 35.41 37.63 -8.25
CA SER B 447 36.21 36.70 -8.99
C SER B 447 35.61 36.43 -10.33
N ALA B 448 36.39 35.76 -11.19
CA ALA B 448 36.02 35.43 -12.53
C ALA B 448 34.80 34.57 -12.47
N ASP B 449 34.74 33.69 -11.45
CA ASP B 449 33.62 32.83 -11.29
C ASP B 449 32.42 33.69 -11.03
N GLY B 450 32.67 34.89 -10.46
CA GLY B 450 31.62 35.77 -10.05
C GLY B 450 30.75 36.11 -11.22
N PHE B 451 29.57 36.70 -10.90
CA PHE B 451 28.50 37.03 -11.79
C PHE B 451 28.92 38.05 -12.81
N ALA B 452 29.65 39.10 -12.40
CA ALA B 452 29.98 40.10 -13.38
C ALA B 452 30.81 39.45 -14.44
N ALA B 453 31.80 38.64 -14.02
CA ALA B 453 32.65 37.97 -14.94
C ALA B 453 31.86 36.95 -15.71
N ILE B 454 30.94 36.23 -15.05
CA ILE B 454 30.24 35.16 -15.67
C ILE B 454 29.41 35.69 -16.81
N ALA B 455 28.83 36.89 -16.65
CA ALA B 455 27.97 37.46 -17.65
C ALA B 455 28.70 37.67 -18.95
N SER B 456 29.96 38.12 -18.88
CA SER B 456 30.70 38.50 -20.05
C SER B 456 30.86 37.31 -20.95
N PHE B 457 30.70 36.10 -20.41
CA PHE B 457 30.89 34.93 -21.23
C PHE B 457 29.92 34.97 -22.37
N HIS B 458 28.65 35.36 -22.10
CA HIS B 458 27.67 35.34 -23.14
C HIS B 458 28.02 36.28 -24.24
N GLY B 459 28.43 37.52 -23.92
CA GLY B 459 28.66 38.45 -24.99
C GLY B 459 29.63 39.48 -24.54
N LEU B 460 29.30 40.77 -24.78
CA LEU B 460 30.17 41.87 -24.47
C LEU B 460 30.42 41.83 -22.99
N PRO B 461 31.65 42.07 -22.62
CA PRO B 461 32.69 42.33 -23.59
C PRO B 461 33.08 41.05 -24.23
N ALA B 462 33.55 41.08 -25.50
CA ALA B 462 33.85 39.84 -26.17
C ALA B 462 35.27 39.42 -25.96
N LYS B 463 35.46 38.41 -25.09
CA LYS B 463 36.70 37.72 -24.77
C LYS B 463 36.93 36.53 -25.66
N CYS B 464 35.90 36.14 -26.42
CA CYS B 464 35.70 34.87 -27.07
C CYS B 464 36.83 34.34 -27.89
N ASN B 465 37.28 35.02 -28.96
CA ASN B 465 38.35 34.38 -29.68
C ASN B 465 39.54 34.37 -28.78
N ASP B 466 39.80 35.52 -28.15
CA ASP B 466 40.85 35.66 -27.18
C ASP B 466 40.62 37.02 -26.60
N SER B 467 41.48 37.44 -25.67
CA SER B 467 41.34 38.74 -25.09
C SER B 467 41.70 39.74 -26.14
N HIS B 468 42.34 39.27 -27.24
CA HIS B 468 42.82 40.19 -28.24
C HIS B 468 41.71 41.01 -28.77
N ASN B 469 42.09 42.16 -29.39
CA ASN B 469 41.16 43.14 -29.85
C ASN B 469 40.21 42.53 -30.81
N ASN B 470 40.70 41.71 -31.76
CA ASN B 470 39.75 41.11 -32.66
C ASN B 470 38.89 40.26 -31.79
N GLU B 471 37.55 40.43 -31.90
CA GLU B 471 36.70 39.71 -31.00
C GLU B 471 35.36 39.55 -31.64
N VAL B 472 34.60 38.56 -31.15
CA VAL B 472 33.27 38.32 -31.61
C VAL B 472 32.49 37.94 -30.39
N ALA B 473 31.16 37.78 -30.51
CA ALA B 473 30.37 37.39 -29.38
C ALA B 473 30.73 35.98 -29.06
N CYS B 474 30.77 35.64 -27.77
CA CYS B 474 31.22 34.34 -27.37
C CYS B 474 30.19 33.30 -27.69
N CYS B 475 28.91 33.63 -27.45
CA CYS B 475 27.90 32.62 -27.57
C CYS B 475 27.70 32.28 -29.01
N ILE B 476 27.29 31.03 -29.25
CA ILE B 476 27.05 30.61 -30.59
C ILE B 476 25.58 30.71 -30.83
N HIS B 477 25.20 31.45 -31.89
CA HIS B 477 23.80 31.61 -32.18
C HIS B 477 23.62 31.34 -33.63
N GLY B 478 22.41 30.86 -34.00
CA GLY B 478 22.15 30.58 -35.37
C GLY B 478 22.99 29.41 -35.74
N MET B 479 23.45 28.67 -34.72
CA MET B 479 24.31 27.56 -34.98
C MET B 479 23.76 26.41 -34.19
N PRO B 480 24.03 25.22 -34.64
CA PRO B 480 23.54 24.06 -33.93
C PRO B 480 24.18 23.95 -32.60
N THR B 481 25.38 24.55 -32.44
CA THR B 481 26.14 24.53 -31.23
C THR B 481 25.39 25.33 -30.22
N PHE B 482 24.50 26.22 -30.70
CA PHE B 482 23.81 27.18 -29.90
C PHE B 482 23.13 26.54 -28.71
N PRO B 483 22.36 25.50 -28.83
CA PRO B 483 21.75 25.00 -27.63
C PRO B 483 22.77 24.44 -26.67
N HIS B 484 23.90 23.93 -27.20
CA HIS B 484 24.91 23.33 -26.39
C HIS B 484 25.50 24.38 -25.50
N TRP B 485 25.84 25.54 -26.12
CA TRP B 485 26.53 26.58 -25.43
C TRP B 485 25.71 27.09 -24.31
N HIS B 486 24.44 27.42 -24.58
CA HIS B 486 23.62 27.98 -23.55
C HIS B 486 23.42 26.97 -22.47
N ARG B 487 23.28 25.69 -22.85
CA ARG B 487 23.07 24.70 -21.84
C ARG B 487 24.24 24.72 -20.92
N LEU B 488 25.46 24.80 -21.49
CA LEU B 488 26.65 24.78 -20.69
C LEU B 488 26.65 26.00 -19.82
N TYR B 489 26.16 27.12 -20.37
CA TYR B 489 26.18 28.39 -19.71
C TYR B 489 25.39 28.30 -18.45
N THR B 490 24.21 27.65 -18.49
CA THR B 490 23.37 27.58 -17.33
C THR B 490 24.07 26.86 -16.24
N LEU B 491 24.79 25.78 -16.56
CA LEU B 491 25.45 25.02 -15.54
C LEU B 491 26.44 25.90 -14.84
N GLN B 492 27.09 26.81 -15.58
CA GLN B 492 28.07 27.63 -14.95
C GLN B 492 27.41 28.40 -13.85
N PHE B 493 26.24 29.00 -14.13
CA PHE B 493 25.58 29.75 -13.10
C PHE B 493 25.16 28.85 -12.00
N GLU B 494 24.61 27.68 -12.33
CA GLU B 494 24.10 26.81 -11.30
C GLU B 494 25.22 26.47 -10.37
N GLN B 495 26.41 26.19 -10.93
CA GLN B 495 27.49 25.84 -10.08
C GLN B 495 27.81 27.02 -9.23
N ALA B 496 27.73 28.23 -9.81
CA ALA B 496 28.10 29.39 -9.06
C ALA B 496 27.19 29.50 -7.88
N LEU B 497 25.87 29.34 -8.09
CA LEU B 497 24.95 29.47 -7.00
C LEU B 497 25.24 28.44 -5.97
N ARG B 498 25.56 27.21 -6.42
CA ARG B 498 25.78 26.15 -5.49
C ARG B 498 26.91 26.54 -4.61
N ARG B 499 27.96 27.14 -5.18
CA ARG B 499 29.10 27.55 -4.42
C ARG B 499 28.61 28.53 -3.41
N HIS B 500 27.71 29.42 -3.87
CA HIS B 500 27.13 30.46 -3.08
C HIS B 500 26.26 29.85 -2.02
N GLY B 501 25.79 28.60 -2.24
CA GLY B 501 24.99 27.99 -1.21
C GLY B 501 23.57 27.87 -1.63
N SER B 502 23.28 28.00 -2.94
CA SER B 502 21.92 27.85 -3.36
C SER B 502 21.50 26.44 -3.07
N SER B 503 20.28 26.28 -2.51
CA SER B 503 19.73 25.01 -2.16
C SER B 503 19.29 24.28 -3.38
N VAL B 504 18.89 25.00 -4.44
CA VAL B 504 18.30 24.31 -5.55
C VAL B 504 18.91 24.79 -6.84
N ALA B 505 18.65 24.04 -7.93
CA ALA B 505 19.11 24.40 -9.24
C ALA B 505 18.32 25.58 -9.67
N VAL B 506 18.83 26.35 -10.64
CA VAL B 506 18.11 27.53 -11.03
C VAL B 506 16.84 27.13 -11.67
N PRO B 507 15.83 27.85 -11.29
CA PRO B 507 14.51 27.58 -11.80
C PRO B 507 14.35 28.08 -13.20
N TYR B 508 13.32 27.58 -13.90
CA TYR B 508 13.06 27.99 -15.24
C TYR B 508 11.71 28.62 -15.25
N TRP B 509 11.57 29.71 -16.03
CA TRP B 509 10.33 30.42 -16.11
C TRP B 509 9.61 29.84 -17.29
N ASP B 510 8.57 29.01 -17.03
CA ASP B 510 7.87 28.42 -18.14
C ASP B 510 7.18 29.52 -18.89
N TRP B 511 7.76 29.88 -20.04
CA TRP B 511 7.21 30.88 -20.91
C TRP B 511 6.01 30.37 -21.63
N THR B 512 6.00 29.06 -21.95
CA THR B 512 4.99 28.51 -22.81
C THR B 512 3.63 28.79 -22.25
N LYS B 513 3.43 28.56 -20.95
CA LYS B 513 2.14 28.83 -20.40
C LYS B 513 1.94 30.30 -20.47
N PRO B 514 0.71 30.70 -20.60
CA PRO B 514 0.43 32.10 -20.64
C PRO B 514 0.75 32.64 -19.30
N ILE B 515 1.22 33.90 -19.25
CA ILE B 515 1.64 34.47 -18.01
C ILE B 515 0.63 35.48 -17.60
N HIS B 516 -0.05 35.21 -16.46
CA HIS B 516 -1.02 36.14 -15.99
C HIS B 516 -0.27 37.39 -15.66
N ASN B 517 0.83 37.22 -14.89
CA ASN B 517 1.64 38.34 -14.52
C ASN B 517 3.05 37.84 -14.41
N ILE B 518 4.02 38.77 -14.46
CA ILE B 518 5.42 38.47 -14.39
C ILE B 518 5.70 37.92 -13.03
N PRO B 519 6.43 36.83 -12.97
CA PRO B 519 6.70 36.14 -11.74
C PRO B 519 7.15 37.07 -10.66
N HIS B 520 6.64 36.85 -9.44
CA HIS B 520 6.87 37.68 -8.30
C HIS B 520 8.32 37.72 -7.92
N LEU B 521 9.01 36.56 -8.00
CA LEU B 521 10.36 36.55 -7.51
C LEU B 521 11.16 37.53 -8.29
N PHE B 522 11.06 37.49 -9.63
CA PHE B 522 11.80 38.37 -10.47
C PHE B 522 11.26 39.77 -10.39
N THR B 523 9.92 39.90 -10.40
CA THR B 523 9.30 41.20 -10.47
C THR B 523 9.61 42.07 -9.31
N ASP B 524 9.46 41.56 -8.07
CA ASP B 524 9.61 42.45 -6.95
C ASP B 524 10.98 43.04 -6.92
N LYS B 525 11.01 44.39 -6.96
CA LYS B 525 12.22 45.15 -6.92
C LYS B 525 12.82 45.00 -5.57
N GLU B 526 11.98 44.96 -4.51
CA GLU B 526 12.50 44.86 -3.19
C GLU B 526 12.15 43.52 -2.63
N TYR B 527 13.09 42.92 -1.88
CA TYR B 527 12.82 41.64 -1.28
C TYR B 527 12.62 41.94 0.17
N TYR B 528 11.38 42.29 0.53
CA TYR B 528 11.02 42.69 1.87
C TYR B 528 11.07 41.54 2.83
N ASP B 529 10.49 40.38 2.45
CA ASP B 529 10.38 39.30 3.39
C ASP B 529 11.75 38.82 3.74
N VAL B 530 11.95 38.52 5.06
CA VAL B 530 13.11 37.99 5.72
C VAL B 530 12.68 37.93 7.16
N TRP B 531 13.36 37.14 8.00
CA TRP B 531 13.07 37.17 9.40
C TRP B 531 13.36 38.56 9.83
N ARG B 532 14.46 39.11 9.29
CA ARG B 532 14.90 40.44 9.62
C ARG B 532 13.86 41.40 9.17
N ASN B 533 13.17 41.10 8.05
CA ASN B 533 12.20 42.02 7.55
C ASN B 533 12.91 43.26 7.12
N LYS B 534 14.15 43.09 6.64
CA LYS B 534 14.91 44.20 6.12
C LYS B 534 14.46 44.39 4.72
N VAL B 535 14.63 45.63 4.19
CA VAL B 535 14.24 45.87 2.83
C VAL B 535 15.51 45.91 2.04
N MET B 536 15.52 45.22 0.88
CA MET B 536 16.70 45.22 0.08
C MET B 536 16.29 45.12 -1.35
N PRO B 537 17.20 45.41 -2.22
CA PRO B 537 16.90 45.29 -3.62
C PRO B 537 16.86 43.83 -3.95
N ASN B 538 16.17 43.46 -5.03
CA ASN B 538 16.06 42.08 -5.37
C ASN B 538 17.07 41.81 -6.44
N PRO B 539 18.07 41.06 -6.07
CA PRO B 539 19.12 40.73 -6.98
C PRO B 539 18.51 40.10 -8.18
N PHE B 540 17.40 39.37 -7.99
CA PHE B 540 16.71 38.71 -9.07
C PHE B 540 16.18 39.74 -9.99
N ALA B 541 15.72 40.88 -9.44
CA ALA B 541 15.07 41.84 -10.28
C ALA B 541 16.00 42.27 -11.36
N ARG B 542 17.25 42.66 -11.04
CA ARG B 542 18.10 43.10 -12.11
C ARG B 542 19.51 43.16 -11.61
N GLY B 543 20.42 43.57 -12.52
CA GLY B 543 21.81 43.75 -12.22
C GLY B 543 22.21 44.93 -13.03
N TYR B 544 23.49 45.33 -12.95
CA TYR B 544 23.91 46.44 -13.75
C TYR B 544 25.16 46.03 -14.46
N VAL B 545 25.50 46.73 -15.57
CA VAL B 545 26.70 46.36 -16.27
C VAL B 545 27.78 47.30 -15.82
N PRO B 546 28.77 46.74 -15.18
CA PRO B 546 29.85 47.54 -14.68
C PRO B 546 30.71 48.16 -15.74
N SER B 547 30.96 47.45 -16.85
CA SER B 547 31.82 47.98 -17.86
C SER B 547 31.18 49.18 -18.43
N HIS B 548 29.92 49.01 -18.86
CA HIS B 548 29.16 50.06 -19.46
C HIS B 548 28.91 51.09 -18.40
N ASP B 549 28.79 50.63 -17.14
CA ASP B 549 28.46 51.53 -16.08
C ASP B 549 27.05 51.95 -16.36
N THR B 550 26.37 51.13 -17.18
CA THR B 550 25.01 51.35 -17.53
C THR B 550 24.25 50.47 -16.59
N TYR B 551 22.90 50.47 -16.67
CA TYR B 551 22.15 49.66 -15.78
C TYR B 551 21.25 48.84 -16.66
N THR B 552 20.81 47.65 -16.19
CA THR B 552 19.98 46.85 -17.03
C THR B 552 18.63 47.48 -17.03
N VAL B 553 17.86 47.22 -18.10
CA VAL B 553 16.55 47.78 -18.15
C VAL B 553 15.69 46.77 -18.83
N ARG B 554 14.36 46.81 -18.58
CA ARG B 554 13.54 45.93 -19.34
C ARG B 554 12.31 46.64 -19.76
N ASP B 555 11.94 46.45 -21.04
CA ASP B 555 10.75 47.01 -21.62
C ASP B 555 9.95 45.83 -22.03
N VAL B 556 8.82 45.57 -21.36
CA VAL B 556 8.11 44.36 -21.67
C VAL B 556 6.78 44.71 -22.25
N GLN B 557 6.28 43.82 -23.11
CA GLN B 557 4.99 44.03 -23.71
C GLN B 557 4.03 43.19 -22.94
N GLU B 558 2.82 43.75 -22.71
CA GLU B 558 1.74 43.16 -21.98
C GLU B 558 1.26 41.97 -22.75
N GLY B 559 1.47 42.02 -24.07
CA GLY B 559 0.99 41.03 -25.00
C GLY B 559 1.47 39.71 -24.54
N LEU B 560 2.58 39.67 -23.78
CA LEU B 560 3.15 38.44 -23.33
C LEU B 560 2.09 37.69 -22.61
N PHE B 561 1.20 38.41 -21.89
CA PHE B 561 0.09 37.73 -21.29
C PHE B 561 -0.55 37.10 -22.48
N HIS B 562 -0.56 35.75 -22.49
CA HIS B 562 -0.93 35.08 -23.70
C HIS B 562 -2.39 34.85 -23.77
N LEU B 563 -2.93 35.14 -24.96
CA LEU B 563 -4.29 34.86 -25.26
C LEU B 563 -4.22 34.01 -26.48
N THR B 564 -5.00 32.92 -26.53
CA THR B 564 -5.02 32.15 -27.74
C THR B 564 -6.36 31.48 -27.83
N SER B 565 -6.71 31.01 -29.03
CA SER B 565 -8.00 30.41 -29.22
C SER B 565 -8.12 29.23 -28.32
N THR B 566 -7.15 28.30 -28.44
CA THR B 566 -7.19 27.12 -27.62
C THR B 566 -7.08 27.58 -26.22
N GLY B 567 -6.11 28.46 -26.00
CA GLY B 567 -5.78 28.98 -24.71
C GLY B 567 -4.51 28.29 -24.33
N GLU B 568 -4.49 26.95 -24.47
CA GLU B 568 -3.33 26.18 -24.17
C GLU B 568 -2.28 26.43 -25.21
N HIS B 569 -2.69 26.44 -26.49
CA HIS B 569 -1.70 26.55 -27.51
C HIS B 569 -1.37 27.98 -27.73
N SER B 570 -0.25 28.41 -27.12
CA SER B 570 0.23 29.75 -27.30
C SER B 570 1.15 29.69 -28.48
N ALA B 571 1.65 30.86 -28.91
CA ALA B 571 2.54 30.89 -30.03
C ALA B 571 3.77 30.13 -29.65
N LEU B 572 4.25 30.35 -28.40
CA LEU B 572 5.44 29.69 -27.98
C LEU B 572 5.17 28.23 -27.94
N LEU B 573 4.00 27.84 -27.44
CA LEU B 573 3.69 26.44 -27.31
C LEU B 573 3.66 25.84 -28.68
N ASN B 574 3.03 26.53 -29.64
CA ASN B 574 2.92 25.99 -30.96
C ASN B 574 4.29 25.87 -31.55
N GLN B 575 5.11 26.91 -31.38
CA GLN B 575 6.40 26.91 -32.00
C GLN B 575 7.24 25.83 -31.37
N ALA B 576 7.19 25.73 -30.03
CA ALA B 576 8.00 24.77 -29.34
C ALA B 576 7.61 23.38 -29.74
N LEU B 577 6.29 23.14 -29.84
CA LEU B 577 5.82 21.81 -30.14
C LEU B 577 6.29 21.39 -31.49
N LEU B 578 6.24 22.32 -32.47
CA LEU B 578 6.59 21.96 -33.82
C LEU B 578 8.03 21.53 -33.81
N ALA B 579 8.87 22.28 -33.07
CA ALA B 579 10.26 21.96 -33.03
C ALA B 579 10.38 20.60 -32.44
N LEU B 580 9.52 20.31 -31.43
CA LEU B 580 9.60 19.06 -30.74
C LEU B 580 9.42 17.98 -31.75
N GLU B 581 8.45 18.14 -32.69
CA GLU B 581 8.31 17.04 -33.60
C GLU B 581 9.28 17.19 -34.72
N GLN B 582 10.52 16.74 -34.50
CA GLN B 582 11.50 16.77 -35.54
C GLN B 582 12.57 15.82 -35.15
N HIS B 583 12.77 14.76 -35.95
CA HIS B 583 13.82 13.83 -35.65
C HIS B 583 15.12 14.54 -35.84
N ASP B 584 15.24 15.31 -36.94
CA ASP B 584 16.46 15.96 -37.24
C ASP B 584 16.74 16.96 -36.16
N TYR B 585 17.95 16.86 -35.58
CA TYR B 585 18.38 17.77 -34.56
C TYR B 585 18.53 19.12 -35.17
N CYS B 586 19.13 19.14 -36.38
CA CYS B 586 19.42 20.38 -37.05
C CYS B 586 18.12 21.10 -37.25
N ASP B 587 17.10 20.37 -37.74
CA ASP B 587 15.83 20.98 -38.00
C ASP B 587 15.27 21.42 -36.69
N PHE B 588 15.48 20.61 -35.64
CA PHE B 588 14.96 20.90 -34.34
C PHE B 588 15.54 22.18 -33.84
N ALA B 589 16.87 22.35 -34.00
CA ALA B 589 17.54 23.50 -33.47
C ALA B 589 17.01 24.75 -34.10
N VAL B 590 16.76 24.72 -35.42
CA VAL B 590 16.35 25.93 -36.09
C VAL B 590 15.09 26.42 -35.45
N GLN B 591 14.10 25.54 -35.28
CA GLN B 591 12.85 25.89 -34.69
C GLN B 591 13.07 26.18 -33.24
N PHE B 592 13.96 25.40 -32.61
CA PHE B 592 14.21 25.47 -31.20
C PHE B 592 14.71 26.84 -30.85
N GLU B 593 15.69 27.37 -31.61
CA GLU B 593 16.29 28.62 -31.28
C GLU B 593 15.30 29.74 -31.40
N VAL B 594 14.46 29.73 -32.45
CA VAL B 594 13.58 30.84 -32.68
C VAL B 594 12.65 31.03 -31.53
N MET B 595 12.11 29.94 -30.97
CA MET B 595 11.18 30.07 -29.89
C MET B 595 11.90 30.74 -28.77
N HIS B 596 13.17 30.39 -28.60
CA HIS B 596 14.02 30.89 -27.55
C HIS B 596 14.13 32.37 -27.66
N ASN B 597 14.20 32.88 -28.89
CA ASN B 597 14.43 34.26 -29.20
C ASN B 597 13.34 35.13 -28.65
N THR B 598 12.10 34.63 -28.63
CA THR B 598 10.97 35.44 -28.30
C THR B 598 11.14 36.11 -26.98
N ILE B 599 11.58 35.36 -25.95
CA ILE B 599 11.62 35.96 -24.66
C ILE B 599 12.58 37.10 -24.61
N HIS B 600 13.73 36.98 -25.28
CA HIS B 600 14.70 38.05 -25.23
C HIS B 600 14.03 39.29 -25.74
N TYR B 601 13.28 39.16 -26.85
CA TYR B 601 12.65 40.32 -27.41
C TYR B 601 11.62 40.83 -26.46
N LEU B 602 10.83 39.93 -25.85
CA LEU B 602 9.76 40.41 -25.02
C LEU B 602 10.26 41.24 -23.90
N VAL B 603 11.21 40.71 -23.10
CA VAL B 603 11.65 41.43 -21.96
C VAL B 603 12.41 42.65 -22.36
N GLY B 604 13.37 42.50 -23.30
CA GLY B 604 14.23 43.60 -23.63
C GLY B 604 13.46 44.74 -24.21
N GLY B 605 12.58 44.47 -25.17
CA GLY B 605 11.87 45.56 -25.77
C GLY B 605 12.88 46.37 -26.54
N PRO B 606 12.57 47.64 -26.65
CA PRO B 606 13.44 48.54 -27.35
C PRO B 606 14.72 48.85 -26.62
N GLN B 607 14.80 48.58 -25.31
CA GLN B 607 15.95 49.00 -24.57
C GLN B 607 17.19 48.43 -25.17
N VAL B 608 18.19 49.30 -25.39
CA VAL B 608 19.46 48.93 -25.94
C VAL B 608 20.15 48.03 -24.97
N TYR B 609 20.05 48.35 -23.68
CA TYR B 609 20.73 47.56 -22.70
C TYR B 609 19.68 46.68 -22.11
N SER B 610 19.55 45.45 -22.63
CA SER B 610 18.55 44.58 -22.09
C SER B 610 18.72 43.23 -22.68
N LEU B 611 17.74 42.35 -22.44
CA LEU B 611 17.76 41.00 -22.94
C LEU B 611 17.68 41.11 -24.42
N SER B 612 17.01 42.16 -24.91
CA SER B 612 16.82 42.32 -26.33
C SER B 612 18.16 42.50 -26.99
N SER B 613 19.20 42.91 -26.24
CA SER B 613 20.47 43.12 -26.87
C SER B 613 21.32 41.91 -26.68
N LEU B 614 22.12 41.57 -27.71
CA LEU B 614 22.96 40.40 -27.67
C LEU B 614 23.98 40.52 -26.58
N HIS B 615 24.74 41.63 -26.56
CA HIS B 615 25.77 41.77 -25.58
C HIS B 615 25.23 41.96 -24.19
N TYR B 616 24.27 42.88 -24.03
CA TYR B 616 23.72 43.29 -22.77
C TYR B 616 22.90 42.21 -22.10
N ALA B 617 22.21 41.39 -22.90
CA ALA B 617 21.19 40.52 -22.42
C ALA B 617 21.65 39.64 -21.30
N SER B 618 22.90 39.15 -21.33
CA SER B 618 23.33 38.21 -20.33
C SER B 618 23.24 38.81 -18.96
N TYR B 619 23.28 40.14 -18.83
CA TYR B 619 23.28 40.76 -17.53
C TYR B 619 22.02 40.47 -16.78
N ASP B 620 20.85 40.57 -17.45
CA ASP B 620 19.61 40.39 -16.75
C ASP B 620 19.56 39.00 -16.18
N PRO B 621 19.12 38.90 -14.96
CA PRO B 621 18.99 37.63 -14.29
C PRO B 621 17.91 36.78 -14.87
N ILE B 622 16.96 37.36 -15.61
CA ILE B 622 15.87 36.65 -16.19
C ILE B 622 16.48 35.65 -17.13
N PHE B 623 17.62 36.05 -17.72
CA PHE B 623 18.31 35.29 -18.70
C PHE B 623 18.50 33.90 -18.19
N PHE B 624 19.01 33.74 -16.96
CA PHE B 624 19.24 32.40 -16.52
C PHE B 624 17.93 31.68 -16.40
N ILE B 625 16.90 32.36 -15.84
CA ILE B 625 15.67 31.68 -15.61
C ILE B 625 15.08 31.22 -16.91
N HIS B 626 15.07 32.08 -17.93
CA HIS B 626 14.50 31.68 -19.19
C HIS B 626 15.28 30.54 -19.76
N HIS B 627 16.62 30.64 -19.70
CA HIS B 627 17.45 29.65 -20.30
C HIS B 627 17.24 28.34 -19.60
N SER B 628 16.96 28.37 -18.30
CA SER B 628 16.76 27.11 -17.62
C SER B 628 15.64 26.40 -18.29
N PHE B 629 14.54 27.13 -18.61
CA PHE B 629 13.40 26.50 -19.21
C PHE B 629 13.75 25.95 -20.54
N VAL B 630 14.45 26.75 -21.36
CA VAL B 630 14.76 26.32 -22.70
C VAL B 630 15.61 25.10 -22.60
N ASP B 631 16.57 25.10 -21.65
CA ASP B 631 17.44 23.98 -21.48
C ASP B 631 16.61 22.80 -21.12
N LYS B 632 15.62 23.02 -20.24
CA LYS B 632 14.78 21.97 -19.76
C LYS B 632 14.08 21.36 -20.92
N VAL B 633 13.54 22.20 -21.82
CA VAL B 633 12.82 21.72 -22.97
C VAL B 633 13.74 20.96 -23.86
N TRP B 634 14.95 21.47 -24.07
CA TRP B 634 15.86 20.84 -24.98
C TRP B 634 16.15 19.47 -24.43
N ALA B 635 16.31 19.37 -23.11
CA ALA B 635 16.61 18.11 -22.49
C ALA B 635 15.48 17.18 -22.76
N VAL B 636 14.24 17.70 -22.70
CA VAL B 636 13.08 16.89 -22.91
C VAL B 636 13.17 16.31 -24.28
N TRP B 637 13.64 17.11 -25.25
CA TRP B 637 13.72 16.66 -26.61
C TRP B 637 14.60 15.45 -26.65
N GLN B 638 15.74 15.51 -25.96
CA GLN B 638 16.64 14.39 -26.00
C GLN B 638 15.94 13.20 -25.42
N ALA B 639 15.20 13.40 -24.32
CA ALA B 639 14.53 12.31 -23.69
C ALA B 639 13.54 11.78 -24.67
N LEU B 640 12.85 12.68 -25.40
CA LEU B 640 11.87 12.25 -26.35
C LEU B 640 12.56 11.43 -27.39
N GLN B 641 13.76 11.87 -27.79
CA GLN B 641 14.48 11.18 -28.81
C GLN B 641 14.72 9.79 -28.31
N GLU B 642 15.01 9.66 -27.01
CA GLU B 642 15.24 8.35 -26.47
C GLU B 642 13.99 7.56 -26.64
N LYS B 643 12.84 8.20 -26.41
CA LYS B 643 11.59 7.51 -26.56
C LYS B 643 11.51 7.06 -27.98
N ARG B 644 11.95 7.93 -28.91
CA ARG B 644 11.91 7.60 -30.30
C ARG B 644 12.84 6.44 -30.50
N GLY B 645 13.95 6.39 -29.75
CA GLY B 645 14.84 5.29 -29.87
C GLY B 645 16.07 5.68 -30.62
N LEU B 646 16.11 6.90 -31.20
CA LEU B 646 17.33 7.27 -31.85
C LEU B 646 18.28 7.83 -30.84
N PRO B 647 19.54 7.81 -31.15
CA PRO B 647 20.51 8.31 -30.21
C PRO B 647 20.34 9.77 -29.97
N SER B 648 20.21 10.17 -28.69
CA SER B 648 20.02 11.55 -28.38
C SER B 648 21.31 12.29 -28.56
N ASP B 649 22.42 11.64 -28.19
CA ASP B 649 23.73 12.22 -28.15
C ASP B 649 24.17 12.63 -29.50
N ARG B 650 24.00 11.74 -30.49
CA ARG B 650 24.55 11.97 -31.79
C ARG B 650 23.86 13.11 -32.47
N ALA B 651 24.64 13.91 -33.21
CA ALA B 651 24.10 14.99 -33.98
C ALA B 651 24.56 14.79 -35.39
N ASP B 652 23.61 14.82 -36.36
CA ASP B 652 23.90 14.59 -37.74
C ASP B 652 24.71 15.69 -38.34
N CYS B 653 24.33 16.97 -38.10
CA CYS B 653 25.02 17.99 -38.83
C CYS B 653 25.73 18.92 -37.92
N ALA B 654 26.24 20.02 -38.51
CA ALA B 654 26.98 21.02 -37.80
C ALA B 654 28.10 20.34 -37.11
N VAL B 655 28.73 19.35 -37.78
CA VAL B 655 29.76 18.63 -37.09
C VAL B 655 30.92 19.54 -36.89
N SER B 656 31.16 20.47 -37.83
CA SER B 656 32.31 21.33 -37.73
C SER B 656 32.20 22.07 -36.44
N LEU B 657 31.00 22.61 -36.19
CA LEU B 657 30.77 23.41 -35.03
C LEU B 657 30.90 22.54 -33.82
N MET B 658 30.43 21.28 -33.92
CA MET B 658 30.36 20.42 -32.79
C MET B 658 31.72 20.23 -32.20
N THR B 659 32.74 20.01 -33.05
CA THR B 659 34.06 19.72 -32.56
C THR B 659 34.62 20.86 -31.77
N GLN B 660 34.43 22.09 -32.26
CA GLN B 660 35.11 23.21 -31.67
C GLN B 660 34.76 23.30 -30.22
N ASN B 661 35.78 23.61 -29.40
CA ASN B 661 35.59 23.76 -27.99
C ASN B 661 34.86 25.04 -27.80
N MET B 662 34.04 25.10 -26.74
CA MET B 662 33.24 26.25 -26.49
C MET B 662 33.94 27.11 -25.48
N ARG B 663 34.41 28.29 -25.93
CA ARG B 663 35.03 29.22 -25.03
C ARG B 663 33.90 30.03 -24.47
N PRO B 664 34.12 30.77 -23.43
CA PRO B 664 35.40 30.84 -22.74
C PRO B 664 35.58 29.62 -21.90
N PHE B 665 34.64 28.68 -21.95
CA PHE B 665 34.62 27.56 -21.08
C PHE B 665 35.93 26.84 -21.17
N HIS B 666 36.49 26.71 -22.39
CA HIS B 666 37.73 26.00 -22.52
C HIS B 666 38.78 26.69 -21.70
N TYR B 667 38.78 28.04 -21.72
CA TYR B 667 39.73 28.88 -21.06
C TYR B 667 39.69 28.79 -19.56
N GLU B 668 40.85 29.14 -18.95
CA GLU B 668 41.16 29.14 -17.55
C GLU B 668 40.31 30.15 -16.86
N ILE B 669 39.78 31.14 -17.61
CA ILE B 669 38.99 32.20 -17.04
C ILE B 669 37.90 31.55 -16.24
N ASN B 670 37.32 30.48 -16.80
CA ASN B 670 36.30 29.78 -16.06
C ASN B 670 37.00 28.81 -15.16
N HIS B 671 36.83 28.98 -13.84
CA HIS B 671 37.42 28.13 -12.85
C HIS B 671 36.79 26.78 -12.91
N ASN B 672 35.47 26.74 -13.22
CA ASN B 672 34.72 25.52 -13.16
C ASN B 672 35.36 24.45 -13.98
N GLN B 673 35.67 23.33 -13.32
CA GLN B 673 36.30 22.18 -13.90
C GLN B 673 35.37 21.44 -14.82
N PHE B 674 34.10 21.22 -14.39
CA PHE B 674 33.24 20.39 -15.20
C PHE B 674 32.99 21.05 -16.50
N THR B 675 32.82 22.38 -16.49
CA THR B 675 32.53 23.07 -17.72
C THR B 675 33.65 22.88 -18.67
N LYS B 676 34.92 22.89 -18.19
CA LYS B 676 36.04 22.85 -19.08
C LYS B 676 36.04 21.60 -19.91
N LYS B 677 35.85 20.43 -19.29
CA LYS B 677 35.90 19.18 -20.01
C LYS B 677 34.76 19.18 -21.00
N HIS B 678 33.62 19.74 -20.56
CA HIS B 678 32.36 19.80 -21.25
C HIS B 678 32.39 20.72 -22.42
N ALA B 679 33.47 21.52 -22.59
CA ALA B 679 33.49 22.57 -23.56
C ALA B 679 33.10 22.07 -24.91
N VAL B 680 33.54 20.88 -25.34
CA VAL B 680 33.08 20.48 -26.64
C VAL B 680 31.60 20.28 -26.52
N PRO B 681 30.87 20.82 -27.45
CA PRO B 681 29.44 20.73 -27.41
C PRO B 681 28.97 19.34 -27.63
N ASN B 682 29.83 18.47 -28.19
CA ASN B 682 29.41 17.13 -28.43
C ASN B 682 29.08 16.52 -27.11
N ASP B 683 29.92 16.81 -26.10
CA ASP B 683 29.78 16.27 -24.78
C ASP B 683 28.56 16.82 -24.11
N VAL B 684 28.15 18.05 -24.48
CA VAL B 684 27.12 18.75 -23.77
C VAL B 684 25.84 17.98 -23.79
N PHE B 685 25.61 17.15 -24.81
CA PHE B 685 24.33 16.49 -24.97
C PHE B 685 23.95 15.78 -23.71
N LYS B 686 24.84 14.98 -23.11
CA LYS B 686 24.39 14.30 -21.95
C LYS B 686 24.39 15.26 -20.81
N TYR B 687 23.18 15.71 -20.41
CA TYR B 687 22.99 16.66 -19.36
C TYR B 687 23.34 16.05 -18.06
N GLU B 688 23.16 14.70 -17.96
CA GLU B 688 23.34 13.82 -16.83
C GLU B 688 24.74 13.97 -16.32
N LEU B 689 25.73 14.16 -17.23
CA LEU B 689 27.10 14.42 -16.84
C LEU B 689 27.13 15.67 -16.00
N LEU B 690 26.26 16.68 -16.30
CA LEU B 690 26.20 17.90 -15.54
C LEU B 690 25.83 17.51 -14.15
N GLY B 691 24.92 16.55 -13.99
CA GLY B 691 24.56 16.10 -12.68
C GLY B 691 23.41 16.91 -12.16
N TYR B 692 22.69 17.58 -13.07
CA TYR B 692 21.57 18.36 -12.59
C TYR B 692 20.37 17.72 -13.20
N ARG B 693 19.23 17.73 -12.49
CA ARG B 693 18.08 17.13 -13.07
C ARG B 693 16.97 18.10 -12.97
N TYR B 694 15.82 17.75 -13.58
CA TYR B 694 14.68 18.61 -13.58
C TYR B 694 13.65 17.91 -12.76
N ASP B 695 12.79 18.68 -12.08
CA ASP B 695 11.81 18.05 -11.25
C ASP B 695 10.99 17.16 -12.13
N ASN B 696 10.58 17.67 -13.30
CA ASN B 696 9.82 16.84 -14.18
C ASN B 696 10.15 17.22 -15.58
N LEU B 697 10.02 16.25 -16.50
CA LEU B 697 10.23 16.57 -17.88
C LEU B 697 8.87 16.59 -18.48
N GLU B 698 8.29 17.79 -18.62
CA GLU B 698 6.96 17.84 -19.16
C GLU B 698 6.83 19.11 -19.93
N ILE B 699 6.08 19.06 -21.04
CA ILE B 699 5.84 20.25 -21.80
C ILE B 699 4.37 20.48 -21.85
N GLY B 700 3.87 21.39 -21.01
CA GLY B 700 2.49 21.78 -21.11
C GLY B 700 1.54 20.67 -20.75
N GLY B 701 1.89 19.79 -19.80
CA GLY B 701 0.89 18.84 -19.36
C GLY B 701 1.02 17.53 -20.06
N MET B 702 1.87 17.42 -21.09
CA MET B 702 1.97 16.14 -21.75
C MET B 702 3.22 15.49 -21.25
N ASN B 703 3.15 14.16 -21.04
CA ASN B 703 4.32 13.44 -20.61
C ASN B 703 5.16 13.27 -21.83
N LEU B 704 6.40 12.79 -21.66
CA LEU B 704 7.26 12.62 -22.80
C LEU B 704 6.59 11.60 -23.68
N HIS B 705 6.05 10.53 -23.06
CA HIS B 705 5.43 9.51 -23.83
C HIS B 705 4.25 10.10 -24.54
N GLU B 706 3.45 10.88 -23.81
CA GLU B 706 2.25 11.44 -24.38
C GLU B 706 2.61 12.39 -25.47
N ILE B 707 3.68 13.19 -25.28
CA ILE B 707 3.99 14.17 -26.28
C ILE B 707 4.34 13.47 -27.54
N GLU B 708 5.09 12.35 -27.46
CA GLU B 708 5.45 11.69 -28.68
C GLU B 708 4.17 11.29 -29.35
N LYS B 709 3.20 10.79 -28.57
CA LYS B 709 1.96 10.36 -29.14
C LYS B 709 1.27 11.54 -29.74
N GLU B 710 1.32 12.70 -29.06
CA GLU B 710 0.62 13.88 -29.49
C GLU B 710 1.16 14.34 -30.82
N ILE B 711 2.49 14.31 -31.01
CA ILE B 711 3.05 14.84 -32.24
C ILE B 711 2.64 14.03 -33.43
N LYS B 712 2.57 12.69 -33.28
CA LYS B 712 2.23 11.87 -34.41
C LYS B 712 0.88 12.28 -34.99
N ASP B 713 -0.11 12.63 -34.12
CA ASP B 713 -1.40 12.97 -34.64
C ASP B 713 -1.30 14.21 -35.47
N LYS B 714 -0.39 15.13 -35.10
CA LYS B 714 -0.25 16.37 -35.82
C LYS B 714 0.14 16.06 -37.23
N GLN B 715 0.98 15.01 -37.38
CA GLN B 715 1.49 14.62 -38.65
C GLN B 715 0.38 14.18 -39.55
N HIS B 716 -0.70 13.60 -38.98
CA HIS B 716 -1.76 13.09 -39.79
C HIS B 716 -2.28 14.20 -40.66
N HIS B 717 -2.49 15.40 -40.07
CA HIS B 717 -3.04 16.50 -40.81
C HIS B 717 -2.02 17.02 -41.76
N VAL B 718 -2.46 17.51 -42.93
CA VAL B 718 -1.58 18.07 -43.91
C VAL B 718 -1.30 19.48 -43.47
N ARG B 719 -0.09 19.99 -43.78
CA ARG B 719 0.20 21.33 -43.38
C ARG B 719 0.93 22.02 -44.48
N VAL B 720 0.85 23.37 -44.49
CA VAL B 720 1.54 24.20 -45.41
C VAL B 720 2.48 25.01 -44.56
N PHE B 721 3.70 25.24 -45.06
CA PHE B 721 4.66 25.92 -44.22
C PHE B 721 5.20 27.09 -44.96
N ALA B 722 5.81 28.01 -44.19
CA ALA B 722 6.45 29.17 -44.69
C ALA B 722 7.91 28.90 -44.48
N GLY B 723 8.75 29.14 -45.50
CA GLY B 723 10.13 28.83 -45.29
C GLY B 723 10.89 30.11 -45.14
N PHE B 724 11.82 30.13 -44.17
CA PHE B 724 12.60 31.30 -43.93
C PHE B 724 14.02 30.92 -44.14
N LEU B 725 14.76 31.76 -44.88
CA LEU B 725 16.18 31.57 -45.01
C LEU B 725 16.70 32.64 -44.12
N LEU B 726 17.37 32.27 -43.02
CA LEU B 726 17.76 33.32 -42.13
C LEU B 726 19.19 33.65 -42.31
N HIS B 727 19.47 34.80 -42.96
CA HIS B 727 20.83 35.27 -43.16
C HIS B 727 21.36 35.75 -41.86
N GLY B 728 20.44 36.32 -41.03
CA GLY B 728 20.76 36.91 -39.77
C GLY B 728 20.76 38.38 -40.02
N ILE B 729 20.27 39.18 -39.06
CA ILE B 729 20.33 40.59 -39.31
C ILE B 729 21.36 41.09 -38.36
N ARG B 730 22.02 42.20 -38.72
CA ARG B 730 23.13 42.82 -38.02
C ARG B 730 22.74 43.38 -36.66
N THR B 731 21.57 44.04 -36.56
CA THR B 731 21.04 44.50 -35.30
C THR B 731 19.91 43.53 -35.03
N SER B 732 19.52 43.35 -33.74
CA SER B 732 18.44 42.46 -33.35
C SER B 732 17.19 42.91 -34.05
N ALA B 733 16.44 42.03 -34.74
CA ALA B 733 15.44 42.63 -35.56
C ALA B 733 14.20 41.81 -35.48
N ASP B 734 13.05 42.45 -35.75
CA ASP B 734 11.78 41.80 -35.75
C ASP B 734 11.36 41.70 -37.18
N VAL B 735 10.80 40.55 -37.57
CA VAL B 735 10.38 40.35 -38.92
C VAL B 735 8.91 40.10 -38.90
N GLN B 736 8.17 40.66 -39.87
CA GLN B 736 6.76 40.46 -39.88
C GLN B 736 6.40 39.80 -41.17
N PHE B 737 5.37 38.92 -41.13
CA PHE B 737 4.94 38.27 -42.32
C PHE B 737 3.48 38.50 -42.50
N GLN B 738 3.07 38.67 -43.76
CA GLN B 738 1.69 38.85 -44.11
C GLN B 738 1.49 37.98 -45.30
N ILE B 739 0.26 37.48 -45.50
CA ILE B 739 -0.04 36.69 -46.66
C ILE B 739 -0.97 37.53 -47.47
N CYS B 740 -0.68 37.73 -48.76
CA CYS B 740 -1.58 38.56 -49.48
C CYS B 740 -2.24 37.74 -50.54
N LYS B 741 -3.51 38.10 -50.82
CA LYS B 741 -4.25 37.49 -51.86
C LYS B 741 -3.70 38.05 -53.12
N THR B 742 -4.08 37.43 -54.26
CA THR B 742 -3.59 37.91 -55.52
C THR B 742 -4.03 39.33 -55.62
N SER B 743 -5.24 39.63 -55.11
CA SER B 743 -5.76 40.96 -55.08
C SER B 743 -4.98 41.70 -54.04
N GLU B 744 -5.53 42.80 -53.52
CA GLU B 744 -4.88 43.62 -52.53
C GLU B 744 -4.78 42.96 -51.18
N ASP B 745 -5.82 42.22 -50.76
CA ASP B 745 -5.93 41.74 -49.40
C ASP B 745 -4.69 41.04 -48.92
N CYS B 746 -4.44 41.19 -47.60
CA CYS B 746 -3.29 40.59 -46.96
C CYS B 746 -3.70 40.27 -45.55
N HIS B 747 -3.00 39.31 -44.92
CA HIS B 747 -3.29 38.95 -43.56
C HIS B 747 -1.99 38.84 -42.85
N HIS B 748 -1.98 39.05 -41.52
CA HIS B 748 -0.73 38.95 -40.81
C HIS B 748 -0.44 37.49 -40.68
N GLY B 749 0.54 37.01 -41.47
CA GLY B 749 0.86 35.61 -41.44
C GLY B 749 1.42 35.24 -40.10
N GLY B 750 2.35 36.06 -39.57
CA GLY B 750 2.92 35.70 -38.31
C GLY B 750 4.20 36.46 -38.17
N GLN B 751 4.85 36.33 -36.99
CA GLN B 751 6.04 37.07 -36.77
C GLN B 751 7.01 36.21 -36.01
N ILE B 752 8.32 36.42 -36.26
CA ILE B 752 9.39 35.71 -35.63
C ILE B 752 10.39 36.75 -35.24
N PHE B 753 11.19 36.48 -34.17
CA PHE B 753 12.14 37.46 -33.75
C PHE B 753 13.49 36.82 -33.82
N VAL B 754 14.55 37.65 -34.00
CA VAL B 754 15.88 37.15 -34.00
C VAL B 754 16.68 38.11 -33.15
N LEU B 755 17.64 37.58 -32.37
CA LEU B 755 18.42 38.44 -31.55
C LEU B 755 19.84 38.34 -32.02
N GLY B 756 20.54 39.48 -32.15
CA GLY B 756 21.91 39.43 -32.56
C GLY B 756 22.50 40.79 -32.43
N GLY B 757 23.74 40.85 -31.91
CA GLY B 757 24.42 42.11 -31.77
C GLY B 757 25.36 42.24 -32.93
N THR B 758 26.13 43.35 -32.94
CA THR B 758 27.12 43.62 -33.96
C THR B 758 28.23 42.63 -33.77
N LYS B 759 28.50 42.32 -32.50
CA LYS B 759 29.55 41.46 -32.00
C LYS B 759 29.29 40.07 -32.47
N GLU B 760 28.06 39.82 -32.94
CA GLU B 760 27.50 38.51 -33.16
C GLU B 760 28.38 37.60 -33.97
N MET B 761 29.33 38.11 -34.79
CA MET B 761 30.06 37.22 -35.66
C MET B 761 29.11 36.32 -36.39
N ALA B 762 28.51 36.91 -37.44
CA ALA B 762 27.44 36.42 -38.26
C ALA B 762 27.53 34.96 -38.55
N TRP B 763 26.32 34.37 -38.60
CA TRP B 763 26.03 33.00 -38.86
C TRP B 763 24.83 32.98 -39.74
N ALA B 764 24.60 31.88 -40.47
CA ALA B 764 23.44 31.78 -41.31
C ALA B 764 22.89 30.41 -41.10
N TYR B 765 21.57 30.24 -41.28
CA TYR B 765 21.00 28.95 -41.09
C TYR B 765 21.26 28.13 -42.30
N ASN B 766 21.75 26.89 -42.08
CA ASN B 766 22.03 25.98 -43.14
C ASN B 766 20.74 25.63 -43.79
N ARG B 767 19.67 25.45 -42.98
CA ARG B 767 18.44 25.04 -43.58
C ARG B 767 17.39 26.07 -43.36
N LEU B 768 16.24 25.83 -44.01
CA LEU B 768 15.10 26.69 -44.02
C LEU B 768 14.44 26.62 -42.68
N PHE B 769 13.89 27.75 -42.21
CA PHE B 769 13.16 27.78 -40.98
C PHE B 769 11.72 27.80 -41.38
N LYS B 770 10.95 26.76 -41.01
CA LYS B 770 9.60 26.72 -41.44
C LYS B 770 8.72 27.19 -40.33
N TYR B 771 7.62 27.86 -40.71
CA TYR B 771 6.62 28.33 -39.80
C TYR B 771 5.34 27.82 -40.35
N ASP B 772 4.38 27.46 -39.48
CA ASP B 772 3.16 26.88 -39.98
C ASP B 772 2.21 27.97 -40.37
N ILE B 773 2.16 28.22 -41.69
CA ILE B 773 1.31 29.14 -42.39
C ILE B 773 -0.11 28.64 -42.36
N THR B 774 -0.29 27.30 -42.29
CA THR B 774 -1.53 26.63 -42.52
C THR B 774 -2.68 27.28 -41.80
N HIS B 775 -2.54 27.57 -40.51
CA HIS B 775 -3.67 28.06 -39.78
C HIS B 775 -4.13 29.35 -40.41
N ALA B 776 -3.19 30.27 -40.65
CA ALA B 776 -3.51 31.57 -41.16
C ALA B 776 -4.12 31.47 -42.53
N LEU B 777 -3.58 30.58 -43.39
CA LEU B 777 -4.08 30.50 -44.73
C LEU B 777 -5.52 30.14 -44.66
N HIS B 778 -5.85 29.20 -43.75
CA HIS B 778 -7.20 28.74 -43.57
C HIS B 778 -8.05 29.89 -43.14
N ASP B 779 -7.50 30.76 -42.29
CA ASP B 779 -8.24 31.89 -41.81
C ASP B 779 -8.58 32.71 -43.02
N ALA B 780 -7.63 32.76 -43.96
CA ALA B 780 -7.74 33.47 -45.20
C ALA B 780 -8.88 32.85 -45.95
N HIS B 781 -9.16 31.56 -45.68
CA HIS B 781 -10.13 30.82 -46.43
C HIS B 781 -9.50 30.65 -47.78
N ILE B 782 -8.17 30.49 -47.72
CA ILE B 782 -7.26 30.26 -48.80
C ILE B 782 -6.72 28.89 -48.60
N THR B 783 -6.87 28.02 -49.60
CA THR B 783 -6.34 26.69 -49.48
C THR B 783 -4.94 26.75 -49.98
N PRO B 784 -4.18 25.71 -49.77
CA PRO B 784 -2.85 25.72 -50.28
C PRO B 784 -2.88 25.73 -51.77
N GLU B 785 -3.98 25.20 -52.34
CA GLU B 785 -4.13 25.11 -53.77
C GLU B 785 -4.30 26.47 -54.38
N ASP B 786 -5.05 27.38 -53.75
CA ASP B 786 -5.32 28.61 -54.43
C ASP B 786 -4.08 29.44 -54.54
N VAL B 787 -4.03 30.33 -55.56
CA VAL B 787 -2.81 31.02 -55.92
C VAL B 787 -2.73 32.37 -55.25
N PHE B 788 -1.66 32.56 -54.43
CA PHE B 788 -1.44 33.74 -53.63
C PHE B 788 -1.08 34.95 -54.47
N HIS B 789 -0.19 34.81 -55.49
CA HIS B 789 0.33 35.87 -56.32
C HIS B 789 0.35 35.39 -57.75
N PRO B 790 0.33 36.32 -58.71
CA PRO B 790 0.39 35.98 -60.13
C PRO B 790 1.66 35.43 -60.77
N SER B 791 2.87 35.86 -60.33
CA SER B 791 4.15 35.44 -60.90
C SER B 791 4.46 34.01 -60.57
N GLU B 792 4.92 33.77 -59.31
CA GLU B 792 5.11 32.45 -58.79
C GLU B 792 3.90 32.26 -57.93
N PRO B 793 3.44 31.07 -57.56
CA PRO B 793 2.19 31.01 -56.80
C PRO B 793 2.17 31.70 -55.47
N PHE B 794 3.33 31.78 -54.77
CA PHE B 794 3.40 32.39 -53.48
C PHE B 794 4.56 33.34 -53.47
N PHE B 795 4.25 34.65 -53.49
CA PHE B 795 5.23 35.67 -53.31
C PHE B 795 4.60 36.44 -52.21
N ILE B 796 5.41 36.83 -51.23
CA ILE B 796 4.88 37.59 -50.15
C ILE B 796 5.74 38.79 -49.93
N LYS B 797 5.17 39.86 -49.33
CA LYS B 797 5.99 41.00 -49.01
C LYS B 797 6.46 40.81 -47.60
N VAL B 798 7.79 40.85 -47.43
CA VAL B 798 8.52 40.78 -46.19
C VAL B 798 8.61 42.11 -45.56
N SER B 799 8.72 42.12 -44.21
CA SER B 799 8.93 43.32 -43.46
C SER B 799 9.97 42.98 -42.44
N VAL B 800 11.03 43.80 -42.35
CA VAL B 800 12.02 43.52 -41.34
C VAL B 800 12.32 44.83 -40.69
N THR B 801 12.40 44.82 -39.35
CA THR B 801 12.72 46.04 -38.66
C THR B 801 13.71 45.69 -37.61
N ALA B 802 14.58 46.66 -37.26
CA ALA B 802 15.50 46.43 -36.19
C ALA B 802 14.73 46.73 -34.95
N VAL B 803 15.28 46.35 -33.78
CA VAL B 803 14.58 46.66 -32.57
C VAL B 803 14.45 48.14 -32.56
N ASN B 804 15.52 48.84 -32.96
CA ASN B 804 15.48 50.26 -33.12
C ASN B 804 16.18 50.52 -34.42
N GLY B 805 15.86 51.65 -35.09
CA GLY B 805 16.51 51.91 -36.34
C GLY B 805 15.57 51.61 -37.46
N THR B 806 16.05 51.84 -38.70
CA THR B 806 15.26 51.70 -39.89
C THR B 806 15.18 50.27 -40.31
N VAL B 807 14.45 50.04 -41.43
CA VAL B 807 14.22 48.74 -41.99
C VAL B 807 15.46 48.28 -42.67
N LEU B 808 15.66 46.95 -42.73
CA LEU B 808 16.83 46.39 -43.34
C LEU B 808 16.44 45.93 -44.71
N PRO B 809 17.36 46.02 -45.64
CA PRO B 809 17.04 45.68 -47.00
C PRO B 809 16.69 44.24 -47.24
N ALA B 810 15.53 44.00 -47.86
CA ALA B 810 15.00 42.70 -48.18
C ALA B 810 15.82 42.05 -49.25
N SER B 811 16.38 42.85 -50.18
CA SER B 811 17.00 42.34 -51.37
C SER B 811 17.98 41.27 -51.07
N ILE B 812 18.77 41.42 -50.00
CA ILE B 812 19.76 40.44 -49.67
C ILE B 812 19.06 39.16 -49.38
N LEU B 813 17.94 39.23 -48.64
CA LEU B 813 17.22 38.08 -48.19
C LEU B 813 16.75 37.27 -49.36
N HIS B 814 16.72 35.94 -49.16
CA HIS B 814 16.29 35.01 -50.15
C HIS B 814 14.79 35.00 -50.18
N ALA B 815 14.24 34.53 -51.32
CA ALA B 815 12.84 34.48 -51.61
C ALA B 815 12.15 33.51 -50.71
N PRO B 816 10.92 33.84 -50.47
CA PRO B 816 10.02 33.08 -49.65
C PRO B 816 9.87 31.71 -50.21
N THR B 817 9.66 30.71 -49.35
CA THR B 817 9.40 29.41 -49.90
C THR B 817 8.10 28.97 -49.33
N ILE B 818 7.25 28.35 -50.17
CA ILE B 818 5.99 27.86 -49.70
C ILE B 818 6.16 26.38 -49.66
N ILE B 819 5.85 25.78 -48.50
CA ILE B 819 6.11 24.38 -48.34
C ILE B 819 4.82 23.67 -48.12
N TYR B 820 4.71 22.48 -48.74
CA TYR B 820 3.60 21.58 -48.56
C TYR B 820 4.23 20.41 -47.88
N GLU B 821 3.66 20.02 -46.70
CA GLU B 821 4.28 19.10 -45.75
C GLU B 821 4.34 17.70 -46.26
N PRO B 822 5.51 17.13 -46.19
CA PRO B 822 5.59 15.71 -46.39
C PRO B 822 5.47 15.10 -45.04
N GLY B 823 4.76 13.97 -44.93
CA GLY B 823 4.68 13.12 -43.75
C GLY B 823 4.28 11.72 -44.10
N LEU B 824 3.16 11.25 -43.48
CA LEU B 824 2.58 9.93 -43.61
C LEU B 824 1.77 9.87 -44.86
N ASP B 825 1.57 8.64 -45.40
CA ASP B 825 0.80 8.48 -46.59
C ASP B 825 -0.62 8.90 -46.40
N HIS B 826 -1.04 9.92 -47.17
CA HIS B 826 -2.42 10.31 -47.20
C HIS B 826 -2.83 10.09 -48.63
N HIS B 827 -3.84 9.21 -48.85
CA HIS B 827 -4.38 8.84 -50.11
C HIS B 827 -5.84 9.03 -49.97
N GLU B 828 -6.38 10.09 -50.58
CA GLU B 828 -7.78 10.33 -50.42
C GLU B 828 -8.45 9.87 -51.66
N ASP B 829 -9.76 9.62 -51.64
CA ASP B 829 -10.29 9.35 -52.93
C ASP B 829 -11.12 10.54 -53.34
N HIS B 830 -11.41 10.64 -54.66
CA HIS B 830 -12.20 11.66 -55.29
C HIS B 830 -13.40 11.90 -54.43
N HIS B 831 -13.42 13.05 -53.72
CA HIS B 831 -14.58 13.25 -52.91
C HIS B 831 -14.94 14.69 -53.04
N SER B 832 -16.06 14.96 -53.73
CA SER B 832 -16.52 16.29 -53.97
C SER B 832 -17.51 16.67 -52.92
N SER B 833 -18.14 17.84 -53.17
CA SER B 833 -19.23 18.44 -52.45
C SER B 833 -20.45 17.60 -52.60
N SER B 834 -20.85 17.38 -53.86
CA SER B 834 -21.98 16.56 -54.09
C SER B 834 -21.52 15.64 -55.16
N MET B 835 -21.78 14.34 -55.02
CA MET B 835 -21.45 13.46 -56.09
C MET B 835 -22.76 12.98 -56.60
N ALA B 836 -22.90 12.81 -57.92
CA ALA B 836 -24.13 12.36 -58.50
C ALA B 836 -23.93 10.90 -58.70
N GLY B 837 -24.75 10.07 -58.03
CA GLY B 837 -24.49 8.67 -58.15
C GLY B 837 -24.82 8.00 -56.86
N HIS B 838 -23.86 7.25 -56.30
CA HIS B 838 -24.19 6.54 -55.12
C HIS B 838 -23.40 7.00 -54.00
N GLY B 839 -23.98 6.77 -52.80
CA GLY B 839 -23.22 7.08 -51.62
C GLY B 839 -22.11 6.09 -51.63
N VAL B 840 -20.88 6.59 -51.78
CA VAL B 840 -19.81 5.66 -51.85
C VAL B 840 -19.36 5.35 -50.46
N ARG B 841 -18.82 4.11 -50.30
CA ARG B 841 -18.28 3.75 -49.03
C ARG B 841 -16.82 3.55 -49.30
N LYS B 842 -15.95 4.21 -48.52
CA LYS B 842 -14.57 3.97 -48.81
C LYS B 842 -13.88 3.46 -47.60
N GLU B 843 -12.54 3.27 -47.69
CA GLU B 843 -11.78 2.80 -46.56
C GLU B 843 -11.76 3.89 -45.55
N ILE B 844 -11.73 3.42 -44.26
CA ILE B 844 -11.58 4.21 -43.04
C ILE B 844 -10.20 4.82 -42.89
N ASN B 845 -9.10 4.06 -43.17
CA ASN B 845 -7.74 4.54 -43.01
C ASN B 845 -7.53 5.77 -43.86
N THR B 846 -8.20 5.87 -45.01
CA THR B 846 -8.14 7.04 -45.84
C THR B 846 -9.24 7.97 -45.38
N LEU B 847 -9.07 8.54 -44.16
CA LEU B 847 -10.05 9.46 -43.62
C LEU B 847 -9.73 10.83 -44.11
N THR B 848 -10.70 11.53 -44.72
CA THR B 848 -10.42 12.84 -45.22
C THR B 848 -11.08 13.71 -44.19
N THR B 849 -10.41 14.80 -43.73
CA THR B 849 -10.95 15.54 -42.62
C THR B 849 -12.36 15.98 -42.86
N ALA B 850 -12.68 16.51 -44.05
CA ALA B 850 -14.00 17.01 -44.26
C ALA B 850 -14.95 15.86 -44.13
N GLU B 851 -14.59 14.70 -44.71
CA GLU B 851 -15.47 13.58 -44.70
C GLU B 851 -15.74 13.18 -43.29
N VAL B 852 -14.68 13.14 -42.45
CA VAL B 852 -14.86 12.68 -41.11
C VAL B 852 -15.77 13.62 -40.38
N ASP B 853 -15.60 14.94 -40.61
CA ASP B 853 -16.38 15.89 -39.88
C ASP B 853 -17.83 15.68 -40.20
N ASN B 854 -18.15 15.49 -41.49
CA ASN B 854 -19.54 15.34 -41.86
C ASN B 854 -20.07 14.11 -41.20
N LEU B 855 -19.29 13.01 -41.21
CA LEU B 855 -19.80 11.80 -40.63
C LEU B 855 -20.05 12.02 -39.18
N LYS B 856 -19.11 12.65 -38.46
CA LYS B 856 -19.29 12.77 -37.05
C LYS B 856 -20.52 13.56 -36.78
N ASP B 857 -20.71 14.67 -37.51
CA ASP B 857 -21.83 15.52 -37.26
C ASP B 857 -23.09 14.79 -37.60
N ALA B 858 -23.13 14.09 -38.74
CA ALA B 858 -24.34 13.44 -39.15
C ALA B 858 -24.69 12.42 -38.13
N MET B 859 -23.69 11.66 -37.65
CA MET B 859 -23.91 10.62 -36.69
C MET B 859 -24.45 11.21 -35.43
N ARG B 860 -23.92 12.38 -35.04
CA ARG B 860 -24.33 13.02 -33.82
C ARG B 860 -25.80 13.30 -33.92
N ALA B 861 -26.23 13.86 -35.05
CA ALA B 861 -27.60 14.22 -35.24
C ALA B 861 -28.43 12.98 -35.23
N VAL B 862 -27.93 11.89 -35.84
CA VAL B 862 -28.66 10.67 -35.94
C VAL B 862 -28.90 10.18 -34.54
N MET B 863 -27.87 10.27 -33.70
CA MET B 863 -27.98 9.76 -32.37
C MET B 863 -29.07 10.51 -31.65
N ALA B 864 -29.09 11.84 -31.86
CA ALA B 864 -30.01 12.70 -31.18
C ALA B 864 -31.45 12.43 -31.57
N ASP B 865 -31.72 12.17 -32.86
CA ASP B 865 -33.13 12.13 -33.20
C ASP B 865 -33.85 10.98 -32.57
N HIS B 866 -35.03 11.31 -32.01
CA HIS B 866 -35.96 10.44 -31.37
C HIS B 866 -36.71 9.63 -32.38
N GLY B 867 -36.82 10.15 -33.62
CA GLY B 867 -37.66 9.56 -34.63
C GLY B 867 -37.29 8.13 -34.85
N PRO B 868 -38.19 7.49 -35.55
CA PRO B 868 -38.05 6.10 -35.87
C PRO B 868 -36.86 5.88 -36.74
N ASN B 869 -36.38 6.92 -37.42
CA ASN B 869 -35.19 6.70 -38.19
C ASN B 869 -34.08 7.24 -37.35
N GLY B 870 -34.18 6.99 -36.03
CA GLY B 870 -33.19 7.46 -35.11
C GLY B 870 -32.19 6.37 -34.90
N TYR B 871 -31.14 6.70 -34.14
CA TYR B 871 -30.05 5.82 -33.82
C TYR B 871 -30.60 4.69 -33.00
N GLN B 872 -31.38 5.01 -31.95
CA GLN B 872 -31.88 4.02 -31.06
C GLN B 872 -32.78 3.08 -31.80
N ALA B 873 -33.64 3.64 -32.66
CA ALA B 873 -34.60 2.83 -33.35
C ALA B 873 -33.90 1.86 -34.26
N ILE B 874 -32.89 2.33 -35.01
CA ILE B 874 -32.20 1.50 -35.95
C ILE B 874 -31.47 0.41 -35.22
N ALA B 875 -30.81 0.78 -34.11
CA ALA B 875 -30.01 -0.15 -33.36
C ALA B 875 -30.87 -1.28 -32.89
N ALA B 876 -32.13 -0.96 -32.56
CA ALA B 876 -33.07 -1.89 -32.00
C ALA B 876 -33.25 -3.04 -32.94
N PHE B 877 -33.13 -2.79 -34.25
CA PHE B 877 -33.34 -3.83 -35.23
C PHE B 877 -32.46 -5.00 -34.95
N HIS B 878 -31.20 -4.75 -34.57
CA HIS B 878 -30.21 -5.79 -34.38
C HIS B 878 -30.59 -6.72 -33.27
N GLY B 879 -31.13 -6.22 -32.14
CA GLY B 879 -31.37 -7.21 -31.12
C GLY B 879 -32.12 -6.65 -29.94
N ASN B 880 -31.51 -5.81 -29.08
CA ASN B 880 -32.30 -5.35 -27.97
C ASN B 880 -32.55 -3.90 -28.16
N PRO B 881 -33.76 -3.46 -27.93
CA PRO B 881 -34.85 -4.31 -27.52
C PRO B 881 -35.29 -5.14 -28.67
N PRO B 882 -35.82 -6.31 -28.41
CA PRO B 882 -36.24 -7.16 -29.50
C PRO B 882 -37.42 -6.63 -30.25
N MET B 883 -37.24 -6.46 -31.56
CA MET B 883 -38.16 -6.01 -32.56
C MET B 883 -39.02 -7.06 -33.20
N CYS B 884 -38.69 -8.37 -33.09
CA CYS B 884 -39.40 -9.36 -33.87
C CYS B 884 -40.46 -10.06 -33.08
N PRO B 885 -41.56 -10.22 -33.77
CA PRO B 885 -42.61 -10.98 -33.18
C PRO B 885 -42.50 -12.35 -33.76
N MET B 886 -42.90 -13.40 -33.02
CA MET B 886 -43.12 -14.67 -33.67
C MET B 886 -44.60 -14.81 -33.56
N PRO B 887 -45.28 -15.67 -34.29
CA PRO B 887 -46.73 -15.75 -34.16
C PRO B 887 -47.25 -16.11 -32.79
N ASP B 888 -46.42 -16.67 -31.88
CA ASP B 888 -46.87 -16.98 -30.55
C ASP B 888 -46.93 -15.70 -29.76
N GLY B 889 -46.11 -14.71 -30.14
CA GLY B 889 -46.08 -13.44 -29.45
C GLY B 889 -44.76 -13.31 -28.77
N LYS B 890 -43.96 -14.38 -28.85
CA LYS B 890 -42.64 -14.39 -28.28
C LYS B 890 -41.85 -13.36 -29.00
N ASN B 891 -40.89 -12.73 -28.31
CA ASN B 891 -40.09 -11.69 -28.90
C ASN B 891 -38.72 -12.26 -29.08
N TYR B 892 -38.08 -12.02 -30.25
CA TYR B 892 -36.73 -12.49 -30.44
C TYR B 892 -35.97 -11.46 -31.21
N SER B 893 -34.62 -11.52 -31.15
CA SER B 893 -33.81 -10.57 -31.85
C SER B 893 -33.98 -10.84 -33.32
N CYS B 894 -34.15 -9.75 -34.09
CA CYS B 894 -34.43 -9.79 -35.49
C CYS B 894 -33.28 -10.25 -36.35
N CYS B 895 -32.03 -9.96 -35.96
CA CYS B 895 -30.94 -10.27 -36.84
C CYS B 895 -30.91 -11.73 -37.15
N THR B 896 -30.64 -12.03 -38.44
CA THR B 896 -30.59 -13.39 -38.90
C THR B 896 -29.15 -13.80 -38.87
N HIS B 897 -28.85 -14.83 -38.07
CA HIS B 897 -27.51 -15.33 -37.96
C HIS B 897 -27.62 -16.81 -38.06
N GLY B 898 -26.54 -17.48 -38.52
CA GLY B 898 -26.58 -18.90 -38.58
C GLY B 898 -27.45 -19.29 -39.73
N MET B 899 -27.68 -18.35 -40.68
CA MET B 899 -28.49 -18.66 -41.81
C MET B 899 -27.87 -18.06 -43.02
N ALA B 900 -28.31 -18.53 -44.21
CA ALA B 900 -27.86 -18.11 -45.50
C ALA B 900 -28.21 -16.67 -45.71
N THR B 901 -29.36 -16.25 -45.15
CA THR B 901 -29.93 -14.94 -45.29
C THR B 901 -29.09 -13.91 -44.60
N PHE B 902 -28.16 -14.35 -43.74
CA PHE B 902 -27.37 -13.49 -42.89
C PHE B 902 -26.76 -12.35 -43.64
N PRO B 903 -26.07 -12.51 -44.74
CA PRO B 903 -25.52 -11.34 -45.35
C PRO B 903 -26.56 -10.41 -45.87
N HIS B 904 -27.72 -10.94 -46.29
CA HIS B 904 -28.76 -10.13 -46.85
C HIS B 904 -29.29 -9.22 -45.79
N TRP B 905 -29.57 -9.78 -44.60
CA TRP B 905 -30.22 -9.01 -43.57
C TRP B 905 -29.34 -7.88 -43.16
N HIS B 906 -28.05 -8.19 -42.90
CA HIS B 906 -27.13 -7.20 -42.44
C HIS B 906 -26.88 -6.18 -43.49
N ARG B 907 -26.96 -6.58 -44.77
CA ARG B 907 -26.72 -5.64 -45.82
C ARG B 907 -27.73 -4.55 -45.67
N LEU B 908 -28.99 -4.92 -45.43
CA LEU B 908 -30.05 -3.95 -45.30
C LEU B 908 -29.83 -3.12 -44.08
N TYR B 909 -29.36 -3.72 -42.98
CA TYR B 909 -29.22 -2.99 -41.74
C TYR B 909 -28.23 -1.89 -41.92
N THR B 910 -27.09 -2.17 -42.58
CA THR B 910 -26.07 -1.18 -42.75
C THR B 910 -26.64 -0.05 -43.55
N LYS B 911 -27.39 -0.38 -44.61
CA LYS B 911 -27.98 0.60 -45.46
C LYS B 911 -28.93 1.43 -44.69
N GLN B 912 -29.67 0.81 -43.76
CA GLN B 912 -30.66 1.56 -43.02
C GLN B 912 -29.95 2.65 -42.29
N MET B 913 -28.83 2.33 -41.64
CA MET B 913 -28.13 3.32 -40.87
C MET B 913 -27.57 4.34 -41.81
N GLU B 914 -27.09 3.89 -42.98
CA GLU B 914 -26.44 4.77 -43.91
C GLU B 914 -27.42 5.81 -44.37
N ASP B 915 -28.66 5.39 -44.67
CA ASP B 915 -29.61 6.31 -45.20
C ASP B 915 -29.86 7.38 -44.19
N ALA B 916 -29.90 7.00 -42.89
CA ALA B 916 -30.17 7.95 -41.86
C ALA B 916 -29.09 8.98 -41.85
N LEU B 917 -27.81 8.56 -41.99
CA LEU B 917 -26.73 9.49 -41.90
C LEU B 917 -26.84 10.47 -43.02
N THR B 918 -27.19 9.98 -44.21
CA THR B 918 -27.29 10.79 -45.39
C THR B 918 -28.33 11.85 -45.16
N ALA B 919 -29.46 11.46 -44.56
CA ALA B 919 -30.53 12.41 -44.35
C ALA B 919 -29.98 13.49 -43.49
N HIS B 920 -29.15 13.10 -42.52
CA HIS B 920 -28.54 13.99 -41.58
C HIS B 920 -27.58 14.89 -42.31
N GLY B 921 -27.16 14.51 -43.53
CA GLY B 921 -26.29 15.41 -44.24
C GLY B 921 -25.00 14.77 -44.56
N ALA B 922 -24.79 13.49 -44.20
CA ALA B 922 -23.54 12.90 -44.59
C ALA B 922 -23.52 12.81 -46.08
N ARG B 923 -22.30 13.04 -46.58
CA ARG B 923 -21.96 12.58 -47.88
C ARG B 923 -22.17 11.09 -47.74
N VAL B 924 -22.89 10.49 -48.71
CA VAL B 924 -23.47 9.19 -48.46
C VAL B 924 -22.42 8.12 -48.31
N GLY B 925 -22.50 7.42 -47.16
CA GLY B 925 -21.62 6.33 -47.04
C GLY B 925 -21.14 6.15 -45.65
N LEU B 926 -21.09 4.85 -45.27
CA LEU B 926 -20.47 4.39 -44.05
C LEU B 926 -19.08 4.01 -44.47
N PRO B 927 -18.06 4.28 -43.68
CA PRO B 927 -16.71 3.89 -44.00
C PRO B 927 -16.50 2.44 -43.66
N TYR B 928 -15.68 1.69 -44.45
CA TYR B 928 -15.51 0.32 -44.10
C TYR B 928 -14.13 0.15 -43.53
N TRP B 929 -14.03 -0.63 -42.42
CA TRP B 929 -12.80 -0.90 -41.75
C TRP B 929 -12.31 -2.22 -42.29
N ASP B 930 -11.18 -2.22 -43.01
CA ASP B 930 -10.71 -3.44 -43.57
C ASP B 930 -9.95 -4.19 -42.52
N GLY B 931 -10.69 -5.04 -41.76
CA GLY B 931 -10.19 -5.84 -40.69
C GLY B 931 -9.27 -6.90 -41.20
N THR B 932 -9.51 -7.37 -42.43
CA THR B 932 -8.77 -8.47 -42.96
C THR B 932 -7.32 -8.14 -42.91
N THR B 933 -6.95 -6.90 -43.28
CA THR B 933 -5.56 -6.56 -43.27
C THR B 933 -5.13 -6.29 -41.86
N ALA B 934 -3.83 -6.53 -41.57
CA ALA B 934 -3.33 -6.35 -40.24
C ALA B 934 -3.36 -4.89 -39.92
N PHE B 935 -3.71 -4.57 -38.67
CA PHE B 935 -3.76 -3.21 -38.23
C PHE B 935 -3.26 -3.16 -36.83
N THR B 936 -2.44 -2.12 -36.52
CA THR B 936 -1.84 -1.95 -35.24
C THR B 936 -2.89 -1.71 -34.21
N ALA B 937 -3.90 -0.86 -34.53
CA ALA B 937 -4.88 -0.55 -33.55
C ALA B 937 -6.18 -0.30 -34.24
N LEU B 938 -7.25 -0.12 -33.43
CA LEU B 938 -8.56 0.13 -33.95
C LEU B 938 -8.52 1.49 -34.57
N PRO B 939 -9.39 1.70 -35.54
CA PRO B 939 -9.43 2.91 -36.30
C PRO B 939 -9.48 4.08 -35.36
N THR B 940 -8.80 5.19 -35.71
CA THR B 940 -8.76 6.38 -34.92
C THR B 940 -10.13 6.97 -34.91
N PHE B 941 -10.87 6.77 -36.01
CA PHE B 941 -12.16 7.33 -36.22
C PHE B 941 -12.98 6.97 -35.03
N VAL B 942 -13.01 5.68 -34.66
CA VAL B 942 -13.71 5.22 -33.49
C VAL B 942 -13.01 5.61 -32.22
N THR B 943 -11.66 5.59 -32.21
CA THR B 943 -10.87 5.77 -31.02
C THR B 943 -10.98 7.14 -30.41
N ASP B 944 -11.08 8.21 -31.23
CA ASP B 944 -11.03 9.56 -30.73
C ASP B 944 -12.04 9.72 -29.64
N GLU B 945 -11.55 10.02 -28.41
CA GLU B 945 -12.38 10.12 -27.24
C GLU B 945 -13.27 11.32 -27.22
N GLU B 946 -12.79 12.51 -27.62
CA GLU B 946 -13.65 13.64 -27.41
C GLU B 946 -14.27 14.10 -28.68
N ASP B 947 -15.52 14.58 -28.54
CA ASP B 947 -16.30 15.10 -29.61
C ASP B 947 -16.36 14.09 -30.71
N ASN B 948 -16.52 12.80 -30.37
CA ASN B 948 -16.59 11.84 -31.44
C ASN B 948 -17.84 11.03 -31.23
N PRO B 949 -18.75 11.11 -32.17
CA PRO B 949 -19.96 10.34 -32.06
C PRO B 949 -19.70 8.87 -32.25
N PHE B 950 -18.60 8.53 -32.96
CA PHE B 950 -18.21 7.19 -33.25
C PHE B 950 -17.69 6.49 -32.03
N HIS B 951 -17.13 7.26 -31.09
CA HIS B 951 -16.50 6.68 -29.92
C HIS B 951 -17.47 5.79 -29.21
N HIS B 952 -18.70 6.26 -28.96
CA HIS B 952 -19.61 5.41 -28.24
C HIS B 952 -20.99 5.86 -28.53
N GLY B 953 -21.98 5.14 -27.97
CA GLY B 953 -23.36 5.51 -28.13
C GLY B 953 -24.01 5.18 -26.83
N HIS B 954 -25.18 5.76 -26.57
CA HIS B 954 -25.80 5.43 -25.33
C HIS B 954 -26.84 4.41 -25.63
N ILE B 955 -27.11 3.52 -24.67
CA ILE B 955 -28.11 2.52 -24.86
C ILE B 955 -29.24 2.95 -23.99
N ASP B 956 -30.37 3.35 -24.58
CA ASP B 956 -31.43 3.88 -23.78
C ASP B 956 -31.96 2.85 -22.83
N TYR B 957 -32.28 1.65 -23.32
CA TYR B 957 -32.90 0.72 -22.43
C TYR B 957 -31.96 0.35 -21.32
N LEU B 958 -30.69 0.04 -21.68
CA LEU B 958 -29.76 -0.36 -20.67
C LEU B 958 -29.53 0.81 -19.76
N GLY B 959 -29.43 2.01 -20.34
CA GLY B 959 -29.21 3.19 -19.55
C GLY B 959 -27.74 3.36 -19.36
N VAL B 960 -26.93 2.64 -20.17
CA VAL B 960 -25.50 2.78 -20.06
C VAL B 960 -24.97 2.98 -21.44
N ASP B 961 -23.72 3.47 -21.55
CA ASP B 961 -23.13 3.61 -22.84
C ASP B 961 -22.41 2.35 -23.23
N THR B 962 -22.05 2.25 -24.52
CA THR B 962 -21.40 1.07 -25.03
C THR B 962 -20.03 0.98 -24.48
N THR B 963 -19.51 -0.27 -24.48
CA THR B 963 -18.21 -0.49 -23.94
C THR B 963 -17.46 -1.42 -24.84
N ARG B 964 -16.13 -1.30 -24.85
CA ARG B 964 -15.35 -2.19 -25.66
C ARG B 964 -14.07 -2.49 -24.96
N SER B 965 -13.65 -3.77 -24.99
CA SER B 965 -12.39 -4.15 -24.44
C SER B 965 -11.76 -5.07 -25.43
N PRO B 966 -10.81 -4.58 -26.16
CA PRO B 966 -10.23 -5.40 -27.19
C PRO B 966 -9.35 -6.49 -26.67
N ARG B 967 -9.41 -7.65 -27.35
CA ARG B 967 -8.55 -8.75 -27.00
C ARG B 967 -7.32 -8.56 -27.82
N ASP B 968 -6.16 -8.89 -27.23
CA ASP B 968 -4.88 -8.70 -27.86
C ASP B 968 -4.74 -9.63 -29.02
N LYS B 969 -5.48 -10.74 -28.99
CA LYS B 969 -5.42 -11.74 -30.02
C LYS B 969 -5.79 -11.10 -31.31
N LEU B 970 -6.50 -9.95 -31.21
CA LEU B 970 -7.09 -9.25 -32.31
C LEU B 970 -6.05 -8.98 -33.35
N PHE B 971 -4.84 -8.55 -32.97
CA PHE B 971 -3.92 -8.26 -34.03
C PHE B 971 -3.32 -9.59 -34.42
N ASN B 972 -3.75 -10.17 -35.55
CA ASN B 972 -3.27 -11.48 -35.87
C ASN B 972 -1.86 -11.46 -36.34
N ASP B 973 -1.13 -12.50 -35.85
CA ASP B 973 0.29 -12.64 -36.05
C ASP B 973 0.51 -13.29 -37.35
N PRO B 974 1.32 -12.63 -38.13
CA PRO B 974 1.52 -13.13 -39.45
C PRO B 974 2.72 -14.01 -39.58
N GLU B 975 2.68 -15.15 -40.31
CA GLU B 975 3.93 -15.78 -40.67
C GLU B 975 4.45 -15.08 -41.92
N ARG B 976 3.57 -14.97 -42.97
CA ARG B 976 3.79 -14.41 -44.26
C ARG B 976 3.80 -12.92 -44.14
N GLY B 977 2.98 -12.39 -43.21
CA GLY B 977 2.84 -10.97 -43.07
C GLY B 977 1.46 -10.67 -43.57
N SER B 978 1.09 -11.22 -44.73
CA SER B 978 -0.26 -11.16 -45.16
C SER B 978 -0.97 -12.31 -44.49
N GLU B 979 -0.20 -13.36 -44.17
CA GLU B 979 -0.78 -14.56 -43.65
C GLU B 979 -1.32 -14.31 -42.28
N SER B 980 -2.56 -13.85 -42.19
CA SER B 980 -3.16 -13.57 -40.92
C SER B 980 -4.41 -14.36 -40.86
N PHE B 981 -4.95 -14.54 -39.64
CA PHE B 981 -6.12 -15.35 -39.49
C PHE B 981 -7.29 -14.76 -40.19
N PHE B 982 -7.50 -13.44 -40.06
CA PHE B 982 -8.65 -12.83 -40.66
C PHE B 982 -8.53 -13.08 -42.12
N TYR B 983 -7.32 -12.84 -42.63
CA TYR B 983 -7.05 -12.96 -44.03
C TYR B 983 -7.32 -14.37 -44.45
N ARG B 984 -6.78 -15.34 -43.70
CA ARG B 984 -6.93 -16.70 -44.09
C ARG B 984 -8.37 -17.13 -44.03
N GLN B 985 -9.10 -16.72 -42.97
CA GLN B 985 -10.44 -17.18 -42.82
C GLN B 985 -11.28 -16.69 -43.96
N VAL B 986 -11.13 -15.40 -44.31
CA VAL B 986 -11.89 -14.80 -45.36
C VAL B 986 -11.50 -15.41 -46.67
N LEU B 987 -10.19 -15.70 -46.83
CA LEU B 987 -9.68 -16.20 -48.07
C LEU B 987 -10.38 -17.48 -48.37
N LEU B 988 -10.56 -18.33 -47.34
CA LEU B 988 -11.19 -19.60 -47.56
C LEU B 988 -12.57 -19.36 -48.03
N ALA B 989 -13.26 -18.36 -47.46
CA ALA B 989 -14.61 -18.10 -47.83
C ALA B 989 -14.65 -17.72 -49.29
N LEU B 990 -13.68 -16.89 -49.72
CA LEU B 990 -13.66 -16.36 -51.05
C LEU B 990 -13.50 -17.48 -52.04
N GLU B 991 -12.72 -18.52 -51.66
CA GLU B 991 -12.46 -19.59 -52.58
C GLU B 991 -13.74 -20.26 -52.99
N GLN B 992 -14.71 -20.38 -52.07
CA GLN B 992 -15.89 -21.13 -52.36
C GLN B 992 -16.68 -20.55 -53.49
N THR B 993 -17.04 -21.44 -54.42
CA THR B 993 -17.87 -21.18 -55.56
C THR B 993 -19.31 -21.01 -55.15
N ASP B 994 -19.79 -21.88 -54.26
CA ASP B 994 -21.18 -21.90 -53.86
C ASP B 994 -21.45 -20.79 -52.90
N PHE B 995 -22.65 -20.18 -52.99
CA PHE B 995 -23.05 -19.12 -52.11
C PHE B 995 -23.16 -19.65 -50.72
N CYS B 996 -23.83 -20.80 -50.54
CA CYS B 996 -24.06 -21.34 -49.23
C CYS B 996 -22.77 -21.72 -48.59
N GLN B 997 -21.84 -22.32 -49.37
CA GLN B 997 -20.60 -22.72 -48.79
C GLN B 997 -19.87 -21.50 -48.35
N PHE B 998 -19.94 -20.43 -49.16
CA PHE B 998 -19.27 -19.19 -48.88
C PHE B 998 -19.82 -18.57 -47.64
N GLU B 999 -21.15 -18.59 -47.49
CA GLU B 999 -21.79 -17.86 -46.43
C GLU B 999 -21.31 -18.33 -45.08
N VAL B 1000 -21.25 -19.66 -44.87
CA VAL B 1000 -20.90 -20.13 -43.57
C VAL B 1000 -19.53 -19.68 -43.20
N GLN B 1001 -18.56 -19.82 -44.11
CA GLN B 1001 -17.21 -19.43 -43.77
C GLN B 1001 -17.21 -17.96 -43.50
N PHE B 1002 -17.91 -17.19 -44.35
CA PHE B 1002 -17.91 -15.77 -44.25
C PHE B 1002 -18.48 -15.32 -42.95
N GLU B 1003 -19.63 -15.89 -42.54
CA GLU B 1003 -20.30 -15.44 -41.35
C GLU B 1003 -19.46 -15.71 -40.15
N ILE B 1004 -18.83 -16.89 -40.07
CA ILE B 1004 -18.06 -17.21 -38.90
C ILE B 1004 -16.94 -16.22 -38.77
N THR B 1005 -16.32 -15.85 -39.90
CA THR B 1005 -15.22 -14.94 -39.84
C THR B 1005 -15.68 -13.64 -39.25
N HIS B 1006 -16.87 -13.20 -39.68
CA HIS B 1006 -17.52 -11.98 -39.35
C HIS B 1006 -17.54 -11.85 -37.85
N ASN B 1007 -17.85 -12.97 -37.16
CA ASN B 1007 -18.09 -13.06 -35.75
C ASN B 1007 -16.83 -12.71 -34.99
N ALA B 1008 -15.65 -12.99 -35.58
CA ALA B 1008 -14.42 -12.81 -34.88
C ALA B 1008 -14.25 -11.38 -34.44
N ILE B 1009 -14.59 -10.42 -35.30
CA ILE B 1009 -14.39 -9.04 -34.92
C ILE B 1009 -15.25 -8.72 -33.74
N HIS B 1010 -16.50 -9.21 -33.72
CA HIS B 1010 -17.37 -8.87 -32.65
C HIS B 1010 -16.77 -9.30 -31.35
N SER B 1011 -16.25 -10.55 -31.30
CA SER B 1011 -15.74 -11.09 -30.07
C SER B 1011 -14.54 -10.36 -29.57
N TRP B 1012 -13.55 -10.14 -30.45
CA TRP B 1012 -12.32 -9.56 -29.99
C TRP B 1012 -12.52 -8.16 -29.53
N THR B 1013 -13.33 -7.38 -30.26
CA THR B 1013 -13.53 -5.99 -29.88
C THR B 1013 -14.25 -5.90 -28.58
N GLY B 1014 -15.43 -6.54 -28.49
CA GLY B 1014 -16.26 -6.43 -27.32
C GLY B 1014 -15.57 -7.05 -26.16
N GLY B 1015 -14.98 -8.24 -26.37
CA GLY B 1015 -14.31 -8.88 -25.28
C GLY B 1015 -15.30 -9.23 -24.24
N LEU B 1016 -14.86 -9.16 -22.97
CA LEU B 1016 -15.60 -9.49 -21.79
C LEU B 1016 -16.69 -8.50 -21.51
N THR B 1017 -16.49 -7.22 -21.87
CA THR B 1017 -17.41 -6.21 -21.41
C THR B 1017 -18.80 -6.50 -21.91
N PRO B 1018 -19.73 -6.28 -21.02
CA PRO B 1018 -21.13 -6.55 -21.25
C PRO B 1018 -21.87 -5.75 -22.28
N TYR B 1019 -21.50 -4.47 -22.44
CA TYR B 1019 -22.12 -3.51 -23.32
C TYR B 1019 -21.66 -3.51 -24.74
N GLY B 1020 -20.62 -4.29 -25.10
CA GLY B 1020 -20.03 -4.16 -26.41
C GLY B 1020 -20.53 -5.10 -27.47
N MET B 1021 -19.68 -5.23 -28.51
CA MET B 1021 -19.84 -5.94 -29.76
C MET B 1021 -19.92 -7.41 -29.54
N SER B 1022 -19.32 -7.92 -28.45
CA SER B 1022 -19.29 -9.33 -28.19
C SER B 1022 -20.66 -9.87 -27.96
N THR B 1023 -21.64 -9.01 -27.64
CA THR B 1023 -22.95 -9.51 -27.34
C THR B 1023 -23.87 -9.23 -28.48
N LEU B 1024 -24.78 -10.18 -28.75
CA LEU B 1024 -25.70 -10.05 -29.83
C LEU B 1024 -26.60 -8.89 -29.54
N GLU B 1025 -27.02 -8.75 -28.28
CA GLU B 1025 -27.97 -7.72 -27.94
C GLU B 1025 -27.41 -6.34 -28.16
N TYR B 1026 -26.23 -6.06 -27.57
CA TYR B 1026 -25.57 -4.77 -27.53
C TYR B 1026 -24.87 -4.32 -28.78
N THR B 1027 -24.40 -5.25 -29.63
CA THR B 1027 -23.45 -4.91 -30.66
C THR B 1027 -23.89 -3.76 -31.55
N THR B 1028 -25.18 -3.68 -31.91
CA THR B 1028 -25.63 -2.67 -32.83
C THR B 1028 -25.34 -1.30 -32.29
N TYR B 1029 -25.33 -1.15 -30.97
CA TYR B 1029 -25.12 0.12 -30.32
C TYR B 1029 -23.77 0.71 -30.63
N ASP B 1030 -22.70 -0.10 -30.66
CA ASP B 1030 -21.41 0.48 -30.91
C ASP B 1030 -21.35 0.95 -32.33
N PRO B 1031 -20.82 2.13 -32.51
CA PRO B 1031 -20.71 2.70 -33.83
C PRO B 1031 -19.75 1.93 -34.69
N LEU B 1032 -18.82 1.19 -34.07
CA LEU B 1032 -17.83 0.42 -34.77
C LEU B 1032 -18.55 -0.62 -35.56
N PHE B 1033 -19.73 -1.01 -35.06
CA PHE B 1033 -20.53 -2.04 -35.64
C PHE B 1033 -20.73 -1.73 -37.09
N TRP B 1034 -21.09 -0.49 -37.42
CA TRP B 1034 -21.35 -0.17 -38.80
C TRP B 1034 -20.10 -0.27 -39.62
N LEU B 1035 -18.95 0.17 -39.08
CA LEU B 1035 -17.75 0.15 -39.86
C LEU B 1035 -17.47 -1.28 -40.21
N HIS B 1036 -17.65 -2.19 -39.23
CA HIS B 1036 -17.38 -3.58 -39.44
C HIS B 1036 -18.31 -4.15 -40.46
N HIS B 1037 -19.61 -3.89 -40.33
CA HIS B 1037 -20.56 -4.45 -41.23
C HIS B 1037 -20.36 -3.90 -42.60
N ALA B 1038 -19.93 -2.63 -42.69
CA ALA B 1038 -19.70 -2.07 -44.00
C ALA B 1038 -18.64 -2.90 -44.66
N ASN B 1039 -17.61 -3.29 -43.88
CA ASN B 1039 -16.54 -4.09 -44.40
C ASN B 1039 -17.07 -5.43 -44.78
N THR B 1040 -17.93 -6.03 -43.91
CA THR B 1040 -18.41 -7.34 -44.16
C THR B 1040 -19.20 -7.35 -45.43
N ASP B 1041 -20.02 -6.31 -45.65
CA ASP B 1041 -20.80 -6.24 -46.82
C ASP B 1041 -19.87 -6.15 -47.99
N ARG B 1042 -18.74 -5.45 -47.80
CA ARG B 1042 -17.76 -5.25 -48.82
C ARG B 1042 -17.21 -6.58 -49.22
N ILE B 1043 -16.95 -7.46 -48.23
CA ILE B 1043 -16.39 -8.75 -48.49
C ILE B 1043 -17.35 -9.50 -49.35
N TRP B 1044 -18.65 -9.38 -49.04
CA TRP B 1044 -19.63 -10.09 -49.81
C TRP B 1044 -19.56 -9.59 -51.21
N ALA B 1045 -19.43 -8.26 -51.36
CA ALA B 1045 -19.41 -7.65 -52.66
C ALA B 1045 -18.24 -8.15 -53.44
N ILE B 1046 -17.07 -8.29 -52.79
CA ILE B 1046 -15.91 -8.73 -53.52
C ILE B 1046 -16.19 -10.10 -54.06
N TRP B 1047 -16.84 -10.95 -53.25
CA TRP B 1047 -17.11 -12.30 -53.62
C TRP B 1047 -18.01 -12.30 -54.83
N GLN B 1048 -19.01 -11.40 -54.85
CA GLN B 1048 -19.91 -11.37 -55.97
C GLN B 1048 -19.12 -11.05 -57.20
N ALA B 1049 -18.18 -10.09 -57.09
CA ALA B 1049 -17.41 -9.67 -58.22
C ALA B 1049 -16.62 -10.84 -58.72
N LEU B 1050 -16.05 -11.63 -57.81
CA LEU B 1050 -15.26 -12.75 -58.21
C LEU B 1050 -16.13 -13.72 -58.94
N GLN B 1051 -17.37 -13.91 -58.46
CA GLN B 1051 -18.27 -14.85 -59.07
C GLN B 1051 -18.55 -14.41 -60.46
N GLU B 1052 -18.76 -13.09 -60.66
CA GLU B 1052 -19.07 -12.60 -61.97
C GLU B 1052 -17.91 -12.90 -62.84
N TYR B 1053 -16.69 -12.72 -62.30
CA TYR B 1053 -15.49 -12.96 -63.04
C TYR B 1053 -15.49 -14.41 -63.42
N ARG B 1054 -15.87 -15.27 -62.46
CA ARG B 1054 -15.91 -16.68 -62.68
C ARG B 1054 -16.95 -16.99 -63.71
N GLY B 1055 -18.05 -16.23 -63.74
CA GLY B 1055 -19.11 -16.52 -64.67
C GLY B 1055 -20.15 -17.27 -63.92
N LEU B 1056 -19.95 -17.39 -62.60
CA LEU B 1056 -20.90 -18.05 -61.74
C LEU B 1056 -21.89 -17.01 -61.30
N PRO B 1057 -23.10 -17.41 -61.01
CA PRO B 1057 -24.10 -16.44 -60.65
C PRO B 1057 -23.87 -15.73 -59.36
N TYR B 1058 -23.68 -14.40 -59.42
CA TYR B 1058 -23.53 -13.56 -58.27
C TYR B 1058 -24.85 -13.24 -57.60
N ASP B 1059 -25.87 -12.89 -58.40
CA ASP B 1059 -27.14 -12.44 -57.92
C ASP B 1059 -27.97 -13.51 -57.30
N HIS B 1060 -27.92 -14.76 -57.80
CA HIS B 1060 -28.82 -15.69 -57.19
C HIS B 1060 -28.06 -16.86 -56.69
N ALA B 1061 -28.73 -17.66 -55.83
CA ALA B 1061 -28.11 -18.84 -55.32
C ALA B 1061 -29.03 -19.97 -55.58
N ASN B 1062 -28.48 -21.09 -56.09
CA ASN B 1062 -29.31 -22.22 -56.33
C ASN B 1062 -29.71 -22.83 -55.02
N CYS B 1063 -28.79 -22.78 -54.03
CA CYS B 1063 -29.03 -23.38 -52.75
C CYS B 1063 -29.91 -22.49 -51.94
N GLU B 1064 -30.60 -23.09 -50.95
CA GLU B 1064 -31.44 -22.36 -50.05
C GLU B 1064 -32.39 -21.52 -50.84
N ILE B 1065 -33.07 -22.15 -51.82
CA ILE B 1065 -33.97 -21.44 -52.66
C ILE B 1065 -35.06 -20.86 -51.83
N GLN B 1066 -35.56 -21.66 -50.86
CA GLN B 1066 -36.72 -21.24 -50.13
C GLN B 1066 -36.43 -20.03 -49.29
N ALA B 1067 -35.22 -19.95 -48.70
CA ALA B 1067 -34.89 -18.89 -47.79
C ALA B 1067 -34.92 -17.56 -48.46
N MET B 1068 -34.46 -17.50 -49.71
CA MET B 1068 -34.28 -16.24 -50.39
C MET B 1068 -35.57 -15.50 -50.49
N LYS B 1069 -36.67 -16.25 -50.79
CA LYS B 1069 -37.99 -15.76 -51.06
C LYS B 1069 -38.63 -15.03 -49.91
N ARG B 1070 -38.36 -15.44 -48.66
CA ARG B 1070 -39.03 -14.84 -47.53
C ARG B 1070 -38.35 -13.57 -47.13
N PRO B 1071 -39.16 -12.60 -46.78
CA PRO B 1071 -38.66 -11.29 -46.44
C PRO B 1071 -37.93 -11.24 -45.15
N LEU B 1072 -37.09 -10.20 -44.95
CA LEU B 1072 -36.37 -10.10 -43.72
C LEU B 1072 -36.96 -8.98 -42.92
N ARG B 1073 -37.52 -9.31 -41.74
CA ARG B 1073 -38.12 -8.30 -40.91
C ARG B 1073 -37.02 -7.74 -40.07
N PRO B 1074 -37.19 -6.58 -39.48
CA PRO B 1074 -38.38 -5.77 -39.62
C PRO B 1074 -38.43 -4.99 -40.91
N PHE B 1075 -37.44 -5.14 -41.80
CA PHE B 1075 -37.36 -4.29 -42.96
C PHE B 1075 -38.63 -4.34 -43.76
N SER B 1076 -39.26 -5.52 -43.85
CA SER B 1076 -40.45 -5.69 -44.62
C SER B 1076 -41.60 -4.91 -44.06
N ASP B 1077 -41.59 -4.61 -42.76
CA ASP B 1077 -42.69 -3.96 -42.10
C ASP B 1077 -42.93 -2.62 -42.71
N PRO B 1078 -44.20 -2.27 -42.83
CA PRO B 1078 -44.56 -0.97 -43.33
C PRO B 1078 -44.18 0.10 -42.37
N ILE B 1079 -43.90 -0.26 -41.11
CA ILE B 1079 -43.49 0.68 -40.11
C ILE B 1079 -42.20 1.25 -40.60
N ASN B 1080 -41.38 0.40 -41.24
CA ASN B 1080 -40.09 0.79 -41.73
C ASN B 1080 -40.22 2.06 -42.51
N HIS B 1081 -39.49 3.09 -42.05
CA HIS B 1081 -39.50 4.39 -42.64
C HIS B 1081 -38.82 4.35 -43.97
N ASN B 1082 -37.81 3.49 -44.13
CA ASN B 1082 -37.00 3.48 -45.33
C ASN B 1082 -37.66 2.67 -46.40
N ALA B 1083 -38.01 3.34 -47.52
CA ALA B 1083 -38.66 2.72 -48.64
C ALA B 1083 -37.73 1.75 -49.32
N PHE B 1084 -36.45 2.13 -49.51
CA PHE B 1084 -35.57 1.30 -50.28
C PHE B 1084 -35.38 -0.02 -49.61
N THR B 1085 -35.09 -0.01 -48.30
CA THR B 1085 -34.86 -1.25 -47.62
C THR B 1085 -36.12 -2.04 -47.68
N HIS B 1086 -37.27 -1.36 -47.54
CA HIS B 1086 -38.53 -2.05 -47.56
C HIS B 1086 -38.69 -2.73 -48.87
N SER B 1087 -38.33 -2.04 -49.97
CA SER B 1087 -38.52 -2.62 -51.27
C SER B 1087 -37.67 -3.84 -51.40
N ASN B 1088 -36.42 -3.80 -50.89
CA ASN B 1088 -35.58 -4.94 -51.08
C ASN B 1088 -35.54 -5.77 -49.83
N ALA B 1089 -36.72 -6.06 -49.28
CA ALA B 1089 -36.87 -6.84 -48.08
C ALA B 1089 -36.45 -8.26 -48.33
N LYS B 1090 -36.75 -8.78 -49.54
CA LYS B 1090 -36.47 -10.15 -49.85
C LYS B 1090 -35.01 -10.34 -50.08
N PRO B 1091 -34.54 -11.50 -49.69
CA PRO B 1091 -33.16 -11.83 -49.90
C PRO B 1091 -32.88 -11.94 -51.36
N THR B 1092 -33.91 -12.27 -52.16
CA THR B 1092 -33.67 -12.38 -53.55
C THR B 1092 -33.32 -11.00 -54.05
N ASP B 1093 -34.03 -9.98 -53.53
CA ASP B 1093 -33.89 -8.61 -53.90
C ASP B 1093 -32.59 -8.04 -53.42
N VAL B 1094 -32.10 -8.53 -52.27
CA VAL B 1094 -30.94 -8.05 -51.58
C VAL B 1094 -29.66 -8.13 -52.36
N PHE B 1095 -29.52 -9.12 -53.24
CA PHE B 1095 -28.23 -9.34 -53.85
C PHE B 1095 -27.73 -8.12 -54.57
N GLU B 1096 -28.57 -7.43 -55.35
CA GLU B 1096 -28.07 -6.31 -56.09
C GLU B 1096 -27.92 -5.13 -55.19
N TYR B 1097 -26.65 -4.79 -54.87
CA TYR B 1097 -26.29 -3.67 -54.04
C TYR B 1097 -26.56 -2.40 -54.76
N SER B 1098 -26.36 -2.37 -56.09
CA SER B 1098 -26.47 -1.15 -56.85
C SER B 1098 -27.82 -0.53 -56.62
N ARG B 1099 -28.87 -1.37 -56.50
CA ARG B 1099 -30.21 -0.91 -56.31
C ARG B 1099 -30.25 -0.16 -55.02
N PHE B 1100 -29.40 -0.58 -54.06
CA PHE B 1100 -29.28 0.00 -52.76
C PHE B 1100 -28.84 1.43 -52.92
N ASN B 1101 -28.12 1.72 -54.03
CA ASN B 1101 -27.62 3.04 -54.32
C ASN B 1101 -26.44 3.38 -53.49
N PHE B 1102 -25.55 2.41 -53.25
CA PHE B 1102 -24.30 2.72 -52.61
C PHE B 1102 -23.27 1.92 -53.33
N GLN B 1103 -22.00 2.39 -53.34
CA GLN B 1103 -20.96 1.64 -53.97
C GLN B 1103 -19.76 1.70 -53.10
N TYR B 1104 -18.69 0.99 -53.53
CA TYR B 1104 -17.48 0.96 -52.76
C TYR B 1104 -16.45 1.59 -53.62
N ASP B 1105 -15.43 2.19 -52.98
CA ASP B 1105 -14.39 2.81 -53.74
C ASP B 1105 -13.73 1.76 -54.57
N ASN B 1106 -13.38 0.61 -53.97
CA ASN B 1106 -12.74 -0.39 -54.77
C ASN B 1106 -12.98 -1.75 -54.19
N LEU B 1107 -13.15 -2.74 -55.10
CA LEU B 1107 -13.30 -4.14 -54.82
C LEU B 1107 -12.01 -4.75 -54.33
N ARG B 1108 -10.85 -4.22 -54.76
CA ARG B 1108 -9.56 -4.83 -54.49
C ARG B 1108 -9.39 -5.30 -53.09
N PHE B 1109 -9.12 -6.62 -52.94
CA PHE B 1109 -8.96 -7.30 -51.69
C PHE B 1109 -7.50 -7.38 -51.42
N HIS B 1110 -7.06 -6.86 -50.25
CA HIS B 1110 -5.66 -6.71 -50.04
C HIS B 1110 -5.22 -5.91 -51.22
N GLY B 1111 -3.99 -5.96 -51.68
CA GLY B 1111 -3.67 -5.14 -52.81
C GLY B 1111 -4.30 -5.65 -54.07
N MET B 1112 -4.65 -6.95 -54.09
CA MET B 1112 -5.03 -7.69 -55.26
C MET B 1112 -6.26 -7.22 -55.95
N THR B 1113 -6.22 -7.29 -57.30
CA THR B 1113 -7.34 -6.96 -58.13
C THR B 1113 -8.20 -8.19 -58.20
N ILE B 1114 -9.40 -8.07 -58.78
CA ILE B 1114 -10.27 -9.21 -58.80
C ILE B 1114 -9.63 -10.29 -59.60
N LYS B 1115 -9.04 -9.93 -60.75
CA LYS B 1115 -8.45 -10.92 -61.60
C LYS B 1115 -7.34 -11.56 -60.82
N LYS B 1116 -6.53 -10.74 -60.14
CA LYS B 1116 -5.39 -11.21 -59.42
C LYS B 1116 -5.82 -12.12 -58.31
N LEU B 1117 -6.90 -11.74 -57.60
CA LEU B 1117 -7.32 -12.51 -56.46
C LEU B 1117 -7.69 -13.88 -56.87
N GLU B 1118 -8.38 -14.01 -58.02
CA GLU B 1118 -8.84 -15.30 -58.45
C GLU B 1118 -7.63 -16.16 -58.66
N HIS B 1119 -6.57 -15.59 -59.27
CA HIS B 1119 -5.38 -16.34 -59.52
C HIS B 1119 -4.79 -16.78 -58.22
N GLU B 1120 -4.79 -15.89 -57.21
CA GLU B 1120 -4.18 -16.22 -55.97
C GLU B 1120 -4.89 -17.39 -55.37
N LEU B 1121 -6.23 -17.39 -55.43
CA LEU B 1121 -7.03 -18.41 -54.81
C LEU B 1121 -6.74 -19.75 -55.43
N GLU B 1122 -6.61 -19.79 -56.77
CA GLU B 1122 -6.44 -21.04 -57.46
C GLU B 1122 -5.18 -21.68 -57.01
N LYS B 1123 -4.15 -20.88 -56.74
CA LYS B 1123 -2.85 -21.38 -56.36
C LYS B 1123 -3.01 -22.19 -55.12
N GLN B 1124 -3.88 -21.73 -54.21
CA GLN B 1124 -4.08 -22.39 -52.94
C GLN B 1124 -4.63 -23.75 -53.21
N LYS B 1125 -5.50 -23.85 -54.24
CA LYS B 1125 -6.17 -25.06 -54.60
C LYS B 1125 -5.18 -26.12 -54.95
N GLU B 1126 -4.06 -25.72 -55.57
CA GLU B 1126 -3.10 -26.63 -56.10
C GLU B 1126 -2.63 -27.58 -55.05
N GLU B 1127 -2.39 -27.10 -53.82
CA GLU B 1127 -1.86 -27.97 -52.81
C GLU B 1127 -2.95 -28.68 -52.06
N ASP B 1128 -2.62 -29.89 -51.55
CA ASP B 1128 -3.57 -30.66 -50.79
C ASP B 1128 -3.68 -30.03 -49.43
N ARG B 1129 -4.86 -30.17 -48.80
CA ARG B 1129 -5.03 -29.59 -47.51
C ARG B 1129 -5.86 -30.53 -46.69
N THR B 1130 -5.77 -30.42 -45.36
CA THR B 1130 -6.55 -31.24 -44.48
C THR B 1130 -7.38 -30.30 -43.67
N PHE B 1131 -8.67 -30.66 -43.46
CA PHE B 1131 -9.52 -29.74 -42.75
C PHE B 1131 -10.22 -30.43 -41.63
N ALA B 1132 -10.63 -29.63 -40.63
CA ALA B 1132 -11.43 -30.10 -39.55
C ALA B 1132 -12.76 -29.48 -39.82
N ALA B 1133 -13.86 -30.23 -39.61
CA ALA B 1133 -15.13 -29.64 -39.92
C ALA B 1133 -15.93 -29.58 -38.65
N PHE B 1134 -16.71 -28.49 -38.48
CA PHE B 1134 -17.50 -28.37 -37.30
C PHE B 1134 -18.93 -28.20 -37.67
N LEU B 1135 -19.83 -28.84 -36.89
CA LEU B 1135 -21.23 -28.65 -37.08
C LEU B 1135 -21.65 -27.72 -36.00
N LEU B 1136 -22.22 -26.55 -36.36
CA LEU B 1136 -22.54 -25.64 -35.30
C LEU B 1136 -24.00 -25.39 -35.26
N HIS B 1137 -24.53 -25.24 -34.03
CA HIS B 1137 -25.91 -24.92 -33.83
C HIS B 1137 -25.96 -23.89 -32.74
N GLY B 1138 -27.17 -23.37 -32.44
CA GLY B 1138 -27.33 -22.30 -31.50
C GLY B 1138 -26.94 -22.72 -30.12
N ILE B 1139 -25.88 -22.10 -29.57
CA ILE B 1139 -25.53 -22.55 -28.26
C ILE B 1139 -25.90 -21.47 -27.27
N LYS B 1140 -27.06 -20.79 -27.48
CA LYS B 1140 -27.68 -19.84 -26.58
C LYS B 1140 -26.71 -18.82 -26.01
N LYS B 1141 -25.66 -18.42 -26.74
CA LYS B 1141 -24.74 -17.51 -26.09
C LYS B 1141 -23.63 -17.27 -27.06
N SER B 1142 -22.72 -16.33 -26.74
CA SER B 1142 -21.59 -16.09 -27.57
C SER B 1142 -20.48 -16.86 -26.94
N ALA B 1143 -19.59 -17.49 -27.75
CA ALA B 1143 -18.52 -18.22 -27.14
C ALA B 1143 -17.37 -18.24 -28.09
N ASP B 1144 -16.17 -18.51 -27.56
CA ASP B 1144 -14.99 -18.63 -28.36
C ASP B 1144 -14.52 -20.04 -28.24
N VAL B 1145 -14.17 -20.68 -29.38
CA VAL B 1145 -13.74 -22.03 -29.28
C VAL B 1145 -12.33 -22.11 -29.77
N SER B 1146 -11.49 -22.89 -29.06
CA SER B 1146 -10.14 -23.08 -29.46
C SER B 1146 -9.90 -24.55 -29.44
N PHE B 1147 -9.19 -25.08 -30.45
CA PHE B 1147 -8.94 -26.49 -30.43
C PHE B 1147 -7.54 -26.73 -30.88
N ASP B 1148 -6.92 -27.81 -30.35
CA ASP B 1148 -5.57 -28.11 -30.68
C ASP B 1148 -5.49 -29.48 -31.27
N VAL B 1149 -4.45 -29.70 -32.12
CA VAL B 1149 -4.25 -30.99 -32.69
C VAL B 1149 -3.20 -31.63 -31.85
N CYS B 1150 -3.41 -32.90 -31.45
CA CYS B 1150 -2.44 -33.50 -30.58
C CYS B 1150 -2.06 -34.82 -31.16
N ASN B 1151 -0.77 -35.19 -31.05
CA ASN B 1151 -0.39 -36.49 -31.51
C ASN B 1151 -0.63 -37.44 -30.38
N HIS B 1152 -0.41 -38.74 -30.62
CA HIS B 1152 -0.68 -39.72 -29.60
C HIS B 1152 0.20 -39.43 -28.44
N ASP B 1153 1.38 -38.86 -28.71
CA ASP B 1153 2.36 -38.58 -27.68
C ASP B 1153 1.67 -37.74 -26.67
N GLY B 1154 0.77 -36.86 -27.13
CA GLY B 1154 0.12 -35.96 -26.22
C GLY B 1154 0.68 -34.60 -26.50
N GLU B 1155 1.61 -34.52 -27.47
CA GLU B 1155 2.14 -33.25 -27.88
C GLU B 1155 1.03 -32.57 -28.62
N CYS B 1156 0.86 -31.26 -28.43
CA CYS B 1156 -0.25 -30.63 -29.09
C CYS B 1156 0.23 -29.33 -29.66
N HIS B 1157 -0.53 -28.79 -30.63
CA HIS B 1157 -0.21 -27.50 -31.17
C HIS B 1157 -1.54 -26.83 -31.35
N PHE B 1158 -1.55 -25.48 -31.38
CA PHE B 1158 -2.83 -24.81 -31.43
C PHE B 1158 -3.36 -24.92 -32.83
N ALA B 1159 -4.50 -25.63 -32.97
CA ALA B 1159 -5.16 -25.86 -34.23
C ALA B 1159 -5.77 -24.62 -34.80
N GLY B 1160 -6.55 -23.85 -34.00
CA GLY B 1160 -7.19 -22.72 -34.60
C GLY B 1160 -8.28 -22.20 -33.71
N THR B 1161 -8.92 -21.10 -34.14
CA THR B 1161 -9.97 -20.50 -33.35
C THR B 1161 -11.09 -20.03 -34.24
N PHE B 1162 -12.32 -20.03 -33.69
CA PHE B 1162 -13.45 -19.48 -34.39
C PHE B 1162 -14.41 -18.99 -33.34
N ALA B 1163 -15.34 -18.10 -33.71
CA ALA B 1163 -16.19 -17.56 -32.70
C ALA B 1163 -17.63 -17.69 -33.11
N ILE B 1164 -18.52 -17.68 -32.10
CA ILE B 1164 -19.94 -17.77 -32.30
C ILE B 1164 -20.53 -16.56 -31.64
N LEU B 1165 -21.36 -15.80 -32.37
CA LEU B 1165 -21.98 -14.62 -31.84
C LEU B 1165 -23.38 -15.03 -31.49
N GLY B 1166 -23.85 -14.71 -30.27
CA GLY B 1166 -25.19 -15.10 -29.95
C GLY B 1166 -25.58 -14.49 -28.65
N GLY B 1167 -26.79 -14.83 -28.18
CA GLY B 1167 -27.27 -14.30 -26.95
C GLY B 1167 -28.62 -14.88 -26.72
N GLU B 1168 -29.26 -14.51 -25.60
CA GLU B 1168 -30.54 -15.03 -25.31
C GLU B 1168 -31.50 -14.41 -26.28
N HIS B 1169 -32.65 -15.07 -26.48
CA HIS B 1169 -33.66 -14.58 -27.39
C HIS B 1169 -33.13 -14.57 -28.78
N GLU B 1170 -32.10 -15.35 -29.07
CA GLU B 1170 -31.67 -15.41 -30.44
C GLU B 1170 -32.57 -16.38 -31.11
N MET B 1171 -32.74 -16.24 -32.45
CA MET B 1171 -33.57 -17.19 -33.13
C MET B 1171 -32.76 -18.43 -33.26
N PRO B 1172 -33.41 -19.56 -33.28
CA PRO B 1172 -32.66 -20.79 -33.38
C PRO B 1172 -32.08 -20.94 -34.75
N TRP B 1173 -30.88 -21.55 -34.84
CA TRP B 1173 -30.29 -21.75 -36.13
C TRP B 1173 -29.33 -22.89 -36.05
N SER B 1174 -29.17 -23.59 -37.19
CA SER B 1174 -28.22 -24.65 -37.30
C SER B 1174 -27.73 -24.62 -38.71
N PHE B 1175 -26.41 -24.80 -38.92
CA PHE B 1175 -25.89 -24.74 -40.25
C PHE B 1175 -26.22 -26.02 -40.94
N ASP B 1176 -26.55 -25.91 -42.24
CA ASP B 1176 -26.85 -27.07 -43.06
C ASP B 1176 -25.60 -27.84 -43.30
N ARG B 1177 -24.44 -27.15 -43.36
CA ARG B 1177 -23.22 -27.86 -43.67
C ARG B 1177 -22.21 -27.57 -42.60
N LEU B 1178 -21.03 -28.24 -42.71
CA LEU B 1178 -19.99 -28.06 -41.75
C LEU B 1178 -19.19 -26.84 -42.06
N PHE B 1179 -18.55 -26.30 -41.00
CA PHE B 1179 -17.67 -25.17 -41.10
C PHE B 1179 -16.31 -25.75 -41.24
N ARG B 1180 -15.53 -25.29 -42.23
CA ARG B 1180 -14.26 -25.91 -42.49
C ARG B 1180 -13.16 -25.03 -41.98
N TYR B 1181 -12.13 -25.67 -41.38
CA TYR B 1181 -10.98 -24.97 -40.88
C TYR B 1181 -9.79 -25.72 -41.41
N ASP B 1182 -8.75 -24.99 -41.91
CA ASP B 1182 -7.60 -25.61 -42.52
C ASP B 1182 -6.58 -25.95 -41.47
N ILE B 1183 -6.51 -27.25 -41.14
CA ILE B 1183 -5.62 -27.90 -40.22
C ILE B 1183 -4.21 -28.10 -40.71
N THR B 1184 -3.99 -28.11 -42.04
CA THR B 1184 -2.77 -28.58 -42.66
C THR B 1184 -1.53 -28.04 -41.99
N GLN B 1185 -1.45 -26.74 -41.67
CA GLN B 1185 -0.21 -26.25 -41.11
C GLN B 1185 0.10 -26.94 -39.81
N VAL B 1186 -0.92 -27.11 -38.94
CA VAL B 1186 -0.69 -27.67 -37.63
C VAL B 1186 -0.18 -29.07 -37.77
N LEU B 1187 -0.75 -29.86 -38.71
CA LEU B 1187 -0.34 -31.22 -38.85
C LEU B 1187 1.09 -31.26 -39.26
N LYS B 1188 1.52 -30.37 -40.17
CA LYS B 1188 2.88 -30.41 -40.62
C LYS B 1188 3.79 -30.18 -39.46
N GLN B 1189 3.45 -29.23 -38.57
CA GLN B 1189 4.30 -28.92 -37.46
C GLN B 1189 4.40 -30.13 -36.59
N MET B 1190 3.27 -30.82 -36.39
CA MET B 1190 3.20 -32.02 -35.61
C MET B 1190 3.98 -33.07 -36.35
N HIS B 1191 4.10 -32.86 -37.68
CA HIS B 1191 4.72 -33.81 -38.55
C HIS B 1191 3.81 -34.99 -38.63
N LEU B 1192 2.51 -34.74 -38.47
CA LEU B 1192 1.51 -35.76 -38.57
C LEU B 1192 1.13 -35.90 -40.01
N GLU B 1193 0.56 -37.07 -40.35
CA GLU B 1193 0.10 -37.37 -41.67
C GLU B 1193 -1.38 -37.43 -41.56
N TYR B 1194 -2.09 -37.36 -42.71
CA TYR B 1194 -3.52 -37.41 -42.61
C TYR B 1194 -3.84 -38.74 -42.00
N ASP B 1195 -3.20 -39.82 -42.49
CA ASP B 1195 -3.61 -41.11 -42.04
C ASP B 1195 -3.32 -41.28 -40.58
N SER B 1196 -2.30 -40.58 -40.05
CA SER B 1196 -1.89 -40.78 -38.70
C SER B 1196 -3.04 -40.53 -37.78
N ASP B 1197 -3.02 -41.18 -36.61
CA ASP B 1197 -4.07 -41.05 -35.65
C ASP B 1197 -3.70 -39.95 -34.71
N PHE B 1198 -4.50 -38.87 -34.70
CA PHE B 1198 -4.25 -37.77 -33.82
C PHE B 1198 -5.56 -37.33 -33.26
N THR B 1199 -5.54 -36.49 -32.23
CA THR B 1199 -6.78 -36.10 -31.62
C THR B 1199 -6.95 -34.62 -31.71
N PHE B 1200 -8.23 -34.18 -31.73
CA PHE B 1200 -8.53 -32.78 -31.73
C PHE B 1200 -9.09 -32.50 -30.37
N HIS B 1201 -8.55 -31.48 -29.69
CA HIS B 1201 -9.07 -31.14 -28.40
C HIS B 1201 -9.79 -29.85 -28.57
N MET B 1202 -11.03 -29.74 -28.05
CA MET B 1202 -11.75 -28.52 -28.23
C MET B 1202 -12.11 -27.98 -26.89
N ARG B 1203 -11.99 -26.65 -26.72
CA ARG B 1203 -12.43 -26.04 -25.50
C ARG B 1203 -13.33 -24.93 -25.90
N ILE B 1204 -14.52 -24.82 -25.28
CA ILE B 1204 -15.38 -23.70 -25.60
C ILE B 1204 -15.37 -22.82 -24.38
N ILE B 1205 -15.05 -21.52 -24.57
CA ILE B 1205 -14.99 -20.57 -23.49
C ILE B 1205 -16.10 -19.60 -23.76
N ASP B 1206 -16.91 -19.17 -22.76
CA ASP B 1206 -17.83 -18.10 -23.00
C ASP B 1206 -17.06 -16.82 -22.91
N THR B 1207 -17.74 -15.70 -23.21
CA THR B 1207 -17.15 -14.40 -23.26
C THR B 1207 -16.62 -14.10 -21.90
N SER B 1208 -17.38 -14.54 -20.88
CA SER B 1208 -17.06 -14.30 -19.50
C SER B 1208 -15.77 -14.98 -19.17
N GLY B 1209 -15.43 -16.07 -19.88
CA GLY B 1209 -14.24 -16.80 -19.57
C GLY B 1209 -14.61 -18.10 -18.95
N LYS B 1210 -15.91 -18.30 -18.64
CA LYS B 1210 -16.32 -19.55 -18.08
C LYS B 1210 -16.28 -20.57 -19.18
N GLN B 1211 -15.91 -21.83 -18.83
CA GLN B 1211 -15.85 -22.82 -19.85
C GLN B 1211 -17.22 -23.40 -20.04
N LEU B 1212 -17.51 -23.80 -21.30
CA LEU B 1212 -18.78 -24.37 -21.65
C LEU B 1212 -18.57 -25.84 -21.75
N PRO B 1213 -19.64 -26.57 -21.70
CA PRO B 1213 -19.55 -28.00 -21.86
C PRO B 1213 -19.27 -28.31 -23.29
N SER B 1214 -18.52 -29.39 -23.54
CA SER B 1214 -18.16 -29.78 -24.87
C SER B 1214 -19.37 -30.35 -25.54
N ASP B 1215 -20.44 -30.61 -24.76
CA ASP B 1215 -21.61 -31.22 -25.29
C ASP B 1215 -22.19 -30.32 -26.33
N LEU B 1216 -21.97 -29.01 -26.19
CA LEU B 1216 -22.55 -28.07 -27.10
C LEU B 1216 -22.11 -28.38 -28.48
N ILE B 1217 -20.83 -28.75 -28.67
CA ILE B 1217 -20.42 -29.00 -30.02
C ILE B 1217 -20.07 -30.44 -30.21
N LYS B 1218 -20.46 -31.00 -31.37
CA LYS B 1218 -20.20 -32.36 -31.72
C LYS B 1218 -18.76 -32.46 -32.06
N MET B 1219 -18.21 -33.68 -32.04
CA MET B 1219 -16.81 -33.85 -32.33
C MET B 1219 -16.60 -33.50 -33.77
N PRO B 1220 -15.45 -32.94 -34.04
CA PRO B 1220 -15.11 -32.51 -35.37
C PRO B 1220 -14.75 -33.62 -36.29
N THR B 1221 -14.97 -33.41 -37.60
CA THR B 1221 -14.64 -34.38 -38.60
C THR B 1221 -13.35 -33.93 -39.19
N VAL B 1222 -12.59 -34.90 -39.75
CA VAL B 1222 -11.35 -34.59 -40.38
C VAL B 1222 -11.53 -34.97 -41.81
N GLU B 1223 -11.11 -34.10 -42.75
CA GLU B 1223 -11.26 -34.44 -44.13
C GLU B 1223 -10.00 -34.05 -44.84
N HIS B 1224 -9.72 -34.69 -45.99
CA HIS B 1224 -8.56 -34.32 -46.75
C HIS B 1224 -9.06 -33.76 -48.04
N SER B 1225 -8.46 -32.65 -48.48
CA SER B 1225 -8.84 -32.07 -49.74
C SER B 1225 -7.63 -32.17 -50.61
N PRO B 1226 -7.80 -32.87 -51.69
CA PRO B 1226 -6.71 -33.03 -52.61
C PRO B 1226 -6.63 -31.81 -53.47
N GLY B 1227 -5.56 -31.70 -54.28
CA GLY B 1227 -5.39 -30.60 -55.20
C GLY B 1227 -5.23 -31.20 -56.57
N GLY B 1228 -5.64 -30.46 -57.65
CA GLY B 1228 -5.67 -30.80 -59.06
C GLY B 1228 -7.12 -31.00 -59.54
N LYS B 1229 -7.38 -31.42 -60.85
CA LYS B 1229 -8.71 -31.70 -61.43
C LYS B 1229 -8.65 -32.23 -62.85
N HIS B 1230 -9.65 -33.06 -63.25
CA HIS B 1230 -9.69 -33.57 -64.59
C HIS B 1230 -11.13 -33.60 -65.02
N HIS B 1231 -11.42 -33.07 -66.22
CA HIS B 1231 -12.73 -33.07 -66.81
C HIS B 1231 -13.72 -32.49 -65.85
N GLU B 1232 -13.50 -31.24 -65.40
CA GLU B 1232 -14.46 -30.68 -64.48
C GLU B 1232 -15.49 -29.94 -65.25
N LYS B 1233 -16.67 -30.57 -65.43
CA LYS B 1233 -17.75 -29.89 -66.09
C LYS B 1233 -18.32 -28.96 -65.07
N HIS B 1234 -18.53 -27.70 -65.46
CA HIS B 1234 -19.03 -26.73 -64.54
C HIS B 1234 -20.43 -26.41 -64.93
N HIS B 1235 -21.24 -25.95 -63.97
CA HIS B 1235 -22.58 -25.60 -64.27
C HIS B 1235 -22.79 -24.16 -63.92
N GLU B 1236 -22.79 -23.27 -64.92
CA GLU B 1236 -23.15 -21.91 -64.67
C GLU B 1236 -24.20 -21.55 -65.65
N ASP B 1237 -25.37 -21.15 -65.10
CA ASP B 1237 -26.58 -20.80 -65.80
C ASP B 1237 -26.55 -19.38 -66.23
N HIS B 1238 -27.32 -19.10 -67.30
CA HIS B 1238 -27.43 -17.80 -67.90
C HIS B 1238 -28.58 -17.91 -68.87
N HIS B 1239 -28.90 -16.80 -69.60
CA HIS B 1239 -29.94 -16.59 -70.59
C HIS B 1239 -31.38 -16.83 -70.15
N GLU B 1240 -31.83 -16.24 -69.01
CA GLU B 1240 -33.20 -16.30 -68.57
C GLU B 1240 -34.07 -15.53 -69.54
N ASP B 1241 -33.67 -14.27 -69.84
CA ASP B 1241 -34.32 -13.39 -70.80
C ASP B 1241 -33.24 -12.51 -71.36
N ILE B 1242 -31.95 -12.96 -71.45
CA ILE B 1242 -30.90 -12.06 -71.91
C ILE B 1242 -30.82 -12.10 -73.40
N LEU B 1243 -30.96 -10.90 -73.99
CA LEU B 1243 -30.87 -10.70 -75.40
C LEU B 1243 -29.55 -9.99 -75.57
N VAL B 1244 -29.03 -9.88 -76.80
CA VAL B 1244 -27.86 -9.08 -77.04
C VAL B 1244 -28.00 -8.36 -78.34
N ARG B 1245 -27.61 -7.06 -78.37
CA ARG B 1245 -27.68 -6.28 -79.56
C ARG B 1245 -26.35 -6.36 -80.24
N LYS B 1246 -26.21 -7.29 -81.20
CA LYS B 1246 -24.95 -7.46 -81.86
C LYS B 1246 -24.79 -6.44 -82.94
N ASN B 1247 -23.51 -6.18 -83.30
CA ASN B 1247 -23.13 -5.20 -84.28
C ASN B 1247 -23.78 -5.55 -85.59
N ILE B 1248 -24.15 -4.51 -86.37
CA ILE B 1248 -24.76 -4.72 -87.65
C ILE B 1248 -23.72 -5.25 -88.59
N HIS B 1249 -22.44 -4.85 -88.41
CA HIS B 1249 -21.38 -5.31 -89.28
C HIS B 1249 -21.08 -6.77 -89.08
N SER B 1250 -21.03 -7.21 -87.81
CA SER B 1250 -20.71 -8.57 -87.49
C SER B 1250 -21.85 -9.44 -87.91
N LEU B 1251 -22.92 -8.83 -88.43
CA LEU B 1251 -24.10 -9.54 -88.82
C LEU B 1251 -23.80 -10.62 -89.81
N SER B 1252 -24.60 -11.71 -89.73
CA SER B 1252 -24.48 -12.84 -90.59
C SER B 1252 -25.74 -12.93 -91.38
N HIS B 1253 -25.69 -13.66 -92.50
CA HIS B 1253 -26.82 -13.82 -93.36
C HIS B 1253 -27.90 -14.47 -92.55
N HIS B 1254 -27.55 -15.53 -91.80
CA HIS B 1254 -28.53 -16.24 -91.04
C HIS B 1254 -29.09 -15.33 -90.00
N GLU B 1255 -28.22 -14.53 -89.36
CA GLU B 1255 -28.66 -13.63 -88.31
C GLU B 1255 -29.58 -12.62 -88.89
N ALA B 1256 -29.27 -12.15 -90.11
CA ALA B 1256 -30.00 -11.09 -90.74
C ALA B 1256 -31.45 -11.46 -90.88
N GLU B 1257 -31.73 -12.73 -91.19
CA GLU B 1257 -33.09 -13.12 -91.45
C GLU B 1257 -33.96 -12.90 -90.24
N GLU B 1258 -33.49 -13.26 -89.03
CA GLU B 1258 -34.36 -13.10 -87.90
C GLU B 1258 -34.74 -11.68 -87.72
N LEU B 1259 -33.80 -10.74 -87.99
CA LEU B 1259 -34.11 -9.34 -87.84
C LEU B 1259 -35.17 -8.93 -88.81
N ARG B 1260 -35.06 -9.37 -90.08
CA ARG B 1260 -36.01 -8.96 -91.06
C ARG B 1260 -37.36 -9.52 -90.74
N ASP B 1261 -37.41 -10.81 -90.34
CA ASP B 1261 -38.67 -11.44 -90.08
C ASP B 1261 -39.33 -10.79 -88.90
N ALA B 1262 -38.55 -10.55 -87.82
CA ALA B 1262 -39.13 -10.02 -86.61
C ALA B 1262 -39.71 -8.66 -86.89
N LEU B 1263 -38.98 -7.82 -87.62
CA LEU B 1263 -39.41 -6.47 -87.91
C LEU B 1263 -40.63 -6.50 -88.77
N TYR B 1264 -40.64 -7.38 -89.78
CA TYR B 1264 -41.72 -7.44 -90.73
C TYR B 1264 -42.97 -7.81 -90.02
N LYS B 1265 -42.92 -8.82 -89.15
CA LYS B 1265 -44.09 -9.28 -88.49
C LYS B 1265 -44.61 -8.17 -87.63
N LEU B 1266 -43.71 -7.38 -87.02
CA LEU B 1266 -44.11 -6.26 -86.22
C LEU B 1266 -44.75 -5.20 -87.07
N GLN B 1267 -44.15 -4.91 -88.24
CA GLN B 1267 -44.62 -3.83 -89.07
C GLN B 1267 -46.03 -4.09 -89.51
N ASN B 1268 -46.35 -5.35 -89.85
CA ASN B 1268 -47.66 -5.69 -90.30
C ASN B 1268 -48.64 -5.62 -89.16
N ASP B 1269 -48.15 -5.59 -87.90
CA ASP B 1269 -48.96 -5.58 -86.69
C ASP B 1269 -49.42 -4.19 -86.33
N GLU B 1270 -50.76 -3.97 -86.36
CA GLU B 1270 -51.47 -2.77 -86.02
C GLU B 1270 -51.78 -2.61 -84.54
N SER B 1271 -51.64 -3.67 -83.73
CA SER B 1271 -52.05 -3.63 -82.34
C SER B 1271 -51.28 -2.57 -81.61
N HIS B 1272 -51.57 -2.41 -80.30
CA HIS B 1272 -50.90 -1.45 -79.47
C HIS B 1272 -49.44 -1.79 -79.45
N GLY B 1273 -49.13 -3.09 -79.55
CA GLY B 1273 -47.82 -3.66 -79.63
C GLY B 1273 -47.19 -3.42 -80.97
N GLY B 1274 -47.98 -3.05 -81.99
CA GLY B 1274 -47.51 -2.95 -83.35
C GLY B 1274 -46.48 -1.88 -83.56
N TYR B 1275 -45.83 -1.92 -84.74
CA TYR B 1275 -44.78 -1.04 -85.18
C TYR B 1275 -45.30 0.33 -85.41
N GLU B 1276 -46.52 0.41 -85.98
CA GLU B 1276 -47.15 1.65 -86.29
C GLU B 1276 -47.38 2.41 -85.01
N HIS B 1277 -47.70 1.68 -83.93
CA HIS B 1277 -47.95 2.22 -82.62
C HIS B 1277 -46.69 2.61 -81.90
N ILE B 1278 -45.61 1.82 -82.03
CA ILE B 1278 -44.40 2.06 -81.29
C ILE B 1278 -43.74 3.33 -81.75
N ALA B 1279 -43.73 3.56 -83.08
CA ALA B 1279 -43.16 4.72 -83.70
C ALA B 1279 -43.94 5.92 -83.29
N GLY B 1280 -45.23 5.71 -83.00
CA GLY B 1280 -46.18 6.73 -82.65
C GLY B 1280 -45.78 7.40 -81.37
N PHE B 1281 -45.10 6.67 -80.45
CA PHE B 1281 -44.79 7.26 -79.19
C PHE B 1281 -44.00 8.52 -79.36
N HIS B 1282 -42.88 8.45 -80.11
CA HIS B 1282 -42.01 9.56 -80.35
C HIS B 1282 -42.59 10.63 -81.22
N GLY B 1283 -42.82 10.33 -82.52
CA GLY B 1283 -43.29 11.32 -83.46
C GLY B 1283 -44.78 11.30 -83.44
N TYR B 1284 -45.40 11.93 -84.46
CA TYR B 1284 -46.82 11.94 -84.70
C TYR B 1284 -47.30 10.57 -85.02
N PRO B 1285 -48.51 10.30 -84.60
CA PRO B 1285 -49.31 11.28 -83.89
C PRO B 1285 -48.90 11.41 -82.44
N ASN B 1286 -49.10 12.61 -81.83
CA ASN B 1286 -48.75 12.88 -80.45
C ASN B 1286 -49.84 12.39 -79.53
N LEU B 1287 -49.48 11.52 -78.56
CA LEU B 1287 -50.36 10.94 -77.56
C LEU B 1287 -50.46 11.44 -76.15
N CYS B 1288 -49.30 11.45 -75.43
CA CYS B 1288 -49.16 11.27 -74.00
C CYS B 1288 -50.11 11.98 -73.08
N PRO B 1289 -50.54 13.20 -73.19
CA PRO B 1289 -51.45 13.71 -72.18
C PRO B 1289 -52.73 12.92 -72.13
N GLU B 1290 -53.26 12.65 -70.92
CA GLU B 1290 -54.39 11.78 -70.80
C GLU B 1290 -55.63 12.52 -71.24
N LYS B 1291 -56.03 12.25 -72.49
CA LYS B 1291 -57.21 12.76 -73.14
C LYS B 1291 -57.26 14.26 -73.03
N GLY B 1292 -56.10 14.91 -73.23
CA GLY B 1292 -55.98 16.34 -73.21
C GLY B 1292 -56.67 16.91 -74.42
N ASP B 1293 -56.67 16.14 -75.53
CA ASP B 1293 -57.16 16.46 -76.85
C ASP B 1293 -56.33 17.59 -77.39
N GLU B 1294 -55.25 17.91 -76.64
CA GLU B 1294 -54.23 18.87 -76.94
C GLU B 1294 -53.19 18.27 -77.85
N LYS B 1295 -53.02 16.94 -77.81
CA LYS B 1295 -51.94 16.29 -78.51
C LYS B 1295 -50.76 16.57 -77.65
N TYR B 1296 -49.54 16.15 -78.06
CA TYR B 1296 -48.34 16.42 -77.30
C TYR B 1296 -47.28 15.46 -77.76
N PRO B 1297 -46.19 15.96 -78.28
CA PRO B 1297 -45.12 15.08 -78.68
C PRO B 1297 -44.47 14.50 -77.46
N CYS B 1298 -44.53 13.18 -77.30
CA CYS B 1298 -43.99 12.48 -76.17
C CYS B 1298 -42.49 12.55 -76.24
N CYS B 1299 -41.96 12.79 -77.45
CA CYS B 1299 -40.55 12.85 -77.68
C CYS B 1299 -39.92 13.85 -76.76
N VAL B 1300 -38.95 13.40 -75.94
CA VAL B 1300 -38.33 14.29 -75.01
C VAL B 1300 -36.96 14.64 -75.51
N HIS B 1301 -36.81 15.88 -76.02
CA HIS B 1301 -35.54 16.31 -76.52
C HIS B 1301 -35.15 17.60 -75.86
N GLY B 1302 -33.86 17.73 -75.51
CA GLY B 1302 -33.36 18.95 -74.94
C GLY B 1302 -33.41 18.85 -73.46
N MET B 1303 -34.28 17.96 -72.92
CA MET B 1303 -34.38 17.83 -71.49
C MET B 1303 -33.19 17.08 -70.99
N SER B 1304 -33.01 17.07 -69.65
CA SER B 1304 -31.90 16.40 -69.03
C SER B 1304 -32.06 14.91 -69.20
N ILE B 1305 -33.33 14.48 -69.28
CA ILE B 1305 -33.85 13.16 -69.45
C ILE B 1305 -33.70 12.64 -70.85
N PHE B 1306 -33.30 13.49 -71.81
CA PHE B 1306 -33.31 13.17 -73.22
C PHE B 1306 -32.81 11.78 -73.49
N PRO B 1307 -31.70 11.33 -73.01
CA PRO B 1307 -31.29 9.97 -73.29
C PRO B 1307 -32.10 8.94 -72.56
N HIS B 1308 -32.69 9.27 -71.40
CA HIS B 1308 -33.44 8.33 -70.62
C HIS B 1308 -34.68 7.91 -71.35
N TRP B 1309 -35.41 8.87 -71.95
CA TRP B 1309 -36.63 8.55 -72.64
C TRP B 1309 -36.30 7.71 -73.85
N HIS B 1310 -35.20 8.04 -74.55
CA HIS B 1310 -34.81 7.34 -75.74
C HIS B 1310 -34.39 5.93 -75.45
N ARG B 1311 -33.60 5.74 -74.37
CA ARG B 1311 -33.06 4.45 -74.06
C ARG B 1311 -34.19 3.49 -73.83
N LEU B 1312 -35.26 3.96 -73.18
CA LEU B 1312 -36.40 3.12 -72.89
C LEU B 1312 -37.16 2.83 -74.16
N HIS B 1313 -37.27 3.83 -75.06
CA HIS B 1313 -38.01 3.67 -76.30
C HIS B 1313 -37.36 2.63 -77.16
N THR B 1314 -36.01 2.64 -77.20
CA THR B 1314 -35.25 1.75 -78.04
C THR B 1314 -35.53 0.34 -77.62
N ILE B 1315 -35.57 0.10 -76.29
CA ILE B 1315 -35.81 -1.21 -75.76
C ILE B 1315 -37.22 -1.58 -76.07
N GLN B 1316 -38.12 -0.59 -76.09
CA GLN B 1316 -39.51 -0.83 -76.36
C GLN B 1316 -39.61 -1.39 -77.75
N PHE B 1317 -38.84 -0.83 -78.70
CA PHE B 1317 -38.81 -1.27 -80.06
C PHE B 1317 -38.28 -2.67 -80.10
N GLU B 1318 -37.17 -2.94 -79.40
CA GLU B 1318 -36.55 -4.24 -79.43
C GLU B 1318 -37.43 -5.26 -78.78
N ARG B 1319 -38.05 -4.93 -77.63
CA ARG B 1319 -38.85 -5.88 -76.91
C ARG B 1319 -40.02 -6.25 -77.76
N ALA B 1320 -40.58 -5.29 -78.52
CA ALA B 1320 -41.71 -5.55 -79.34
C ALA B 1320 -41.35 -6.60 -80.37
N LEU B 1321 -40.12 -6.52 -80.91
CA LEU B 1321 -39.69 -7.45 -81.93
C LEU B 1321 -39.57 -8.84 -81.38
N LYS B 1322 -38.94 -9.01 -80.20
CA LYS B 1322 -38.71 -10.32 -79.67
C LYS B 1322 -40.03 -10.99 -79.46
N LYS B 1323 -41.05 -10.23 -79.01
CA LYS B 1323 -42.32 -10.85 -78.79
C LYS B 1323 -42.85 -11.31 -80.12
N HIS B 1324 -42.51 -10.57 -81.18
CA HIS B 1324 -42.84 -10.81 -82.54
C HIS B 1324 -42.04 -11.93 -83.15
N GLY B 1325 -41.01 -12.44 -82.45
CA GLY B 1325 -40.22 -13.49 -83.03
C GLY B 1325 -38.88 -12.99 -83.48
N SER B 1326 -38.01 -12.65 -82.49
CA SER B 1326 -36.67 -12.21 -82.75
C SER B 1326 -35.70 -13.12 -82.03
N HIS B 1327 -34.52 -13.37 -82.66
CA HIS B 1327 -33.44 -14.11 -82.06
C HIS B 1327 -32.45 -13.24 -81.31
N LEU B 1328 -32.04 -12.10 -81.92
CA LEU B 1328 -30.99 -11.27 -81.40
C LEU B 1328 -31.56 -9.89 -81.15
N GLY B 1329 -30.75 -9.03 -80.52
CA GLY B 1329 -31.16 -7.69 -80.19
C GLY B 1329 -30.99 -6.82 -81.39
N ILE B 1330 -31.38 -5.52 -81.23
CA ILE B 1330 -31.34 -4.56 -82.30
C ILE B 1330 -29.91 -4.30 -82.65
N PRO B 1331 -29.59 -4.37 -83.92
CA PRO B 1331 -28.23 -4.15 -84.36
C PRO B 1331 -27.85 -2.71 -84.24
N TYR B 1332 -26.61 -2.42 -83.79
CA TYR B 1332 -26.20 -1.07 -83.62
C TYR B 1332 -25.14 -0.78 -84.63
N TRP B 1333 -25.08 0.48 -85.12
CA TRP B 1333 -24.12 0.86 -86.11
C TRP B 1333 -23.21 1.92 -85.57
N ASP B 1334 -21.89 1.67 -85.64
CA ASP B 1334 -20.92 2.62 -85.16
C ASP B 1334 -20.59 3.54 -86.30
N TRP B 1335 -21.42 4.59 -86.45
CA TRP B 1335 -21.31 5.60 -87.47
C TRP B 1335 -20.13 6.51 -87.28
N THR B 1336 -19.49 6.51 -86.10
CA THR B 1336 -18.36 7.39 -85.89
C THR B 1336 -17.25 7.02 -86.83
N GLN B 1337 -16.98 5.72 -86.99
CA GLN B 1337 -15.91 5.25 -87.82
C GLN B 1337 -16.12 5.74 -89.22
N THR B 1338 -15.05 5.75 -90.02
CA THR B 1338 -15.10 6.25 -91.35
C THR B 1338 -16.16 5.54 -92.11
N ILE B 1339 -17.08 6.33 -92.73
CA ILE B 1339 -18.22 5.78 -93.36
C ILE B 1339 -17.94 5.65 -94.82
N SER B 1340 -17.80 4.39 -95.30
CA SER B 1340 -17.60 4.09 -96.69
C SER B 1340 -18.91 4.24 -97.42
N SER B 1341 -20.02 3.73 -96.82
CA SER B 1341 -21.29 3.82 -97.48
C SER B 1341 -22.35 3.45 -96.48
N LEU B 1342 -23.63 3.74 -96.79
CA LEU B 1342 -24.69 3.43 -95.86
C LEU B 1342 -24.77 1.95 -95.73
N PRO B 1343 -25.27 1.50 -94.61
CA PRO B 1343 -25.34 0.10 -94.35
C PRO B 1343 -26.16 -0.60 -95.38
N THR B 1344 -25.76 -1.84 -95.70
CA THR B 1344 -26.37 -2.69 -96.69
C THR B 1344 -27.73 -3.00 -96.19
N PHE B 1345 -27.88 -2.91 -94.85
CA PHE B 1345 -29.10 -3.28 -94.21
C PHE B 1345 -30.19 -2.40 -94.74
N PHE B 1346 -29.91 -1.10 -94.92
CA PHE B 1346 -30.86 -0.15 -95.46
C PHE B 1346 -30.91 -0.13 -96.98
N ALA B 1347 -29.72 -0.11 -97.60
CA ALA B 1347 -29.54 0.17 -98.99
C ALA B 1347 -30.31 -0.78 -99.84
N ASP B 1348 -30.44 -2.04 -99.38
CA ASP B 1348 -31.14 -3.04 -100.14
C ASP B 1348 -32.60 -2.73 -100.12
N SER B 1349 -33.02 -1.72 -100.90
CA SER B 1349 -34.38 -1.28 -100.94
C SER B 1349 -35.22 -2.36 -101.55
N GLY B 1350 -34.63 -3.15 -102.47
CA GLY B 1350 -35.40 -4.15 -103.15
C GLY B 1350 -35.70 -5.26 -102.19
N ASN B 1351 -36.47 -6.25 -102.69
CA ASN B 1351 -36.87 -7.40 -101.95
C ASN B 1351 -37.67 -6.94 -100.77
N ASN B 1352 -38.25 -5.73 -100.89
CA ASN B 1352 -39.10 -5.19 -99.87
C ASN B 1352 -38.45 -5.29 -98.53
N ASN B 1353 -37.22 -4.76 -98.37
CA ASN B 1353 -36.54 -4.82 -97.12
C ASN B 1353 -37.27 -3.96 -96.13
N PRO B 1354 -37.65 -4.54 -95.02
CA PRO B 1354 -38.38 -3.84 -93.97
C PRO B 1354 -37.55 -2.84 -93.23
N PHE B 1355 -36.22 -2.99 -93.25
CA PHE B 1355 -35.31 -2.09 -92.58
C PHE B 1355 -35.15 -0.80 -93.32
N PHE B 1356 -35.28 -0.81 -94.65
CA PHE B 1356 -35.09 0.34 -95.49
C PHE B 1356 -36.14 1.39 -95.22
N LYS B 1357 -37.43 1.00 -95.16
CA LYS B 1357 -38.46 1.97 -94.97
C LYS B 1357 -39.70 1.33 -94.43
N TYR B 1358 -40.69 2.16 -94.04
CA TYR B 1358 -41.93 1.68 -93.48
C TYR B 1358 -43.06 2.58 -93.92
N HIS B 1359 -44.24 1.99 -94.19
CA HIS B 1359 -45.37 2.76 -94.62
C HIS B 1359 -46.08 3.19 -93.37
N ILE B 1360 -46.33 4.51 -93.22
CA ILE B 1360 -46.90 5.03 -92.01
C ILE B 1360 -48.22 4.38 -91.77
N ARG B 1361 -49.03 4.31 -92.84
CA ARG B 1361 -50.32 3.67 -92.82
C ARG B 1361 -51.29 4.53 -92.09
N SER B 1362 -50.84 5.26 -91.04
CA SER B 1362 -51.82 6.07 -90.38
C SER B 1362 -52.23 7.14 -91.33
N ILE B 1363 -51.33 8.11 -91.60
CA ILE B 1363 -51.56 9.18 -92.51
C ILE B 1363 -51.39 8.75 -93.93
N ASN B 1364 -50.35 7.95 -94.22
CA ASN B 1364 -49.99 7.46 -95.53
C ASN B 1364 -48.54 7.79 -95.59
N GLN B 1365 -47.99 7.85 -96.82
CA GLN B 1365 -46.65 8.24 -97.14
C GLN B 1365 -45.66 7.29 -96.52
N ASP B 1366 -44.64 6.90 -97.32
CA ASP B 1366 -43.64 5.99 -96.86
C ASP B 1366 -42.52 6.76 -96.22
N THR B 1367 -41.67 6.05 -95.46
CA THR B 1367 -40.56 6.69 -94.81
C THR B 1367 -39.47 6.87 -95.82
N VAL B 1368 -39.24 8.13 -96.25
CA VAL B 1368 -38.22 8.39 -97.23
C VAL B 1368 -37.09 9.10 -96.56
N ARG B 1369 -35.89 8.98 -97.15
CA ARG B 1369 -34.74 9.65 -96.61
C ARG B 1369 -33.94 10.27 -97.71
N ASP B 1370 -33.44 11.50 -97.46
CA ASP B 1370 -32.64 12.21 -98.42
C ASP B 1370 -31.25 12.23 -97.88
N VAL B 1371 -30.45 11.21 -98.21
CA VAL B 1371 -29.13 11.08 -97.64
C VAL B 1371 -28.27 12.22 -98.05
N ASN B 1372 -27.32 12.56 -97.17
CA ASN B 1372 -26.37 13.62 -97.37
C ASN B 1372 -25.05 12.93 -97.50
N GLU B 1373 -24.00 13.69 -97.90
CA GLU B 1373 -22.73 13.04 -98.14
C GLU B 1373 -22.28 12.37 -96.89
N ALA B 1374 -22.10 13.16 -95.81
CA ALA B 1374 -21.68 12.62 -94.55
C ALA B 1374 -20.52 11.68 -94.69
N ILE B 1375 -19.41 12.09 -95.37
CA ILE B 1375 -18.31 11.19 -95.52
C ILE B 1375 -17.03 11.99 -95.57
N PHE B 1376 -16.09 11.61 -96.47
CA PHE B 1376 -14.77 12.15 -96.66
C PHE B 1376 -13.97 11.97 -95.41
N GLN B 1377 -12.89 11.16 -95.51
CA GLN B 1377 -12.14 10.87 -94.32
C GLN B 1377 -10.82 11.55 -94.30
N GLN B 1378 -10.61 12.47 -93.34
CA GLN B 1378 -9.32 13.08 -93.18
C GLN B 1378 -8.35 12.25 -92.36
N THR B 1379 -8.76 11.82 -91.15
CA THR B 1379 -7.84 11.10 -90.29
C THR B 1379 -8.61 10.42 -89.20
N LYS B 1380 -8.09 9.27 -88.75
CA LYS B 1380 -8.68 8.39 -87.78
C LYS B 1380 -7.83 8.44 -86.56
N PHE B 1381 -8.24 7.68 -85.52
CA PHE B 1381 -7.46 7.55 -84.32
C PHE B 1381 -7.06 8.89 -83.80
N GLY B 1382 -8.05 9.70 -83.36
CA GLY B 1382 -7.75 10.96 -82.75
C GLY B 1382 -7.90 12.02 -83.80
N GLU B 1383 -8.54 13.15 -83.43
CA GLU B 1383 -8.67 14.23 -84.36
C GLU B 1383 -9.44 13.74 -85.56
N PHE B 1384 -10.36 12.80 -85.33
CA PHE B 1384 -11.16 12.27 -86.41
C PHE B 1384 -12.14 13.35 -86.78
N SER B 1385 -12.12 13.79 -88.06
CA SER B 1385 -13.04 14.81 -88.47
C SER B 1385 -14.38 14.20 -88.63
N SER B 1386 -15.44 14.96 -88.29
CA SER B 1386 -16.80 14.55 -88.42
C SER B 1386 -17.28 13.98 -87.13
N ILE B 1387 -18.25 13.05 -87.21
CA ILE B 1387 -19.04 12.55 -86.11
C ILE B 1387 -18.23 12.13 -84.92
N PHE B 1388 -17.18 11.32 -85.12
CA PHE B 1388 -16.47 10.71 -84.02
C PHE B 1388 -16.03 11.74 -83.02
N TYR B 1389 -15.56 12.91 -83.50
CA TYR B 1389 -15.06 13.91 -82.59
C TYR B 1389 -16.14 14.27 -81.63
N LEU B 1390 -17.38 14.48 -82.13
CA LEU B 1390 -18.46 14.90 -81.27
C LEU B 1390 -18.72 13.84 -80.25
N ALA B 1391 -18.80 12.57 -80.69
CA ALA B 1391 -19.09 11.48 -79.80
C ALA B 1391 -17.98 11.36 -78.80
N LEU B 1392 -16.74 11.51 -79.27
CA LEU B 1392 -15.57 11.39 -78.45
C LEU B 1392 -15.60 12.53 -77.47
N GLN B 1393 -16.17 13.66 -77.92
CA GLN B 1393 -16.29 14.88 -77.17
C GLN B 1393 -17.30 14.69 -76.07
N ALA B 1394 -18.27 13.78 -76.25
CA ALA B 1394 -19.25 13.48 -75.24
C ALA B 1394 -18.65 12.77 -74.07
N LEU B 1395 -17.82 11.75 -74.35
CA LEU B 1395 -17.17 10.94 -73.35
C LEU B 1395 -16.21 11.81 -72.62
N GLU B 1396 -15.61 12.76 -73.34
CA GLU B 1396 -14.62 13.66 -72.85
C GLU B 1396 -15.20 14.44 -71.72
N GLU B 1397 -16.42 14.97 -71.93
CA GLU B 1397 -17.07 15.82 -70.98
C GLU B 1397 -17.30 15.03 -69.73
N ASP B 1398 -17.19 15.70 -68.56
CA ASP B 1398 -17.41 15.08 -67.29
C ASP B 1398 -18.80 15.44 -66.89
N ASN B 1399 -19.32 14.82 -65.79
CA ASN B 1399 -20.64 15.17 -65.33
C ASN B 1399 -21.63 14.72 -66.36
N TYR B 1400 -22.85 14.35 -65.91
CA TYR B 1400 -23.91 13.92 -66.76
C TYR B 1400 -24.62 15.05 -67.46
N CYS B 1401 -24.91 16.13 -66.73
CA CYS B 1401 -25.72 17.21 -67.21
C CYS B 1401 -25.03 17.90 -68.35
N ASP B 1402 -23.71 18.09 -68.23
CA ASP B 1402 -22.93 18.71 -69.26
C ASP B 1402 -22.78 17.73 -70.39
N PHE B 1403 -22.81 16.43 -70.05
CA PHE B 1403 -22.66 15.32 -70.96
C PHE B 1403 -23.85 15.17 -71.86
N GLU B 1404 -25.05 15.30 -71.30
CA GLU B 1404 -26.26 15.00 -72.03
C GLU B 1404 -26.32 15.86 -73.26
N VAL B 1405 -25.91 17.14 -73.17
CA VAL B 1405 -25.99 18.00 -74.31
C VAL B 1405 -25.13 17.46 -75.41
N GLN B 1406 -23.89 17.08 -75.08
CA GLN B 1406 -22.95 16.57 -76.04
C GLN B 1406 -23.50 15.30 -76.60
N TYR B 1407 -24.22 14.56 -75.74
CA TYR B 1407 -24.81 13.29 -76.08
C TYR B 1407 -25.86 13.50 -77.14
N GLU B 1408 -26.78 14.45 -76.93
CA GLU B 1408 -27.87 14.67 -77.85
C GLU B 1408 -27.40 15.26 -79.14
N ILE B 1409 -26.59 16.32 -79.07
CA ILE B 1409 -26.20 17.05 -80.24
C ILE B 1409 -25.49 16.10 -81.16
N LEU B 1410 -24.68 15.18 -80.59
CA LEU B 1410 -23.96 14.25 -81.40
C LEU B 1410 -24.92 13.38 -82.15
N HIS B 1411 -25.99 12.94 -81.46
CA HIS B 1411 -27.07 12.14 -81.98
C HIS B 1411 -27.85 12.91 -82.98
N ASN B 1412 -28.00 14.23 -82.77
CA ASN B 1412 -28.80 15.05 -83.63
C ASN B 1412 -28.25 15.05 -85.01
N GLU B 1413 -26.92 14.99 -85.16
CA GLU B 1413 -26.30 15.09 -86.44
C GLU B 1413 -26.77 14.01 -87.36
N VAL B 1414 -26.73 12.74 -86.92
CA VAL B 1414 -27.04 11.63 -87.78
C VAL B 1414 -28.41 11.77 -88.34
N HIS B 1415 -29.38 12.23 -87.53
CA HIS B 1415 -30.74 12.31 -87.99
C HIS B 1415 -30.79 13.16 -89.23
N ALA B 1416 -30.01 14.26 -89.27
CA ALA B 1416 -30.05 15.14 -90.40
C ALA B 1416 -29.54 14.48 -91.65
N LEU B 1417 -28.37 13.82 -91.62
CA LEU B 1417 -27.84 13.31 -92.85
C LEU B 1417 -28.77 12.28 -93.41
N ILE B 1418 -29.31 11.39 -92.55
CA ILE B 1418 -30.18 10.36 -93.04
C ILE B 1418 -31.48 10.92 -93.56
N GLY B 1419 -32.17 11.74 -92.75
CA GLY B 1419 -33.46 12.27 -93.14
C GLY B 1419 -33.32 13.25 -94.25
N GLY B 1420 -32.24 14.04 -94.23
CA GLY B 1420 -32.02 15.03 -95.23
C GLY B 1420 -33.07 16.09 -95.04
N ALA B 1421 -33.56 16.59 -96.19
CA ALA B 1421 -34.61 17.55 -96.43
C ALA B 1421 -36.03 17.02 -96.39
N GLU B 1422 -36.25 15.71 -96.56
CA GLU B 1422 -37.57 15.15 -96.77
C GLU B 1422 -38.59 15.50 -95.72
N LYS B 1423 -39.87 15.57 -96.17
CA LYS B 1423 -40.96 15.97 -95.32
C LYS B 1423 -41.10 15.05 -94.14
N TYR B 1424 -41.36 13.77 -94.43
CA TYR B 1424 -41.55 12.60 -93.61
C TYR B 1424 -40.28 11.94 -93.17
N SER B 1425 -39.12 12.52 -93.51
CA SER B 1425 -37.82 11.95 -93.26
C SER B 1425 -37.50 11.68 -91.82
N MET B 1426 -36.30 11.08 -91.61
CA MET B 1426 -35.73 10.71 -90.35
C MET B 1426 -35.30 11.93 -89.60
N SER B 1427 -35.04 13.03 -90.33
CA SER B 1427 -34.64 14.28 -89.75
C SER B 1427 -35.82 15.00 -89.16
N THR B 1428 -37.04 14.65 -89.57
CA THR B 1428 -38.21 15.37 -89.13
C THR B 1428 -38.66 14.74 -87.85
N LEU B 1429 -38.53 15.47 -86.73
CA LEU B 1429 -38.75 14.91 -85.43
C LEU B 1429 -40.11 14.31 -85.34
N GLU B 1430 -41.13 15.02 -85.82
CA GLU B 1430 -42.46 14.50 -85.68
C GLU B 1430 -42.59 13.19 -86.39
N TYR B 1431 -41.96 12.99 -87.55
CA TYR B 1431 -42.05 11.75 -88.29
C TYR B 1431 -40.98 10.69 -88.06
N SER B 1432 -39.76 11.12 -87.73
CA SER B 1432 -38.54 10.34 -87.76
C SER B 1432 -38.68 9.05 -87.02
N ALA B 1433 -39.65 8.96 -86.10
CA ALA B 1433 -39.85 7.80 -85.29
C ALA B 1433 -40.20 6.61 -86.12
N PHE B 1434 -40.98 6.79 -87.20
CA PHE B 1434 -41.46 5.73 -88.05
C PHE B 1434 -40.31 5.02 -88.73
N ASP B 1435 -39.30 5.76 -89.20
CA ASP B 1435 -38.22 5.20 -89.99
C ASP B 1435 -37.64 4.01 -89.27
N PRO B 1436 -37.37 2.96 -90.01
CA PRO B 1436 -36.82 1.75 -89.44
C PRO B 1436 -35.48 1.98 -88.81
N TYR B 1437 -34.67 2.85 -89.44
CA TYR B 1437 -33.35 3.15 -89.00
C TYR B 1437 -33.46 3.77 -87.65
N PHE B 1438 -34.43 4.66 -87.46
CA PHE B 1438 -34.62 5.41 -86.24
C PHE B 1438 -34.67 4.46 -85.08
N MET B 1439 -35.50 3.42 -85.16
CA MET B 1439 -35.67 2.52 -84.05
C MET B 1439 -34.33 1.92 -83.68
N ILE B 1440 -33.54 1.50 -84.69
CA ILE B 1440 -32.25 0.90 -84.44
C ILE B 1440 -31.19 1.90 -84.05
N HIS B 1441 -31.21 3.09 -84.68
CA HIS B 1441 -30.20 4.10 -84.58
C HIS B 1441 -30.05 4.54 -83.17
N HIS B 1442 -31.17 4.73 -82.45
CA HIS B 1442 -31.08 5.20 -81.10
C HIS B 1442 -30.33 4.20 -80.30
N ALA B 1443 -30.41 2.91 -80.68
CA ALA B 1443 -29.70 1.87 -80.00
C ALA B 1443 -28.22 2.11 -80.12
N SER B 1444 -27.77 2.53 -81.33
CA SER B 1444 -26.36 2.70 -81.51
C SER B 1444 -25.87 3.78 -80.60
N LEU B 1445 -26.69 4.84 -80.39
CA LEU B 1445 -26.31 5.94 -79.54
C LEU B 1445 -26.30 5.43 -78.13
N ASP B 1446 -27.26 4.55 -77.79
CA ASP B 1446 -27.44 4.05 -76.46
C ASP B 1446 -26.16 3.41 -76.02
N LYS B 1447 -25.49 2.70 -76.95
CA LYS B 1447 -24.27 1.98 -76.69
C LYS B 1447 -23.24 2.96 -76.18
N ILE B 1448 -23.20 4.17 -76.74
CA ILE B 1448 -22.23 5.16 -76.37
C ILE B 1448 -22.48 5.56 -74.94
N TRP B 1449 -23.77 5.69 -74.57
CA TRP B 1449 -24.11 6.09 -73.23
C TRP B 1449 -23.53 5.10 -72.28
N ILE B 1450 -23.68 3.78 -72.57
CA ILE B 1450 -23.21 2.77 -71.67
C ILE B 1450 -21.72 2.84 -71.48
N ILE B 1451 -20.95 3.01 -72.57
CA ILE B 1451 -19.52 3.00 -72.45
C ILE B 1451 -19.12 4.12 -71.54
N TRP B 1452 -19.78 5.28 -71.70
CA TRP B 1452 -19.52 6.44 -70.91
C TRP B 1452 -19.94 6.24 -69.48
N GLN B 1453 -21.10 5.57 -69.27
CA GLN B 1453 -21.69 5.50 -67.97
C GLN B 1453 -20.72 4.93 -66.97
N GLU B 1454 -20.18 3.72 -67.24
CA GLU B 1454 -19.23 3.09 -66.36
C GLU B 1454 -17.88 3.73 -66.50
N LEU B 1455 -17.62 4.37 -67.65
CA LEU B 1455 -16.33 4.91 -67.92
C LEU B 1455 -16.02 5.92 -66.86
N GLN B 1456 -17.04 6.67 -66.45
CA GLN B 1456 -16.92 7.74 -65.51
C GLN B 1456 -16.50 7.15 -64.19
N LYS B 1457 -16.98 5.93 -63.88
CA LYS B 1457 -16.75 5.23 -62.65
C LYS B 1457 -15.26 5.08 -62.46
N ARG B 1458 -14.52 4.87 -63.55
CA ARG B 1458 -13.10 4.68 -63.46
C ARG B 1458 -12.47 5.93 -62.95
N ARG B 1459 -13.12 7.07 -63.24
CA ARG B 1459 -12.76 8.43 -62.93
C ARG B 1459 -12.99 8.78 -61.50
N VAL B 1460 -13.68 7.91 -60.72
CA VAL B 1460 -14.06 8.11 -59.35
C VAL B 1460 -15.04 9.23 -59.31
N LYS B 1461 -15.72 9.47 -60.45
CA LYS B 1461 -16.79 10.42 -60.50
C LYS B 1461 -17.94 9.72 -61.14
N PRO B 1462 -18.63 8.87 -60.41
CA PRO B 1462 -19.74 8.17 -61.00
C PRO B 1462 -20.93 9.06 -61.18
N ALA B 1463 -21.45 9.19 -62.41
CA ALA B 1463 -22.64 9.99 -62.56
C ALA B 1463 -23.61 9.27 -63.47
N HIS B 1464 -24.58 8.53 -62.90
CA HIS B 1464 -25.66 8.00 -63.70
C HIS B 1464 -27.01 8.63 -63.50
N ALA B 1465 -27.51 8.41 -62.26
CA ALA B 1465 -28.84 8.67 -61.77
C ALA B 1465 -28.92 10.11 -61.43
N GLY B 1466 -29.56 10.42 -60.29
CA GLY B 1466 -29.67 11.79 -59.88
C GLY B 1466 -28.28 12.34 -59.74
N SER B 1467 -28.06 13.50 -60.39
CA SER B 1467 -26.82 14.19 -60.45
C SER B 1467 -27.16 15.63 -60.22
N CYS B 1468 -27.01 16.49 -61.25
CA CYS B 1468 -27.46 17.83 -61.00
C CYS B 1468 -28.95 18.06 -61.09
N ALA B 1469 -29.52 18.10 -62.32
CA ALA B 1469 -30.89 18.50 -62.45
C ALA B 1469 -31.69 17.23 -62.51
N GLY B 1470 -31.89 16.65 -61.32
CA GLY B 1470 -32.63 15.45 -61.03
C GLY B 1470 -34.11 15.63 -61.01
N ASP B 1471 -34.60 16.84 -60.68
CA ASP B 1471 -35.99 17.06 -60.43
C ASP B 1471 -36.77 16.58 -61.61
N ILE B 1472 -36.21 16.77 -62.81
CA ILE B 1472 -36.86 16.37 -64.02
C ILE B 1472 -37.02 14.87 -64.03
N MET B 1473 -36.02 14.14 -63.52
CA MET B 1473 -36.01 12.69 -63.53
C MET B 1473 -37.06 12.07 -62.65
N HIS B 1474 -37.37 12.66 -61.47
CA HIS B 1474 -38.32 11.99 -60.62
C HIS B 1474 -39.71 12.20 -61.16
N VAL B 1475 -40.02 11.51 -62.27
CA VAL B 1475 -41.30 11.48 -62.91
C VAL B 1475 -41.17 10.48 -64.01
N PRO B 1476 -42.14 9.63 -64.22
CA PRO B 1476 -42.08 8.58 -65.21
C PRO B 1476 -42.08 9.12 -66.60
N LEU B 1477 -41.44 8.39 -67.54
CA LEU B 1477 -41.36 8.81 -68.91
C LEU B 1477 -42.69 8.61 -69.57
N HIS B 1478 -43.21 9.66 -70.22
CA HIS B 1478 -44.49 9.57 -70.88
C HIS B 1478 -44.25 9.19 -72.31
N PRO B 1479 -45.12 8.47 -72.97
CA PRO B 1479 -46.34 7.89 -72.45
C PRO B 1479 -46.15 6.53 -71.86
N PHE B 1480 -44.92 6.10 -71.59
CA PHE B 1480 -44.64 4.75 -71.18
C PHE B 1480 -45.47 4.39 -69.97
N ASN B 1481 -45.64 5.32 -69.01
CA ASN B 1481 -46.47 5.05 -67.87
C ASN B 1481 -47.94 5.09 -68.19
N TYR B 1482 -48.37 6.04 -69.05
CA TYR B 1482 -49.78 6.19 -69.32
C TYR B 1482 -50.35 4.91 -69.83
N GLU B 1483 -51.57 4.58 -69.37
CA GLU B 1483 -52.16 3.33 -69.74
C GLU B 1483 -52.58 3.37 -71.18
N SER B 1484 -51.69 2.87 -72.06
CA SER B 1484 -51.94 2.75 -73.46
C SER B 1484 -50.62 2.54 -74.11
N VAL B 1485 -49.62 2.09 -73.33
CA VAL B 1485 -48.30 1.88 -73.87
C VAL B 1485 -48.27 0.55 -74.50
N ASN B 1486 -47.03 0.11 -74.75
CA ASN B 1486 -46.69 -1.14 -75.36
C ASN B 1486 -47.25 -2.22 -74.48
N ASN B 1487 -47.57 -1.86 -73.21
CA ASN B 1487 -48.14 -2.79 -72.29
C ASN B 1487 -47.11 -3.81 -71.97
N ASP B 1488 -45.84 -3.46 -72.23
CA ASP B 1488 -44.73 -4.31 -71.89
C ASP B 1488 -44.56 -4.14 -70.41
N ASP B 1489 -44.59 -5.24 -69.65
CA ASP B 1489 -44.57 -5.15 -68.22
C ASP B 1489 -43.36 -4.37 -67.78
N PHE B 1490 -42.20 -4.60 -68.42
CA PHE B 1490 -41.03 -3.88 -68.02
C PHE B 1490 -41.21 -2.41 -68.24
N THR B 1491 -41.66 -2.04 -69.46
CA THR B 1491 -41.78 -0.68 -69.87
C THR B 1491 -42.78 0.06 -69.04
N ARG B 1492 -44.02 -0.47 -69.00
CA ARG B 1492 -45.10 0.24 -68.38
C ARG B 1492 -44.73 0.51 -66.96
N GLU B 1493 -44.16 -0.50 -66.26
CA GLU B 1493 -43.77 -0.34 -64.89
C GLU B 1493 -42.49 0.44 -64.69
N ASN B 1494 -41.39 0.01 -65.35
CA ASN B 1494 -40.10 0.57 -65.06
C ASN B 1494 -39.87 1.75 -65.94
N SER B 1495 -40.91 2.57 -66.08
CA SER B 1495 -40.89 3.76 -66.87
C SER B 1495 -40.08 4.80 -66.16
N LEU B 1496 -39.86 4.61 -64.84
CA LEU B 1496 -39.21 5.62 -64.05
C LEU B 1496 -37.79 5.77 -64.52
N PRO B 1497 -37.36 7.01 -64.69
CA PRO B 1497 -36.06 7.31 -65.23
C PRO B 1497 -34.92 6.77 -64.43
N ASN B 1498 -35.04 6.75 -63.10
CA ASN B 1498 -33.99 6.26 -62.25
C ASN B 1498 -33.78 4.82 -62.56
N ALA B 1499 -34.85 4.09 -62.90
CA ALA B 1499 -34.82 2.69 -63.23
C ALA B 1499 -34.14 2.43 -64.55
N VAL B 1500 -34.45 3.27 -65.57
CA VAL B 1500 -33.99 3.17 -66.93
C VAL B 1500 -32.52 3.43 -67.00
N VAL B 1501 -31.95 4.05 -65.97
CA VAL B 1501 -30.57 4.44 -65.99
C VAL B 1501 -29.68 3.24 -66.21
N ASP B 1502 -30.04 2.07 -65.65
CA ASP B 1502 -29.23 0.89 -65.80
C ASP B 1502 -29.83 0.02 -66.86
N SER B 1503 -29.04 -0.32 -67.91
CA SER B 1503 -29.45 -1.11 -69.03
C SER B 1503 -29.57 -2.57 -68.70
N HIS B 1504 -28.77 -3.06 -67.73
CA HIS B 1504 -28.70 -4.45 -67.39
C HIS B 1504 -30.03 -4.93 -66.91
N ARG B 1505 -30.91 -4.01 -66.44
CA ARG B 1505 -32.21 -4.43 -65.98
C ARG B 1505 -33.16 -4.84 -67.08
N PHE B 1506 -33.04 -4.24 -68.28
CA PHE B 1506 -33.85 -4.40 -69.48
C PHE B 1506 -33.61 -5.72 -70.18
N ASN B 1507 -32.59 -6.50 -69.75
CA ASN B 1507 -32.36 -7.79 -70.33
C ASN B 1507 -31.77 -7.68 -71.70
N TYR B 1508 -30.74 -6.85 -71.90
CA TYR B 1508 -30.05 -6.92 -73.17
C TYR B 1508 -28.65 -6.42 -72.96
N LYS B 1509 -27.72 -6.84 -73.86
CA LYS B 1509 -26.34 -6.47 -73.73
C LYS B 1509 -25.80 -6.25 -75.13
N TYR B 1510 -24.70 -5.51 -75.26
CA TYR B 1510 -24.07 -5.25 -76.53
C TYR B 1510 -22.95 -6.22 -76.69
N ASP B 1511 -22.66 -6.61 -77.95
CA ASP B 1511 -21.60 -7.54 -78.22
C ASP B 1511 -20.30 -6.95 -77.73
N ASN B 1512 -20.14 -5.61 -77.76
CA ASN B 1512 -18.91 -5.07 -77.23
C ASN B 1512 -19.15 -3.66 -76.75
N LEU B 1513 -18.21 -3.16 -75.92
CA LEU B 1513 -18.06 -1.82 -75.41
C LEU B 1513 -17.23 -0.90 -76.29
N ASN B 1514 -16.57 -1.42 -77.34
CA ASN B 1514 -15.61 -0.68 -78.12
C ASN B 1514 -16.25 0.32 -79.06
N LEU B 1515 -15.60 1.50 -79.21
CA LEU B 1515 -16.06 2.53 -80.11
C LEU B 1515 -14.94 2.84 -81.07
N HIS B 1516 -15.23 2.81 -82.38
CA HIS B 1516 -14.27 3.19 -83.38
C HIS B 1516 -13.10 2.26 -83.27
N GLY B 1517 -13.35 1.01 -82.84
CA GLY B 1517 -12.32 0.01 -82.79
C GLY B 1517 -11.46 0.22 -81.59
N HIS B 1518 -11.92 1.01 -80.58
CA HIS B 1518 -11.08 1.23 -79.44
C HIS B 1518 -11.75 0.65 -78.24
N ASN B 1519 -10.99 -0.04 -77.37
CA ASN B 1519 -11.59 -0.61 -76.19
C ASN B 1519 -11.66 0.44 -75.15
N ILE B 1520 -12.37 0.18 -74.04
CA ILE B 1520 -12.59 1.20 -73.06
C ILE B 1520 -11.27 1.73 -72.56
N GLU B 1521 -10.32 0.86 -72.24
CA GLU B 1521 -9.05 1.31 -71.75
C GLU B 1521 -8.32 2.02 -72.84
N GLU B 1522 -8.42 1.49 -74.08
CA GLU B 1522 -7.72 2.02 -75.22
C GLU B 1522 -8.21 3.40 -75.54
N LEU B 1523 -9.55 3.57 -75.57
CA LEU B 1523 -10.21 4.79 -75.92
C LEU B 1523 -9.92 5.82 -74.88
N GLU B 1524 -9.81 5.39 -73.61
CA GLU B 1524 -9.56 6.34 -72.57
C GLU B 1524 -8.29 7.06 -72.90
N GLU B 1525 -7.34 6.39 -73.59
CA GLU B 1525 -6.11 7.04 -73.94
C GLU B 1525 -6.35 8.17 -74.89
N VAL B 1526 -7.22 7.97 -75.89
CA VAL B 1526 -7.43 8.95 -76.92
C VAL B 1526 -7.96 10.22 -76.30
N LEU B 1527 -8.80 10.07 -75.26
CA LEU B 1527 -9.41 11.18 -74.58
C LEU B 1527 -8.32 12.02 -73.99
N ARG B 1528 -7.26 11.36 -73.51
CA ARG B 1528 -6.16 12.00 -72.86
C ARG B 1528 -5.47 12.92 -73.82
N SER B 1529 -5.53 12.62 -75.13
CA SER B 1529 -4.88 13.42 -76.13
C SER B 1529 -5.46 14.81 -76.17
N LEU B 1530 -6.80 14.93 -76.12
CA LEU B 1530 -7.47 16.21 -76.24
C LEU B 1530 -7.08 17.08 -75.08
N ARG B 1531 -7.03 16.48 -73.89
CA ARG B 1531 -6.72 17.18 -72.66
C ARG B 1531 -5.33 17.74 -72.79
N LEU B 1532 -4.50 17.11 -73.64
CA LEU B 1532 -3.15 17.49 -73.89
C LEU B 1532 -3.06 18.84 -74.55
N LYS B 1533 -4.07 19.25 -75.34
CA LYS B 1533 -3.90 20.52 -75.99
C LYS B 1533 -5.02 21.44 -75.67
N SER B 1534 -4.68 22.71 -75.40
CA SER B 1534 -5.66 23.70 -75.05
C SER B 1534 -6.51 23.94 -76.25
N ARG B 1535 -7.85 23.99 -76.05
CA ARG B 1535 -8.76 24.17 -77.14
C ARG B 1535 -9.76 25.20 -76.72
N VAL B 1536 -10.14 26.09 -77.65
CA VAL B 1536 -11.11 27.10 -77.33
C VAL B 1536 -12.43 26.60 -77.83
N PHE B 1537 -13.51 26.80 -77.05
CA PHE B 1537 -14.82 26.31 -77.37
C PHE B 1537 -15.79 27.46 -77.47
N ALA B 1538 -16.88 27.29 -78.26
CA ALA B 1538 -17.88 28.31 -78.36
C ALA B 1538 -19.09 27.84 -77.63
N GLY B 1539 -19.41 28.49 -76.50
CA GLY B 1539 -20.51 28.06 -75.67
C GLY B 1539 -21.82 28.37 -76.32
N PHE B 1540 -22.82 27.48 -76.12
CA PHE B 1540 -24.15 27.67 -76.65
C PHE B 1540 -25.19 27.27 -75.64
N VAL B 1541 -26.12 28.20 -75.39
CA VAL B 1541 -27.30 28.22 -74.56
C VAL B 1541 -28.55 27.76 -75.26
N LEU B 1542 -28.47 26.93 -76.33
CA LEU B 1542 -29.58 26.56 -77.17
C LEU B 1542 -30.87 26.37 -76.43
N SER B 1543 -31.97 26.85 -77.06
CA SER B 1543 -33.31 26.78 -76.52
C SER B 1543 -34.21 26.29 -77.60
N GLY B 1544 -35.38 25.74 -77.20
CA GLY B 1544 -36.30 25.12 -78.12
C GLY B 1544 -36.80 26.09 -79.16
N ILE B 1545 -36.37 25.87 -80.41
CA ILE B 1545 -36.78 26.54 -81.61
C ILE B 1545 -38.15 26.10 -82.05
N ARG B 1546 -38.63 24.95 -81.55
CA ARG B 1546 -39.93 24.45 -81.92
C ARG B 1546 -39.87 23.94 -83.31
N THR B 1547 -38.65 23.62 -83.79
CA THR B 1547 -38.49 23.04 -85.09
C THR B 1547 -37.11 22.42 -85.16
N THR B 1548 -36.88 21.50 -86.12
CA THR B 1548 -35.58 20.93 -86.32
C THR B 1548 -34.90 21.72 -87.39
N ALA B 1549 -33.59 21.98 -87.23
CA ALA B 1549 -32.91 22.75 -88.23
C ALA B 1549 -31.43 22.63 -88.02
N VAL B 1550 -30.65 23.29 -88.91
CA VAL B 1550 -29.21 23.27 -88.91
C VAL B 1550 -28.73 24.66 -88.63
N VAL B 1551 -27.45 24.81 -88.19
CA VAL B 1551 -26.88 26.12 -88.00
C VAL B 1551 -25.48 26.08 -88.56
N LYS B 1552 -25.05 27.16 -89.23
CA LYS B 1552 -23.70 27.17 -89.70
C LYS B 1552 -23.00 28.22 -88.91
N VAL B 1553 -21.99 27.82 -88.12
CA VAL B 1553 -21.33 28.80 -87.32
C VAL B 1553 -20.27 29.44 -88.17
N TYR B 1554 -20.35 30.78 -88.32
CA TYR B 1554 -19.39 31.49 -89.13
C TYR B 1554 -18.62 32.42 -88.25
N ILE B 1555 -17.28 32.34 -88.34
CA ILE B 1555 -16.43 33.17 -87.54
C ILE B 1555 -16.00 34.36 -88.36
N LYS B 1556 -16.08 35.56 -87.76
CA LYS B 1556 -15.73 36.77 -88.46
C LYS B 1556 -14.24 36.85 -88.55
N SER B 1557 -13.74 37.51 -89.61
CA SER B 1557 -12.33 37.63 -89.84
C SER B 1557 -11.96 39.07 -89.71
N GLY B 1558 -10.70 39.34 -89.36
CA GLY B 1558 -10.26 40.68 -89.18
C GLY B 1558 -10.28 41.41 -90.48
N THR B 1559 -9.88 40.75 -91.57
CA THR B 1559 -9.69 41.53 -92.75
C THR B 1559 -10.91 42.27 -93.23
N ASP B 1560 -11.75 41.65 -94.07
CA ASP B 1560 -12.91 42.36 -94.52
C ASP B 1560 -14.07 42.13 -93.61
N SER B 1561 -14.37 40.82 -93.48
CA SER B 1561 -15.47 40.29 -92.74
C SER B 1561 -15.64 38.92 -93.29
N ASP B 1562 -14.56 38.38 -93.91
CA ASP B 1562 -14.70 37.10 -94.52
C ASP B 1562 -15.04 36.12 -93.45
N ASP B 1563 -16.12 35.36 -93.70
CA ASP B 1563 -16.57 34.39 -92.75
C ASP B 1563 -15.76 33.16 -92.93
N GLU B 1564 -16.07 32.10 -92.17
CA GLU B 1564 -15.37 30.86 -92.35
C GLU B 1564 -16.25 29.77 -91.84
N TYR B 1565 -16.09 28.55 -92.41
CA TYR B 1565 -16.95 27.49 -92.01
C TYR B 1565 -16.35 26.89 -90.77
N ALA B 1566 -16.73 27.48 -89.62
CA ALA B 1566 -16.27 27.07 -88.32
C ALA B 1566 -16.76 25.67 -88.11
N GLY B 1567 -17.93 25.34 -88.67
CA GLY B 1567 -18.45 24.01 -88.52
C GLY B 1567 -19.94 24.14 -88.58
N SER B 1568 -20.67 23.08 -88.20
CA SER B 1568 -22.10 23.17 -88.17
C SER B 1568 -22.65 22.10 -87.29
N PHE B 1569 -23.76 22.43 -86.58
CA PHE B 1569 -24.42 21.48 -85.73
C PHE B 1569 -25.89 21.57 -85.99
N VAL B 1570 -26.66 20.56 -85.53
CA VAL B 1570 -28.07 20.52 -85.83
C VAL B 1570 -28.88 20.52 -84.58
N ILE B 1571 -30.08 21.15 -84.65
CA ILE B 1571 -30.95 21.21 -83.51
C ILE B 1571 -32.27 20.59 -83.89
N LEU B 1572 -32.60 19.44 -83.25
CA LEU B 1572 -33.82 18.74 -83.55
C LEU B 1572 -34.98 19.38 -82.86
N GLY B 1573 -36.18 19.16 -83.44
CA GLY B 1573 -37.38 19.71 -82.87
C GLY B 1573 -38.44 19.76 -83.92
N GLY B 1574 -39.55 20.47 -83.62
CA GLY B 1574 -40.58 20.61 -84.60
C GLY B 1574 -41.82 21.09 -83.92
N ALA B 1575 -42.70 21.75 -84.72
CA ALA B 1575 -44.02 22.26 -84.46
C ALA B 1575 -44.41 22.15 -83.03
N LYS B 1576 -45.58 21.64 -82.67
CA LYS B 1576 -45.89 21.74 -81.26
C LYS B 1576 -45.14 20.75 -80.38
N GLU B 1577 -43.82 20.95 -80.19
CA GLU B 1577 -42.99 20.18 -79.32
C GLU B 1577 -43.06 20.82 -77.97
N MET B 1578 -42.76 20.05 -76.91
CA MET B 1578 -42.80 20.60 -75.57
C MET B 1578 -41.58 21.46 -75.39
N PRO B 1579 -41.75 22.54 -74.65
CA PRO B 1579 -40.67 23.49 -74.49
C PRO B 1579 -39.47 22.94 -73.77
N TRP B 1580 -38.26 23.35 -74.21
CA TRP B 1580 -37.04 22.88 -73.61
C TRP B 1580 -36.01 23.96 -73.72
N ALA B 1581 -35.00 23.92 -72.81
CA ALA B 1581 -33.91 24.85 -72.89
C ALA B 1581 -32.73 24.24 -72.19
N TYR B 1582 -31.54 24.27 -72.83
CA TYR B 1582 -30.40 23.66 -72.20
C TYR B 1582 -29.94 24.50 -71.06
N GLU B 1583 -30.03 23.92 -69.84
CA GLU B 1583 -29.60 24.54 -68.63
C GLU B 1583 -28.11 24.65 -68.68
N ARG B 1584 -27.46 23.61 -69.25
CA ARG B 1584 -26.03 23.53 -69.37
C ARG B 1584 -25.61 24.06 -70.71
N LEU B 1585 -24.32 24.46 -70.83
CA LEU B 1585 -23.78 24.97 -72.06
C LEU B 1585 -23.42 23.84 -72.99
N TYR B 1586 -23.42 24.16 -74.30
CA TYR B 1586 -23.13 23.20 -75.33
C TYR B 1586 -21.72 23.41 -75.80
N ARG B 1587 -20.79 22.54 -75.37
CA ARG B 1587 -19.41 22.70 -75.74
C ARG B 1587 -19.23 22.40 -77.19
N PHE B 1588 -18.71 23.40 -77.93
CA PHE B 1588 -18.49 23.28 -79.35
C PHE B 1588 -17.10 23.78 -79.61
N ASP B 1589 -16.26 23.00 -80.33
CA ASP B 1589 -14.86 23.34 -80.51
C ASP B 1589 -14.65 24.09 -81.80
N ILE B 1590 -14.27 25.39 -81.66
CA ILE B 1590 -13.86 26.34 -82.65
C ILE B 1590 -12.37 26.45 -82.87
N THR B 1591 -11.53 25.85 -82.02
CA THR B 1591 -10.13 26.20 -81.86
C THR B 1591 -9.37 26.51 -83.13
N GLU B 1592 -9.25 25.58 -84.09
CA GLU B 1592 -8.43 25.84 -85.25
C GLU B 1592 -8.94 27.07 -85.96
N THR B 1593 -10.27 27.21 -86.05
CA THR B 1593 -10.83 28.29 -86.81
C THR B 1593 -10.38 29.59 -86.23
N VAL B 1594 -10.41 29.74 -84.89
CA VAL B 1594 -10.05 31.00 -84.30
C VAL B 1594 -8.61 31.33 -84.50
N HIS B 1595 -7.71 30.34 -84.41
CA HIS B 1595 -6.31 30.61 -84.51
C HIS B 1595 -5.95 31.16 -85.86
N ASN B 1596 -6.68 30.77 -86.92
CA ASN B 1596 -6.34 31.23 -88.24
C ASN B 1596 -6.44 32.74 -88.28
N LEU B 1597 -7.58 33.27 -87.80
CA LEU B 1597 -7.94 34.66 -87.71
C LEU B 1597 -7.08 35.29 -86.67
N ASN B 1598 -6.59 34.46 -85.72
CA ASN B 1598 -5.79 34.86 -84.59
C ASN B 1598 -6.50 35.84 -83.71
N LEU B 1599 -7.60 35.38 -83.07
CA LEU B 1599 -8.28 36.20 -82.10
C LEU B 1599 -8.20 35.54 -80.76
N THR B 1600 -8.57 36.28 -79.69
CA THR B 1600 -8.46 35.80 -78.34
C THR B 1600 -9.83 35.55 -77.82
N ASP B 1601 -9.97 34.54 -76.94
CA ASP B 1601 -11.26 34.16 -76.43
C ASP B 1601 -11.88 35.28 -75.65
N ASP B 1602 -11.15 35.86 -74.68
CA ASP B 1602 -11.66 36.94 -73.87
C ASP B 1602 -11.71 38.22 -74.64
N HIS B 1603 -10.73 38.44 -75.54
CA HIS B 1603 -10.64 39.69 -76.24
C HIS B 1603 -11.72 39.72 -77.29
N VAL B 1604 -11.90 40.88 -77.95
CA VAL B 1604 -12.99 41.06 -78.87
C VAL B 1604 -13.04 39.93 -79.86
N LYS B 1605 -14.01 39.01 -79.63
CA LYS B 1605 -14.19 37.89 -80.50
C LYS B 1605 -15.64 37.53 -80.48
N PHE B 1606 -16.32 37.65 -81.64
CA PHE B 1606 -17.72 37.36 -81.74
C PHE B 1606 -17.95 36.91 -83.17
N ARG B 1607 -19.05 36.18 -83.45
CA ARG B 1607 -19.26 35.72 -84.81
C ARG B 1607 -20.74 35.70 -85.11
N PHE B 1608 -21.10 35.75 -86.40
CA PHE B 1608 -22.49 35.67 -86.77
C PHE B 1608 -22.73 34.42 -87.58
N ASP B 1609 -23.56 33.50 -87.04
CA ASP B 1609 -23.90 32.25 -87.66
C ASP B 1609 -25.16 32.42 -88.47
N LEU B 1610 -25.48 31.41 -89.31
CA LEU B 1610 -26.68 31.41 -90.09
C LEU B 1610 -27.31 30.05 -89.92
N LYS B 1611 -28.58 29.98 -89.47
CA LYS B 1611 -29.21 28.70 -89.27
C LYS B 1611 -30.26 28.47 -90.31
N LYS B 1612 -30.60 27.20 -90.58
CA LYS B 1612 -31.58 26.94 -91.60
C LYS B 1612 -32.40 25.71 -91.28
N TYR B 1613 -33.69 25.79 -91.63
CA TYR B 1613 -34.71 24.79 -91.52
C TYR B 1613 -34.27 23.66 -92.40
N ASP B 1614 -35.04 22.53 -92.42
CA ASP B 1614 -34.66 21.37 -93.18
C ASP B 1614 -34.31 21.80 -94.57
N HIS B 1615 -35.19 22.54 -95.28
CA HIS B 1615 -34.81 23.11 -96.56
C HIS B 1615 -34.47 24.58 -96.61
N THR B 1616 -35.31 25.43 -95.96
CA THR B 1616 -35.23 26.85 -96.21
C THR B 1616 -34.71 27.63 -95.04
N GLU B 1617 -34.55 28.96 -95.26
CA GLU B 1617 -34.04 29.91 -94.31
C GLU B 1617 -35.05 30.23 -93.26
N LEU B 1618 -34.55 30.54 -92.03
CA LEU B 1618 -35.39 30.91 -90.93
C LEU B 1618 -34.67 31.94 -90.10
N ASP B 1619 -35.38 32.53 -89.11
CA ASP B 1619 -34.82 33.58 -88.30
C ASP B 1619 -33.58 33.12 -87.60
N ALA B 1620 -32.45 33.63 -88.08
CA ALA B 1620 -31.14 33.40 -87.55
C ALA B 1620 -31.06 34.04 -86.20
N SER B 1621 -31.94 35.03 -85.97
CA SER B 1621 -31.89 35.93 -84.85
C SER B 1621 -31.59 35.23 -83.56
N VAL B 1622 -32.46 34.32 -83.06
CA VAL B 1622 -32.19 33.75 -81.76
C VAL B 1622 -30.93 32.93 -81.84
N LEU B 1623 -29.79 33.53 -81.42
CA LEU B 1623 -28.56 32.78 -81.52
C LEU B 1623 -28.59 31.64 -80.55
N PRO B 1624 -28.63 31.80 -79.24
CA PRO B 1624 -28.41 33.07 -78.58
C PRO B 1624 -26.92 33.26 -78.38
N ALA B 1625 -26.44 34.52 -78.34
CA ALA B 1625 -25.04 34.91 -78.35
C ALA B 1625 -24.15 33.91 -77.67
N PRO B 1626 -23.21 33.43 -78.46
CA PRO B 1626 -22.27 32.40 -78.08
C PRO B 1626 -21.49 32.78 -76.87
N ILE B 1627 -21.34 31.84 -75.91
CA ILE B 1627 -20.64 32.14 -74.70
C ILE B 1627 -19.34 31.40 -74.74
N ILE B 1628 -18.28 32.06 -75.25
CA ILE B 1628 -16.99 31.48 -75.44
C ILE B 1628 -16.48 30.88 -74.16
N VAL B 1629 -15.89 29.67 -74.26
CA VAL B 1629 -15.29 29.02 -73.13
C VAL B 1629 -14.00 28.37 -73.57
N ARG B 1630 -12.91 28.58 -72.80
CA ARG B 1630 -11.64 28.01 -73.16
C ARG B 1630 -11.32 26.91 -72.19
N ARG B 1631 -10.95 25.73 -72.74
CA ARG B 1631 -10.66 24.58 -71.92
C ARG B 1631 -9.18 24.39 -71.94
N PRO B 1632 -8.53 24.70 -70.86
CA PRO B 1632 -7.10 24.59 -70.76
C PRO B 1632 -6.67 23.17 -70.99
N ASN B 1633 -5.43 22.99 -71.44
CA ASN B 1633 -4.81 21.72 -71.73
C ASN B 1633 -4.62 21.02 -70.43
N ASN B 1634 -3.42 20.43 -70.20
CA ASN B 1634 -3.09 19.63 -69.04
C ASN B 1634 -3.63 20.30 -67.82
N ALA B 1635 -3.88 19.52 -66.77
CA ALA B 1635 -4.54 20.06 -65.62
C ALA B 1635 -5.82 20.71 -66.11
N VAL B 1636 -6.84 19.86 -66.37
CA VAL B 1636 -8.13 20.24 -66.86
C VAL B 1636 -9.16 20.12 -65.76
N PHE B 1637 -10.42 20.00 -66.22
CA PHE B 1637 -11.63 19.92 -65.44
C PHE B 1637 -11.84 21.19 -64.69
N ASP B 1638 -11.13 22.26 -65.09
CA ASP B 1638 -11.30 23.61 -64.60
C ASP B 1638 -12.37 24.30 -65.38
N ILE B 1639 -12.19 24.29 -66.73
CA ILE B 1639 -12.95 25.01 -67.72
C ILE B 1639 -13.16 26.46 -67.36
N ILE B 1640 -12.87 27.37 -68.33
CA ILE B 1640 -13.05 28.76 -68.04
C ILE B 1640 -14.26 29.21 -68.81
N GLU B 1641 -15.07 30.11 -68.23
CA GLU B 1641 -16.27 30.52 -68.90
C GLU B 1641 -16.25 32.01 -69.06
N ILE B 1642 -16.25 32.48 -70.33
CA ILE B 1642 -16.23 33.91 -70.56
C ILE B 1642 -17.56 34.26 -71.18
N PRO B 1643 -18.42 34.89 -70.42
CA PRO B 1643 -19.72 35.30 -70.85
C PRO B 1643 -19.52 36.48 -71.77
N ILE B 1644 -20.16 37.63 -71.49
CA ILE B 1644 -19.88 38.74 -72.34
C ILE B 1644 -20.39 39.99 -71.69
N GLY B 1645 -20.15 41.15 -72.33
CA GLY B 1645 -20.60 42.39 -71.78
C GLY B 1645 -21.19 43.18 -72.91
N LYS B 1646 -22.52 43.38 -72.85
CA LYS B 1646 -23.26 44.14 -73.80
C LYS B 1646 -23.64 43.30 -74.97
N ASP B 1647 -24.90 43.48 -75.42
CA ASP B 1647 -25.49 42.79 -76.52
C ASP B 1647 -25.44 41.31 -76.31
N VAL B 1648 -25.49 40.86 -75.03
CA VAL B 1648 -25.49 39.46 -74.72
C VAL B 1648 -26.92 38.99 -74.67
N ASN B 1649 -27.18 37.71 -75.02
CA ASN B 1649 -28.55 37.27 -75.01
C ASN B 1649 -28.62 35.84 -74.50
N LEU B 1650 -29.08 35.63 -73.25
CA LEU B 1650 -29.28 34.28 -72.76
C LEU B 1650 -29.76 34.30 -71.33
N PRO B 1651 -30.53 33.29 -71.01
CA PRO B 1651 -31.08 33.10 -69.68
C PRO B 1651 -30.01 32.61 -68.75
N PRO B 1652 -30.34 32.23 -67.54
CA PRO B 1652 -29.34 31.75 -66.63
C PRO B 1652 -28.61 30.56 -67.17
N LYS B 1653 -27.28 30.68 -67.33
CA LYS B 1653 -26.48 29.62 -67.87
C LYS B 1653 -25.82 28.92 -66.73
N VAL B 1654 -25.84 27.58 -66.71
CA VAL B 1654 -25.23 26.95 -65.59
C VAL B 1654 -24.10 26.09 -66.09
N VAL B 1655 -22.84 26.57 -65.91
CA VAL B 1655 -21.65 25.86 -66.29
C VAL B 1655 -21.49 24.68 -65.39
N VAL B 1656 -21.94 24.83 -64.13
CA VAL B 1656 -21.96 23.72 -63.22
C VAL B 1656 -20.55 23.26 -63.05
N LYS B 1657 -20.36 21.94 -62.77
CA LYS B 1657 -19.06 21.38 -62.61
C LYS B 1657 -18.33 22.19 -61.61
N ARG B 1658 -18.73 22.05 -60.33
CA ARG B 1658 -18.19 22.82 -59.25
C ARG B 1658 -16.69 22.84 -59.36
N GLY B 1659 -16.12 24.06 -59.33
CA GLY B 1659 -14.71 24.24 -59.50
C GLY B 1659 -14.45 24.92 -60.82
N THR B 1660 -15.50 25.17 -61.62
CA THR B 1660 -15.30 25.83 -62.89
C THR B 1660 -14.94 27.27 -62.69
N LYS B 1661 -14.41 27.90 -63.77
CA LYS B 1661 -13.97 29.28 -63.71
C LYS B 1661 -14.91 30.12 -64.52
N ILE B 1662 -15.07 31.40 -64.12
CA ILE B 1662 -15.99 32.30 -64.78
C ILE B 1662 -15.30 33.62 -64.99
N MET B 1663 -15.81 34.42 -65.95
CA MET B 1663 -15.20 35.69 -66.28
C MET B 1663 -16.27 36.55 -66.91
N PHE B 1664 -15.88 37.39 -67.90
CA PHE B 1664 -16.86 38.13 -68.64
C PHE B 1664 -16.14 38.73 -69.83
N MET B 1665 -16.88 39.01 -70.92
CA MET B 1665 -16.30 39.58 -72.11
C MET B 1665 -16.48 41.06 -72.07
N SER B 1666 -15.36 41.81 -72.10
CA SER B 1666 -15.35 43.25 -72.04
C SER B 1666 -15.73 43.80 -73.38
N VAL B 1667 -16.25 42.94 -74.30
CA VAL B 1667 -16.59 43.35 -75.65
C VAL B 1667 -17.37 44.62 -75.62
N ASP B 1668 -17.05 45.53 -76.56
CA ASP B 1668 -17.65 46.83 -76.61
C ASP B 1668 -17.05 47.64 -75.51
N GLU B 1669 -16.13 48.55 -75.88
CA GLU B 1669 -15.41 49.39 -74.96
C GLU B 1669 -16.38 50.32 -74.30
N ALA B 1670 -17.52 50.59 -74.97
CA ALA B 1670 -18.46 51.54 -74.46
C ALA B 1670 -18.86 51.13 -73.08
N VAL B 1671 -19.03 49.82 -72.84
CA VAL B 1671 -19.34 49.39 -71.51
C VAL B 1671 -18.08 48.96 -70.83
N THR B 1672 -17.85 49.46 -69.60
CA THR B 1672 -16.66 49.13 -68.88
C THR B 1672 -16.82 47.78 -68.23
N THR B 1673 -15.97 47.48 -67.22
CA THR B 1673 -15.88 46.27 -66.45
C THR B 1673 -16.84 46.11 -65.29
N PRO B 1674 -17.64 47.03 -64.78
CA PRO B 1674 -18.35 46.74 -63.57
C PRO B 1674 -19.17 45.48 -63.45
N MET B 1675 -20.31 45.36 -64.18
CA MET B 1675 -21.10 44.15 -64.12
C MET B 1675 -21.31 43.67 -62.73
N LEU B 1676 -22.19 44.35 -61.95
CA LEU B 1676 -22.61 44.08 -60.58
C LEU B 1676 -22.04 42.78 -60.10
N ASN B 1677 -22.88 41.72 -60.08
CA ASN B 1677 -22.47 40.40 -59.70
C ASN B 1677 -23.70 39.66 -59.25
N LEU B 1678 -23.58 39.00 -58.09
CA LEU B 1678 -24.69 38.29 -57.54
C LEU B 1678 -25.53 39.34 -56.88
N GLY B 1679 -26.47 39.91 -57.66
CA GLY B 1679 -27.27 40.99 -57.16
C GLY B 1679 -28.03 40.51 -55.96
N SER B 1680 -28.63 39.31 -56.04
CA SER B 1680 -29.40 38.83 -54.93
C SER B 1680 -30.12 37.60 -55.39
N TYR B 1681 -31.45 37.69 -55.47
CA TYR B 1681 -32.25 36.57 -55.84
C TYR B 1681 -32.96 36.96 -57.09
N THR B 1682 -33.80 36.06 -57.63
CA THR B 1682 -34.40 36.21 -58.93
C THR B 1682 -35.06 37.55 -59.00
N ALA B 1683 -35.70 38.03 -57.93
CA ALA B 1683 -36.39 39.27 -57.98
C ALA B 1683 -35.43 40.37 -58.32
N MET B 1684 -34.23 40.35 -57.70
CA MET B 1684 -33.19 41.32 -57.89
C MET B 1684 -32.69 41.25 -59.30
N PHE B 1685 -32.69 40.03 -59.87
CA PHE B 1685 -32.11 39.75 -61.15
C PHE B 1685 -32.84 40.53 -62.21
N LYS B 1686 -34.07 40.95 -61.91
CA LYS B 1686 -34.92 41.71 -62.79
C LYS B 1686 -34.27 43.00 -63.18
N CYS B 1687 -33.14 43.36 -62.52
CA CYS B 1687 -32.36 44.56 -62.76
C CYS B 1687 -32.84 45.61 -61.81
N LYS B 1688 -32.37 45.47 -60.57
CA LYS B 1688 -32.52 46.32 -59.42
C LYS B 1688 -31.32 47.12 -59.01
N VAL B 1689 -30.13 46.90 -59.60
CA VAL B 1689 -28.82 47.34 -59.13
C VAL B 1689 -28.85 48.61 -58.32
N PRO B 1690 -28.08 48.56 -57.24
CA PRO B 1690 -27.96 49.59 -56.23
C PRO B 1690 -27.33 50.83 -56.77
N PRO B 1691 -27.61 51.96 -56.15
CA PRO B 1691 -27.06 53.19 -56.64
C PRO B 1691 -25.57 53.26 -56.54
N PHE B 1692 -24.87 52.87 -57.62
CA PHE B 1692 -23.44 52.98 -57.74
C PHE B 1692 -22.77 52.10 -56.75
N SER B 1693 -23.52 51.47 -55.84
CA SER B 1693 -22.84 50.67 -54.87
C SER B 1693 -22.28 49.54 -55.65
N PHE B 1694 -20.96 49.51 -55.83
CA PHE B 1694 -20.41 48.49 -56.65
C PHE B 1694 -20.24 47.28 -55.80
N HIS B 1695 -21.26 46.40 -55.82
CA HIS B 1695 -21.14 45.21 -55.03
C HIS B 1695 -20.23 44.34 -55.81
N ALA B 1696 -18.92 44.55 -55.63
CA ALA B 1696 -17.89 43.94 -56.40
C ALA B 1696 -17.96 42.45 -56.34
N PHE B 1697 -17.45 41.82 -57.41
CA PHE B 1697 -17.40 40.39 -57.54
C PHE B 1697 -16.93 40.13 -58.94
N GLU B 1698 -17.59 40.77 -59.92
CA GLU B 1698 -17.21 40.57 -61.30
C GLU B 1698 -16.53 41.81 -61.80
N LEU B 1699 -15.27 41.66 -62.26
CA LEU B 1699 -14.47 42.74 -62.78
C LEU B 1699 -14.08 42.39 -64.18
N GLY B 1700 -12.94 42.95 -64.62
CA GLY B 1700 -12.44 42.77 -65.94
C GLY B 1700 -12.00 41.34 -66.08
N LYS B 1701 -10.93 41.09 -66.87
CA LYS B 1701 -10.51 39.72 -67.02
C LYS B 1701 -10.20 39.22 -65.64
N MET B 1702 -11.05 38.27 -65.16
CA MET B 1702 -10.96 37.78 -63.82
C MET B 1702 -11.36 36.34 -63.85
N TYR B 1703 -11.55 35.73 -62.65
CA TYR B 1703 -12.00 34.36 -62.59
C TYR B 1703 -12.65 34.13 -61.26
N SER B 1704 -13.28 32.95 -61.03
CA SER B 1704 -13.83 32.66 -59.72
C SER B 1704 -14.00 31.19 -59.51
N VAL B 1705 -13.40 30.64 -58.44
CA VAL B 1705 -13.42 29.25 -58.02
C VAL B 1705 -14.65 28.80 -57.24
N GLU B 1706 -15.27 29.69 -56.45
CA GLU B 1706 -16.32 29.27 -55.53
C GLU B 1706 -17.55 28.79 -56.25
N SER B 1707 -18.33 27.91 -55.57
CA SER B 1707 -19.52 27.31 -56.09
C SER B 1707 -20.72 28.07 -55.62
N GLY B 1708 -21.91 27.44 -55.71
CA GLY B 1708 -23.12 28.07 -55.26
C GLY B 1708 -23.77 28.75 -56.41
N ASP B 1709 -24.77 29.60 -56.09
CA ASP B 1709 -25.54 30.31 -57.08
C ASP B 1709 -24.99 31.69 -57.22
N TYR B 1710 -24.74 32.14 -58.47
CA TYR B 1710 -24.18 33.45 -58.70
C TYR B 1710 -25.12 34.21 -59.57
N PHE B 1711 -24.60 35.24 -60.27
CA PHE B 1711 -25.43 36.04 -61.13
C PHE B 1711 -24.58 37.17 -61.63
N MET B 1712 -25.00 37.83 -62.73
CA MET B 1712 -24.28 38.98 -63.22
C MET B 1712 -25.25 39.95 -63.81
N THR B 1713 -25.24 41.20 -63.30
CA THR B 1713 -26.15 42.18 -63.85
C THR B 1713 -25.32 43.35 -64.29
N ALA B 1714 -25.94 44.28 -65.03
CA ALA B 1714 -25.24 45.40 -65.61
C ALA B 1714 -24.71 46.29 -64.53
N SER B 1715 -23.64 47.04 -64.88
CA SER B 1715 -22.95 47.88 -63.96
C SER B 1715 -23.92 48.84 -63.37
N THR B 1716 -24.79 49.43 -64.20
CA THR B 1716 -25.72 50.41 -63.72
C THR B 1716 -27.11 49.94 -64.08
N THR B 1717 -28.15 50.57 -63.50
CA THR B 1717 -29.49 50.14 -63.74
C THR B 1717 -29.82 50.32 -65.19
N GLU B 1718 -29.46 51.48 -65.78
CA GLU B 1718 -29.74 51.76 -67.16
C GLU B 1718 -28.93 50.89 -68.06
N LEU B 1719 -27.67 50.65 -67.68
CA LEU B 1719 -26.73 49.89 -68.46
C LEU B 1719 -27.29 48.51 -68.63
N CYS B 1720 -28.15 48.07 -67.70
CA CYS B 1720 -28.79 46.78 -67.78
C CYS B 1720 -29.70 46.68 -68.98
N ASN B 1721 -30.52 47.73 -69.20
CA ASN B 1721 -31.57 47.77 -70.17
C ASN B 1721 -31.04 47.87 -71.58
N ASP B 1722 -29.77 48.26 -71.73
CA ASP B 1722 -29.14 48.45 -73.01
C ASP B 1722 -29.00 47.14 -73.72
N ASN B 1723 -28.96 46.02 -72.98
CA ASN B 1723 -28.79 44.76 -73.65
C ASN B 1723 -29.37 43.66 -72.82
N ASN B 1724 -29.99 44.03 -71.69
CA ASN B 1724 -30.59 43.08 -70.77
C ASN B 1724 -29.55 42.18 -70.15
N LEU B 1725 -28.42 42.73 -69.62
CA LEU B 1725 -27.38 41.93 -69.00
C LEU B 1725 -27.88 41.39 -67.70
N ARG B 1726 -28.58 40.24 -67.75
CA ARG B 1726 -29.07 39.47 -66.65
C ARG B 1726 -28.46 38.11 -66.38
N ILE B 1727 -27.51 37.59 -67.19
CA ILE B 1727 -27.14 36.18 -67.12
C ILE B 1727 -26.92 35.70 -65.71
N HIS B 1728 -27.78 34.75 -65.30
CA HIS B 1728 -27.77 34.19 -63.97
C HIS B 1728 -26.96 32.93 -64.00
N VAL B 1729 -25.66 33.04 -63.72
CA VAL B 1729 -24.79 31.90 -63.72
C VAL B 1729 -25.11 31.09 -62.50
N HIS B 1730 -24.95 29.75 -62.59
CA HIS B 1730 -25.25 28.92 -61.46
C HIS B 1730 -24.23 27.83 -61.39
N VAL B 1731 -23.76 27.49 -60.17
CA VAL B 1731 -22.66 26.58 -60.20
C VAL B 1731 -22.85 25.54 -59.13
N ASP B 1732 -23.27 24.35 -59.60
CA ASP B 1732 -23.54 23.21 -58.79
C ASP B 1732 -22.54 22.14 -59.06
N ASP B 1733 -22.89 20.99 -58.47
CA ASP B 1733 -22.03 19.84 -58.41
C ASP B 1733 -22.42 18.87 -59.47
N GLU B 1734 -21.43 18.00 -59.78
CA GLU B 1734 -21.48 16.89 -60.70
C GLU B 1734 -22.55 15.94 -60.17
N GLU C 1 -49.50 -28.53 152.24
CA GLU C 1 -48.09 -28.08 152.27
C GLU C 1 -47.94 -26.83 151.46
N ASN C 2 -47.24 -26.94 150.32
CA ASN C 2 -47.04 -25.80 149.48
C ASN C 2 -48.35 -25.46 148.87
N LEU C 3 -48.60 -24.15 148.67
CA LEU C 3 -49.83 -23.71 148.09
C LEU C 3 -49.73 -23.99 146.63
N VAL C 4 -50.89 -24.23 145.99
CA VAL C 4 -50.90 -24.49 144.57
C VAL C 4 -51.62 -23.36 143.93
N ARG C 5 -51.15 -22.93 142.76
CA ARG C 5 -51.83 -21.86 142.08
C ARG C 5 -52.50 -22.49 140.90
N LYS C 6 -53.79 -22.14 140.71
CA LYS C 6 -54.55 -22.72 139.66
C LYS C 6 -55.04 -21.61 138.79
N SER C 7 -55.66 -21.95 137.65
CA SER C 7 -56.14 -20.91 136.81
C SER C 7 -57.38 -20.37 137.47
N VAL C 8 -57.75 -19.13 137.10
CA VAL C 8 -58.89 -18.50 137.70
C VAL C 8 -60.10 -19.31 137.35
N GLU C 9 -60.17 -19.78 136.08
CA GLU C 9 -61.31 -20.50 135.62
C GLU C 9 -61.45 -21.77 136.41
N HIS C 10 -60.32 -22.40 136.75
CA HIS C 10 -60.33 -23.66 137.45
C HIS C 10 -60.98 -23.49 138.79
N LEU C 11 -60.84 -22.30 139.41
CA LEU C 11 -61.33 -22.10 140.74
C LEU C 11 -62.77 -22.49 140.84
N THR C 12 -63.08 -23.21 141.94
CA THR C 12 -64.40 -23.67 142.24
C THR C 12 -65.10 -22.52 142.87
N GLN C 13 -66.44 -22.58 143.00
CA GLN C 13 -67.12 -21.49 143.62
C GLN C 13 -66.64 -21.42 145.02
N GLU C 14 -66.51 -22.58 145.67
CA GLU C 14 -66.13 -22.57 147.05
C GLU C 14 -64.79 -21.94 147.15
N GLU C 15 -63.88 -22.29 146.24
CA GLU C 15 -62.56 -21.73 146.29
C GLU C 15 -62.65 -20.26 146.01
N THR C 16 -63.49 -19.88 145.02
CA THR C 16 -63.58 -18.50 144.63
C THR C 16 -64.12 -17.70 145.75
N LEU C 17 -65.15 -18.19 146.45
CA LEU C 17 -65.73 -17.41 147.52
C LEU C 17 -64.71 -17.18 148.60
N ASP C 18 -63.87 -18.19 148.89
CA ASP C 18 -62.89 -18.02 149.92
C ASP C 18 -62.04 -16.86 149.52
N LEU C 19 -61.66 -16.85 148.23
CA LEU C 19 -60.83 -15.81 147.70
C LEU C 19 -61.59 -14.52 147.77
N GLN C 20 -62.90 -14.59 147.50
CA GLN C 20 -63.71 -13.41 147.47
C GLN C 20 -63.69 -12.76 148.81
N ALA C 21 -63.98 -13.55 149.85
CA ALA C 21 -64.03 -13.03 151.17
C ALA C 21 -62.67 -12.61 151.63
N ALA C 22 -61.65 -13.42 151.31
CA ALA C 22 -60.35 -13.18 151.86
C ALA C 22 -59.80 -11.85 151.46
N LEU C 23 -59.81 -11.52 150.16
CA LEU C 23 -59.22 -10.28 149.76
C LEU C 23 -60.05 -9.16 150.27
N ARG C 24 -61.38 -9.34 150.25
CA ARG C 24 -62.20 -8.27 150.73
C ARG C 24 -61.86 -8.03 152.16
N GLU C 25 -61.59 -9.10 152.91
CA GLU C 25 -61.20 -9.00 154.28
C GLU C 25 -59.85 -8.32 154.31
N LEU C 26 -58.99 -8.69 153.35
CA LEU C 26 -57.63 -8.23 153.29
C LEU C 26 -57.62 -6.76 153.05
N GLN C 27 -58.58 -6.27 152.24
CA GLN C 27 -58.60 -4.87 151.91
C GLN C 27 -58.75 -4.11 153.17
N MET C 28 -59.57 -4.63 154.09
CA MET C 28 -59.82 -3.95 155.34
C MET C 28 -58.55 -3.88 156.13
N ASP C 29 -57.70 -4.92 156.08
CA ASP C 29 -56.53 -4.98 156.90
C ASP C 29 -55.73 -3.73 156.74
N SER C 30 -55.68 -2.94 157.85
CA SER C 30 -54.96 -1.70 157.94
C SER C 30 -53.50 -1.96 158.09
N SER C 31 -53.14 -3.18 158.55
CA SER C 31 -51.77 -3.46 158.86
C SER C 31 -50.91 -3.27 157.65
N SER C 32 -49.60 -3.20 157.86
CA SER C 32 -48.64 -3.05 156.80
C SER C 32 -48.77 -4.29 155.99
N ILE C 33 -49.17 -5.38 156.66
CA ILE C 33 -49.40 -6.64 156.02
C ILE C 33 -50.52 -6.40 155.06
N GLY C 34 -51.46 -5.52 155.45
CA GLY C 34 -52.64 -5.25 154.70
C GLY C 34 -52.29 -4.97 153.28
N PHE C 35 -53.30 -5.11 152.40
CA PHE C 35 -53.17 -4.99 150.98
C PHE C 35 -52.73 -3.61 150.61
N GLN C 36 -53.30 -2.58 151.25
CA GLN C 36 -52.98 -1.24 150.84
C GLN C 36 -51.51 -1.03 150.99
N LYS C 37 -50.95 -1.49 152.12
CA LYS C 37 -49.55 -1.32 152.39
C LYS C 37 -48.76 -2.08 151.38
N ILE C 38 -49.26 -3.27 151.01
CA ILE C 38 -48.57 -4.15 150.11
C ILE C 38 -48.40 -3.47 148.78
N ALA C 39 -49.43 -2.72 148.34
CA ALA C 39 -49.45 -2.08 147.06
C ALA C 39 -48.29 -1.13 146.93
N ALA C 40 -47.90 -0.49 148.04
CA ALA C 40 -46.90 0.53 148.03
C ALA C 40 -45.62 0.00 147.46
N ALA C 41 -45.29 -1.27 147.71
CA ALA C 41 -44.01 -1.77 147.28
C ALA C 41 -43.84 -1.63 145.81
N HIS C 42 -44.88 -1.93 145.01
CA HIS C 42 -44.72 -1.91 143.59
C HIS C 42 -44.38 -0.55 143.10
N GLY C 43 -45.06 0.50 143.61
CA GLY C 43 -44.79 1.80 143.06
C GLY C 43 -45.07 2.83 144.10
N ALA C 44 -45.82 3.89 143.72
CA ALA C 44 -46.11 4.93 144.65
C ALA C 44 -46.92 4.34 145.75
N PRO C 45 -46.68 4.82 146.95
CA PRO C 45 -45.65 5.81 147.10
C PRO C 45 -44.32 5.14 146.98
N ALA C 46 -43.33 5.82 146.36
CA ALA C 46 -42.04 5.21 146.20
C ALA C 46 -41.18 5.60 147.35
N SER C 47 -40.25 4.68 147.72
CA SER C 47 -39.24 4.94 148.71
C SER C 47 -38.20 3.88 148.47
N CYS C 48 -38.02 3.51 147.19
CA CYS C 48 -37.17 2.42 146.83
C CYS C 48 -35.74 2.71 147.19
N VAL C 49 -35.25 3.88 146.73
CA VAL C 49 -33.99 4.41 147.11
C VAL C 49 -34.37 5.26 148.29
N HIS C 50 -33.68 4.99 149.43
CA HIS C 50 -34.02 5.43 150.76
C HIS C 50 -34.03 6.91 151.00
N LYS C 51 -32.83 7.53 151.23
CA LYS C 51 -32.74 8.93 151.51
C LYS C 51 -32.74 9.70 150.24
N ASP C 52 -32.08 9.18 149.19
CA ASP C 52 -31.99 9.93 147.97
C ASP C 52 -33.35 10.03 147.36
N THR C 53 -33.46 10.75 146.24
CA THR C 53 -34.73 10.97 145.61
C THR C 53 -35.34 9.64 145.35
N SER C 54 -36.67 9.56 145.55
CA SER C 54 -37.36 8.31 145.37
C SER C 54 -37.64 8.11 143.92
N ILE C 55 -37.76 6.82 143.53
CA ILE C 55 -38.09 6.43 142.21
C ILE C 55 -39.01 5.27 142.38
N ALA C 56 -39.70 4.84 141.31
CA ALA C 56 -40.59 3.73 141.47
C ALA C 56 -39.77 2.58 141.93
N CYS C 57 -40.32 1.75 142.84
CA CYS C 57 -39.53 0.63 143.27
C CYS C 57 -40.10 -0.57 142.63
N CYS C 58 -39.48 -0.96 141.51
CA CYS C 58 -39.83 -2.14 140.77
C CYS C 58 -38.79 -2.17 139.71
N ILE C 59 -38.23 -3.36 139.43
CA ILE C 59 -37.18 -3.34 138.46
C ILE C 59 -37.82 -3.60 137.15
N HIS C 60 -37.67 -2.64 136.20
CA HIS C 60 -38.23 -2.85 134.90
C HIS C 60 -37.17 -2.52 133.92
N GLY C 61 -37.17 -3.23 132.77
CA GLY C 61 -36.19 -2.97 131.77
C GLY C 61 -34.92 -3.61 132.21
N MET C 62 -35.00 -4.46 133.25
CA MET C 62 -33.83 -5.13 133.72
C MET C 62 -34.15 -6.58 133.84
N PRO C 63 -33.12 -7.38 133.83
CA PRO C 63 -33.29 -8.80 133.96
C PRO C 63 -33.79 -9.16 135.33
N THR C 64 -33.61 -8.25 136.29
CA THR C 64 -34.00 -8.43 137.66
C THR C 64 -35.51 -8.43 137.71
N PHE C 65 -36.13 -7.84 136.67
CA PHE C 65 -37.54 -7.57 136.60
C PHE C 65 -38.34 -8.81 136.91
N PRO C 66 -38.12 -9.95 136.32
CA PRO C 66 -38.98 -11.05 136.66
C PRO C 66 -38.83 -11.48 138.08
N HIS C 67 -37.63 -11.31 138.67
CA HIS C 67 -37.39 -11.74 140.01
C HIS C 67 -38.22 -10.93 140.94
N TRP C 68 -38.21 -9.60 140.76
CA TRP C 68 -38.85 -8.71 141.67
C TRP C 68 -40.31 -9.00 141.71
N HIS C 69 -40.95 -9.11 140.53
CA HIS C 69 -42.37 -9.31 140.48
C HIS C 69 -42.71 -10.64 141.06
N ARG C 70 -41.90 -11.67 140.81
CA ARG C 70 -42.22 -12.97 141.32
C ARG C 70 -42.29 -12.88 142.81
N ALA C 71 -41.34 -12.14 143.41
CA ALA C 71 -41.30 -12.01 144.83
C ALA C 71 -42.56 -11.34 145.27
N TYR C 72 -43.04 -10.37 144.46
CA TYR C 72 -44.16 -9.58 144.81
C TYR C 72 -45.37 -10.43 144.99
N VAL C 73 -45.62 -11.39 144.08
CA VAL C 73 -46.82 -12.17 144.16
C VAL C 73 -46.86 -12.93 145.45
N VAL C 74 -45.72 -13.51 145.85
CA VAL C 74 -45.65 -14.32 147.02
C VAL C 74 -46.06 -13.50 148.19
N HIS C 75 -45.61 -12.23 148.23
CA HIS C 75 -45.92 -11.42 149.37
C HIS C 75 -47.41 -11.34 149.50
N MET C 76 -48.11 -11.07 148.39
CA MET C 76 -49.53 -10.98 148.45
C MET C 76 -50.08 -12.32 148.81
N GLU C 77 -49.49 -13.39 148.25
CA GLU C 77 -50.02 -14.70 148.45
C GLU C 77 -50.05 -14.97 149.92
N ARG C 78 -48.96 -14.61 150.62
CA ARG C 78 -48.89 -14.84 152.03
C ARG C 78 -50.02 -14.11 152.66
N ALA C 79 -50.31 -12.90 152.16
CA ALA C 79 -51.34 -12.09 152.75
C ALA C 79 -52.64 -12.84 152.66
N LEU C 80 -52.89 -13.52 151.52
CA LEU C 80 -54.15 -14.21 151.39
C LEU C 80 -54.22 -15.27 152.44
N GLN C 81 -53.09 -15.94 152.73
CA GLN C 81 -53.14 -17.02 153.70
C GLN C 81 -53.59 -16.47 155.01
N THR C 82 -53.16 -15.25 155.35
CA THR C 82 -53.60 -14.65 156.57
C THR C 82 -55.08 -14.54 156.46
N LYS C 83 -55.52 -14.18 155.25
CA LYS C 83 -56.89 -14.00 154.90
C LYS C 83 -57.56 -15.34 155.03
N ARG C 84 -56.74 -16.40 155.06
CA ARG C 84 -57.20 -17.77 155.12
C ARG C 84 -57.61 -18.18 153.74
N ARG C 85 -56.99 -17.55 152.73
CA ARG C 85 -57.27 -17.92 151.37
C ARG C 85 -56.98 -19.37 151.26
N THR C 86 -57.94 -20.14 150.69
CA THR C 86 -57.79 -21.56 150.60
C THR C 86 -56.68 -21.92 149.69
N SER C 87 -56.54 -21.24 148.54
CA SER C 87 -55.53 -21.67 147.63
C SER C 87 -54.65 -20.52 147.27
N GLY C 88 -53.67 -20.79 146.39
CA GLY C 88 -52.71 -19.82 145.97
C GLY C 88 -53.36 -18.89 145.01
N LEU C 89 -52.60 -17.85 144.62
CA LEU C 89 -53.06 -16.78 143.79
C LEU C 89 -53.33 -17.36 142.43
N PRO C 90 -54.51 -17.15 141.93
CA PRO C 90 -54.82 -17.67 140.63
C PRO C 90 -54.14 -16.88 139.57
N TYR C 91 -53.94 -17.46 138.37
CA TYR C 91 -53.29 -16.75 137.32
C TYR C 91 -54.21 -16.70 136.15
N TRP C 92 -54.24 -15.54 135.46
CA TRP C 92 -55.06 -15.41 134.31
C TRP C 92 -54.18 -15.64 133.13
N ASP C 93 -54.48 -16.69 132.33
CA ASP C 93 -53.63 -16.97 131.22
C ASP C 93 -54.05 -16.10 130.08
N TRP C 94 -53.30 -15.01 129.87
CA TRP C 94 -53.54 -14.05 128.84
C TRP C 94 -53.26 -14.66 127.51
N THR C 95 -52.26 -15.55 127.46
CA THR C 95 -51.75 -16.09 126.23
C THR C 95 -52.89 -16.67 125.46
N GLU C 96 -53.69 -17.54 126.10
CA GLU C 96 -54.77 -18.10 125.37
C GLU C 96 -55.75 -17.00 125.17
N PRO C 97 -56.38 -16.98 124.03
CA PRO C 97 -57.38 -15.97 123.82
C PRO C 97 -58.55 -16.34 124.66
N ILE C 98 -59.28 -15.35 125.20
CA ILE C 98 -60.42 -15.71 125.97
C ILE C 98 -61.60 -14.99 125.40
N THR C 99 -62.74 -15.69 125.28
CA THR C 99 -63.89 -15.09 124.71
C THR C 99 -64.32 -13.95 125.59
N GLN C 100 -64.33 -14.17 126.91
CA GLN C 100 -64.73 -13.09 127.76
C GLN C 100 -63.69 -12.95 128.82
N LEU C 101 -63.78 -11.85 129.60
CA LEU C 101 -62.84 -11.65 130.65
C LEU C 101 -63.16 -12.66 131.69
N PRO C 102 -62.23 -12.93 132.56
CA PRO C 102 -62.47 -13.90 133.58
C PRO C 102 -63.57 -13.39 134.45
N SER C 103 -64.46 -14.29 134.90
CA SER C 103 -65.59 -13.89 135.68
C SER C 103 -65.15 -13.32 136.98
N LEU C 104 -64.15 -13.96 137.62
CA LEU C 104 -63.81 -13.49 138.93
C LEU C 104 -63.35 -12.07 138.87
N ALA C 105 -62.32 -11.78 138.07
CA ALA C 105 -61.81 -10.45 138.02
C ALA C 105 -62.77 -9.50 137.37
N ALA C 106 -63.35 -9.92 136.23
CA ALA C 106 -64.14 -9.05 135.40
C ALA C 106 -65.36 -8.54 136.09
N ASP C 107 -66.17 -9.43 136.70
CA ASP C 107 -67.49 -9.02 137.11
C ASP C 107 -67.36 -7.88 138.07
N PRO C 108 -67.95 -6.70 137.79
CA PRO C 108 -67.80 -5.63 138.74
C PRO C 108 -68.52 -5.97 139.99
N VAL C 109 -69.52 -6.84 139.90
CA VAL C 109 -70.29 -7.19 141.04
C VAL C 109 -70.21 -8.67 141.17
N TYR C 110 -70.17 -9.17 142.42
CA TYR C 110 -70.11 -10.58 142.59
C TYR C 110 -71.41 -10.96 143.20
N ILE C 111 -72.10 -11.94 142.60
CA ILE C 111 -73.37 -12.29 143.15
C ILE C 111 -73.20 -13.59 143.85
N ASP C 112 -73.48 -13.57 145.15
CA ASP C 112 -73.37 -14.77 145.93
C ASP C 112 -74.58 -15.57 145.61
N SER C 113 -74.53 -16.88 145.95
CA SER C 113 -75.64 -17.74 145.69
C SER C 113 -76.59 -17.56 146.82
N GLN C 114 -77.71 -18.31 146.77
CA GLN C 114 -78.69 -18.24 147.81
C GLN C 114 -79.18 -16.84 147.91
N GLY C 115 -79.26 -16.13 146.78
CA GLY C 115 -79.79 -14.80 146.82
C GLY C 115 -78.85 -13.94 147.59
N GLY C 116 -77.54 -14.19 147.45
CA GLY C 116 -76.61 -13.37 148.19
C GLY C 116 -76.73 -12.00 147.61
N LYS C 117 -76.40 -10.97 148.41
CA LYS C 117 -76.52 -9.65 147.90
C LYS C 117 -75.44 -9.43 146.93
N ALA C 118 -75.68 -8.54 145.95
CA ALA C 118 -74.67 -8.29 144.98
C ALA C 118 -73.83 -7.18 145.51
N HIS C 119 -72.51 -7.41 145.56
CA HIS C 119 -71.62 -6.40 146.07
C HIS C 119 -70.52 -6.28 145.08
N THR C 120 -69.76 -5.17 145.15
CA THR C 120 -68.68 -5.01 144.22
C THR C 120 -67.68 -6.07 144.52
N ASN C 121 -67.10 -6.64 143.46
CA ASN C 121 -66.14 -7.67 143.68
C ASN C 121 -64.87 -7.02 144.10
N TYR C 122 -64.18 -7.63 145.07
CA TYR C 122 -62.93 -7.17 145.59
C TYR C 122 -61.93 -7.23 144.47
N TRP C 123 -61.96 -8.33 143.68
CA TRP C 123 -61.05 -8.49 142.59
C TRP C 123 -61.30 -7.45 141.56
N TYR C 124 -62.55 -6.97 141.45
CA TYR C 124 -62.78 -6.01 140.41
C TYR C 124 -61.90 -4.82 140.66
N ARG C 125 -61.85 -4.31 141.91
CA ARG C 125 -60.99 -3.18 142.07
C ARG C 125 -60.65 -2.97 143.50
N GLY C 126 -59.82 -1.93 143.76
CA GLY C 126 -59.39 -1.57 145.07
C GLY C 126 -59.34 -0.07 145.09
N ASN C 127 -58.97 0.53 146.24
CA ASN C 127 -58.95 1.95 146.31
C ASN C 127 -57.56 2.37 146.63
N ILE C 128 -57.18 3.60 146.24
CA ILE C 128 -55.86 4.08 146.54
C ILE C 128 -56.01 4.96 147.73
N ASP C 129 -55.51 4.49 148.90
CA ASP C 129 -55.66 5.25 150.11
C ASP C 129 -54.82 6.49 150.06
N PHE C 130 -53.53 6.38 149.68
CA PHE C 130 -52.71 7.55 149.78
C PHE C 130 -53.23 8.60 148.86
N LEU C 131 -53.46 8.25 147.59
CA LEU C 131 -54.06 9.22 146.73
C LEU C 131 -55.50 8.85 146.71
N ASP C 132 -56.34 9.64 147.41
CA ASP C 132 -57.73 9.32 147.50
C ASP C 132 -58.23 9.26 146.10
N LYS C 133 -58.51 8.04 145.62
CA LYS C 133 -58.98 7.87 144.28
C LYS C 133 -59.31 6.42 144.19
N LYS C 134 -60.14 6.04 143.20
CA LYS C 134 -60.45 4.66 143.06
C LYS C 134 -59.76 4.22 141.80
N THR C 135 -59.19 3.00 141.80
CA THR C 135 -58.52 2.57 140.61
C THR C 135 -59.59 2.15 139.64
N ASN C 136 -59.28 2.26 138.33
CA ASN C 136 -60.24 1.89 137.33
C ASN C 136 -59.48 1.30 136.20
N ARG C 137 -60.15 0.52 135.33
CA ARG C 137 -59.47 -0.08 134.22
C ARG C 137 -60.38 -0.01 133.04
N ALA C 138 -59.82 0.22 131.85
CA ALA C 138 -60.64 0.22 130.67
C ALA C 138 -59.94 -0.61 129.66
N VAL C 139 -60.66 -1.53 129.00
CA VAL C 139 -59.99 -2.34 128.02
C VAL C 139 -60.37 -1.79 126.69
N ASP C 140 -59.47 -0.97 126.11
CA ASP C 140 -59.69 -0.44 124.80
C ASP C 140 -59.62 -1.59 123.85
N ASP C 141 -58.65 -2.50 124.10
CA ASP C 141 -58.45 -3.59 123.19
C ASP C 141 -59.24 -4.77 123.64
N ARG C 142 -60.54 -4.75 123.36
CA ARG C 142 -61.41 -5.86 123.60
C ARG C 142 -61.07 -6.90 122.58
N LEU C 143 -60.56 -6.43 121.43
CA LEU C 143 -60.28 -7.20 120.25
C LEU C 143 -59.28 -8.25 120.52
N PHE C 144 -58.41 -8.06 121.53
CA PHE C 144 -57.35 -8.99 121.80
C PHE C 144 -57.96 -10.34 122.01
N GLU C 145 -59.13 -10.40 122.68
CA GLU C 145 -59.76 -11.64 122.94
C GLU C 145 -60.04 -12.36 121.65
N LYS C 146 -59.71 -13.67 121.64
CA LYS C 146 -59.98 -14.60 120.57
C LYS C 146 -59.45 -14.14 119.25
N VAL C 147 -58.30 -13.44 119.21
CA VAL C 147 -57.83 -13.09 117.92
C VAL C 147 -56.79 -14.10 117.56
N LYS C 148 -57.05 -14.90 116.52
CA LYS C 148 -56.03 -15.86 116.17
C LYS C 148 -56.48 -16.64 114.99
N PRO C 149 -55.54 -16.80 114.09
CA PRO C 149 -55.78 -17.62 112.94
C PRO C 149 -55.83 -19.03 113.40
N GLY C 150 -55.31 -19.28 114.62
CA GLY C 150 -55.27 -20.62 115.13
C GLY C 150 -54.81 -20.52 116.54
N GLN C 151 -54.17 -21.61 117.03
CA GLN C 151 -53.71 -21.64 118.38
C GLN C 151 -52.72 -20.53 118.55
N HIS C 152 -51.87 -20.32 117.55
CA HIS C 152 -50.89 -19.28 117.67
C HIS C 152 -51.61 -17.98 117.80
N THR C 153 -51.10 -17.12 118.71
CA THR C 153 -51.66 -15.84 118.94
C THR C 153 -50.51 -14.88 118.93
N HIS C 154 -50.80 -13.56 118.95
CA HIS C 154 -49.74 -12.61 118.95
C HIS C 154 -48.94 -12.83 120.19
N LEU C 155 -49.62 -12.97 121.33
CA LEU C 155 -48.91 -13.17 122.56
C LEU C 155 -48.17 -14.45 122.48
N MET C 156 -48.80 -15.49 121.94
CA MET C 156 -48.17 -16.78 121.87
C MET C 156 -46.93 -16.66 121.05
N GLU C 157 -47.02 -15.94 119.91
CA GLU C 157 -45.88 -15.85 119.06
C GLU C 157 -44.80 -15.12 119.79
N SER C 158 -45.17 -14.01 120.46
CA SER C 158 -44.18 -13.23 121.14
C SER C 158 -43.54 -14.07 122.20
N VAL C 159 -44.37 -14.76 123.00
CA VAL C 159 -43.85 -15.54 124.08
C VAL C 159 -43.00 -16.64 123.53
N LEU C 160 -43.46 -17.27 122.43
CA LEU C 160 -42.78 -18.41 121.90
C LEU C 160 -41.40 -18.02 121.50
N ASP C 161 -41.25 -16.86 120.85
CA ASP C 161 -39.95 -16.47 120.39
C ASP C 161 -39.08 -16.32 121.58
N ALA C 162 -39.62 -15.71 122.64
CA ALA C 162 -38.86 -15.49 123.83
C ALA C 162 -38.49 -16.84 124.37
N LEU C 163 -39.44 -17.79 124.28
CA LEU C 163 -39.21 -19.10 124.85
C LEU C 163 -38.01 -19.67 124.19
N GLU C 164 -37.91 -19.54 122.86
CA GLU C 164 -36.78 -20.12 122.22
C GLU C 164 -35.62 -19.20 122.37
N GLN C 165 -35.05 -19.15 123.59
CA GLN C 165 -33.88 -18.34 123.81
C GLN C 165 -33.22 -18.90 125.02
N ASP C 166 -32.02 -19.49 124.83
CA ASP C 166 -31.31 -20.09 125.92
C ASP C 166 -30.90 -19.01 126.86
N GLU C 167 -30.40 -17.87 126.34
CA GLU C 167 -29.93 -16.86 127.23
C GLU C 167 -31.08 -16.35 128.02
N PHE C 168 -30.84 -16.18 129.34
CA PHE C 168 -31.85 -15.68 130.21
C PHE C 168 -32.14 -14.26 129.84
N CYS C 169 -31.08 -13.47 129.64
CA CYS C 169 -31.25 -12.08 129.33
C CYS C 169 -31.93 -11.91 128.01
N LYS C 170 -31.57 -12.72 127.02
CA LYS C 170 -32.19 -12.60 125.73
C LYS C 170 -33.64 -12.84 125.92
N PHE C 171 -33.97 -13.84 126.76
CA PHE C 171 -35.33 -14.24 127.02
C PHE C 171 -36.06 -13.12 127.67
N GLU C 172 -35.41 -12.46 128.64
CA GLU C 172 -36.04 -11.45 129.43
C GLU C 172 -36.54 -10.34 128.57
N ILE C 173 -35.74 -9.88 127.58
CA ILE C 173 -36.17 -8.76 126.81
C ILE C 173 -37.43 -9.12 126.11
N GLN C 174 -37.48 -10.31 125.47
CA GLN C 174 -38.64 -10.72 124.75
C GLN C 174 -39.77 -10.92 125.72
N PHE C 175 -39.47 -11.58 126.84
CA PHE C 175 -40.46 -11.95 127.80
C PHE C 175 -41.11 -10.74 128.39
N GLU C 176 -40.29 -9.73 128.75
CA GLU C 176 -40.81 -8.58 129.42
C GLU C 176 -41.80 -7.89 128.54
N LEU C 177 -41.52 -7.82 127.22
CA LEU C 177 -42.39 -7.10 126.34
C LEU C 177 -43.73 -7.74 126.36
N ALA C 178 -43.79 -9.08 126.38
CA ALA C 178 -45.06 -9.74 126.37
C ALA C 178 -45.82 -9.34 127.59
N HIS C 179 -45.10 -9.25 128.73
CA HIS C 179 -45.68 -8.97 130.02
C HIS C 179 -46.36 -7.63 129.99
N ASN C 180 -45.73 -6.63 129.36
CA ASN C 180 -46.25 -5.28 129.39
C ASN C 180 -47.56 -5.16 128.69
N ALA C 181 -47.83 -6.00 127.68
CA ALA C 181 -49.01 -5.80 126.88
C ALA C 181 -50.24 -5.82 127.74
N ILE C 182 -50.33 -6.75 128.70
CA ILE C 182 -51.53 -6.85 129.48
C ILE C 182 -51.76 -5.58 130.24
N HIS C 183 -50.69 -4.97 130.79
CA HIS C 183 -50.91 -3.76 131.52
C HIS C 183 -51.53 -2.75 130.61
N TYR C 184 -51.03 -2.66 129.36
CA TYR C 184 -51.53 -1.66 128.46
C TYR C 184 -52.97 -1.89 128.15
N LEU C 185 -53.35 -3.13 127.80
CA LEU C 185 -54.71 -3.35 127.40
C LEU C 185 -55.64 -3.08 128.54
N VAL C 186 -55.35 -3.64 129.72
CA VAL C 186 -56.26 -3.49 130.82
C VAL C 186 -56.36 -2.06 131.24
N GLY C 187 -55.19 -1.41 131.44
CA GLY C 187 -55.19 -0.08 131.98
C GLY C 187 -55.85 0.86 131.04
N GLY C 188 -55.51 0.79 129.75
CA GLY C 188 -56.11 1.73 128.85
C GLY C 188 -55.55 3.08 129.19
N LYS C 189 -56.34 4.12 128.89
CA LYS C 189 -55.98 5.50 129.10
C LYS C 189 -55.95 5.88 130.55
N HIS C 190 -56.81 5.29 131.38
CA HIS C 190 -56.98 5.69 132.76
C HIS C 190 -55.66 5.85 133.46
N ASP C 191 -55.50 6.99 134.16
CA ASP C 191 -54.33 7.35 134.90
C ASP C 191 -54.17 6.44 136.07
N TYR C 192 -55.27 6.11 136.75
CA TYR C 192 -55.11 5.24 137.89
C TYR C 192 -55.49 3.88 137.42
N SER C 193 -54.48 3.07 137.05
CA SER C 193 -54.84 1.76 136.60
C SER C 193 -53.59 0.97 136.37
N MET C 194 -53.77 -0.20 135.73
CA MET C 194 -52.70 -1.10 135.43
C MET C 194 -51.80 -0.40 134.47
N ALA C 195 -52.38 0.47 133.62
CA ALA C 195 -51.62 1.15 132.62
C ALA C 195 -50.55 1.94 133.28
N ASN C 196 -50.86 2.61 134.41
CA ASN C 196 -49.83 3.39 135.04
C ASN C 196 -48.96 2.49 135.89
N LEU C 197 -47.66 2.84 135.94
CA LEU C 197 -46.68 2.06 136.65
C LEU C 197 -46.98 2.11 138.12
N GLU C 198 -47.18 3.32 138.68
CA GLU C 198 -47.36 3.43 140.09
C GLU C 198 -48.67 2.84 140.53
N TYR C 199 -49.75 3.20 139.81
CA TYR C 199 -51.11 2.86 140.13
C TYR C 199 -51.41 1.40 139.97
N THR C 200 -50.75 0.73 139.00
CA THR C 200 -51.10 -0.61 138.59
C THR C 200 -51.13 -1.54 139.76
N ALA C 201 -50.26 -1.35 140.76
CA ALA C 201 -50.18 -2.28 141.85
C ALA C 201 -51.51 -2.42 142.51
N TYR C 202 -52.29 -1.31 142.61
CA TYR C 202 -53.53 -1.37 143.31
C TYR C 202 -54.47 -2.37 142.69
N ASP C 203 -54.57 -2.42 141.35
CA ASP C 203 -55.51 -3.32 140.75
C ASP C 203 -55.18 -4.73 141.16
N PRO C 204 -56.23 -5.46 141.45
CA PRO C 204 -56.09 -6.85 141.79
C PRO C 204 -55.71 -7.70 140.63
N ILE C 205 -55.94 -7.20 139.39
CA ILE C 205 -55.66 -7.92 138.18
C ILE C 205 -54.18 -8.14 138.12
N PHE C 206 -53.40 -7.16 138.59
CA PHE C 206 -51.97 -7.18 138.57
C PHE C 206 -51.58 -8.46 139.23
N PHE C 207 -52.27 -8.78 140.33
CA PHE C 207 -52.07 -9.93 141.14
C PHE C 207 -52.24 -11.15 140.28
N LEU C 208 -53.37 -11.27 139.56
CA LEU C 208 -53.63 -12.44 138.76
C LEU C 208 -52.67 -12.50 137.61
N HIS C 209 -52.43 -11.36 136.95
CA HIS C 209 -51.60 -11.30 135.77
C HIS C 209 -50.23 -11.78 136.08
N HIS C 210 -49.64 -11.24 137.15
CA HIS C 210 -48.29 -11.58 137.46
C HIS C 210 -48.21 -13.02 137.80
N SER C 211 -49.29 -13.58 138.39
CA SER C 211 -49.23 -14.97 138.71
C SER C 211 -48.99 -15.72 137.44
N ASN C 212 -49.69 -15.35 136.35
CA ASN C 212 -49.52 -16.04 135.11
C ASN C 212 -48.13 -15.82 134.58
N VAL C 213 -47.65 -14.57 134.59
CA VAL C 213 -46.36 -14.30 134.03
C VAL C 213 -45.35 -15.06 134.81
N ASP C 214 -45.52 -15.09 136.15
CA ASP C 214 -44.61 -15.80 136.98
C ASP C 214 -44.69 -17.23 136.58
N ARG C 215 -45.91 -17.71 136.29
CA ARG C 215 -46.09 -19.08 135.91
C ARG C 215 -45.34 -19.33 134.65
N ILE C 216 -45.45 -18.39 133.69
CA ILE C 216 -44.80 -18.54 132.43
C ILE C 216 -43.33 -18.56 132.67
N PHE C 217 -42.87 -17.68 133.57
CA PHE C 217 -41.46 -17.60 133.86
C PHE C 217 -41.05 -18.94 134.35
N ALA C 218 -41.85 -19.54 135.24
CA ALA C 218 -41.55 -20.83 135.78
C ALA C 218 -41.49 -21.79 134.64
N ILE C 219 -42.40 -21.63 133.67
CA ILE C 219 -42.46 -22.55 132.56
C ILE C 219 -41.14 -22.50 131.87
N TRP C 220 -40.58 -21.30 131.68
CA TRP C 220 -39.33 -21.16 130.98
C TRP C 220 -38.32 -21.94 131.74
N GLN C 221 -38.34 -21.85 133.08
CA GLN C 221 -37.38 -22.55 133.86
C GLN C 221 -37.56 -24.01 133.58
N ARG C 222 -38.82 -24.45 133.49
CA ARG C 222 -39.11 -25.83 133.27
C ARG C 222 -38.54 -26.25 131.95
N LEU C 223 -38.74 -25.42 130.92
CA LEU C 223 -38.23 -25.79 129.62
C LEU C 223 -36.74 -25.89 129.70
N GLN C 224 -36.11 -24.97 130.46
CA GLN C 224 -34.69 -25.02 130.56
C GLN C 224 -34.33 -26.34 131.15
N GLU C 225 -35.13 -26.81 132.12
CA GLU C 225 -34.86 -28.07 132.75
C GLU C 225 -34.88 -29.11 131.68
N LEU C 226 -35.81 -28.99 130.72
CA LEU C 226 -35.90 -29.93 129.65
C LEU C 226 -34.62 -29.81 128.88
N ARG C 227 -34.11 -28.59 128.79
CA ARG C 227 -32.88 -28.29 128.12
C ARG C 227 -31.81 -28.98 128.90
N ASN C 228 -32.09 -29.23 130.19
CA ASN C 228 -31.14 -29.82 131.10
C ASN C 228 -30.16 -28.75 131.46
N LYS C 229 -30.61 -27.49 131.33
CA LYS C 229 -29.85 -26.38 131.80
C LYS C 229 -30.33 -26.11 133.17
N ASP C 230 -29.48 -25.51 134.03
CA ASP C 230 -29.91 -25.26 135.37
C ASP C 230 -30.86 -24.12 135.33
N PRO C 231 -32.11 -24.43 135.52
CA PRO C 231 -33.14 -23.43 135.48
C PRO C 231 -32.82 -22.33 136.44
N LYS C 232 -32.25 -22.68 137.60
CA LYS C 232 -31.96 -21.74 138.64
C LYS C 232 -30.87 -20.81 138.19
N ALA C 233 -29.84 -21.36 137.52
CA ALA C 233 -28.69 -20.58 137.19
C ALA C 233 -29.05 -19.47 136.28
N MET C 234 -28.47 -18.27 136.56
CA MET C 234 -28.65 -17.13 135.72
C MET C 234 -27.28 -16.54 135.55
N ASP C 235 -26.64 -16.81 134.40
CA ASP C 235 -25.31 -16.32 134.17
C ASP C 235 -25.32 -14.83 133.98
N CYS C 236 -26.31 -14.30 133.24
CA CYS C 236 -26.27 -12.90 132.92
C CYS C 236 -26.76 -12.07 134.07
N ALA C 237 -26.55 -10.74 133.94
CA ALA C 237 -26.97 -9.76 134.90
C ALA C 237 -26.52 -10.17 136.25
N GLN C 238 -25.21 -10.48 136.41
CA GLN C 238 -24.74 -10.88 137.69
C GLN C 238 -24.80 -9.72 138.65
N GLU C 239 -24.53 -8.50 138.16
CA GLU C 239 -24.43 -7.39 139.08
C GLU C 239 -25.76 -7.21 139.76
N LEU C 240 -26.84 -7.15 138.96
CA LEU C 240 -28.15 -6.90 139.46
C LEU C 240 -28.62 -8.03 140.33
N LEU C 241 -28.27 -9.26 139.95
CA LEU C 241 -28.82 -10.39 140.63
C LEU C 241 -28.44 -10.34 142.08
N HIS C 242 -27.18 -10.02 142.38
CA HIS C 242 -26.76 -10.02 143.76
C HIS C 242 -27.49 -8.95 144.51
N GLN C 243 -27.76 -7.82 143.84
CA GLN C 243 -28.45 -6.72 144.46
C GLN C 243 -29.74 -7.23 145.05
N LYS C 244 -30.03 -6.82 146.29
CA LYS C 244 -31.23 -7.23 146.95
C LYS C 244 -32.34 -6.39 146.38
N MET C 245 -33.58 -6.91 146.42
CA MET C 245 -34.64 -6.15 145.85
C MET C 245 -35.46 -5.56 146.95
N GLU C 246 -35.56 -4.22 146.95
CA GLU C 246 -36.36 -3.52 147.91
C GLU C 246 -37.72 -3.37 147.32
N PRO C 247 -38.70 -2.95 148.07
CA PRO C 247 -38.52 -2.62 149.46
C PRO C 247 -38.39 -3.87 150.27
N PHE C 248 -38.47 -5.03 149.62
CA PHE C 248 -38.49 -6.27 150.33
C PHE C 248 -37.26 -6.32 151.19
N SER C 249 -36.10 -5.95 150.62
CA SER C 249 -34.87 -6.00 151.37
C SER C 249 -34.94 -4.98 152.46
N TRP C 250 -35.73 -3.90 152.26
CA TRP C 250 -35.79 -2.84 153.22
C TRP C 250 -36.35 -3.41 154.49
N GLU C 251 -37.27 -4.39 154.35
CA GLU C 251 -37.85 -5.08 155.46
C GLU C 251 -38.75 -4.21 156.27
N ASP C 252 -39.39 -3.22 155.63
CA ASP C 252 -40.39 -2.47 156.33
C ASP C 252 -41.51 -3.44 156.55
N ASN C 253 -41.68 -4.34 155.57
CA ASN C 253 -42.73 -5.29 155.53
C ASN C 253 -42.59 -6.29 156.63
N ASP C 254 -43.74 -6.84 157.05
CA ASP C 254 -43.87 -7.80 158.10
C ASP C 254 -43.27 -9.11 157.69
N ILE C 255 -43.42 -9.52 156.41
CA ILE C 255 -42.99 -10.86 156.07
C ILE C 255 -41.51 -10.91 155.88
N PRO C 256 -40.91 -11.61 156.80
CA PRO C 256 -39.51 -11.86 156.85
C PRO C 256 -39.10 -12.75 155.71
N LEU C 257 -40.05 -13.54 155.18
CA LEU C 257 -39.72 -14.48 154.15
C LEU C 257 -39.20 -13.73 152.98
N THR C 258 -39.91 -12.65 152.61
CA THR C 258 -39.55 -11.90 151.45
C THR C 258 -38.20 -11.29 151.66
N ASN C 259 -37.93 -10.83 152.90
CA ASN C 259 -36.72 -10.13 153.17
C ASN C 259 -35.56 -10.98 152.81
N GLU C 260 -35.56 -12.26 153.25
CA GLU C 260 -34.47 -13.14 152.96
C GLU C 260 -34.39 -13.37 151.50
N HIS C 261 -35.59 -13.47 150.87
CA HIS C 261 -35.78 -13.74 149.48
C HIS C 261 -35.31 -12.62 148.61
N SER C 262 -35.10 -11.41 149.18
CA SER C 262 -34.83 -10.23 148.41
C SER C 262 -33.77 -10.45 147.37
N THR C 263 -32.70 -11.22 147.67
CA THR C 263 -31.75 -11.42 146.60
C THR C 263 -32.47 -12.17 145.51
N PRO C 264 -32.28 -11.73 144.30
CA PRO C 264 -32.94 -12.35 143.19
C PRO C 264 -32.43 -13.72 142.91
N ALA C 265 -31.21 -14.05 143.39
CA ALA C 265 -30.65 -15.34 143.11
C ALA C 265 -31.55 -16.36 143.70
N ASP C 266 -32.01 -16.09 144.94
CA ASP C 266 -32.86 -16.98 145.68
C ASP C 266 -34.16 -17.10 144.97
N LEU C 267 -34.54 -16.04 144.23
CA LEU C 267 -35.84 -15.92 143.62
C LEU C 267 -36.10 -17.06 142.69
N PHE C 268 -35.08 -17.57 141.98
CA PHE C 268 -35.34 -18.60 141.00
C PHE C 268 -36.03 -19.76 141.64
N ASP C 269 -35.49 -20.26 142.77
CA ASP C 269 -36.13 -21.38 143.39
C ASP C 269 -37.49 -20.95 143.84
N TYR C 270 -38.54 -21.35 143.09
CA TYR C 270 -39.89 -21.04 143.43
C TYR C 270 -40.24 -21.83 144.66
N CYS C 271 -39.66 -23.03 144.77
CA CYS C 271 -39.94 -23.96 145.82
C CYS C 271 -39.65 -23.32 147.14
N GLU C 272 -38.63 -22.45 147.22
CA GLU C 272 -38.35 -21.82 148.48
C GLU C 272 -39.58 -21.06 148.86
N LEU C 273 -40.25 -20.47 147.87
CA LEU C 273 -41.46 -19.72 148.05
C LEU C 273 -42.50 -20.69 148.53
N HIS C 274 -42.34 -21.96 148.14
CA HIS C 274 -43.23 -23.04 148.50
C HIS C 274 -44.59 -22.83 147.93
N TYR C 275 -44.66 -22.32 146.69
CA TYR C 275 -45.92 -22.25 146.03
C TYR C 275 -45.73 -22.98 144.75
N ASP C 276 -46.73 -23.76 144.31
CA ASP C 276 -46.55 -24.51 143.11
C ASP C 276 -47.63 -24.11 142.14
N TYR C 277 -47.49 -24.59 140.89
CA TYR C 277 -48.46 -24.33 139.87
C TYR C 277 -49.03 -25.66 139.52
N ASP C 278 -50.35 -25.72 139.28
CA ASP C 278 -50.94 -27.00 139.02
C ASP C 278 -50.29 -27.59 137.79
N THR C 279 -50.18 -26.81 136.71
CA THR C 279 -49.53 -27.32 135.54
C THR C 279 -48.67 -26.24 134.97
N LEU C 280 -47.55 -26.66 134.36
CA LEU C 280 -46.73 -25.73 133.67
C LEU C 280 -46.80 -26.11 132.23
N ASN C 281 -47.65 -25.40 131.46
CA ASN C 281 -47.77 -25.68 130.07
C ASN C 281 -48.06 -24.37 129.40
N LEU C 282 -47.76 -24.28 128.09
CA LEU C 282 -48.06 -23.05 127.42
C LEU C 282 -48.97 -23.36 126.28
N ASN C 283 -50.20 -22.78 126.31
CA ASN C 283 -51.15 -22.91 125.26
C ASN C 283 -51.40 -24.34 124.91
N GLY C 284 -51.45 -25.22 125.92
CA GLY C 284 -51.81 -26.58 125.66
C GLY C 284 -50.66 -27.32 125.05
N MET C 285 -49.46 -26.72 125.05
CA MET C 285 -48.37 -27.45 124.49
C MET C 285 -47.56 -27.97 125.62
N THR C 286 -47.12 -29.23 125.51
CA THR C 286 -46.34 -29.82 126.55
C THR C 286 -45.01 -29.14 126.51
N PRO C 287 -44.28 -29.19 127.58
CA PRO C 287 -42.99 -28.58 127.56
C PRO C 287 -42.15 -29.30 126.57
N GLU C 288 -42.39 -30.60 126.39
CA GLU C 288 -41.68 -31.36 125.41
C GLU C 288 -42.12 -30.83 124.09
N GLU C 289 -43.42 -30.54 123.99
CA GLU C 289 -44.02 -30.10 122.77
C GLU C 289 -43.44 -28.77 122.40
N LEU C 290 -43.26 -27.89 123.39
CA LEU C 290 -42.77 -26.57 123.10
C LEU C 290 -41.38 -26.68 122.54
N LYS C 291 -40.54 -27.51 123.18
CA LYS C 291 -39.17 -27.59 122.78
C LYS C 291 -39.09 -28.09 121.37
N THR C 292 -39.89 -29.11 121.03
CA THR C 292 -39.81 -29.65 119.71
C THR C 292 -40.26 -28.60 118.73
N TYR C 293 -41.29 -27.83 119.11
CA TYR C 293 -41.86 -26.86 118.21
C TYR C 293 -40.84 -25.82 117.88
N LEU C 294 -40.08 -25.35 118.88
CA LEU C 294 -39.13 -24.30 118.68
C LEU C 294 -38.07 -24.74 117.72
N ASP C 295 -37.68 -26.02 117.80
CA ASP C 295 -36.61 -26.51 116.97
C ASP C 295 -36.97 -26.28 115.55
N GLU C 296 -38.24 -26.51 115.21
CA GLU C 296 -38.69 -26.39 113.85
C GLU C 296 -38.53 -24.95 113.41
N ARG C 297 -38.80 -24.00 114.31
CA ARG C 297 -38.76 -22.61 113.95
C ARG C 297 -37.39 -22.26 113.47
N SER C 298 -36.36 -22.77 114.17
CA SER C 298 -35.00 -22.45 113.84
C SER C 298 -34.68 -22.95 112.47
N SER C 299 -35.47 -23.91 111.96
CA SER C 299 -35.16 -24.52 110.70
C SER C 299 -35.16 -23.49 109.60
N ARG C 300 -36.14 -22.54 109.62
CA ARG C 300 -36.30 -21.64 108.51
C ARG C 300 -35.57 -20.36 108.77
N ALA C 301 -35.07 -19.76 107.68
CA ALA C 301 -34.37 -18.50 107.73
C ALA C 301 -35.38 -17.41 107.85
N ARG C 302 -35.06 -16.35 108.63
CA ARG C 302 -36.12 -15.38 108.69
C ARG C 302 -35.51 -14.02 108.68
N ALA C 303 -36.35 -13.00 108.45
CA ALA C 303 -35.89 -11.65 108.45
C ALA C 303 -36.46 -11.02 109.69
N PHE C 304 -35.67 -10.18 110.36
CA PHE C 304 -36.15 -9.57 111.57
C PHE C 304 -35.80 -8.12 111.54
N ALA C 305 -36.42 -7.35 112.45
CA ALA C 305 -36.11 -5.96 112.57
C ALA C 305 -35.65 -5.80 113.98
N SER C 306 -34.64 -4.94 114.19
CA SER C 306 -34.15 -4.79 115.53
C SER C 306 -34.63 -3.48 116.03
N PHE C 307 -35.09 -3.43 117.29
CA PHE C 307 -35.54 -2.19 117.81
C PHE C 307 -34.84 -1.93 119.10
N ARG C 308 -34.35 -0.69 119.27
CA ARG C 308 -33.76 -0.30 120.51
C ARG C 308 -34.89 0.22 121.33
N LEU C 309 -34.93 -0.06 122.63
CA LEU C 309 -36.03 0.48 123.36
C LEU C 309 -35.53 1.44 124.38
N LYS C 310 -35.82 2.74 124.17
CA LYS C 310 -35.40 3.70 125.14
C LYS C 310 -36.19 3.43 126.38
N GLY C 311 -37.51 3.23 126.23
CA GLY C 311 -38.33 2.90 127.35
C GLY C 311 -38.35 4.02 128.34
N PHE C 312 -38.60 5.26 127.88
CA PHE C 312 -38.61 6.34 128.82
C PHE C 312 -39.94 7.01 128.75
N GLY C 313 -40.28 7.76 129.81
CA GLY C 313 -41.54 8.46 129.84
C GLY C 313 -42.58 7.53 130.37
N GLY C 314 -43.85 7.91 130.18
CA GLY C 314 -44.92 7.08 130.67
C GLY C 314 -45.04 5.95 129.71
N SER C 315 -46.00 5.04 129.99
CA SER C 315 -46.20 3.90 129.14
C SER C 315 -46.51 4.42 127.79
N ALA C 316 -46.05 3.70 126.74
CA ALA C 316 -46.32 4.14 125.41
C ALA C 316 -46.45 2.94 124.54
N ASN C 317 -47.12 3.11 123.39
CA ASN C 317 -47.31 2.06 122.44
C ASN C 317 -46.59 2.49 121.20
N VAL C 318 -45.93 1.55 120.52
CA VAL C 318 -45.22 1.92 119.33
C VAL C 318 -45.69 1.03 118.23
N PHE C 319 -45.71 1.57 116.99
CA PHE C 319 -46.12 0.80 115.86
C PHE C 319 -45.00 0.90 114.89
N VAL C 320 -44.80 -0.15 114.06
CA VAL C 320 -43.77 -0.08 113.08
C VAL C 320 -44.39 -0.45 111.77
N TYR C 321 -44.01 0.25 110.69
CA TYR C 321 -44.58 -0.06 109.43
C TYR C 321 -43.44 -0.14 108.46
N VAL C 322 -43.50 -1.11 107.52
CA VAL C 322 -42.50 -1.12 106.51
C VAL C 322 -43.19 -0.59 105.30
N CYS C 323 -42.71 0.54 104.77
CA CYS C 323 -43.42 1.10 103.67
C CYS C 323 -42.56 0.91 102.47
N ILE C 324 -43.16 1.06 101.29
CA ILE C 324 -42.41 0.86 100.10
C ILE C 324 -42.04 2.23 99.64
N PRO C 325 -40.76 2.43 99.60
CA PRO C 325 -40.18 3.70 99.28
C PRO C 325 -40.67 4.18 97.95
N ASP C 326 -41.17 3.28 97.08
CA ASP C 326 -41.59 3.69 95.77
C ASP C 326 -42.80 4.57 95.91
N ASP C 327 -42.85 5.66 95.11
CA ASP C 327 -43.96 6.56 95.11
C ASP C 327 -43.84 7.44 93.91
N ASN C 328 -44.31 6.94 92.76
CA ASN C 328 -44.15 7.75 91.61
C ASN C 328 -45.06 8.91 91.79
N ASP C 329 -46.28 8.74 92.33
CA ASP C 329 -47.13 9.90 92.12
C ASP C 329 -48.17 10.22 93.18
N ARG C 330 -48.93 11.30 92.86
CA ARG C 330 -50.14 11.82 93.49
C ARG C 330 -50.19 11.83 94.99
N ASN C 331 -49.14 12.36 95.69
CA ASN C 331 -49.09 12.33 97.15
C ASN C 331 -49.45 10.95 97.59
N ASP C 332 -48.49 10.04 97.37
CA ASP C 332 -48.58 8.62 97.44
C ASP C 332 -48.93 8.31 98.85
N ASP C 333 -49.75 7.26 99.08
CA ASP C 333 -50.07 6.84 100.41
C ASP C 333 -50.25 5.35 100.36
N HIS C 334 -49.15 4.56 100.47
CA HIS C 334 -49.41 3.14 100.46
C HIS C 334 -48.47 2.56 101.48
N CYS C 335 -48.98 1.75 102.42
CA CYS C 335 -48.06 1.18 103.35
C CYS C 335 -48.78 0.13 104.14
N GLU C 336 -48.03 -0.66 104.93
CA GLU C 336 -48.62 -1.72 105.71
C GLU C 336 -48.05 -1.65 107.11
N LYS C 337 -48.73 -2.31 108.07
CA LYS C 337 -48.29 -2.28 109.44
C LYS C 337 -47.53 -3.53 109.75
N ALA C 338 -46.24 -3.39 110.10
CA ALA C 338 -45.39 -4.50 110.41
C ALA C 338 -45.77 -5.20 111.68
N GLY C 339 -45.99 -4.44 112.77
CA GLY C 339 -46.30 -5.08 114.03
C GLY C 339 -45.97 -4.11 115.12
N ASP C 340 -46.38 -4.42 116.37
CA ASP C 340 -46.09 -3.47 117.41
C ASP C 340 -45.85 -4.18 118.70
N PHE C 341 -45.27 -3.41 119.66
CA PHE C 341 -45.03 -3.88 121.01
C PHE C 341 -45.39 -2.74 121.91
N PHE C 342 -45.51 -3.01 123.22
CA PHE C 342 -45.91 -1.96 124.14
C PHE C 342 -44.89 -1.89 125.23
N VAL C 343 -44.91 -0.78 125.99
CA VAL C 343 -44.01 -0.63 127.10
C VAL C 343 -44.76 0.00 128.22
N LEU C 344 -44.37 -0.33 129.47
CA LEU C 344 -45.04 0.19 130.65
C LEU C 344 -44.02 1.06 131.34
N GLY C 345 -44.47 2.22 131.88
CA GLY C 345 -43.52 3.03 132.60
C GLY C 345 -44.25 4.19 133.20
N GLY C 346 -43.92 4.52 134.46
CA GLY C 346 -44.52 5.65 135.12
C GLY C 346 -43.62 6.82 134.98
N PRO C 347 -44.12 7.95 135.41
CA PRO C 347 -43.33 9.15 135.39
C PRO C 347 -42.16 9.06 136.32
N SER C 348 -42.33 8.38 137.48
CA SER C 348 -41.19 8.28 138.33
C SER C 348 -40.77 6.85 138.32
N GLU C 349 -39.91 6.51 137.36
CA GLU C 349 -39.44 5.17 137.28
C GLU C 349 -37.98 5.27 137.04
N MET C 350 -37.21 4.24 137.40
CA MET C 350 -35.80 4.32 137.18
C MET C 350 -35.61 4.28 135.70
N LYS C 351 -34.66 5.10 135.19
CA LYS C 351 -34.42 5.11 133.79
C LYS C 351 -33.84 3.79 133.42
N TRP C 352 -34.33 3.20 132.30
CA TRP C 352 -33.81 1.94 131.88
C TRP C 352 -33.81 1.93 130.40
N GLN C 353 -32.77 1.29 129.80
CA GLN C 353 -32.72 1.16 128.37
C GLN C 353 -32.30 -0.24 128.12
N PHE C 354 -32.81 -0.86 127.03
CA PHE C 354 -32.43 -2.22 126.77
C PHE C 354 -31.04 -2.24 126.28
N TYR C 355 -30.24 -3.15 126.87
CA TYR C 355 -28.87 -3.33 126.48
C TYR C 355 -28.88 -3.91 125.11
N ARG C 356 -29.79 -4.88 124.87
CA ARG C 356 -29.85 -5.60 123.64
C ARG C 356 -31.03 -5.13 122.87
N PRO C 357 -30.96 -5.33 121.58
CA PRO C 357 -32.05 -4.97 120.73
C PRO C 357 -33.15 -6.00 120.81
N TYR C 358 -34.37 -5.62 120.41
CA TYR C 358 -35.48 -6.52 120.45
C TYR C 358 -35.81 -6.84 119.03
N LEU C 359 -35.65 -8.12 118.63
CA LEU C 359 -35.90 -8.50 117.28
C LEU C 359 -37.35 -8.78 117.09
N PHE C 360 -37.84 -8.59 115.85
CA PHE C 360 -39.19 -8.90 115.51
C PHE C 360 -39.11 -9.60 114.20
N ASP C 361 -40.13 -10.43 113.85
CA ASP C 361 -40.04 -11.17 112.62
C ASP C 361 -40.83 -10.48 111.55
N LEU C 362 -40.12 -9.78 110.66
CA LEU C 362 -40.65 -9.06 109.53
C LEU C 362 -41.11 -9.98 108.44
N SER C 363 -40.50 -11.17 108.33
CA SER C 363 -40.67 -12.02 107.18
C SER C 363 -42.11 -12.22 106.83
N ASP C 364 -43.00 -12.38 107.81
CA ASP C 364 -44.37 -12.65 107.48
C ASP C 364 -44.91 -11.51 106.68
N THR C 365 -44.71 -10.28 107.18
CA THR C 365 -45.31 -9.13 106.55
C THR C 365 -44.73 -8.92 105.19
N VAL C 366 -43.41 -9.10 105.07
CA VAL C 366 -42.73 -8.82 103.84
C VAL C 366 -43.33 -9.70 102.78
N HIS C 367 -43.50 -10.98 103.10
CA HIS C 367 -44.03 -11.93 102.16
C HIS C 367 -45.43 -11.52 101.82
N LYS C 368 -46.20 -11.12 102.85
CA LYS C 368 -47.58 -10.79 102.67
C LYS C 368 -47.66 -9.65 101.71
N MET C 369 -46.73 -8.68 101.85
CA MET C 369 -46.73 -7.53 100.98
C MET C 369 -46.50 -8.02 99.60
N GLY C 370 -45.65 -9.06 99.47
CA GLY C 370 -45.33 -9.54 98.17
C GLY C 370 -43.96 -9.05 97.89
N MET C 371 -43.46 -8.16 98.76
CA MET C 371 -42.13 -7.69 98.55
C MET C 371 -41.25 -8.80 99.00
N LYS C 372 -40.29 -9.18 98.15
CA LYS C 372 -39.39 -10.24 98.50
C LYS C 372 -38.40 -9.63 99.43
N LEU C 373 -37.55 -10.46 100.04
CA LEU C 373 -36.56 -9.90 100.91
C LEU C 373 -35.77 -8.99 100.04
N ASP C 374 -35.51 -9.43 98.81
CA ASP C 374 -34.80 -8.60 97.89
C ASP C 374 -35.80 -7.64 97.33
N GLY C 375 -35.83 -6.41 97.91
CA GLY C 375 -36.72 -5.38 97.46
C GLY C 375 -36.29 -4.16 98.19
N HIS C 376 -36.49 -2.97 97.60
CA HIS C 376 -36.04 -1.80 98.29
C HIS C 376 -37.20 -1.19 98.99
N TYR C 377 -37.14 -1.18 100.33
CA TYR C 377 -38.18 -0.61 101.13
C TYR C 377 -37.53 0.04 102.31
N THR C 378 -38.26 0.94 103.00
CA THR C 378 -37.75 1.53 104.20
C THR C 378 -38.79 1.32 105.24
N VAL C 379 -38.41 1.48 106.53
CA VAL C 379 -39.37 1.30 107.56
C VAL C 379 -39.35 2.51 108.45
N LYS C 380 -40.49 2.75 109.14
CA LYS C 380 -40.60 3.86 110.03
C LYS C 380 -41.45 3.40 111.18
N ALA C 381 -41.35 4.05 112.35
CA ALA C 381 -42.13 3.62 113.48
C ALA C 381 -42.77 4.82 114.10
N GLU C 382 -43.91 4.61 114.79
CA GLU C 382 -44.54 5.72 115.45
C GLU C 382 -44.78 5.36 116.87
N LEU C 383 -44.69 6.36 117.78
CA LEU C 383 -44.88 6.09 119.17
C LEU C 383 -46.05 6.88 119.64
N PHE C 384 -46.92 6.25 120.45
CA PHE C 384 -48.09 6.89 120.96
C PHE C 384 -48.07 6.70 122.44
N SER C 385 -48.34 7.75 123.22
CA SER C 385 -48.31 7.59 124.64
C SER C 385 -49.68 7.19 125.09
N VAL C 386 -49.76 6.65 126.33
CA VAL C 386 -51.02 6.25 126.87
C VAL C 386 -51.80 7.51 126.98
N ASN C 387 -51.10 8.60 127.38
CA ASN C 387 -51.78 9.86 127.51
C ASN C 387 -52.24 10.28 126.16
N GLY C 388 -51.53 9.87 125.09
CA GLY C 388 -51.99 10.22 123.77
C GLY C 388 -51.13 11.31 123.23
N THR C 389 -50.19 11.80 124.03
CA THR C 389 -49.32 12.82 123.54
C THR C 389 -48.41 12.15 122.55
N ALA C 390 -48.16 12.83 121.41
CA ALA C 390 -47.31 12.24 120.42
C ALA C 390 -45.91 12.36 120.93
N LEU C 391 -45.04 11.40 120.54
CA LEU C 391 -43.69 11.48 120.99
C LEU C 391 -42.84 11.68 119.78
N PRO C 392 -41.78 12.42 119.94
CA PRO C 392 -40.94 12.66 118.82
C PRO C 392 -40.26 11.43 118.34
N ASP C 393 -40.50 11.07 117.07
CA ASP C 393 -39.91 9.93 116.43
C ASP C 393 -38.48 10.18 116.06
N ASP C 394 -38.11 11.45 115.83
CA ASP C 394 -36.79 11.77 115.38
C ASP C 394 -35.77 11.30 116.35
N LEU C 395 -36.07 11.38 117.66
CA LEU C 395 -35.08 11.00 118.65
C LEU C 395 -34.77 9.56 118.44
N LEU C 396 -35.81 8.75 118.15
CA LEU C 396 -35.66 7.33 118.01
C LEU C 396 -34.83 7.03 116.79
N PRO C 397 -34.01 6.02 116.93
CA PRO C 397 -33.18 5.58 115.85
C PRO C 397 -33.95 4.75 114.89
N HIS C 398 -33.48 4.64 113.64
CA HIS C 398 -34.12 3.83 112.64
C HIS C 398 -33.82 2.41 112.97
N PRO C 399 -34.82 1.58 112.89
CA PRO C 399 -34.61 0.18 113.17
C PRO C 399 -33.95 -0.44 111.99
N VAL C 400 -33.20 -1.55 112.19
CA VAL C 400 -32.55 -2.12 111.05
C VAL C 400 -33.21 -3.42 110.76
N VAL C 401 -33.28 -3.75 109.47
CA VAL C 401 -33.85 -5.01 109.09
C VAL C 401 -32.69 -5.93 108.90
N VAL C 402 -32.86 -7.19 109.32
CA VAL C 402 -31.79 -8.13 109.14
C VAL C 402 -32.34 -9.26 108.32
N HIS C 403 -31.55 -9.79 107.37
CA HIS C 403 -32.09 -10.95 106.72
C HIS C 403 -31.24 -12.10 107.11
N HIS C 404 -31.81 -13.31 107.11
CA HIS C 404 -31.04 -14.43 107.51
C HIS C 404 -30.00 -14.64 106.46
N PRO C 405 -28.74 -14.52 106.87
CA PRO C 405 -27.61 -14.66 106.00
C PRO C 405 -27.44 -16.09 105.62
N GLU C 406 -26.97 -16.35 104.38
CA GLU C 406 -26.64 -17.69 104.00
C GLU C 406 -25.14 -17.68 103.95
N LYS C 407 -24.49 -18.58 104.72
CA LYS C 407 -23.08 -18.63 104.93
C LYS C 407 -22.57 -19.90 104.34
N GLY C 408 -21.99 -19.85 103.12
CA GLY C 408 -21.48 -21.02 102.49
C GLY C 408 -20.60 -20.60 101.37
N PHE C 409 -20.04 -21.52 100.58
CA PHE C 409 -18.90 -21.30 99.68
C PHE C 409 -18.86 -19.99 98.88
N THR C 410 -19.95 -19.48 98.28
CA THR C 410 -19.83 -18.12 97.74
C THR C 410 -21.01 -17.29 98.16
N ASP C 411 -20.82 -16.38 99.16
CA ASP C 411 -21.83 -15.46 99.62
C ASP C 411 -22.11 -14.27 98.68
N PRO C 412 -21.16 -13.53 98.05
CA PRO C 412 -21.55 -12.44 97.16
C PRO C 412 -21.86 -12.88 95.75
N PRO C 413 -22.57 -12.17 94.91
CA PRO C 413 -22.81 -12.62 93.55
C PRO C 413 -21.65 -12.62 92.58
N VAL C 414 -20.46 -12.07 92.95
CA VAL C 414 -19.31 -11.93 92.09
C VAL C 414 -18.42 -13.16 92.15
N LYS C 415 -17.53 -13.40 91.15
CA LYS C 415 -16.72 -14.58 91.26
C LYS C 415 -15.33 -14.22 91.67
N HIS C 416 -14.99 -14.44 92.95
CA HIS C 416 -13.63 -14.23 93.30
C HIS C 416 -12.89 -15.43 92.80
N HIS C 417 -11.77 -15.19 92.10
CA HIS C 417 -11.00 -16.27 91.59
C HIS C 417 -9.59 -15.95 91.94
N GLN C 418 -8.67 -16.94 91.81
CA GLN C 418 -7.27 -16.76 92.13
C GLN C 418 -6.76 -15.54 91.44
N SER C 419 -6.49 -14.51 92.28
CA SER C 419 -6.11 -13.17 91.94
C SER C 419 -4.74 -13.13 91.36
N ALA C 420 -4.58 -12.28 90.33
CA ALA C 420 -3.37 -11.97 89.60
C ALA C 420 -2.37 -11.25 90.46
N ASN C 421 -2.88 -10.39 91.39
CA ASN C 421 -2.18 -9.49 92.30
C ASN C 421 -1.41 -8.39 91.62
N LEU C 422 -2.12 -7.49 90.87
CA LEU C 422 -1.50 -6.34 90.27
C LEU C 422 -1.11 -5.32 91.31
N LEU C 423 -2.03 -4.86 92.20
CA LEU C 423 -1.57 -3.90 93.17
C LEU C 423 -1.46 -4.64 94.49
N VAL C 424 -0.32 -4.43 95.19
CA VAL C 424 -0.14 -5.11 96.43
C VAL C 424 0.13 -4.12 97.49
N ARG C 425 -0.36 -4.40 98.71
CA ARG C 425 -0.10 -3.54 99.81
C ARG C 425 0.87 -4.28 100.68
N LYS C 426 1.96 -3.61 101.09
CA LYS C 426 2.95 -4.29 101.89
C LYS C 426 3.09 -3.51 103.15
N ASN C 427 3.73 -4.12 104.18
CA ASN C 427 3.91 -3.37 105.39
C ASN C 427 5.02 -2.41 105.18
N ILE C 428 5.07 -1.34 105.99
CA ILE C 428 6.05 -0.32 105.79
C ILE C 428 7.41 -0.92 105.95
N ASN C 429 7.59 -1.80 106.95
CA ASN C 429 8.93 -2.26 107.17
C ASN C 429 9.45 -3.00 105.97
N ASP C 430 8.61 -3.78 105.28
CA ASP C 430 9.12 -4.53 104.15
C ASP C 430 9.55 -3.59 103.07
N LEU C 431 8.92 -2.41 102.97
CA LEU C 431 9.21 -1.53 101.88
C LEU C 431 10.67 -1.21 101.87
N THR C 432 11.25 -1.22 100.65
CA THR C 432 12.65 -0.94 100.48
C THR C 432 12.78 0.53 100.25
N ARG C 433 14.03 0.99 100.15
CA ARG C 433 14.30 2.38 99.91
C ARG C 433 13.73 2.73 98.58
N GLU C 434 13.89 1.85 97.59
CA GLU C 434 13.39 2.15 96.29
C GLU C 434 11.91 2.27 96.39
N GLU C 435 11.26 1.33 97.09
CA GLU C 435 9.83 1.35 97.20
C GLU C 435 9.42 2.59 97.93
N VAL C 436 10.12 2.92 99.02
CA VAL C 436 9.72 4.07 99.78
C VAL C 436 9.92 5.27 98.92
N LEU C 437 10.97 5.26 98.09
CA LEU C 437 11.28 6.42 97.30
C LEU C 437 10.15 6.74 96.40
N ASN C 438 9.57 5.74 95.71
CA ASN C 438 8.50 6.06 94.82
C ASN C 438 7.35 6.58 95.61
N LEU C 439 7.10 6.00 96.80
CA LEU C 439 6.00 6.42 97.60
C LEU C 439 6.19 7.85 98.01
N ARG C 440 7.42 8.21 98.41
CA ARG C 440 7.63 9.56 98.87
C ARG C 440 7.32 10.50 97.75
N GLU C 441 7.83 10.16 96.54
CA GLU C 441 7.65 11.02 95.41
C GLU C 441 6.20 11.14 95.08
N ALA C 442 5.49 10.00 95.07
CA ALA C 442 4.11 9.99 94.68
C ALA C 442 3.31 10.83 95.61
N PHE C 443 3.58 10.70 96.92
CA PHE C 443 2.80 11.44 97.88
C PHE C 443 3.06 12.89 97.66
N HIS C 444 4.33 13.25 97.43
CA HIS C 444 4.69 14.63 97.28
C HIS C 444 3.92 15.20 96.13
N LYS C 445 3.89 14.46 95.01
CA LYS C 445 3.21 14.93 93.83
C LYS C 445 1.76 15.04 94.15
N PHE C 446 1.25 14.06 94.91
CA PHE C 446 -0.14 13.96 95.24
C PHE C 446 -0.54 15.15 96.06
N GLN C 447 0.26 15.52 97.07
CA GLN C 447 -0.13 16.63 97.88
C GLN C 447 -0.16 17.87 97.04
N GLU C 448 0.75 17.95 96.07
CA GLU C 448 0.81 19.08 95.19
C GLU C 448 -0.46 19.19 94.40
N ASP C 449 -1.03 18.03 93.99
CA ASP C 449 -2.18 18.05 93.12
C ASP C 449 -3.26 18.89 93.73
N ARG C 450 -3.55 20.04 93.09
CA ARG C 450 -4.61 20.89 93.59
C ARG C 450 -5.95 20.33 93.25
N SER C 451 -6.02 19.47 92.21
CA SER C 451 -7.24 18.88 91.72
C SER C 451 -8.01 18.28 92.87
N VAL C 452 -9.28 17.95 92.58
CA VAL C 452 -10.17 17.32 93.52
C VAL C 452 -9.60 15.99 93.87
N ASP C 453 -9.01 15.29 92.88
CA ASP C 453 -8.43 14.03 93.22
C ASP C 453 -7.29 14.32 94.14
N GLY C 454 -6.82 15.57 94.11
CA GLY C 454 -5.70 16.00 94.91
C GLY C 454 -5.94 15.64 96.34
N TYR C 455 -4.85 15.67 97.12
CA TYR C 455 -4.78 15.26 98.49
C TYR C 455 -5.66 16.08 99.38
N GLN C 456 -5.64 17.41 99.21
CA GLN C 456 -6.40 18.23 100.10
C GLN C 456 -7.84 17.85 99.97
N ALA C 457 -8.33 17.70 98.73
CA ALA C 457 -9.71 17.41 98.50
C ALA C 457 -10.03 16.07 99.10
N THR C 458 -9.13 15.10 98.97
CA THR C 458 -9.39 13.76 99.45
C THR C 458 -9.55 13.81 100.94
N ALA C 459 -8.77 14.66 101.61
CA ALA C 459 -8.78 14.75 103.03
C ALA C 459 -10.15 15.13 103.51
N GLU C 460 -10.82 16.02 102.76
CA GLU C 460 -12.10 16.55 103.16
C GLU C 460 -13.10 15.45 103.32
N TYR C 461 -12.97 14.36 102.54
CA TYR C 461 -13.99 13.35 102.56
C TYR C 461 -14.17 12.82 103.95
N HIS C 462 -13.07 12.54 104.67
CA HIS C 462 -13.17 11.95 105.98
C HIS C 462 -13.85 12.86 106.94
N GLY C 463 -13.47 14.15 107.00
CA GLY C 463 -14.03 14.99 108.03
C GLY C 463 -14.17 16.38 107.51
N LEU C 464 -13.81 17.37 108.34
CA LEU C 464 -13.95 18.75 107.99
C LEU C 464 -13.13 18.99 106.76
N PRO C 465 -13.63 19.75 105.84
CA PRO C 465 -14.94 20.33 105.98
C PRO C 465 -15.96 19.26 105.76
N ALA C 466 -17.15 19.34 106.41
CA ALA C 466 -18.07 18.25 106.24
C ALA C 466 -18.90 18.48 105.02
N ARG C 467 -18.53 17.75 103.94
CA ARG C 467 -19.16 17.71 102.66
C ARG C 467 -20.37 16.81 102.68
N CYS C 468 -20.41 15.89 103.65
CA CYS C 468 -21.23 14.72 103.54
C CYS C 468 -22.67 14.93 103.21
N PRO C 469 -23.45 15.63 104.00
CA PRO C 469 -24.87 15.76 103.75
C PRO C 469 -25.07 16.26 102.35
N ARG C 470 -24.26 17.27 102.00
CA ARG C 470 -24.25 17.90 100.72
C ARG C 470 -23.24 18.97 100.88
N PRO C 471 -22.76 19.51 99.80
CA PRO C 471 -21.86 20.61 99.95
C PRO C 471 -22.65 21.73 100.52
N ASP C 472 -23.98 21.72 100.29
CA ASP C 472 -24.81 22.75 100.84
C ASP C 472 -25.91 22.08 101.60
N ALA C 473 -25.76 22.03 102.95
CA ALA C 473 -26.77 21.43 103.74
C ALA C 473 -26.89 22.25 104.98
N LYS C 474 -28.10 22.29 105.56
CA LYS C 474 -28.29 23.07 106.73
C LYS C 474 -27.44 22.47 107.80
N ASP C 475 -27.53 21.14 107.98
CA ASP C 475 -26.74 20.53 109.00
C ASP C 475 -25.64 19.78 108.32
N ARG C 476 -24.43 20.35 108.31
CA ARG C 476 -23.33 19.62 107.73
C ARG C 476 -22.86 18.67 108.77
N TYR C 477 -22.54 17.43 108.36
CA TYR C 477 -22.06 16.49 109.31
C TYR C 477 -20.88 15.79 108.71
N ALA C 478 -20.02 15.20 109.56
CA ALA C 478 -18.86 14.52 109.06
C ALA C 478 -19.34 13.39 108.23
N CYS C 479 -18.74 13.21 107.04
CA CYS C 479 -19.20 12.20 106.15
C CYS C 479 -18.84 10.84 106.64
N CYS C 480 -17.66 10.70 107.26
CA CYS C 480 -17.20 9.39 107.62
C CYS C 480 -18.17 8.75 108.54
N VAL C 481 -18.35 7.43 108.38
CA VAL C 481 -19.27 6.71 109.20
C VAL C 481 -18.49 6.10 110.32
N HIS C 482 -18.93 6.37 111.56
CA HIS C 482 -18.29 5.83 112.71
C HIS C 482 -19.38 5.34 113.61
N GLY C 483 -19.08 4.30 114.42
CA GLY C 483 -20.05 3.83 115.34
C GLY C 483 -21.10 3.09 114.57
N MET C 484 -20.79 2.73 113.31
CA MET C 484 -21.74 2.03 112.50
C MET C 484 -21.04 0.84 111.93
N PRO C 485 -21.81 -0.15 111.56
CA PRO C 485 -21.28 -1.34 110.95
C PRO C 485 -20.77 -1.04 109.58
N ILE C 486 -21.27 0.05 108.99
CA ILE C 486 -20.97 0.58 107.69
C ILE C 486 -19.54 1.01 107.70
N PHE C 487 -19.07 1.38 108.91
CA PHE C 487 -17.82 2.02 109.19
C PHE C 487 -16.69 1.34 108.48
N PRO C 488 -16.50 0.05 108.53
CA PRO C 488 -15.35 -0.47 107.81
C PRO C 488 -15.47 -0.30 106.33
N HIS C 489 -16.70 -0.30 105.79
CA HIS C 489 -16.89 -0.20 104.37
C HIS C 489 -16.42 1.13 103.89
N TRP C 490 -16.82 2.19 104.60
CA TRP C 490 -16.52 3.52 104.17
C TRP C 490 -15.05 3.71 104.13
N HIS C 491 -14.36 3.31 105.22
CA HIS C 491 -12.95 3.52 105.32
C HIS C 491 -12.26 2.74 104.24
N ARG C 492 -12.74 1.51 103.97
CA ARG C 492 -12.06 0.72 102.99
C ARG C 492 -12.12 1.46 101.70
N LEU C 493 -13.27 2.06 101.39
CA LEU C 493 -13.42 2.76 100.13
C LEU C 493 -12.46 3.91 100.16
N PHE C 494 -12.32 4.55 101.33
CA PHE C 494 -11.50 5.73 101.45
C PHE C 494 -10.08 5.41 101.06
N VAL C 495 -9.54 4.29 101.55
CA VAL C 495 -8.17 3.97 101.29
C VAL C 495 -7.96 3.81 99.81
N THR C 496 -8.93 3.19 99.11
CA THR C 496 -8.73 2.95 97.71
C THR C 496 -8.55 4.27 97.04
N GLN C 497 -9.35 5.26 97.46
CA GLN C 497 -9.33 6.52 96.77
C GLN C 497 -7.95 7.07 96.83
N VAL C 498 -7.30 7.02 98.02
CA VAL C 498 -5.97 7.55 98.08
C VAL C 498 -5.09 6.69 97.21
N GLU C 499 -5.29 5.36 97.29
CA GLU C 499 -4.43 4.44 96.61
C GLU C 499 -4.48 4.70 95.14
N ASP C 500 -5.66 4.96 94.52
CA ASP C 500 -5.90 5.19 93.12
C ASP C 500 -5.15 6.43 92.78
N ALA C 501 -5.13 7.37 93.73
CA ALA C 501 -4.36 8.55 93.57
C ALA C 501 -2.89 8.18 93.44
N LEU C 502 -2.34 7.31 94.34
CA LEU C 502 -0.94 6.99 94.29
C LEU C 502 -0.59 6.45 92.94
N VAL C 503 -1.42 5.58 92.35
CA VAL C 503 -1.03 5.01 91.08
C VAL C 503 -0.88 6.11 90.10
N GLY C 504 -1.80 7.10 90.12
CA GLY C 504 -1.70 8.20 89.21
C GLY C 504 -0.42 8.87 89.52
N ARG C 505 -0.05 8.89 90.80
CA ARG C 505 1.16 9.49 91.26
C ARG C 505 2.28 8.75 90.60
N GLY C 506 2.07 7.44 90.37
CA GLY C 506 3.09 6.64 89.78
C GLY C 506 3.67 5.77 90.85
N ALA C 507 3.00 5.70 92.02
CA ALA C 507 3.53 4.86 93.06
C ALA C 507 3.50 3.45 92.53
N THR C 508 4.62 2.74 92.75
CA THR C 508 4.77 1.38 92.30
C THR C 508 3.86 0.48 93.08
N ILE C 509 3.73 0.73 94.40
CA ILE C 509 2.99 -0.19 95.20
C ILE C 509 1.84 0.51 95.83
N GLY C 510 0.90 -0.29 96.37
CA GLY C 510 -0.28 0.25 96.98
C GLY C 510 0.12 0.80 98.32
N ILE C 511 -0.85 1.40 99.03
CA ILE C 511 -0.53 2.00 100.29
C ILE C 511 -0.11 0.93 101.23
N PRO C 512 0.97 1.20 101.87
CA PRO C 512 1.53 0.29 102.83
C PRO C 512 0.74 0.34 104.09
N TYR C 513 0.83 -0.70 104.92
CA TYR C 513 0.10 -0.72 106.15
C TYR C 513 1.07 -0.80 107.27
N TRP C 514 0.82 -0.02 108.33
CA TRP C 514 1.70 -0.02 109.46
C TRP C 514 1.08 -0.98 110.43
N ASP C 515 1.61 -2.22 110.49
CA ASP C 515 1.04 -3.17 111.38
C ASP C 515 1.29 -2.67 112.77
N TRP C 516 0.26 -2.09 113.38
CA TRP C 516 0.36 -1.54 114.70
C TRP C 516 0.48 -2.68 115.66
N THR C 517 -0.19 -3.81 115.34
CA THR C 517 -0.28 -4.92 116.24
C THR C 517 1.09 -5.35 116.62
N GLU C 518 2.01 -5.46 115.65
CA GLU C 518 3.33 -5.88 116.01
C GLU C 518 3.88 -4.83 116.91
N PRO C 519 4.70 -5.22 117.84
CA PRO C 519 5.24 -4.23 118.72
C PRO C 519 6.18 -3.37 117.95
N MET C 520 6.25 -2.07 118.28
CA MET C 520 7.13 -1.21 117.55
C MET C 520 8.05 -0.57 118.52
N THR C 521 9.36 -0.62 118.19
CA THR C 521 10.32 0.01 119.05
C THR C 521 10.04 1.47 119.04
N HIS C 522 9.85 2.01 117.82
CA HIS C 522 9.58 3.41 117.69
C HIS C 522 8.90 3.64 116.39
N ILE C 523 8.75 4.93 116.02
CA ILE C 523 8.09 5.35 114.83
C ILE C 523 8.81 4.73 113.67
N PRO C 524 8.11 4.38 112.63
CA PRO C 524 8.70 3.73 111.50
C PRO C 524 9.78 4.53 110.86
N GLY C 525 9.70 5.86 110.91
CA GLY C 525 10.78 6.66 110.40
C GLY C 525 10.45 7.03 109.00
N LEU C 526 9.72 6.16 108.27
CA LEU C 526 9.39 6.58 106.95
C LEU C 526 8.52 7.78 107.15
N ALA C 527 7.51 7.60 108.02
CA ALA C 527 6.63 8.65 108.39
C ALA C 527 7.37 9.65 109.22
N GLY C 528 8.22 9.13 110.13
CA GLY C 528 8.90 9.92 111.12
C GLY C 528 9.87 10.89 110.54
N ASN C 529 10.63 10.50 109.50
CA ASN C 529 11.68 11.37 109.04
C ASN C 529 11.10 12.68 108.59
N LYS C 530 11.57 13.78 109.21
CA LYS C 530 11.10 15.09 108.87
C LYS C 530 11.54 15.43 107.49
N THR C 531 12.82 15.23 107.18
CA THR C 531 13.31 15.57 105.89
C THR C 531 13.84 14.32 105.27
N TYR C 532 13.58 14.13 103.96
CA TYR C 532 14.07 12.93 103.37
C TYR C 532 15.15 13.29 102.42
N VAL C 533 16.39 12.91 102.76
CA VAL C 533 17.44 13.18 101.83
C VAL C 533 17.64 11.93 101.05
N ASP C 534 17.00 11.84 99.88
CA ASP C 534 17.16 10.68 99.07
C ASP C 534 18.60 10.72 98.66
N SER C 535 19.08 11.94 98.43
CA SER C 535 20.42 12.22 98.01
C SER C 535 20.55 11.84 96.57
N HIS C 536 19.54 11.11 96.05
CA HIS C 536 19.55 10.83 94.65
C HIS C 536 19.29 12.15 94.02
N GLY C 537 18.31 12.86 94.59
CA GLY C 537 17.92 14.17 94.16
C GLY C 537 18.38 15.13 95.21
N ALA C 538 17.49 16.07 95.58
CA ALA C 538 17.81 17.04 96.58
C ALA C 538 16.96 16.73 97.77
N SER C 539 17.42 17.17 98.96
CA SER C 539 16.67 16.88 100.15
C SER C 539 15.42 17.69 100.13
N HIS C 540 14.34 17.12 100.70
CA HIS C 540 13.08 17.81 100.77
C HIS C 540 12.44 17.35 102.05
N THR C 541 11.24 17.88 102.34
CA THR C 541 10.56 17.42 103.52
C THR C 541 9.99 16.10 103.16
N ASN C 542 9.59 15.30 104.16
CA ASN C 542 9.01 14.05 103.84
C ASN C 542 7.55 14.28 103.74
N PRO C 543 6.99 13.96 102.60
CA PRO C 543 5.59 14.15 102.41
C PRO C 543 4.81 13.26 103.31
N PHE C 544 5.39 12.09 103.67
CA PHE C 544 4.75 11.18 104.57
C PHE C 544 4.71 11.84 105.89
N HIS C 545 5.77 12.59 106.21
CA HIS C 545 5.90 13.17 107.51
C HIS C 545 4.73 14.06 107.81
N SER C 546 4.37 14.99 106.90
CA SER C 546 3.31 15.87 107.31
C SER C 546 2.49 16.31 106.15
N SER C 547 1.41 17.04 106.47
CA SER C 547 0.51 17.59 105.51
C SER C 547 0.06 18.89 106.12
N VAL C 548 -0.68 19.72 105.37
CA VAL C 548 -1.10 20.97 105.93
C VAL C 548 -2.58 21.05 105.84
N ILE C 549 -3.20 21.84 106.75
CA ILE C 549 -4.63 21.99 106.67
C ILE C 549 -4.87 23.31 106.02
N ALA C 550 -5.28 23.27 104.75
CA ALA C 550 -5.46 24.47 103.98
C ALA C 550 -6.58 25.29 104.54
N PHE C 551 -7.73 24.68 104.84
CA PHE C 551 -8.85 25.50 105.25
C PHE C 551 -8.53 26.17 106.55
N GLU C 552 -8.07 25.40 107.55
CA GLU C 552 -7.80 26.03 108.80
C GLU C 552 -6.61 26.90 108.59
N GLU C 553 -5.78 26.50 107.63
CA GLU C 553 -4.57 27.21 107.33
C GLU C 553 -3.64 27.00 108.47
N ASN C 554 -3.94 25.95 109.27
CA ASN C 554 -3.08 25.57 110.34
C ASN C 554 -2.27 24.43 109.82
N ALA C 555 -1.30 23.96 110.61
CA ALA C 555 -0.54 22.84 110.17
C ALA C 555 -0.95 21.68 111.02
N PRO C 556 -1.06 20.55 110.41
CA PRO C 556 -1.44 19.38 111.15
C PRO C 556 -0.27 18.98 111.98
N HIS C 557 -0.52 18.40 113.17
CA HIS C 557 0.59 17.97 113.93
C HIS C 557 0.85 16.57 113.51
N THR C 558 1.39 16.44 112.29
CA THR C 558 1.69 15.15 111.76
C THR C 558 2.71 14.60 112.69
N LYS C 559 3.63 15.46 113.14
CA LYS C 559 4.53 15.02 114.14
C LYS C 559 3.70 15.11 115.39
N ARG C 560 2.77 14.14 115.50
CA ARG C 560 1.81 14.07 116.56
C ARG C 560 2.56 13.62 117.76
N GLN C 561 2.02 13.93 118.96
CA GLN C 561 2.72 13.50 120.12
C GLN C 561 2.35 12.08 120.36
N ILE C 562 3.36 11.20 120.50
CA ILE C 562 3.03 9.85 120.82
C ILE C 562 3.30 9.74 122.28
N ASP C 563 2.28 10.09 123.08
CA ASP C 563 2.41 10.09 124.51
C ASP C 563 2.64 8.70 124.97
N GLN C 564 1.92 7.73 124.39
CA GLN C 564 2.06 6.39 124.88
C GLN C 564 3.07 5.68 124.03
N ARG C 565 3.96 4.93 124.69
CA ARG C 565 4.93 4.17 123.95
C ARG C 565 4.24 2.90 123.56
N LEU C 566 4.05 2.72 122.26
CA LEU C 566 3.39 1.56 121.76
C LEU C 566 4.24 0.37 121.97
N PHE C 567 5.58 0.56 121.93
CA PHE C 567 6.50 -0.51 122.10
C PHE C 567 6.09 -1.26 123.33
N LYS C 568 5.58 -2.51 123.21
CA LYS C 568 5.09 -3.22 124.38
C LYS C 568 5.68 -4.60 124.44
N PRO C 569 6.10 -5.01 125.64
CA PRO C 569 6.60 -6.35 125.85
C PRO C 569 5.49 -7.37 125.83
N ALA C 570 5.75 -8.56 125.26
CA ALA C 570 4.74 -9.53 124.97
C ALA C 570 4.87 -10.63 125.97
N THR C 571 3.73 -11.24 126.32
CA THR C 571 3.79 -12.36 127.20
C THR C 571 4.63 -13.36 126.50
N PHE C 572 4.27 -13.62 125.22
CA PHE C 572 5.01 -14.54 124.43
C PHE C 572 4.99 -14.02 123.03
N GLY C 573 6.15 -13.51 122.56
CA GLY C 573 6.30 -13.10 121.19
C GLY C 573 5.18 -12.22 120.74
N HIS C 574 4.23 -12.83 120.00
CA HIS C 574 3.16 -12.13 119.34
C HIS C 574 2.20 -11.47 120.28
N HIS C 575 1.93 -12.07 121.46
CA HIS C 575 0.92 -11.53 122.35
C HIS C 575 1.17 -10.09 122.60
N THR C 576 0.18 -9.25 122.28
CA THR C 576 0.28 -7.84 122.52
C THR C 576 -1.08 -7.31 122.84
N ASP C 577 -1.15 -6.08 123.39
CA ASP C 577 -2.43 -5.52 123.76
C ASP C 577 -3.29 -5.42 122.54
N LEU C 578 -2.73 -4.82 121.47
CA LEU C 578 -3.51 -4.66 120.29
C LEU C 578 -3.84 -6.01 119.77
N PHE C 579 -2.89 -6.96 119.86
CA PHE C 579 -3.15 -8.27 119.36
C PHE C 579 -4.31 -8.81 120.09
N ASN C 580 -4.31 -8.68 121.42
CA ASN C 580 -5.35 -9.30 122.18
C ASN C 580 -6.66 -8.72 121.77
N GLN C 581 -6.75 -7.38 121.68
CA GLN C 581 -7.98 -6.72 121.38
C GLN C 581 -8.41 -7.12 120.02
N ILE C 582 -7.47 -7.09 119.07
CA ILE C 582 -7.80 -7.35 117.70
C ILE C 582 -8.23 -8.78 117.58
N LEU C 583 -7.52 -9.69 118.27
CA LEU C 583 -7.79 -11.09 118.17
C LEU C 583 -9.17 -11.32 118.69
N TYR C 584 -9.52 -10.62 119.78
CA TYR C 584 -10.81 -10.79 120.38
C TYR C 584 -11.83 -10.49 119.34
N ALA C 585 -11.62 -9.41 118.57
CA ALA C 585 -12.59 -9.02 117.59
C ALA C 585 -12.73 -10.15 116.62
N PHE C 586 -11.59 -10.75 116.23
CA PHE C 586 -11.60 -11.79 115.24
C PHE C 586 -12.41 -12.95 115.71
N GLU C 587 -12.37 -13.24 117.02
CA GLU C 587 -13.05 -14.38 117.55
C GLU C 587 -14.51 -14.34 117.18
N GLN C 588 -15.14 -13.17 117.28
CA GLN C 588 -16.56 -13.10 117.11
C GLN C 588 -16.99 -13.49 115.73
N GLU C 589 -18.00 -14.37 115.68
CA GLU C 589 -18.59 -14.92 114.47
C GLU C 589 -19.37 -13.90 113.72
N ASP C 590 -19.99 -12.96 114.46
CA ASP C 590 -20.93 -11.95 114.02
C ASP C 590 -20.14 -10.80 113.50
N TYR C 591 -20.57 -10.29 112.33
CA TYR C 591 -19.92 -9.17 111.70
C TYR C 591 -20.07 -7.97 112.57
N CYS C 592 -21.31 -7.71 113.03
CA CYS C 592 -21.58 -6.56 113.84
C CYS C 592 -20.89 -6.67 115.15
N ASP C 593 -20.85 -7.88 115.75
CA ASP C 593 -20.16 -8.03 117.00
C ASP C 593 -18.72 -7.71 116.77
N PHE C 594 -18.19 -8.16 115.62
CA PHE C 594 -16.81 -7.97 115.27
C PHE C 594 -16.52 -6.52 115.12
N GLU C 595 -17.43 -5.76 114.46
CA GLU C 595 -17.16 -4.40 114.13
C GLU C 595 -16.91 -3.60 115.36
N VAL C 596 -17.72 -3.79 116.40
CA VAL C 596 -17.56 -2.99 117.58
C VAL C 596 -16.18 -3.14 118.12
N GLN C 597 -15.74 -4.39 118.29
CA GLN C 597 -14.45 -4.65 118.86
C GLN C 597 -13.40 -4.12 117.92
N PHE C 598 -13.62 -4.35 116.60
CA PHE C 598 -12.65 -3.98 115.62
C PHE C 598 -12.48 -2.49 115.58
N GLU C 599 -13.59 -1.74 115.62
CA GLU C 599 -13.52 -0.31 115.51
C GLU C 599 -12.77 0.25 116.67
N ILE C 600 -13.02 -0.27 117.88
CA ILE C 600 -12.41 0.31 119.05
C ILE C 600 -10.92 0.18 118.95
N THR C 601 -10.43 -0.98 118.53
CA THR C 601 -9.02 -1.18 118.42
C THR C 601 -8.47 -0.18 117.46
N HIS C 602 -9.25 0.09 116.39
CA HIS C 602 -8.87 1.00 115.36
C HIS C 602 -8.62 2.34 115.97
N ASN C 603 -9.48 2.74 116.92
CA ASN C 603 -9.45 4.04 117.52
C ASN C 603 -8.15 4.25 118.26
N THR C 604 -7.59 3.19 118.84
CA THR C 604 -6.45 3.36 119.70
C THR C 604 -5.32 4.02 118.97
N ILE C 605 -5.09 3.66 117.70
CA ILE C 605 -3.97 4.19 116.97
C ILE C 605 -4.11 5.67 116.87
N HIS C 606 -5.34 6.14 116.57
CA HIS C 606 -5.50 7.55 116.37
C HIS C 606 -5.14 8.27 117.63
N ALA C 607 -5.66 7.80 118.78
CA ALA C 607 -5.42 8.49 120.02
C ALA C 607 -3.96 8.45 120.35
N TRP C 608 -3.32 7.28 120.20
CA TRP C 608 -1.95 7.17 120.59
C TRP C 608 -1.11 8.08 119.77
N THR C 609 -1.26 7.99 118.43
CA THR C 609 -0.41 8.77 117.58
C THR C 609 -0.67 10.22 117.79
N GLY C 610 -1.94 10.66 117.72
CA GLY C 610 -2.26 12.06 117.76
C GLY C 610 -1.86 12.64 119.08
N GLY C 611 -2.19 11.96 120.19
CA GLY C 611 -1.82 12.50 121.46
C GLY C 611 -2.68 13.71 121.74
N SER C 612 -2.10 14.65 122.48
CA SER C 612 -2.76 15.85 122.94
C SER C 612 -3.02 16.80 121.81
N GLU C 613 -2.24 16.73 120.71
CA GLU C 613 -2.39 17.73 119.70
C GLU C 613 -3.78 17.72 119.15
N HIS C 614 -4.37 18.93 119.08
CA HIS C 614 -5.70 19.12 118.61
C HIS C 614 -5.74 18.78 117.15
N PHE C 615 -4.75 19.29 116.38
CA PHE C 615 -4.79 19.02 114.98
C PHE C 615 -3.94 17.81 114.78
N SER C 616 -4.59 16.64 114.60
CA SER C 616 -3.80 15.46 114.44
C SER C 616 -4.71 14.30 114.25
N MET C 617 -4.15 13.09 114.41
CA MET C 617 -4.85 11.86 114.28
C MET C 617 -5.87 11.81 115.36
N SER C 618 -5.55 12.42 116.52
CA SER C 618 -6.41 12.37 117.67
C SER C 618 -7.73 13.03 117.36
N SER C 619 -7.78 13.97 116.39
CA SER C 619 -9.03 14.64 116.14
C SER C 619 -9.68 14.01 114.95
N LEU C 620 -11.03 13.89 115.01
CA LEU C 620 -11.78 13.28 113.95
C LEU C 620 -11.67 14.14 112.74
N HIS C 621 -11.83 15.46 112.89
CA HIS C 621 -11.83 16.33 111.75
C HIS C 621 -10.49 16.27 111.07
N TYR C 622 -9.43 16.50 111.87
CA TYR C 622 -8.06 16.64 111.48
C TYR C 622 -7.41 15.39 110.99
N THR C 623 -7.82 14.22 111.50
CA THR C 623 -7.10 12.99 111.30
C THR C 623 -6.81 12.74 109.84
N ALA C 624 -7.74 13.07 108.94
CA ALA C 624 -7.55 12.74 107.55
C ALA C 624 -6.29 13.37 107.05
N PHE C 625 -5.95 14.58 107.54
CA PHE C 625 -4.82 15.29 107.05
C PHE C 625 -3.55 14.50 107.25
N ASP C 626 -3.36 13.89 108.43
CA ASP C 626 -2.13 13.19 108.65
C ASP C 626 -2.00 12.06 107.67
N PRO C 627 -0.81 11.94 107.14
CA PRO C 627 -0.52 10.89 106.20
C PRO C 627 -0.50 9.52 106.83
N LEU C 628 -0.34 9.45 108.17
CA LEU C 628 -0.28 8.18 108.85
C LEU C 628 -1.61 7.54 108.69
N PHE C 629 -2.65 8.38 108.53
CA PHE C 629 -4.01 7.97 108.47
C PHE C 629 -4.12 6.92 107.41
N TYR C 630 -3.52 7.16 106.24
CA TYR C 630 -3.59 6.20 105.18
C TYR C 630 -2.92 4.93 105.60
N PHE C 631 -1.74 5.05 106.24
CA PHE C 631 -1.00 3.88 106.60
C PHE C 631 -1.82 3.04 107.53
N HIS C 632 -2.37 3.65 108.60
CA HIS C 632 -3.09 2.91 109.57
C HIS C 632 -4.30 2.26 108.98
N HIS C 633 -5.07 3.01 108.18
CA HIS C 633 -6.28 2.46 107.66
C HIS C 633 -5.96 1.32 106.76
N SER C 634 -4.82 1.39 106.06
CA SER C 634 -4.49 0.29 105.19
C SER C 634 -4.40 -0.94 106.04
N ASN C 635 -3.77 -0.84 107.21
CA ASN C 635 -3.61 -1.99 108.06
C ASN C 635 -4.95 -2.45 108.51
N VAL C 636 -5.78 -1.50 108.96
CA VAL C 636 -7.08 -1.76 109.51
C VAL C 636 -7.85 -2.49 108.45
N ASP C 637 -7.74 -2.00 107.21
CA ASP C 637 -8.44 -2.60 106.12
C ASP C 637 -7.92 -4.00 106.02
N ARG C 638 -6.61 -4.18 106.23
CA ARG C 638 -6.03 -5.49 106.12
C ARG C 638 -6.66 -6.37 107.13
N LEU C 639 -6.83 -5.89 108.38
CA LEU C 639 -7.38 -6.75 109.38
C LEU C 639 -8.77 -7.09 108.97
N TRP C 640 -9.52 -6.15 108.40
CA TRP C 640 -10.87 -6.44 108.02
C TRP C 640 -10.82 -7.56 107.03
N ALA C 641 -9.91 -7.47 106.05
CA ALA C 641 -9.82 -8.47 105.03
C ALA C 641 -9.45 -9.76 105.69
N VAL C 642 -8.54 -9.69 106.69
CA VAL C 642 -8.11 -10.88 107.36
C VAL C 642 -9.30 -11.53 107.98
N TRP C 643 -10.19 -10.71 108.58
CA TRP C 643 -11.34 -11.23 109.24
C TRP C 643 -12.16 -11.96 108.23
N GLN C 644 -12.34 -11.36 107.04
CA GLN C 644 -13.15 -12.02 106.06
C GLN C 644 -12.49 -13.30 105.67
N ALA C 645 -11.14 -13.29 105.56
CA ALA C 645 -10.45 -14.48 105.18
C ALA C 645 -10.66 -15.53 106.22
N LEU C 646 -10.61 -15.13 107.51
CA LEU C 646 -10.78 -16.04 108.59
C LEU C 646 -12.15 -16.60 108.47
N GLN C 647 -13.12 -15.74 108.15
CA GLN C 647 -14.48 -16.19 108.06
C GLN C 647 -14.50 -17.24 107.01
N MET C 648 -13.75 -17.02 105.91
CA MET C 648 -13.76 -17.92 104.80
C MET C 648 -13.30 -19.25 105.30
N ARG C 649 -12.30 -19.27 106.19
CA ARG C 649 -11.82 -20.51 106.72
C ARG C 649 -12.96 -21.13 107.47
N ARG C 650 -13.72 -20.27 108.16
CA ARG C 650 -14.88 -20.66 108.91
C ARG C 650 -15.92 -21.11 107.94
N HIS C 651 -15.71 -20.78 106.65
CA HIS C 651 -16.63 -21.06 105.59
C HIS C 651 -17.79 -20.12 105.75
N LYS C 652 -17.48 -18.94 106.27
CA LYS C 652 -18.40 -17.85 106.38
C LYS C 652 -18.03 -16.93 105.27
N PRO C 653 -18.95 -16.75 104.38
CA PRO C 653 -18.82 -15.97 103.20
C PRO C 653 -18.93 -14.51 103.50
N TYR C 654 -18.83 -13.74 102.41
CA TYR C 654 -18.90 -12.32 102.34
C TYR C 654 -20.27 -11.89 102.77
N ARG C 655 -21.31 -12.71 102.51
CA ARG C 655 -22.66 -12.36 102.82
C ARG C 655 -22.75 -11.91 104.24
N ALA C 656 -23.34 -10.72 104.48
CA ALA C 656 -23.39 -10.24 105.83
C ALA C 656 -24.80 -10.39 106.28
N HIS C 657 -25.00 -10.93 107.51
CA HIS C 657 -26.27 -11.09 108.17
C HIS C 657 -26.81 -9.80 108.74
N CYS C 658 -25.91 -8.96 109.32
CA CYS C 658 -26.23 -7.75 110.00
C CYS C 658 -26.19 -6.58 109.08
N ALA C 659 -26.85 -5.50 109.54
CA ALA C 659 -26.89 -4.21 108.92
C ALA C 659 -27.22 -4.31 107.48
N ILE C 660 -28.32 -4.99 107.15
CA ILE C 660 -28.70 -5.11 105.78
C ILE C 660 -29.11 -3.76 105.27
N SER C 661 -29.92 -3.03 106.05
CA SER C 661 -30.41 -1.77 105.58
C SER C 661 -29.28 -0.82 105.37
N LEU C 662 -28.28 -0.84 106.27
CA LEU C 662 -27.17 0.05 106.20
C LEU C 662 -26.37 -0.21 104.95
N GLU C 663 -26.22 -1.50 104.59
CA GLU C 663 -25.37 -1.84 103.48
C GLU C 663 -25.90 -1.27 102.20
N HIS C 664 -27.24 -1.22 102.03
CA HIS C 664 -27.82 -0.77 100.80
C HIS C 664 -27.43 0.66 100.53
N MET C 665 -27.45 1.53 101.55
CA MET C 665 -27.21 2.92 101.31
C MET C 665 -25.84 3.11 100.75
N HIS C 666 -25.73 4.06 99.80
CA HIS C 666 -24.47 4.37 99.17
C HIS C 666 -23.70 5.24 100.10
N LEU C 667 -22.35 5.19 100.02
CA LEU C 667 -21.57 6.00 100.89
C LEU C 667 -21.06 7.18 100.12
N LYS C 668 -21.36 8.38 100.63
CA LYS C 668 -20.91 9.60 100.04
C LYS C 668 -19.58 9.85 100.68
N PRO C 669 -18.79 10.79 100.21
CA PRO C 669 -19.11 11.57 99.05
C PRO C 669 -18.86 10.75 97.83
N PHE C 670 -18.48 9.47 98.01
CA PHE C 670 -18.11 8.64 96.91
C PHE C 670 -19.26 8.58 95.95
N ALA C 671 -20.49 8.52 96.49
CA ALA C 671 -21.68 8.47 95.67
C ALA C 671 -21.74 9.73 94.86
N PHE C 672 -21.42 10.92 95.39
CA PHE C 672 -21.63 12.15 94.64
C PHE C 672 -20.90 12.07 93.33
N SER C 673 -21.73 12.07 92.25
CA SER C 673 -21.41 12.10 90.85
C SER C 673 -21.12 13.51 90.39
N SER C 674 -22.07 14.45 90.69
CA SER C 674 -22.00 15.85 90.35
C SER C 674 -21.05 16.63 91.24
N PRO C 675 -21.09 16.48 92.55
CA PRO C 675 -20.06 17.06 93.37
C PRO C 675 -18.79 16.25 93.23
N LEU C 676 -17.69 16.75 93.80
CA LEU C 676 -16.33 16.34 93.56
C LEU C 676 -15.91 14.92 93.93
N ASN C 677 -16.07 13.93 93.02
CA ASN C 677 -15.21 12.78 93.06
C ASN C 677 -14.82 12.40 91.68
N ASN C 678 -13.50 12.44 91.43
CA ASN C 678 -12.89 12.11 90.19
C ASN C 678 -12.97 10.63 89.93
N ASN C 679 -12.75 9.81 90.99
CA ASN C 679 -12.62 8.39 90.81
C ASN C 679 -13.96 7.76 90.54
N GLU C 680 -14.07 7.13 89.36
CA GLU C 680 -15.25 6.43 88.94
C GLU C 680 -15.40 5.17 89.73
N LYS C 681 -14.27 4.49 90.01
CA LYS C 681 -14.28 3.20 90.65
C LYS C 681 -14.92 3.33 92.00
N THR C 682 -14.56 4.36 92.78
CA THR C 682 -15.14 4.50 94.08
C THR C 682 -16.60 4.72 93.92
N HIS C 683 -16.98 5.50 92.89
CA HIS C 683 -18.36 5.80 92.67
C HIS C 683 -19.07 4.51 92.44
N ALA C 684 -18.44 3.59 91.68
CA ALA C 684 -19.10 2.36 91.36
C ALA C 684 -19.42 1.60 92.61
N ASN C 685 -18.46 1.50 93.55
CA ASN C 685 -18.78 0.71 94.71
C ASN C 685 -19.13 1.61 95.84
N ALA C 686 -20.13 2.48 95.64
CA ALA C 686 -20.57 3.35 96.69
C ALA C 686 -21.18 2.50 97.76
N MET C 687 -21.97 1.49 97.33
CA MET C 687 -22.67 0.66 98.26
C MET C 687 -21.66 -0.16 98.99
N PRO C 688 -21.88 -0.26 100.26
CA PRO C 688 -21.00 -1.02 101.10
C PRO C 688 -21.07 -2.49 100.86
N ASN C 689 -22.18 -2.98 100.27
CA ASN C 689 -22.30 -4.39 100.04
C ASN C 689 -21.23 -4.77 99.06
N LYS C 690 -21.02 -3.91 98.05
CA LYS C 690 -20.05 -4.13 97.01
C LYS C 690 -18.68 -4.14 97.61
N ILE C 691 -18.51 -3.38 98.71
CA ILE C 691 -17.26 -3.13 99.37
C ILE C 691 -16.63 -4.42 99.82
N TYR C 692 -17.44 -5.40 100.28
CA TYR C 692 -16.89 -6.57 100.91
C TYR C 692 -15.89 -7.25 100.01
N ASP C 693 -16.23 -7.52 98.74
CA ASP C 693 -15.26 -8.19 97.92
C ASP C 693 -14.30 -7.18 97.41
N TYR C 694 -13.21 -6.96 98.16
CA TYR C 694 -12.23 -5.99 97.79
C TYR C 694 -11.48 -6.42 96.56
N GLU C 695 -11.10 -7.71 96.50
CA GLU C 695 -10.24 -8.14 95.43
C GLU C 695 -10.88 -7.93 94.09
N ASN C 696 -12.10 -8.44 93.90
CA ASN C 696 -12.66 -8.37 92.58
C ASN C 696 -12.89 -6.95 92.19
N VAL C 697 -13.67 -6.20 93.00
CA VAL C 697 -13.98 -4.86 92.61
C VAL C 697 -12.80 -3.96 92.67
N LEU C 698 -12.12 -3.90 93.84
CA LEU C 698 -11.06 -2.95 94.03
C LEU C 698 -9.88 -3.35 93.21
N HIS C 699 -9.63 -4.67 93.11
CA HIS C 699 -8.47 -5.16 92.42
C HIS C 699 -7.22 -4.70 93.11
N TYR C 700 -7.20 -4.80 94.47
CA TYR C 700 -6.00 -4.53 95.20
C TYR C 700 -5.82 -5.71 96.10
N THR C 701 -4.56 -6.08 96.39
CA THR C 701 -4.33 -7.21 97.23
C THR C 701 -3.37 -6.84 98.31
N TYR C 702 -3.14 -7.77 99.26
CA TYR C 702 -2.22 -7.55 100.32
C TYR C 702 -1.15 -8.58 100.15
N GLU C 703 0.09 -8.24 100.53
CA GLU C 703 1.14 -9.19 100.31
C GLU C 703 0.81 -10.42 101.08
N ASP C 704 0.40 -10.27 102.36
CA ASP C 704 0.08 -11.44 103.11
C ASP C 704 -1.13 -11.17 103.93
N LEU C 705 -2.02 -12.17 104.06
CA LEU C 705 -3.12 -12.00 104.95
C LEU C 705 -2.79 -12.83 106.13
N THR C 706 -1.97 -12.26 107.04
CA THR C 706 -1.62 -12.96 108.25
C THR C 706 -1.74 -12.00 109.36
N PHE C 707 -1.98 -12.52 110.57
CA PHE C 707 -2.04 -11.65 111.70
C PHE C 707 -0.99 -12.14 112.63
N GLY C 708 0.11 -11.39 112.78
CA GLY C 708 1.12 -11.75 113.73
C GLY C 708 1.90 -12.91 113.18
N GLY C 709 1.78 -13.18 111.88
CA GLY C 709 2.53 -14.28 111.33
C GLY C 709 1.77 -15.53 111.59
N ILE C 710 0.50 -15.39 112.04
CA ILE C 710 -0.31 -16.53 112.30
C ILE C 710 -1.02 -16.85 111.03
N SER C 711 -0.97 -18.12 110.61
CA SER C 711 -1.65 -18.48 109.40
C SER C 711 -3.11 -18.36 109.70
N LEU C 712 -3.93 -18.27 108.63
CA LEU C 712 -5.34 -18.13 108.84
C LEU C 712 -5.81 -19.34 109.55
N GLU C 713 -5.32 -20.51 109.13
CA GLU C 713 -5.72 -21.74 109.75
C GLU C 713 -5.26 -21.70 111.17
N ASN C 714 -4.01 -21.26 111.39
CA ASN C 714 -3.43 -21.25 112.70
C ASN C 714 -4.22 -20.35 113.61
N ILE C 715 -4.63 -19.17 113.10
CA ILE C 715 -5.30 -18.26 113.98
C ILE C 715 -6.59 -18.88 114.44
N GLU C 716 -7.30 -19.56 113.53
CA GLU C 716 -8.58 -20.10 113.87
C GLU C 716 -8.38 -21.07 115.00
N LYS C 717 -7.36 -21.94 114.92
CA LYS C 717 -7.21 -22.89 115.98
C LYS C 717 -6.83 -22.17 117.24
N MET C 718 -6.06 -21.08 117.09
CA MET C 718 -5.58 -20.30 118.20
C MET C 718 -6.74 -19.73 118.95
N ILE C 719 -7.78 -19.28 118.23
CA ILE C 719 -8.91 -18.65 118.87
C ILE C 719 -9.53 -19.64 119.79
N HIS C 720 -9.58 -20.91 119.37
CA HIS C 720 -10.21 -21.92 120.18
C HIS C 720 -9.50 -22.01 121.49
N GLU C 721 -8.17 -21.86 121.48
CA GLU C 721 -7.38 -21.99 122.67
C GLU C 721 -7.81 -20.98 123.69
N ASN C 722 -8.05 -19.73 123.28
CA ASN C 722 -8.38 -18.71 124.22
C ASN C 722 -9.69 -19.03 124.87
N GLN C 723 -10.58 -19.70 124.13
CA GLN C 723 -11.91 -20.03 124.54
C GLN C 723 -11.87 -20.86 125.78
N GLN C 724 -10.88 -21.78 125.86
CA GLN C 724 -10.81 -22.73 126.93
C GLN C 724 -10.62 -22.06 128.27
N GLU C 725 -9.90 -20.90 128.29
CA GLU C 725 -9.54 -20.04 129.41
C GLU C 725 -10.72 -19.25 129.95
N ASP C 726 -10.86 -19.21 131.31
CA ASP C 726 -11.93 -18.56 132.05
C ASP C 726 -11.88 -17.08 131.86
N ARG C 727 -13.01 -16.40 131.56
CA ARG C 727 -12.79 -15.00 131.37
C ARG C 727 -13.97 -14.15 131.77
N ILE C 728 -13.76 -13.09 132.55
CA ILE C 728 -14.80 -12.20 132.97
C ILE C 728 -14.51 -10.96 132.21
N TYR C 729 -15.57 -10.30 131.71
CA TYR C 729 -15.33 -9.14 130.91
C TYR C 729 -16.13 -8.04 131.52
N ALA C 730 -15.70 -6.79 131.29
CA ALA C 730 -16.46 -5.68 131.72
C ALA C 730 -17.03 -5.13 130.47
N GLY C 731 -18.32 -4.77 130.47
CA GLY C 731 -18.87 -4.29 129.25
C GLY C 731 -19.05 -2.82 129.37
N PHE C 732 -18.70 -2.08 128.31
CA PHE C 732 -18.87 -0.67 128.36
C PHE C 732 -19.82 -0.31 127.27
N LEU C 733 -20.83 0.51 127.59
CA LEU C 733 -21.71 0.95 126.56
C LEU C 733 -21.12 2.22 126.09
N LEU C 734 -20.76 2.30 124.79
CA LEU C 734 -20.12 3.52 124.41
C LEU C 734 -20.99 4.26 123.46
N ALA C 735 -21.65 5.31 123.97
CA ALA C 735 -22.31 6.18 123.05
C ALA C 735 -21.33 7.31 122.98
N GLY C 736 -20.44 7.26 121.97
CA GLY C 736 -19.41 8.25 121.93
C GLY C 736 -20.02 9.58 121.66
N ILE C 737 -20.03 10.43 122.72
CA ILE C 737 -20.66 11.75 122.80
C ILE C 737 -19.91 12.95 122.22
N ARG C 738 -18.64 13.20 122.57
CA ARG C 738 -18.08 14.47 122.15
C ARG C 738 -16.78 14.30 121.45
N THR C 739 -15.77 15.15 121.80
CA THR C 739 -14.43 15.10 121.29
C THR C 739 -13.84 13.82 121.76
N SER C 740 -12.73 13.41 121.12
CA SER C 740 -12.16 12.12 121.37
C SER C 740 -11.71 12.12 122.80
N ALA C 741 -11.71 10.93 123.41
CA ALA C 741 -11.26 10.82 124.78
C ALA C 741 -10.68 9.48 124.97
N ASN C 742 -9.81 9.32 125.98
CA ASN C 742 -9.19 8.08 126.33
C ASN C 742 -9.75 7.69 127.65
N VAL C 743 -10.02 6.39 127.85
CA VAL C 743 -10.59 6.01 129.11
C VAL C 743 -9.81 4.89 129.71
N ASP C 744 -9.40 5.07 130.99
CA ASP C 744 -8.71 4.03 131.70
C ASP C 744 -9.58 3.64 132.85
N ILE C 745 -9.66 2.32 133.12
CA ILE C 745 -10.53 1.87 134.16
C ILE C 745 -9.75 1.00 135.09
N PHE C 746 -10.05 1.12 136.39
CA PHE C 746 -9.39 0.31 137.38
C PHE C 746 -10.44 -0.21 138.31
N ILE C 747 -10.15 -1.35 138.97
CA ILE C 747 -11.14 -1.90 139.84
C ILE C 747 -10.73 -1.68 141.25
N LYS C 748 -11.64 -1.06 142.02
CA LYS C 748 -11.37 -0.75 143.39
C LYS C 748 -11.97 -1.82 144.22
N THR C 749 -11.23 -2.23 145.27
CA THR C 749 -11.73 -3.25 146.15
C THR C 749 -12.32 -2.55 147.33
N THR C 750 -12.91 -3.34 148.25
CA THR C 750 -13.46 -2.81 149.46
C THR C 750 -12.30 -2.26 150.21
N ASP C 751 -11.15 -2.93 150.04
CA ASP C 751 -9.90 -2.58 150.63
C ASP C 751 -9.57 -1.23 150.11
N SER C 752 -10.20 -0.84 148.98
CA SER C 752 -9.93 0.41 148.36
C SER C 752 -8.60 0.33 147.72
N VAL C 753 -8.16 -0.91 147.44
CA VAL C 753 -6.96 -1.12 146.71
C VAL C 753 -7.42 -1.17 145.29
N GLN C 754 -6.76 -0.43 144.39
CA GLN C 754 -7.24 -0.43 143.04
C GLN C 754 -6.13 -0.83 142.13
N HIS C 755 -6.46 -1.55 141.04
CA HIS C 755 -5.46 -1.93 140.07
C HIS C 755 -6.01 -1.49 138.75
N LYS C 756 -5.13 -1.19 137.78
CA LYS C 756 -5.68 -0.69 136.55
C LYS C 756 -6.13 -1.83 135.70
N ALA C 757 -7.43 -1.84 135.39
CA ALA C 757 -8.03 -2.87 134.60
C ALA C 757 -7.52 -2.84 133.19
N GLY C 758 -7.48 -1.64 132.57
CA GLY C 758 -7.05 -1.59 131.19
C GLY C 758 -7.58 -0.31 130.61
N THR C 759 -7.33 -0.11 129.30
CA THR C 759 -7.76 1.13 128.71
C THR C 759 -8.22 0.89 127.30
N PHE C 760 -9.05 1.83 126.79
CA PHE C 760 -9.52 1.85 125.43
C PHE C 760 -9.76 3.29 125.10
N ALA C 761 -9.95 3.63 123.81
CA ALA C 761 -10.13 5.03 123.49
C ALA C 761 -11.16 5.15 122.41
N VAL C 762 -11.78 6.35 122.31
CA VAL C 762 -12.76 6.58 121.29
C VAL C 762 -12.38 7.84 120.58
N LEU C 763 -12.62 7.87 119.25
CA LEU C 763 -12.30 9.00 118.45
C LEU C 763 -13.58 9.70 118.13
N GLY C 764 -13.56 11.05 118.10
CA GLY C 764 -14.77 11.73 117.79
C GLY C 764 -14.47 13.19 117.67
N GLY C 765 -15.46 13.94 117.14
CA GLY C 765 -15.34 15.34 116.96
C GLY C 765 -16.72 15.90 117.06
N SER C 766 -16.85 17.23 117.10
CA SER C 766 -18.14 17.84 117.20
C SER C 766 -18.90 17.54 115.96
N LYS C 767 -18.18 17.54 114.82
CA LYS C 767 -18.78 17.36 113.52
C LYS C 767 -19.39 16.01 113.40
N GLU C 768 -18.80 14.99 114.04
CA GLU C 768 -19.23 13.62 113.87
C GLU C 768 -20.70 13.53 114.16
N MET C 769 -21.38 12.64 113.39
CA MET C 769 -22.78 12.41 113.58
C MET C 769 -22.91 11.61 114.83
N LYS C 770 -24.06 11.73 115.52
CA LYS C 770 -24.24 11.03 116.75
C LYS C 770 -24.34 9.57 116.45
N TRP C 771 -23.69 8.74 117.28
CA TRP C 771 -23.77 7.32 117.11
C TRP C 771 -23.73 6.70 118.47
N GLY C 772 -24.22 5.45 118.56
CA GLY C 772 -24.21 4.74 119.80
C GLY C 772 -24.17 3.29 119.46
N PHE C 773 -23.36 2.51 120.19
CA PHE C 773 -23.28 1.11 119.89
C PHE C 773 -24.49 0.44 120.43
N ASP C 774 -25.07 -0.47 119.62
CA ASP C 774 -26.21 -1.22 120.04
C ASP C 774 -25.78 -2.13 121.12
N ARG C 775 -24.57 -2.70 120.93
CA ARG C 775 -24.06 -3.69 121.84
C ARG C 775 -22.97 -3.09 122.63
N VAL C 776 -22.61 -3.77 123.74
CA VAL C 776 -21.60 -3.34 124.66
C VAL C 776 -20.26 -3.75 124.13
N PHE C 777 -19.21 -3.04 124.57
CA PHE C 777 -17.86 -3.36 124.21
C PHE C 777 -17.31 -4.13 125.37
N LYS C 778 -16.62 -5.25 125.09
CA LYS C 778 -16.15 -6.08 126.16
C LYS C 778 -14.66 -5.96 126.27
N PHE C 779 -14.17 -6.05 127.51
CA PHE C 779 -12.77 -6.00 127.80
C PHE C 779 -12.54 -7.12 128.78
N ASP C 780 -11.30 -7.65 128.87
CA ASP C 780 -11.09 -8.79 129.72
C ASP C 780 -10.51 -8.35 131.03
N ILE C 781 -11.36 -8.41 132.07
CA ILE C 781 -11.13 -8.11 133.45
C ILE C 781 -10.29 -9.18 134.10
N THR C 782 -10.43 -10.43 133.62
CA THR C 782 -10.05 -11.64 134.31
C THR C 782 -8.71 -11.57 134.97
N HIS C 783 -7.65 -11.17 134.27
CA HIS C 783 -6.34 -11.26 134.87
C HIS C 783 -6.29 -10.44 136.13
N VAL C 784 -6.79 -9.20 136.09
CA VAL C 784 -6.70 -8.36 137.25
C VAL C 784 -7.47 -8.95 138.39
N LEU C 785 -8.70 -9.42 138.13
CA LEU C 785 -9.53 -9.90 139.19
C LEU C 785 -8.86 -11.05 139.84
N LYS C 786 -8.21 -11.92 139.06
CA LYS C 786 -7.57 -13.07 139.61
C LYS C 786 -6.54 -12.62 140.59
N ASP C 787 -5.75 -11.61 140.18
CA ASP C 787 -4.67 -11.14 141.00
C ASP C 787 -5.25 -10.67 142.28
N LEU C 788 -6.37 -9.94 142.20
CA LEU C 788 -7.02 -9.44 143.37
C LEU C 788 -7.52 -10.62 144.13
N ASP C 789 -7.85 -11.70 143.40
CA ASP C 789 -8.43 -12.87 143.98
C ASP C 789 -9.79 -12.48 144.42
N LEU C 790 -10.32 -11.39 143.85
CA LEU C 790 -11.66 -11.00 144.17
C LEU C 790 -12.54 -11.89 143.36
N THR C 791 -13.71 -12.25 143.91
CA THR C 791 -14.57 -13.08 143.12
C THR C 791 -15.40 -12.19 142.27
N ALA C 792 -16.01 -12.75 141.20
CA ALA C 792 -16.79 -11.96 140.31
C ALA C 792 -17.95 -11.42 141.07
N ASP C 793 -18.50 -12.26 141.94
CA ASP C 793 -19.67 -11.98 142.73
C ASP C 793 -19.34 -10.93 143.74
N GLY C 794 -18.07 -10.86 144.18
CA GLY C 794 -17.67 -9.97 145.22
C GLY C 794 -17.97 -8.56 144.82
N ASP C 795 -18.10 -7.69 145.85
CA ASP C 795 -18.43 -6.31 145.62
C ASP C 795 -17.16 -5.53 145.48
N PHE C 796 -16.92 -5.04 144.26
CA PHE C 796 -15.76 -4.23 143.99
C PHE C 796 -16.25 -3.04 143.22
N GLU C 797 -15.72 -1.85 143.56
CA GLU C 797 -16.13 -0.66 142.86
C GLU C 797 -15.35 -0.60 141.59
N VAL C 798 -15.94 0.01 140.55
CA VAL C 798 -15.19 0.16 139.34
C VAL C 798 -15.06 1.64 139.14
N THR C 799 -13.81 2.12 138.96
CA THR C 799 -13.65 3.52 138.76
C THR C 799 -13.10 3.71 137.39
N VAL C 800 -13.65 4.70 136.66
CA VAL C 800 -13.19 4.94 135.33
C VAL C 800 -12.70 6.35 135.26
N ASP C 801 -11.58 6.56 134.57
CA ASP C 801 -11.07 7.88 134.40
C ASP C 801 -11.15 8.16 132.94
N ILE C 802 -11.89 9.22 132.56
CA ILE C 802 -11.99 9.54 131.18
C ILE C 802 -11.21 10.80 131.00
N THR C 803 -10.18 10.76 130.14
CA THR C 803 -9.39 11.95 129.95
C THR C 803 -9.61 12.39 128.55
N GLU C 804 -9.81 13.71 128.38
CA GLU C 804 -10.01 14.27 127.08
C GLU C 804 -8.67 14.37 126.44
N VAL C 805 -8.66 14.54 125.11
CA VAL C 805 -7.42 14.66 124.39
C VAL C 805 -6.75 15.87 124.95
N ASP C 806 -7.57 16.88 125.33
CA ASP C 806 -7.06 18.09 125.88
C ASP C 806 -6.34 17.73 127.14
N GLY C 807 -6.81 16.68 127.84
CA GLY C 807 -6.16 16.28 129.05
C GLY C 807 -6.96 16.78 130.20
N THR C 808 -8.07 17.49 129.90
CA THR C 808 -8.92 17.96 130.95
C THR C 808 -9.61 16.75 131.50
N LYS C 809 -9.97 16.79 132.79
CA LYS C 809 -10.60 15.64 133.39
C LYS C 809 -12.02 15.62 132.92
N LEU C 810 -12.56 14.40 132.72
CA LEU C 810 -13.90 14.24 132.24
C LEU C 810 -14.66 13.51 133.30
N ALA C 811 -15.91 13.94 133.57
CA ALA C 811 -16.69 13.36 134.63
C ALA C 811 -17.07 11.96 134.27
N SER C 812 -17.13 11.08 135.29
CA SER C 812 -17.44 9.69 135.09
C SER C 812 -18.87 9.58 134.69
N SER C 813 -19.65 10.65 134.88
CA SER C 813 -21.05 10.61 134.61
C SER C 813 -21.25 10.29 133.16
N LEU C 814 -20.24 10.59 132.32
CA LEU C 814 -20.39 10.34 130.91
C LEU C 814 -20.60 8.88 130.70
N ILE C 815 -19.86 8.03 131.43
CA ILE C 815 -19.98 6.62 131.20
C ILE C 815 -20.83 6.01 132.26
N PRO C 816 -21.73 5.17 131.83
CA PRO C 816 -22.57 4.45 132.73
C PRO C 816 -21.77 3.35 133.33
N HIS C 817 -22.22 2.79 134.47
CA HIS C 817 -21.46 1.76 135.12
C HIS C 817 -21.39 0.60 134.18
N ALA C 818 -20.18 -0.01 134.07
CA ALA C 818 -20.00 -1.12 133.20
C ALA C 818 -20.53 -2.35 133.88
N SER C 819 -21.09 -3.28 133.09
CA SER C 819 -21.56 -4.51 133.65
C SER C 819 -20.42 -5.46 133.62
N VAL C 820 -20.49 -6.50 134.47
CA VAL C 820 -19.46 -7.51 134.46
C VAL C 820 -20.08 -8.78 134.01
N ILE C 821 -19.46 -9.40 132.99
CA ILE C 821 -20.02 -10.63 132.55
C ILE C 821 -18.97 -11.68 132.71
N ARG C 822 -19.38 -12.85 133.21
CA ARG C 822 -18.40 -13.88 133.46
C ARG C 822 -18.65 -14.96 132.48
N GLU C 823 -17.56 -15.42 131.84
CA GLU C 823 -17.59 -16.45 130.85
C GLU C 823 -16.95 -17.65 131.45
N HIS C 824 -17.72 -18.74 131.60
CA HIS C 824 -17.15 -19.95 132.11
C HIS C 824 -16.54 -20.63 130.95
N ALA C 825 -15.63 -21.59 131.26
CA ALA C 825 -14.85 -22.40 130.38
C ALA C 825 -15.67 -23.44 129.69
N ARG C 826 -15.22 -23.73 128.46
CA ARG C 826 -15.77 -24.69 127.56
C ARG C 826 -14.60 -25.57 127.22
N VAL C 827 -14.86 -26.65 126.46
CA VAL C 827 -13.89 -27.61 126.02
C VAL C 827 -13.23 -27.13 124.75
N LYS C 828 -11.99 -27.65 124.50
CA LYS C 828 -11.19 -27.32 123.34
C LYS C 828 -11.90 -27.91 122.15
N PHE C 829 -11.98 -27.16 121.03
CA PHE C 829 -12.76 -27.60 119.90
C PHE C 829 -11.96 -28.18 118.79
N ASP C 830 -11.96 -27.48 117.61
CA ASP C 830 -11.60 -28.20 116.42
C ASP C 830 -10.21 -27.80 116.06
N LYS C 831 -9.50 -28.68 115.31
CA LYS C 831 -8.18 -28.30 114.90
C LYS C 831 -7.83 -28.99 113.62
N VAL C 832 -7.07 -28.27 112.77
CA VAL C 832 -6.53 -28.83 111.56
C VAL C 832 -5.07 -29.05 111.86
N PRO C 833 -4.44 -30.04 111.27
CA PRO C 833 -3.02 -30.18 111.52
C PRO C 833 -2.24 -29.23 110.67
N ARG C 834 -1.16 -28.61 111.18
CA ARG C 834 -0.43 -27.70 110.34
C ARG C 834 0.73 -28.42 109.68
N SER C 835 0.38 -29.13 108.58
CA SER C 835 1.26 -29.90 107.73
C SER C 835 2.04 -29.06 106.75
N ARG C 836 1.32 -28.05 106.25
CA ARG C 836 1.83 -27.10 105.31
C ARG C 836 2.77 -26.27 106.08
N LEU C 837 4.06 -26.34 105.71
CA LEU C 837 5.00 -25.50 106.37
C LEU C 837 5.24 -24.39 105.40
N ILE C 838 5.80 -23.29 105.91
CA ILE C 838 6.08 -22.11 105.16
C ILE C 838 7.53 -21.81 105.28
N ARG C 839 8.18 -21.50 104.14
CA ARG C 839 9.58 -21.16 104.17
C ARG C 839 9.62 -19.67 104.10
N LYS C 840 10.38 -19.02 105.00
CA LYS C 840 10.43 -17.60 104.98
C LYS C 840 11.85 -17.18 104.87
N ASN C 841 12.08 -15.87 104.64
CA ASN C 841 13.45 -15.49 104.56
C ASN C 841 14.00 -15.56 105.94
N VAL C 842 15.31 -15.82 106.04
CA VAL C 842 15.92 -16.02 107.31
C VAL C 842 15.81 -14.76 108.10
N ASP C 843 15.94 -13.59 107.46
CA ASP C 843 15.90 -12.33 108.13
C ASP C 843 14.57 -12.17 108.80
N ARG C 844 13.51 -12.60 108.10
CA ARG C 844 12.14 -12.44 108.50
C ARG C 844 11.88 -13.14 109.80
N LEU C 845 12.54 -14.29 110.02
CA LEU C 845 12.24 -15.14 111.14
C LEU C 845 12.27 -14.37 112.42
N SER C 846 11.26 -14.65 113.27
CA SER C 846 11.14 -14.03 114.56
C SER C 846 12.05 -14.79 115.47
N PRO C 847 12.30 -14.23 116.62
CA PRO C 847 13.17 -14.90 117.54
C PRO C 847 12.57 -16.19 117.98
N GLU C 848 11.22 -16.28 118.02
CA GLU C 848 10.61 -17.50 118.42
C GLU C 848 10.91 -18.53 117.39
N GLU C 849 10.76 -18.15 116.12
CA GLU C 849 10.99 -19.08 115.05
C GLU C 849 12.42 -19.46 115.04
N MET C 850 13.31 -18.48 115.25
CA MET C 850 14.72 -18.73 115.23
C MET C 850 15.06 -19.72 116.29
N ASN C 851 14.48 -19.55 117.49
CA ASN C 851 14.83 -20.41 118.58
C ASN C 851 14.47 -21.81 118.23
N GLU C 852 13.32 -22.00 117.56
CA GLU C 852 12.88 -23.32 117.24
C GLU C 852 13.90 -23.96 116.34
N LEU C 853 14.41 -23.20 115.35
CA LEU C 853 15.37 -23.75 114.43
C LEU C 853 16.60 -24.14 115.17
N ARG C 854 17.05 -23.29 116.11
CA ARG C 854 18.28 -23.56 116.78
C ARG C 854 18.16 -24.88 117.48
N LYS C 855 17.05 -25.07 118.22
CA LYS C 855 16.87 -26.27 118.97
C LYS C 855 16.73 -27.45 118.05
N ALA C 856 15.90 -27.31 117.01
CA ALA C 856 15.59 -28.44 116.17
C ALA C 856 16.83 -28.95 115.51
N LEU C 857 17.66 -28.04 114.98
CA LEU C 857 18.83 -28.47 114.28
C LEU C 857 19.74 -29.17 115.24
N ALA C 858 19.83 -28.66 116.48
CA ALA C 858 20.74 -29.25 117.41
C ALA C 858 20.34 -30.67 117.61
N LEU C 859 19.04 -30.93 117.77
CA LEU C 859 18.57 -32.27 117.96
C LEU C 859 18.85 -33.02 116.72
N LEU C 860 18.68 -32.34 115.58
CA LEU C 860 18.83 -32.92 114.28
C LEU C 860 20.24 -33.40 114.12
N LYS C 861 21.22 -32.64 114.61
CA LYS C 861 22.60 -33.02 114.50
C LYS C 861 22.80 -34.29 115.27
N GLU C 862 22.17 -34.38 116.46
CA GLU C 862 22.35 -35.50 117.34
C GLU C 862 21.81 -36.76 116.74
N ASP C 863 20.67 -36.65 116.00
CA ASP C 863 19.99 -37.82 115.51
C ASP C 863 20.95 -38.71 114.77
N LYS C 864 21.17 -39.89 115.35
CA LYS C 864 22.01 -40.92 114.82
C LYS C 864 21.33 -41.58 113.65
N SER C 865 19.99 -41.60 113.67
CA SER C 865 19.20 -42.31 112.69
C SER C 865 19.62 -41.94 111.31
N ALA C 866 19.15 -42.74 110.35
CA ALA C 866 19.37 -42.53 108.94
C ALA C 866 18.74 -41.22 108.63
N GLY C 867 17.60 -40.95 109.30
CA GLY C 867 16.89 -39.72 109.14
C GLY C 867 17.78 -38.61 109.60
N GLY C 868 18.70 -38.92 110.55
CA GLY C 868 19.55 -37.93 111.17
C GLY C 868 20.33 -37.18 110.13
N PHE C 869 20.91 -36.05 110.58
CA PHE C 869 21.63 -35.09 109.78
C PHE C 869 22.82 -35.69 109.13
N GLN C 870 23.64 -36.44 109.91
CA GLN C 870 24.86 -36.94 109.35
C GLN C 870 24.51 -37.81 108.20
N GLN C 871 23.48 -38.66 108.38
CA GLN C 871 23.09 -39.56 107.34
C GLN C 871 22.58 -38.77 106.18
N LEU C 872 21.81 -37.70 106.44
CA LEU C 872 21.23 -36.93 105.37
C LEU C 872 22.31 -36.27 104.57
N GLY C 873 23.38 -35.82 105.22
CA GLY C 873 24.44 -35.12 104.55
C GLY C 873 25.05 -36.02 103.53
N ALA C 874 25.11 -37.33 103.84
CA ALA C 874 25.74 -38.31 103.01
C ALA C 874 25.11 -38.33 101.66
N PHE C 875 23.80 -38.06 101.56
CA PHE C 875 23.13 -38.17 100.30
C PHE C 875 23.81 -37.30 99.28
N HIS C 876 24.11 -36.04 99.63
CA HIS C 876 24.66 -35.10 98.68
C HIS C 876 26.02 -35.52 98.20
N GLY C 877 26.92 -35.96 99.10
CA GLY C 877 28.26 -36.23 98.64
C GLY C 877 28.81 -37.34 99.46
N GLU C 878 30.10 -37.24 99.86
CA GLU C 878 30.69 -38.29 100.62
C GLU C 878 30.00 -38.36 101.95
N PRO C 879 29.84 -39.55 102.46
CA PRO C 879 30.27 -40.72 101.74
C PRO C 879 29.34 -40.97 100.58
N LYS C 880 29.84 -41.56 99.49
CA LYS C 880 29.07 -41.69 98.29
C LYS C 880 28.26 -42.96 98.27
N TRP C 881 26.94 -42.80 98.40
CA TRP C 881 25.91 -43.81 98.38
C TRP C 881 25.53 -44.28 97.00
N CYS C 882 25.81 -43.48 95.95
CA CYS C 882 25.18 -43.65 94.66
C CYS C 882 25.27 -44.99 94.02
N PRO C 883 26.37 -45.69 93.82
CA PRO C 883 26.20 -47.10 93.54
C PRO C 883 26.00 -47.71 94.91
N SER C 884 25.30 -48.87 95.08
CA SER C 884 24.87 -49.42 96.35
C SER C 884 25.95 -49.32 97.43
N PRO C 885 25.61 -48.79 98.61
CA PRO C 885 26.56 -48.44 99.66
C PRO C 885 27.67 -49.43 99.85
N GLU C 886 27.35 -50.73 100.07
CA GLU C 886 28.37 -51.73 99.92
C GLU C 886 28.85 -51.82 98.49
N ALA C 887 29.81 -50.95 98.07
CA ALA C 887 30.25 -51.04 96.69
C ALA C 887 31.28 -50.00 96.39
N SER C 888 32.23 -50.52 95.56
CA SER C 888 33.56 -50.03 95.29
C SER C 888 33.64 -48.68 94.69
N LYS C 889 33.38 -48.58 93.36
CA LYS C 889 33.49 -47.29 92.73
C LYS C 889 32.39 -46.47 93.32
N LYS C 890 32.76 -45.50 94.18
CA LYS C 890 31.77 -44.69 94.83
C LYS C 890 31.84 -43.32 94.26
N PHE C 891 30.79 -42.96 93.49
CA PHE C 891 30.73 -41.68 92.90
C PHE C 891 29.58 -41.00 93.61
N ALA C 892 29.61 -39.64 93.69
CA ALA C 892 28.77 -38.81 94.54
C ALA C 892 27.32 -38.77 94.21
N CYS C 893 26.46 -38.73 95.27
CA CYS C 893 25.05 -38.76 94.98
C CYS C 893 24.52 -37.38 94.88
N CYS C 894 24.27 -36.97 93.64
CA CYS C 894 23.68 -35.71 93.41
C CYS C 894 23.62 -35.63 91.93
N VAL C 895 22.62 -34.94 91.40
CA VAL C 895 22.57 -34.82 89.98
C VAL C 895 23.17 -33.49 89.69
N HIS C 896 24.32 -33.48 89.00
CA HIS C 896 24.94 -32.22 88.68
C HIS C 896 25.21 -32.24 87.22
N GLY C 897 25.09 -31.08 86.57
CA GLY C 897 25.38 -31.02 85.17
C GLY C 897 24.30 -31.75 84.45
N MET C 898 23.14 -31.90 85.12
CA MET C 898 22.04 -32.59 84.50
C MET C 898 20.80 -31.78 84.72
N SER C 899 19.78 -32.01 83.86
CA SER C 899 18.52 -31.34 83.92
C SER C 899 17.81 -31.77 85.15
N VAL C 900 18.10 -33.00 85.59
CA VAL C 900 17.58 -33.66 86.73
C VAL C 900 17.93 -32.89 87.96
N PHE C 901 19.00 -32.08 87.86
CA PHE C 901 19.65 -31.39 88.94
C PHE C 901 18.69 -30.64 89.82
N PRO C 902 17.80 -29.80 89.36
CA PRO C 902 16.99 -29.11 90.32
C PRO C 902 16.06 -30.01 91.06
N HIS C 903 15.62 -31.10 90.41
CA HIS C 903 14.67 -32.00 91.00
C HIS C 903 15.29 -32.66 92.19
N TRP C 904 16.53 -33.13 92.02
CA TRP C 904 17.18 -33.86 93.07
C TRP C 904 17.36 -32.98 94.25
N HIS C 905 17.86 -31.75 94.03
CA HIS C 905 18.11 -30.86 95.11
C HIS C 905 16.83 -30.51 95.80
N ARG C 906 15.74 -30.34 95.03
CA ARG C 906 14.51 -29.96 95.65
C ARG C 906 14.14 -31.03 96.63
N LEU C 907 14.32 -32.30 96.24
CA LEU C 907 13.95 -33.38 97.11
C LEU C 907 14.81 -33.31 98.33
N LEU C 908 16.09 -32.96 98.16
CA LEU C 908 17.00 -32.98 99.26
C LEU C 908 16.57 -32.01 100.31
N THR C 909 16.15 -30.79 99.92
CA THR C 909 15.80 -29.81 100.92
C THR C 909 14.64 -30.32 101.71
N VAL C 910 13.66 -30.94 101.05
CA VAL C 910 12.48 -31.41 101.71
C VAL C 910 12.89 -32.41 102.74
N GLN C 911 13.89 -33.25 102.39
CA GLN C 911 14.28 -34.28 103.27
C GLN C 911 14.74 -33.65 104.54
N SER C 912 15.53 -32.57 104.44
CA SER C 912 16.03 -31.92 105.61
C SER C 912 14.88 -31.32 106.36
N GLU C 913 13.95 -30.71 105.63
CA GLU C 913 12.86 -30.00 106.23
C GLU C 913 12.05 -30.94 107.06
N ASN C 914 11.76 -32.13 106.51
CA ASN C 914 10.95 -33.08 107.22
C ASN C 914 11.67 -33.43 108.49
N ALA C 915 13.01 -33.56 108.41
CA ALA C 915 13.76 -33.95 109.56
C ALA C 915 13.58 -32.94 110.63
N LEU C 916 13.66 -31.63 110.29
CA LEU C 916 13.54 -30.63 111.31
C LEU C 916 12.17 -30.69 111.91
N ARG C 917 11.15 -30.92 111.08
CA ARG C 917 9.82 -30.90 111.64
C ARG C 917 9.73 -31.98 112.68
N ARG C 918 10.37 -33.13 112.45
CA ARG C 918 10.32 -34.18 113.41
C ARG C 918 10.94 -33.63 114.66
N HIS C 919 11.98 -32.82 114.50
CA HIS C 919 12.65 -32.22 115.60
C HIS C 919 11.71 -31.26 116.26
N GLY C 920 10.70 -30.78 115.51
CA GLY C 920 9.76 -29.91 116.15
C GLY C 920 9.99 -28.50 115.73
N TYR C 921 10.66 -28.30 114.58
CA TYR C 921 10.80 -26.93 114.15
C TYR C 921 9.49 -26.52 113.57
N ASP C 922 8.97 -25.37 114.03
CA ASP C 922 7.68 -24.90 113.62
C ASP C 922 7.67 -24.54 112.16
N GLY C 923 8.71 -23.86 111.68
CA GLY C 923 8.67 -23.39 110.32
C GLY C 923 9.35 -24.34 109.37
N ALA C 924 9.49 -23.88 108.13
CA ALA C 924 10.15 -24.59 107.06
C ALA C 924 11.56 -24.07 107.02
N LEU C 925 12.42 -24.72 106.22
CA LEU C 925 13.77 -24.25 106.12
C LEU C 925 13.71 -22.87 105.55
N PRO C 926 14.40 -21.98 106.19
CA PRO C 926 14.41 -20.62 105.71
C PRO C 926 15.29 -20.52 104.52
N TYR C 927 15.11 -19.48 103.70
CA TYR C 927 15.94 -19.35 102.55
C TYR C 927 16.73 -18.08 102.70
N TRP C 928 18.02 -18.15 102.36
CA TRP C 928 18.87 -17.00 102.44
C TRP C 928 18.84 -16.39 101.08
N ASP C 929 18.18 -15.24 100.94
CA ASP C 929 18.10 -14.64 99.63
C ASP C 929 19.40 -13.98 99.36
N TRP C 930 20.31 -14.74 98.72
CA TRP C 930 21.63 -14.29 98.39
C TRP C 930 21.58 -13.28 97.30
N THR C 931 20.54 -13.33 96.44
CA THR C 931 20.48 -12.44 95.32
C THR C 931 20.54 -11.04 95.83
N SER C 932 19.80 -10.73 96.90
CA SER C 932 19.86 -9.39 97.42
C SER C 932 21.22 -9.22 98.01
N PRO C 933 21.64 -7.99 98.10
CA PRO C 933 22.93 -7.73 98.67
C PRO C 933 22.88 -7.98 100.14
N LEU C 934 24.02 -8.40 100.74
CA LEU C 934 24.03 -8.71 102.14
C LEU C 934 24.86 -7.69 102.84
N ASN C 935 24.29 -6.98 103.83
CA ASN C 935 25.08 -6.05 104.57
C ASN C 935 26.10 -6.88 105.27
N HIS C 936 25.63 -7.96 105.92
CA HIS C 936 26.50 -8.86 106.60
C HIS C 936 25.85 -10.21 106.52
N LEU C 937 26.56 -11.26 106.98
CA LEU C 937 25.99 -12.57 106.90
C LEU C 937 24.85 -12.59 107.85
N PRO C 938 23.94 -13.50 107.64
CA PRO C 938 22.81 -13.56 108.51
C PRO C 938 23.27 -13.92 109.88
N GLU C 939 22.62 -13.35 110.91
CA GLU C 939 23.01 -13.55 112.27
C GLU C 939 22.80 -14.98 112.65
N LEU C 940 21.72 -15.61 112.13
CA LEU C 940 21.41 -16.94 112.56
C LEU C 940 22.58 -17.83 112.26
N ALA C 941 23.03 -17.86 111.00
CA ALA C 941 24.14 -18.70 110.65
C ALA C 941 25.41 -18.16 111.25
N ASP C 942 25.59 -16.83 111.19
CA ASP C 942 26.84 -16.19 111.49
C ASP C 942 27.33 -16.33 112.90
N HIS C 943 26.52 -16.00 113.93
CA HIS C 943 27.19 -15.97 115.20
C HIS C 943 27.50 -17.33 115.72
N GLU C 944 28.63 -17.41 116.44
CA GLU C 944 29.18 -18.63 116.96
C GLU C 944 28.25 -19.23 117.97
N LYS C 945 27.72 -18.43 118.90
CA LYS C 945 26.91 -19.08 119.90
C LYS C 945 25.66 -18.31 120.14
N TYR C 946 24.60 -19.04 120.52
CA TYR C 946 23.35 -18.41 120.87
C TYR C 946 23.24 -18.45 122.35
N VAL C 947 23.22 -17.26 122.98
CA VAL C 947 22.90 -17.18 124.39
C VAL C 947 21.42 -16.94 124.43
N ASP C 948 20.64 -17.98 124.82
CA ASP C 948 19.21 -17.86 124.82
C ASP C 948 18.73 -17.53 126.20
N PRO C 949 17.71 -16.72 126.22
CA PRO C 949 17.10 -16.35 127.49
C PRO C 949 16.34 -17.49 128.15
N GLU C 950 16.16 -18.63 127.44
CA GLU C 950 15.43 -19.80 127.87
C GLU C 950 15.97 -20.22 129.20
N ASP C 951 17.30 -20.29 129.37
CA ASP C 951 17.84 -20.62 130.67
C ASP C 951 19.09 -19.81 130.91
N GLY C 952 19.79 -19.39 129.83
CA GLY C 952 20.97 -18.59 129.92
C GLY C 952 22.20 -19.39 129.53
N VAL C 953 22.08 -20.73 129.32
CA VAL C 953 23.20 -21.56 128.93
C VAL C 953 23.59 -21.18 127.53
N GLU C 954 24.90 -20.94 127.34
CA GLU C 954 25.54 -20.49 126.15
C GLU C 954 25.92 -21.69 125.36
N LYS C 955 25.39 -21.79 124.11
CA LYS C 955 25.49 -22.97 123.29
C LYS C 955 25.93 -22.58 121.90
N HIS C 956 26.85 -23.36 121.25
CA HIS C 956 27.37 -23.04 119.92
C HIS C 956 26.22 -23.19 118.96
N ASN C 957 26.15 -22.30 117.89
CA ASN C 957 25.04 -22.40 117.00
C ASN C 957 25.17 -23.66 116.20
N PRO C 958 24.14 -24.44 116.20
CA PRO C 958 24.15 -25.59 115.37
C PRO C 958 24.10 -25.12 113.96
N TRP C 959 23.52 -23.91 113.76
CA TRP C 959 23.38 -23.30 112.48
C TRP C 959 24.74 -22.93 111.98
N PHE C 960 25.63 -22.49 112.89
CA PHE C 960 26.90 -21.99 112.47
C PHE C 960 27.60 -23.04 111.68
N ASP C 961 27.77 -24.25 112.25
CA ASP C 961 28.42 -25.29 111.49
C ASP C 961 28.11 -26.61 112.11
N GLY C 962 28.61 -27.67 111.44
CA GLY C 962 28.45 -29.01 111.91
C GLY C 962 29.79 -29.65 111.72
N HIS C 963 29.95 -30.89 112.18
CA HIS C 963 31.23 -31.54 112.04
C HIS C 963 31.03 -32.73 111.17
N ILE C 964 32.07 -33.08 110.37
CA ILE C 964 31.95 -34.26 109.57
C ILE C 964 32.47 -35.39 110.40
N ASP C 965 31.68 -36.45 110.52
CA ASP C 965 32.11 -37.60 111.24
C ASP C 965 33.15 -38.33 110.42
N THR C 966 32.90 -38.43 109.09
CA THR C 966 33.71 -39.26 108.25
C THR C 966 35.12 -38.81 108.35
N VAL C 967 35.38 -37.56 107.95
CA VAL C 967 36.71 -37.06 108.09
C VAL C 967 36.71 -36.45 109.43
N ASP C 968 37.78 -36.64 110.21
CA ASP C 968 37.76 -36.08 111.52
C ASP C 968 38.08 -34.64 111.35
N LYS C 969 37.09 -33.86 110.87
CA LYS C 969 37.34 -32.47 110.65
C LYS C 969 36.06 -31.76 110.87
N THR C 970 36.13 -30.42 110.98
CA THR C 970 34.95 -29.63 111.18
C THR C 970 34.76 -28.83 109.95
N THR C 971 33.50 -28.43 109.65
CA THR C 971 33.28 -27.65 108.49
C THR C 971 33.82 -26.30 108.77
N THR C 972 34.32 -25.61 107.73
CA THR C 972 34.85 -24.30 107.91
C THR C 972 34.26 -23.47 106.81
N ARG C 973 34.31 -22.14 106.95
CA ARG C 973 33.82 -21.31 105.89
C ARG C 973 34.69 -20.10 105.82
N SER C 974 35.09 -19.72 104.59
CA SER C 974 35.82 -18.53 104.39
C SER C 974 35.11 -17.83 103.28
N VAL C 975 34.61 -16.61 103.53
CA VAL C 975 33.85 -16.03 102.45
C VAL C 975 34.46 -14.72 102.08
N GLN C 976 34.36 -14.41 100.77
CA GLN C 976 34.86 -13.15 100.32
C GLN C 976 33.89 -12.13 100.83
N ASN C 977 34.44 -11.05 101.41
CA ASN C 977 33.65 -9.98 101.96
C ASN C 977 32.98 -9.27 100.84
N LYS C 978 33.61 -9.31 99.65
CA LYS C 978 33.28 -8.57 98.48
C LYS C 978 31.83 -8.78 98.16
N LEU C 979 31.28 -9.95 98.53
CA LEU C 979 29.91 -10.23 98.20
C LEU C 979 29.05 -9.16 98.79
N PHE C 980 29.50 -8.51 99.88
CA PHE C 980 28.76 -7.50 100.58
C PHE C 980 28.21 -6.55 99.57
N GLU C 981 27.06 -5.94 99.90
CA GLU C 981 26.34 -5.13 98.98
C GLU C 981 27.23 -4.08 98.38
N GLN C 982 27.38 -4.18 97.05
CA GLN C 982 28.02 -3.17 96.27
C GLN C 982 27.41 -3.29 94.92
N PRO C 983 26.28 -2.66 94.75
CA PRO C 983 25.63 -2.78 93.48
C PRO C 983 26.15 -1.79 92.52
N GLU C 984 25.98 -2.03 91.21
CA GLU C 984 26.34 -1.01 90.32
C GLU C 984 25.42 0.09 90.69
N PHE C 985 24.12 -0.25 90.81
CA PHE C 985 23.16 0.68 91.29
C PHE C 985 22.00 -0.08 91.86
N GLY C 986 21.67 0.19 93.13
CA GLY C 986 20.51 -0.35 93.77
C GLY C 986 20.46 -1.84 93.73
N HIS C 987 19.35 -2.35 93.18
CA HIS C 987 19.00 -3.75 93.14
C HIS C 987 19.97 -4.53 92.32
N TYR C 988 20.49 -3.95 91.22
CA TYR C 988 21.34 -4.66 90.31
C TYR C 988 22.41 -5.37 91.07
N THR C 989 22.48 -6.70 90.89
CA THR C 989 23.45 -7.52 91.52
C THR C 989 23.90 -8.52 90.52
N SER C 990 25.09 -9.10 90.73
CA SER C 990 25.59 -10.08 89.81
C SER C 990 24.65 -11.25 89.82
N ILE C 991 24.26 -11.68 91.03
CA ILE C 991 23.38 -12.80 91.17
C ILE C 991 22.08 -12.50 90.49
N ALA C 992 21.56 -11.29 90.73
CA ALA C 992 20.28 -10.98 90.17
C ALA C 992 20.39 -11.08 88.68
N LYS C 993 21.51 -10.56 88.14
CA LYS C 993 21.69 -10.61 86.72
C LYS C 993 21.75 -12.01 86.27
N GLN C 994 22.53 -12.84 86.96
CA GLN C 994 22.72 -14.19 86.52
C GLN C 994 21.43 -14.93 86.60
N VAL C 995 20.70 -14.76 87.73
CA VAL C 995 19.46 -15.45 87.90
C VAL C 995 18.47 -14.97 86.88
N LEU C 996 18.48 -13.67 86.59
CA LEU C 996 17.49 -13.11 85.72
C LEU C 996 17.61 -13.77 84.39
N LEU C 997 18.84 -13.94 83.89
CA LEU C 997 19.02 -14.50 82.59
C LEU C 997 18.48 -15.89 82.59
N ALA C 998 18.71 -16.64 83.68
CA ALA C 998 18.23 -17.99 83.71
C ALA C 998 16.74 -17.93 83.59
N LEU C 999 16.13 -16.95 84.25
CA LEU C 999 14.70 -16.83 84.31
C LEU C 999 14.16 -16.67 82.92
N GLU C 1000 14.87 -15.94 82.05
CA GLU C 1000 14.35 -15.64 80.75
C GLU C 1000 14.13 -16.88 79.92
N GLN C 1001 15.00 -17.91 80.06
CA GLN C 1001 14.89 -19.06 79.20
C GLN C 1001 13.56 -19.74 79.38
N ASP C 1002 12.85 -19.91 78.25
CA ASP C 1002 11.58 -20.59 78.22
C ASP C 1002 11.79 -22.05 78.45
N ASN C 1003 12.77 -22.65 77.75
CA ASN C 1003 12.92 -24.08 77.89
C ASN C 1003 13.62 -24.36 79.18
N PHE C 1004 13.22 -25.47 79.83
CA PHE C 1004 13.74 -25.86 81.10
C PHE C 1004 15.19 -26.17 80.99
N CYS C 1005 15.57 -26.94 79.96
CA CYS C 1005 16.93 -27.38 79.86
C CYS C 1005 17.86 -26.19 79.75
N ASP C 1006 17.51 -25.20 78.92
CA ASP C 1006 18.37 -24.05 78.81
C ASP C 1006 18.38 -23.35 80.13
N PHE C 1007 17.21 -23.32 80.80
CA PHE C 1007 17.06 -22.64 82.05
C PHE C 1007 17.97 -23.26 83.07
N GLU C 1008 18.02 -24.60 83.08
CA GLU C 1008 18.74 -25.32 84.08
C GLU C 1008 20.20 -24.98 84.04
N ILE C 1009 20.79 -24.89 82.84
CA ILE C 1009 22.22 -24.68 82.82
C ILE C 1009 22.56 -23.38 83.46
N GLN C 1010 21.83 -22.30 83.12
CA GLN C 1010 22.11 -21.01 83.66
C GLN C 1010 21.85 -21.07 85.13
N TYR C 1011 20.75 -21.75 85.48
CA TYR C 1011 20.21 -21.87 86.81
C TYR C 1011 21.21 -22.52 87.71
N GLU C 1012 21.80 -23.64 87.25
CA GLU C 1012 22.71 -24.40 88.06
C GLU C 1012 23.93 -23.60 88.39
N ILE C 1013 24.51 -22.93 87.38
CA ILE C 1013 25.75 -22.24 87.60
C ILE C 1013 25.59 -21.13 88.57
N ALA C 1014 24.46 -20.40 88.52
CA ALA C 1014 24.26 -19.32 89.43
C ALA C 1014 24.28 -19.91 90.81
N HIS C 1015 23.73 -21.12 90.94
CA HIS C 1015 23.65 -21.84 92.17
C HIS C 1015 25.03 -22.05 92.72
N ASN C 1016 25.99 -22.31 91.81
CA ASN C 1016 27.34 -22.63 92.17
C ASN C 1016 28.00 -21.50 92.90
N TYR C 1017 27.61 -20.25 92.58
CA TYR C 1017 28.31 -19.11 93.12
C TYR C 1017 28.32 -19.13 94.61
N ILE C 1018 27.17 -19.41 95.25
CA ILE C 1018 27.14 -19.34 96.69
C ILE C 1018 28.08 -20.34 97.29
N HIS C 1019 28.18 -21.54 96.71
CA HIS C 1019 29.04 -22.53 97.29
C HIS C 1019 30.42 -21.97 97.34
N ALA C 1020 30.86 -21.36 96.22
CA ALA C 1020 32.17 -20.81 96.17
C ALA C 1020 32.28 -19.67 97.13
N LEU C 1021 31.26 -18.80 97.21
CA LEU C 1021 31.40 -17.65 98.06
C LEU C 1021 31.64 -18.07 99.47
N VAL C 1022 30.76 -18.92 100.01
CA VAL C 1022 30.86 -19.27 101.38
C VAL C 1022 32.10 -20.07 101.64
N GLY C 1023 32.34 -21.12 100.84
CA GLY C 1023 33.45 -21.99 101.09
C GLY C 1023 34.74 -21.26 100.91
N GLY C 1024 34.89 -20.54 99.79
CA GLY C 1024 36.15 -19.89 99.63
C GLY C 1024 37.22 -20.95 99.56
N ALA C 1025 38.36 -20.66 100.21
CA ALA C 1025 39.55 -21.46 100.22
C ALA C 1025 39.42 -22.78 100.90
N GLN C 1026 38.70 -22.89 102.04
CA GLN C 1026 38.80 -24.11 102.81
C GLN C 1026 38.39 -25.30 102.04
N PRO C 1027 39.17 -26.32 102.24
CA PRO C 1027 38.90 -27.60 101.63
C PRO C 1027 37.68 -28.24 102.21
N TYR C 1028 37.30 -27.88 103.45
CA TYR C 1028 36.14 -28.48 104.03
C TYR C 1028 35.13 -27.39 104.10
N GLY C 1029 34.12 -27.44 103.21
CA GLY C 1029 33.16 -26.37 103.27
C GLY C 1029 32.24 -26.47 102.11
N MET C 1030 31.56 -25.35 101.84
CA MET C 1030 30.59 -25.18 100.80
C MET C 1030 31.32 -25.31 99.51
N ALA C 1031 32.61 -24.91 99.52
CA ALA C 1031 33.43 -24.90 98.34
C ALA C 1031 33.58 -26.29 97.78
N SER C 1032 33.72 -27.32 98.64
CA SER C 1032 33.95 -28.64 98.11
C SER C 1032 32.67 -29.39 98.01
N LEU C 1033 32.52 -30.19 96.93
CA LEU C 1033 31.30 -30.90 96.66
C LEU C 1033 31.02 -31.86 97.76
N ARG C 1034 32.04 -32.61 98.22
CA ARG C 1034 31.78 -33.59 99.24
C ARG C 1034 31.35 -32.93 100.52
N TYR C 1035 32.10 -31.88 100.92
CA TYR C 1035 31.97 -31.18 102.17
C TYR C 1035 30.72 -30.36 102.27
N THR C 1036 30.22 -29.79 101.15
CA THR C 1036 29.18 -28.79 101.19
C THR C 1036 28.00 -29.24 101.99
N ALA C 1037 27.59 -30.51 101.88
CA ALA C 1037 26.38 -30.94 102.51
C ALA C 1037 26.46 -30.69 103.98
N PHE C 1038 27.64 -30.88 104.59
CA PHE C 1038 27.76 -30.77 106.02
C PHE C 1038 27.35 -29.41 106.49
N ASP C 1039 27.80 -28.33 105.83
CA ASP C 1039 27.48 -27.02 106.33
C ASP C 1039 26.00 -26.84 106.31
N PRO C 1040 25.50 -26.26 107.38
CA PRO C 1040 24.09 -26.01 107.51
C PRO C 1040 23.60 -24.95 106.58
N LEU C 1041 24.50 -24.09 106.06
CA LEU C 1041 24.16 -23.01 105.18
C LEU C 1041 23.61 -23.61 103.93
N PHE C 1042 24.06 -24.84 103.63
CA PHE C 1042 23.71 -25.54 102.44
C PHE C 1042 22.22 -25.56 102.31
N TYR C 1043 21.51 -25.93 103.39
CA TYR C 1043 20.08 -26.03 103.31
C TYR C 1043 19.49 -24.66 103.06
N LEU C 1044 20.00 -23.63 103.75
CA LEU C 1044 19.43 -22.33 103.59
C LEU C 1044 19.59 -21.89 102.17
N HIS C 1045 20.79 -22.12 101.58
CA HIS C 1045 21.03 -21.69 100.23
C HIS C 1045 20.12 -22.41 99.30
N HIS C 1046 20.00 -23.74 99.46
CA HIS C 1046 19.22 -24.51 98.55
C HIS C 1046 17.79 -24.11 98.66
N SER C 1047 17.34 -23.75 99.88
CA SER C 1047 15.98 -23.38 100.02
C SER C 1047 15.73 -22.22 99.10
N ASN C 1048 16.69 -21.27 99.04
CA ASN C 1048 16.53 -20.12 98.19
C ASN C 1048 16.53 -20.57 96.78
N THR C 1049 17.45 -21.49 96.43
CA THR C 1049 17.60 -21.94 95.07
C THR C 1049 16.32 -22.58 94.65
N ASP C 1050 15.74 -23.41 95.53
CA ASP C 1050 14.52 -24.10 95.23
C ASP C 1050 13.48 -23.05 95.03
N ARG C 1051 13.53 -21.99 95.85
CA ARG C 1051 12.55 -20.95 95.80
C ARG C 1051 12.61 -20.34 94.43
N ILE C 1052 13.83 -20.11 93.91
CA ILE C 1052 14.00 -19.50 92.62
C ILE C 1052 13.41 -20.42 91.59
N TRP C 1053 13.64 -21.72 91.72
CA TRP C 1053 13.12 -22.61 90.73
C TRP C 1053 11.63 -22.48 90.74
N ALA C 1054 11.04 -22.41 91.93
CA ALA C 1054 9.61 -22.36 92.04
C ALA C 1054 9.12 -21.15 91.34
N ILE C 1055 9.82 -20.00 91.48
CA ILE C 1055 9.33 -18.82 90.84
C ILE C 1055 9.36 -19.04 89.36
N TRP C 1056 10.38 -19.76 88.85
CA TRP C 1056 10.46 -19.98 87.44
C TRP C 1056 9.23 -20.72 87.00
N GLN C 1057 8.81 -21.74 87.76
CA GLN C 1057 7.66 -22.48 87.33
C GLN C 1057 6.47 -21.58 87.32
N ALA C 1058 6.34 -20.69 88.32
CA ALA C 1058 5.22 -19.80 88.35
C ALA C 1058 5.29 -18.94 87.14
N LEU C 1059 6.51 -18.49 86.78
CA LEU C 1059 6.64 -17.61 85.66
C LEU C 1059 6.20 -18.34 84.44
N GLN C 1060 6.56 -19.63 84.31
CA GLN C 1060 6.17 -20.46 83.18
C GLN C 1060 4.69 -20.55 83.16
N LYS C 1061 4.03 -20.70 84.31
CA LYS C 1061 2.59 -20.77 84.42
C LYS C 1061 2.04 -19.51 83.80
N TYR C 1062 2.69 -18.34 84.08
CA TYR C 1062 2.23 -17.04 83.66
C TYR C 1062 2.38 -17.02 82.18
N ARG C 1063 3.47 -17.64 81.70
CA ARG C 1063 3.83 -17.72 80.33
C ARG C 1063 2.75 -18.48 79.63
N GLY C 1064 2.14 -19.46 80.34
CA GLY C 1064 1.09 -20.24 79.77
C GLY C 1064 1.57 -21.65 79.61
N LYS C 1065 2.88 -21.86 79.68
CA LYS C 1065 3.39 -23.21 79.59
C LYS C 1065 2.99 -23.87 80.87
N PRO C 1066 2.74 -25.16 80.83
CA PRO C 1066 2.43 -25.81 82.06
C PRO C 1066 3.66 -25.84 82.90
N TYR C 1067 3.54 -25.42 84.18
CA TYR C 1067 4.69 -25.37 85.03
C TYR C 1067 5.16 -26.76 85.35
N ASN C 1068 4.25 -27.68 85.69
CA ASN C 1068 4.72 -28.97 86.12
C ASN C 1068 5.34 -29.73 84.99
N VAL C 1069 4.75 -29.68 83.77
CA VAL C 1069 5.32 -30.46 82.71
C VAL C 1069 6.56 -29.83 82.21
N ALA C 1070 7.54 -30.69 81.83
CA ALA C 1070 8.75 -30.20 81.24
C ALA C 1070 8.84 -30.83 79.90
N ASN C 1071 9.06 -30.00 78.86
CA ASN C 1071 9.15 -30.49 77.53
C ASN C 1071 10.40 -31.31 77.35
N CYS C 1072 11.55 -30.79 77.80
CA CYS C 1072 12.79 -31.47 77.53
C CYS C 1072 13.02 -32.57 78.52
N ALA C 1073 13.88 -33.52 78.13
CA ALA C 1073 14.30 -34.62 78.96
C ALA C 1073 13.12 -35.26 79.60
N VAL C 1074 12.12 -35.66 78.77
CA VAL C 1074 10.96 -36.29 79.34
C VAL C 1074 11.39 -37.58 79.96
N THR C 1075 12.27 -38.33 79.26
CA THR C 1075 12.67 -39.62 79.71
C THR C 1075 13.41 -39.55 81.01
N SER C 1076 14.34 -38.58 81.16
CA SER C 1076 15.16 -38.53 82.34
C SER C 1076 14.31 -38.31 83.55
N MET C 1077 13.23 -37.52 83.40
CA MET C 1077 12.43 -37.17 84.53
C MET C 1077 11.80 -38.38 85.12
N ARG C 1078 11.39 -39.34 84.27
CA ARG C 1078 10.71 -40.48 84.78
C ARG C 1078 11.59 -41.25 85.72
N GLU C 1079 12.89 -41.40 85.40
CA GLU C 1079 13.73 -42.20 86.25
C GLU C 1079 13.81 -41.57 87.60
N PRO C 1080 13.80 -42.41 88.59
CA PRO C 1080 13.89 -41.98 89.97
C PRO C 1080 15.29 -41.62 90.33
N LEU C 1081 15.46 -40.82 91.40
CA LEU C 1081 16.79 -40.42 91.78
C LEU C 1081 17.06 -41.02 93.13
N GLN C 1082 18.25 -41.63 93.29
CA GLN C 1082 18.66 -42.17 94.56
C GLN C 1082 19.26 -41.02 95.30
N PRO C 1083 19.52 -41.14 96.56
CA PRO C 1083 19.19 -42.32 97.33
C PRO C 1083 17.73 -42.38 97.63
N PHE C 1084 16.98 -41.34 97.24
CA PHE C 1084 15.60 -41.23 97.60
C PHE C 1084 14.89 -42.46 97.16
N GLY C 1085 15.24 -42.96 95.96
CA GLY C 1085 14.63 -44.11 95.36
C GLY C 1085 14.82 -45.32 96.21
N LEU C 1086 15.94 -45.39 96.98
CA LEU C 1086 16.25 -46.59 97.71
C LEU C 1086 15.09 -46.98 98.58
N SER C 1087 14.49 -46.00 99.28
CA SER C 1087 13.31 -46.27 100.05
C SER C 1087 13.53 -47.46 100.94
N ALA C 1088 14.52 -47.36 101.81
CA ALA C 1088 14.87 -48.42 102.71
C ALA C 1088 15.38 -47.74 103.94
N ASN C 1089 16.17 -48.47 104.75
CA ASN C 1089 16.69 -47.93 105.96
C ASN C 1089 17.42 -46.69 105.58
N ILE C 1090 17.98 -46.68 104.36
CA ILE C 1090 18.71 -45.52 103.94
C ILE C 1090 17.78 -44.34 103.94
N ASN C 1091 16.57 -44.46 103.37
CA ASN C 1091 15.71 -43.31 103.34
C ASN C 1091 14.45 -43.64 104.09
N THR C 1092 14.28 -43.00 105.27
CA THR C 1092 13.11 -43.20 106.07
C THR C 1092 11.92 -42.53 105.44
N ASP C 1093 12.10 -41.32 104.88
CA ASP C 1093 11.01 -40.55 104.38
C ASP C 1093 10.30 -41.27 103.28
N HIS C 1094 8.98 -41.49 103.49
CA HIS C 1094 8.12 -42.07 102.51
C HIS C 1094 7.85 -41.08 101.42
N VAL C 1095 7.68 -39.80 101.81
CA VAL C 1095 7.28 -38.76 100.91
C VAL C 1095 8.28 -38.66 99.79
N THR C 1096 9.56 -38.55 100.15
CA THR C 1096 10.59 -38.38 99.17
C THR C 1096 10.67 -39.59 98.29
N LYS C 1097 10.53 -40.79 98.87
CA LYS C 1097 10.71 -41.97 98.07
C LYS C 1097 9.69 -42.02 96.98
N GLU C 1098 8.42 -41.69 97.28
CA GLU C 1098 7.41 -41.69 96.26
C GLU C 1098 7.77 -40.64 95.26
N HIS C 1099 8.29 -39.51 95.79
CA HIS C 1099 8.63 -38.32 95.09
C HIS C 1099 9.84 -38.48 94.21
N SER C 1100 10.58 -39.59 94.38
CA SER C 1100 11.85 -39.80 93.71
C SER C 1100 11.74 -39.47 92.25
N VAL C 1101 10.61 -39.78 91.60
CA VAL C 1101 10.54 -39.42 90.21
C VAL C 1101 10.61 -37.93 90.14
N PRO C 1102 11.41 -37.43 89.26
CA PRO C 1102 11.53 -36.01 89.12
C PRO C 1102 10.30 -35.41 88.53
N PHE C 1103 9.48 -36.21 87.83
CA PHE C 1103 8.31 -35.61 87.24
C PHE C 1103 7.46 -35.11 88.37
N ASN C 1104 7.38 -35.93 89.43
CA ASN C 1104 6.58 -35.70 90.60
C ASN C 1104 7.04 -34.47 91.32
N VAL C 1105 8.36 -34.20 91.32
CA VAL C 1105 8.92 -33.14 92.11
C VAL C 1105 8.38 -31.80 91.75
N PHE C 1106 7.98 -31.59 90.47
CA PHE C 1106 7.59 -30.27 90.03
C PHE C 1106 6.54 -29.69 90.91
N ASP C 1107 5.42 -30.39 91.14
CA ASP C 1107 4.40 -29.79 91.95
C ASP C 1107 4.84 -29.93 93.36
N TYR C 1108 5.60 -28.93 93.84
CA TYR C 1108 6.16 -29.01 95.15
C TYR C 1108 5.09 -28.95 96.19
N LYS C 1109 4.15 -27.98 96.09
CA LYS C 1109 3.22 -27.75 97.17
C LYS C 1109 2.38 -28.95 97.47
N THR C 1110 1.73 -29.55 96.45
CA THR C 1110 0.84 -30.63 96.80
C THR C 1110 1.60 -31.79 97.37
N ASN C 1111 2.65 -32.24 96.67
CA ASN C 1111 3.37 -33.41 97.07
C ASN C 1111 4.07 -33.13 98.36
N PHE C 1112 4.85 -32.04 98.39
CA PHE C 1112 5.58 -31.69 99.57
C PHE C 1112 4.78 -30.59 100.17
N ASN C 1113 4.28 -30.78 101.40
CA ASN C 1113 3.46 -29.73 101.90
C ASN C 1113 4.34 -28.64 102.42
N TYR C 1114 4.89 -27.82 101.51
CA TYR C 1114 5.65 -26.68 101.93
C TYR C 1114 5.39 -25.59 100.96
N GLU C 1115 5.53 -24.34 101.41
CA GLU C 1115 5.26 -23.23 100.57
C GLU C 1115 6.25 -22.17 100.91
N TYR C 1116 6.30 -21.10 100.09
CA TYR C 1116 7.19 -20.02 100.36
C TYR C 1116 6.30 -18.87 100.68
N ASP C 1117 6.75 -17.96 101.56
CA ASP C 1117 5.89 -16.89 101.94
C ASP C 1117 5.57 -16.12 100.69
N THR C 1118 6.57 -15.77 99.88
CA THR C 1118 6.28 -15.07 98.67
C THR C 1118 7.11 -15.66 97.58
N LEU C 1119 6.55 -15.78 96.38
CA LEU C 1119 7.35 -16.18 95.27
C LEU C 1119 7.57 -14.93 94.49
N GLU C 1120 8.76 -14.33 94.66
CA GLU C 1120 9.07 -13.11 93.99
C GLU C 1120 10.55 -13.01 93.89
N PHE C 1121 11.04 -12.24 92.90
CA PHE C 1121 12.46 -12.07 92.81
C PHE C 1121 12.70 -10.61 93.00
N ASN C 1122 13.45 -10.26 94.06
CA ASN C 1122 13.64 -8.85 94.26
C ASN C 1122 12.28 -8.30 94.53
N GLY C 1123 12.08 -7.01 94.22
CA GLY C 1123 10.82 -6.36 94.39
C GLY C 1123 9.79 -6.92 93.43
N LEU C 1124 10.23 -7.28 92.21
CA LEU C 1124 9.35 -7.61 91.11
C LEU C 1124 8.43 -8.75 91.40
N SER C 1125 7.19 -8.61 90.88
CA SER C 1125 6.16 -9.59 90.92
C SER C 1125 6.41 -10.53 89.79
N ILE C 1126 5.66 -11.65 89.74
CA ILE C 1126 5.88 -12.59 88.68
C ILE C 1126 5.54 -11.94 87.37
N SER C 1127 4.39 -11.28 87.30
CA SER C 1127 4.02 -10.67 86.05
C SER C 1127 5.00 -9.60 85.77
N GLN C 1128 5.48 -8.96 86.85
CA GLN C 1128 6.40 -7.86 86.76
C GLN C 1128 7.65 -8.39 86.12
N LEU C 1129 8.08 -9.58 86.58
CA LEU C 1129 9.32 -10.15 86.11
C LEU C 1129 9.23 -10.45 84.66
N ASN C 1130 8.08 -11.00 84.22
CA ASN C 1130 7.98 -11.40 82.85
C ASN C 1130 8.10 -10.18 81.98
N LYS C 1131 7.43 -9.08 82.37
CA LYS C 1131 7.48 -7.90 81.56
C LYS C 1131 8.89 -7.44 81.48
N LYS C 1132 9.61 -7.47 82.62
CA LYS C 1132 10.95 -6.99 82.65
C LYS C 1132 11.79 -7.81 81.73
N LEU C 1133 11.54 -9.14 81.70
CA LEU C 1133 12.32 -10.04 80.91
C LEU C 1133 12.20 -9.67 79.46
N GLU C 1134 10.99 -9.31 79.02
CA GLU C 1134 10.79 -9.02 77.63
C GLU C 1134 11.67 -7.87 77.25
N ALA C 1135 11.83 -6.92 78.18
CA ALA C 1135 12.60 -5.74 77.88
C ALA C 1135 14.00 -6.12 77.52
N ILE C 1136 14.60 -7.08 78.24
CA ILE C 1136 15.97 -7.41 77.99
C ILE C 1136 16.14 -7.93 76.60
N LYS C 1137 15.23 -8.81 76.15
CA LYS C 1137 15.37 -9.45 74.87
C LYS C 1137 15.35 -8.42 73.79
N SER C 1138 14.60 -7.34 74.01
CA SER C 1138 14.41 -6.34 73.00
C SER C 1138 15.72 -5.82 72.49
N GLN C 1139 16.72 -5.64 73.37
CA GLN C 1139 17.97 -5.07 72.93
C GLN C 1139 18.91 -6.12 72.46
N ASP C 1140 19.88 -5.66 71.62
CA ASP C 1140 20.91 -6.51 71.10
C ASP C 1140 21.81 -6.82 72.26
N ARG C 1141 22.42 -8.01 72.23
CA ARG C 1141 23.35 -8.31 73.28
C ARG C 1141 24.37 -9.25 72.76
N PHE C 1142 25.51 -9.34 73.47
CA PHE C 1142 26.62 -10.14 73.05
C PHE C 1142 26.87 -11.07 74.19
N PHE C 1143 27.23 -12.33 73.88
CA PHE C 1143 27.48 -13.25 74.95
C PHE C 1143 28.66 -14.08 74.61
N ALA C 1144 29.24 -14.72 75.64
CA ALA C 1144 30.32 -15.63 75.45
C ALA C 1144 29.75 -16.95 75.88
N GLY C 1145 30.09 -18.03 75.17
CA GLY C 1145 29.50 -19.28 75.53
C GLY C 1145 30.59 -20.17 76.02
N PHE C 1146 30.30 -20.97 77.07
CA PHE C 1146 31.31 -21.84 77.59
C PHE C 1146 30.76 -23.23 77.55
N LEU C 1147 31.60 -24.18 77.10
CA LEU C 1147 31.16 -25.54 77.14
C LEU C 1147 31.80 -26.05 78.38
N LEU C 1148 31.00 -26.61 79.30
CA LEU C 1148 31.62 -27.01 80.52
C LEU C 1148 31.76 -28.50 80.52
N SER C 1149 33.02 -28.97 80.45
CA SER C 1149 33.29 -30.37 80.57
C SER C 1149 33.01 -30.68 82.00
N GLY C 1150 33.39 -29.75 82.90
CA GLY C 1150 33.09 -29.87 84.29
C GLY C 1150 33.81 -31.04 84.91
N PHE C 1151 35.01 -31.31 84.29
CA PHE C 1151 35.78 -32.48 84.68
C PHE C 1151 36.59 -32.11 85.88
N LYS C 1152 37.47 -31.09 85.74
CA LYS C 1152 38.15 -30.58 86.91
C LYS C 1152 37.20 -29.54 87.39
N LYS C 1153 36.18 -30.06 88.12
CA LYS C 1153 35.05 -29.30 88.53
C LYS C 1153 35.32 -28.24 89.56
N SER C 1154 35.84 -28.54 90.79
CA SER C 1154 35.91 -27.43 91.74
C SER C 1154 36.99 -26.51 91.34
N SER C 1155 36.57 -25.37 90.76
CA SER C 1155 37.52 -24.40 90.32
C SER C 1155 36.77 -23.15 89.95
N LEU C 1156 37.48 -22.01 89.95
CA LEU C 1156 36.87 -20.79 89.53
C LEU C 1156 37.38 -20.47 88.17
N VAL C 1157 36.50 -19.96 87.30
CA VAL C 1157 36.97 -19.60 86.00
C VAL C 1157 36.71 -18.15 85.82
N LYS C 1158 37.73 -17.41 85.38
CA LYS C 1158 37.55 -16.00 85.15
C LYS C 1158 37.99 -15.75 83.74
N PHE C 1159 37.23 -14.93 82.99
CA PHE C 1159 37.64 -14.63 81.67
C PHE C 1159 37.57 -13.15 81.47
N ASN C 1160 38.50 -12.60 80.68
CA ASN C 1160 38.55 -11.19 80.44
C ASN C 1160 38.65 -10.97 78.96
N ILE C 1161 38.08 -9.86 78.47
CA ILE C 1161 38.16 -9.57 77.07
C ILE C 1161 39.34 -8.68 76.90
N CYS C 1162 40.24 -9.05 75.97
CA CYS C 1162 41.35 -8.18 75.85
C CYS C 1162 41.28 -7.63 74.46
N THR C 1163 41.69 -6.35 74.31
CA THR C 1163 41.62 -5.67 73.05
C THR C 1163 42.67 -6.24 72.17
N ASP C 1164 42.64 -6.05 70.83
CA ASP C 1164 43.75 -6.53 70.03
C ASP C 1164 45.05 -5.80 70.43
N SER C 1165 45.04 -4.45 70.43
CA SER C 1165 46.11 -3.54 70.80
C SER C 1165 46.25 -3.27 72.30
N SER C 1166 45.13 -2.88 72.97
CA SER C 1166 45.03 -2.34 74.31
C SER C 1166 44.80 -3.35 75.42
N ASN C 1167 44.05 -2.88 76.46
CA ASN C 1167 43.82 -3.47 77.76
C ASN C 1167 42.86 -4.64 77.65
N CYS C 1168 42.85 -5.31 78.82
CA CYS C 1168 41.97 -6.35 79.13
C CYS C 1168 41.11 -5.77 80.20
N HIS C 1169 39.92 -6.36 80.39
CA HIS C 1169 38.99 -5.91 81.39
C HIS C 1169 38.34 -7.19 81.84
N PRO C 1170 38.10 -7.43 83.14
CA PRO C 1170 37.46 -8.65 83.56
C PRO C 1170 36.10 -8.78 82.98
N ALA C 1171 35.88 -9.84 82.19
CA ALA C 1171 34.61 -10.08 81.58
C ALA C 1171 33.62 -10.47 82.63
N GLY C 1172 34.02 -11.37 83.54
CA GLY C 1172 33.13 -11.86 84.55
C GLY C 1172 33.63 -13.21 84.95
N GLU C 1173 32.96 -13.86 85.91
CA GLU C 1173 33.44 -15.15 86.33
C GLU C 1173 32.27 -16.02 86.66
N PHE C 1174 32.49 -17.35 86.57
CA PHE C 1174 31.51 -18.31 86.95
C PHE C 1174 32.25 -19.36 87.72
N TYR C 1175 31.53 -20.11 88.57
CA TYR C 1175 32.20 -21.09 89.39
C TYR C 1175 31.58 -22.42 89.14
N LEU C 1176 32.40 -23.49 89.19
CA LEU C 1176 31.87 -24.81 89.06
C LEU C 1176 32.20 -25.55 90.32
N LEU C 1177 31.21 -26.28 90.86
CA LEU C 1177 31.45 -27.04 92.06
C LEU C 1177 31.60 -28.46 91.62
N GLY C 1178 32.66 -29.14 92.11
CA GLY C 1178 32.78 -30.50 91.73
C GLY C 1178 33.89 -31.11 92.50
N ASP C 1179 33.60 -32.24 93.16
CA ASP C 1179 34.59 -32.97 93.90
C ASP C 1179 35.13 -33.99 92.95
N GLU C 1180 36.21 -34.69 93.36
CA GLU C 1180 36.75 -35.74 92.56
C GLU C 1180 35.76 -36.84 92.55
N ASN C 1181 35.05 -37.01 93.69
CA ASN C 1181 34.10 -38.06 93.89
C ASN C 1181 33.00 -37.98 92.89
N GLU C 1182 32.57 -36.74 92.54
CA GLU C 1182 31.44 -36.63 91.68
C GLU C 1182 31.71 -37.34 90.39
N MET C 1183 30.62 -37.88 89.79
CA MET C 1183 30.70 -38.59 88.54
C MET C 1183 30.86 -37.57 87.47
N PRO C 1184 31.43 -37.98 86.37
CA PRO C 1184 31.61 -37.05 85.30
C PRO C 1184 30.33 -36.70 84.64
N TRP C 1185 30.20 -35.42 84.18
CA TRP C 1185 29.02 -34.98 83.51
C TRP C 1185 29.44 -33.87 82.60
N ALA C 1186 28.67 -33.64 81.51
CA ALA C 1186 29.02 -32.54 80.66
C ALA C 1186 27.74 -31.88 80.24
N TYR C 1187 27.81 -30.58 79.93
CA TYR C 1187 26.64 -29.84 79.56
C TYR C 1187 26.36 -30.12 78.12
N ASP C 1188 25.08 -30.41 77.82
CA ASP C 1188 24.68 -30.64 76.46
C ASP C 1188 24.83 -29.35 75.72
N ARG C 1189 24.48 -28.22 76.37
CA ARG C 1189 24.52 -26.97 75.67
C ARG C 1189 25.54 -26.09 76.31
N VAL C 1190 25.81 -24.95 75.66
CA VAL C 1190 26.75 -23.96 76.11
C VAL C 1190 26.10 -23.11 77.14
N PHE C 1191 26.92 -22.59 78.08
CA PHE C 1191 26.43 -21.66 79.05
C PHE C 1191 26.75 -20.30 78.53
N LYS C 1192 25.77 -19.38 78.55
CA LYS C 1192 26.00 -18.08 78.01
C LYS C 1192 26.19 -17.10 79.12
N TYR C 1193 27.08 -16.11 78.89
CA TYR C 1193 27.33 -15.06 79.82
C TYR C 1193 27.16 -13.79 79.03
N ASP C 1194 26.64 -12.72 79.66
CA ASP C 1194 26.41 -11.52 78.91
C ASP C 1194 27.59 -10.61 79.03
N ILE C 1195 28.40 -10.60 77.95
CA ILE C 1195 29.60 -9.84 77.72
C ILE C 1195 29.30 -8.38 77.52
N THR C 1196 28.11 -8.08 76.97
CA THR C 1196 27.73 -6.81 76.44
C THR C 1196 28.10 -5.65 77.30
N GLU C 1197 27.77 -5.68 78.61
CA GLU C 1197 28.03 -4.50 79.39
C GLU C 1197 29.49 -4.19 79.40
N LYS C 1198 30.35 -5.21 79.54
CA LYS C 1198 31.75 -4.93 79.62
C LYS C 1198 32.23 -4.33 78.33
N LEU C 1199 31.77 -4.87 77.18
CA LEU C 1199 32.26 -4.38 75.93
C LEU C 1199 31.90 -2.95 75.80
N HIS C 1200 30.71 -2.56 76.27
CA HIS C 1200 30.26 -1.21 76.14
C HIS C 1200 31.22 -0.31 76.85
N ASP C 1201 31.66 -0.72 78.05
CA ASP C 1201 32.57 0.10 78.82
C ASP C 1201 33.82 0.27 78.02
N LEU C 1202 34.26 -0.83 77.38
CA LEU C 1202 35.44 -0.82 76.57
C LEU C 1202 35.16 0.04 75.39
N LYS C 1203 33.88 0.15 75.00
CA LYS C 1203 33.49 0.82 73.80
C LYS C 1203 33.89 -0.06 72.67
N LEU C 1204 34.09 -1.36 72.97
CA LEU C 1204 34.39 -2.29 71.93
C LEU C 1204 33.11 -2.54 71.22
N HIS C 1205 33.18 -2.69 69.88
CA HIS C 1205 32.01 -2.98 69.11
C HIS C 1205 31.84 -4.46 69.09
N ALA C 1206 30.63 -4.94 68.78
CA ALA C 1206 30.43 -6.35 68.70
C ALA C 1206 31.30 -6.86 67.59
N GLU C 1207 31.36 -6.09 66.51
CA GLU C 1207 32.07 -6.43 65.31
C GLU C 1207 33.55 -6.48 65.57
N ASP C 1208 34.07 -5.58 66.44
CA ASP C 1208 35.50 -5.53 66.57
C ASP C 1208 35.98 -6.85 67.06
N HIS C 1209 37.23 -7.19 66.68
CA HIS C 1209 37.71 -8.47 67.09
C HIS C 1209 38.57 -8.29 68.29
N PHE C 1210 38.17 -8.98 69.36
CA PHE C 1210 38.84 -8.96 70.62
C PHE C 1210 39.09 -10.38 70.98
N TYR C 1211 40.03 -10.62 71.92
CA TYR C 1211 40.34 -11.96 72.27
C TYR C 1211 39.94 -12.15 73.68
N ILE C 1212 39.35 -13.31 73.99
CA ILE C 1212 38.95 -13.53 75.34
C ILE C 1212 39.92 -14.50 75.93
N ASP C 1213 40.54 -14.10 77.04
CA ASP C 1213 41.46 -14.98 77.71
C ASP C 1213 40.77 -15.42 78.94
N TYR C 1214 40.68 -16.76 79.15
CA TYR C 1214 40.03 -17.22 80.33
C TYR C 1214 40.96 -18.12 81.06
N GLU C 1215 41.01 -17.97 82.40
CA GLU C 1215 41.88 -18.79 83.20
C GLU C 1215 41.03 -19.46 84.22
N VAL C 1216 41.31 -20.74 84.53
CA VAL C 1216 40.56 -21.35 85.57
C VAL C 1216 41.52 -21.61 86.68
N PHE C 1217 41.07 -21.40 87.92
CA PHE C 1217 41.94 -21.63 89.03
C PHE C 1217 41.26 -22.61 89.92
N ASP C 1218 42.04 -23.39 90.67
CA ASP C 1218 41.47 -24.34 91.57
C ASP C 1218 40.99 -23.53 92.74
N LEU C 1219 40.23 -24.16 93.67
CA LEU C 1219 39.78 -23.42 94.78
C LEU C 1219 41.01 -22.96 95.49
N LYS C 1220 41.99 -23.88 95.58
CA LYS C 1220 43.26 -23.52 96.11
C LYS C 1220 43.86 -22.76 94.98
N PRO C 1221 44.65 -21.76 95.23
CA PRO C 1221 45.16 -21.04 94.11
C PRO C 1221 46.08 -21.91 93.31
N ALA C 1222 45.86 -21.96 91.99
CA ALA C 1222 46.69 -22.75 91.13
C ALA C 1222 46.19 -22.48 89.75
N SER C 1223 47.02 -22.76 88.73
CA SER C 1223 46.55 -22.51 87.40
C SER C 1223 46.24 -23.83 86.79
N LEU C 1224 45.09 -23.91 86.11
CA LEU C 1224 44.73 -25.14 85.46
C LEU C 1224 44.92 -24.92 84.00
N GLY C 1225 45.48 -25.93 83.29
CA GLY C 1225 45.72 -25.77 81.89
C GLY C 1225 44.41 -25.62 81.19
N LYS C 1226 44.19 -24.44 80.60
CA LYS C 1226 43.03 -24.07 79.82
C LYS C 1226 43.06 -24.70 78.47
N ASP C 1227 44.25 -25.05 77.97
CA ASP C 1227 44.44 -25.43 76.60
C ASP C 1227 43.47 -26.49 76.17
N LEU C 1228 43.26 -27.53 76.99
CA LEU C 1228 42.37 -28.58 76.55
C LEU C 1228 41.01 -27.98 76.36
N PHE C 1229 40.63 -27.06 77.27
CA PHE C 1229 39.33 -26.46 77.26
C PHE C 1229 39.10 -25.83 75.93
N LYS C 1230 37.88 -26.00 75.38
CA LYS C 1230 37.57 -25.45 74.09
C LYS C 1230 37.40 -23.98 74.24
N GLN C 1231 37.81 -23.21 73.22
CA GLN C 1231 37.73 -21.78 73.31
C GLN C 1231 36.28 -21.42 73.33
N PRO C 1232 36.00 -20.39 74.09
CA PRO C 1232 34.64 -19.95 74.18
C PRO C 1232 34.20 -19.27 72.93
N SER C 1233 32.91 -19.41 72.59
CA SER C 1233 32.41 -18.77 71.40
C SER C 1233 31.92 -17.42 71.78
N VAL C 1234 31.96 -16.47 70.83
CA VAL C 1234 31.30 -15.26 71.21
C VAL C 1234 30.14 -15.15 70.30
N ILE C 1235 28.96 -14.96 70.89
CA ILE C 1235 27.75 -14.93 70.15
C ILE C 1235 27.10 -13.62 70.30
N HIS C 1236 26.51 -13.13 69.19
CA HIS C 1236 25.80 -11.90 69.29
C HIS C 1236 24.37 -12.27 69.14
N GLU C 1237 23.52 -11.78 70.06
CA GLU C 1237 22.12 -12.04 69.94
C GLU C 1237 21.49 -10.75 69.57
N PRO C 1238 21.25 -10.57 68.31
CA PRO C 1238 20.64 -9.35 67.88
C PRO C 1238 19.15 -9.43 67.90
N ARG C 1239 18.49 -8.26 67.93
CA ARG C 1239 17.09 -8.22 67.70
C ARG C 1239 17.06 -8.20 66.21
N ILE C 1240 16.04 -8.77 65.56
CA ILE C 1240 16.18 -8.75 64.14
C ILE C 1240 15.69 -7.45 63.64
N GLY C 1241 16.65 -6.52 63.44
CA GLY C 1241 16.30 -5.20 63.04
C GLY C 1241 15.40 -4.74 64.13
N HIS C 1242 14.35 -4.04 63.70
CA HIS C 1242 13.19 -3.89 64.52
C HIS C 1242 12.12 -4.50 63.66
N HIS C 1243 11.81 -5.83 63.81
CA HIS C 1243 10.90 -6.51 62.93
C HIS C 1243 9.58 -5.81 62.82
N GLU C 1244 9.40 -5.09 61.68
CA GLU C 1244 8.32 -4.21 61.32
C GLU C 1244 7.04 -4.93 60.98
N GLY C 1245 7.18 -6.00 60.15
CA GLY C 1245 6.17 -6.87 59.55
C GLY C 1245 5.41 -7.79 60.46
N GLU C 1246 6.10 -8.51 61.38
CA GLU C 1246 5.43 -9.42 62.29
C GLU C 1246 4.59 -8.67 63.29
N VAL C 1247 5.17 -7.65 63.94
CA VAL C 1247 4.53 -6.85 64.95
C VAL C 1247 4.49 -5.46 64.39
N TYR C 1248 3.38 -4.75 64.73
CA TYR C 1248 3.21 -3.34 64.48
C TYR C 1248 4.23 -2.73 65.40
N GLN C 1249 4.98 -1.70 64.96
CA GLN C 1249 6.10 -1.34 65.77
C GLN C 1249 5.71 -0.87 67.16
N ALA C 1250 6.18 -1.70 68.12
CA ALA C 1250 5.93 -1.65 69.54
C ALA C 1250 6.34 -0.32 70.09
N GLU C 1251 7.41 0.27 69.50
CA GLU C 1251 8.00 1.52 69.89
C GLU C 1251 6.94 2.61 70.04
N VAL C 1252 5.90 2.65 69.18
CA VAL C 1252 4.87 3.68 69.25
C VAL C 1252 4.00 3.65 70.51
N THR C 1253 3.58 2.48 71.04
CA THR C 1253 2.68 2.40 72.17
C THR C 1253 3.42 2.69 73.44
N SER C 1254 2.72 3.33 74.40
CA SER C 1254 3.38 3.66 75.63
C SER C 1254 2.78 2.79 76.67
N ALA C 1255 3.61 2.51 77.69
CA ALA C 1255 3.15 1.91 78.91
C ALA C 1255 2.64 2.94 79.89
N ASN C 1256 3.47 4.00 80.15
CA ASN C 1256 3.31 4.96 81.24
C ASN C 1256 2.15 5.91 81.23
N ARG C 1257 2.00 6.75 80.20
CA ARG C 1257 0.97 7.74 80.30
C ARG C 1257 0.05 7.51 79.14
N ILE C 1258 -1.20 8.04 79.26
CA ILE C 1258 -2.12 7.96 78.15
C ILE C 1258 -2.52 9.35 77.75
N ARG C 1259 -2.62 9.56 76.43
CA ARG C 1259 -3.07 10.80 75.87
C ARG C 1259 -4.39 10.47 75.25
N LYS C 1260 -5.44 11.24 75.58
CA LYS C 1260 -6.74 10.89 75.07
C LYS C 1260 -7.30 12.09 74.40
N ASN C 1261 -8.40 11.89 73.63
CA ASN C 1261 -9.01 13.01 73.00
C ASN C 1261 -9.61 13.83 74.09
N ILE C 1262 -9.69 15.15 73.86
CA ILE C 1262 -10.15 16.09 74.83
C ILE C 1262 -11.57 15.78 75.20
N GLU C 1263 -12.40 15.39 74.23
CA GLU C 1263 -13.78 15.12 74.53
C GLU C 1263 -13.86 13.99 75.51
N ASN C 1264 -12.96 12.99 75.37
CA ASN C 1264 -12.98 11.80 76.17
C ASN C 1264 -12.79 12.10 77.62
N LEU C 1265 -11.99 13.14 77.95
CA LEU C 1265 -11.63 13.39 79.31
C LEU C 1265 -12.83 13.48 80.19
N SER C 1266 -12.72 12.81 81.36
CA SER C 1266 -13.74 12.82 82.34
C SER C 1266 -13.60 14.10 83.08
N LEU C 1267 -14.60 14.41 83.91
CA LEU C 1267 -14.58 15.66 84.58
C LEU C 1267 -13.40 15.65 85.49
N GLY C 1268 -13.12 14.49 86.10
CA GLY C 1268 -12.00 14.40 86.99
C GLY C 1268 -10.73 14.62 86.23
N GLU C 1269 -10.61 14.03 85.04
CA GLU C 1269 -9.37 14.15 84.32
C GLU C 1269 -9.17 15.60 83.98
N LEU C 1270 -10.24 16.28 83.52
CA LEU C 1270 -10.13 17.64 83.12
C LEU C 1270 -9.77 18.47 84.31
N GLU C 1271 -10.34 18.15 85.48
CA GLU C 1271 -10.11 18.95 86.64
C GLU C 1271 -8.65 18.95 86.95
N SER C 1272 -7.97 17.79 86.83
CA SER C 1272 -6.57 17.81 87.13
C SER C 1272 -5.90 18.74 86.18
N LEU C 1273 -6.30 18.67 84.90
CA LEU C 1273 -5.68 19.45 83.88
C LEU C 1273 -5.89 20.90 84.14
N ARG C 1274 -7.10 21.30 84.55
CA ARG C 1274 -7.34 22.71 84.71
C ARG C 1274 -6.40 23.24 85.74
N ALA C 1275 -6.29 22.52 86.86
CA ALA C 1275 -5.48 22.93 87.95
C ALA C 1275 -4.04 22.95 87.57
N ALA C 1276 -3.57 21.88 86.90
CA ALA C 1276 -2.17 21.75 86.64
C ALA C 1276 -1.73 22.89 85.79
N PHE C 1277 -2.51 23.22 84.75
CA PHE C 1277 -2.12 24.27 83.86
C PHE C 1277 -2.12 25.55 84.62
N LEU C 1278 -3.12 25.76 85.50
CA LEU C 1278 -3.16 27.02 86.17
C LEU C 1278 -1.93 27.15 86.99
N GLU C 1279 -1.51 26.06 87.65
CA GLU C 1279 -0.34 26.13 88.48
C GLU C 1279 0.85 26.33 87.61
N ILE C 1280 0.90 25.67 86.44
CA ILE C 1280 2.08 25.81 85.62
C ILE C 1280 2.18 27.24 85.21
N GLU C 1281 1.02 27.87 84.92
CA GLU C 1281 1.05 29.23 84.49
C GLU C 1281 1.69 30.01 85.59
N ASN C 1282 1.32 29.71 86.84
CA ASN C 1282 1.87 30.40 87.97
C ASN C 1282 3.33 30.09 88.05
N ASP C 1283 3.73 28.84 87.78
CA ASP C 1283 5.12 28.53 87.94
C ASP C 1283 5.91 29.16 86.83
N GLY C 1284 7.25 29.16 87.00
CA GLY C 1284 8.18 29.74 86.10
C GLY C 1284 8.17 29.01 84.79
N THR C 1285 7.92 27.69 84.80
CA THR C 1285 8.10 26.92 83.59
C THR C 1285 7.21 27.39 82.49
N TYR C 1286 5.95 27.75 82.78
CA TYR C 1286 5.04 27.98 81.69
C TYR C 1286 5.53 29.08 80.79
N GLU C 1287 5.92 30.24 81.34
CA GLU C 1287 6.31 31.30 80.45
C GLU C 1287 7.55 30.91 79.71
N SER C 1288 8.53 30.33 80.43
CA SER C 1288 9.79 30.02 79.82
C SER C 1288 9.61 28.95 78.78
N ILE C 1289 8.70 27.99 79.04
CA ILE C 1289 8.54 26.91 78.12
C ILE C 1289 8.04 27.44 76.81
N ALA C 1290 7.18 28.47 76.86
CA ALA C 1290 6.60 29.05 75.69
C ALA C 1290 7.69 29.62 74.83
N LYS C 1291 8.74 30.17 75.46
CA LYS C 1291 9.81 30.84 74.79
C LYS C 1291 10.47 29.92 73.81
N PHE C 1292 10.50 28.61 74.11
CA PHE C 1292 11.23 27.70 73.28
C PHE C 1292 10.72 27.78 71.88
N HIS C 1293 9.38 27.82 71.69
CA HIS C 1293 8.81 27.81 70.38
C HIS C 1293 9.23 29.01 69.59
N GLY C 1294 9.13 30.22 70.17
CA GLY C 1294 9.40 31.38 69.38
C GLY C 1294 9.91 32.46 70.27
N SER C 1295 9.36 33.67 70.14
CA SER C 1295 9.83 34.78 70.93
C SER C 1295 9.50 34.51 72.37
N PRO C 1296 10.39 34.93 73.22
CA PRO C 1296 11.60 35.53 72.76
C PRO C 1296 12.51 34.48 72.17
N GLY C 1297 13.32 34.83 71.16
CA GLY C 1297 14.17 33.87 70.51
C GLY C 1297 15.32 33.48 71.41
N LEU C 1298 15.25 32.24 71.91
CA LEU C 1298 16.20 31.56 72.75
C LEU C 1298 17.33 30.92 72.00
N CYS C 1299 17.18 30.65 70.69
CA CYS C 1299 18.11 29.80 69.98
C CYS C 1299 19.49 30.28 70.17
N GLN C 1300 19.76 31.56 69.88
CA GLN C 1300 21.06 32.03 70.20
C GLN C 1300 20.84 32.80 71.45
N LEU C 1301 21.37 32.30 72.57
CA LEU C 1301 21.11 32.99 73.80
C LEU C 1301 21.75 34.33 73.62
N ASN C 1302 22.98 34.34 73.06
CA ASN C 1302 23.63 35.59 72.83
C ASN C 1302 23.86 35.67 71.35
N GLY C 1303 23.88 36.89 70.80
CA GLY C 1303 24.04 37.04 69.39
C GLY C 1303 22.67 37.24 68.83
N ASN C 1304 22.57 37.33 67.48
CA ASN C 1304 21.28 37.55 66.89
C ASN C 1304 20.43 36.36 67.19
N PRO C 1305 19.24 36.64 67.65
CA PRO C 1305 18.34 35.56 67.96
C PRO C 1305 17.62 35.06 66.74
N ILE C 1306 17.13 33.82 66.79
CA ILE C 1306 16.34 33.24 65.74
C ILE C 1306 15.30 32.40 66.45
N SER C 1307 14.14 32.17 65.80
CA SER C 1307 13.14 31.36 66.44
C SER C 1307 13.69 29.98 66.53
N CYS C 1308 13.44 29.30 67.68
CA CYS C 1308 13.97 27.98 67.91
C CYS C 1308 13.30 26.89 67.14
N CYS C 1309 11.98 26.95 66.94
CA CYS C 1309 11.31 25.82 66.36
C CYS C 1309 11.83 25.55 64.98
N VAL C 1310 12.04 24.26 64.67
CA VAL C 1310 12.43 23.93 63.34
C VAL C 1310 11.16 23.86 62.55
N HIS C 1311 11.10 24.65 61.47
CA HIS C 1311 9.94 24.63 60.63
C HIS C 1311 10.49 24.60 59.23
N GLY C 1312 9.76 23.93 58.32
CA GLY C 1312 10.23 23.88 56.97
C GLY C 1312 11.37 22.92 56.93
N MET C 1313 11.50 22.06 57.97
CA MET C 1313 12.57 21.12 58.00
C MET C 1313 11.98 19.79 58.35
N PRO C 1314 12.66 18.75 57.95
CA PRO C 1314 12.22 17.41 58.25
C PRO C 1314 12.33 17.13 59.72
N THR C 1315 13.17 17.92 60.42
CA THR C 1315 13.42 17.82 61.83
C THR C 1315 12.17 18.25 62.56
N PHE C 1316 11.32 19.00 61.85
CA PHE C 1316 10.17 19.68 62.37
C PHE C 1316 9.29 18.78 63.20
N PRO C 1317 8.86 17.63 62.77
CA PRO C 1317 7.99 16.88 63.64
C PRO C 1317 8.66 16.46 64.91
N HIS C 1318 9.97 16.19 64.86
CA HIS C 1318 10.70 15.74 66.01
C HIS C 1318 10.72 16.85 67.00
N TRP C 1319 10.98 18.08 66.52
CA TRP C 1319 11.13 19.18 67.44
C TRP C 1319 9.87 19.34 68.22
N HIS C 1320 8.74 19.42 67.49
CA HIS C 1320 7.47 19.64 68.13
C HIS C 1320 7.14 18.48 68.99
N ARG C 1321 7.51 17.25 68.57
CA ARG C 1321 7.19 16.13 69.39
C ARG C 1321 7.83 16.32 70.72
N LEU C 1322 9.11 16.76 70.74
CA LEU C 1322 9.79 16.97 71.98
C LEU C 1322 9.10 18.06 72.73
N TYR C 1323 8.59 19.08 72.01
CA TYR C 1323 8.00 20.19 72.69
C TYR C 1323 6.82 19.74 73.49
N VAL C 1324 5.95 18.90 72.92
CA VAL C 1324 4.77 18.50 73.63
C VAL C 1324 5.14 17.77 74.88
N VAL C 1325 6.12 16.87 74.82
CA VAL C 1325 6.46 16.14 76.01
C VAL C 1325 6.95 17.10 77.05
N VAL C 1326 7.64 18.16 76.64
CA VAL C 1326 8.16 19.09 77.60
C VAL C 1326 7.01 19.62 78.40
N VAL C 1327 5.94 20.06 77.72
CA VAL C 1327 4.84 20.62 78.45
C VAL C 1327 4.19 19.54 79.25
N GLU C 1328 4.11 18.32 78.69
CA GLU C 1328 3.45 17.26 79.39
C GLU C 1328 4.15 17.01 80.68
N ASN C 1329 5.50 16.98 80.64
CA ASN C 1329 6.23 16.70 81.83
C ASN C 1329 5.94 17.76 82.83
N ALA C 1330 5.84 19.02 82.35
CA ALA C 1330 5.58 20.13 83.22
C ALA C 1330 4.26 19.92 83.89
N LEU C 1331 3.26 19.44 83.14
CA LEU C 1331 1.94 19.25 83.67
C LEU C 1331 2.01 18.22 84.76
N LEU C 1332 2.77 17.13 84.53
CA LEU C 1332 2.86 16.09 85.50
C LEU C 1332 3.45 16.66 86.76
N LYS C 1333 4.45 17.53 86.60
CA LYS C 1333 5.05 18.11 87.76
C LYS C 1333 3.95 18.85 88.46
N LYS C 1334 3.06 19.44 87.65
CA LYS C 1334 1.94 20.20 88.11
C LYS C 1334 1.03 19.27 88.85
N GLY C 1335 1.09 17.96 88.53
CA GLY C 1335 0.21 17.06 89.21
C GLY C 1335 -0.86 16.62 88.28
N SER C 1336 -0.63 16.79 86.96
CA SER C 1336 -1.60 16.34 86.02
C SER C 1336 -1.61 14.84 86.06
N SER C 1337 -2.82 14.25 86.13
CA SER C 1337 -2.98 12.83 86.16
C SER C 1337 -2.77 12.23 84.80
N VAL C 1338 -3.09 12.99 83.73
CA VAL C 1338 -3.07 12.40 82.42
C VAL C 1338 -2.23 13.24 81.50
N ALA C 1339 -1.87 12.68 80.32
CA ALA C 1339 -1.07 13.33 79.33
C ALA C 1339 -1.89 14.38 78.64
N VAL C 1340 -1.23 15.27 77.89
CA VAL C 1340 -1.94 16.32 77.22
C VAL C 1340 -2.85 15.69 76.22
N PRO C 1341 -4.07 16.16 76.24
CA PRO C 1341 -5.07 15.65 75.36
C PRO C 1341 -4.88 16.20 73.98
N TYR C 1342 -5.49 15.54 72.97
CA TYR C 1342 -5.32 16.03 71.64
C TYR C 1342 -6.67 16.42 71.11
N TRP C 1343 -6.71 17.56 70.40
CA TRP C 1343 -7.94 18.03 69.83
C TRP C 1343 -7.94 17.54 68.42
N ASP C 1344 -8.68 16.44 68.16
CA ASP C 1344 -8.70 15.89 66.83
C ASP C 1344 -9.37 16.88 65.94
N TRP C 1345 -8.56 17.64 65.19
CA TRP C 1345 -9.04 18.65 64.29
C TRP C 1345 -9.65 18.00 63.08
N THR C 1346 -9.07 16.85 62.65
CA THR C 1346 -9.50 16.23 61.43
C THR C 1346 -10.95 15.94 61.52
N LYS C 1347 -11.38 15.38 62.66
CA LYS C 1347 -12.76 15.10 62.88
C LYS C 1347 -13.47 16.42 62.79
N ARG C 1348 -14.62 16.45 62.07
CA ARG C 1348 -15.32 17.70 61.96
C ARG C 1348 -15.94 17.99 63.28
N ILE C 1349 -15.85 19.25 63.76
CA ILE C 1349 -16.36 19.50 65.06
C ILE C 1349 -17.54 20.40 64.97
N GLU C 1350 -18.62 20.03 65.69
CA GLU C 1350 -19.80 20.82 65.70
C GLU C 1350 -19.47 22.12 66.36
N HIS C 1351 -18.71 22.07 67.47
CA HIS C 1351 -18.40 23.29 68.17
C HIS C 1351 -17.03 23.15 68.74
N LEU C 1352 -16.47 24.27 69.26
CA LEU C 1352 -15.16 24.17 69.82
C LEU C 1352 -15.28 23.52 71.15
N PRO C 1353 -14.24 22.78 71.47
CA PRO C 1353 -14.21 22.01 72.68
C PRO C 1353 -14.51 22.86 73.86
N HIS C 1354 -15.28 22.28 74.81
CA HIS C 1354 -15.72 22.94 75.99
C HIS C 1354 -14.53 23.25 76.86
N LEU C 1355 -13.55 22.33 76.90
CA LEU C 1355 -12.44 22.52 77.78
C LEU C 1355 -11.74 23.80 77.45
N ILE C 1356 -11.39 24.00 76.17
CA ILE C 1356 -10.68 25.19 75.79
C ILE C 1356 -11.58 26.40 75.87
N SER C 1357 -12.84 26.27 75.43
CA SER C 1357 -13.74 27.35 75.26
C SER C 1357 -14.09 28.04 76.54
N ASP C 1358 -14.32 27.29 77.63
CA ASP C 1358 -14.79 27.90 78.84
C ASP C 1358 -13.89 28.99 79.30
N ALA C 1359 -14.46 30.20 79.46
CA ALA C 1359 -13.74 31.33 79.96
C ALA C 1359 -13.40 31.10 81.41
N THR C 1360 -14.38 30.59 82.18
CA THR C 1360 -14.15 30.44 83.60
C THR C 1360 -14.46 29.03 83.99
N TYR C 1361 -13.81 28.55 85.06
CA TYR C 1361 -14.07 27.21 85.52
C TYR C 1361 -14.60 27.34 86.91
N TYR C 1362 -15.81 26.78 87.14
CA TYR C 1362 -16.47 26.86 88.41
C TYR C 1362 -15.71 26.12 89.45
N ASN C 1363 -15.26 24.88 89.13
CA ASN C 1363 -14.58 24.04 90.08
C ASN C 1363 -15.30 24.08 91.39
N SER C 1364 -16.45 23.39 91.46
CA SER C 1364 -17.36 23.40 92.57
C SER C 1364 -16.73 22.86 93.82
N ARG C 1365 -15.76 21.93 93.70
CA ARG C 1365 -15.23 21.32 94.90
C ARG C 1365 -14.68 22.39 95.78
N GLN C 1366 -13.81 23.26 95.22
CA GLN C 1366 -13.33 24.34 96.02
C GLN C 1366 -14.00 25.54 95.44
N HIS C 1367 -14.85 26.21 96.23
CA HIS C 1367 -15.53 27.33 95.66
C HIS C 1367 -14.51 28.33 95.27
N HIS C 1368 -14.42 28.60 93.96
CA HIS C 1368 -13.49 29.58 93.46
C HIS C 1368 -13.93 29.90 92.07
N TYR C 1369 -13.68 31.16 91.65
CA TYR C 1369 -14.00 31.52 90.31
C TYR C 1369 -12.70 31.91 89.69
N GLU C 1370 -12.31 31.21 88.61
CA GLU C 1370 -11.06 31.54 88.00
C GLU C 1370 -11.24 31.39 86.53
N THR C 1371 -10.35 32.02 85.76
CA THR C 1371 -10.45 31.87 84.34
C THR C 1371 -9.97 30.51 84.04
N ASN C 1372 -10.31 29.98 82.85
CA ASN C 1372 -9.83 28.67 82.52
C ASN C 1372 -8.46 28.88 81.97
N PRO C 1373 -7.52 28.22 82.57
CA PRO C 1373 -6.16 28.37 82.13
C PRO C 1373 -6.03 27.85 80.74
N PHE C 1374 -6.92 26.90 80.37
CA PHE C 1374 -6.92 26.33 79.06
C PHE C 1374 -7.35 27.39 78.10
N HIS C 1375 -8.28 28.26 78.53
CA HIS C 1375 -8.83 29.24 77.65
C HIS C 1375 -7.73 30.09 77.08
N HIS C 1376 -6.84 30.65 77.91
CA HIS C 1376 -5.83 31.47 77.32
C HIS C 1376 -4.72 31.68 78.30
N GLY C 1377 -3.73 32.51 77.90
CA GLY C 1377 -2.61 32.82 78.73
C GLY C 1377 -2.20 34.21 78.34
N LYS C 1378 -1.25 34.80 79.08
CA LYS C 1378 -0.85 36.12 78.70
C LYS C 1378 0.56 36.07 78.28
N ILE C 1379 0.98 37.08 77.50
CA ILE C 1379 2.33 37.09 77.06
C ILE C 1379 3.03 38.09 77.90
N THR C 1380 3.88 37.57 78.80
CA THR C 1380 4.56 38.37 79.77
C THR C 1380 5.50 39.34 79.16
N HIS C 1381 6.41 38.87 78.28
CA HIS C 1381 7.41 39.73 77.76
C HIS C 1381 6.77 40.83 77.00
N GLU C 1382 5.90 40.46 76.04
CA GLU C 1382 5.27 41.51 75.31
C GLU C 1382 3.97 41.65 76.01
N ASN C 1383 3.82 42.69 76.86
CA ASN C 1383 2.63 42.73 77.65
C ASN C 1383 1.44 42.80 76.76
N GLU C 1384 0.65 41.68 76.78
CA GLU C 1384 -0.56 41.48 76.02
C GLU C 1384 -1.23 40.21 76.48
N ILE C 1385 -2.44 40.01 75.97
CA ILE C 1385 -3.20 38.82 76.23
C ILE C 1385 -3.24 38.10 74.92
N THR C 1386 -3.11 36.74 74.92
CA THR C 1386 -3.23 36.04 73.69
C THR C 1386 -4.66 36.16 73.27
N THR C 1387 -4.92 36.10 71.95
CA THR C 1387 -6.28 36.21 71.49
C THR C 1387 -6.49 35.15 70.47
N ARG C 1388 -7.79 34.85 70.20
CA ARG C 1388 -8.09 33.91 69.17
C ARG C 1388 -9.20 34.50 68.37
N ASP C 1389 -9.16 34.32 67.03
CA ASP C 1389 -10.21 34.82 66.21
C ASP C 1389 -10.44 33.81 65.14
N PRO C 1390 -11.20 32.78 65.41
CA PRO C 1390 -11.46 31.86 64.35
C PRO C 1390 -12.32 32.55 63.35
N LYS C 1391 -11.75 32.90 62.19
CA LYS C 1391 -12.55 33.53 61.18
C LYS C 1391 -13.49 32.47 60.71
N ASP C 1392 -12.93 31.26 60.51
CA ASP C 1392 -13.75 30.20 60.03
C ASP C 1392 -14.07 29.28 61.17
N SER C 1393 -15.29 29.38 61.71
CA SER C 1393 -15.75 28.42 62.66
C SER C 1393 -16.27 27.28 61.85
N LEU C 1394 -16.27 27.50 60.52
CA LEU C 1394 -16.87 26.70 59.49
C LEU C 1394 -16.32 25.31 59.41
N PHE C 1395 -15.02 25.11 59.75
CA PHE C 1395 -14.33 23.87 59.48
C PHE C 1395 -15.15 22.68 59.88
N HIS C 1396 -15.70 22.02 58.84
CA HIS C 1396 -16.40 20.78 58.92
C HIS C 1396 -16.16 20.18 57.59
N SER C 1397 -15.05 19.44 57.42
CA SER C 1397 -14.88 18.98 56.08
C SER C 1397 -13.84 17.92 56.04
N ASP C 1398 -13.79 17.25 54.87
CA ASP C 1398 -12.88 16.24 54.51
C ASP C 1398 -11.55 16.89 54.31
N TYR C 1399 -11.54 18.22 54.14
CA TYR C 1399 -10.34 18.94 53.74
C TYR C 1399 -9.20 18.62 54.65
N PHE C 1400 -9.42 18.62 55.97
CA PHE C 1400 -8.34 18.33 56.86
C PHE C 1400 -7.91 16.94 56.58
N TYR C 1401 -8.91 16.04 56.43
CA TYR C 1401 -8.69 14.63 56.27
C TYR C 1401 -7.93 14.36 55.02
N GLU C 1402 -8.26 15.04 53.93
CA GLU C 1402 -7.64 14.83 52.65
C GLU C 1402 -6.20 15.19 52.78
N GLN C 1403 -5.92 16.34 53.40
CA GLN C 1403 -4.57 16.78 53.47
C GLN C 1403 -3.78 15.80 54.28
N VAL C 1404 -4.30 15.40 55.44
CA VAL C 1404 -3.59 14.50 56.29
C VAL C 1404 -3.46 13.18 55.62
N LEU C 1405 -4.56 12.74 54.98
CA LEU C 1405 -4.62 11.45 54.36
C LEU C 1405 -3.58 11.39 53.31
N TYR C 1406 -3.43 12.46 52.54
CA TYR C 1406 -2.48 12.46 51.48
C TYR C 1406 -1.13 12.25 52.09
N ALA C 1407 -0.88 12.94 53.23
CA ALA C 1407 0.39 12.84 53.88
C ALA C 1407 0.61 11.42 54.29
N LEU C 1408 -0.46 10.75 54.76
CA LEU C 1408 -0.35 9.40 55.25
C LEU C 1408 0.13 8.52 54.14
N GLU C 1409 -0.33 8.81 52.91
CA GLU C 1409 -0.06 7.97 51.77
C GLU C 1409 1.41 7.87 51.52
N GLN C 1410 2.20 8.95 51.72
CA GLN C 1410 3.59 8.85 51.36
C GLN C 1410 4.35 7.93 52.24
N ASP C 1411 5.14 7.04 51.59
CA ASP C 1411 6.03 6.14 52.24
C ASP C 1411 7.21 6.89 52.76
N ASN C 1412 7.73 7.84 51.94
CA ASN C 1412 8.93 8.54 52.31
C ASN C 1412 8.61 9.46 53.43
N PHE C 1413 9.50 9.49 54.45
CA PHE C 1413 9.28 10.32 55.60
C PHE C 1413 9.30 11.75 55.19
N CYS C 1414 10.32 12.15 54.42
CA CYS C 1414 10.45 13.52 54.04
C CYS C 1414 9.30 13.94 53.20
N ASP C 1415 8.83 13.07 52.29
CA ASP C 1415 7.72 13.46 51.48
C ASP C 1415 6.55 13.66 52.40
N PHE C 1416 6.45 12.79 53.42
CA PHE C 1416 5.38 12.80 54.37
C PHE C 1416 5.41 14.08 55.15
N GLU C 1417 6.59 14.50 55.60
CA GLU C 1417 6.69 15.63 56.48
C GLU C 1417 6.19 16.88 55.83
N ILE C 1418 6.53 17.09 54.54
CA ILE C 1418 6.17 18.33 53.93
C ILE C 1418 4.68 18.45 53.93
N GLN C 1419 3.98 17.37 53.57
CA GLN C 1419 2.55 17.41 53.51
C GLN C 1419 2.03 17.58 54.91
N LEU C 1420 2.62 16.83 55.86
CA LEU C 1420 2.16 16.80 57.22
C LEU C 1420 2.26 18.16 57.83
N GLU C 1421 3.39 18.86 57.58
CA GLU C 1421 3.59 20.13 58.21
C GLU C 1421 2.54 21.10 57.74
N ILE C 1422 2.20 21.05 56.44
CA ILE C 1422 1.27 22.02 55.89
C ILE C 1422 -0.07 21.88 56.53
N LEU C 1423 -0.57 20.65 56.72
CA LEU C 1423 -1.87 20.51 57.31
C LEU C 1423 -1.80 21.04 58.70
N HIS C 1424 -0.63 20.90 59.33
CA HIS C 1424 -0.41 21.32 60.68
C HIS C 1424 -0.67 22.78 60.80
N ASN C 1425 -0.20 23.58 59.83
CA ASN C 1425 -0.33 25.00 59.92
C ASN C 1425 -1.75 25.45 59.84
N ALA C 1426 -2.66 24.67 59.23
CA ALA C 1426 -4.00 25.12 59.04
C ALA C 1426 -4.63 25.47 60.35
N LEU C 1427 -4.43 24.66 61.39
CA LEU C 1427 -5.08 24.96 62.64
C LEU C 1427 -4.60 26.30 63.12
N HIS C 1428 -3.30 26.56 62.99
CA HIS C 1428 -2.76 27.77 63.53
C HIS C 1428 -3.42 28.97 62.92
N SER C 1429 -3.50 29.03 61.58
CA SER C 1429 -4.05 30.20 60.97
C SER C 1429 -5.51 30.30 61.24
N LEU C 1430 -6.21 29.16 61.21
CA LEU C 1430 -7.63 29.16 61.38
C LEU C 1430 -8.02 29.66 62.74
N LEU C 1431 -7.37 29.16 63.82
CA LEU C 1431 -7.72 29.63 65.13
C LEU C 1431 -7.29 31.06 65.33
N GLY C 1432 -6.02 31.37 65.00
CA GLY C 1432 -5.46 32.67 65.28
C GLY C 1432 -6.17 33.72 64.49
N GLY C 1433 -6.38 33.47 63.19
CA GLY C 1433 -7.05 34.45 62.38
C GLY C 1433 -6.19 35.66 62.28
N LYS C 1434 -6.85 36.84 62.30
CA LYS C 1434 -6.29 38.15 62.16
C LYS C 1434 -5.45 38.50 63.34
N GLY C 1435 -5.80 38.02 64.55
CA GLY C 1435 -5.15 38.43 65.76
C GLY C 1435 -3.67 38.33 65.64
N LYS C 1436 -2.99 39.45 65.94
CA LYS C 1436 -1.57 39.58 65.89
C LYS C 1436 -0.95 38.71 66.93
N TYR C 1437 -1.56 38.65 68.14
CA TYR C 1437 -0.97 37.81 69.14
C TYR C 1437 -1.86 36.62 69.22
N SER C 1438 -1.47 35.52 68.54
CA SER C 1438 -2.35 34.38 68.52
C SER C 1438 -1.60 33.21 67.97
N MET C 1439 -2.39 32.16 67.66
CA MET C 1439 -1.96 30.91 67.09
C MET C 1439 -1.42 31.22 65.73
N SER C 1440 -2.00 32.24 65.08
CA SER C 1440 -1.65 32.61 63.73
C SER C 1440 -0.23 33.13 63.66
N ASN C 1441 0.37 33.55 64.79
CA ASN C 1441 1.70 34.08 64.67
C ASN C 1441 2.69 33.08 65.16
N LEU C 1442 3.88 33.06 64.52
CA LEU C 1442 4.91 32.13 64.84
C LEU C 1442 5.37 32.40 66.25
N ASP C 1443 5.64 33.67 66.57
CA ASP C 1443 6.18 33.99 67.86
C ASP C 1443 5.18 33.71 68.96
N TYR C 1444 3.97 34.27 68.80
CA TYR C 1444 2.91 34.28 69.77
C TYR C 1444 2.23 32.96 69.99
N ALA C 1445 2.16 32.10 68.96
CA ALA C 1445 1.34 30.92 68.99
C ALA C 1445 1.61 30.06 70.18
N ALA C 1446 2.87 29.96 70.61
CA ALA C 1446 3.20 29.05 71.69
C ALA C 1446 2.41 29.41 72.90
N PHE C 1447 2.13 30.71 73.11
CA PHE C 1447 1.46 31.15 74.30
C PHE C 1447 0.11 30.51 74.44
N ASP C 1448 -0.69 30.43 73.37
CA ASP C 1448 -2.02 29.89 73.52
C ASP C 1448 -1.91 28.45 73.94
N PRO C 1449 -2.76 28.09 74.86
CA PRO C 1449 -2.80 26.74 75.37
C PRO C 1449 -3.29 25.74 74.36
N VAL C 1450 -4.03 26.19 73.33
CA VAL C 1450 -4.58 25.34 72.32
C VAL C 1450 -3.45 24.69 71.62
N PHE C 1451 -2.31 25.39 71.59
CA PHE C 1451 -1.14 24.97 70.89
C PHE C 1451 -0.80 23.58 71.33
N PHE C 1452 -0.82 23.34 72.66
CA PHE C 1452 -0.44 22.07 73.19
C PHE C 1452 -1.40 21.03 72.68
N LEU C 1453 -2.72 21.32 72.75
CA LEU C 1453 -3.69 20.34 72.36
C LEU C 1453 -3.54 20.02 70.91
N HIS C 1454 -3.33 21.06 70.08
CA HIS C 1454 -3.24 20.83 68.67
C HIS C 1454 -2.05 19.99 68.35
N HIS C 1455 -0.90 20.31 68.96
CA HIS C 1455 0.30 19.58 68.66
C HIS C 1455 0.14 18.17 69.11
N ALA C 1456 -0.62 17.95 70.19
CA ALA C 1456 -0.77 16.61 70.66
C ALA C 1456 -1.40 15.79 69.57
N THR C 1457 -2.43 16.33 68.89
CA THR C 1457 -3.07 15.57 67.86
C THR C 1457 -2.12 15.37 66.71
N THR C 1458 -1.36 16.41 66.35
CA THR C 1458 -0.47 16.32 65.23
C THR C 1458 0.53 15.26 65.53
N ASP C 1459 1.02 15.25 66.78
CA ASP C 1459 1.99 14.28 67.18
C ASP C 1459 1.33 12.94 67.08
N ARG C 1460 0.04 12.86 67.43
CA ARG C 1460 -0.57 11.55 67.40
C ARG C 1460 -0.61 11.07 65.99
N ILE C 1461 -0.89 11.97 65.03
CA ILE C 1461 -0.97 11.57 63.65
C ILE C 1461 0.37 11.07 63.21
N TRP C 1462 1.44 11.72 63.67
CA TRP C 1462 2.76 11.32 63.27
C TRP C 1462 2.92 9.89 63.71
N ALA C 1463 2.47 9.60 64.94
CA ALA C 1463 2.59 8.27 65.48
C ALA C 1463 1.80 7.35 64.60
N ILE C 1464 0.64 7.83 64.11
CA ILE C 1464 -0.22 7.02 63.31
C ILE C 1464 0.53 6.61 62.08
N TRP C 1465 1.23 7.58 61.47
CA TRP C 1465 1.94 7.31 60.25
C TRP C 1465 2.95 6.28 60.53
N GLN C 1466 3.58 6.39 61.70
CA GLN C 1466 4.62 5.51 62.09
C GLN C 1466 4.09 4.11 62.14
N ASP C 1467 2.93 3.88 62.79
CA ASP C 1467 2.43 2.53 62.87
C ASP C 1467 2.03 2.02 61.52
N LEU C 1468 1.51 2.91 60.66
CA LEU C 1468 1.11 2.49 59.34
C LEU C 1468 2.35 2.01 58.63
N GLN C 1469 3.48 2.69 58.88
CA GLN C 1469 4.69 2.39 58.18
C GLN C 1469 5.03 0.96 58.43
N ARG C 1470 4.88 0.49 59.68
CA ARG C 1470 5.19 -0.88 59.95
C ARG C 1470 4.26 -1.79 59.22
N PHE C 1471 3.00 -1.36 59.00
CA PHE C 1471 2.05 -2.18 58.31
C PHE C 1471 2.60 -2.41 56.94
N ARG C 1472 3.18 -1.35 56.36
CA ARG C 1472 3.80 -1.38 55.06
C ARG C 1472 5.00 -2.26 55.16
N LYS C 1473 5.49 -2.46 56.39
CA LYS C 1473 6.65 -3.21 56.77
C LYS C 1473 7.86 -2.38 56.55
N ARG C 1474 7.68 -1.06 56.41
CA ARG C 1474 8.81 -0.20 56.33
C ARG C 1474 9.25 -0.03 57.75
N PRO C 1475 10.49 0.27 57.97
CA PRO C 1475 10.93 0.44 59.32
C PRO C 1475 10.25 1.60 59.95
N TYR C 1476 9.71 1.38 61.16
CA TYR C 1476 8.98 2.33 61.92
C TYR C 1476 9.85 3.44 62.41
N ARG C 1477 11.00 3.09 63.01
CA ARG C 1477 11.81 4.11 63.57
C ARG C 1477 13.02 4.20 62.73
N GLU C 1478 12.84 4.62 61.47
CA GLU C 1478 14.00 4.75 60.64
C GLU C 1478 13.70 5.80 59.63
N ALA C 1479 14.61 6.77 59.49
CA ALA C 1479 14.41 7.75 58.47
C ALA C 1479 15.64 7.75 57.65
N ASN C 1480 15.50 7.54 56.33
CA ASN C 1480 16.67 7.57 55.53
C ASN C 1480 16.61 8.83 54.73
N CYS C 1481 16.21 9.95 55.39
CA CYS C 1481 16.21 11.19 54.68
C CYS C 1481 16.64 12.23 55.65
N ALA C 1482 17.29 13.28 55.14
CA ALA C 1482 17.79 14.35 55.97
C ALA C 1482 18.57 13.77 57.10
N ILE C 1483 19.54 12.89 56.76
CA ILE C 1483 20.31 12.22 57.77
C ILE C 1483 21.06 13.21 58.59
N GLN C 1484 21.60 14.25 57.94
CA GLN C 1484 22.44 15.20 58.61
C GLN C 1484 21.66 15.85 59.71
N LEU C 1485 20.42 16.27 59.40
CA LEU C 1485 19.59 16.98 60.33
C LEU C 1485 19.21 16.12 61.49
N MET C 1486 18.95 14.83 61.25
CA MET C 1486 18.42 14.00 62.29
C MET C 1486 19.36 13.94 63.46
N HIS C 1487 20.67 13.80 63.19
CA HIS C 1487 21.61 13.64 64.26
C HIS C 1487 21.73 14.90 65.06
N THR C 1488 21.55 16.07 64.41
CA THR C 1488 21.73 17.33 65.06
C THR C 1488 20.91 17.39 66.30
N PRO C 1489 21.49 18.00 67.30
CA PRO C 1489 20.80 18.19 68.53
C PRO C 1489 19.75 19.23 68.34
N LEU C 1490 18.65 19.15 69.11
CA LEU C 1490 17.58 20.08 68.91
C LEU C 1490 17.55 21.01 70.07
N GLN C 1491 17.90 22.29 69.84
CA GLN C 1491 17.89 23.27 70.89
C GLN C 1491 16.49 23.77 70.98
N PRO C 1492 16.08 24.40 72.06
CA PRO C 1492 16.90 24.62 73.22
C PRO C 1492 16.99 23.40 74.07
N PHE C 1493 16.42 22.27 73.62
CA PHE C 1493 16.31 21.09 74.43
C PHE C 1493 17.68 20.72 74.90
N ASP C 1494 18.71 20.99 74.08
CA ASP C 1494 20.06 20.67 74.40
C ASP C 1494 20.52 21.38 75.65
N LYS C 1495 20.15 22.66 75.82
CA LYS C 1495 20.68 23.48 76.89
C LYS C 1495 20.10 23.25 78.24
N SER C 1496 20.82 23.81 79.25
CA SER C 1496 20.55 23.73 80.66
C SER C 1496 19.30 24.47 80.98
N ASP C 1497 18.87 25.38 80.09
CA ASP C 1497 17.67 26.13 80.33
C ASP C 1497 16.61 25.08 80.49
N ASN C 1498 16.75 23.97 79.75
CA ASN C 1498 15.80 22.91 79.83
C ASN C 1498 16.17 22.04 80.99
N ASN C 1499 15.33 22.08 82.04
CA ASN C 1499 15.54 21.28 83.21
C ASN C 1499 15.30 19.85 82.88
N ASP C 1500 14.27 19.59 82.04
CA ASP C 1500 13.86 18.26 81.71
C ASP C 1500 15.04 17.50 81.17
N GLU C 1501 15.44 16.45 81.90
CA GLU C 1501 16.55 15.63 81.50
C GLU C 1501 16.15 14.76 80.34
N ALA C 1502 14.92 14.25 80.33
CA ALA C 1502 14.55 13.31 79.31
C ALA C 1502 14.67 13.96 77.98
N THR C 1503 14.17 15.19 77.86
CA THR C 1503 14.17 15.87 76.60
C THR C 1503 15.59 16.06 76.15
N LYS C 1504 16.49 16.38 77.10
CA LYS C 1504 17.85 16.65 76.72
C LYS C 1504 18.45 15.44 76.09
N THR C 1505 18.17 14.25 76.65
CA THR C 1505 18.71 13.04 76.11
C THR C 1505 18.12 12.85 74.74
N HIS C 1506 16.82 13.19 74.62
CA HIS C 1506 15.99 13.06 73.45
C HIS C 1506 16.32 14.04 72.37
N ALA C 1507 17.24 15.00 72.62
CA ALA C 1507 17.44 16.10 71.71
C ALA C 1507 17.68 15.63 70.31
N THR C 1508 18.48 14.58 70.08
CA THR C 1508 18.63 14.19 68.70
C THR C 1508 17.29 13.71 68.23
N PRO C 1509 16.91 14.14 67.06
CA PRO C 1509 15.63 13.77 66.54
C PRO C 1509 15.54 12.33 66.20
N HIS C 1510 16.70 11.66 66.00
CA HIS C 1510 16.66 10.28 65.63
C HIS C 1510 16.01 9.51 66.72
N ASP C 1511 16.37 9.83 67.98
CA ASP C 1511 15.86 9.14 69.12
C ASP C 1511 14.39 9.39 69.29
N GLY C 1512 13.93 10.54 68.75
CA GLY C 1512 12.59 11.03 68.91
C GLY C 1512 11.56 10.07 68.38
N PHE C 1513 11.92 9.28 67.35
CA PHE C 1513 10.93 8.46 66.68
C PHE C 1513 10.23 7.61 67.67
N GLU C 1514 10.94 6.86 68.53
CA GLU C 1514 10.20 6.02 69.41
C GLU C 1514 9.73 6.78 70.58
N TYR C 1515 8.48 7.25 70.51
CA TYR C 1515 7.94 7.99 71.61
C TYR C 1515 7.77 7.04 72.74
N GLN C 1516 7.33 5.81 72.42
CA GLN C 1516 7.06 4.83 73.42
C GLN C 1516 8.32 4.51 74.16
N ASN C 1517 8.20 4.54 75.50
CA ASN C 1517 9.22 4.19 76.44
C ASN C 1517 10.27 5.26 76.47
N SER C 1518 10.48 5.97 75.35
CA SER C 1518 11.41 7.04 75.45
C SER C 1518 10.72 8.09 76.25
N PHE C 1519 9.63 8.59 75.66
CA PHE C 1519 8.78 9.58 76.25
C PHE C 1519 7.95 8.96 77.31
N GLY C 1520 7.45 7.73 77.07
CA GLY C 1520 6.63 7.12 78.07
C GLY C 1520 5.26 7.73 78.00
N TYR C 1521 4.79 8.08 76.79
CA TYR C 1521 3.43 8.56 76.70
C TYR C 1521 2.81 7.88 75.52
N ALA C 1522 1.53 7.47 75.67
CA ALA C 1522 0.85 6.73 74.65
C ALA C 1522 -0.40 7.45 74.31
N TYR C 1523 -1.07 6.96 73.24
CA TYR C 1523 -2.31 7.52 72.83
C TYR C 1523 -3.33 6.45 73.06
N ASP C 1524 -4.57 6.86 73.37
CA ASP C 1524 -5.58 5.90 73.64
C ASP C 1524 -5.79 5.07 72.42
N ASN C 1525 -5.90 5.70 71.24
CA ASN C 1525 -6.10 4.91 70.05
C ASN C 1525 -5.35 5.57 68.94
N LEU C 1526 -4.79 4.77 68.03
CA LEU C 1526 -4.12 5.35 66.91
C LEU C 1526 -4.97 5.06 65.71
N GLU C 1527 -5.91 5.97 65.40
CA GLU C 1527 -6.75 5.78 64.25
C GLU C 1527 -7.02 7.13 63.68
N LEU C 1528 -7.32 7.17 62.38
CA LEU C 1528 -7.67 8.44 61.82
C LEU C 1528 -9.09 8.34 61.37
N ASN C 1529 -9.93 9.27 61.83
CA ASN C 1529 -11.32 9.28 61.47
C ASN C 1529 -11.94 7.95 61.71
N HIS C 1530 -11.65 7.36 62.88
CA HIS C 1530 -12.24 6.09 63.23
C HIS C 1530 -11.98 5.11 62.15
N TYR C 1531 -10.74 5.10 61.61
CA TYR C 1531 -10.43 4.11 60.62
C TYR C 1531 -9.30 3.32 61.22
N SER C 1532 -9.40 1.99 61.14
CA SER C 1532 -8.37 1.17 61.71
C SER C 1532 -7.17 1.32 60.84
N ILE C 1533 -5.99 1.00 61.38
CA ILE C 1533 -4.79 1.19 60.63
C ILE C 1533 -4.88 0.38 59.38
N PRO C 1534 -5.30 -0.84 59.47
CA PRO C 1534 -5.42 -1.61 58.26
C PRO C 1534 -6.49 -1.00 57.41
N GLN C 1535 -7.48 -0.33 58.03
CA GLN C 1535 -8.53 0.26 57.27
C GLN C 1535 -7.95 1.42 56.50
N LEU C 1536 -7.05 2.20 57.12
CA LEU C 1536 -6.51 3.33 56.42
C LEU C 1536 -5.76 2.84 55.24
N ASP C 1537 -5.00 1.74 55.41
CA ASP C 1537 -4.17 1.29 54.33
C ASP C 1537 -5.02 0.98 53.15
N HIS C 1538 -6.17 0.29 53.40
CA HIS C 1538 -7.03 -0.07 52.31
C HIS C 1538 -7.57 1.17 51.69
N MET C 1539 -7.90 2.17 52.52
CA MET C 1539 -8.48 3.40 52.05
C MET C 1539 -7.50 4.09 51.15
N LEU C 1540 -6.21 4.07 51.51
CA LEU C 1540 -5.20 4.75 50.76
C LEU C 1540 -5.14 4.20 49.37
N GLN C 1541 -5.23 2.86 49.26
CA GLN C 1541 -5.06 2.21 47.99
C GLN C 1541 -6.10 2.69 47.03
N GLU C 1542 -7.34 2.86 47.51
CA GLU C 1542 -8.44 3.19 46.66
C GLU C 1542 -8.18 4.50 46.00
N ARG C 1543 -7.60 5.45 46.75
CA ARG C 1543 -7.31 6.77 46.27
C ARG C 1543 -6.34 6.66 45.13
N LYS C 1544 -5.40 5.70 45.26
CA LYS C 1544 -4.37 5.44 44.31
C LYS C 1544 -4.98 5.02 43.00
N ARG C 1545 -6.17 4.42 43.06
CA ARG C 1545 -6.79 3.82 41.91
C ARG C 1545 -6.88 4.80 40.78
N HIS C 1546 -7.37 6.03 41.02
CA HIS C 1546 -7.54 6.95 39.92
C HIS C 1546 -6.27 7.69 39.65
N ASP C 1547 -6.14 8.19 38.41
CA ASP C 1547 -5.01 8.98 38.04
C ASP C 1547 -5.17 10.27 38.75
N ARG C 1548 -4.05 10.97 39.01
CA ARG C 1548 -4.18 12.17 39.76
C ARG C 1548 -3.26 13.19 39.15
N VAL C 1549 -3.64 14.48 39.26
CA VAL C 1549 -2.81 15.54 38.81
C VAL C 1549 -2.65 16.45 39.98
N PHE C 1550 -1.42 16.94 40.21
CA PHE C 1550 -1.19 17.75 41.38
C PHE C 1550 -0.50 18.99 40.97
N ALA C 1551 -0.56 20.00 41.86
CA ALA C 1551 0.16 21.21 41.65
C ALA C 1551 1.23 21.18 42.69
N GLY C 1552 2.47 21.59 42.33
CA GLY C 1552 3.51 21.54 43.31
C GLY C 1552 3.90 22.93 43.63
N PHE C 1553 4.16 23.20 44.92
CA PHE C 1553 4.54 24.53 45.29
C PHE C 1553 5.91 24.46 45.87
N LEU C 1554 6.79 25.39 45.45
CA LEU C 1554 8.08 25.44 46.05
C LEU C 1554 7.91 26.44 47.14
N LEU C 1555 8.04 26.00 48.39
CA LEU C 1555 7.80 26.94 49.46
C LEU C 1555 9.11 27.45 49.93
N HIS C 1556 9.37 28.74 49.67
CA HIS C 1556 10.49 29.41 50.24
C HIS C 1556 9.82 30.31 51.21
N ASN C 1557 9.17 29.73 52.23
CA ASN C 1557 8.40 30.54 53.11
C ASN C 1557 9.31 31.51 53.77
N ILE C 1558 9.01 32.81 53.58
CA ILE C 1558 9.79 33.84 54.20
C ILE C 1558 8.81 34.90 54.60
N GLY C 1559 9.12 35.62 55.71
CA GLY C 1559 8.23 36.67 56.12
C GLY C 1559 7.25 36.13 57.09
N THR C 1560 6.18 36.90 57.35
CA THR C 1560 5.16 36.57 58.29
C THR C 1560 4.32 35.49 57.69
N SER C 1561 3.44 34.88 58.48
CA SER C 1561 2.61 33.84 57.99
C SER C 1561 1.71 34.44 56.96
N ALA C 1562 1.27 33.61 55.99
CA ALA C 1562 0.42 34.12 54.97
C ALA C 1562 -0.41 32.98 54.47
N ASP C 1563 -1.55 33.31 53.84
CA ASP C 1563 -2.41 32.31 53.28
C ASP C 1563 -2.29 32.43 51.81
N GLY C 1564 -2.38 31.30 51.09
CA GLY C 1564 -2.29 31.38 49.66
C GLY C 1564 -3.45 30.67 49.09
N HIS C 1565 -4.05 31.24 48.03
CA HIS C 1565 -5.15 30.62 47.37
C HIS C 1565 -4.77 30.53 45.93
N VAL C 1566 -5.22 29.47 45.25
CA VAL C 1566 -4.85 29.34 43.87
C VAL C 1566 -5.91 28.54 43.17
N PHE C 1567 -6.11 28.77 41.86
CA PHE C 1567 -6.93 27.90 41.07
C PHE C 1567 -6.40 27.95 39.67
N VAL C 1568 -6.77 26.96 38.83
CA VAL C 1568 -6.25 26.88 37.50
C VAL C 1568 -7.19 27.53 36.57
N CYS C 1569 -6.88 28.68 35.94
CA CYS C 1569 -7.82 29.27 35.04
C CYS C 1569 -7.61 28.68 33.65
N LEU C 1570 -8.75 28.54 32.96
CA LEU C 1570 -8.86 27.96 31.65
C LEU C 1570 -8.93 29.09 30.66
N PRO C 1571 -8.35 28.90 29.51
CA PRO C 1571 -8.28 29.96 28.53
C PRO C 1571 -9.57 30.43 27.89
N THR C 1572 -10.66 29.63 27.97
CA THR C 1572 -11.90 29.97 27.33
C THR C 1572 -12.99 29.96 28.33
N GLY C 1573 -14.06 30.70 27.98
CA GLY C 1573 -15.29 30.76 28.72
C GLY C 1573 -16.25 29.93 27.93
N GLU C 1574 -17.33 30.58 27.41
CA GLU C 1574 -18.28 29.84 26.61
C GLU C 1574 -19.02 28.88 27.49
N HIS C 1575 -18.96 27.59 27.06
CA HIS C 1575 -19.50 26.39 27.65
C HIS C 1575 -18.77 25.99 28.91
N THR C 1576 -17.42 26.17 28.93
CA THR C 1576 -16.47 25.86 29.95
C THR C 1576 -16.52 26.85 31.05
N LYS C 1577 -16.31 26.33 32.27
CA LYS C 1577 -16.43 27.13 33.45
C LYS C 1577 -15.33 28.12 33.41
N ASP C 1578 -15.57 29.26 34.05
CA ASP C 1578 -14.63 30.32 34.22
C ASP C 1578 -13.72 29.88 35.32
N CYS C 1579 -12.77 30.74 35.70
CA CYS C 1579 -11.84 30.41 36.75
C CYS C 1579 -12.60 30.03 38.00
N SER C 1580 -12.32 28.80 38.51
CA SER C 1580 -13.05 28.18 39.55
C SER C 1580 -12.70 28.97 40.75
N HIS C 1581 -11.43 29.43 40.76
CA HIS C 1581 -10.86 30.23 41.79
C HIS C 1581 -10.75 29.43 43.04
N GLU C 1582 -10.88 28.08 42.99
CA GLU C 1582 -10.77 27.43 44.26
C GLU C 1582 -10.02 26.15 44.06
N ALA C 1583 -8.71 26.22 43.74
CA ALA C 1583 -8.01 24.99 43.57
C ALA C 1583 -7.93 24.36 44.93
N GLY C 1584 -7.61 25.21 45.92
CA GLY C 1584 -7.46 24.78 47.27
C GLY C 1584 -6.58 25.79 47.89
N MET C 1585 -6.45 25.78 49.24
CA MET C 1585 -5.57 26.76 49.77
C MET C 1585 -4.75 26.09 50.82
N PHE C 1586 -3.54 26.64 51.07
CA PHE C 1586 -2.70 26.13 52.10
C PHE C 1586 -2.17 27.35 52.77
N SER C 1587 -1.75 27.20 54.04
CA SER C 1587 -1.27 28.37 54.72
C SER C 1587 0.10 28.05 55.20
N ILE C 1588 0.88 29.10 55.53
CA ILE C 1588 2.20 28.85 56.05
C ILE C 1588 2.32 29.68 57.29
N LEU C 1589 2.91 29.09 58.35
CA LEU C 1589 3.06 29.80 59.59
C LEU C 1589 4.45 30.35 59.58
N GLY C 1590 4.63 31.61 60.02
CA GLY C 1590 5.95 32.16 60.02
C GLY C 1590 5.94 33.45 60.76
N GLY C 1591 7.14 33.99 61.00
CA GLY C 1591 7.30 35.24 61.69
C GLY C 1591 8.61 35.80 61.23
N GLN C 1592 8.90 37.05 61.62
CA GLN C 1592 10.13 37.67 61.22
C GLN C 1592 11.26 36.94 61.86
N THR C 1593 11.04 36.47 63.10
CA THR C 1593 12.03 35.83 63.91
C THR C 1593 12.50 34.56 63.27
N GLU C 1594 11.60 33.85 62.56
CA GLU C 1594 11.95 32.56 62.05
C GLU C 1594 13.20 32.58 61.24
N MET C 1595 13.96 31.47 61.35
CA MET C 1595 15.17 31.31 60.59
C MET C 1595 14.73 30.95 59.21
N SER C 1596 15.54 31.31 58.20
CA SER C 1596 15.13 31.05 56.86
C SER C 1596 15.10 29.57 56.64
N PHE C 1597 14.09 29.11 55.90
CA PHE C 1597 13.99 27.71 55.59
C PHE C 1597 13.38 27.59 54.23
N VAL C 1598 13.79 26.55 53.48
CA VAL C 1598 13.22 26.30 52.19
C VAL C 1598 12.98 24.84 52.12
N PHE C 1599 11.87 24.42 51.48
CA PHE C 1599 11.60 23.02 51.41
C PHE C 1599 12.49 22.43 50.39
N ASP C 1600 12.99 21.22 50.68
CA ASP C 1600 13.86 20.51 49.79
C ASP C 1600 13.04 20.11 48.59
N ARG C 1601 11.78 19.70 48.83
CA ARG C 1601 10.97 19.23 47.74
C ARG C 1601 9.74 20.06 47.64
N LEU C 1602 8.92 19.78 46.60
CA LEU C 1602 7.71 20.49 46.33
C LEU C 1602 6.65 20.02 47.26
N TYR C 1603 5.62 20.87 47.44
CA TYR C 1603 4.47 20.59 48.25
C TYR C 1603 3.39 20.29 47.28
N LYS C 1604 2.84 19.06 47.33
CA LYS C 1604 1.90 18.64 46.34
C LYS C 1604 0.51 18.79 46.88
N LEU C 1605 -0.40 19.27 46.02
CA LEU C 1605 -1.79 19.41 46.36
C LEU C 1605 -2.53 18.77 45.23
N ASP C 1606 -3.62 18.04 45.52
CA ASP C 1606 -4.34 17.32 44.50
C ASP C 1606 -5.42 18.18 43.91
N ILE C 1607 -5.15 18.67 42.68
CA ILE C 1607 -5.98 19.45 41.81
C ILE C 1607 -7.07 18.62 41.17
N THR C 1608 -6.87 17.29 41.05
CA THR C 1608 -7.62 16.42 40.18
C THR C 1608 -9.10 16.67 40.24
N LYS C 1609 -9.71 16.75 41.43
CA LYS C 1609 -11.14 16.84 41.47
C LYS C 1609 -11.58 18.08 40.76
N ALA C 1610 -10.95 19.22 41.06
CA ALA C 1610 -11.36 20.46 40.48
C ALA C 1610 -11.17 20.42 39.00
N LEU C 1611 -10.04 19.87 38.53
CA LEU C 1611 -9.79 19.89 37.12
C LEU C 1611 -10.84 19.11 36.43
N LYS C 1612 -11.20 17.94 36.98
CA LYS C 1612 -12.17 17.12 36.31
C LYS C 1612 -13.46 17.87 36.27
N LYS C 1613 -13.81 18.56 37.36
CA LYS C 1613 -15.07 19.25 37.41
C LYS C 1613 -15.12 20.23 36.29
N ASN C 1614 -14.04 21.01 36.10
CA ASN C 1614 -14.05 22.00 35.06
C ASN C 1614 -14.07 21.27 33.75
N GLY C 1615 -13.66 19.99 33.76
CA GLY C 1615 -13.77 19.21 32.56
C GLY C 1615 -12.48 19.24 31.81
N VAL C 1616 -11.42 19.79 32.42
CA VAL C 1616 -10.15 19.81 31.75
C VAL C 1616 -9.46 18.52 31.99
N HIS C 1617 -8.60 18.14 31.03
CA HIS C 1617 -7.80 16.97 31.17
C HIS C 1617 -6.45 17.45 31.58
N LEU C 1618 -5.53 16.52 31.86
CA LEU C 1618 -4.21 16.87 32.28
C LEU C 1618 -3.55 17.64 31.16
N GLN C 1619 -3.78 17.19 29.94
CA GLN C 1619 -3.18 17.73 28.75
C GLN C 1619 -3.61 19.14 28.52
N GLY C 1620 -4.88 19.46 28.84
CA GLY C 1620 -5.43 20.75 28.52
C GLY C 1620 -4.56 21.84 29.03
N ASP C 1621 -4.40 22.90 28.19
CA ASP C 1621 -3.62 24.02 28.56
C ASP C 1621 -4.40 24.82 29.53
N PHE C 1622 -3.77 25.13 30.69
CA PHE C 1622 -4.43 25.92 31.69
C PHE C 1622 -3.35 26.64 32.44
N ASP C 1623 -3.71 27.79 33.05
CA ASP C 1623 -2.74 28.50 33.82
C ASP C 1623 -3.12 28.38 35.24
N LEU C 1624 -2.15 28.60 36.16
CA LEU C 1624 -2.47 28.53 37.56
C LEU C 1624 -2.34 29.93 38.06
N GLU C 1625 -3.35 30.42 38.81
CA GLU C 1625 -3.20 31.74 39.34
C GLU C 1625 -3.12 31.62 40.82
N ILE C 1626 -2.17 32.33 41.44
CA ILE C 1626 -2.00 32.21 42.86
C ILE C 1626 -2.12 33.56 43.46
N GLU C 1627 -2.71 33.64 44.66
CA GLU C 1627 -2.77 34.90 45.36
C GLU C 1627 -2.23 34.64 46.73
N ILE C 1628 -1.33 35.50 47.20
CA ILE C 1628 -0.82 35.30 48.52
C ILE C 1628 -1.24 36.45 49.34
N THR C 1629 -1.83 36.17 50.51
CA THR C 1629 -2.27 37.25 51.35
C THR C 1629 -1.68 37.03 52.69
N ALA C 1630 -1.30 38.14 53.36
CA ALA C 1630 -0.76 38.06 54.67
C ALA C 1630 -1.92 37.97 55.60
N VAL C 1631 -1.64 37.62 56.87
CA VAL C 1631 -2.68 37.56 57.85
C VAL C 1631 -3.20 38.95 57.95
N ASN C 1632 -2.29 39.92 57.77
CA ASN C 1632 -2.59 41.33 57.83
C ASN C 1632 -3.60 41.64 56.78
N GLY C 1633 -3.51 40.99 55.60
CA GLY C 1633 -4.44 41.29 54.56
C GLY C 1633 -3.74 42.09 53.52
N SER C 1634 -2.43 42.33 53.73
CA SER C 1634 -1.65 43.01 52.74
C SER C 1634 -1.36 42.02 51.66
N HIS C 1635 -1.40 42.45 50.38
CA HIS C 1635 -1.12 41.54 49.32
C HIS C 1635 0.37 41.39 49.23
N LEU C 1636 0.84 40.18 48.87
CA LEU C 1636 2.25 39.95 48.78
C LEU C 1636 2.57 39.80 47.33
N ASP C 1637 3.74 40.32 46.91
CA ASP C 1637 4.10 40.22 45.52
C ASP C 1637 4.29 38.78 45.18
N SER C 1638 3.48 38.29 44.22
CA SER C 1638 3.54 36.93 43.76
C SER C 1638 4.69 36.76 42.83
N HIS C 1639 5.21 37.86 42.26
CA HIS C 1639 6.21 37.72 41.24
C HIS C 1639 7.41 37.01 41.78
N VAL C 1640 7.83 37.33 43.01
CA VAL C 1640 9.02 36.72 43.53
C VAL C 1640 8.85 35.24 43.59
N ILE C 1641 7.68 34.76 44.04
CA ILE C 1641 7.50 33.34 44.21
C ILE C 1641 7.47 32.66 42.88
N HIS C 1642 8.16 31.51 42.80
CA HIS C 1642 8.23 30.74 41.60
C HIS C 1642 6.89 30.14 41.34
N SER C 1643 6.56 29.95 40.05
CA SER C 1643 5.27 29.43 39.70
C SER C 1643 5.23 27.97 40.05
N PRO C 1644 4.05 27.51 40.35
CA PRO C 1644 3.90 26.13 40.70
C PRO C 1644 3.96 25.25 39.49
N THR C 1645 4.36 23.98 39.68
CA THR C 1645 4.39 23.10 38.55
C THR C 1645 3.19 22.22 38.62
N ILE C 1646 2.87 21.57 37.49
CA ILE C 1646 1.78 20.65 37.45
C ILE C 1646 2.36 19.29 37.25
N LEU C 1647 2.04 18.36 38.15
CA LEU C 1647 2.52 17.03 37.99
C LEU C 1647 1.38 16.12 37.73
N PHE C 1648 1.61 15.10 36.90
CA PHE C 1648 0.59 14.13 36.65
C PHE C 1648 1.07 12.86 37.27
N GLU C 1649 0.23 12.20 38.08
CA GLU C 1649 0.71 10.98 38.65
C GLU C 1649 -0.25 9.89 38.32
N ALA C 1650 0.31 8.73 37.92
CA ALA C 1650 -0.49 7.61 37.55
C ALA C 1650 0.07 6.44 38.27
N GLY C 1651 -0.63 5.30 38.21
CA GLY C 1651 -0.19 4.11 38.86
C GLY C 1651 0.71 3.39 37.90
N THR C 1652 0.98 2.10 38.18
CA THR C 1652 1.85 1.36 37.32
C THR C 1652 1.25 1.33 35.96
N ASP C 1653 -0.03 0.94 35.85
CA ASP C 1653 -0.61 0.93 34.55
C ASP C 1653 -0.61 2.34 34.10
N SER C 1654 0.08 2.55 32.96
CA SER C 1654 0.20 3.81 32.30
C SER C 1654 -0.44 3.56 30.98
N ALA C 1655 -0.62 4.64 30.18
CA ALA C 1655 -1.22 4.57 28.88
C ALA C 1655 -0.18 4.30 27.84
N HIS C 1656 -0.65 3.78 26.69
CA HIS C 1656 0.16 3.51 25.52
C HIS C 1656 -0.02 4.70 24.65
N THR C 1657 0.91 4.91 23.69
CA THR C 1657 0.84 6.05 22.82
C THR C 1657 0.10 5.72 21.57
N ASP C 1658 -0.58 6.76 21.02
CA ASP C 1658 -1.23 6.75 19.73
C ASP C 1658 -0.18 6.82 18.64
N ASP C 1659 0.70 7.85 18.71
CA ASP C 1659 1.74 8.09 17.73
C ASP C 1659 2.98 7.39 18.18
N GLY C 1660 3.61 6.65 17.25
CA GLY C 1660 4.79 5.91 17.60
C GLY C 1660 4.31 4.54 17.99
N HIS C 1661 5.27 3.65 18.24
CA HIS C 1661 4.94 2.29 18.59
C HIS C 1661 5.97 1.82 19.59
N THR C 1662 5.53 1.58 20.85
CA THR C 1662 6.33 1.17 21.98
C THR C 1662 6.96 -0.19 21.81
N GLU C 1663 6.18 -1.22 21.38
CA GLU C 1663 6.64 -2.58 21.25
C GLU C 1663 7.30 -2.80 19.92
N PRO C 1664 8.37 -3.59 19.96
CA PRO C 1664 9.07 -3.95 18.75
C PRO C 1664 8.52 -5.24 18.25
N VAL D 1 12.89 8.73 6.83
CA VAL D 1 13.94 8.10 7.64
C VAL D 1 15.29 8.64 7.30
N MET D 2 15.58 9.88 7.77
CA MET D 2 16.92 10.37 7.58
C MET D 2 17.68 9.71 8.66
N ILE D 3 18.93 9.26 8.40
CA ILE D 3 19.55 8.49 9.45
C ILE D 3 20.67 9.26 10.06
N ARG D 4 20.73 9.22 11.41
CA ARG D 4 21.81 9.85 12.11
C ARG D 4 22.69 8.74 12.60
N LYS D 5 23.99 8.84 12.31
CA LYS D 5 24.90 7.79 12.64
C LYS D 5 26.03 8.36 13.44
N ASP D 6 26.90 7.48 13.91
CA ASP D 6 28.04 7.91 14.66
C ASP D 6 28.89 8.66 13.69
N ILE D 7 29.55 9.73 14.17
CA ILE D 7 30.32 10.55 13.29
C ILE D 7 31.42 9.72 12.71
N THR D 8 31.98 8.80 13.50
CA THR D 8 33.07 7.98 13.03
C THR D 8 32.65 7.11 11.88
N GLN D 9 31.43 6.53 11.93
CA GLN D 9 30.94 5.58 10.97
C GLN D 9 30.88 6.20 9.62
N LEU D 10 30.59 7.51 9.57
CA LEU D 10 30.26 8.22 8.37
C LEU D 10 31.24 7.96 7.26
N ASP D 11 30.69 7.93 6.03
CA ASP D 11 31.44 7.69 4.82
C ASP D 11 32.10 8.97 4.40
N LYS D 12 33.10 8.86 3.50
CA LYS D 12 33.77 10.03 3.02
C LYS D 12 32.74 10.84 2.29
N ARG D 13 31.89 10.16 1.50
CA ARG D 13 30.88 10.89 0.79
C ARG D 13 29.97 11.50 1.80
N GLN D 14 29.63 10.77 2.86
CA GLN D 14 28.72 11.30 3.82
C GLN D 14 29.35 12.53 4.40
N GLN D 15 30.65 12.44 4.72
CA GLN D 15 31.37 13.51 5.33
C GLN D 15 31.38 14.66 4.38
N LEU D 16 31.57 14.35 3.10
CA LEU D 16 31.72 15.29 2.04
C LEU D 16 30.52 16.17 2.05
N SER D 17 29.34 15.54 2.13
CA SER D 17 28.15 16.31 2.06
C SER D 17 28.09 17.26 3.22
N LEU D 18 28.37 16.75 4.43
CA LEU D 18 28.23 17.58 5.59
C LEU D 18 29.16 18.74 5.52
N VAL D 19 30.40 18.50 5.10
CA VAL D 19 31.31 19.60 5.07
C VAL D 19 30.85 20.65 4.12
N LYS D 20 30.45 20.25 2.90
CA LYS D 20 30.02 21.20 1.93
C LYS D 20 28.78 21.89 2.39
N ALA D 21 27.83 21.10 2.94
CA ALA D 21 26.56 21.64 3.29
C ALA D 21 26.71 22.70 4.33
N LEU D 22 27.51 22.43 5.39
CA LEU D 22 27.65 23.37 6.46
C LEU D 22 28.32 24.58 5.93
N GLU D 23 29.32 24.40 5.05
CA GLU D 23 30.04 25.53 4.56
C GLU D 23 29.09 26.40 3.80
N SER D 24 28.22 25.79 2.99
CA SER D 24 27.27 26.57 2.25
C SER D 24 26.32 27.20 3.22
N MET D 25 25.99 26.48 4.30
CA MET D 25 25.06 26.98 5.26
C MET D 25 25.63 28.22 5.86
N LYS D 26 26.96 28.22 6.09
CA LYS D 26 27.61 29.34 6.69
C LYS D 26 27.35 30.55 5.85
N ALA D 27 27.48 30.40 4.54
CA ALA D 27 27.33 31.46 3.57
C ALA D 27 25.91 31.95 3.55
N ASP D 28 24.94 31.04 3.74
CA ASP D 28 23.53 31.34 3.57
C ASP D 28 23.16 32.62 4.25
N HIS D 29 22.75 33.58 3.40
CA HIS D 29 22.34 34.91 3.71
C HIS D 29 21.02 34.87 4.44
N SER D 30 20.24 33.82 4.16
CA SER D 30 18.89 33.69 4.65
C SER D 30 18.84 33.59 6.15
N SER D 31 17.63 33.80 6.69
CA SER D 31 17.35 33.74 8.09
C SER D 31 17.55 32.32 8.51
N ASP D 32 17.34 31.41 7.55
CA ASP D 32 17.53 30.01 7.74
C ASP D 32 19.00 29.77 7.90
N GLY D 33 19.82 30.73 7.44
CA GLY D 33 21.25 30.62 7.42
C GLY D 33 21.79 30.31 8.80
N PHE D 34 23.03 29.79 8.83
CA PHE D 34 23.72 29.29 9.99
C PHE D 34 23.88 30.35 11.03
N GLN D 35 24.34 31.55 10.63
CA GLN D 35 24.59 32.56 11.62
C GLN D 35 23.30 32.85 12.31
N ALA D 36 22.20 32.93 11.53
CA ALA D 36 20.91 33.22 12.07
C ALA D 36 20.47 32.09 12.96
N ILE D 37 20.75 30.84 12.56
CA ILE D 37 20.30 29.70 13.31
C ILE D 37 20.97 29.71 14.64
N ALA D 38 22.25 30.08 14.68
CA ALA D 38 23.02 30.05 15.88
C ALA D 38 22.38 30.94 16.90
N SER D 39 21.85 32.10 16.46
CA SER D 39 21.32 33.07 17.37
C SER D 39 20.17 32.50 18.14
N PHE D 40 19.57 31.39 17.68
CA PHE D 40 18.44 30.82 18.37
C PHE D 40 18.82 30.44 19.76
N HIS D 41 19.95 29.72 19.93
CA HIS D 41 20.35 29.19 21.20
C HIS D 41 20.73 30.25 22.20
N ALA D 42 21.44 31.31 21.75
CA ALA D 42 21.97 32.28 22.67
C ALA D 42 22.05 33.59 21.96
N LEU D 43 23.10 34.38 22.25
CA LEU D 43 23.25 35.67 21.65
C LEU D 43 23.48 35.54 20.19
N PRO D 44 22.93 36.50 19.48
CA PRO D 44 22.15 37.55 20.08
C PRO D 44 20.85 36.98 20.56
N PRO D 45 20.33 37.44 21.66
CA PRO D 45 19.08 36.92 22.14
C PRO D 45 17.88 37.35 21.36
N LEU D 46 17.11 36.37 20.87
CA LEU D 46 15.87 36.48 20.15
C LEU D 46 14.60 36.31 20.96
N CYS D 47 14.69 35.76 22.18
CA CYS D 47 13.52 35.24 22.86
C CYS D 47 12.38 36.15 23.09
N PRO D 48 12.49 37.30 23.74
CA PRO D 48 11.30 38.04 24.03
C PRO D 48 10.62 38.43 22.77
N SER D 49 11.43 38.81 21.78
CA SER D 49 11.01 39.18 20.47
C SER D 49 12.29 39.41 19.76
N PRO D 50 12.27 39.35 18.47
CA PRO D 50 13.50 39.58 17.78
C PRO D 50 13.98 40.97 18.05
N ALA D 51 13.06 41.94 18.16
CA ALA D 51 13.50 43.25 18.50
C ALA D 51 12.77 43.65 19.73
N ALA D 52 13.47 43.58 20.88
CA ALA D 52 12.90 43.95 22.14
C ALA D 52 14.03 44.52 22.92
N SER D 53 13.74 45.47 23.84
CA SER D 53 14.80 46.09 24.58
C SER D 53 15.52 45.04 25.33
N LYS D 54 14.84 44.41 26.31
CA LYS D 54 15.53 43.42 27.06
C LYS D 54 15.32 42.14 26.35
N ARG D 55 16.43 41.43 26.10
CA ARG D 55 16.30 40.16 25.45
C ARG D 55 16.93 39.15 26.34
N PHE D 56 16.37 37.93 26.31
CA PHE D 56 16.85 36.84 27.09
C PHE D 56 17.28 35.80 26.11
N ALA D 57 18.14 34.87 26.53
CA ALA D 57 18.68 33.85 25.66
C ALA D 57 17.76 32.67 25.58
N CYS D 58 17.73 31.99 24.42
CA CYS D 58 16.75 30.94 24.33
C CYS D 58 17.22 29.68 24.87
N CYS D 59 17.01 29.59 26.17
CA CYS D 59 17.40 28.43 26.84
C CYS D 59 16.27 28.06 27.72
N VAL D 60 15.68 26.89 27.41
CA VAL D 60 14.64 26.32 28.22
C VAL D 60 15.39 25.28 29.00
N HIS D 61 16.58 25.73 29.49
CA HIS D 61 17.57 25.02 30.23
C HIS D 61 17.07 24.99 31.62
N GLY D 62 17.35 23.90 32.35
CA GLY D 62 16.94 23.84 33.71
C GLY D 62 15.47 23.59 33.75
N MET D 63 14.90 23.10 32.63
CA MET D 63 13.48 22.84 32.61
C MET D 63 13.26 21.50 31.96
N ALA D 64 12.05 20.95 32.17
CA ALA D 64 11.64 19.67 31.65
C ALA D 64 11.60 19.73 30.14
N THR D 65 11.20 20.89 29.61
CA THR D 65 11.01 21.17 28.22
C THR D 65 12.32 21.10 27.51
N PHE D 66 13.42 21.15 28.27
CA PHE D 66 14.77 21.26 27.77
C PHE D 66 15.09 20.25 26.70
N PRO D 67 14.89 18.98 26.86
CA PRO D 67 15.28 18.11 25.78
C PRO D 67 14.50 18.36 24.54
N GLN D 68 13.22 18.74 24.66
CA GLN D 68 12.41 18.95 23.50
C GLN D 68 12.94 20.12 22.73
N TRP D 69 13.30 21.21 23.43
CA TRP D 69 13.73 22.40 22.76
C TRP D 69 14.94 22.07 21.94
N HIS D 70 15.93 21.42 22.58
CA HIS D 70 17.15 21.09 21.92
C HIS D 70 16.89 20.11 20.82
N ARG D 71 15.92 19.19 21.02
CA ARG D 71 15.67 18.24 19.98
C ARG D 71 15.27 18.99 18.74
N LEU D 72 14.38 20.01 18.87
CA LEU D 72 13.98 20.77 17.72
C LEU D 72 15.16 21.49 17.17
N TYR D 73 16.07 21.93 18.06
CA TYR D 73 17.18 22.72 17.61
C TYR D 73 17.98 21.91 16.64
N THR D 74 18.24 20.63 16.96
CA THR D 74 19.07 19.83 16.11
C THR D 74 18.42 19.70 14.76
N VAL D 75 17.10 19.41 14.74
CA VAL D 75 16.44 19.18 13.48
C VAL D 75 16.49 20.44 12.68
N GLN D 76 16.44 21.61 13.36
CA GLN D 76 16.47 22.85 12.62
C GLN D 76 17.73 22.86 11.83
N PHE D 77 18.85 22.44 12.45
CA PHE D 77 20.09 22.41 11.73
C PHE D 77 20.03 21.36 10.67
N GLN D 78 19.44 20.20 10.99
CA GLN D 78 19.42 19.09 10.06
C GLN D 78 18.67 19.50 8.83
N ASP D 79 17.51 20.16 9.01
CA ASP D 79 16.73 20.54 7.86
C ASP D 79 17.53 21.49 7.05
N SER D 80 18.27 22.38 7.72
CA SER D 80 19.05 23.37 7.04
C SER D 80 20.07 22.71 6.19
N LEU D 81 20.75 21.68 6.73
CA LEU D 81 21.81 21.05 5.99
C LEU D 81 21.25 20.43 4.76
N ARG D 82 20.05 19.84 4.89
CA ARG D 82 19.38 19.19 3.81
C ARG D 82 19.13 20.20 2.73
N LYS D 83 18.79 21.44 3.11
CA LYS D 83 18.57 22.43 2.10
C LYS D 83 19.86 22.56 1.37
N HIS D 84 20.96 22.46 2.11
CA HIS D 84 22.30 22.55 1.60
C HIS D 84 22.62 21.34 0.78
N GLY D 85 21.85 20.25 0.95
CA GLY D 85 22.16 19.07 0.19
C GLY D 85 22.79 18.08 1.11
N ALA D 86 22.54 18.22 2.41
CA ALA D 86 23.06 17.26 3.33
C ALA D 86 22.40 15.96 2.99
N VAL D 87 23.24 14.94 2.74
CA VAL D 87 22.76 13.64 2.39
C VAL D 87 22.15 12.96 3.58
N VAL D 88 22.74 13.16 4.78
CA VAL D 88 22.25 12.44 5.92
C VAL D 88 21.95 13.36 7.04
N GLY D 89 21.51 12.75 8.17
CA GLY D 89 21.17 13.48 9.35
C GLY D 89 22.43 13.78 10.10
N LEU D 90 22.35 14.76 11.04
CA LEU D 90 23.52 15.16 11.77
C LEU D 90 23.94 14.00 12.61
N PRO D 91 25.21 13.75 12.54
CA PRO D 91 25.82 12.63 13.23
C PRO D 91 25.99 12.92 14.69
N TYR D 92 26.22 11.87 15.52
CA TYR D 92 26.36 12.08 16.92
C TYR D 92 27.71 11.64 17.38
N TRP D 93 28.33 12.44 18.27
CA TRP D 93 29.63 12.17 18.82
C TRP D 93 29.39 11.56 20.17
N ASP D 94 29.64 10.24 20.29
CA ASP D 94 29.35 9.59 21.53
C ASP D 94 30.46 9.84 22.51
N TRP D 95 30.24 10.78 23.44
CA TRP D 95 31.16 11.11 24.50
C TRP D 95 31.27 9.98 25.48
N THR D 96 30.19 9.18 25.61
CA THR D 96 30.11 8.16 26.61
C THR D 96 31.33 7.31 26.55
N LEU D 97 31.77 6.89 25.35
CA LEU D 97 32.97 6.12 25.29
C LEU D 97 34.13 7.05 25.49
N PRO D 98 35.21 6.54 26.02
CA PRO D 98 36.37 7.38 26.18
C PRO D 98 36.98 7.59 24.84
N ARG D 99 37.54 8.78 24.55
CA ARG D 99 38.06 8.94 23.23
C ARG D 99 39.45 9.50 23.30
N SER D 100 40.44 8.69 22.89
CA SER D 100 41.81 9.12 22.93
C SER D 100 41.97 10.25 21.97
N GLU D 101 41.42 10.09 20.75
CA GLU D 101 41.54 11.08 19.74
C GLU D 101 40.22 11.77 19.62
N LEU D 102 40.23 13.09 19.39
CA LEU D 102 39.00 13.79 19.21
C LEU D 102 38.57 13.53 17.81
N PRO D 103 37.28 13.58 17.58
CA PRO D 103 36.73 13.29 16.28
C PRO D 103 37.42 14.08 15.22
N GLU D 104 37.86 13.39 14.16
CA GLU D 104 38.60 13.97 13.08
C GLU D 104 37.75 14.91 12.31
N LEU D 105 36.43 14.63 12.20
CA LEU D 105 35.61 15.45 11.35
C LEU D 105 35.68 16.85 11.87
N LEU D 106 35.41 17.03 13.17
CA LEU D 106 35.41 18.34 13.74
C LEU D 106 36.78 18.88 13.98
N THR D 107 37.74 18.03 14.35
CA THR D 107 39.06 18.47 14.72
C THR D 107 39.88 19.05 13.60
N VAL D 108 39.85 18.45 12.39
CA VAL D 108 40.80 18.93 11.43
C VAL D 108 40.44 20.29 10.93
N SER D 109 41.45 21.18 10.89
CA SER D 109 41.31 22.54 10.46
C SER D 109 41.08 22.60 8.98
N THR D 110 41.83 21.78 8.20
CA THR D 110 41.68 21.88 6.79
C THR D 110 41.08 20.61 6.30
N ILE D 111 40.25 20.70 5.24
CA ILE D 111 39.72 19.48 4.73
C ILE D 111 40.15 19.37 3.31
N HIS D 112 40.83 18.26 2.98
CA HIS D 112 41.21 18.08 1.62
C HIS D 112 40.43 16.91 1.11
N ASP D 113 39.15 17.15 0.76
CA ASP D 113 38.34 16.10 0.25
C ASP D 113 38.93 15.74 -1.08
N PRO D 114 38.98 14.47 -1.32
CA PRO D 114 39.59 14.03 -2.54
C PRO D 114 38.84 14.36 -3.79
N GLU D 115 37.49 14.46 -3.76
CA GLU D 115 36.82 14.68 -5.00
C GLU D 115 37.22 16.00 -5.59
N THR D 116 37.07 17.08 -4.80
CA THR D 116 37.40 18.37 -5.32
C THR D 116 38.88 18.43 -5.54
N GLY D 117 39.65 17.93 -4.56
CA GLY D 117 41.08 17.97 -4.65
C GLY D 117 41.52 19.30 -4.14
N ARG D 118 40.56 20.17 -3.78
CA ARG D 118 40.90 21.47 -3.28
C ARG D 118 40.92 21.40 -1.78
N ASP D 119 41.65 22.33 -1.14
CA ASP D 119 41.73 22.32 0.29
C ASP D 119 41.05 23.55 0.81
N ILE D 120 40.15 23.36 1.80
CA ILE D 120 39.42 24.44 2.39
C ILE D 120 39.39 24.19 3.87
N PRO D 121 39.08 25.17 4.67
CA PRO D 121 39.01 24.92 6.09
C PRO D 121 37.79 24.09 6.39
N ASN D 122 37.81 23.34 7.50
CA ASN D 122 36.71 22.48 7.81
C ASN D 122 35.67 23.30 8.48
N PRO D 123 34.58 23.52 7.81
CA PRO D 123 33.52 24.32 8.37
C PRO D 123 33.12 23.76 9.69
N PHE D 124 33.28 22.44 9.89
CA PHE D 124 32.96 21.79 11.12
C PHE D 124 33.91 22.22 12.19
N ILE D 125 35.16 22.57 11.82
CA ILE D 125 36.13 22.93 12.83
C ILE D 125 35.66 24.12 13.61
N GLY D 126 35.07 25.14 12.94
CA GLY D 126 34.67 26.27 13.72
C GLY D 126 33.84 27.16 12.86
N SER D 127 33.42 28.29 13.44
CA SER D 127 32.64 29.26 12.74
C SER D 127 33.11 30.58 13.23
N LYS D 128 32.60 31.68 12.65
CA LYS D 128 33.00 32.96 13.11
C LYS D 128 31.81 33.58 13.76
N ILE D 129 32.03 34.37 14.81
CA ILE D 129 30.90 34.98 15.45
C ILE D 129 30.80 36.35 14.87
N GLU D 130 29.86 36.53 13.92
CA GLU D 130 29.72 37.77 13.21
C GLU D 130 29.21 38.90 14.06
N PHE D 131 28.04 38.70 14.71
CA PHE D 131 27.44 39.83 15.39
C PHE D 131 28.35 40.22 16.50
N GLU D 132 28.83 39.23 17.27
CA GLU D 132 29.79 39.60 18.26
C GLU D 132 30.91 40.03 17.40
N GLY D 133 31.60 41.10 17.81
CA GLY D 133 32.60 41.64 16.95
C GLY D 133 33.62 40.59 16.70
N GLU D 134 33.87 39.75 17.72
CA GLU D 134 34.91 38.77 17.65
C GLU D 134 34.76 37.98 16.39
N ASN D 135 35.60 38.36 15.40
CA ASN D 135 35.66 37.70 14.15
C ASN D 135 36.77 36.76 14.37
N VAL D 136 36.51 35.82 15.27
CA VAL D 136 37.46 34.85 15.65
C VAL D 136 36.79 33.58 15.36
N HIS D 137 37.59 32.50 15.21
CA HIS D 137 37.10 31.16 15.07
C HIS D 137 36.57 30.77 16.43
N THR D 138 35.39 30.11 16.47
CA THR D 138 34.81 29.75 17.73
C THR D 138 35.81 28.85 18.38
N LYS D 139 36.41 29.32 19.49
CA LYS D 139 37.57 28.65 19.95
C LYS D 139 37.20 27.61 20.93
N ARG D 140 37.87 26.43 20.85
CA ARG D 140 37.61 25.48 21.88
C ARG D 140 38.94 25.19 22.45
N ASP D 141 39.01 25.28 23.78
CA ASP D 141 40.22 25.00 24.46
C ASP D 141 39.88 23.79 25.25
N ILE D 142 40.09 22.60 24.67
CA ILE D 142 39.75 21.46 25.46
C ILE D 142 40.96 21.27 26.29
N ASN D 143 41.03 22.12 27.33
CA ASN D 143 42.16 22.12 28.21
C ASN D 143 42.18 20.78 28.81
N ARG D 144 40.98 20.27 29.14
CA ARG D 144 40.94 18.96 29.70
C ARG D 144 40.72 18.00 28.58
N ASP D 145 41.85 17.39 28.15
CA ASP D 145 41.97 16.29 27.23
C ASP D 145 41.66 15.09 28.06
N ARG D 146 41.59 15.34 29.38
CA ARG D 146 41.47 14.37 30.42
C ARG D 146 40.26 13.54 30.14
N LEU D 147 39.36 14.02 29.28
CA LEU D 147 38.14 13.33 28.98
C LEU D 147 38.49 11.92 28.54
N PHE D 148 39.55 11.75 27.74
CA PHE D 148 39.93 10.46 27.26
C PHE D 148 40.44 9.60 28.36
N GLN D 149 40.64 10.16 29.57
CA GLN D 149 41.11 9.35 30.66
C GLN D 149 39.94 8.66 31.26
N GLY D 150 39.54 7.55 30.63
CA GLY D 150 38.42 6.82 31.14
C GLY D 150 38.94 5.84 32.12
N SER D 151 38.05 4.93 32.51
CA SER D 151 38.47 3.97 33.47
C SER D 151 39.23 2.89 32.76
N THR D 152 40.02 2.14 33.54
CA THR D 152 40.83 1.06 33.06
C THR D 152 39.96 -0.08 32.61
N LYS D 153 38.86 -0.35 33.34
CA LYS D 153 38.00 -1.44 32.97
C LYS D 153 37.52 -1.08 31.61
N THR D 154 37.38 0.24 31.44
CA THR D 154 36.99 0.94 30.26
C THR D 154 35.51 1.04 30.09
N HIS D 155 34.70 0.04 30.52
CA HIS D 155 33.32 0.29 30.33
C HIS D 155 32.91 1.39 31.24
N HIS D 156 33.17 1.22 32.55
CA HIS D 156 32.71 2.21 33.48
C HIS D 156 33.41 3.49 33.19
N ASN D 157 32.62 4.53 32.88
CA ASN D 157 33.16 5.84 32.64
C ASN D 157 32.30 6.76 33.44
N TRP D 158 32.73 8.01 33.63
CA TRP D 158 31.99 8.96 34.39
C TRP D 158 30.70 9.19 33.66
N PHE D 159 30.77 9.37 32.33
CA PHE D 159 29.59 9.63 31.54
C PHE D 159 28.68 8.47 31.72
N ILE D 160 29.21 7.25 31.60
CA ILE D 160 28.36 6.09 31.68
C ILE D 160 27.71 6.01 33.02
N GLU D 161 28.47 6.26 34.09
CA GLU D 161 27.86 6.12 35.38
C GLU D 161 26.74 7.10 35.48
N GLN D 162 26.98 8.34 35.03
CA GLN D 162 26.02 9.40 35.15
C GLN D 162 24.82 9.07 34.31
N ALA D 163 25.04 8.65 33.06
CA ALA D 163 23.98 8.36 32.13
C ALA D 163 23.16 7.21 32.59
N LEU D 164 23.81 6.15 33.10
CA LEU D 164 23.08 4.96 33.45
C LEU D 164 22.10 5.33 34.53
N LEU D 165 22.55 6.17 35.49
CA LEU D 165 21.70 6.52 36.59
C LEU D 165 20.50 7.21 36.04
N ALA D 166 20.69 8.10 35.05
CA ALA D 166 19.61 8.85 34.50
C ALA D 166 18.62 7.90 33.91
N LEU D 167 19.11 6.83 33.27
CA LEU D 167 18.28 5.87 32.61
C LEU D 167 17.39 5.21 33.63
N GLU D 168 17.90 5.03 34.86
CA GLU D 168 17.19 4.30 35.87
C GLU D 168 15.86 4.92 36.17
N GLN D 169 15.74 6.27 36.12
CA GLN D 169 14.48 6.84 36.54
C GLN D 169 13.37 6.64 35.55
N THR D 170 12.20 6.26 36.09
CA THR D 170 10.97 6.10 35.37
C THR D 170 10.40 7.44 35.06
N ASN D 171 10.45 8.36 36.06
CA ASN D 171 9.83 9.64 35.85
C ASN D 171 10.62 10.38 34.84
N TYR D 172 9.91 11.04 33.91
CA TYR D 172 10.56 11.81 32.90
C TYR D 172 11.26 12.94 33.59
N CYS D 173 10.61 13.65 34.54
CA CYS D 173 11.23 14.85 35.11
C CYS D 173 12.53 14.49 35.77
N ASP D 174 12.48 13.43 36.61
CA ASP D 174 13.61 12.99 37.37
C ASP D 174 14.69 12.65 36.40
N PHE D 175 14.31 11.95 35.32
CA PHE D 175 15.26 11.56 34.33
C PHE D 175 15.92 12.76 33.76
N GLU D 176 15.16 13.82 33.46
CA GLU D 176 15.74 14.93 32.77
C GLU D 176 16.78 15.63 33.59
N VAL D 177 16.58 15.77 34.92
CA VAL D 177 17.54 16.51 35.69
C VAL D 177 18.88 15.86 35.57
N GLN D 178 18.94 14.52 35.74
CA GLN D 178 20.18 13.81 35.67
C GLN D 178 20.70 13.92 34.28
N PHE D 179 19.79 13.76 33.30
CA PHE D 179 20.09 13.73 31.90
C PHE D 179 20.75 15.01 31.50
N GLU D 180 20.17 16.15 31.90
CA GLU D 180 20.63 17.44 31.50
C GLU D 180 22.01 17.71 32.03
N ILE D 181 22.28 17.33 33.29
CA ILE D 181 23.56 17.64 33.86
C ILE D 181 24.66 16.93 33.13
N MET D 182 24.42 15.68 32.75
CA MET D 182 25.38 14.89 32.03
C MET D 182 25.70 15.63 30.77
N HIS D 183 24.68 16.26 30.18
CA HIS D 183 24.76 17.01 28.95
C HIS D 183 25.74 18.12 29.11
N ASN D 184 25.75 18.79 30.29
CA ASN D 184 26.55 19.95 30.52
C ASN D 184 28.01 19.65 30.43
N GLY D 185 28.44 18.44 30.83
CA GLY D 185 29.85 18.18 30.96
C GLY D 185 30.59 18.43 29.68
N VAL D 186 30.03 17.99 28.54
CA VAL D 186 30.73 18.14 27.29
C VAL D 186 30.93 19.60 27.01
N HIS D 187 29.92 20.44 27.33
CA HIS D 187 30.03 21.83 26.98
C HIS D 187 31.25 22.39 27.64
N THR D 188 31.43 22.12 28.94
CA THR D 188 32.55 22.66 29.65
C THR D 188 33.84 22.07 29.18
N TRP D 189 33.87 20.74 28.96
CA TRP D 189 35.12 20.11 28.68
C TRP D 189 35.72 20.69 27.44
N VAL D 190 34.95 20.82 26.35
CA VAL D 190 35.51 21.40 25.15
C VAL D 190 35.82 22.86 25.30
N GLY D 191 34.85 23.66 25.80
CA GLY D 191 35.00 25.09 25.82
C GLY D 191 36.15 25.50 26.67
N GLY D 192 36.27 24.90 27.86
CA GLY D 192 37.37 25.24 28.70
C GLY D 192 37.29 26.70 29.02
N LYS D 193 38.48 27.33 29.11
CA LYS D 193 38.75 28.70 29.45
C LYS D 193 38.28 29.66 28.40
N GLU D 194 38.32 29.25 27.11
CA GLU D 194 38.06 30.14 26.01
C GLU D 194 36.77 30.88 26.18
N PRO D 195 36.87 32.16 25.91
CA PRO D 195 35.72 33.02 25.99
C PRO D 195 34.66 32.77 24.98
N TYR D 196 35.02 32.40 23.73
CA TYR D 196 33.98 32.20 22.76
C TYR D 196 34.01 30.73 22.46
N GLY D 197 33.14 29.93 23.12
CA GLY D 197 33.22 28.52 22.87
C GLY D 197 32.00 27.82 23.41
N ILE D 198 32.11 26.48 23.50
CA ILE D 198 31.11 25.53 23.90
C ILE D 198 30.75 25.79 25.33
N GLY D 199 31.75 26.23 26.09
CA GLY D 199 31.64 26.49 27.50
C GLY D 199 30.64 27.58 27.75
N HIS D 200 30.50 28.56 26.84
CA HIS D 200 29.62 29.65 27.19
C HIS D 200 28.28 29.45 26.55
N LEU D 201 27.22 29.86 27.28
CA LEU D 201 25.87 29.70 26.77
C LEU D 201 25.74 30.51 25.53
N HIS D 202 26.27 31.74 25.57
CA HIS D 202 26.08 32.66 24.47
C HIS D 202 26.70 32.15 23.20
N TYR D 203 28.00 31.83 23.26
CA TYR D 203 28.87 31.42 22.18
C TYR D 203 28.69 30.03 21.67
N ALA D 204 28.27 29.07 22.53
CA ALA D 204 28.34 27.66 22.23
C ALA D 204 27.64 27.31 20.95
N SER D 205 26.49 27.92 20.64
CA SER D 205 25.79 27.47 19.46
C SER D 205 26.65 27.69 18.25
N TYR D 206 27.58 28.67 18.29
CA TYR D 206 28.41 28.94 17.15
C TYR D 206 29.26 27.77 16.79
N ASP D 207 29.82 27.05 17.78
CA ASP D 207 30.68 25.96 17.44
C ASP D 207 29.87 24.85 16.87
N PRO D 208 30.41 24.23 15.86
CA PRO D 208 29.75 23.14 15.19
C PRO D 208 29.65 21.87 16.00
N LEU D 209 30.49 21.70 17.05
CA LEU D 209 30.51 20.53 17.87
C LEU D 209 29.17 20.40 18.50
N PHE D 210 28.55 21.56 18.73
CA PHE D 210 27.33 21.68 19.45
C PHE D 210 26.32 20.75 18.84
N TYR D 211 26.20 20.75 17.51
CA TYR D 211 25.21 19.96 16.84
C TYR D 211 25.51 18.51 17.08
N ILE D 212 26.78 18.12 16.97
CA ILE D 212 27.16 16.74 17.09
C ILE D 212 26.82 16.26 18.47
N HIS D 213 27.13 17.07 19.50
CA HIS D 213 26.89 16.67 20.86
C HIS D 213 25.44 16.48 21.09
N HIS D 214 24.63 17.45 20.67
CA HIS D 214 23.22 17.39 20.95
C HIS D 214 22.64 16.22 20.26
N SER D 215 23.20 15.85 19.10
CA SER D 215 22.69 14.72 18.39
C SER D 215 22.83 13.52 19.27
N GLN D 216 23.98 13.38 19.96
CA GLN D 216 24.22 12.25 20.80
C GLN D 216 23.27 12.29 21.96
N THR D 217 23.10 13.49 22.55
CA THR D 217 22.26 13.63 23.70
C THR D 217 20.85 13.29 23.32
N ASP D 218 20.43 13.73 22.13
CA ASP D 218 19.10 13.45 21.66
C ASP D 218 19.00 11.97 21.48
N ARG D 219 20.11 11.33 21.07
CA ARG D 219 20.11 9.91 20.83
C ARG D 219 19.84 9.20 22.13
N ILE D 220 20.49 9.63 23.22
CA ILE D 220 20.29 8.98 24.48
C ILE D 220 18.89 9.19 24.94
N TRP D 221 18.31 10.38 24.68
CA TRP D 221 16.96 10.64 25.11
C TRP D 221 16.07 9.64 24.43
N ALA D 222 16.32 9.38 23.14
CA ALA D 222 15.51 8.45 22.39
C ALA D 222 15.64 7.11 23.04
N ILE D 223 16.84 6.79 23.54
CA ILE D 223 17.10 5.51 24.13
C ILE D 223 16.18 5.37 25.31
N TRP D 224 16.04 6.44 26.09
CA TRP D 224 15.23 6.40 27.27
C TRP D 224 13.81 6.13 26.89
N GLN D 225 13.34 6.74 25.79
CA GLN D 225 11.98 6.56 25.39
C GLN D 225 11.78 5.11 25.08
N SER D 226 12.76 4.48 24.41
CA SER D 226 12.59 3.09 24.03
C SER D 226 12.51 2.25 25.28
N LEU D 227 13.29 2.59 26.32
CA LEU D 227 13.30 1.83 27.52
C LEU D 227 11.94 1.95 28.16
N GLN D 228 11.36 3.16 28.10
CA GLN D 228 10.09 3.38 28.73
C GLN D 228 9.07 2.50 28.08
N ARG D 229 9.16 2.33 26.76
CA ARG D 229 8.21 1.51 26.07
C ARG D 229 8.32 0.13 26.64
N PHE D 230 9.56 -0.32 26.90
CA PHE D 230 9.77 -1.63 27.44
C PHE D 230 9.08 -1.66 28.77
N ARG D 231 9.19 -0.55 29.53
CA ARG D 231 8.60 -0.48 30.83
C ARG D 231 7.13 -0.62 30.65
N GLY D 232 6.58 -0.10 29.54
CA GLY D 232 5.17 -0.20 29.35
C GLY D 232 4.60 1.18 29.41
N LEU D 233 5.41 2.18 29.83
CA LEU D 233 4.92 3.53 29.81
C LEU D 233 4.94 3.92 28.36
N SER D 234 3.95 4.71 27.93
CA SER D 234 4.02 5.07 26.54
C SER D 234 5.15 6.03 26.40
N GLY D 235 5.94 5.84 25.34
CA GLY D 235 7.11 6.63 25.10
C GLY D 235 6.76 8.05 24.80
N SER D 236 5.72 8.27 23.98
CA SER D 236 5.33 9.59 23.55
C SER D 236 4.81 10.35 24.72
N GLU D 237 4.01 9.66 25.56
CA GLU D 237 3.29 10.37 26.57
C GLU D 237 4.18 10.76 27.69
N ALA D 238 4.03 12.03 28.12
CA ALA D 238 4.74 12.48 29.26
C ALA D 238 3.66 12.79 30.24
N ASN D 239 3.84 12.32 31.49
CA ASN D 239 2.95 12.54 32.60
C ASN D 239 3.25 13.85 33.26
N CYS D 240 4.53 14.22 33.26
CA CYS D 240 5.06 15.30 34.03
C CYS D 240 5.14 16.56 33.25
N ALA D 241 5.08 17.69 33.98
CA ALA D 241 5.21 19.02 33.41
C ALA D 241 4.31 19.16 32.23
N VAL D 242 3.02 18.84 32.41
CA VAL D 242 2.09 18.92 31.32
C VAL D 242 1.98 20.33 30.86
N ASN D 243 2.02 21.30 31.78
CA ASN D 243 1.83 22.68 31.44
C ASN D 243 2.89 23.15 30.47
N LEU D 244 4.17 22.83 30.74
CA LEU D 244 5.25 23.29 29.89
C LEU D 244 5.15 22.69 28.53
N MET D 245 4.74 21.40 28.45
CA MET D 245 4.75 20.74 27.19
C MET D 245 3.88 21.44 26.20
N LYS D 246 2.71 21.94 26.65
CA LYS D 246 1.78 22.56 25.75
C LYS D 246 2.38 23.79 25.14
N THR D 247 3.13 24.60 25.92
CA THR D 247 3.60 25.85 25.41
C THR D 247 4.56 25.62 24.28
N PRO D 248 4.39 26.44 23.29
CA PRO D 248 5.26 26.39 22.14
C PRO D 248 6.60 26.98 22.47
N LEU D 249 7.68 26.52 21.81
CA LEU D 249 8.97 27.05 22.12
C LEU D 249 9.48 27.94 21.03
N LYS D 250 9.88 29.16 21.41
CA LYS D 250 10.40 30.15 20.52
C LYS D 250 11.85 29.83 20.34
N PRO D 251 12.49 30.30 19.29
CA PRO D 251 11.89 31.06 18.24
C PRO D 251 11.19 30.17 17.27
N PHE D 252 11.15 28.85 17.56
CA PHE D 252 10.59 27.92 16.62
C PHE D 252 9.19 28.37 16.37
N SER D 253 8.49 28.83 17.43
CA SER D 253 7.14 29.29 17.30
C SER D 253 7.12 30.49 16.41
N PHE D 254 8.17 31.33 16.47
CA PHE D 254 8.21 32.47 15.60
C PHE D 254 8.62 31.94 14.26
N GLY D 255 7.67 31.89 13.33
CA GLY D 255 7.92 31.34 12.04
C GLY D 255 8.66 32.38 11.28
N ALA D 256 8.38 32.50 9.97
CA ALA D 256 9.09 33.45 9.18
C ALA D 256 8.76 34.80 9.73
N PRO D 257 9.59 35.75 9.39
CA PRO D 257 10.74 35.47 8.58
C PRO D 257 11.84 34.76 9.31
N TYR D 258 11.83 34.79 10.65
CA TYR D 258 12.92 34.23 11.40
C TYR D 258 13.05 32.75 11.21
N ASN D 259 11.93 32.01 11.27
CA ASN D 259 12.06 30.58 11.11
C ASN D 259 11.38 30.17 9.87
N LEU D 260 12.18 29.86 8.82
CA LEU D 260 11.68 29.43 7.54
C LEU D 260 11.07 28.06 7.69
N ASN D 261 11.68 27.23 8.55
CA ASN D 261 11.28 25.85 8.69
C ASN D 261 9.86 25.75 9.13
N ASP D 262 9.05 25.03 8.33
CA ASP D 262 7.67 24.75 8.63
C ASP D 262 7.55 23.70 9.70
N HIS D 263 8.37 22.63 9.61
CA HIS D 263 8.24 21.49 10.48
C HIS D 263 8.45 21.89 11.90
N THR D 264 9.54 22.61 12.19
CA THR D 264 9.83 22.97 13.54
C THR D 264 8.72 23.82 14.04
N HIS D 265 8.19 24.70 13.17
CA HIS D 265 7.16 25.63 13.55
C HIS D 265 5.96 24.87 14.03
N ASP D 266 5.51 23.86 13.27
CA ASP D 266 4.34 23.11 13.63
C ASP D 266 4.60 22.36 14.90
N PHE D 267 5.84 21.84 15.00
CA PHE D 267 6.38 21.02 16.05
C PHE D 267 6.69 21.74 17.32
N SER D 268 6.66 23.09 17.34
CA SER D 268 7.10 23.87 18.47
C SER D 268 6.56 23.36 19.77
N LYS D 269 5.33 22.82 19.81
CA LYS D 269 4.90 22.29 21.09
C LYS D 269 5.76 21.10 21.40
N PRO D 270 6.26 21.04 22.59
CA PRO D 270 7.10 19.93 22.99
C PRO D 270 6.33 18.66 23.07
N GLU D 271 5.00 18.73 23.24
CA GLU D 271 4.24 17.53 23.40
C GLU D 271 4.43 16.73 22.16
N ASP D 272 4.44 17.44 21.01
CA ASP D 272 4.57 16.87 19.70
C ASP D 272 5.96 16.32 19.51
N THR D 273 6.95 16.91 20.20
CA THR D 273 8.35 16.63 20.03
C THR D 273 8.73 15.23 20.36
N PHE D 274 8.06 14.57 21.31
CA PHE D 274 8.52 13.28 21.77
C PHE D 274 8.64 12.33 20.62
N ASP D 275 7.59 12.19 19.80
CA ASP D 275 7.70 11.26 18.71
C ASP D 275 8.65 11.87 17.74
N TYR D 276 9.91 11.43 17.82
CA TYR D 276 10.94 11.96 16.97
C TYR D 276 10.60 11.67 15.55
N GLN D 277 9.91 10.55 15.30
CA GLN D 277 9.59 10.13 13.97
C GLN D 277 8.92 11.26 13.24
N LYS D 278 8.16 12.12 13.95
CA LYS D 278 7.47 13.20 13.32
C LYS D 278 8.47 14.01 12.57
N PHE D 279 9.68 14.19 13.14
CA PHE D 279 10.69 14.78 12.34
C PHE D 279 11.30 13.57 11.74
N GLY D 280 11.09 13.30 10.45
CA GLY D 280 11.56 12.04 9.96
C GLY D 280 13.05 11.96 10.01
N TYR D 281 13.59 11.36 11.09
CA TYR D 281 14.99 11.08 11.23
C TYR D 281 15.04 9.94 12.20
N ILE D 282 16.07 9.08 12.09
CA ILE D 282 16.16 7.98 12.99
C ILE D 282 17.60 7.81 13.30
N TYR D 283 17.90 6.92 14.26
CA TYR D 283 19.27 6.67 14.62
C TYR D 283 19.56 5.28 14.17
N ASP D 284 20.82 5.03 13.78
CA ASP D 284 21.14 3.71 13.32
C ASP D 284 20.88 2.74 14.42
N THR D 285 21.30 3.04 15.67
CA THR D 285 21.05 2.07 16.72
C THR D 285 20.63 2.78 17.97
N LEU D 286 19.80 2.11 18.79
CA LEU D 286 19.42 2.69 20.05
C LEU D 286 19.94 1.78 21.12
N GLU D 287 21.14 2.06 21.65
CA GLU D 287 21.65 1.20 22.68
C GLU D 287 22.61 2.00 23.50
N PHE D 288 22.84 1.58 24.76
CA PHE D 288 23.78 2.31 25.57
C PHE D 288 24.89 1.38 25.94
N ALA D 289 26.08 1.61 25.37
CA ALA D 289 27.26 0.86 25.70
C ALA D 289 27.04 -0.61 25.60
N GLY D 290 26.36 -1.08 24.55
CA GLY D 290 26.29 -2.50 24.31
C GLY D 290 25.24 -3.17 25.12
N TRP D 291 24.43 -2.42 25.89
CA TRP D 291 23.43 -3.14 26.63
C TRP D 291 22.15 -3.04 25.88
N SER D 292 21.44 -4.19 25.79
CA SER D 292 20.19 -4.21 25.08
C SER D 292 19.23 -3.44 25.91
N ILE D 293 18.11 -3.05 25.28
CA ILE D 293 17.14 -2.28 26.01
C ILE D 293 16.65 -3.16 27.12
N ARG D 294 16.38 -4.43 26.81
CA ARG D 294 15.91 -5.35 27.80
C ARG D 294 16.99 -5.53 28.82
N GLY D 295 18.25 -5.61 28.35
CA GLY D 295 19.36 -5.81 29.22
C GLY D 295 19.46 -4.67 30.17
N ILE D 296 19.23 -3.44 29.68
CA ILE D 296 19.36 -2.26 30.48
C ILE D 296 18.40 -2.34 31.62
N ASP D 297 17.12 -2.69 31.33
CA ASP D 297 16.15 -2.69 32.38
C ASP D 297 16.55 -3.69 33.42
N HIS D 298 16.99 -4.88 32.98
CA HIS D 298 17.33 -5.89 33.94
C HIS D 298 18.48 -5.42 34.76
N ILE D 299 19.48 -4.79 34.13
CA ILE D 299 20.66 -4.41 34.85
C ILE D 299 20.31 -3.40 35.90
N VAL D 300 19.43 -2.44 35.58
CA VAL D 300 19.16 -1.37 36.52
C VAL D 300 18.62 -1.93 37.79
N ARG D 301 17.75 -2.95 37.70
CA ARG D 301 17.15 -3.47 38.89
C ARG D 301 18.24 -4.00 39.79
N ASN D 302 19.28 -4.63 39.18
CA ASN D 302 20.36 -5.21 39.92
C ASN D 302 21.11 -4.13 40.65
N ARG D 303 21.27 -2.95 40.02
CA ARG D 303 22.04 -1.88 40.60
C ARG D 303 21.42 -1.52 41.89
N GLN D 304 20.08 -1.56 41.93
CA GLN D 304 19.41 -1.20 43.13
C GLN D 304 19.82 -2.14 44.21
N GLU D 305 20.09 -3.42 43.89
CA GLU D 305 20.26 -4.48 44.85
C GLU D 305 21.23 -4.08 45.93
N HIS D 306 22.26 -3.27 45.65
CA HIS D 306 23.20 -2.94 46.67
C HIS D 306 22.90 -1.58 47.24
N SER D 307 23.38 -1.32 48.47
CA SER D 307 23.13 -0.06 49.13
C SER D 307 23.91 1.01 48.44
N ARG D 308 23.36 2.23 48.40
CA ARG D 308 24.06 3.30 47.77
C ARG D 308 23.76 4.54 48.55
N VAL D 309 24.71 5.49 48.59
CA VAL D 309 24.52 6.74 49.26
C VAL D 309 24.70 7.81 48.25
N PHE D 310 23.85 8.85 48.31
CA PHE D 310 23.98 9.88 47.32
C PHE D 310 23.93 11.20 48.01
N ALA D 311 24.44 12.23 47.31
CA ALA D 311 24.35 13.57 47.80
C ALA D 311 23.40 14.23 46.86
N GLY D 312 22.52 15.11 47.37
CA GLY D 312 21.58 15.69 46.46
C GLY D 312 21.91 17.13 46.36
N PHE D 313 21.84 17.66 45.12
CA PHE D 313 22.13 19.05 44.99
C PHE D 313 20.91 19.71 44.45
N LEU D 314 20.58 20.87 45.02
CA LEU D 314 19.48 21.62 44.49
C LEU D 314 20.15 22.62 43.64
N LEU D 315 19.87 22.63 42.30
CA LEU D 315 20.48 23.64 41.46
C LEU D 315 19.51 24.81 41.31
N GLU D 316 19.88 25.90 42.03
CA GLU D 316 19.24 27.19 42.20
C GLU D 316 19.33 28.00 40.95
N GLY D 317 20.43 27.85 40.19
CA GLY D 317 20.63 28.60 39.00
C GLY D 317 21.84 29.43 39.27
N PHE D 318 22.84 29.31 38.39
CA PHE D 318 24.12 29.94 38.52
C PHE D 318 24.11 31.16 37.62
N GLY D 319 25.27 31.82 37.46
CA GLY D 319 25.35 33.00 36.65
C GLY D 319 25.94 32.58 35.35
N THR D 320 27.26 32.77 35.23
CA THR D 320 27.90 32.24 34.08
C THR D 320 28.11 30.80 34.39
N SER D 321 28.56 30.02 33.38
CA SER D 321 28.74 28.62 33.60
C SER D 321 29.83 28.47 34.62
N ALA D 322 29.71 27.42 35.45
CA ALA D 322 30.72 27.19 36.44
C ALA D 322 30.71 25.72 36.71
N THR D 323 31.84 25.21 37.23
CA THR D 323 31.90 23.81 37.54
C THR D 323 32.06 23.71 39.02
N VAL D 324 31.45 22.66 39.62
CA VAL D 324 31.54 22.54 41.05
C VAL D 324 32.18 21.23 41.39
N ASP D 325 33.03 21.25 42.43
CA ASP D 325 33.68 20.08 42.93
C ASP D 325 33.30 19.98 44.38
N PHE D 326 32.99 18.78 44.87
CA PHE D 326 32.64 18.65 46.25
C PHE D 326 33.37 17.47 46.82
N GLN D 327 33.69 17.53 48.14
CA GLN D 327 34.38 16.45 48.77
C GLN D 327 33.74 16.19 50.10
N VAL D 328 33.87 14.95 50.60
CA VAL D 328 33.30 14.65 51.88
C VAL D 328 34.43 14.68 52.85
N CYS D 329 34.27 15.41 53.97
CA CYS D 329 35.37 15.45 54.90
C CYS D 329 34.89 14.78 56.14
N ARG D 330 35.78 14.01 56.80
CA ARG D 330 35.48 13.32 58.01
C ARG D 330 35.62 14.32 59.12
N THR D 331 35.16 13.95 60.33
CA THR D 331 35.25 14.81 61.48
C THR D 331 36.72 15.00 61.74
N ALA D 332 37.51 13.94 61.48
CA ALA D 332 38.92 13.94 61.70
C ALA D 332 39.49 15.04 60.86
N GLY D 333 38.89 15.29 59.68
CA GLY D 333 39.40 16.34 58.85
C GLY D 333 39.91 15.77 57.57
N ASP D 334 39.85 14.43 57.40
CA ASP D 334 40.26 13.89 56.15
C ASP D 334 39.22 14.28 55.18
N CYS D 335 39.59 14.52 53.90
CA CYS D 335 38.55 14.84 52.98
C CYS D 335 38.92 14.18 51.70
N GLU D 336 37.91 13.66 50.97
CA GLU D 336 38.17 12.96 49.74
C GLU D 336 37.35 13.59 48.67
N ASP D 337 37.91 13.67 47.44
CA ASP D 337 37.17 14.27 46.38
C ASP D 337 35.97 13.41 46.10
N ALA D 338 34.77 13.93 46.39
CA ALA D 338 33.54 13.23 46.17
C ALA D 338 33.22 13.07 44.71
N GLY D 339 33.31 14.16 43.91
CA GLY D 339 32.94 14.07 42.52
C GLY D 339 32.60 15.46 42.05
N TYR D 340 32.25 15.61 40.75
CA TYR D 340 31.97 16.93 40.24
C TYR D 340 30.92 16.88 39.17
N PHE D 341 30.29 18.05 38.92
CA PHE D 341 29.34 18.23 37.85
C PHE D 341 29.42 19.68 37.47
N THR D 342 28.87 20.05 36.29
CA THR D 342 28.99 21.43 35.91
C THR D 342 27.69 21.92 35.36
N VAL D 343 27.53 23.26 35.33
CA VAL D 343 26.33 23.83 34.79
C VAL D 343 26.70 24.84 33.77
N LEU D 344 25.96 24.86 32.65
CA LEU D 344 26.19 25.76 31.57
C LEU D 344 25.30 26.94 31.77
N GLY D 345 25.81 28.16 31.49
CA GLY D 345 24.96 29.28 31.66
C GLY D 345 25.66 30.49 31.17
N GLY D 346 24.93 31.62 31.16
CA GLY D 346 25.45 32.88 30.72
C GLY D 346 24.57 33.93 31.32
N GLU D 347 24.90 35.21 31.09
CA GLU D 347 24.13 36.28 31.65
C GLU D 347 22.75 36.27 31.07
N LYS D 348 22.67 36.03 29.75
CA LYS D 348 21.45 36.10 28.99
C LYS D 348 20.45 35.11 29.50
N GLU D 349 20.93 34.00 30.09
CA GLU D 349 20.09 32.91 30.53
C GLU D 349 18.88 33.40 31.25
N MET D 350 17.73 32.76 30.93
CA MET D 350 16.48 32.98 31.60
C MET D 350 16.65 32.32 32.92
N PRO D 351 15.94 32.77 33.91
CA PRO D 351 16.08 32.19 35.20
C PRO D 351 15.51 30.81 35.26
N TRP D 352 16.13 29.91 36.05
CA TRP D 352 15.60 28.60 36.16
C TRP D 352 16.11 27.97 37.42
N ALA D 353 15.29 27.10 38.03
CA ALA D 353 15.70 26.37 39.20
C ALA D 353 15.06 25.02 39.10
N PHE D 354 15.78 23.97 39.55
CA PHE D 354 15.24 22.64 39.44
C PHE D 354 14.21 22.44 40.51
N ASP D 355 13.16 21.69 40.12
CA ASP D 355 12.05 21.30 40.94
C ASP D 355 12.52 20.29 41.94
N ARG D 356 13.56 19.51 41.58
CA ARG D 356 13.94 18.42 42.46
C ARG D 356 15.43 18.37 42.61
N LEU D 357 15.89 17.41 43.43
CA LEU D 357 17.28 17.21 43.71
C LEU D 357 17.96 16.52 42.58
N TYR D 358 19.28 16.75 42.48
CA TYR D 358 20.12 16.11 41.52
C TYR D 358 20.98 15.20 42.33
N LYS D 359 20.77 13.88 42.19
CA LYS D 359 21.50 12.92 42.97
C LYS D 359 22.81 12.60 42.31
N TYR D 360 23.85 12.40 43.15
CA TYR D 360 25.15 11.98 42.71
C TYR D 360 25.54 10.88 43.65
N ASP D 361 26.16 9.80 43.14
CA ASP D 361 26.47 8.67 43.98
C ASP D 361 27.81 8.85 44.64
N ILE D 362 27.78 9.15 45.95
CA ILE D 362 28.87 9.28 46.87
C ILE D 362 29.41 7.94 47.30
N THR D 363 28.61 6.87 47.18
CA THR D 363 28.84 5.58 47.78
C THR D 363 30.26 5.13 47.71
N GLU D 364 30.90 5.16 46.53
CA GLU D 364 32.22 4.58 46.45
C GLU D 364 33.14 5.27 47.41
N THR D 365 33.07 6.61 47.47
CA THR D 365 33.95 7.36 48.30
C THR D 365 33.72 7.02 49.73
N LEU D 366 32.46 7.01 50.16
CA LEU D 366 32.17 6.78 51.54
C LEU D 366 32.60 5.40 51.91
N ASP D 367 32.40 4.42 51.02
CA ASP D 367 32.75 3.07 51.36
C ASP D 367 34.21 3.01 51.66
N LYS D 368 35.05 3.66 50.83
CA LYS D 368 36.47 3.62 51.04
C LYS D 368 36.72 4.26 52.37
N MET D 369 35.94 5.30 52.66
CA MET D 369 36.01 6.08 53.86
C MET D 369 35.62 5.20 55.00
N ASN D 370 34.80 4.17 54.70
CA ASN D 370 34.14 3.26 55.60
C ASN D 370 33.24 4.05 56.48
N LEU D 371 32.55 5.03 55.86
CA LEU D 371 31.63 5.88 56.55
C LEU D 371 30.25 5.36 56.33
N ARG D 372 29.41 5.51 57.38
CA ARG D 372 28.03 5.10 57.39
C ARG D 372 27.19 6.30 57.14
N HIS D 373 25.89 6.03 56.92
CA HIS D 373 24.91 7.06 56.71
C HIS D 373 24.81 7.87 57.96
N ASP D 374 24.84 7.18 59.12
CA ASP D 374 24.71 7.79 60.42
C ASP D 374 25.86 8.72 60.65
N GLU D 375 27.05 8.34 60.18
CA GLU D 375 28.27 9.04 60.48
C GLU D 375 28.12 10.49 60.20
N ILE D 376 28.77 11.30 61.05
CA ILE D 376 28.68 12.71 60.87
C ILE D 376 29.87 13.12 60.07
N PHE D 377 29.60 13.49 58.82
CA PHE D 377 30.65 13.96 57.95
C PHE D 377 30.11 15.16 57.28
N GLN D 378 31.02 16.06 56.86
CA GLN D 378 30.58 17.28 56.25
C GLN D 378 30.97 17.24 54.81
N ILE D 379 30.17 17.91 53.96
CA ILE D 379 30.49 17.95 52.57
C ILE D 379 30.85 19.38 52.26
N GLU D 380 31.98 19.59 51.59
CA GLU D 380 32.39 20.91 51.25
C GLU D 380 32.37 21.00 49.76
N VAL D 381 31.96 22.17 49.23
CA VAL D 381 31.90 22.30 47.80
C VAL D 381 32.63 23.54 47.41
N THR D 382 33.21 23.54 46.20
CA THR D 382 33.86 24.71 45.69
C THR D 382 33.36 24.90 44.30
N ILE D 383 32.99 26.15 43.96
CA ILE D 383 32.49 26.41 42.64
C ILE D 383 33.51 27.24 41.95
N THR D 384 33.84 26.88 40.69
CA THR D 384 34.81 27.67 39.99
C THR D 384 34.21 28.07 38.70
N SER D 385 34.60 29.26 38.20
CA SER D 385 34.08 29.77 36.97
C SER D 385 34.85 29.15 35.86
N TYR D 386 34.56 29.50 34.59
CA TYR D 386 35.35 28.98 33.50
C TYR D 386 36.75 29.48 33.56
N ASP D 387 36.93 30.75 33.99
CA ASP D 387 38.23 31.33 34.09
C ASP D 387 39.04 30.51 35.05
N GLY D 388 38.42 30.01 36.13
CA GLY D 388 39.27 29.39 37.09
C GLY D 388 39.22 30.23 38.33
N THR D 389 38.47 31.35 38.26
CA THR D 389 38.33 32.18 39.44
C THR D 389 37.43 31.45 40.37
N VAL D 390 37.70 31.59 41.68
CA VAL D 390 36.89 30.92 42.65
C VAL D 390 35.67 31.74 42.86
N LEU D 391 34.52 31.07 43.03
CA LEU D 391 33.28 31.76 43.28
C LEU D 391 32.96 31.55 44.72
N ASP D 392 32.34 32.56 45.35
CA ASP D 392 31.99 32.45 46.74
C ASP D 392 30.89 31.44 46.87
N SER D 393 31.00 30.84 48.08
CA SER D 393 30.03 30.04 48.77
C SER D 393 29.23 31.02 49.60
N GLY D 394 28.17 30.56 50.27
CA GLY D 394 27.34 31.40 51.08
C GLY D 394 25.95 31.42 50.52
N LEU D 395 25.78 31.84 49.24
CA LEU D 395 24.49 31.78 48.60
C LEU D 395 24.14 30.34 48.40
N ILE D 396 25.13 29.46 48.09
CA ILE D 396 24.94 28.08 47.77
C ILE D 396 24.47 27.31 48.96
N PRO D 397 23.42 26.58 48.70
CA PRO D 397 22.79 25.75 49.69
C PRO D 397 23.59 24.50 49.88
N THR D 398 23.46 23.86 51.06
CA THR D 398 24.19 22.65 51.30
C THR D 398 23.41 21.52 50.72
N PRO D 399 24.12 20.50 50.35
CA PRO D 399 23.49 19.33 49.80
C PRO D 399 22.98 18.41 50.87
N SER D 400 22.00 17.55 50.53
CA SER D 400 21.51 16.58 51.46
C SER D 400 22.26 15.31 51.22
N ILE D 401 22.24 14.37 52.20
CA ILE D 401 22.86 13.12 51.95
C ILE D 401 21.79 12.10 52.11
N ILE D 402 21.62 11.25 51.08
CA ILE D 402 20.54 10.31 51.13
C ILE D 402 21.12 8.94 51.15
N TYR D 403 20.39 8.01 51.78
CA TYR D 403 20.86 6.66 51.85
C TYR D 403 19.85 5.83 51.12
N ASP D 404 20.32 5.07 50.11
CA ASP D 404 19.44 4.23 49.35
C ASP D 404 19.85 2.83 49.61
N PRO D 405 19.14 2.19 50.49
CA PRO D 405 19.43 0.81 50.79
C PRO D 405 18.82 0.03 49.68
N ALA D 406 19.10 -1.27 49.57
CA ALA D 406 18.38 -1.96 48.55
C ALA D 406 16.99 -2.05 49.08
N HIS D 407 16.05 -1.74 48.17
CA HIS D 407 14.67 -1.53 48.48
C HIS D 407 13.98 -2.74 47.95
N HIS D 408 13.29 -2.57 46.80
CA HIS D 408 12.56 -3.62 46.15
C HIS D 408 13.45 -4.31 45.13
N ASP D 409 14.27 -5.27 45.62
CA ASP D 409 15.07 -6.04 44.72
C ASP D 409 14.16 -6.92 43.94
N ILE D 410 13.65 -6.50 42.78
CA ILE D 410 12.69 -7.38 42.15
C ILE D 410 13.47 -8.37 41.38
N SER D 411 13.46 -9.64 41.84
CA SER D 411 14.26 -10.59 41.15
C SER D 411 13.75 -11.96 41.46
N SER D 412 14.31 -12.91 40.69
CA SER D 412 14.23 -14.33 40.72
C SER D 412 15.46 -14.72 39.96
N HIS D 413 16.03 -15.95 40.14
CA HIS D 413 17.27 -16.19 39.45
C HIS D 413 17.00 -16.60 38.02
N HIS D 414 16.90 -15.59 37.12
CA HIS D 414 16.69 -15.86 35.73
C HIS D 414 17.85 -15.31 34.93
N LEU D 415 18.81 -14.61 35.58
CA LEU D 415 19.95 -14.04 34.89
C LEU D 415 21.06 -15.04 35.04
N SER D 416 21.91 -15.12 34.01
CA SER D 416 23.01 -16.03 34.06
C SER D 416 24.09 -15.40 34.88
N LEU D 417 24.71 -16.23 35.73
CA LEU D 417 25.81 -15.79 36.55
C LEU D 417 27.01 -16.45 35.91
N ASN D 418 28.16 -16.54 36.61
CA ASN D 418 29.37 -17.08 36.02
C ASN D 418 29.23 -18.54 35.72
N LYS D 419 28.27 -19.25 36.35
CA LYS D 419 28.41 -20.66 36.27
C LYS D 419 27.10 -21.27 36.64
N VAL D 420 26.78 -22.43 36.02
CA VAL D 420 25.54 -23.07 36.34
C VAL D 420 25.90 -24.46 36.77
N ARG D 421 25.11 -25.03 37.70
CA ARG D 421 25.39 -26.36 38.14
C ARG D 421 24.30 -27.23 37.62
N HIS D 422 24.65 -28.45 37.10
CA HIS D 422 23.65 -29.34 36.59
C HIS D 422 23.82 -30.67 37.26
N ASP D 423 22.81 -31.54 37.12
CA ASP D 423 22.84 -32.85 37.69
C ASP D 423 23.78 -33.67 36.85
N LEU D 424 24.31 -34.77 37.41
CA LEU D 424 25.24 -35.57 36.67
C LEU D 424 24.53 -36.21 35.51
N SER D 425 23.28 -36.66 35.73
CA SER D 425 22.53 -37.33 34.72
C SER D 425 22.28 -36.39 33.59
N THR D 426 22.00 -35.12 33.92
CA THR D 426 21.64 -34.16 32.92
C THR D 426 22.81 -33.92 32.02
N LEU D 427 24.05 -34.03 32.55
CA LEU D 427 25.21 -33.71 31.79
C LEU D 427 25.20 -34.47 30.50
N SER D 428 25.48 -33.73 29.41
CA SER D 428 25.55 -34.28 28.09
C SER D 428 26.93 -34.83 27.94
N GLU D 429 27.17 -35.56 26.83
CA GLU D 429 28.47 -36.10 26.61
C GLU D 429 29.42 -34.97 26.41
N ARG D 430 28.99 -33.92 25.69
CA ARG D 430 29.89 -32.85 25.42
C ARG D 430 30.28 -32.23 26.72
N ASP D 431 29.28 -31.99 27.58
CA ASP D 431 29.49 -31.37 28.85
C ASP D 431 30.40 -32.23 29.67
N ILE D 432 30.11 -33.54 29.73
CA ILE D 432 30.90 -34.42 30.54
C ILE D 432 32.29 -34.48 30.00
N GLY D 433 32.43 -34.47 28.67
CA GLY D 433 33.73 -34.61 28.08
C GLY D 433 34.60 -33.50 28.59
N SER D 434 34.04 -32.28 28.68
CA SER D 434 34.83 -31.18 29.14
C SER D 434 35.27 -31.47 30.53
N LEU D 435 34.36 -32.01 31.36
CA LEU D 435 34.65 -32.30 32.72
C LEU D 435 35.73 -33.35 32.78
N LYS D 436 35.62 -34.33 31.87
CA LYS D 436 36.54 -35.44 31.89
C LYS D 436 37.93 -34.92 31.72
N TYR D 437 38.12 -34.03 30.73
CA TYR D 437 39.42 -33.50 30.42
C TYR D 437 39.89 -32.61 31.54
N ALA D 438 38.98 -31.76 32.07
CA ALA D 438 39.35 -30.78 33.04
C ALA D 438 39.90 -31.45 34.26
N LEU D 439 39.24 -32.53 34.72
CA LEU D 439 39.71 -33.19 35.90
C LEU D 439 41.06 -33.73 35.62
N SER D 440 41.25 -34.28 34.41
CA SER D 440 42.51 -34.88 34.09
C SER D 440 43.55 -33.83 34.23
N SER D 441 43.29 -32.63 33.67
CA SER D 441 44.24 -31.56 33.75
C SER D 441 44.36 -31.11 35.17
N LEU D 442 43.26 -31.21 35.95
CA LEU D 442 43.27 -30.79 37.33
C LEU D 442 44.29 -31.63 38.03
N GLN D 443 44.26 -32.94 37.75
CA GLN D 443 45.11 -33.87 38.42
C GLN D 443 46.52 -33.49 38.14
N ALA D 444 46.78 -33.08 36.89
CA ALA D 444 48.11 -32.74 36.47
C ALA D 444 48.62 -31.57 37.26
N ASP D 445 47.75 -30.57 37.53
CA ASP D 445 48.18 -29.36 38.17
C ASP D 445 48.91 -29.67 39.44
N THR D 446 50.24 -29.43 39.42
CA THR D 446 51.13 -29.61 40.53
C THR D 446 50.91 -28.51 41.52
N SER D 447 50.57 -27.31 41.03
CA SER D 447 50.48 -26.14 41.85
C SER D 447 49.55 -26.36 43.00
N ALA D 448 49.58 -25.42 43.96
CA ALA D 448 48.78 -25.45 45.16
C ALA D 448 47.36 -25.45 44.74
N ASP D 449 47.04 -24.70 43.68
CA ASP D 449 45.69 -24.63 43.20
C ASP D 449 45.32 -26.00 42.75
N GLY D 450 46.32 -26.80 42.33
CA GLY D 450 46.10 -28.10 41.77
C GLY D 450 45.34 -28.96 42.74
N PHE D 451 44.82 -30.08 42.20
CA PHE D 451 43.97 -31.04 42.85
C PHE D 451 44.65 -31.69 44.01
N ALA D 452 45.92 -32.10 43.87
CA ALA D 452 46.53 -32.79 44.97
C ALA D 452 46.56 -31.86 46.14
N ALA D 453 46.97 -30.61 45.89
CA ALA D 453 47.04 -29.62 46.93
C ALA D 453 45.67 -29.31 47.42
N ILE D 454 44.69 -29.20 46.50
CA ILE D 454 43.36 -28.78 46.87
C ILE D 454 42.76 -29.76 47.83
N ALA D 455 43.03 -31.06 47.63
CA ALA D 455 42.45 -32.10 48.45
C ALA D 455 42.85 -31.94 49.89
N SER D 456 44.12 -31.57 50.15
CA SER D 456 44.64 -31.53 51.49
C SER D 456 43.87 -30.53 52.30
N PHE D 457 43.18 -29.59 51.65
CA PHE D 457 42.47 -28.59 52.39
C PHE D 457 41.47 -29.26 53.28
N HIS D 458 40.76 -30.29 52.77
CA HIS D 458 39.72 -30.91 53.55
C HIS D 458 40.29 -31.55 54.78
N GLY D 459 41.40 -32.30 54.65
CA GLY D 459 41.87 -33.01 55.82
C GLY D 459 43.33 -33.26 55.68
N LEU D 460 43.74 -34.51 55.93
CA LEU D 460 45.13 -34.89 55.91
C LEU D 460 45.65 -34.61 54.54
N PRO D 461 46.84 -34.08 54.48
CA PRO D 461 47.59 -33.75 55.67
C PRO D 461 47.01 -32.52 56.28
N ALA D 462 47.11 -32.35 57.63
CA ALA D 462 46.47 -31.23 58.25
C ALA D 462 47.40 -30.06 58.32
N LYS D 463 47.17 -29.07 57.44
CA LYS D 463 47.81 -27.78 57.37
C LYS D 463 47.11 -26.73 58.19
N CYS D 464 45.91 -27.06 58.67
CA CYS D 464 44.87 -26.18 59.14
C CYS D 464 45.27 -25.15 60.16
N ASN D 465 45.75 -25.52 61.36
CA ASN D 465 46.07 -24.43 62.24
C ASN D 465 47.21 -23.68 61.64
N ASP D 466 48.22 -24.42 61.19
CA ASP D 466 49.34 -23.87 60.49
C ASP D 466 50.07 -25.06 59.99
N SER D 467 51.20 -24.85 59.30
CA SER D 467 51.98 -25.95 58.82
C SER D 467 52.59 -26.63 60.00
N HIS D 468 52.58 -25.96 61.16
CA HIS D 468 53.25 -26.49 62.31
C HIS D 468 52.72 -27.85 62.65
N ASN D 469 53.53 -28.60 63.42
CA ASN D 469 53.27 -29.97 63.74
C ASN D 469 51.95 -30.08 64.41
N ASN D 470 51.64 -29.20 65.37
CA ASN D 470 50.34 -29.31 65.99
C ASN D 470 49.38 -29.06 64.88
N GLU D 471 48.41 -29.97 64.69
CA GLU D 471 47.53 -29.81 63.58
C GLU D 471 46.24 -30.50 63.88
N VAL D 472 45.18 -30.10 63.14
CA VAL D 472 43.88 -30.70 63.27
C VAL D 472 43.34 -30.75 61.88
N ALA D 473 42.18 -31.41 61.68
CA ALA D 473 41.60 -31.46 60.38
C ALA D 473 41.14 -30.08 60.04
N CYS D 474 41.28 -29.69 58.76
CA CYS D 474 40.98 -28.34 58.38
C CYS D 474 39.51 -28.12 58.37
N CYS D 475 38.73 -29.10 57.87
CA CYS D 475 37.33 -28.87 57.69
C CYS D 475 36.65 -28.80 59.01
N ILE D 476 35.54 -28.04 59.05
CA ILE D 476 34.81 -27.92 60.27
C ILE D 476 33.66 -28.87 60.17
N HIS D 477 33.54 -29.76 61.17
CA HIS D 477 32.48 -30.72 61.15
C HIS D 477 31.83 -30.70 62.49
N GLY D 478 30.53 -31.03 62.54
CA GLY D 478 29.84 -31.05 63.79
C GLY D 478 29.75 -29.64 64.25
N MET D 479 29.92 -28.70 63.31
CA MET D 479 29.90 -27.32 63.66
C MET D 479 28.99 -26.64 62.68
N PRO D 480 28.42 -25.55 63.08
CA PRO D 480 27.53 -24.84 62.21
C PRO D 480 28.28 -24.28 61.04
N THR D 481 29.60 -24.08 61.21
CA THR D 481 30.46 -23.54 60.20
C THR D 481 30.56 -24.56 59.11
N PHE D 482 30.27 -25.83 59.44
CA PHE D 482 30.45 -26.95 58.59
C PHE D 482 29.83 -26.73 57.23
N PRO D 483 28.60 -26.34 57.09
CA PRO D 483 28.12 -26.20 55.74
C PRO D 483 28.82 -25.10 55.01
N HIS D 484 29.28 -24.07 55.73
CA HIS D 484 29.92 -22.93 55.14
C HIS D 484 31.19 -23.39 54.49
N TRP D 485 31.98 -24.18 55.25
CA TRP D 485 33.29 -24.58 54.82
C TRP D 485 33.19 -25.40 53.58
N HIS D 486 32.31 -26.42 53.59
CA HIS D 486 32.23 -27.28 52.44
C HIS D 486 31.75 -26.49 51.28
N ARG D 487 30.80 -25.55 51.51
CA ARG D 487 30.31 -24.80 50.40
C ARG D 487 31.46 -24.08 49.78
N LEU D 488 32.32 -23.48 50.61
CA LEU D 488 33.43 -22.72 50.10
C LEU D 488 34.33 -23.65 49.36
N TYR D 489 34.47 -24.89 49.87
CA TYR D 489 35.37 -25.87 49.34
C TYR D 489 34.99 -26.17 47.92
N THR D 490 33.68 -26.32 47.64
CA THR D 490 33.23 -26.67 46.33
C THR D 490 33.64 -25.60 45.36
N LEU D 491 33.50 -24.33 45.75
CA LEU D 491 33.82 -23.27 44.85
C LEU D 491 35.26 -23.36 44.47
N GLN D 492 36.12 -23.77 45.42
CA GLN D 492 37.51 -23.83 45.08
C GLN D 492 37.70 -24.77 43.93
N PHE D 493 37.05 -25.95 43.97
CA PHE D 493 37.19 -26.88 42.89
C PHE D 493 36.60 -26.30 41.65
N GLU D 494 35.42 -25.69 41.75
CA GLU D 494 34.76 -25.21 40.57
C GLU D 494 35.66 -24.23 39.90
N GLN D 495 36.30 -23.35 40.69
CA GLN D 495 37.15 -22.37 40.08
C GLN D 495 38.28 -23.10 39.42
N ALA D 496 38.78 -24.17 40.07
CA ALA D 496 39.90 -24.86 39.50
C ALA D 496 39.53 -25.39 38.17
N LEU D 497 38.34 -26.03 38.06
CA LEU D 497 37.95 -26.60 36.80
C LEU D 497 37.81 -25.52 35.80
N ARG D 498 37.27 -24.37 36.20
CA ARG D 498 37.05 -23.30 35.26
C ARG D 498 38.36 -22.91 34.69
N ARG D 499 39.40 -22.84 35.53
CA ARG D 499 40.71 -22.46 35.08
C ARG D 499 41.11 -23.48 34.08
N HIS D 500 40.80 -24.75 34.39
CA HIS D 500 41.13 -25.87 33.56
C HIS D 500 40.33 -25.80 32.30
N GLY D 501 39.20 -25.07 32.29
CA GLY D 501 38.46 -24.95 31.06
C GLY D 501 37.18 -25.72 31.14
N SER D 502 36.72 -26.07 32.36
CA SER D 502 35.47 -26.76 32.44
C SER D 502 34.40 -25.83 31.96
N SER D 503 33.49 -26.37 31.13
CA SER D 503 32.40 -25.63 30.56
C SER D 503 31.34 -25.37 31.59
N VAL D 504 31.20 -26.26 32.58
CA VAL D 504 30.09 -26.12 33.48
C VAL D 504 30.54 -26.24 34.90
N ALA D 505 29.66 -25.86 35.85
CA ALA D 505 29.93 -25.96 37.25
C ALA D 505 29.89 -27.42 37.57
N VAL D 506 30.50 -27.82 38.70
CA VAL D 506 30.53 -29.21 39.00
C VAL D 506 29.14 -29.66 39.31
N PRO D 507 28.86 -30.81 38.76
CA PRO D 507 27.55 -31.39 38.95
C PRO D 507 27.40 -31.98 40.30
N TYR D 508 26.13 -32.21 40.70
CA TYR D 508 25.85 -32.78 41.98
C TYR D 508 25.15 -34.08 41.73
N TRP D 509 25.49 -35.10 42.54
CA TRP D 509 24.89 -36.39 42.39
C TRP D 509 23.73 -36.42 43.33
N ASP D 510 22.51 -36.33 42.79
CA ASP D 510 21.36 -36.32 43.65
C ASP D 510 21.28 -37.66 44.32
N TRP D 511 21.68 -37.71 45.59
CA TRP D 511 21.62 -38.90 46.38
C TRP D 511 20.20 -39.23 46.76
N THR D 512 19.37 -38.18 46.98
CA THR D 512 18.07 -38.38 47.53
C THR D 512 17.30 -39.35 46.71
N LYS D 513 17.30 -39.18 45.38
CA LYS D 513 16.58 -40.12 44.57
C LYS D 513 17.24 -41.44 44.72
N PRO D 514 16.47 -42.47 44.59
CA PRO D 514 17.05 -43.77 44.68
C PRO D 514 17.92 -43.94 43.49
N ILE D 515 19.02 -44.69 43.65
CA ILE D 515 19.96 -44.83 42.59
C ILE D 515 19.84 -46.20 42.04
N HIS D 516 19.42 -46.30 40.76
CA HIS D 516 19.30 -47.59 40.16
C HIS D 516 20.68 -48.15 40.11
N ASN D 517 21.62 -47.33 39.59
CA ASN D 517 22.99 -47.74 39.52
C ASN D 517 23.83 -46.52 39.67
N ILE D 518 25.12 -46.73 40.03
CA ILE D 518 26.06 -45.66 40.25
C ILE D 518 26.27 -44.96 38.95
N PRO D 519 26.24 -43.65 38.96
CA PRO D 519 26.34 -42.86 37.78
C PRO D 519 27.49 -43.27 36.91
N HIS D 520 27.24 -43.30 35.59
CA HIS D 520 28.17 -43.78 34.60
C HIS D 520 29.39 -42.94 34.57
N LEU D 521 29.26 -41.61 34.70
CA LEU D 521 30.43 -40.80 34.54
C LEU D 521 31.44 -41.19 35.57
N PHE D 522 31.02 -41.29 36.83
CA PHE D 522 31.92 -41.65 37.88
C PHE D 522 32.32 -43.09 37.79
N THR D 523 31.34 -43.97 37.51
CA THR D 523 31.58 -45.39 37.55
C THR D 523 32.60 -45.84 36.55
N ASP D 524 32.47 -45.42 35.28
CA ASP D 524 33.35 -45.99 34.30
C ASP D 524 34.78 -45.68 34.62
N LYS D 525 35.56 -46.76 34.77
CA LYS D 525 36.96 -46.68 35.07
C LYS D 525 37.66 -46.12 33.87
N GLU D 526 37.22 -46.51 32.66
CA GLU D 526 37.88 -46.05 31.48
C GLU D 526 36.96 -45.11 30.77
N TYR D 527 37.52 -44.02 30.19
CA TYR D 527 36.72 -43.10 29.45
C TYR D 527 37.07 -43.35 28.03
N TYR D 528 36.38 -44.34 27.42
CA TYR D 528 36.62 -44.76 26.07
C TYR D 528 36.23 -43.74 25.06
N ASP D 529 35.02 -43.16 25.20
CA ASP D 529 34.54 -42.28 24.18
C ASP D 529 35.41 -41.07 24.11
N VAL D 530 35.70 -40.62 22.86
CA VAL D 530 36.47 -39.47 22.43
C VAL D 530 36.43 -39.58 20.94
N TRP D 531 36.70 -38.48 20.21
CA TRP D 531 36.81 -38.58 18.79
C TRP D 531 37.94 -39.52 18.55
N ARG D 532 38.99 -39.37 19.36
CA ARG D 532 40.17 -40.16 19.25
C ARG D 532 39.81 -41.59 19.52
N ASN D 533 38.84 -41.81 20.43
CA ASN D 533 38.48 -43.15 20.77
C ASN D 533 39.66 -43.79 21.45
N LYS D 534 40.42 -42.97 22.19
CA LYS D 534 41.53 -43.47 22.94
C LYS D 534 40.97 -43.99 24.23
N VAL D 535 41.68 -44.93 24.87
CA VAL D 535 41.21 -45.44 26.12
C VAL D 535 42.05 -44.81 27.18
N MET D 536 41.39 -44.31 28.25
CA MET D 536 42.14 -43.68 29.30
C MET D 536 41.43 -43.94 30.58
N PRO D 537 42.11 -43.72 31.66
CA PRO D 537 41.48 -43.88 32.94
C PRO D 537 40.55 -42.74 33.13
N ASN D 538 39.52 -42.91 33.99
CA ASN D 538 38.57 -41.86 34.19
C ASN D 538 38.97 -41.14 35.43
N PRO D 539 39.40 -39.93 35.25
CA PRO D 539 39.84 -39.12 36.35
C PRO D 539 38.71 -39.03 37.32
N PHE D 540 37.46 -39.08 36.83
CA PHE D 540 36.30 -39.00 37.66
C PHE D 540 36.26 -40.21 38.52
N ALA D 541 36.68 -41.37 37.97
CA ALA D 541 36.54 -42.58 38.72
C ALA D 541 37.26 -42.48 40.01
N ARG D 542 38.54 -42.04 40.02
CA ARG D 542 39.22 -41.98 41.29
C ARG D 542 40.47 -41.19 41.11
N GLY D 543 41.21 -41.06 42.24
CA GLY D 543 42.47 -40.40 42.27
C GLY D 543 43.28 -41.18 43.26
N TYR D 544 44.54 -40.76 43.50
CA TYR D 544 45.31 -41.48 44.45
C TYR D 544 45.89 -40.47 45.39
N VAL D 545 46.31 -40.92 46.60
CA VAL D 545 46.89 -39.98 47.52
C VAL D 545 48.38 -40.10 47.40
N PRO D 546 48.97 -39.02 46.97
CA PRO D 546 50.40 -39.03 46.80
C PRO D 546 51.18 -39.11 48.07
N SER D 547 50.71 -38.46 49.14
CA SER D 547 51.47 -38.46 50.36
C SER D 547 51.51 -39.86 50.87
N HIS D 548 50.34 -40.47 50.98
CA HIS D 548 50.21 -41.81 51.47
C HIS D 548 50.85 -42.71 50.47
N ASP D 549 50.78 -42.32 49.18
CA ASP D 549 51.27 -43.17 48.15
C ASP D 549 50.35 -44.33 48.13
N THR D 550 49.15 -44.12 48.71
CA THR D 550 48.13 -45.10 48.75
C THR D 550 47.24 -44.77 47.60
N TYR D 551 46.18 -45.55 47.37
CA TYR D 551 45.30 -45.25 46.28
C TYR D 551 43.93 -45.17 46.86
N THR D 552 43.02 -44.41 46.21
CA THR D 552 41.70 -44.30 46.78
C THR D 552 41.00 -45.59 46.53
N VAL D 553 40.00 -45.90 47.36
CA VAL D 553 39.28 -47.12 47.16
C VAL D 553 37.87 -46.84 47.54
N ARG D 554 36.91 -47.61 46.99
CA ARG D 554 35.59 -47.41 47.49
C ARG D 554 34.93 -48.72 47.67
N ASP D 555 34.24 -48.87 48.81
CA ASP D 555 33.50 -50.05 49.15
C ASP D 555 32.09 -49.57 49.28
N VAL D 556 31.21 -49.97 48.35
CA VAL D 556 29.89 -49.42 48.38
C VAL D 556 28.90 -50.51 48.68
N GLN D 557 27.79 -50.13 49.34
CA GLN D 557 26.77 -51.09 49.63
C GLN D 557 25.71 -50.90 48.60
N GLU D 558 25.14 -52.03 48.15
CA GLU D 558 24.11 -52.12 47.15
C GLU D 558 22.88 -51.49 47.70
N GLY D 559 22.77 -51.50 49.03
CA GLY D 559 21.61 -51.04 49.74
C GLY D 559 21.33 -49.64 49.30
N LEU D 560 22.36 -48.93 48.81
CA LEU D 560 22.20 -47.56 48.41
C LEU D 560 21.10 -47.51 47.41
N PHE D 561 20.99 -48.55 46.56
CA PHE D 561 19.86 -48.61 45.68
C PHE D 561 18.72 -48.54 46.63
N HIS D 562 17.94 -47.45 46.54
CA HIS D 562 17.00 -47.20 47.57
C HIS D 562 15.69 -47.85 47.29
N LEU D 563 15.16 -48.49 48.35
CA LEU D 563 13.85 -49.05 48.31
C LEU D 563 13.14 -48.41 49.44
N THR D 564 11.89 -47.98 49.23
CA THR D 564 11.16 -47.44 50.34
C THR D 564 9.71 -47.67 50.07
N SER D 565 8.87 -47.57 51.12
CA SER D 565 7.47 -47.84 50.96
C SER D 565 6.91 -46.88 49.97
N THR D 566 7.12 -45.58 50.23
CA THR D 566 6.59 -44.58 49.34
C THR D 566 7.26 -44.79 48.03
N GLY D 567 8.59 -44.93 48.11
CA GLY D 567 9.43 -45.08 46.97
C GLY D 567 10.12 -43.77 46.84
N GLU D 568 9.34 -42.68 46.88
CA GLU D 568 9.88 -41.35 46.79
C GLU D 568 10.60 -41.02 48.04
N HIS D 569 10.00 -41.36 49.20
CA HIS D 569 10.60 -40.96 50.43
C HIS D 569 11.63 -41.94 50.83
N SER D 570 12.90 -41.61 50.52
CA SER D 570 14.00 -42.43 50.91
C SER D 570 14.43 -41.94 52.26
N ALA D 571 15.39 -42.63 52.89
CA ALA D 571 15.84 -42.22 54.17
C ALA D 571 16.46 -40.87 54.02
N LEU D 572 17.25 -40.68 52.95
CA LEU D 572 17.91 -39.43 52.74
C LEU D 572 16.86 -38.39 52.54
N LEU D 573 15.83 -38.72 51.74
CA LEU D 573 14.82 -37.74 51.45
C LEU D 573 14.14 -37.37 52.73
N ASN D 574 13.82 -38.36 53.57
CA ASN D 574 13.12 -38.07 54.78
C ASN D 574 13.99 -37.22 55.64
N GLN D 575 15.28 -37.59 55.76
CA GLN D 575 16.14 -36.88 56.65
C GLN D 575 16.32 -35.48 56.16
N ALA D 576 16.53 -35.33 54.83
CA ALA D 576 16.78 -34.04 54.27
C ALA D 576 15.58 -33.16 54.46
N LEU D 577 14.39 -33.73 54.25
CA LEU D 577 13.18 -32.95 54.31
C LEU D 577 13.00 -32.43 55.70
N LEU D 578 13.26 -33.26 56.72
CA LEU D 578 13.03 -32.87 58.07
C LEU D 578 13.92 -31.70 58.35
N ALA D 579 15.17 -31.77 57.89
CA ALA D 579 16.09 -30.70 58.13
C ALA D 579 15.54 -29.49 57.47
N LEU D 580 14.94 -29.67 56.29
CA LEU D 580 14.44 -28.56 55.55
C LEU D 580 13.44 -27.85 56.40
N GLU D 581 12.55 -28.60 57.10
CA GLU D 581 11.60 -27.85 57.86
C GLU D 581 12.20 -27.50 59.18
N GLN D 582 12.97 -26.40 59.21
CA GLN D 582 13.51 -25.94 60.45
C GLN D 582 13.90 -24.51 60.23
N HIS D 583 13.27 -23.60 60.98
CA HIS D 583 13.62 -22.21 60.85
C HIS D 583 15.01 -22.05 61.38
N ASP D 584 15.28 -22.68 62.54
CA ASP D 584 16.56 -22.53 63.17
C ASP D 584 17.60 -23.10 62.26
N TYR D 585 18.62 -22.30 61.96
CA TYR D 585 19.71 -22.71 61.13
C TYR D 585 20.46 -23.78 61.87
N CYS D 586 20.67 -23.54 63.18
CA CYS D 586 21.45 -24.42 63.99
C CYS D 586 20.81 -25.77 63.95
N ASP D 587 19.47 -25.80 64.14
CA ASP D 587 18.77 -27.04 64.15
C ASP D 587 18.88 -27.64 62.79
N PHE D 588 18.82 -26.78 61.75
CA PHE D 588 18.87 -27.22 60.39
C PHE D 588 20.18 -27.90 60.14
N ALA D 589 21.28 -27.29 60.61
CA ALA D 589 22.60 -27.80 60.34
C ALA D 589 22.76 -29.16 60.93
N VAL D 590 22.24 -29.37 62.15
CA VAL D 590 22.46 -30.63 62.80
C VAL D 590 21.90 -31.73 61.93
N GLN D 591 20.65 -31.56 61.48
CA GLN D 591 20.00 -32.53 60.65
C GLN D 591 20.68 -32.54 59.32
N PHE D 592 21.08 -31.35 58.85
CA PHE D 592 21.64 -31.17 57.54
C PHE D 592 22.90 -31.98 57.41
N GLU D 593 23.79 -31.89 58.42
CA GLU D 593 25.05 -32.54 58.34
C GLU D 593 24.90 -34.03 58.31
N VAL D 594 23.98 -34.58 59.14
CA VAL D 594 23.88 -36.01 59.25
C VAL D 594 23.53 -36.61 57.94
N MET D 595 22.60 -35.99 57.19
CA MET D 595 22.19 -36.57 55.95
C MET D 595 23.40 -36.63 55.06
N HIS D 596 24.25 -35.59 55.16
CA HIS D 596 25.43 -35.43 54.36
C HIS D 596 26.35 -36.59 54.62
N ASN D 597 26.41 -37.05 55.88
CA ASN D 597 27.32 -38.07 56.34
C ASN D 597 27.09 -39.36 55.62
N THR D 598 25.82 -39.67 55.28
CA THR D 598 25.48 -40.97 54.77
C THR D 598 26.30 -41.31 53.58
N ILE D 599 26.46 -40.39 52.63
CA ILE D 599 27.13 -40.75 51.43
C ILE D 599 28.55 -41.13 51.69
N HIS D 600 29.24 -40.41 52.60
CA HIS D 600 30.61 -40.73 52.84
C HIS D 600 30.68 -42.15 53.29
N TYR D 601 29.77 -42.56 54.18
CA TYR D 601 29.80 -43.91 54.67
C TYR D 601 29.51 -44.85 53.56
N LEU D 602 28.50 -44.54 52.71
CA LEU D 602 28.14 -45.48 51.71
C LEU D 602 29.28 -45.79 50.79
N VAL D 603 29.88 -44.75 50.19
CA VAL D 603 30.91 -45.01 49.24
C VAL D 603 32.12 -45.60 49.90
N GLY D 604 32.57 -44.99 51.01
CA GLY D 604 33.81 -45.42 51.62
C GLY D 604 33.73 -46.83 52.10
N GLY D 605 32.65 -47.18 52.81
CA GLY D 605 32.58 -48.52 53.32
C GLY D 605 33.66 -48.65 54.35
N PRO D 606 34.12 -49.86 54.49
CA PRO D 606 35.17 -50.15 55.44
C PRO D 606 36.51 -49.62 55.05
N GLN D 607 36.72 -49.26 53.78
CA GLN D 607 38.04 -48.89 53.35
C GLN D 607 38.55 -47.74 54.17
N VAL D 608 39.79 -47.90 54.68
CA VAL D 608 40.44 -46.91 55.47
C VAL D 608 40.69 -45.72 54.62
N TYR D 609 41.10 -45.94 53.36
CA TYR D 609 41.39 -44.83 52.51
C TYR D 609 40.20 -44.69 51.62
N SER D 610 39.28 -43.79 52.01
CA SER D 610 38.12 -43.62 51.19
C SER D 610 37.34 -42.46 51.69
N LEU D 611 36.12 -42.28 51.16
CA LEU D 611 35.25 -41.22 51.55
C LEU D 611 34.89 -41.45 52.98
N SER D 612 34.86 -42.72 53.39
CA SER D 612 34.49 -43.06 54.73
C SER D 612 35.48 -42.48 55.69
N SER D 613 36.72 -42.17 55.24
CA SER D 613 37.69 -41.65 56.15
C SER D 613 37.70 -40.17 56.06
N LEU D 614 37.90 -39.49 57.21
CA LEU D 614 37.90 -38.06 57.27
C LEU D 614 39.01 -37.49 56.45
N HIS D 615 40.26 -37.97 56.69
CA HIS D 615 41.38 -37.41 55.99
C HIS D 615 41.37 -37.78 54.54
N TYR D 616 41.18 -39.08 54.23
CA TYR D 616 41.27 -39.63 52.92
C TYR D 616 40.18 -39.19 52.00
N ALA D 617 38.97 -38.97 52.56
CA ALA D 617 37.78 -38.81 51.78
C ALA D 617 37.90 -37.75 50.73
N SER D 618 38.59 -36.64 51.01
CA SER D 618 38.62 -35.56 50.07
C SER D 618 39.21 -36.00 48.76
N TYR D 619 40.04 -37.06 48.75
CA TYR D 619 40.69 -37.47 47.53
C TYR D 619 39.70 -37.91 46.50
N ASP D 620 38.69 -38.70 46.88
CA ASP D 620 37.77 -39.23 45.92
C ASP D 620 37.07 -38.09 45.25
N PRO D 621 36.94 -38.18 43.95
CA PRO D 621 36.26 -37.17 43.17
C PRO D 621 34.79 -37.13 43.41
N ILE D 622 34.21 -38.21 43.96
CA ILE D 622 32.81 -38.28 44.23
C ILE D 622 32.51 -37.20 45.19
N PHE D 623 33.50 -36.90 46.05
CA PHE D 623 33.38 -35.95 47.11
C PHE D 623 32.84 -34.68 46.54
N PHE D 624 33.43 -34.17 45.46
CA PHE D 624 32.95 -32.91 44.97
C PHE D 624 31.54 -33.08 44.50
N ILE D 625 31.25 -34.18 43.78
CA ILE D 625 29.93 -34.32 43.23
C ILE D 625 28.91 -34.36 44.32
N HIS D 626 29.16 -35.16 45.38
CA HIS D 626 28.19 -35.23 46.43
C HIS D 626 28.02 -33.89 47.06
N HIS D 627 29.14 -33.21 47.33
CA HIS D 627 29.09 -31.96 48.02
C HIS D 627 28.34 -30.96 47.19
N SER D 628 28.43 -31.06 45.86
CA SER D 628 27.71 -30.10 45.06
C SER D 628 26.26 -30.22 45.40
N PHE D 629 25.75 -31.46 45.53
CA PHE D 629 24.35 -31.65 45.79
C PHE D 629 24.00 -31.09 47.13
N VAL D 630 24.82 -31.40 48.15
CA VAL D 630 24.51 -30.96 49.48
C VAL D 630 24.51 -29.47 49.47
N ASP D 631 25.48 -28.86 48.77
CA ASP D 631 25.56 -27.43 48.73
C ASP D 631 24.31 -26.92 48.09
N LYS D 632 23.86 -27.61 47.03
CA LYS D 632 22.70 -27.20 46.28
C LYS D 632 21.53 -27.19 47.21
N VAL D 633 21.38 -28.24 48.03
CA VAL D 633 20.28 -28.35 48.93
C VAL D 633 20.36 -27.25 49.95
N TRP D 634 21.57 -27.00 50.47
CA TRP D 634 21.70 -26.02 51.50
C TRP D 634 21.27 -24.70 50.94
N ALA D 635 21.65 -24.42 49.68
CA ALA D 635 21.31 -23.18 49.05
C ALA D 635 19.82 -23.09 48.98
N VAL D 636 19.15 -24.23 48.68
CA VAL D 636 17.73 -24.25 48.56
C VAL D 636 17.15 -23.82 49.86
N TRP D 637 17.76 -24.28 50.97
CA TRP D 637 17.24 -23.96 52.27
C TRP D 637 17.23 -22.47 52.41
N GLN D 638 18.33 -21.80 52.01
CA GLN D 638 18.38 -20.38 52.17
C GLN D 638 17.28 -19.77 51.36
N ALA D 639 17.08 -20.30 50.13
CA ALA D 639 16.06 -19.74 49.28
C ALA D 639 14.75 -19.94 49.98
N LEU D 640 14.56 -21.12 50.60
CA LEU D 640 13.33 -21.40 51.25
C LEU D 640 13.16 -20.42 52.36
N GLN D 641 14.26 -20.11 53.06
CA GLN D 641 14.19 -19.20 54.15
C GLN D 641 13.69 -17.90 53.62
N GLU D 642 14.15 -17.53 52.41
CA GLU D 642 13.71 -16.29 51.83
C GLU D 642 12.23 -16.37 51.66
N LYS D 643 11.74 -17.55 51.22
CA LYS D 643 10.34 -17.71 51.02
C LYS D 643 9.69 -17.49 52.35
N ARG D 644 10.31 -18.02 53.42
CA ARG D 644 9.78 -17.85 54.73
C ARG D 644 9.80 -16.40 55.05
N GLY D 645 10.82 -15.68 54.57
CA GLY D 645 10.85 -14.26 54.79
C GLY D 645 11.87 -13.93 55.84
N LEU D 646 12.47 -14.94 56.50
CA LEU D 646 13.49 -14.58 57.45
C LEU D 646 14.79 -14.42 56.72
N PRO D 647 15.70 -13.70 57.30
CA PRO D 647 16.96 -13.49 56.65
C PRO D 647 17.72 -14.76 56.49
N SER D 648 18.14 -15.07 55.26
CA SER D 648 18.86 -16.29 55.01
C SER D 648 20.25 -16.16 55.55
N ASP D 649 20.84 -14.96 55.39
CA ASP D 649 22.21 -14.68 55.69
C ASP D 649 22.49 -14.86 57.14
N ARG D 650 21.60 -14.29 57.99
CA ARG D 650 21.87 -14.25 59.39
C ARG D 650 21.82 -15.62 59.98
N ALA D 651 22.72 -15.88 60.95
CA ALA D 651 22.74 -17.13 61.66
C ALA D 651 22.67 -16.80 63.12
N ASP D 652 21.73 -17.43 63.83
CA ASP D 652 21.49 -17.16 65.23
C ASP D 652 22.63 -17.65 66.08
N CYS D 653 23.11 -18.88 65.86
CA CYS D 653 24.08 -19.37 66.81
C CYS D 653 25.37 -19.66 66.16
N ALA D 654 26.28 -20.30 66.92
CA ALA D 654 27.59 -20.65 66.48
C ALA D 654 28.24 -19.39 66.03
N VAL D 655 28.02 -18.27 66.74
CA VAL D 655 28.56 -17.05 66.25
C VAL D 655 30.05 -17.11 66.37
N SER D 656 30.56 -17.79 67.43
CA SER D 656 31.98 -17.81 67.66
C SER D 656 32.61 -18.39 66.44
N LEU D 657 32.04 -19.52 65.97
CA LEU D 657 32.58 -20.21 64.85
C LEU D 657 32.47 -19.35 63.65
N MET D 658 31.35 -18.61 63.54
CA MET D 658 31.07 -17.86 62.34
C MET D 658 32.16 -16.88 62.07
N THR D 659 32.63 -16.18 63.11
CA THR D 659 33.61 -15.15 62.91
C THR D 659 34.89 -15.70 62.38
N GLN D 660 35.34 -16.86 62.89
CA GLN D 660 36.65 -17.33 62.55
C GLN D 660 36.76 -17.50 61.07
N ASN D 661 37.93 -17.11 60.54
CA ASN D 661 38.19 -17.24 59.14
C ASN D 661 38.41 -18.69 58.90
N MET D 662 38.04 -19.15 57.68
CA MET D 662 38.12 -20.53 57.34
C MET D 662 39.40 -20.76 56.60
N ARG D 663 40.35 -21.47 57.23
CA ARG D 663 41.56 -21.83 56.57
C ARG D 663 41.28 -23.08 55.84
N PRO D 664 42.12 -23.50 54.93
CA PRO D 664 43.31 -22.77 54.56
C PRO D 664 42.95 -21.61 53.69
N PHE D 665 41.67 -21.40 53.46
CA PHE D 665 41.20 -20.43 52.50
C PHE D 665 41.80 -19.09 52.84
N HIS D 666 41.89 -18.75 54.14
CA HIS D 666 42.42 -17.47 54.49
C HIS D 666 43.83 -17.37 53.99
N TYR D 667 44.59 -18.47 54.12
CA TYR D 667 45.98 -18.56 53.76
C TYR D 667 46.25 -18.42 52.29
N GLU D 668 47.49 -17.98 51.99
CA GLU D 668 48.06 -17.72 50.70
C GLU D 668 48.13 -18.99 49.92
N ILE D 669 48.11 -20.15 50.60
CA ILE D 669 48.23 -21.42 49.94
C ILE D 669 47.18 -21.47 48.89
N ASN D 670 45.97 -20.96 49.20
CA ASN D 670 44.95 -20.93 48.19
C ASN D 670 45.15 -19.68 47.41
N HIS D 671 45.42 -19.83 46.10
CA HIS D 671 45.63 -18.72 45.21
C HIS D 671 44.34 -18.00 45.01
N ASN D 672 43.21 -18.74 45.02
CA ASN D 672 41.93 -18.17 44.68
C ASN D 672 41.64 -16.99 45.55
N GLN D 673 41.40 -15.85 44.88
CA GLN D 673 41.08 -14.59 45.50
C GLN D 673 39.72 -14.59 46.12
N PHE D 674 38.69 -15.11 45.40
CA PHE D 674 37.36 -14.97 45.92
C PHE D 674 37.24 -15.75 47.18
N THR D 675 37.88 -16.93 47.25
CA THR D 675 37.75 -17.75 48.41
C THR D 675 38.31 -17.01 49.59
N LYS D 676 39.42 -16.26 49.41
CA LYS D 676 40.07 -15.63 50.53
C LYS D 676 39.17 -14.67 51.24
N LYS D 677 38.48 -13.78 50.49
CA LYS D 677 37.64 -12.80 51.11
C LYS D 677 36.53 -13.53 51.81
N HIS D 678 36.05 -14.59 51.16
CA HIS D 678 34.93 -15.42 51.55
C HIS D 678 35.22 -16.23 52.76
N ALA D 679 36.48 -16.27 53.23
CA ALA D 679 36.88 -17.19 54.27
C ALA D 679 35.97 -17.10 55.45
N VAL D 680 35.54 -15.90 55.87
CA VAL D 680 34.64 -15.93 57.00
C VAL D 680 33.38 -16.60 56.53
N PRO D 681 32.92 -17.53 57.31
CA PRO D 681 31.75 -18.29 56.94
C PRO D 681 30.53 -17.43 56.94
N ASN D 682 30.58 -16.27 57.60
CA ASN D 682 29.42 -15.43 57.64
C ASN D 682 29.13 -15.04 56.23
N ASP D 683 30.18 -14.71 55.46
CA ASP D 683 30.07 -14.27 54.12
C ASP D 683 29.59 -15.38 53.23
N VAL D 684 29.88 -16.63 53.59
CA VAL D 684 29.63 -17.76 52.73
C VAL D 684 28.18 -17.87 52.39
N PHE D 685 27.28 -17.38 53.27
CA PHE D 685 25.87 -17.59 53.08
C PHE D 685 25.44 -17.15 51.71
N LYS D 686 25.84 -15.95 51.27
CA LYS D 686 25.34 -15.57 49.98
C LYS D 686 26.17 -16.27 48.96
N TYR D 687 25.57 -17.31 48.33
CA TYR D 687 26.19 -18.12 47.35
C TYR D 687 26.42 -17.34 46.11
N GLU D 688 25.53 -16.33 45.88
CA GLU D 688 25.44 -15.44 44.74
C GLU D 688 26.74 -14.71 44.58
N LEU D 689 27.41 -14.36 45.70
CA LEU D 689 28.73 -13.76 45.65
C LEU D 689 29.66 -14.71 44.95
N LEU D 690 29.50 -16.05 45.12
CA LEU D 690 30.32 -17.02 44.46
C LEU D 690 30.13 -16.83 43.00
N GLY D 691 28.89 -16.56 42.56
CA GLY D 691 28.65 -16.30 41.17
C GLY D 691 28.34 -17.59 40.47
N TYR D 692 27.94 -18.62 41.23
CA TYR D 692 27.62 -19.86 40.59
C TYR D 692 26.18 -20.08 40.85
N ARG D 693 25.45 -20.69 39.90
CA ARG D 693 24.06 -20.90 40.16
C ARG D 693 23.77 -22.33 39.88
N TYR D 694 22.53 -22.74 40.19
CA TYR D 694 22.12 -24.10 39.99
C TYR D 694 21.11 -24.05 38.91
N ASP D 695 21.02 -25.14 38.11
CA ASP D 695 20.08 -25.13 37.05
C ASP D 695 18.73 -24.94 37.64
N ASN D 696 18.43 -25.68 38.73
CA ASN D 696 17.15 -25.49 39.34
C ASN D 696 17.30 -25.71 40.80
N LEU D 697 16.43 -25.06 41.59
CA LEU D 697 16.47 -25.29 43.00
C LEU D 697 15.26 -26.13 43.27
N GLU D 698 15.47 -27.45 43.37
CA GLU D 698 14.33 -28.30 43.61
C GLU D 698 14.78 -29.46 44.42
N ILE D 699 13.90 -29.92 45.33
CA ILE D 699 14.23 -31.08 46.09
C ILE D 699 13.19 -32.12 45.83
N GLY D 700 13.51 -33.09 44.98
CA GLY D 700 12.64 -34.22 44.79
C GLY D 700 11.33 -33.84 44.14
N GLY D 701 11.33 -32.85 43.23
CA GLY D 701 10.10 -32.62 42.50
C GLY D 701 9.28 -31.51 43.11
N MET D 702 9.65 -31.01 44.29
CA MET D 702 8.84 -29.96 44.85
C MET D 702 9.56 -28.68 44.61
N ASN D 703 8.80 -27.62 44.27
CA ASN D 703 9.39 -26.33 44.06
C ASN D 703 9.68 -25.80 45.43
N LEU D 704 10.42 -24.67 45.50
CA LEU D 704 10.72 -24.11 46.78
C LEU D 704 9.43 -23.73 47.41
N HIS D 705 8.53 -23.13 46.61
CA HIS D 705 7.27 -22.71 47.13
C HIS D 705 6.52 -23.92 47.60
N GLU D 706 6.51 -24.97 46.77
CA GLU D 706 5.75 -26.15 47.10
C GLU D 706 6.34 -26.79 48.32
N ILE D 707 7.67 -26.82 48.44
CA ILE D 707 8.25 -27.50 49.55
C ILE D 707 7.84 -26.82 50.80
N GLU D 708 7.79 -25.47 50.80
CA GLU D 708 7.42 -24.80 52.01
C GLU D 708 6.03 -25.26 52.34
N LYS D 709 5.16 -25.35 51.33
CA LYS D 709 3.81 -25.76 51.56
C LYS D 709 3.80 -27.16 52.09
N GLU D 710 4.67 -28.03 51.52
CA GLU D 710 4.70 -29.42 51.87
C GLU D 710 5.08 -29.57 53.32
N ILE D 711 6.06 -28.81 53.82
CA ILE D 711 6.52 -29.00 55.17
C ILE D 711 5.45 -28.65 56.17
N LYS D 712 4.67 -27.59 55.90
CA LYS D 712 3.67 -27.19 56.86
C LYS D 712 2.71 -28.34 57.15
N ASP D 713 2.34 -29.13 56.12
CA ASP D 713 1.40 -30.20 56.34
C ASP D 713 2.01 -31.21 57.27
N LYS D 714 3.33 -31.41 57.19
CA LYS D 714 3.98 -32.39 58.01
C LYS D 714 3.78 -32.01 59.45
N GLN D 715 3.81 -30.69 59.71
CA GLN D 715 3.69 -30.15 61.03
C GLN D 715 2.37 -30.50 61.61
N HIS D 716 1.32 -30.61 60.76
CA HIS D 716 0.00 -30.85 61.27
C HIS D 716 0.03 -32.12 62.08
N HIS D 717 0.69 -33.17 61.56
CA HIS D 717 0.70 -34.44 62.25
C HIS D 717 1.61 -34.33 63.44
N VAL D 718 1.26 -35.07 64.51
CA VAL D 718 2.05 -35.09 65.70
C VAL D 718 3.18 -36.05 65.46
N ARG D 719 4.35 -35.78 66.07
CA ARG D 719 5.44 -36.68 65.85
C ARG D 719 6.15 -36.90 67.15
N VAL D 720 6.86 -38.04 67.24
CA VAL D 720 7.68 -38.39 68.36
C VAL D 720 9.07 -38.45 67.81
N PHE D 721 10.06 -37.97 68.58
CA PHE D 721 11.38 -37.92 68.05
C PHE D 721 12.31 -38.61 68.98
N ALA D 722 13.49 -38.96 68.43
CA ALA D 722 14.56 -39.57 69.16
C ALA D 722 15.59 -38.49 69.26
N GLY D 723 16.16 -38.27 70.45
CA GLY D 723 17.11 -37.21 70.55
C GLY D 723 18.48 -37.80 70.67
N PHE D 724 19.44 -37.23 69.94
CA PHE D 724 20.79 -37.71 69.99
C PHE D 724 21.64 -36.60 70.49
N LEU D 725 22.53 -36.92 71.44
CA LEU D 725 23.50 -35.95 71.87
C LEU D 725 24.73 -36.46 71.20
N LEU D 726 25.30 -35.70 70.27
CA LEU D 726 26.41 -36.28 69.57
C LEU D 726 27.68 -35.73 70.10
N HIS D 727 28.42 -36.55 70.88
CA HIS D 727 29.70 -36.17 71.42
C HIS D 727 30.70 -36.16 70.31
N GLY D 728 30.50 -37.09 69.35
CA GLY D 728 31.37 -37.31 68.24
C GLY D 728 32.16 -38.52 68.60
N ILE D 729 32.46 -39.39 67.62
CA ILE D 729 33.25 -40.52 67.99
C ILE D 729 34.57 -40.27 67.34
N ARG D 730 35.65 -40.82 67.93
CA ARG D 730 37.03 -40.64 67.54
C ARG D 730 37.35 -41.22 66.19
N THR D 731 36.85 -42.44 65.88
CA THR D 731 36.97 -43.02 64.56
C THR D 731 35.60 -42.87 63.97
N SER D 732 35.49 -42.86 62.61
CA SER D 732 34.22 -42.73 61.92
C SER D 732 33.33 -43.87 62.35
N ALA D 733 32.08 -43.62 62.79
CA ALA D 733 31.45 -44.75 63.41
C ALA D 733 30.01 -44.78 62.97
N ASP D 734 29.42 -45.99 63.03
CA ASP D 734 28.05 -46.19 62.70
C ASP D 734 27.34 -46.44 63.97
N VAL D 735 26.14 -45.85 64.14
CA VAL D 735 25.39 -46.02 65.33
C VAL D 735 24.09 -46.67 64.95
N GLN D 736 23.61 -47.61 65.78
CA GLN D 736 22.39 -48.27 65.45
C GLN D 736 21.43 -48.02 66.57
N PHE D 737 20.13 -47.89 66.24
CA PHE D 737 19.13 -47.69 67.24
C PHE D 737 18.08 -48.73 67.09
N GLN D 738 17.56 -49.19 68.24
CA GLN D 738 16.50 -50.15 68.28
C GLN D 738 15.58 -49.65 69.32
N ILE D 739 14.27 -49.96 69.20
CA ILE D 739 13.31 -49.57 70.19
C ILE D 739 12.88 -50.83 70.83
N CYS D 740 12.93 -50.91 72.17
CA CYS D 740 12.53 -52.17 72.73
C CYS D 740 11.30 -51.97 73.54
N LYS D 741 10.45 -53.00 73.55
CA LYS D 741 9.27 -53.00 74.35
C LYS D 741 9.73 -53.21 75.74
N THR D 742 8.82 -53.02 76.72
CA THR D 742 9.19 -53.21 78.09
C THR D 742 9.63 -54.63 78.18
N SER D 743 8.97 -55.53 77.44
CA SER D 743 9.33 -56.91 77.40
C SER D 743 10.61 -56.99 76.63
N GLU D 744 10.93 -58.18 76.09
CA GLU D 744 12.14 -58.40 75.35
C GLU D 744 12.16 -57.71 74.00
N ASP D 745 11.01 -57.67 73.29
CA ASP D 745 10.96 -57.26 71.91
C ASP D 745 11.64 -55.95 71.67
N CYS D 746 12.24 -55.82 70.46
CA CYS D 746 12.93 -54.64 70.05
C CYS D 746 12.76 -54.52 68.57
N HIS D 747 12.90 -53.29 68.03
CA HIS D 747 12.77 -53.07 66.62
C HIS D 747 13.91 -52.17 66.21
N HIS D 748 14.33 -52.26 64.94
CA HIS D 748 15.41 -51.41 64.53
C HIS D 748 14.84 -50.05 64.36
N GLY D 749 15.15 -49.14 65.30
CA GLY D 749 14.60 -47.82 65.24
C GLY D 749 15.14 -47.11 64.05
N GLY D 750 16.46 -47.19 63.80
CA GLY D 750 17.00 -46.48 62.69
C GLY D 750 18.47 -46.35 62.89
N GLN D 751 19.17 -45.80 61.89
CA GLN D 751 20.60 -45.70 62.01
C GLN D 751 21.04 -44.39 61.42
N ILE D 752 22.13 -43.82 61.97
CA ILE D 752 22.71 -42.59 61.55
C ILE D 752 24.18 -42.83 61.48
N PHE D 753 24.90 -42.09 60.61
CA PHE D 753 26.31 -42.30 60.49
C PHE D 753 26.98 -41.01 60.82
N VAL D 754 28.25 -41.10 61.29
CA VAL D 754 29.02 -39.91 61.55
C VAL D 754 30.37 -40.18 60.99
N LEU D 755 31.02 -39.14 60.42
CA LEU D 755 32.31 -39.34 59.85
C LEU D 755 33.25 -38.47 60.63
N GLY D 756 34.43 -39.01 61.00
CA GLY D 756 35.37 -38.20 61.70
C GLY D 756 36.66 -38.96 61.82
N GLY D 757 37.79 -38.28 61.60
CA GLY D 757 39.08 -38.89 61.72
C GLY D 757 39.63 -38.54 63.06
N THR D 758 40.87 -39.00 63.34
CA THR D 758 41.55 -38.72 64.58
C THR D 758 41.91 -37.26 64.57
N LYS D 759 42.24 -36.75 63.37
CA LYS D 759 42.68 -35.42 63.06
C LYS D 759 41.56 -34.47 63.35
N GLU D 760 40.34 -35.01 63.50
CA GLU D 760 39.12 -34.28 63.49
C GLU D 760 39.08 -33.09 64.40
N MET D 761 39.94 -33.01 65.45
CA MET D 761 39.81 -31.92 66.40
C MET D 761 38.38 -31.80 66.81
N ALA D 762 38.00 -32.69 67.74
CA ALA D 762 36.68 -32.96 68.25
C ALA D 762 35.86 -31.74 68.44
N TRP D 763 34.55 -31.96 68.17
CA TRP D 763 33.48 -31.02 68.24
C TRP D 763 32.32 -31.77 68.82
N ALA D 764 31.35 -31.04 69.40
CA ALA D 764 30.18 -31.69 69.94
C ALA D 764 29.01 -30.88 69.50
N TYR D 765 27.83 -31.52 69.37
CA TYR D 765 26.68 -30.77 68.95
C TYR D 765 26.15 -30.03 70.13
N ASN D 766 25.87 -28.73 69.92
CA ASN D 766 25.32 -27.90 70.95
C ASN D 766 23.95 -28.39 71.25
N ARG D 767 23.20 -28.81 70.21
CA ARG D 767 21.86 -29.23 70.48
C ARG D 767 21.68 -30.66 70.10
N LEU D 768 20.49 -31.17 70.46
CA LEU D 768 20.08 -32.53 70.27
C LEU D 768 19.83 -32.76 68.82
N PHE D 769 20.16 -33.96 68.33
CA PHE D 769 19.88 -34.32 66.97
C PHE D 769 18.67 -35.19 67.03
N LYS D 770 17.57 -34.76 66.42
CA LYS D 770 16.37 -35.54 66.53
C LYS D 770 16.20 -36.36 65.29
N TYR D 771 15.63 -37.55 65.46
CA TYR D 771 15.34 -38.45 64.37
C TYR D 771 13.90 -38.81 64.59
N ASP D 772 13.14 -39.01 63.50
CA ASP D 772 11.74 -39.27 63.67
C ASP D 772 11.53 -40.74 63.90
N ILE D 773 11.33 -41.06 65.19
CA ILE D 773 11.02 -42.34 65.76
C ILE D 773 9.63 -42.75 65.38
N THR D 774 8.74 -41.76 65.15
CA THR D 774 7.32 -41.94 65.04
C THR D 774 6.96 -43.08 64.14
N HIS D 775 7.54 -43.15 62.94
CA HIS D 775 7.10 -44.16 62.01
C HIS D 775 7.33 -45.51 62.62
N ALA D 776 8.54 -45.74 63.14
CA ALA D 776 8.92 -47.02 63.66
C ALA D 776 8.06 -47.37 64.84
N LEU D 777 7.78 -46.40 65.73
CA LEU D 777 7.04 -46.71 66.91
C LEU D 777 5.71 -47.24 66.49
N HIS D 778 5.12 -46.61 65.46
CA HIS D 778 3.84 -47.00 64.94
C HIS D 778 3.94 -48.39 64.42
N ASP D 779 5.07 -48.73 63.78
CA ASP D 779 5.25 -50.04 63.25
C ASP D 779 5.17 -50.99 64.40
N ALA D 780 5.71 -50.53 65.54
CA ALA D 780 5.75 -51.27 66.77
C ALA D 780 4.33 -51.48 67.19
N HIS D 781 3.43 -50.56 66.76
CA HIS D 781 2.07 -50.57 67.22
C HIS D 781 2.16 -50.17 68.65
N ILE D 782 3.13 -49.27 68.89
CA ILE D 782 3.46 -48.63 70.12
C ILE D 782 3.14 -47.19 69.94
N THR D 783 2.29 -46.62 70.81
CA THR D 783 1.98 -45.23 70.71
C THR D 783 3.00 -44.51 71.52
N PRO D 784 3.04 -43.22 71.41
CA PRO D 784 3.98 -42.49 72.20
C PRO D 784 3.61 -42.61 73.64
N GLU D 785 2.32 -42.86 73.91
CA GLU D 785 1.81 -42.98 75.25
C GLU D 785 2.32 -44.21 75.92
N ASP D 786 2.40 -45.35 75.19
CA ASP D 786 2.74 -46.55 75.91
C ASP D 786 4.17 -46.53 76.34
N VAL D 787 4.47 -47.28 77.42
CA VAL D 787 5.75 -47.18 78.10
C VAL D 787 6.75 -48.18 77.58
N PHE D 788 7.88 -47.66 77.04
CA PHE D 788 8.92 -48.45 76.41
C PHE D 788 9.71 -49.29 77.40
N HIS D 789 10.08 -48.72 78.57
CA HIS D 789 10.91 -49.35 79.59
C HIS D 789 10.32 -49.04 80.94
N PRO D 790 10.62 -49.88 81.95
CA PRO D 790 10.15 -49.66 83.31
C PRO D 790 10.68 -48.53 84.17
N SER D 791 11.98 -48.15 84.06
CA SER D 791 12.61 -47.11 84.86
C SER D 791 12.11 -45.74 84.49
N GLU D 792 12.62 -45.20 83.37
CA GLU D 792 12.14 -43.97 82.81
C GLU D 792 11.26 -44.46 81.67
N PRO D 793 10.31 -43.73 81.12
CA PRO D 793 9.48 -44.35 80.10
C PRO D 793 10.16 -44.83 78.85
N PHE D 794 11.28 -44.18 78.45
CA PHE D 794 11.98 -44.56 77.25
C PHE D 794 13.44 -44.65 77.58
N PHE D 795 13.94 -45.90 77.63
CA PHE D 795 15.34 -46.16 77.76
C PHE D 795 15.53 -47.07 76.61
N ILE D 796 16.63 -46.86 75.88
CA ILE D 796 16.89 -47.71 74.78
C ILE D 796 18.31 -48.18 74.85
N LYS D 797 18.62 -49.33 74.21
CA LYS D 797 19.99 -49.77 74.18
C LYS D 797 20.57 -49.24 72.90
N VAL D 798 21.69 -48.51 73.04
CA VAL D 798 22.50 -47.94 72.01
C VAL D 798 23.48 -48.94 71.51
N SER D 799 23.89 -48.78 70.23
CA SER D 799 24.91 -49.58 69.64
C SER D 799 25.77 -48.65 68.87
N VAL D 800 27.09 -48.69 69.09
CA VAL D 800 27.94 -47.84 68.31
C VAL D 800 29.08 -48.67 67.84
N THR D 801 29.45 -48.52 66.57
CA THR D 801 30.56 -49.29 66.07
C THR D 801 31.39 -48.37 65.24
N ALA D 802 32.69 -48.64 65.18
CA ALA D 802 33.54 -47.85 64.32
C ALA D 802 33.38 -48.44 62.97
N VAL D 803 33.87 -47.75 61.93
CA VAL D 803 33.78 -48.31 60.61
C VAL D 803 34.52 -49.61 60.71
N ASN D 804 35.67 -49.58 61.38
CA ASN D 804 36.42 -50.77 61.65
C ASN D 804 36.83 -50.67 63.08
N GLY D 805 37.07 -51.81 63.75
CA GLY D 805 37.44 -51.74 65.14
C GLY D 805 36.27 -52.12 65.98
N THR D 806 36.49 -52.11 67.32
CA THR D 806 35.51 -52.53 68.28
C THR D 806 34.53 -51.44 68.56
N VAL D 807 33.58 -51.75 69.45
CA VAL D 807 32.52 -50.86 69.85
C VAL D 807 33.08 -49.83 70.75
N LEU D 808 32.45 -48.63 70.76
CA LEU D 808 32.91 -47.53 71.56
C LEU D 808 32.02 -47.48 72.77
N PRO D 809 32.57 -47.10 73.89
CA PRO D 809 31.82 -47.09 75.11
C PRO D 809 30.66 -46.13 75.14
N ALA D 810 29.47 -46.64 75.46
CA ALA D 810 28.24 -45.92 75.56
C ALA D 810 28.25 -44.99 76.73
N SER D 811 28.95 -45.38 77.82
CA SER D 811 28.87 -44.69 79.08
C SER D 811 29.09 -43.22 78.92
N ILE D 812 30.05 -42.83 78.08
CA ILE D 812 30.34 -41.43 77.91
C ILE D 812 29.11 -40.77 77.37
N LEU D 813 28.46 -41.43 76.40
CA LEU D 813 27.33 -40.87 75.70
C LEU D 813 26.22 -40.57 76.67
N HIS D 814 25.49 -39.48 76.37
CA HIS D 814 24.37 -39.04 77.15
C HIS D 814 23.19 -39.90 76.84
N ALA D 815 22.23 -39.91 77.78
CA ALA D 815 21.03 -40.70 77.74
C ALA D 815 20.13 -40.23 76.64
N PRO D 816 19.41 -41.20 76.15
CA PRO D 816 18.45 -41.04 75.10
C PRO D 816 17.42 -40.05 75.50
N THR D 817 16.89 -39.30 74.53
CA THR D 817 15.81 -38.44 74.90
C THR D 817 14.65 -38.77 74.01
N ILE D 818 13.45 -38.82 74.59
CA ILE D 818 12.29 -39.11 73.82
C ILE D 818 11.58 -37.80 73.69
N ILE D 819 11.26 -37.41 72.44
CA ILE D 819 10.70 -36.12 72.25
C ILE D 819 9.32 -36.26 71.69
N TYR D 820 8.41 -35.40 72.17
CA TYR D 820 7.06 -35.30 71.67
C TYR D 820 7.05 -33.92 71.06
N GLU D 821 6.44 -33.72 69.88
CA GLU D 821 6.61 -32.41 69.32
C GLU D 821 5.36 -31.66 69.01
N PRO D 822 5.09 -30.56 69.67
CA PRO D 822 3.89 -29.82 69.35
C PRO D 822 3.95 -29.23 67.96
N GLY D 823 2.99 -29.63 67.09
CA GLY D 823 2.96 -29.33 65.69
C GLY D 823 2.85 -27.86 65.44
N LEU D 824 2.14 -27.13 66.33
CA LEU D 824 1.88 -25.74 66.10
C LEU D 824 3.15 -24.95 66.01
N ASP D 825 3.34 -24.32 64.84
CA ASP D 825 4.41 -23.42 64.58
C ASP D 825 3.72 -22.09 64.62
N HIS D 826 3.87 -21.29 63.55
CA HIS D 826 3.26 -20.00 63.41
C HIS D 826 2.63 -19.93 62.03
N HIS D 827 1.61 -20.76 61.71
CA HIS D 827 1.13 -20.72 60.37
C HIS D 827 -0.36 -20.68 60.36
N GLU D 828 -0.85 -19.59 59.75
CA GLU D 828 -2.24 -19.31 59.60
C GLU D 828 -2.50 -19.48 58.15
N ASP D 829 -3.67 -20.05 57.81
CA ASP D 829 -3.99 -20.35 56.44
C ASP D 829 -3.99 -19.09 55.63
N HIS D 830 -4.56 -17.99 56.17
CA HIS D 830 -4.55 -16.76 55.41
C HIS D 830 -4.61 -15.63 56.39
N HIS D 831 -4.01 -14.48 55.99
CA HIS D 831 -4.11 -13.20 56.62
C HIS D 831 -5.36 -12.55 56.12
N SER D 832 -5.67 -11.34 56.63
CA SER D 832 -6.90 -10.72 56.26
C SER D 832 -6.66 -9.62 55.28
N SER D 833 -7.71 -9.32 54.50
CA SER D 833 -7.70 -8.28 53.52
C SER D 833 -9.11 -7.76 53.51
N SER D 834 -9.35 -6.63 52.82
CA SER D 834 -10.70 -6.13 52.81
C SER D 834 -11.14 -6.00 51.39
N MET D 835 -12.40 -6.38 51.10
CA MET D 835 -12.90 -6.14 49.78
C MET D 835 -13.95 -5.11 49.99
N ALA D 836 -13.60 -3.83 49.72
CA ALA D 836 -14.48 -2.73 50.01
C ALA D 836 -14.06 -1.58 49.15
N GLY D 837 -14.64 -0.41 49.44
CA GLY D 837 -14.37 0.73 48.62
C GLY D 837 -15.62 0.93 47.85
N HIS D 838 -15.50 1.59 46.69
CA HIS D 838 -16.69 1.79 45.92
C HIS D 838 -16.61 0.84 44.78
N GLY D 839 -17.79 0.54 44.26
CA GLY D 839 -17.86 -0.25 43.09
C GLY D 839 -17.71 0.70 41.96
N VAL D 840 -17.27 0.18 40.81
CA VAL D 840 -17.15 1.05 39.70
C VAL D 840 -18.13 0.52 38.71
N ARG D 841 -18.99 1.41 38.15
CA ARG D 841 -19.93 1.04 37.13
C ARG D 841 -19.36 1.68 35.89
N LYS D 842 -19.05 0.88 34.84
CA LYS D 842 -18.52 1.57 33.70
C LYS D 842 -19.35 1.23 32.50
N GLU D 843 -18.95 1.74 31.33
CA GLU D 843 -19.66 1.45 30.11
C GLU D 843 -19.44 0.02 29.79
N ILE D 844 -20.51 -0.57 29.15
CA ILE D 844 -20.59 -1.91 28.62
C ILE D 844 -19.72 -2.10 27.37
N ASN D 845 -19.71 -1.13 26.42
CA ASN D 845 -18.95 -1.24 25.19
C ASN D 845 -17.48 -1.42 25.49
N THR D 846 -16.98 -0.85 26.60
CA THR D 846 -15.64 -1.04 27.05
C THR D 846 -15.63 -2.26 27.94
N LEU D 847 -15.86 -3.45 27.36
CA LEU D 847 -15.87 -4.68 28.11
C LEU D 847 -14.46 -5.19 28.19
N THR D 848 -13.97 -5.46 29.40
CA THR D 848 -12.63 -5.94 29.53
C THR D 848 -12.82 -7.40 29.79
N THR D 849 -12.06 -8.30 29.12
CA THR D 849 -12.35 -9.70 29.23
C THR D 849 -12.42 -10.17 30.66
N ALA D 850 -11.46 -9.76 31.50
CA ALA D 850 -11.47 -10.27 32.84
C ALA D 850 -12.73 -9.81 33.50
N GLU D 851 -13.10 -8.53 33.27
CA GLU D 851 -14.25 -7.99 33.93
C GLU D 851 -15.45 -8.77 33.52
N VAL D 852 -15.58 -9.09 32.22
CA VAL D 852 -16.75 -9.75 31.76
C VAL D 852 -16.82 -11.12 32.38
N ASP D 853 -15.67 -11.81 32.48
CA ASP D 853 -15.68 -13.15 33.00
C ASP D 853 -16.18 -13.12 34.40
N ASN D 854 -15.70 -12.16 35.22
CA ASN D 854 -16.11 -12.14 36.59
C ASN D 854 -17.58 -11.90 36.64
N LEU D 855 -18.09 -10.96 35.81
CA LEU D 855 -19.50 -10.68 35.89
C LEU D 855 -20.26 -11.89 35.53
N LYS D 856 -19.87 -12.59 34.45
CA LYS D 856 -20.67 -13.71 34.03
C LYS D 856 -20.71 -14.72 35.12
N ASP D 857 -19.54 -15.00 35.72
CA ASP D 857 -19.50 -16.02 36.74
C ASP D 857 -20.29 -15.60 37.92
N ALA D 858 -20.15 -14.33 38.35
CA ALA D 858 -20.83 -13.88 39.53
C ALA D 858 -22.31 -14.00 39.30
N MET D 859 -22.75 -13.59 38.09
CA MET D 859 -24.15 -13.61 37.78
C MET D 859 -24.65 -15.01 37.79
N ARG D 860 -23.83 -15.95 37.28
CA ARG D 860 -24.21 -17.32 37.22
C ARG D 860 -24.50 -17.80 38.60
N ALA D 861 -23.59 -17.48 39.55
CA ALA D 861 -23.74 -17.92 40.91
C ALA D 861 -24.96 -17.29 41.50
N VAL D 862 -25.19 -16.01 41.18
CA VAL D 862 -26.31 -15.30 41.73
C VAL D 862 -27.55 -16.00 41.29
N MET D 863 -27.60 -16.40 40.01
CA MET D 863 -28.79 -17.02 39.50
C MET D 863 -29.04 -18.27 40.25
N ALA D 864 -27.97 -19.03 40.52
CA ALA D 864 -28.07 -20.30 41.17
C ALA D 864 -28.58 -20.20 42.58
N ASP D 865 -28.13 -19.18 43.36
CA ASP D 865 -28.47 -19.25 44.76
C ASP D 865 -29.94 -19.08 45.00
N HIS D 866 -30.46 -19.98 45.86
CA HIS D 866 -31.82 -20.07 46.32
C HIS D 866 -32.10 -18.99 47.32
N GLY D 867 -31.04 -18.50 48.01
CA GLY D 867 -31.19 -17.60 49.12
C GLY D 867 -31.97 -16.39 48.71
N PRO D 868 -32.37 -15.69 49.73
CA PRO D 868 -33.14 -14.50 49.57
C PRO D 868 -32.36 -13.46 48.84
N ASN D 869 -31.02 -13.56 48.83
CA ASN D 869 -30.30 -12.60 48.06
C ASN D 869 -29.99 -13.28 46.78
N GLY D 870 -30.97 -14.07 46.27
CA GLY D 870 -30.78 -14.78 45.05
C GLY D 870 -31.34 -13.96 43.93
N TYR D 871 -31.15 -14.46 42.71
CA TYR D 871 -31.57 -13.83 41.50
C TYR D 871 -33.07 -13.77 41.50
N GLN D 872 -33.72 -14.91 41.80
CA GLN D 872 -35.16 -14.98 41.75
C GLN D 872 -35.74 -14.04 42.75
N ALA D 873 -35.16 -14.01 43.97
CA ALA D 873 -35.71 -13.22 45.02
C ALA D 873 -35.63 -11.76 44.66
N ILE D 874 -34.48 -11.32 44.12
CA ILE D 874 -34.28 -9.93 43.81
C ILE D 874 -35.21 -9.54 42.71
N ALA D 875 -35.36 -10.40 41.69
CA ALA D 875 -36.16 -10.11 40.54
C ALA D 875 -37.58 -9.87 40.98
N ALA D 876 -38.00 -10.63 42.01
CA ALA D 876 -39.34 -10.62 42.51
C ALA D 876 -39.72 -9.23 42.92
N PHE D 877 -38.72 -8.45 43.40
CA PHE D 877 -39.00 -7.12 43.89
C PHE D 877 -39.69 -6.31 42.81
N HIS D 878 -39.25 -6.44 41.56
CA HIS D 878 -39.76 -5.64 40.48
C HIS D 878 -41.22 -5.88 40.22
N GLY D 879 -41.71 -7.13 40.30
CA GLY D 879 -43.10 -7.24 39.96
C GLY D 879 -43.65 -8.62 40.20
N ASN D 880 -43.31 -9.64 39.40
CA ASN D 880 -43.91 -10.90 39.69
C ASN D 880 -42.83 -11.82 40.17
N PRO D 881 -43.10 -12.57 41.21
CA PRO D 881 -44.36 -12.53 41.91
C PRO D 881 -44.46 -11.28 42.70
N PRO D 882 -45.66 -10.79 42.92
CA PRO D 882 -45.80 -9.57 43.65
C PRO D 882 -45.42 -9.68 45.10
N MET D 883 -44.48 -8.83 45.51
CA MET D 883 -43.91 -8.66 46.82
C MET D 883 -44.62 -7.71 47.74
N CYS D 884 -45.51 -6.82 47.24
CA CYS D 884 -46.05 -5.77 48.08
C CYS D 884 -47.40 -6.11 48.61
N PRO D 885 -47.53 -5.78 49.86
CA PRO D 885 -48.81 -5.92 50.48
C PRO D 885 -49.43 -4.57 50.46
N MET D 886 -50.77 -4.47 50.37
CA MET D 886 -51.39 -3.22 50.69
C MET D 886 -52.12 -3.55 51.95
N PRO D 887 -52.58 -2.62 52.77
CA PRO D 887 -53.24 -3.00 54.00
C PRO D 887 -54.49 -3.85 53.85
N ASP D 888 -55.11 -3.91 52.66
CA ASP D 888 -56.27 -4.73 52.46
C ASP D 888 -55.83 -6.15 52.34
N GLY D 889 -54.57 -6.36 51.88
CA GLY D 889 -54.04 -7.70 51.72
C GLY D 889 -53.85 -7.94 50.26
N LYS D 890 -54.29 -6.98 49.43
CA LYS D 890 -54.14 -7.05 48.02
C LYS D 890 -52.67 -7.06 47.74
N ASN D 891 -52.26 -7.74 46.65
CA ASN D 891 -50.88 -7.84 46.31
C ASN D 891 -50.67 -7.00 45.09
N TYR D 892 -49.58 -6.19 45.04
CA TYR D 892 -49.32 -5.42 43.85
C TYR D 892 -47.85 -5.39 43.62
N SER D 893 -47.42 -5.08 42.37
CA SER D 893 -46.03 -5.03 42.05
C SER D 893 -45.43 -3.88 42.80
N CYS D 894 -44.26 -4.11 43.40
CA CYS D 894 -43.57 -3.17 44.24
C CYS D 894 -43.00 -1.99 43.52
N CYS D 895 -42.55 -2.16 42.26
CA CYS D 895 -41.86 -1.08 41.62
C CYS D 895 -42.73 0.14 41.55
N THR D 896 -42.11 1.31 41.82
CA THR D 896 -42.81 2.55 41.80
C THR D 896 -42.60 3.15 40.45
N HIS D 897 -43.71 3.36 39.71
CA HIS D 897 -43.62 3.94 38.41
C HIS D 897 -44.69 4.99 38.37
N GLY D 898 -44.52 6.00 37.51
CA GLY D 898 -45.53 7.01 37.40
C GLY D 898 -45.47 7.86 38.62
N MET D 899 -44.33 7.84 39.34
CA MET D 899 -44.20 8.64 40.51
C MET D 899 -42.83 9.23 40.54
N ALA D 900 -42.66 10.27 41.39
CA ALA D 900 -41.43 11.00 41.57
C ALA D 900 -40.39 10.09 42.15
N THR D 901 -40.83 9.14 43.00
CA THR D 901 -40.01 8.22 43.73
C THR D 901 -39.35 7.25 42.80
N PHE D 902 -39.83 7.16 41.55
CA PHE D 902 -39.40 6.17 40.59
C PHE D 902 -37.91 6.08 40.49
N PRO D 903 -37.14 7.12 40.32
CA PRO D 903 -35.72 6.89 40.22
C PRO D 903 -35.14 6.38 41.49
N HIS D 904 -35.71 6.74 42.65
CA HIS D 904 -35.17 6.34 43.91
C HIS D 904 -35.32 4.86 44.06
N TRP D 905 -36.52 4.34 43.74
CA TRP D 905 -36.80 2.96 43.98
C TRP D 905 -35.89 2.11 43.14
N HIS D 906 -35.78 2.45 41.84
CA HIS D 906 -35.00 1.67 40.92
C HIS D 906 -33.55 1.78 41.29
N ARG D 907 -33.13 2.92 41.84
CA ARG D 907 -31.75 3.08 42.19
C ARG D 907 -31.41 2.00 43.17
N LEU D 908 -32.29 1.78 44.16
CA LEU D 908 -32.05 0.78 45.16
C LEU D 908 -32.07 -0.58 44.56
N TYR D 909 -32.97 -0.83 43.59
CA TYR D 909 -33.10 -2.15 43.03
C TYR D 909 -31.83 -2.54 42.35
N THR D 910 -31.23 -1.62 41.58
CA THR D 910 -30.03 -1.93 40.85
C THR D 910 -28.96 -2.26 41.82
N LYS D 911 -28.87 -1.48 42.91
CA LYS D 911 -27.87 -1.69 43.92
C LYS D 911 -28.07 -3.02 44.55
N GLN D 912 -29.33 -3.43 44.75
CA GLN D 912 -29.58 -4.67 45.41
C GLN D 912 -28.95 -5.75 44.60
N MET D 913 -29.14 -5.73 43.28
CA MET D 913 -28.60 -6.76 42.44
C MET D 913 -27.11 -6.66 42.46
N GLU D 914 -26.59 -5.42 42.46
CA GLU D 914 -25.17 -5.22 42.39
C GLU D 914 -24.51 -5.83 43.59
N ASP D 915 -25.10 -5.63 44.78
CA ASP D 915 -24.48 -6.11 45.98
C ASP D 915 -24.38 -7.60 45.90
N ALA D 916 -25.42 -8.25 45.34
CA ALA D 916 -25.42 -9.68 45.26
C ALA D 916 -24.28 -10.13 44.41
N LEU D 917 -24.04 -9.45 43.26
CA LEU D 917 -23.00 -9.87 42.36
C LEU D 917 -21.68 -9.78 43.06
N THR D 918 -21.48 -8.70 43.82
CA THR D 918 -20.25 -8.45 44.50
C THR D 918 -20.00 -9.57 45.46
N ALA D 919 -21.04 -9.99 46.19
CA ALA D 919 -20.87 -11.03 47.17
C ALA D 919 -20.38 -12.23 46.45
N HIS D 920 -20.92 -12.46 45.24
CA HIS D 920 -20.58 -13.57 44.40
C HIS D 920 -19.16 -13.44 43.96
N GLY D 921 -18.57 -12.23 44.06
CA GLY D 921 -17.18 -12.14 43.68
C GLY D 921 -16.98 -11.16 42.57
N ALA D 922 -18.05 -10.51 42.08
CA ALA D 922 -17.79 -9.55 41.04
C ALA D 922 -16.99 -8.43 41.66
N ARG D 923 -16.08 -7.95 40.79
CA ARG D 923 -15.54 -6.65 40.98
C ARG D 923 -16.78 -5.78 40.93
N VAL D 924 -16.92 -4.88 41.92
CA VAL D 924 -18.22 -4.31 42.17
C VAL D 924 -18.71 -3.46 41.04
N GLY D 925 -19.91 -3.80 40.55
CA GLY D 925 -20.45 -2.93 39.58
C GLY D 925 -21.20 -3.68 38.53
N LEU D 926 -22.35 -3.05 38.16
CA LEU D 926 -23.16 -3.43 37.03
C LEU D 926 -22.68 -2.56 35.92
N PRO D 927 -22.56 -3.06 34.70
CA PRO D 927 -22.17 -2.24 33.58
C PRO D 927 -23.33 -1.44 33.07
N TYR D 928 -23.13 -0.20 32.59
CA TYR D 928 -24.26 0.52 32.10
C TYR D 928 -24.21 0.57 30.61
N TRP D 929 -25.37 0.34 29.97
CA TRP D 929 -25.51 0.36 28.54
C TRP D 929 -25.97 1.72 28.17
N ASP D 930 -25.14 2.51 27.45
CA ASP D 930 -25.53 3.84 27.12
C ASP D 930 -26.41 3.78 25.91
N GLY D 931 -27.72 3.66 26.15
CA GLY D 931 -28.75 3.56 25.15
C GLY D 931 -28.88 4.85 24.42
N THR D 932 -28.61 5.97 25.09
CA THR D 932 -28.82 7.27 24.52
C THR D 932 -28.08 7.35 23.24
N THR D 933 -26.82 6.86 23.21
CA THR D 933 -26.07 6.96 22.00
C THR D 933 -26.53 5.89 21.05
N ALA D 934 -26.39 6.16 19.74
CA ALA D 934 -26.84 5.23 18.74
C ALA D 934 -25.97 4.01 18.80
N PHE D 935 -26.60 2.84 18.62
CA PHE D 935 -25.88 1.61 18.65
C PHE D 935 -26.47 0.71 17.61
N THR D 936 -25.59 -0.01 16.89
CA THR D 936 -25.98 -0.88 15.82
C THR D 936 -26.78 -2.02 16.36
N ALA D 937 -26.35 -2.59 17.49
CA ALA D 937 -27.06 -3.73 18.01
C ALA D 937 -26.96 -3.73 19.49
N LEU D 938 -27.69 -4.67 20.14
CA LEU D 938 -27.69 -4.79 21.55
C LEU D 938 -26.33 -5.25 21.95
N PRO D 939 -25.95 -4.94 23.16
CA PRO D 939 -24.63 -5.22 23.66
C PRO D 939 -24.35 -6.68 23.46
N THR D 940 -23.08 -7.02 23.12
CA THR D 940 -22.67 -8.38 22.91
C THR D 940 -22.74 -9.11 24.20
N PHE D 941 -22.53 -8.37 25.30
CA PHE D 941 -22.47 -8.91 26.62
C PHE D 941 -23.73 -9.69 26.81
N VAL D 942 -24.89 -9.09 26.53
CA VAL D 942 -26.15 -9.76 26.61
C VAL D 942 -26.35 -10.75 25.48
N THR D 943 -25.86 -10.42 24.26
CA THR D 943 -26.13 -11.19 23.07
C THR D 943 -25.53 -12.57 23.08
N ASP D 944 -24.32 -12.74 23.65
CA ASP D 944 -23.60 -13.97 23.56
C ASP D 944 -24.49 -15.10 24.02
N GLU D 945 -24.80 -16.05 23.10
CA GLU D 945 -25.70 -17.13 23.36
C GLU D 945 -25.17 -18.16 24.29
N GLU D 946 -23.89 -18.56 24.17
CA GLU D 946 -23.51 -19.68 24.99
C GLU D 946 -22.68 -19.25 26.14
N ASP D 947 -22.87 -19.98 27.26
CA ASP D 947 -22.16 -19.76 28.48
C ASP D 947 -22.29 -18.32 28.88
N ASN D 948 -23.48 -17.73 28.72
CA ASN D 948 -23.59 -16.35 29.12
C ASN D 948 -24.76 -16.25 30.06
N PRO D 949 -24.50 -15.87 31.28
CA PRO D 949 -25.57 -15.71 32.22
C PRO D 949 -26.44 -14.52 31.89
N PHE D 950 -25.87 -13.53 31.17
CA PHE D 950 -26.53 -12.33 30.78
C PHE D 950 -27.55 -12.60 29.72
N HIS D 951 -27.33 -13.64 28.90
CA HIS D 951 -28.19 -13.90 27.78
C HIS D 951 -29.60 -14.04 28.24
N HIS D 952 -29.87 -14.82 29.30
CA HIS D 952 -31.23 -14.96 29.71
C HIS D 952 -31.25 -15.40 31.13
N GLY D 953 -32.46 -15.55 31.68
CA GLY D 953 -32.61 -16.01 33.03
C GLY D 953 -33.84 -16.84 33.03
N HIS D 954 -34.01 -17.69 34.05
CA HIS D 954 -35.19 -18.49 34.03
C HIS D 954 -36.14 -17.83 34.98
N ILE D 955 -37.45 -17.97 34.70
CA ILE D 955 -38.43 -17.39 35.57
C ILE D 955 -39.04 -18.57 36.26
N ASP D 956 -38.82 -18.69 37.57
CA ASP D 956 -39.30 -19.86 38.25
C ASP D 956 -40.79 -19.96 38.21
N TYR D 957 -41.50 -18.87 38.54
CA TYR D 957 -42.92 -19.02 38.61
C TYR D 957 -43.47 -19.32 37.26
N LEU D 958 -43.02 -18.57 36.23
CA LEU D 958 -43.56 -18.78 34.92
C LEU D 958 -43.14 -20.14 34.47
N GLY D 959 -41.89 -20.53 34.78
CA GLY D 959 -41.42 -21.82 34.39
C GLY D 959 -40.85 -21.72 33.01
N VAL D 960 -40.60 -20.47 32.53
CA VAL D 960 -40.05 -20.31 31.22
C VAL D 960 -38.91 -19.35 31.35
N ASP D 961 -38.04 -19.31 30.33
CA ASP D 961 -36.96 -18.36 30.37
C ASP D 961 -37.40 -17.08 29.74
N THR D 962 -36.58 -16.01 29.94
CA THR D 962 -36.91 -14.71 29.44
C THR D 962 -36.78 -14.70 27.96
N THR D 963 -37.49 -13.74 27.33
CA THR D 963 -37.49 -13.66 25.91
C THR D 963 -37.37 -12.22 25.52
N ARG D 964 -36.79 -11.97 24.34
CA ARG D 964 -36.68 -10.62 23.87
C ARG D 964 -36.83 -10.61 22.38
N SER D 965 -37.59 -9.61 21.87
CA SER D 965 -37.72 -9.44 20.45
C SER D 965 -37.58 -7.98 20.20
N PRO D 966 -36.44 -7.58 19.71
CA PRO D 966 -36.24 -6.18 19.53
C PRO D 966 -37.00 -5.58 18.40
N ARG D 967 -37.48 -4.34 18.58
CA ARG D 967 -38.16 -3.65 17.54
C ARG D 967 -37.10 -2.90 16.80
N ASP D 968 -37.25 -2.81 15.47
CA ASP D 968 -36.28 -2.21 14.61
C ASP D 968 -36.23 -0.73 14.86
N LYS D 969 -37.32 -0.17 15.39
CA LYS D 969 -37.44 1.23 15.65
C LYS D 969 -36.36 1.60 16.60
N LEU D 970 -35.85 0.60 17.32
CA LEU D 970 -34.92 0.75 18.41
C LEU D 970 -33.74 1.54 17.95
N PHE D 971 -33.19 1.28 16.76
CA PHE D 971 -32.04 2.05 16.42
C PHE D 971 -32.55 3.34 15.87
N ASN D 972 -32.48 4.43 16.67
CA ASN D 972 -33.09 5.66 16.21
C ASN D 972 -32.27 6.31 15.14
N ASP D 973 -33.04 6.84 14.16
CA ASP D 973 -32.51 7.41 12.95
C ASP D 973 -32.14 8.81 13.24
N PRO D 974 -30.92 9.10 12.91
CA PRO D 974 -30.43 10.41 13.23
C PRO D 974 -30.57 11.38 12.09
N GLU D 975 -30.99 12.65 12.31
CA GLU D 975 -30.77 13.62 11.26
C GLU D 975 -29.35 14.14 11.41
N ARG D 976 -28.99 14.60 12.65
CA ARG D 976 -27.75 15.17 13.07
C ARG D 976 -26.73 14.08 13.19
N GLY D 977 -27.19 12.89 13.60
CA GLY D 977 -26.29 11.79 13.84
C GLY D 977 -26.29 11.61 15.32
N SER D 978 -26.16 12.71 16.08
CA SER D 978 -26.37 12.64 17.49
C SER D 978 -27.85 12.79 17.69
N GLU D 979 -28.52 13.46 16.74
CA GLU D 979 -29.92 13.76 16.90
C GLU D 979 -30.72 12.50 16.83
N SER D 980 -30.89 11.84 17.97
CA SER D 980 -31.64 10.62 18.01
C SER D 980 -32.71 10.82 19.01
N PHE D 981 -33.74 9.95 18.95
CA PHE D 981 -34.86 10.11 19.84
C PHE D 981 -34.46 9.92 21.25
N PHE D 982 -33.65 8.89 21.55
CA PHE D 982 -33.28 8.63 22.91
C PHE D 982 -32.57 9.85 23.39
N TYR D 983 -31.66 10.33 22.55
CA TYR D 983 -30.83 11.45 22.88
C TYR D 983 -31.72 12.62 23.13
N ARG D 984 -32.67 12.88 22.21
CA ARG D 984 -33.49 14.05 22.35
C ARG D 984 -34.36 13.95 23.56
N GLN D 985 -34.95 12.77 23.82
CA GLN D 985 -35.86 12.65 24.91
C GLN D 985 -35.16 12.92 26.20
N VAL D 986 -33.96 12.33 26.37
CA VAL D 986 -33.20 12.47 27.57
C VAL D 986 -32.74 13.89 27.69
N LEU D 987 -32.38 14.51 26.56
CA LEU D 987 -31.83 15.83 26.56
C LEU D 987 -32.85 16.74 27.16
N LEU D 988 -34.13 16.56 26.79
CA LEU D 988 -35.16 17.41 27.29
C LEU D 988 -35.23 17.25 28.77
N ALA D 989 -35.08 16.01 29.24
CA ALA D 989 -35.18 15.78 30.66
C ALA D 989 -34.08 16.54 31.35
N LEU D 990 -32.87 16.49 30.77
CA LEU D 990 -31.70 17.09 31.37
C LEU D 990 -31.89 18.57 31.52
N GLU D 991 -32.58 19.19 30.54
CA GLU D 991 -32.73 20.61 30.56
C GLU D 991 -33.45 21.04 31.80
N GLN D 992 -34.42 20.25 32.27
CA GLN D 992 -35.25 20.68 33.36
C GLN D 992 -34.46 20.88 34.61
N THR D 993 -34.71 22.06 35.23
CA THR D 993 -34.17 22.49 36.49
C THR D 993 -34.81 21.74 37.63
N ASP D 994 -36.14 21.58 37.57
CA ASP D 994 -36.89 20.99 38.65
C ASP D 994 -36.74 19.50 38.61
N PHE D 995 -36.69 18.88 39.81
CA PHE D 995 -36.57 17.45 39.92
C PHE D 995 -37.80 16.80 39.36
N CYS D 996 -38.99 17.29 39.76
CA CYS D 996 -40.22 16.69 39.36
C CYS D 996 -40.39 16.81 37.88
N GLN D 997 -40.03 17.97 37.30
CA GLN D 997 -40.20 18.14 35.89
C GLN D 997 -39.29 17.18 35.19
N PHE D 998 -38.08 17.01 35.74
CA PHE D 998 -37.09 16.14 35.16
C PHE D 998 -37.56 14.72 35.20
N GLU D 999 -38.15 14.30 36.34
CA GLU D 999 -38.47 12.93 36.54
C GLU D 999 -39.41 12.42 35.49
N VAL D 1000 -40.48 13.18 35.19
CA VAL D 1000 -41.45 12.67 34.26
C VAL D 1000 -40.83 12.44 32.92
N GLN D 1001 -40.03 13.40 32.42
CA GLN D 1001 -39.45 13.22 31.12
C GLN D 1001 -38.54 12.04 31.18
N PHE D 1002 -37.75 11.95 32.27
CA PHE D 1002 -36.76 10.92 32.39
C PHE D 1002 -37.41 9.56 32.40
N GLU D 1003 -38.48 9.40 33.20
CA GLU D 1003 -39.10 8.11 33.35
C GLU D 1003 -39.67 7.65 32.05
N ILE D 1004 -40.35 8.54 31.31
CA ILE D 1004 -40.97 8.11 30.09
C ILE D 1004 -39.91 7.63 29.15
N THR D 1005 -38.75 8.31 29.11
CA THR D 1005 -37.73 7.91 28.21
C THR D 1005 -37.29 6.52 28.54
N HIS D 1006 -37.16 6.25 29.84
CA HIS D 1006 -36.70 5.03 30.43
C HIS D 1006 -37.48 3.89 29.82
N ASN D 1007 -38.80 4.09 29.67
CA ASN D 1007 -39.77 3.10 29.28
C ASN D 1007 -39.48 2.65 27.88
N ALA D 1008 -38.92 3.52 27.03
CA ALA D 1008 -38.74 3.21 25.65
C ALA D 1008 -37.89 1.98 25.48
N ILE D 1009 -36.82 1.84 26.26
CA ILE D 1009 -35.97 0.70 26.10
C ILE D 1009 -36.72 -0.55 26.40
N HIS D 1010 -37.56 -0.53 27.46
CA HIS D 1010 -38.25 -1.72 27.84
C HIS D 1010 -39.09 -2.18 26.69
N SER D 1011 -39.84 -1.25 26.05
CA SER D 1011 -40.76 -1.63 25.01
C SER D 1011 -40.07 -2.19 23.81
N TRP D 1012 -39.04 -1.48 23.31
CA TRP D 1012 -38.42 -1.90 22.08
C TRP D 1012 -37.73 -3.22 22.24
N THR D 1013 -37.05 -3.43 23.37
CA THR D 1013 -36.33 -4.67 23.56
C THR D 1013 -37.28 -5.82 23.67
N GLY D 1014 -38.24 -5.73 24.61
CA GLY D 1014 -39.14 -6.82 24.87
C GLY D 1014 -40.01 -7.05 23.69
N GLY D 1015 -40.55 -5.96 23.11
CA GLY D 1015 -41.38 -6.13 21.96
C GLY D 1015 -42.61 -6.85 22.39
N LEU D 1016 -43.13 -7.67 21.45
CA LEU D 1016 -44.32 -8.45 21.58
C LEU D 1016 -44.17 -9.58 22.56
N THR D 1017 -42.95 -10.15 22.68
CA THR D 1017 -42.83 -11.37 23.44
C THR D 1017 -43.25 -11.15 24.86
N PRO D 1018 -43.95 -12.15 25.36
CA PRO D 1018 -44.54 -12.14 26.67
C PRO D 1018 -43.63 -12.13 27.87
N TYR D 1019 -42.46 -12.79 27.77
CA TYR D 1019 -41.48 -12.99 28.80
C TYR D 1019 -40.50 -11.88 28.99
N GLY D 1020 -40.48 -10.85 28.11
CA GLY D 1020 -39.41 -9.89 28.15
C GLY D 1020 -39.67 -8.63 28.94
N MET D 1021 -38.84 -7.62 28.60
CA MET D 1021 -38.70 -6.31 29.18
C MET D 1021 -39.92 -5.48 28.99
N SER D 1022 -40.70 -5.75 27.93
CA SER D 1022 -41.87 -4.97 27.61
C SER D 1022 -42.90 -5.10 28.69
N THR D 1023 -42.82 -6.14 29.53
CA THR D 1023 -43.85 -6.32 30.51
C THR D 1023 -43.33 -5.93 31.86
N LEU D 1024 -44.20 -5.31 32.68
CA LEU D 1024 -43.82 -4.87 33.99
C LEU D 1024 -43.48 -6.06 34.81
N GLU D 1025 -44.26 -7.15 34.67
CA GLU D 1025 -44.04 -8.30 35.50
C GLU D 1025 -42.72 -8.95 35.26
N TYR D 1026 -42.42 -9.26 33.97
CA TYR D 1026 -41.26 -10.01 33.52
C TYR D 1026 -39.95 -9.26 33.48
N THR D 1027 -39.95 -7.93 33.30
CA THR D 1027 -38.76 -7.22 32.94
C THR D 1027 -37.58 -7.49 33.84
N THR D 1028 -37.78 -7.59 35.16
CA THR D 1028 -36.69 -7.74 36.07
C THR D 1028 -35.89 -8.97 35.76
N TYR D 1029 -36.55 -10.00 35.20
CA TYR D 1029 -35.92 -11.25 34.90
C TYR D 1029 -34.81 -11.11 33.88
N ASP D 1030 -34.99 -10.29 32.84
CA ASP D 1030 -33.94 -10.21 31.84
C ASP D 1030 -32.76 -9.52 32.47
N PRO D 1031 -31.59 -10.05 32.20
CA PRO D 1031 -30.38 -9.49 32.73
C PRO D 1031 -30.09 -8.15 32.14
N LEU D 1032 -30.65 -7.86 30.96
CA LEU D 1032 -30.44 -6.61 30.26
C LEU D 1032 -31.00 -5.53 31.13
N PHE D 1033 -32.02 -5.90 31.92
CA PHE D 1033 -32.72 -5.00 32.76
C PHE D 1033 -31.74 -4.24 33.59
N TRP D 1034 -30.77 -4.92 34.21
CA TRP D 1034 -29.84 -4.24 35.06
C TRP D 1034 -28.98 -3.30 34.27
N LEU D 1035 -28.54 -3.70 33.06
CA LEU D 1035 -27.68 -2.86 32.32
C LEU D 1035 -28.40 -1.58 32.04
N HIS D 1036 -29.69 -1.69 31.67
CA HIS D 1036 -30.49 -0.54 31.35
C HIS D 1036 -30.66 0.33 32.54
N HIS D 1037 -31.02 -0.25 33.70
CA HIS D 1037 -31.26 0.53 34.87
C HIS D 1037 -29.99 1.17 35.33
N ALA D 1038 -28.85 0.49 35.13
CA ALA D 1038 -27.61 1.07 35.54
C ALA D 1038 -27.44 2.34 34.77
N ASN D 1039 -27.80 2.30 33.47
CA ASN D 1039 -27.67 3.46 32.65
C ASN D 1039 -28.64 4.51 33.10
N THR D 1040 -29.88 4.10 33.44
CA THR D 1040 -30.88 5.05 33.82
C THR D 1040 -30.44 5.75 35.05
N ASP D 1041 -29.86 5.00 36.01
CA ASP D 1041 -29.41 5.59 37.23
C ASP D 1041 -28.33 6.57 36.90
N ARG D 1042 -27.52 6.23 35.88
CA ARG D 1042 -26.42 7.04 35.46
C ARG D 1042 -26.96 8.35 34.97
N ILE D 1043 -28.08 8.32 34.23
CA ILE D 1043 -28.66 9.50 33.66
C ILE D 1043 -29.06 10.38 34.80
N TRP D 1044 -29.64 9.78 35.86
CA TRP D 1044 -30.07 10.55 36.97
C TRP D 1044 -28.87 11.21 37.56
N ALA D 1045 -27.76 10.45 37.67
CA ALA D 1045 -26.56 10.95 38.28
C ALA D 1045 -26.04 12.11 37.49
N ILE D 1046 -26.09 12.03 36.15
CA ILE D 1046 -25.55 13.11 35.37
C ILE D 1046 -26.34 14.34 35.68
N TRP D 1047 -27.68 14.19 35.81
CA TRP D 1047 -28.54 15.30 36.06
C TRP D 1047 -28.18 15.94 37.37
N GLN D 1048 -27.88 15.11 38.39
CA GLN D 1048 -27.55 15.66 39.67
C GLN D 1048 -26.30 16.49 39.53
N ALA D 1049 -25.32 15.98 38.75
CA ALA D 1049 -24.08 16.68 38.58
C ALA D 1049 -24.34 18.01 37.94
N LEU D 1050 -25.24 18.03 36.95
CA LEU D 1050 -25.53 19.26 36.27
C LEU D 1050 -26.13 20.22 37.25
N GLN D 1051 -27.02 19.71 38.14
CA GLN D 1051 -27.69 20.56 39.09
C GLN D 1051 -26.65 21.16 39.98
N GLU D 1052 -25.66 20.36 40.41
CA GLU D 1052 -24.66 20.88 41.31
C GLU D 1052 -23.94 21.97 40.59
N TYR D 1053 -23.67 21.75 39.29
CA TYR D 1053 -22.98 22.72 38.50
C TYR D 1053 -23.82 23.95 38.49
N ARG D 1054 -25.14 23.78 38.32
CA ARG D 1054 -26.05 24.88 38.28
C ARG D 1054 -26.07 25.56 39.61
N GLY D 1055 -25.90 24.80 40.70
CA GLY D 1055 -25.96 25.40 42.01
C GLY D 1055 -27.33 25.13 42.54
N LEU D 1056 -28.12 24.34 41.78
CA LEU D 1056 -29.43 23.96 42.19
C LEU D 1056 -29.30 22.72 43.02
N PRO D 1057 -30.21 22.50 43.93
CA PRO D 1057 -30.08 21.35 44.80
C PRO D 1057 -30.23 20.02 44.14
N TYR D 1058 -29.15 19.21 44.16
CA TYR D 1058 -29.15 17.87 43.63
C TYR D 1058 -29.78 16.89 44.57
N ASP D 1059 -29.44 16.96 45.86
CA ASP D 1059 -29.86 16.01 46.87
C ASP D 1059 -31.32 16.12 47.22
N HIS D 1060 -31.91 17.30 47.23
CA HIS D 1060 -33.27 17.30 47.68
C HIS D 1060 -34.13 17.92 46.64
N ALA D 1061 -35.46 17.71 46.78
CA ALA D 1061 -36.38 18.29 45.86
C ALA D 1061 -37.40 19.02 46.66
N ASN D 1062 -37.72 20.26 46.24
CA ASN D 1062 -38.71 21.00 46.96
C ASN D 1062 -40.05 20.40 46.69
N CYS D 1063 -40.25 19.88 45.45
CA CYS D 1063 -41.52 19.35 45.06
C CYS D 1063 -41.66 17.97 45.60
N GLU D 1064 -42.92 17.51 45.73
CA GLU D 1064 -43.23 16.19 46.20
C GLU D 1064 -42.50 15.96 47.49
N ILE D 1065 -42.65 16.90 48.43
CA ILE D 1065 -41.97 16.80 49.69
C ILE D 1065 -42.45 15.56 50.39
N GLN D 1066 -43.77 15.30 50.33
CA GLN D 1066 -44.31 14.24 51.11
C GLN D 1066 -43.81 12.91 50.64
N ALA D 1067 -43.65 12.72 49.31
CA ALA D 1067 -43.28 11.46 48.75
C ALA D 1067 -41.93 11.02 49.23
N MET D 1068 -40.99 11.97 49.36
CA MET D 1068 -39.62 11.63 49.64
C MET D 1068 -39.51 10.89 50.93
N LYS D 1069 -40.28 11.34 51.94
CA LYS D 1069 -40.26 10.89 53.31
C LYS D 1069 -40.62 9.44 53.48
N ARG D 1070 -41.56 8.91 52.67
CA ARG D 1070 -42.00 7.55 52.87
C ARG D 1070 -41.06 6.57 52.23
N PRO D 1071 -40.85 5.48 52.93
CA PRO D 1071 -39.91 4.48 52.49
C PRO D 1071 -40.36 3.72 51.30
N LEU D 1072 -39.41 3.08 50.59
CA LEU D 1072 -39.78 2.31 49.43
C LEU D 1072 -39.64 0.87 49.77
N ARG D 1073 -40.77 0.13 49.73
CA ARG D 1073 -40.74 -1.26 50.03
C ARG D 1073 -40.41 -1.97 48.76
N PRO D 1074 -39.97 -3.20 48.80
CA PRO D 1074 -39.73 -3.93 50.02
C PRO D 1074 -38.45 -3.58 50.71
N PHE D 1075 -37.67 -2.61 50.18
CA PHE D 1075 -36.35 -2.36 50.70
C PHE D 1075 -36.41 -2.07 52.17
N SER D 1076 -37.44 -1.36 52.63
CA SER D 1076 -37.56 -0.99 54.01
C SER D 1076 -37.73 -2.18 54.90
N ASP D 1077 -38.26 -3.29 54.37
CA ASP D 1077 -38.59 -4.45 55.16
C ASP D 1077 -37.34 -5.00 55.80
N PRO D 1078 -37.48 -5.45 57.02
CA PRO D 1078 -36.38 -6.05 57.72
C PRO D 1078 -36.02 -7.36 57.10
N ILE D 1079 -36.92 -7.93 56.28
CA ILE D 1079 -36.65 -9.16 55.60
C ILE D 1079 -35.47 -8.91 54.72
N ASN D 1080 -35.42 -7.68 54.15
CA ASN D 1080 -34.37 -7.30 53.24
C ASN D 1080 -33.05 -7.64 53.85
N HIS D 1081 -32.29 -8.49 53.12
CA HIS D 1081 -31.00 -8.95 53.53
C HIS D 1081 -30.01 -7.84 53.48
N ASN D 1082 -30.19 -6.90 52.53
CA ASN D 1082 -29.19 -5.87 52.32
C ASN D 1082 -29.41 -4.73 53.26
N ALA D 1083 -28.41 -4.49 54.13
CA ALA D 1083 -28.45 -3.45 55.11
C ALA D 1083 -28.43 -2.09 54.45
N PHE D 1084 -27.56 -1.91 53.43
CA PHE D 1084 -27.39 -0.60 52.85
C PHE D 1084 -28.68 -0.13 52.25
N THR D 1085 -29.31 -0.99 51.44
CA THR D 1085 -30.53 -0.57 50.79
C THR D 1085 -31.54 -0.29 51.86
N HIS D 1086 -31.54 -1.11 52.91
CA HIS D 1086 -32.50 -0.95 53.96
C HIS D 1086 -32.29 0.40 54.58
N SER D 1087 -31.03 0.78 54.81
CA SER D 1087 -30.78 2.04 55.46
C SER D 1087 -31.27 3.16 54.60
N ASN D 1088 -31.06 3.06 53.27
CA ASN D 1088 -31.48 4.17 52.45
C ASN D 1088 -32.79 3.87 51.78
N ALA D 1089 -33.76 3.40 52.58
CA ALA D 1089 -35.07 3.05 52.12
C ALA D 1089 -35.81 4.29 51.67
N LYS D 1090 -35.59 5.41 52.39
CA LYS D 1090 -36.31 6.62 52.11
C LYS D 1090 -35.78 7.26 50.86
N PRO D 1091 -36.67 7.88 50.14
CA PRO D 1091 -36.27 8.57 48.95
C PRO D 1091 -35.42 9.73 49.31
N THR D 1092 -35.58 10.27 50.52
CA THR D 1092 -34.76 11.38 50.89
C THR D 1092 -33.34 10.87 50.94
N ASP D 1093 -33.16 9.67 51.49
CA ASP D 1093 -31.89 9.01 51.69
C ASP D 1093 -31.27 8.61 50.38
N VAL D 1094 -32.11 8.26 49.40
CA VAL D 1094 -31.74 7.72 48.12
C VAL D 1094 -30.87 8.62 47.30
N PHE D 1095 -31.03 9.94 47.42
CA PHE D 1095 -30.36 10.83 46.50
C PHE D 1095 -28.89 10.62 46.49
N GLU D 1096 -28.23 10.50 47.67
CA GLU D 1096 -26.81 10.39 47.66
C GLU D 1096 -26.41 8.99 47.28
N TYR D 1097 -25.88 8.84 46.06
CA TYR D 1097 -25.41 7.60 45.51
C TYR D 1097 -24.16 7.17 46.21
N SER D 1098 -23.31 8.13 46.61
CA SER D 1098 -22.02 7.80 47.16
C SER D 1098 -22.20 6.91 48.36
N ARG D 1099 -23.27 7.14 49.15
CA ARG D 1099 -23.53 6.37 50.33
C ARG D 1099 -23.76 4.96 49.92
N PHE D 1100 -24.30 4.78 48.69
CA PHE D 1100 -24.58 3.51 48.10
C PHE D 1100 -23.28 2.76 47.95
N ASN D 1101 -22.17 3.52 47.81
CA ASN D 1101 -20.86 2.95 47.64
C ASN D 1101 -20.65 2.41 46.27
N PHE D 1102 -21.17 3.11 45.25
CA PHE D 1102 -20.84 2.75 43.90
C PHE D 1102 -20.64 4.04 43.18
N GLN D 1103 -19.82 4.03 42.10
CA GLN D 1103 -19.61 5.22 41.35
C GLN D 1103 -19.63 4.86 39.90
N TYR D 1104 -19.51 5.89 39.03
CA TYR D 1104 -19.51 5.66 37.63
C TYR D 1104 -18.18 6.09 37.13
N ASP D 1105 -17.73 5.48 36.02
CA ASP D 1105 -16.46 5.84 35.49
C ASP D 1105 -16.50 7.29 35.12
N ASN D 1106 -17.56 7.73 34.40
CA ASN D 1106 -17.59 9.11 34.05
C ASN D 1106 -19.01 9.58 33.85
N LEU D 1107 -19.25 10.84 34.27
CA LEU D 1107 -20.49 11.55 34.12
C LEU D 1107 -20.75 11.92 32.69
N ARG D 1108 -19.69 12.13 31.89
CA ARG D 1108 -19.81 12.67 30.55
C ARG D 1108 -20.90 12.04 29.75
N PHE D 1109 -21.84 12.91 29.27
CA PHE D 1109 -23.00 12.52 28.53
C PHE D 1109 -22.69 12.74 27.08
N HIS D 1110 -22.81 11.67 26.26
CA HIS D 1110 -22.31 11.76 24.93
C HIS D 1110 -20.88 12.14 25.13
N GLY D 1111 -20.20 12.80 24.22
CA GLY D 1111 -18.82 13.11 24.50
C GLY D 1111 -18.70 14.19 25.54
N MET D 1112 -19.77 14.99 25.70
CA MET D 1112 -19.77 16.22 26.45
C MET D 1112 -19.48 16.09 27.91
N THR D 1113 -18.74 17.09 28.43
CA THR D 1113 -18.44 17.17 29.83
C THR D 1113 -19.61 17.85 30.48
N ILE D 1114 -19.64 17.89 31.81
CA ILE D 1114 -20.77 18.46 32.47
C ILE D 1114 -20.86 19.90 32.11
N LYS D 1115 -19.71 20.61 32.11
CA LYS D 1115 -19.72 22.01 31.81
C LYS D 1115 -20.22 22.17 30.41
N LYS D 1116 -19.73 21.32 29.49
CA LYS D 1116 -20.06 21.41 28.11
C LYS D 1116 -21.53 21.15 27.92
N LEU D 1117 -22.06 20.14 28.63
CA LEU D 1117 -23.43 19.76 28.43
C LEU D 1117 -24.33 20.89 28.78
N GLU D 1118 -24.02 21.61 29.87
CA GLU D 1118 -24.88 22.67 30.30
C GLU D 1118 -24.93 23.70 29.21
N HIS D 1119 -23.77 23.98 28.58
CA HIS D 1119 -23.74 24.95 27.52
C HIS D 1119 -24.59 24.48 26.40
N GLU D 1120 -24.52 23.17 26.08
CA GLU D 1120 -25.25 22.67 24.95
C GLU D 1120 -26.72 22.87 25.19
N LEU D 1121 -27.17 22.60 26.43
CA LEU D 1121 -28.57 22.67 26.76
C LEU D 1121 -29.08 24.07 26.60
N GLU D 1122 -28.28 25.06 27.05
CA GLU D 1122 -28.74 26.42 27.03
C GLU D 1122 -29.00 26.85 25.63
N LYS D 1123 -28.19 26.36 24.69
CA LYS D 1123 -28.29 26.74 23.32
C LYS D 1123 -29.66 26.39 22.84
N GLN D 1124 -30.17 25.23 23.28
CA GLN D 1124 -31.46 24.75 22.85
C GLN D 1124 -32.50 25.72 23.29
N LYS D 1125 -32.30 26.30 24.48
CA LYS D 1125 -33.22 27.20 25.10
C LYS D 1125 -33.42 28.40 24.23
N GLU D 1126 -32.35 28.83 23.54
CA GLU D 1126 -32.36 30.05 22.78
C GLU D 1126 -33.48 30.06 21.80
N GLU D 1127 -33.76 28.94 21.13
CA GLU D 1127 -34.78 28.94 20.12
C GLU D 1127 -36.13 28.65 20.70
N ASP D 1128 -37.18 29.19 20.04
CA ASP D 1128 -38.53 28.95 20.48
C ASP D 1128 -38.90 27.55 20.09
N ARG D 1129 -39.80 26.93 20.85
CA ARG D 1129 -40.19 25.59 20.53
C ARG D 1129 -41.65 25.45 20.82
N THR D 1130 -42.30 24.47 20.17
CA THR D 1130 -43.69 24.23 20.42
C THR D 1130 -43.80 22.83 20.94
N PHE D 1131 -44.65 22.61 21.96
CA PHE D 1131 -44.70 21.30 22.53
C PHE D 1131 -46.11 20.82 22.61
N ALA D 1132 -46.25 19.49 22.65
CA ALA D 1132 -47.51 18.86 22.86
C ALA D 1132 -47.40 18.29 24.24
N ALA D 1133 -48.48 18.40 25.05
CA ALA D 1133 -48.35 17.92 26.39
C ALA D 1133 -49.32 16.81 26.58
N PHE D 1134 -48.92 15.76 27.34
CA PHE D 1134 -49.81 14.66 27.56
C PHE D 1134 -50.00 14.47 29.03
N LEU D 1135 -51.25 14.14 29.42
CA LEU D 1135 -51.51 13.81 30.79
C LEU D 1135 -51.62 12.32 30.82
N LEU D 1136 -50.78 11.67 31.63
CA LEU D 1136 -50.84 10.23 31.57
C LEU D 1136 -51.22 9.69 32.91
N HIS D 1137 -52.01 8.59 32.87
CA HIS D 1137 -52.41 7.91 34.07
C HIS D 1137 -52.31 6.45 33.77
N GLY D 1138 -52.55 5.60 34.80
CA GLY D 1138 -52.38 4.18 34.67
C GLY D 1138 -53.33 3.59 33.68
N ILE D 1139 -52.80 3.04 32.57
CA ILE D 1139 -53.76 2.51 31.66
C ILE D 1139 -53.68 1.00 31.70
N LYS D 1140 -53.50 0.43 32.92
CA LYS D 1140 -53.55 -1.00 33.20
C LYS D 1140 -52.78 -1.85 32.22
N LYS D 1141 -51.69 -1.36 31.62
CA LYS D 1141 -51.05 -2.21 30.65
C LYS D 1141 -49.91 -1.43 30.08
N SER D 1142 -49.08 -2.08 29.23
CA SER D 1142 -48.00 -1.38 28.61
C SER D 1142 -48.51 -1.05 27.24
N ALA D 1143 -48.17 0.14 26.72
CA ALA D 1143 -48.66 0.47 25.41
C ALA D 1143 -47.70 1.42 24.78
N ASP D 1144 -47.76 1.52 23.44
CA ASP D 1144 -46.95 2.45 22.71
C ASP D 1144 -47.88 3.42 22.06
N VAL D 1145 -47.55 4.73 22.15
CA VAL D 1145 -48.43 5.68 21.56
C VAL D 1145 -47.68 6.41 20.49
N SER D 1146 -48.35 6.65 19.35
CA SER D 1146 -47.76 7.37 18.27
C SER D 1146 -48.76 8.41 17.88
N PHE D 1147 -48.30 9.64 17.60
CA PHE D 1147 -49.24 10.64 17.20
C PHE D 1147 -48.64 11.44 16.10
N ASP D 1148 -49.51 11.96 15.20
CA ASP D 1148 -49.02 12.71 14.08
C ASP D 1148 -49.65 14.07 14.09
N VAL D 1149 -48.94 15.05 13.49
CA VAL D 1149 -49.48 16.38 13.40
C VAL D 1149 -50.04 16.47 12.02
N CYS D 1150 -51.27 16.99 11.88
CA CYS D 1150 -51.85 17.03 10.58
C CYS D 1150 -52.34 18.41 10.32
N ASN D 1151 -52.19 18.89 9.08
CA ASN D 1151 -52.73 20.17 8.76
C ASN D 1151 -54.16 19.97 8.40
N HIS D 1152 -54.90 21.06 8.13
CA HIS D 1152 -56.29 20.96 7.84
C HIS D 1152 -56.43 20.15 6.58
N ASP D 1153 -55.43 20.24 5.70
CA ASP D 1153 -55.44 19.58 4.42
C ASP D 1153 -55.68 18.13 4.72
N GLY D 1154 -55.10 17.65 5.83
CA GLY D 1154 -55.20 16.24 6.14
C GLY D 1154 -53.85 15.65 5.91
N GLU D 1155 -52.89 16.50 5.49
CA GLU D 1155 -51.53 16.05 5.35
C GLU D 1155 -51.03 15.86 6.74
N CYS D 1156 -50.25 14.79 6.98
CA CYS D 1156 -49.81 14.56 8.33
C CYS D 1156 -48.36 14.20 8.30
N HIS D 1157 -47.69 14.33 9.46
CA HIS D 1157 -46.33 13.92 9.55
C HIS D 1157 -46.22 13.27 10.90
N PHE D 1158 -45.23 12.37 11.10
CA PHE D 1158 -45.19 11.67 12.33
C PHE D 1158 -44.65 12.59 13.39
N ALA D 1159 -45.51 12.89 14.39
CA ALA D 1159 -45.19 13.76 15.48
C ALA D 1159 -44.18 13.18 16.43
N GLY D 1160 -44.38 11.92 16.88
CA GLY D 1160 -43.44 11.42 17.84
C GLY D 1160 -43.99 10.19 18.51
N THR D 1161 -43.16 9.58 19.41
CA THR D 1161 -43.58 8.39 20.07
C THR D 1161 -43.14 8.43 21.52
N PHE D 1162 -43.90 7.74 22.39
CA PHE D 1162 -43.52 7.60 23.77
C PHE D 1162 -44.13 6.31 24.25
N ALA D 1163 -43.60 5.74 25.34
CA ALA D 1163 -44.11 4.46 25.75
C ALA D 1163 -44.49 4.49 27.20
N ILE D 1164 -45.41 3.58 27.57
CA ILE D 1164 -45.88 3.44 28.91
C ILE D 1164 -45.59 2.02 29.32
N LEU D 1165 -44.93 1.82 30.46
CA LEU D 1165 -44.61 0.50 30.94
C LEU D 1165 -45.62 0.21 32.00
N GLY D 1166 -46.27 -0.97 31.94
CA GLY D 1166 -47.23 -1.25 32.97
C GLY D 1166 -47.68 -2.66 32.84
N GLY D 1167 -48.66 -3.06 33.69
CA GLY D 1167 -49.16 -4.39 33.66
C GLY D 1167 -50.21 -4.46 34.71
N GLU D 1168 -50.82 -5.66 34.84
CA GLU D 1168 -51.84 -5.82 35.82
C GLU D 1168 -51.18 -5.79 37.16
N HIS D 1169 -51.97 -5.48 38.21
CA HIS D 1169 -51.47 -5.41 39.55
C HIS D 1169 -50.46 -4.32 39.68
N GLU D 1170 -50.48 -3.33 38.77
CA GLU D 1170 -49.57 -2.25 38.94
C GLU D 1170 -50.22 -1.34 39.92
N MET D 1171 -49.42 -0.54 40.66
CA MET D 1171 -50.02 0.38 41.58
C MET D 1171 -50.54 1.51 40.75
N PRO D 1172 -51.59 2.13 41.22
CA PRO D 1172 -52.15 3.20 40.44
C PRO D 1172 -51.27 4.40 40.47
N TRP D 1173 -51.22 5.17 39.36
CA TRP D 1173 -50.39 6.34 39.35
C TRP D 1173 -50.91 7.29 38.32
N SER D 1174 -50.70 8.59 38.57
CA SER D 1174 -51.06 9.59 37.63
C SER D 1174 -50.04 10.68 37.80
N PHE D 1175 -49.56 11.26 36.69
CA PHE D 1175 -48.56 12.28 36.79
C PHE D 1175 -49.21 13.55 37.21
N ASP D 1176 -48.52 14.31 38.08
CA ASP D 1176 -48.99 15.58 38.55
C ASP D 1176 -48.95 16.57 37.43
N ARG D 1177 -47.99 16.43 36.50
CA ARG D 1177 -47.87 17.40 35.45
C ARG D 1177 -47.90 16.71 34.13
N LEU D 1178 -47.89 17.51 33.04
CA LEU D 1178 -47.94 16.97 31.72
C LEU D 1178 -46.57 16.56 31.28
N PHE D 1179 -46.55 15.61 30.32
CA PHE D 1179 -45.34 15.11 29.72
C PHE D 1179 -45.18 15.94 28.47
N ARG D 1180 -43.99 16.50 28.25
CA ARG D 1180 -43.83 17.40 27.14
C ARG D 1180 -43.07 16.71 26.05
N TYR D 1181 -43.49 16.97 24.79
CA TYR D 1181 -42.86 16.42 23.63
C TYR D 1181 -42.65 17.59 22.69
N ASP D 1182 -41.45 17.69 22.06
CA ASP D 1182 -41.12 18.81 21.22
C ASP D 1182 -41.60 18.54 19.81
N ILE D 1183 -42.70 19.21 19.45
CA ILE D 1183 -43.39 19.21 18.18
C ILE D 1183 -42.72 20.03 17.10
N THR D 1184 -41.89 21.02 17.47
CA THR D 1184 -41.41 22.05 16.58
C THR D 1184 -40.95 21.53 15.24
N GLN D 1185 -40.16 20.43 15.19
CA GLN D 1185 -39.67 20.02 13.90
C GLN D 1185 -40.81 19.63 12.99
N VAL D 1186 -41.81 18.91 13.52
CA VAL D 1186 -42.89 18.44 12.70
C VAL D 1186 -43.64 19.59 12.12
N LEU D 1187 -43.88 20.64 12.93
CA LEU D 1187 -44.64 21.76 12.46
C LEU D 1187 -43.90 22.42 11.34
N LYS D 1188 -42.58 22.54 11.45
CA LYS D 1188 -41.84 23.22 10.42
C LYS D 1188 -41.99 22.47 9.14
N GLN D 1189 -41.95 21.12 9.19
CA GLN D 1189 -42.06 20.34 7.99
C GLN D 1189 -43.40 20.57 7.37
N MET D 1190 -44.43 20.63 8.23
CA MET D 1190 -45.79 20.87 7.81
C MET D 1190 -45.83 22.29 7.31
N HIS D 1191 -44.87 23.10 7.78
CA HIS D 1191 -44.83 24.51 7.48
C HIS D 1191 -45.98 25.14 8.17
N LEU D 1192 -46.37 24.54 9.33
CA LEU D 1192 -47.42 25.07 10.13
C LEU D 1192 -46.84 26.08 11.07
N GLU D 1193 -47.70 26.97 11.58
CA GLU D 1193 -47.33 27.97 12.51
C GLU D 1193 -47.98 27.59 13.80
N TYR D 1194 -47.53 28.18 14.92
CA TYR D 1194 -48.15 27.81 16.16
C TYR D 1194 -49.59 28.20 16.03
N ASP D 1195 -49.85 29.42 15.53
CA ASP D 1195 -51.20 29.88 15.55
C ASP D 1195 -52.06 29.04 14.65
N SER D 1196 -51.48 28.45 13.60
CA SER D 1196 -52.26 27.74 12.63
C SER D 1196 -53.03 26.65 13.31
N ASP D 1197 -54.18 26.28 12.71
CA ASP D 1197 -55.02 25.27 13.28
C ASP D 1197 -54.64 23.96 12.67
N PHE D 1198 -54.15 23.04 13.52
CA PHE D 1198 -53.76 21.74 13.05
C PHE D 1198 -54.24 20.74 14.05
N THR D 1199 -54.22 19.45 13.69
CA THR D 1199 -54.75 18.46 14.60
C THR D 1199 -53.68 17.49 14.97
N PHE D 1200 -53.82 16.91 16.17
CA PHE D 1200 -52.92 15.89 16.62
C PHE D 1200 -53.70 14.62 16.59
N HIS D 1201 -53.17 13.58 15.94
CA HIS D 1201 -53.86 12.32 15.89
C HIS D 1201 -53.07 11.40 16.76
N MET D 1202 -53.75 10.67 17.67
CA MET D 1202 -53.03 9.81 18.55
C MET D 1202 -53.54 8.41 18.37
N ARG D 1203 -52.62 7.43 18.35
CA ARG D 1203 -53.05 6.06 18.30
C ARG D 1203 -52.34 5.37 19.42
N ILE D 1204 -53.07 4.58 20.24
CA ILE D 1204 -52.38 3.85 21.27
C ILE D 1204 -52.44 2.41 20.85
N ILE D 1205 -51.27 1.73 20.82
CA ILE D 1205 -51.17 0.36 20.40
C ILE D 1205 -50.71 -0.37 21.63
N ASP D 1206 -51.29 -1.56 22.00
CA ASP D 1206 -50.71 -2.34 23.04
C ASP D 1206 -49.55 -3.08 22.49
N THR D 1207 -48.81 -3.78 23.36
CA THR D 1207 -47.61 -4.49 23.00
C THR D 1207 -47.99 -5.51 21.99
N SER D 1208 -49.18 -6.11 22.19
CA SER D 1208 -49.69 -7.15 21.34
C SER D 1208 -49.89 -6.62 19.96
N GLY D 1209 -50.15 -5.31 19.82
CA GLY D 1209 -50.42 -4.75 18.53
C GLY D 1209 -51.86 -4.38 18.45
N LYS D 1210 -52.66 -4.78 19.47
CA LYS D 1210 -54.05 -4.43 19.45
C LYS D 1210 -54.15 -2.97 19.74
N GLN D 1211 -55.11 -2.27 19.12
CA GLN D 1211 -55.24 -0.88 19.37
C GLN D 1211 -56.05 -0.67 20.61
N LEU D 1212 -55.72 0.41 21.36
CA LEU D 1212 -56.40 0.73 22.58
C LEU D 1212 -57.34 1.85 22.25
N PRO D 1213 -58.30 2.05 23.11
CA PRO D 1213 -59.21 3.14 22.92
C PRO D 1213 -58.51 4.42 23.25
N SER D 1214 -58.86 5.50 22.54
CA SER D 1214 -58.26 6.79 22.73
C SER D 1214 -58.73 7.34 24.03
N ASP D 1215 -59.77 6.71 24.63
CA ASP D 1215 -60.34 7.23 25.83
C ASP D 1215 -59.29 7.20 26.91
N LEU D 1216 -58.33 6.28 26.80
CA LEU D 1216 -57.35 6.14 27.82
C LEU D 1216 -56.60 7.42 27.97
N ILE D 1217 -56.30 8.12 26.86
CA ILE D 1217 -55.55 9.32 27.05
C ILE D 1217 -56.36 10.50 26.62
N LYS D 1218 -56.23 11.59 27.39
CA LYS D 1218 -56.93 12.82 27.16
C LYS D 1218 -56.27 13.47 25.98
N MET D 1219 -56.98 14.41 25.33
CA MET D 1219 -56.41 15.06 24.18
C MET D 1219 -55.24 15.88 24.65
N PRO D 1220 -54.27 16.02 23.77
CA PRO D 1220 -53.05 16.73 24.09
C PRO D 1220 -53.27 18.21 24.11
N THR D 1221 -52.42 18.94 24.85
CA THR D 1221 -52.52 20.37 24.88
C THR D 1221 -51.33 20.86 24.11
N VAL D 1222 -51.33 22.10 23.57
CA VAL D 1222 -50.18 22.57 22.83
C VAL D 1222 -49.59 23.70 23.62
N GLU D 1223 -48.23 23.91 23.55
CA GLU D 1223 -47.65 24.98 24.31
C GLU D 1223 -46.60 25.57 23.48
N HIS D 1224 -46.21 26.84 23.81
CA HIS D 1224 -45.25 27.63 23.12
C HIS D 1224 -44.07 27.89 23.99
N SER D 1225 -42.85 27.86 23.41
CA SER D 1225 -41.64 28.12 24.15
C SER D 1225 -40.83 29.13 23.37
N PRO D 1226 -40.17 30.02 24.11
CA PRO D 1226 -39.44 31.14 23.56
C PRO D 1226 -38.07 30.95 22.96
N GLY D 1227 -37.51 31.98 22.27
CA GLY D 1227 -38.11 33.29 22.10
C GLY D 1227 -37.91 33.77 20.69
N GLY D 1228 -38.56 34.90 20.32
CA GLY D 1228 -38.52 35.43 18.97
C GLY D 1228 -37.48 36.50 18.83
N LYS D 1229 -37.51 37.19 17.67
CA LYS D 1229 -36.59 38.27 17.38
C LYS D 1229 -37.12 38.99 16.19
N HIS D 1230 -36.43 40.08 15.79
CA HIS D 1230 -36.79 40.80 14.61
C HIS D 1230 -35.81 40.37 13.57
N HIS D 1231 -36.22 40.33 12.29
CA HIS D 1231 -35.33 39.88 11.28
C HIS D 1231 -34.74 41.06 10.60
N GLU D 1232 -33.39 41.07 10.51
CA GLU D 1232 -32.71 42.12 9.81
C GLU D 1232 -32.46 41.55 8.47
N LYS D 1233 -32.43 42.38 7.41
CA LYS D 1233 -32.21 41.80 6.12
C LYS D 1233 -30.73 41.68 5.94
N HIS D 1234 -30.12 40.70 6.64
CA HIS D 1234 -28.70 40.44 6.58
C HIS D 1234 -28.28 39.72 5.33
N HIS D 1235 -29.13 38.84 4.78
CA HIS D 1235 -28.76 37.94 3.72
C HIS D 1235 -28.34 38.63 2.46
N GLU D 1236 -27.43 37.95 1.71
CA GLU D 1236 -26.91 38.39 0.45
C GLU D 1236 -27.26 37.37 -0.59
N ASP D 1237 -27.73 37.86 -1.75
CA ASP D 1237 -28.10 37.02 -2.84
C ASP D 1237 -26.87 36.81 -3.66
N HIS D 1238 -27.06 36.44 -4.94
CA HIS D 1238 -25.94 36.18 -5.78
C HIS D 1238 -25.13 37.40 -6.05
N HIS D 1239 -23.80 37.12 -5.99
CA HIS D 1239 -22.68 37.97 -6.27
C HIS D 1239 -22.63 38.03 -7.76
N GLU D 1240 -21.90 38.97 -8.37
CA GLU D 1240 -21.93 38.94 -9.80
C GLU D 1240 -21.13 37.74 -10.24
N ASP D 1241 -21.87 36.71 -10.72
CA ASP D 1241 -21.28 35.50 -11.22
C ASP D 1241 -21.26 35.76 -12.68
N ILE D 1242 -22.48 35.75 -13.23
CA ILE D 1242 -22.87 36.01 -14.58
C ILE D 1242 -23.68 37.26 -14.42
N LEU D 1243 -23.90 38.05 -15.52
CA LEU D 1243 -24.73 39.22 -15.45
C LEU D 1243 -26.14 38.89 -15.75
N VAL D 1244 -27.07 39.80 -15.35
CA VAL D 1244 -28.45 39.59 -15.60
C VAL D 1244 -29.10 40.88 -15.98
N ARG D 1245 -29.98 40.84 -17.01
CA ARG D 1245 -30.67 42.03 -17.46
C ARG D 1245 -31.99 42.04 -16.75
N LYS D 1246 -32.08 42.77 -15.62
CA LYS D 1246 -33.29 42.80 -14.88
C LYS D 1246 -34.25 43.79 -15.47
N ASN D 1247 -35.55 43.59 -15.18
CA ASN D 1247 -36.62 44.39 -15.69
C ASN D 1247 -36.41 45.82 -15.26
N ILE D 1248 -36.81 46.76 -16.14
CA ILE D 1248 -36.68 48.16 -15.84
C ILE D 1248 -37.66 48.51 -14.75
N HIS D 1249 -38.83 47.84 -14.72
CA HIS D 1249 -39.84 48.11 -13.73
C HIS D 1249 -39.42 47.67 -12.36
N SER D 1250 -38.81 46.48 -12.26
CA SER D 1250 -38.40 45.93 -11.01
C SER D 1250 -37.23 46.72 -10.50
N LEU D 1251 -36.78 47.71 -11.29
CA LEU D 1251 -35.64 48.50 -10.95
C LEU D 1251 -35.80 49.17 -9.62
N SER D 1252 -34.65 49.34 -8.92
CA SER D 1252 -34.61 49.97 -7.63
C SER D 1252 -33.79 51.21 -7.80
N HIS D 1253 -33.93 52.13 -6.82
CA HIS D 1253 -33.23 53.36 -6.85
C HIS D 1253 -31.78 53.06 -6.83
N HIS D 1254 -31.35 52.14 -5.95
CA HIS D 1254 -29.97 51.81 -5.82
C HIS D 1254 -29.50 51.20 -7.11
N GLU D 1255 -30.32 50.32 -7.70
CA GLU D 1255 -29.95 49.65 -8.92
C GLU D 1255 -29.82 50.65 -10.01
N ALA D 1256 -30.70 51.66 -10.02
CA ALA D 1256 -30.77 52.63 -11.08
C ALA D 1256 -29.46 53.35 -11.19
N GLU D 1257 -28.80 53.64 -10.06
CA GLU D 1257 -27.59 54.42 -10.12
C GLU D 1257 -26.52 53.73 -10.90
N GLU D 1258 -26.34 52.41 -10.73
CA GLU D 1258 -25.26 51.78 -11.45
C GLU D 1258 -25.48 51.91 -12.92
N LEU D 1259 -26.74 51.83 -13.38
CA LEU D 1259 -27.03 51.94 -14.78
C LEU D 1259 -26.65 53.31 -15.28
N ARG D 1260 -27.01 54.36 -14.52
CA ARG D 1260 -26.75 55.70 -14.97
C ARG D 1260 -25.27 55.95 -15.00
N ASP D 1261 -24.55 55.49 -13.96
CA ASP D 1261 -23.13 55.74 -13.87
C ASP D 1261 -22.43 55.02 -14.98
N ALA D 1262 -22.80 53.75 -15.21
CA ALA D 1262 -22.10 52.96 -16.19
C ALA D 1262 -22.27 53.57 -17.55
N LEU D 1263 -23.51 53.99 -17.89
CA LEU D 1263 -23.80 54.55 -19.18
C LEU D 1263 -23.07 55.85 -19.35
N TYR D 1264 -23.07 56.68 -18.30
CA TYR D 1264 -22.49 57.99 -18.37
C TYR D 1264 -21.03 57.86 -18.66
N LYS D 1265 -20.34 56.97 -17.93
CA LYS D 1265 -18.93 56.84 -18.09
C LYS D 1265 -18.65 56.38 -19.49
N LEU D 1266 -19.52 55.53 -20.05
CA LEU D 1266 -19.36 55.08 -21.40
C LEU D 1266 -19.57 56.20 -22.37
N GLN D 1267 -20.61 57.03 -22.12
CA GLN D 1267 -20.96 58.07 -23.05
C GLN D 1267 -19.84 59.06 -23.18
N ASN D 1268 -19.17 59.39 -22.07
CA ASN D 1268 -18.09 60.32 -22.09
C ASN D 1268 -16.89 59.73 -22.78
N ASP D 1269 -16.86 58.38 -22.96
CA ASP D 1269 -15.76 57.65 -23.55
C ASP D 1269 -15.81 57.65 -25.06
N GLU D 1270 -14.80 58.27 -25.70
CA GLU D 1270 -14.59 58.37 -27.13
C GLU D 1270 -13.85 57.20 -27.75
N SER D 1271 -13.24 56.32 -26.95
CA SER D 1271 -12.42 55.25 -27.47
C SER D 1271 -13.24 54.35 -28.35
N HIS D 1272 -12.58 53.32 -28.92
CA HIS D 1272 -13.25 52.37 -29.77
C HIS D 1272 -14.32 51.69 -28.98
N GLY D 1273 -14.07 51.53 -27.67
CA GLY D 1273 -14.97 50.98 -26.68
C GLY D 1273 -16.08 51.93 -26.33
N GLY D 1274 -15.94 53.23 -26.69
CA GLY D 1274 -16.85 54.26 -26.29
C GLY D 1274 -18.24 54.08 -26.85
N TYR D 1275 -19.19 54.86 -26.28
CA TYR D 1275 -20.58 54.89 -26.61
C TYR D 1275 -20.81 55.45 -27.98
N GLU D 1276 -20.02 56.48 -28.32
CA GLU D 1276 -20.12 57.14 -29.58
C GLU D 1276 -19.79 56.16 -30.66
N HIS D 1277 -18.83 55.26 -30.39
CA HIS D 1277 -18.37 54.25 -31.30
C HIS D 1277 -19.33 53.09 -31.41
N ILE D 1278 -19.94 52.67 -30.28
CA ILE D 1278 -20.79 51.51 -30.27
C ILE D 1278 -22.03 51.75 -31.09
N ALA D 1279 -22.62 52.95 -30.95
CA ALA D 1279 -23.80 53.38 -31.65
C ALA D 1279 -23.50 53.44 -33.11
N GLY D 1280 -22.23 53.73 -33.43
CA GLY D 1280 -21.73 53.90 -34.76
C GLY D 1280 -21.88 52.64 -35.55
N PHE D 1281 -21.82 51.47 -34.90
CA PHE D 1281 -21.86 50.24 -35.64
C PHE D 1281 -23.11 50.18 -36.47
N HIS D 1282 -24.28 50.35 -35.83
CA HIS D 1282 -25.57 50.29 -36.49
C HIS D 1282 -25.84 51.42 -37.44
N GLY D 1283 -25.99 52.66 -36.92
CA GLY D 1283 -26.35 53.79 -37.73
C GLY D 1283 -25.08 54.42 -38.23
N TYR D 1284 -25.19 55.66 -38.76
CA TYR D 1284 -24.11 56.48 -39.19
C TYR D 1284 -23.24 56.86 -38.03
N PRO D 1285 -21.97 56.98 -38.30
CA PRO D 1285 -21.46 56.77 -39.64
C PRO D 1285 -21.32 55.31 -39.99
N ASN D 1286 -21.44 54.95 -41.30
CA ASN D 1286 -21.35 53.58 -41.77
C ASN D 1286 -19.91 53.19 -41.93
N LEU D 1287 -19.49 52.07 -41.27
CA LEU D 1287 -18.15 51.52 -41.29
C LEU D 1287 -17.78 50.32 -42.13
N CYS D 1288 -18.48 49.19 -41.92
CA CYS D 1288 -18.01 47.83 -42.07
C CYS D 1288 -17.18 47.47 -43.28
N PRO D 1289 -17.37 47.86 -44.51
CA PRO D 1289 -16.47 47.39 -45.53
C PRO D 1289 -15.05 47.82 -45.26
N GLU D 1290 -14.06 46.94 -45.50
CA GLU D 1290 -12.71 47.24 -45.14
C GLU D 1290 -12.13 48.23 -46.11
N LYS D 1291 -12.13 49.53 -45.70
CA LYS D 1291 -11.59 50.65 -46.40
C LYS D 1291 -12.13 50.69 -47.79
N GLY D 1292 -13.45 50.44 -47.93
CA GLY D 1292 -14.13 50.50 -49.20
C GLY D 1292 -14.23 51.93 -49.65
N ASP D 1293 -14.31 52.86 -48.67
CA ASP D 1293 -14.50 54.29 -48.80
C ASP D 1293 -15.87 54.51 -49.40
N GLU D 1294 -16.63 53.41 -49.50
CA GLU D 1294 -17.99 53.33 -49.95
C GLU D 1294 -18.94 53.63 -48.82
N LYS D 1295 -18.51 53.41 -47.56
CA LYS D 1295 -19.40 53.51 -46.44
C LYS D 1295 -20.20 52.26 -46.51
N TYR D 1296 -21.19 52.05 -45.60
CA TYR D 1296 -22.03 50.88 -45.63
C TYR D 1296 -22.67 50.75 -44.29
N PRO D 1297 -23.98 50.80 -44.22
CA PRO D 1297 -24.65 50.62 -42.97
C PRO D 1297 -24.52 49.19 -42.54
N CYS D 1298 -23.86 48.95 -41.39
CA CYS D 1298 -23.62 47.65 -40.86
C CYS D 1298 -24.92 47.07 -40.39
N CYS D 1299 -25.90 47.95 -40.13
CA CYS D 1299 -27.19 47.56 -39.64
C CYS D 1299 -27.79 46.55 -40.57
N VAL D 1300 -28.12 45.36 -40.04
CA VAL D 1300 -28.68 44.32 -40.87
C VAL D 1300 -30.14 44.22 -40.59
N HIS D 1301 -30.98 44.71 -41.53
CA HIS D 1301 -32.40 44.65 -41.36
C HIS D 1301 -33.01 44.01 -42.56
N GLY D 1302 -34.02 43.15 -42.32
CA GLY D 1302 -34.74 42.54 -43.41
C GLY D 1302 -34.12 41.22 -43.71
N MET D 1303 -32.84 41.03 -43.33
CA MET D 1303 -32.18 39.78 -43.61
C MET D 1303 -32.68 38.75 -42.65
N SER D 1304 -32.35 37.47 -42.92
CA SER D 1304 -32.78 36.38 -42.09
C SER D 1304 -32.08 36.46 -40.76
N ILE D 1305 -30.88 37.04 -40.78
CA ILE D 1305 -29.95 37.31 -39.72
C ILE D 1305 -30.35 38.45 -38.84
N PHE D 1306 -31.40 39.22 -39.22
CA PHE D 1306 -31.77 40.47 -38.59
C PHE D 1306 -31.69 40.36 -37.09
N PRO D 1307 -32.28 39.42 -36.42
CA PRO D 1307 -32.14 39.37 -34.98
C PRO D 1307 -30.77 38.97 -34.51
N HIS D 1308 -30.01 38.20 -35.31
CA HIS D 1308 -28.71 37.75 -34.91
C HIS D 1308 -27.76 38.91 -34.76
N TRP D 1309 -27.76 39.84 -35.73
CA TRP D 1309 -26.87 40.96 -35.68
C TRP D 1309 -27.22 41.82 -34.51
N HIS D 1310 -28.53 42.02 -34.26
CA HIS D 1310 -29.00 42.86 -33.19
C HIS D 1310 -28.66 42.28 -31.85
N ARG D 1311 -28.86 40.97 -31.67
CA ARG D 1311 -28.65 40.34 -30.40
C ARG D 1311 -27.23 40.53 -29.97
N LEU D 1312 -26.29 40.46 -30.93
CA LEU D 1312 -24.89 40.61 -30.63
C LEU D 1312 -24.60 42.05 -30.30
N HIS D 1313 -25.24 42.99 -31.01
CA HIS D 1313 -25.01 44.40 -30.81
C HIS D 1313 -25.43 44.81 -29.44
N THR D 1314 -26.57 44.27 -28.97
CA THR D 1314 -27.13 44.62 -27.70
C THR D 1314 -26.16 44.24 -26.63
N ILE D 1315 -25.56 43.04 -26.75
CA ILE D 1315 -24.61 42.55 -25.78
C ILE D 1315 -23.39 43.41 -25.84
N GLN D 1316 -23.06 43.89 -27.06
CA GLN D 1316 -21.90 44.72 -27.23
C GLN D 1316 -22.08 45.96 -26.41
N PHE D 1317 -23.31 46.53 -26.42
CA PHE D 1317 -23.63 47.70 -25.65
C PHE D 1317 -23.51 47.39 -24.19
N GLU D 1318 -24.08 46.25 -23.76
CA GLU D 1318 -24.06 45.90 -22.36
C GLU D 1318 -22.66 45.61 -21.90
N ARG D 1319 -21.88 44.86 -22.71
CA ARG D 1319 -20.56 44.48 -22.31
C ARG D 1319 -19.72 45.72 -22.14
N ALA D 1320 -19.94 46.72 -23.02
CA ALA D 1320 -19.18 47.94 -22.95
C ALA D 1320 -19.42 48.61 -21.63
N LEU D 1321 -20.67 48.57 -21.14
CA LEU D 1321 -21.00 49.20 -19.90
C LEU D 1321 -20.34 48.55 -18.73
N LYS D 1322 -20.36 47.21 -18.66
CA LYS D 1322 -19.82 46.50 -17.53
C LYS D 1322 -18.36 46.83 -17.43
N LYS D 1323 -17.66 46.94 -18.57
CA LYS D 1323 -16.27 47.24 -18.51
C LYS D 1323 -16.11 48.61 -17.93
N HIS D 1324 -17.09 49.48 -18.22
CA HIS D 1324 -17.20 50.84 -17.77
C HIS D 1324 -17.62 50.93 -16.33
N GLY D 1325 -18.03 49.81 -15.69
CA GLY D 1325 -18.45 49.91 -14.33
C GLY D 1325 -19.95 49.76 -14.21
N SER D 1326 -20.46 48.53 -14.47
CA SER D 1326 -21.86 48.22 -14.35
C SER D 1326 -22.03 47.09 -13.37
N HIS D 1327 -23.13 47.12 -12.58
CA HIS D 1327 -23.52 46.05 -11.69
C HIS D 1327 -24.42 45.03 -12.34
N LEU D 1328 -25.47 45.50 -13.07
CA LEU D 1328 -26.51 44.66 -13.61
C LEU D 1328 -26.51 44.80 -15.10
N GLY D 1329 -27.32 43.96 -15.77
CA GLY D 1329 -27.41 43.96 -17.21
C GLY D 1329 -28.35 45.04 -17.65
N ILE D 1330 -28.51 45.17 -18.98
CA ILE D 1330 -29.31 46.20 -19.57
C ILE D 1330 -30.75 45.93 -19.23
N PRO D 1331 -31.45 46.91 -18.74
CA PRO D 1331 -32.83 46.76 -18.36
C PRO D 1331 -33.70 46.60 -19.56
N TYR D 1332 -34.69 45.70 -19.51
CA TYR D 1332 -35.54 45.49 -20.65
C TYR D 1332 -36.91 45.95 -20.28
N TRP D 1333 -37.65 46.48 -21.29
CA TRP D 1333 -38.97 47.00 -21.05
C TRP D 1333 -39.98 46.22 -21.84
N ASP D 1334 -41.01 45.69 -21.15
CA ASP D 1334 -42.04 44.92 -21.79
C ASP D 1334 -43.10 45.89 -22.23
N TRP D 1335 -42.90 46.45 -23.43
CA TRP D 1335 -43.78 47.42 -24.04
C TRP D 1335 -45.08 46.82 -24.51
N THR D 1336 -45.18 45.49 -24.60
CA THR D 1336 -46.41 44.89 -25.06
C THR D 1336 -47.52 45.22 -24.11
N GLN D 1337 -47.27 45.13 -22.79
CA GLN D 1337 -48.27 45.38 -21.80
C GLN D 1337 -48.79 46.77 -21.96
N THR D 1338 -49.99 47.02 -21.39
CA THR D 1338 -50.63 48.29 -21.54
C THR D 1338 -49.72 49.37 -21.07
N ILE D 1339 -49.51 50.38 -21.94
CA ILE D 1339 -48.55 51.41 -21.67
C ILE D 1339 -49.26 52.59 -21.08
N SER D 1340 -49.03 52.83 -19.77
CA SER D 1340 -49.57 53.98 -19.09
C SER D 1340 -48.80 55.20 -19.48
N SER D 1341 -47.45 55.10 -19.55
CA SER D 1341 -46.66 56.24 -19.90
C SER D 1341 -45.26 55.77 -20.17
N LEU D 1342 -44.42 56.63 -20.80
CA LEU D 1342 -43.08 56.22 -21.12
C LEU D 1342 -42.34 56.01 -19.84
N PRO D 1343 -41.34 55.18 -19.89
CA PRO D 1343 -40.61 54.86 -18.70
C PRO D 1343 -40.00 56.07 -18.08
N THR D 1344 -39.94 56.07 -16.74
CA THR D 1344 -39.43 57.15 -15.94
C THR D 1344 -37.99 57.26 -16.24
N PHE D 1345 -37.41 56.14 -16.71
CA PHE D 1345 -36.00 56.05 -16.95
C PHE D 1345 -35.65 57.07 -17.99
N PHE D 1346 -36.50 57.23 -19.03
CA PHE D 1346 -36.29 58.21 -20.07
C PHE D 1346 -36.80 59.58 -19.73
N ALA D 1347 -38.03 59.64 -19.18
CA ALA D 1347 -38.80 60.84 -19.03
C ALA D 1347 -38.06 61.84 -18.21
N ASP D 1348 -37.27 61.38 -17.24
CA ASP D 1348 -36.54 62.27 -16.38
C ASP D 1348 -35.44 62.91 -17.16
N SER D 1349 -35.80 63.88 -18.03
CA SER D 1349 -34.85 64.54 -18.87
C SER D 1349 -33.92 65.35 -18.02
N GLY D 1350 -34.42 65.87 -16.89
CA GLY D 1350 -33.61 66.71 -16.06
C GLY D 1350 -32.55 65.89 -15.40
N ASN D 1351 -31.67 66.58 -14.64
CA ASN D 1351 -30.59 65.98 -13.92
C ASN D 1351 -29.69 65.31 -14.91
N ASN D 1352 -29.75 65.77 -16.17
CA ASN D 1352 -28.90 65.28 -17.21
C ASN D 1352 -28.91 63.77 -17.24
N ASN D 1353 -30.11 63.17 -17.33
CA ASN D 1353 -30.20 61.73 -17.36
C ASN D 1353 -29.59 61.23 -18.65
N PRO D 1354 -28.62 60.34 -18.53
CA PRO D 1354 -27.94 59.78 -19.67
C PRO D 1354 -28.78 58.85 -20.49
N PHE D 1355 -29.84 58.28 -19.89
CA PHE D 1355 -30.73 57.36 -20.57
C PHE D 1355 -31.67 58.07 -21.50
N PHE D 1356 -32.03 59.33 -21.19
CA PHE D 1356 -32.97 60.08 -21.96
C PHE D 1356 -32.43 60.40 -23.33
N LYS D 1357 -31.17 60.87 -23.43
CA LYS D 1357 -30.65 61.23 -24.72
C LYS D 1357 -29.15 61.22 -24.69
N TYR D 1358 -28.52 61.37 -25.89
CA TYR D 1358 -27.09 61.36 -26.02
C TYR D 1358 -26.67 62.32 -27.10
N HIS D 1359 -25.54 63.02 -26.90
CA HIS D 1359 -25.07 63.97 -27.87
C HIS D 1359 -24.21 63.18 -28.82
N ILE D 1360 -24.50 63.27 -30.13
CA ILE D 1360 -23.80 62.47 -31.11
C ILE D 1360 -22.33 62.78 -31.03
N ARG D 1361 -22.02 64.08 -30.97
CA ARG D 1361 -20.67 64.55 -30.84
C ARG D 1361 -19.95 64.39 -32.14
N SER D 1362 -20.24 63.32 -32.91
CA SER D 1362 -19.53 63.22 -34.14
C SER D 1362 -19.97 64.35 -35.01
N ILE D 1363 -21.23 64.27 -35.51
CA ILE D 1363 -21.81 65.30 -36.33
C ILE D 1363 -22.27 66.46 -35.52
N ASN D 1364 -22.91 66.20 -34.37
CA ASN D 1364 -23.49 67.18 -33.47
C ASN D 1364 -24.86 66.63 -33.26
N GLN D 1365 -25.78 67.51 -32.82
CA GLN D 1365 -27.18 67.25 -32.64
C GLN D 1365 -27.39 66.19 -31.60
N ASP D 1366 -28.37 66.43 -30.70
CA ASP D 1366 -28.68 65.51 -29.65
C ASP D 1366 -29.69 64.52 -30.12
N THR D 1367 -29.84 63.40 -29.39
CA THR D 1367 -30.79 62.40 -29.75
C THR D 1367 -32.14 62.86 -29.29
N VAL D 1368 -33.02 63.25 -30.23
CA VAL D 1368 -34.32 63.72 -29.87
C VAL D 1368 -35.32 62.70 -30.30
N ARG D 1369 -36.49 62.70 -29.63
CA ARG D 1369 -37.52 61.78 -29.97
C ARG D 1369 -38.85 62.48 -29.99
N ASP D 1370 -39.69 62.14 -31.00
CA ASP D 1370 -40.99 62.72 -31.14
C ASP D 1370 -41.98 61.64 -30.82
N VAL D 1371 -42.33 61.50 -29.54
CA VAL D 1371 -43.18 60.41 -29.10
C VAL D 1371 -44.52 60.51 -29.74
N ASN D 1372 -45.13 59.32 -29.95
CA ASN D 1372 -46.43 59.20 -30.53
C ASN D 1372 -47.31 58.68 -29.43
N GLU D 1373 -48.65 58.67 -29.64
CA GLU D 1373 -49.52 58.28 -28.58
C GLU D 1373 -49.17 56.89 -28.12
N ALA D 1374 -49.26 55.91 -29.04
CA ALA D 1374 -48.93 54.55 -28.75
C ALA D 1374 -49.57 54.11 -27.45
N ILE D 1375 -50.90 54.27 -27.28
CA ILE D 1375 -51.51 53.84 -26.05
C ILE D 1375 -52.93 53.41 -26.33
N PHE D 1376 -53.87 53.78 -25.43
CA PHE D 1376 -55.26 53.42 -25.43
C PHE D 1376 -55.41 51.94 -25.30
N GLN D 1377 -56.01 51.50 -24.17
CA GLN D 1377 -56.09 50.09 -23.96
C GLN D 1377 -57.47 49.56 -24.14
N GLN D 1378 -57.68 48.68 -25.13
CA GLN D 1378 -58.95 48.04 -25.28
C GLN D 1378 -59.13 46.82 -24.41
N THR D 1379 -58.17 45.86 -24.47
CA THR D 1379 -58.34 44.63 -23.72
C THR D 1379 -57.01 43.93 -23.64
N LYS D 1380 -56.81 43.20 -22.54
CA LYS D 1380 -55.60 42.51 -22.18
C LYS D 1380 -55.89 41.04 -22.25
N PHE D 1381 -54.86 40.22 -21.96
CA PHE D 1381 -55.04 38.80 -21.88
C PHE D 1381 -55.73 38.27 -23.10
N GLY D 1382 -55.08 38.37 -24.27
CA GLY D 1382 -55.63 37.81 -25.47
C GLY D 1382 -56.33 38.91 -26.21
N GLU D 1383 -56.14 38.95 -27.54
CA GLU D 1383 -56.79 39.94 -28.34
C GLU D 1383 -56.38 41.30 -27.85
N PHE D 1384 -55.14 41.42 -27.36
CA PHE D 1384 -54.65 42.68 -26.90
C PHE D 1384 -54.41 43.54 -28.11
N SER D 1385 -55.07 44.71 -28.18
CA SER D 1385 -54.88 45.56 -29.32
C SER D 1385 -53.56 46.23 -29.17
N SER D 1386 -52.87 46.46 -30.31
CA SER D 1386 -51.60 47.12 -30.38
C SER D 1386 -50.50 46.11 -30.35
N ILE D 1387 -49.34 46.53 -29.82
CA ILE D 1387 -48.07 45.83 -29.91
C ILE D 1387 -48.15 44.38 -29.55
N PHE D 1388 -48.74 44.03 -28.41
CA PHE D 1388 -48.70 42.69 -27.89
C PHE D 1388 -49.14 41.70 -28.92
N TYR D 1389 -50.19 42.02 -29.70
CA TYR D 1389 -50.69 41.08 -30.65
C TYR D 1389 -49.59 40.73 -31.61
N LEU D 1390 -48.82 41.72 -32.10
CA LEU D 1390 -47.80 41.45 -33.06
C LEU D 1390 -46.77 40.54 -32.44
N ALA D 1391 -46.33 40.86 -31.21
CA ALA D 1391 -45.31 40.10 -30.55
C ALA D 1391 -45.83 38.70 -30.31
N LEU D 1392 -47.10 38.60 -29.90
CA LEU D 1392 -47.73 37.35 -29.61
C LEU D 1392 -47.83 36.59 -30.89
N GLN D 1393 -47.99 37.34 -32.00
CA GLN D 1393 -48.11 36.83 -33.34
C GLN D 1393 -46.80 36.25 -33.78
N ALA D 1394 -45.68 36.75 -33.24
CA ALA D 1394 -44.37 36.24 -33.57
C ALA D 1394 -44.15 34.86 -33.01
N LEU D 1395 -44.53 34.68 -31.73
CA LEU D 1395 -44.37 33.43 -31.03
C LEU D 1395 -45.27 32.43 -31.68
N GLU D 1396 -46.43 32.91 -32.15
CA GLU D 1396 -47.45 32.12 -32.76
C GLU D 1396 -46.87 31.42 -33.95
N GLU D 1397 -46.16 32.18 -34.78
CA GLU D 1397 -45.63 31.68 -36.02
C GLU D 1397 -44.65 30.58 -35.70
N ASP D 1398 -44.61 29.55 -36.56
CA ASP D 1398 -43.70 28.45 -36.40
C ASP D 1398 -42.53 28.72 -37.30
N ASN D 1399 -41.46 27.91 -37.19
CA ASN D 1399 -40.34 28.10 -38.07
C ASN D 1399 -39.70 29.41 -37.74
N TYR D 1400 -38.37 29.48 -37.93
CA TYR D 1400 -37.60 30.68 -37.69
C TYR D 1400 -37.73 31.71 -38.77
N CYS D 1401 -37.67 31.27 -40.04
CA CYS D 1401 -37.63 32.15 -41.18
C CYS D 1401 -38.89 32.93 -41.27
N ASP D 1402 -40.03 32.27 -41.04
CA ASP D 1402 -41.31 32.93 -41.06
C ASP D 1402 -41.43 33.78 -39.84
N PHE D 1403 -40.75 33.37 -38.75
CA PHE D 1403 -40.75 34.03 -37.48
C PHE D 1403 -40.01 35.34 -37.51
N GLU D 1404 -38.85 35.37 -38.19
CA GLU D 1404 -37.99 36.51 -38.16
C GLU D 1404 -38.73 37.72 -38.63
N VAL D 1405 -39.57 37.57 -39.67
CA VAL D 1405 -40.27 38.71 -40.20
C VAL D 1405 -41.16 39.29 -39.13
N GLN D 1406 -41.93 38.42 -38.44
CA GLN D 1406 -42.85 38.82 -37.43
C GLN D 1406 -42.06 39.45 -36.33
N TYR D 1407 -40.84 38.93 -36.10
CA TYR D 1407 -39.94 39.38 -35.08
C TYR D 1407 -39.53 40.80 -35.36
N GLU D 1408 -39.09 41.09 -36.59
CA GLU D 1408 -38.60 42.40 -36.93
C GLU D 1408 -39.69 43.42 -36.97
N ILE D 1409 -40.79 43.10 -37.68
CA ILE D 1409 -41.84 44.04 -37.90
C ILE D 1409 -42.36 44.48 -36.57
N LEU D 1410 -42.46 43.54 -35.60
CA LEU D 1410 -42.97 43.87 -34.31
C LEU D 1410 -42.07 44.88 -33.66
N HIS D 1411 -40.75 44.69 -33.81
CA HIS D 1411 -39.71 45.54 -33.32
C HIS D 1411 -39.73 46.86 -34.03
N ASN D 1412 -40.08 46.84 -35.32
CA ASN D 1412 -40.05 48.03 -36.12
C ASN D 1412 -41.02 49.04 -35.59
N GLU D 1413 -42.16 48.58 -35.05
CA GLU D 1413 -43.18 49.48 -34.60
C GLU D 1413 -42.67 50.42 -33.55
N VAL D 1414 -42.01 49.89 -32.50
CA VAL D 1414 -41.60 50.70 -31.39
C VAL D 1414 -40.72 51.81 -31.84
N HIS D 1415 -39.81 51.53 -32.78
CA HIS D 1415 -38.88 52.55 -33.20
C HIS D 1415 -39.62 53.75 -33.69
N ALA D 1416 -40.75 53.55 -34.40
CA ALA D 1416 -41.49 54.65 -34.92
C ALA D 1416 -42.09 55.50 -33.83
N LEU D 1417 -42.78 54.91 -32.85
CA LEU D 1417 -43.47 55.75 -31.90
C LEU D 1417 -42.46 56.55 -31.13
N ILE D 1418 -41.32 55.94 -30.74
CA ILE D 1418 -40.35 56.66 -29.97
C ILE D 1418 -39.69 57.74 -30.78
N GLY D 1419 -39.15 57.39 -31.97
CA GLY D 1419 -38.43 58.33 -32.80
C GLY D 1419 -39.36 59.36 -33.36
N GLY D 1420 -40.59 58.94 -33.70
CA GLY D 1420 -41.54 59.83 -34.29
C GLY D 1420 -41.03 60.21 -35.64
N ALA D 1421 -41.24 61.49 -35.97
CA ALA D 1421 -40.85 62.26 -37.13
C ALA D 1421 -39.43 62.78 -37.16
N GLU D 1422 -38.77 62.90 -36.00
CA GLU D 1422 -37.51 63.62 -35.89
C GLU D 1422 -36.43 63.15 -36.82
N LYS D 1423 -35.55 64.10 -37.22
CA LYS D 1423 -34.49 63.85 -38.16
C LYS D 1423 -33.57 62.77 -37.66
N TYR D 1424 -32.93 63.02 -36.52
CA TYR D 1424 -31.99 62.27 -35.73
C TYR D 1424 -32.61 61.27 -34.81
N SER D 1425 -33.94 61.12 -34.87
CA SER D 1425 -34.71 60.29 -33.96
C SER D 1425 -34.33 58.83 -33.97
N MET D 1426 -35.02 58.09 -33.07
CA MET D 1426 -34.89 56.66 -32.86
C MET D 1426 -35.49 55.92 -34.02
N SER D 1427 -36.43 56.57 -34.73
CA SER D 1427 -37.06 55.97 -35.88
C SER D 1427 -36.17 56.02 -37.09
N THR D 1428 -35.14 56.88 -37.07
CA THR D 1428 -34.31 57.05 -38.23
C THR D 1428 -33.22 56.04 -38.15
N LEU D 1429 -33.22 55.04 -39.05
CA LEU D 1429 -32.34 53.92 -38.93
C LEU D 1429 -30.91 54.38 -38.88
N GLU D 1430 -30.54 55.31 -39.75
CA GLU D 1430 -29.16 55.70 -39.77
C GLU D 1430 -28.76 56.29 -38.45
N TYR D 1431 -29.63 57.03 -37.77
CA TYR D 1431 -29.30 57.63 -36.48
C TYR D 1431 -29.67 56.88 -35.22
N SER D 1432 -30.75 56.08 -35.27
CA SER D 1432 -31.45 55.52 -34.14
C SER D 1432 -30.54 54.81 -33.21
N ALA D 1433 -29.36 54.38 -33.69
CA ALA D 1433 -28.42 53.64 -32.92
C ALA D 1433 -27.93 54.44 -31.74
N PHE D 1434 -27.74 55.76 -31.90
CA PHE D 1434 -27.21 56.63 -30.89
C PHE D 1434 -28.11 56.70 -29.68
N ASP D 1435 -29.44 56.74 -29.88
CA ASP D 1435 -30.39 56.92 -28.82
C ASP D 1435 -30.13 55.93 -27.72
N PRO D 1436 -30.18 56.39 -26.48
CA PRO D 1436 -29.93 55.53 -25.35
C PRO D 1436 -30.92 54.42 -25.26
N TYR D 1437 -32.18 54.70 -25.62
CA TYR D 1437 -33.26 53.76 -25.54
C TYR D 1437 -32.94 52.64 -26.49
N PHE D 1438 -32.42 52.99 -27.67
CA PHE D 1438 -32.14 52.03 -28.71
C PHE D 1438 -31.28 50.92 -28.18
N MET D 1439 -30.19 51.27 -27.48
CA MET D 1439 -29.27 50.26 -27.02
C MET D 1439 -30.00 49.31 -26.11
N ILE D 1440 -30.86 49.83 -25.21
CA ILE D 1440 -31.59 48.99 -24.28
C ILE D 1440 -32.75 48.28 -24.93
N HIS D 1441 -33.47 48.96 -25.84
CA HIS D 1441 -34.69 48.52 -26.45
C HIS D 1441 -34.48 47.22 -27.15
N HIS D 1442 -33.37 47.09 -27.89
CA HIS D 1442 -33.15 45.87 -28.62
C HIS D 1442 -33.08 44.74 -27.66
N ALA D 1443 -32.63 45.01 -26.43
CA ALA D 1443 -32.53 44.00 -25.43
C ALA D 1443 -33.91 43.51 -25.10
N SER D 1444 -34.89 44.42 -25.01
CA SER D 1444 -36.21 43.99 -24.65
C SER D 1444 -36.73 43.06 -25.69
N LEU D 1445 -36.42 43.31 -26.97
CA LEU D 1445 -36.88 42.48 -28.06
C LEU D 1445 -36.17 41.16 -27.95
N ASP D 1446 -34.88 41.20 -27.57
CA ASP D 1446 -34.05 40.04 -27.51
C ASP D 1446 -34.70 39.04 -26.60
N LYS D 1447 -35.30 39.52 -25.50
CA LYS D 1447 -35.92 38.69 -24.51
C LYS D 1447 -37.00 37.87 -25.16
N ILE D 1448 -37.74 38.48 -26.10
CA ILE D 1448 -38.83 37.81 -26.77
C ILE D 1448 -38.27 36.67 -27.57
N TRP D 1449 -37.12 36.90 -28.22
CA TRP D 1449 -36.52 35.89 -29.04
C TRP D 1449 -36.25 34.69 -28.18
N ILE D 1450 -35.68 34.90 -26.98
CA ILE D 1450 -35.33 33.80 -26.12
C ILE D 1450 -36.53 33.00 -25.73
N ILE D 1451 -37.64 33.66 -25.33
CA ILE D 1451 -38.78 32.93 -24.87
C ILE D 1451 -39.26 32.05 -25.97
N TRP D 1452 -39.23 32.57 -27.22
CA TRP D 1452 -39.66 31.85 -28.38
C TRP D 1452 -38.71 30.73 -28.69
N GLN D 1453 -37.40 30.98 -28.54
CA GLN D 1453 -36.40 30.06 -29.00
C GLN D 1453 -36.62 28.70 -28.41
N GLU D 1454 -36.66 28.60 -27.07
CA GLU D 1454 -36.87 27.35 -26.39
C GLU D 1454 -38.31 26.95 -26.47
N LEU D 1455 -39.21 27.93 -26.68
CA LEU D 1455 -40.62 27.66 -26.65
C LEU D 1455 -40.91 26.66 -27.72
N GLN D 1456 -40.22 26.80 -28.87
CA GLN D 1456 -40.42 26.00 -30.03
C GLN D 1456 -40.05 24.57 -29.69
N LYS D 1457 -39.04 24.40 -28.82
CA LYS D 1457 -38.50 23.13 -28.42
C LYS D 1457 -39.61 22.31 -27.83
N ARG D 1458 -40.54 22.95 -27.10
CA ARG D 1458 -41.61 22.24 -26.47
C ARG D 1458 -42.47 21.62 -27.52
N ARG D 1459 -42.51 22.27 -28.70
CA ARG D 1459 -43.26 21.95 -29.89
C ARG D 1459 -42.70 20.79 -30.65
N VAL D 1460 -41.48 20.32 -30.28
CA VAL D 1460 -40.75 19.26 -30.94
C VAL D 1460 -40.37 19.75 -32.30
N LYS D 1461 -40.33 21.08 -32.45
CA LYS D 1461 -39.85 21.67 -33.67
C LYS D 1461 -38.82 22.69 -33.27
N PRO D 1462 -37.63 22.25 -32.92
CA PRO D 1462 -36.63 23.20 -32.53
C PRO D 1462 -36.06 23.95 -33.68
N ALA D 1463 -36.12 25.29 -33.67
CA ALA D 1463 -35.52 26.01 -34.76
C ALA D 1463 -34.74 27.17 -34.21
N HIS D 1464 -33.41 27.02 -34.02
CA HIS D 1464 -32.58 28.16 -33.71
C HIS D 1464 -31.64 28.61 -34.79
N ALA D 1465 -30.69 27.69 -35.08
CA ALA D 1465 -29.51 27.86 -35.88
C ALA D 1465 -29.92 27.70 -37.30
N GLY D 1466 -29.10 26.98 -38.08
CA GLY D 1466 -29.43 26.78 -39.46
C GLY D 1466 -30.77 26.12 -39.52
N SER D 1467 -31.66 26.71 -40.34
CA SER D 1467 -33.01 26.28 -40.53
C SER D 1467 -33.23 26.36 -41.99
N CYS D 1468 -34.09 27.29 -42.47
CA CYS D 1468 -34.18 27.37 -43.90
C CYS D 1468 -33.07 28.12 -44.60
N ALA D 1469 -33.05 29.48 -44.51
CA ALA D 1469 -32.11 30.21 -45.31
C ALA D 1469 -30.95 30.51 -44.42
N GLY D 1470 -30.10 29.48 -44.26
CA GLY D 1470 -28.89 29.41 -43.49
C GLY D 1470 -27.71 30.05 -44.16
N ASP D 1471 -27.70 30.07 -45.52
CA ASP D 1471 -26.53 30.47 -46.26
C ASP D 1471 -26.11 31.82 -45.80
N ILE D 1472 -27.08 32.67 -45.47
CA ILE D 1472 -26.81 34.01 -45.02
C ILE D 1472 -26.06 33.95 -43.72
N MET D 1473 -26.41 33.00 -42.84
CA MET D 1473 -25.82 32.88 -41.53
C MET D 1473 -24.38 32.48 -41.54
N HIS D 1474 -23.93 31.62 -42.47
CA HIS D 1474 -22.55 31.21 -42.41
C HIS D 1474 -21.66 32.29 -42.94
N VAL D 1475 -21.52 33.36 -42.13
CA VAL D 1475 -20.67 34.49 -42.38
C VAL D 1475 -20.77 35.34 -41.15
N PRO D 1476 -19.68 35.87 -40.67
CA PRO D 1476 -19.65 36.64 -39.44
C PRO D 1476 -20.37 37.94 -39.58
N LEU D 1477 -20.94 38.45 -38.47
CA LEU D 1477 -21.68 39.68 -38.48
C LEU D 1477 -20.72 40.83 -38.58
N HIS D 1478 -20.95 41.73 -39.55
CA HIS D 1478 -20.09 42.85 -39.74
C HIS D 1478 -20.64 44.01 -38.96
N PRO D 1479 -19.85 44.91 -38.43
CA PRO D 1479 -18.40 44.92 -38.46
C PRO D 1479 -17.79 44.19 -37.30
N PHE D 1480 -18.54 43.38 -36.56
CA PHE D 1480 -18.06 42.77 -35.35
C PHE D 1480 -16.79 42.00 -35.60
N ASN D 1481 -16.68 41.30 -36.74
CA ASN D 1481 -15.47 40.60 -37.07
C ASN D 1481 -14.38 41.54 -37.53
N TYR D 1482 -14.71 42.57 -38.32
CA TYR D 1482 -13.70 43.44 -38.88
C TYR D 1482 -12.88 44.03 -37.78
N GLU D 1483 -11.55 44.11 -38.00
CA GLU D 1483 -10.67 44.59 -36.99
C GLU D 1483 -10.86 46.06 -36.80
N SER D 1484 -11.71 46.42 -35.82
CA SER D 1484 -11.95 47.79 -35.45
C SER D 1484 -13.21 47.79 -34.64
N VAL D 1485 -13.58 46.61 -34.10
CA VAL D 1485 -14.78 46.51 -33.32
C VAL D 1485 -14.49 46.95 -31.95
N ASN D 1486 -15.44 46.60 -31.06
CA ASN D 1486 -15.41 46.89 -29.66
C ASN D 1486 -14.19 46.24 -29.10
N ASN D 1487 -13.61 45.27 -29.85
CA ASN D 1487 -12.41 44.59 -29.43
C ASN D 1487 -12.73 43.78 -28.23
N ASP D 1488 -14.03 43.50 -28.05
CA ASP D 1488 -14.48 42.65 -27.00
C ASP D 1488 -14.17 41.26 -27.47
N ASP D 1489 -13.41 40.49 -26.67
CA ASP D 1489 -12.95 39.21 -27.11
C ASP D 1489 -14.13 38.36 -27.51
N PHE D 1490 -15.24 38.42 -26.75
CA PHE D 1490 -16.37 37.61 -27.10
C PHE D 1490 -16.91 38.03 -28.43
N THR D 1491 -17.12 39.33 -28.61
CA THR D 1491 -17.73 39.87 -29.79
C THR D 1491 -16.91 39.64 -31.01
N ARG D 1492 -15.63 40.09 -30.96
CA ARG D 1492 -14.81 40.06 -32.12
C ARG D 1492 -14.70 38.65 -32.61
N GLU D 1493 -14.52 37.68 -31.68
CA GLU D 1493 -14.42 36.29 -32.03
C GLU D 1493 -15.74 35.63 -32.35
N ASN D 1494 -16.72 35.71 -31.42
CA ASN D 1494 -17.92 34.94 -31.55
C ASN D 1494 -18.92 35.74 -32.32
N SER D 1495 -18.44 36.39 -33.40
CA SER D 1495 -19.24 37.20 -34.25
C SER D 1495 -20.09 36.30 -35.10
N LEU D 1496 -19.72 35.01 -35.19
CA LEU D 1496 -20.40 34.10 -36.09
C LEU D 1496 -21.82 33.93 -35.61
N PRO D 1497 -22.74 34.00 -36.55
CA PRO D 1497 -24.16 33.95 -36.24
C PRO D 1497 -24.59 32.69 -35.55
N ASN D 1498 -24.01 31.54 -35.92
CA ASN D 1498 -24.38 30.29 -35.34
C ASN D 1498 -24.07 30.36 -33.88
N ALA D 1499 -22.98 31.06 -33.51
CA ALA D 1499 -22.56 31.21 -32.13
C ALA D 1499 -23.49 32.09 -31.34
N VAL D 1500 -23.94 33.20 -31.94
CA VAL D 1500 -24.78 34.22 -31.36
C VAL D 1500 -26.14 33.68 -31.07
N VAL D 1501 -26.50 32.55 -31.70
CA VAL D 1501 -27.83 32.02 -31.57
C VAL D 1501 -28.14 31.73 -30.13
N ASP D 1502 -27.15 31.27 -29.34
CA ASP D 1502 -27.40 30.95 -27.95
C ASP D 1502 -26.92 32.09 -27.10
N SER D 1503 -27.83 32.66 -26.26
CA SER D 1503 -27.55 33.78 -25.41
C SER D 1503 -26.72 33.40 -24.20
N HIS D 1504 -26.84 32.15 -23.73
CA HIS D 1504 -26.20 31.70 -22.53
C HIS D 1504 -24.71 31.78 -22.68
N ARG D 1505 -24.20 31.82 -23.92
CA ARG D 1505 -22.77 31.93 -24.11
C ARG D 1505 -22.20 33.30 -23.77
N PHE D 1506 -22.99 34.37 -23.98
CA PHE D 1506 -22.66 35.77 -23.81
C PHE D 1506 -22.58 36.19 -22.36
N ASN D 1507 -22.96 35.30 -21.41
CA ASN D 1507 -22.81 35.61 -20.01
C ASN D 1507 -23.84 36.61 -19.57
N TYR D 1508 -25.13 36.40 -19.92
CA TYR D 1508 -26.12 37.24 -19.31
C TYR D 1508 -27.43 36.49 -19.32
N LYS D 1509 -28.36 36.86 -18.41
CA LYS D 1509 -29.63 36.19 -18.30
C LYS D 1509 -30.65 37.22 -17.96
N TYR D 1510 -31.95 36.93 -18.23
CA TYR D 1510 -33.03 37.82 -17.92
C TYR D 1510 -33.62 37.40 -16.62
N ASP D 1511 -34.15 38.37 -15.86
CA ASP D 1511 -34.75 38.09 -14.58
C ASP D 1511 -35.90 37.13 -14.80
N ASN D 1512 -36.61 37.21 -15.94
CA ASN D 1512 -37.66 36.25 -16.15
C ASN D 1512 -37.89 36.05 -17.63
N LEU D 1513 -38.57 34.94 -17.97
CA LEU D 1513 -39.07 34.53 -19.26
C LEU D 1513 -40.46 35.05 -19.59
N ASN D 1514 -41.17 35.67 -18.63
CA ASN D 1514 -42.57 36.02 -18.78
C ASN D 1514 -42.79 37.23 -19.66
N LEU D 1515 -43.87 37.19 -20.47
CA LEU D 1515 -44.25 38.29 -21.33
C LEU D 1515 -45.66 38.68 -20.98
N HIS D 1516 -45.87 39.99 -20.74
CA HIS D 1516 -47.19 40.50 -20.49
C HIS D 1516 -47.74 39.81 -19.28
N GLY D 1517 -46.86 39.43 -18.34
CA GLY D 1517 -47.27 38.85 -17.09
C GLY D 1517 -47.66 37.41 -17.30
N HIS D 1518 -47.24 36.79 -18.42
CA HIS D 1518 -47.62 35.41 -18.63
C HIS D 1518 -46.38 34.57 -18.64
N ASN D 1519 -46.43 33.40 -17.97
CA ASN D 1519 -45.26 32.55 -17.95
C ASN D 1519 -45.27 31.74 -19.20
N ILE D 1520 -44.17 31.03 -19.47
CA ILE D 1520 -44.06 30.33 -20.72
C ILE D 1520 -45.19 29.36 -20.89
N GLU D 1521 -45.50 28.58 -19.85
CA GLU D 1521 -46.58 27.64 -19.94
C GLU D 1521 -47.88 28.37 -20.06
N GLU D 1522 -48.02 29.48 -19.30
CA GLU D 1522 -49.24 30.25 -19.25
C GLU D 1522 -49.51 30.88 -20.59
N LEU D 1523 -48.48 31.49 -21.20
CA LEU D 1523 -48.54 32.20 -22.44
C LEU D 1523 -48.85 31.23 -23.53
N GLU D 1524 -48.31 30.01 -23.43
CA GLU D 1524 -48.53 29.04 -24.46
C GLU D 1524 -50.01 28.85 -24.60
N GLU D 1525 -50.77 29.00 -23.50
CA GLU D 1525 -52.20 28.84 -23.58
C GLU D 1525 -52.83 29.90 -24.45
N VAL D 1526 -52.36 31.16 -24.31
CA VAL D 1526 -52.97 32.27 -25.01
C VAL D 1526 -52.83 32.04 -26.48
N LEU D 1527 -51.69 31.46 -26.90
CA LEU D 1527 -51.39 31.20 -28.29
C LEU D 1527 -52.44 30.29 -28.83
N ARG D 1528 -52.88 29.34 -27.99
CA ARG D 1528 -53.83 28.34 -28.36
C ARG D 1528 -55.13 28.99 -28.72
N SER D 1529 -55.43 30.16 -28.13
CA SER D 1529 -56.66 30.84 -28.38
C SER D 1529 -56.77 31.25 -29.83
N LEU D 1530 -55.69 31.81 -30.41
CA LEU D 1530 -55.71 32.31 -31.77
C LEU D 1530 -55.97 31.18 -32.71
N ARG D 1531 -55.34 30.02 -32.46
CA ARG D 1531 -55.44 28.85 -33.29
C ARG D 1531 -56.88 28.43 -33.30
N LEU D 1532 -57.61 28.77 -32.23
CA LEU D 1532 -58.99 28.45 -32.04
C LEU D 1532 -59.86 29.11 -33.06
N LYS D 1533 -59.48 30.31 -33.58
CA LYS D 1533 -60.39 30.93 -34.51
C LYS D 1533 -59.71 31.21 -35.82
N SER D 1534 -60.43 30.93 -36.92
CA SER D 1534 -59.89 31.12 -38.23
C SER D 1534 -59.71 32.59 -38.43
N ARG D 1535 -58.54 32.98 -38.99
CA ARG D 1535 -58.25 34.37 -39.18
C ARG D 1535 -57.69 34.52 -40.57
N VAL D 1536 -58.08 35.60 -41.27
CA VAL D 1536 -57.57 35.81 -42.59
C VAL D 1536 -56.45 36.79 -42.46
N PHE D 1537 -55.35 36.57 -43.22
CA PHE D 1537 -54.16 37.38 -43.13
C PHE D 1537 -53.87 37.98 -44.48
N ALA D 1538 -53.16 39.14 -44.50
CA ALA D 1538 -52.80 39.76 -45.74
C ALA D 1538 -51.32 39.59 -45.91
N GLY D 1539 -50.91 38.76 -46.89
CA GLY D 1539 -49.52 38.46 -47.09
C GLY D 1539 -48.79 39.64 -47.65
N PHE D 1540 -47.52 39.81 -47.23
CA PHE D 1540 -46.68 40.87 -47.73
C PHE D 1540 -45.27 40.38 -47.97
N VAL D 1541 -44.79 40.63 -49.19
CA VAL D 1541 -43.51 40.40 -49.83
C VAL D 1541 -42.52 41.52 -49.66
N LEU D 1542 -42.64 42.38 -48.61
CA LEU D 1542 -41.86 43.58 -48.45
C LEU D 1542 -40.44 43.45 -48.90
N SER D 1543 -39.94 44.53 -49.55
CA SER D 1543 -38.60 44.61 -50.08
C SER D 1543 -38.03 45.94 -49.67
N GLY D 1544 -36.68 46.03 -49.67
CA GLY D 1544 -36.00 47.21 -49.20
C GLY D 1544 -36.35 48.43 -49.98
N ILE D 1545 -37.06 49.35 -49.31
CA ILE D 1545 -37.43 50.67 -49.76
C ILE D 1545 -36.27 51.62 -49.73
N ARG D 1546 -35.20 51.27 -48.97
CA ARG D 1546 -34.05 52.12 -48.87
C ARG D 1546 -34.38 53.30 -48.02
N THR D 1547 -35.44 53.17 -47.20
CA THR D 1547 -35.81 54.22 -46.30
C THR D 1547 -36.72 53.65 -45.25
N THR D 1548 -36.88 54.33 -44.10
CA THR D 1548 -37.81 53.89 -43.08
C THR D 1548 -39.08 54.63 -43.31
N ALA D 1549 -40.23 53.95 -43.13
CA ALA D 1549 -41.48 54.61 -43.34
C ALA D 1549 -42.59 53.78 -42.77
N VAL D 1550 -43.84 54.29 -42.89
CA VAL D 1550 -45.02 53.68 -42.37
C VAL D 1550 -45.91 53.34 -43.54
N VAL D 1551 -46.88 52.40 -43.36
CA VAL D 1551 -47.82 52.11 -44.39
C VAL D 1551 -49.18 52.00 -43.73
N LYS D 1552 -50.23 52.51 -44.39
CA LYS D 1552 -51.55 52.36 -43.83
C LYS D 1552 -52.28 51.44 -44.74
N VAL D 1553 -52.67 50.26 -44.23
CA VAL D 1553 -53.34 49.34 -45.09
C VAL D 1553 -54.79 49.71 -45.10
N TYR D 1554 -55.33 50.00 -46.31
CA TYR D 1554 -56.72 50.37 -46.42
C TYR D 1554 -57.45 49.33 -47.22
N ILE D 1555 -58.56 48.82 -46.66
CA ILE D 1555 -59.33 47.81 -47.32
C ILE D 1555 -60.47 48.47 -48.05
N LYS D 1556 -60.69 48.07 -49.32
CA LYS D 1556 -61.74 48.65 -50.12
C LYS D 1556 -63.05 48.09 -49.66
N SER D 1557 -64.12 48.90 -49.81
CA SER D 1557 -65.44 48.50 -49.39
C SER D 1557 -66.28 48.36 -50.60
N GLY D 1558 -67.32 47.52 -50.50
CA GLY D 1558 -68.18 47.29 -51.62
C GLY D 1558 -68.94 48.52 -51.95
N THR D 1559 -69.39 49.28 -50.93
CA THR D 1559 -70.30 50.33 -51.27
C THR D 1559 -69.77 51.34 -52.25
N ASP D 1560 -69.11 52.40 -51.77
CA ASP D 1560 -68.58 53.38 -52.69
C ASP D 1560 -67.20 53.03 -53.09
N SER D 1561 -66.36 52.94 -52.05
CA SER D 1561 -64.96 52.69 -52.14
C SER D 1561 -64.44 53.13 -50.81
N ASP D 1562 -65.34 53.18 -49.80
CA ASP D 1562 -64.91 53.67 -48.54
C ASP D 1562 -63.85 52.78 -48.04
N ASP D 1563 -62.72 53.39 -47.65
CA ASP D 1563 -61.59 52.65 -47.17
C ASP D 1563 -61.83 52.36 -45.73
N GLU D 1564 -60.85 51.73 -45.07
CA GLU D 1564 -60.98 51.47 -43.66
C GLU D 1564 -59.61 51.30 -43.10
N TYR D 1565 -59.44 51.64 -41.80
CA TYR D 1565 -58.14 51.55 -41.22
C TYR D 1565 -57.96 50.13 -40.79
N ALA D 1566 -57.46 49.32 -41.74
CA ALA D 1566 -57.20 47.92 -41.55
C ALA D 1566 -56.14 47.80 -40.51
N GLY D 1567 -55.23 48.78 -40.46
CA GLY D 1567 -54.20 48.75 -39.48
C GLY D 1567 -53.03 49.47 -40.09
N SER D 1568 -51.84 49.34 -39.47
CA SER D 1568 -50.67 49.95 -40.06
C SER D 1568 -49.45 49.29 -39.50
N PHE D 1569 -48.40 49.16 -40.34
CA PHE D 1569 -47.14 48.60 -39.93
C PHE D 1569 -46.04 49.47 -40.44
N VAL D 1570 -44.82 49.31 -39.91
CA VAL D 1570 -43.74 50.17 -40.28
C VAL D 1570 -42.61 49.40 -40.87
N ILE D 1571 -41.88 50.03 -41.82
CA ILE D 1571 -40.77 49.39 -42.47
C ILE D 1571 -39.55 50.24 -42.26
N LEU D 1572 -38.57 49.71 -41.50
CA LEU D 1572 -37.37 50.45 -41.20
C LEU D 1572 -36.42 50.38 -42.35
N GLY D 1573 -35.53 51.41 -42.42
CA GLY D 1573 -34.55 51.46 -43.46
C GLY D 1573 -34.07 52.86 -43.61
N GLY D 1574 -33.33 53.13 -44.70
CA GLY D 1574 -32.88 54.47 -44.93
C GLY D 1574 -31.80 54.43 -45.97
N ALA D 1575 -31.63 55.59 -46.66
CA ALA D 1575 -30.64 55.98 -47.64
C ALA D 1575 -29.76 54.84 -48.03
N LYS D 1576 -28.43 54.98 -48.06
CA LYS D 1576 -27.71 53.85 -48.60
C LYS D 1576 -27.61 52.65 -47.68
N GLU D 1577 -28.73 51.94 -47.47
CA GLU D 1577 -28.78 50.73 -46.70
C GLU D 1577 -28.50 49.60 -47.65
N MET D 1578 -28.06 48.44 -47.12
CA MET D 1578 -27.77 47.31 -47.96
C MET D 1578 -29.08 46.69 -48.37
N PRO D 1579 -29.12 46.20 -49.58
CA PRO D 1579 -30.35 45.68 -50.12
C PRO D 1579 -30.87 44.48 -49.40
N TRP D 1580 -32.21 44.38 -49.24
CA TRP D 1580 -32.82 43.27 -48.55
C TRP D 1580 -34.17 43.01 -49.16
N ALA D 1581 -34.67 41.77 -49.00
CA ALA D 1581 -35.99 41.45 -49.45
C ALA D 1581 -36.48 40.26 -48.68
N TYR D 1582 -37.71 40.32 -48.14
CA TYR D 1582 -38.17 39.22 -47.36
C TYR D 1582 -38.51 38.06 -48.25
N GLU D 1583 -37.76 36.96 -48.06
CA GLU D 1583 -37.93 35.73 -48.78
C GLU D 1583 -39.24 35.15 -48.36
N ARG D 1584 -39.55 35.29 -47.06
CA ARG D 1584 -40.75 34.77 -46.46
C ARG D 1584 -41.81 35.84 -46.46
N LEU D 1585 -43.09 35.43 -46.34
CA LEU D 1585 -44.20 36.35 -46.32
C LEU D 1585 -44.37 36.94 -44.95
N TYR D 1586 -44.99 38.13 -44.90
CA TYR D 1586 -45.19 38.86 -43.67
C TYR D 1586 -46.63 38.70 -43.26
N ARG D 1587 -46.88 37.82 -42.26
CA ARG D 1587 -48.23 37.57 -41.83
C ARG D 1587 -48.79 38.77 -41.15
N PHE D 1588 -49.90 39.31 -41.68
CA PHE D 1588 -50.55 40.47 -41.14
C PHE D 1588 -52.01 40.16 -41.05
N ASP D 1589 -52.65 40.36 -39.87
CA ASP D 1589 -54.02 39.96 -39.67
C ASP D 1589 -54.98 41.08 -39.95
N ILE D 1590 -55.77 40.91 -41.02
CA ILE D 1590 -56.88 41.71 -41.50
C ILE D 1590 -58.25 41.28 -41.04
N THR D 1591 -58.39 40.09 -40.41
CA THR D 1591 -59.64 39.38 -40.30
C THR D 1591 -60.86 40.23 -40.01
N GLU D 1592 -60.93 40.95 -38.88
CA GLU D 1592 -62.14 41.66 -38.54
C GLU D 1592 -62.49 42.62 -39.64
N THR D 1593 -61.47 43.30 -40.20
CA THR D 1593 -61.70 44.31 -41.18
C THR D 1593 -62.41 43.72 -42.36
N VAL D 1594 -61.98 42.54 -42.84
CA VAL D 1594 -62.58 41.96 -44.01
C VAL D 1594 -64.00 41.54 -43.76
N HIS D 1595 -64.31 40.99 -42.57
CA HIS D 1595 -65.63 40.50 -42.32
C HIS D 1595 -66.64 41.62 -42.36
N ASN D 1596 -66.24 42.85 -41.98
CA ASN D 1596 -67.20 43.92 -41.96
C ASN D 1596 -67.76 44.13 -43.34
N LEU D 1597 -66.86 44.23 -44.33
CA LEU D 1597 -67.10 44.43 -45.73
C LEU D 1597 -67.70 43.18 -46.28
N ASN D 1598 -67.42 42.05 -45.60
CA ASN D 1598 -67.86 40.73 -45.97
C ASN D 1598 -67.36 40.33 -47.32
N LEU D 1599 -66.01 40.19 -47.44
CA LEU D 1599 -65.44 39.69 -48.66
C LEU D 1599 -64.74 38.38 -48.37
N THR D 1600 -64.37 37.65 -49.44
CA THR D 1600 -63.76 36.35 -49.31
C THR D 1600 -62.32 36.44 -49.69
N ASP D 1601 -61.47 35.62 -49.04
CA ASP D 1601 -60.05 35.69 -49.27
C ASP D 1601 -59.72 35.35 -50.69
N ASP D 1602 -60.22 34.21 -51.20
CA ASP D 1602 -59.96 33.80 -52.56
C ASP D 1602 -60.72 34.63 -53.54
N HIS D 1603 -61.96 35.04 -53.18
CA HIS D 1603 -62.80 35.75 -54.11
C HIS D 1603 -62.29 37.15 -54.23
N VAL D 1604 -62.86 37.92 -55.18
CA VAL D 1604 -62.35 39.24 -55.48
C VAL D 1604 -62.20 40.05 -54.23
N LYS D 1605 -60.92 40.18 -53.79
CA LYS D 1605 -60.62 40.95 -52.62
C LYS D 1605 -59.24 41.52 -52.79
N PHE D 1606 -59.16 42.86 -52.84
CA PHE D 1606 -57.89 43.53 -53.02
C PHE D 1606 -58.04 44.87 -52.34
N ARG D 1607 -56.92 45.54 -51.98
CA ARG D 1607 -57.04 46.80 -51.30
C ARG D 1607 -55.90 47.69 -51.71
N PHE D 1608 -56.08 49.03 -51.54
CA PHE D 1608 -55.01 49.96 -51.85
C PHE D 1608 -54.59 50.67 -50.61
N ASP D 1609 -53.32 50.47 -50.19
CA ASP D 1609 -52.74 51.06 -49.01
C ASP D 1609 -52.05 52.34 -49.40
N LEU D 1610 -51.67 53.15 -48.37
CA LEU D 1610 -50.95 54.37 -48.58
C LEU D 1610 -49.80 54.35 -47.61
N LYS D 1611 -48.55 54.51 -48.09
CA LYS D 1611 -47.42 54.48 -47.20
C LYS D 1611 -46.82 55.85 -47.10
N LYS D 1612 -46.10 56.12 -45.98
CA LYS D 1612 -45.54 57.43 -45.83
C LYS D 1612 -44.24 57.39 -45.08
N TYR D 1613 -43.31 58.27 -45.51
CA TYR D 1613 -42.01 58.52 -44.97
C TYR D 1613 -42.21 59.02 -43.57
N ASP D 1614 -41.11 59.28 -42.81
CA ASP D 1614 -41.22 59.69 -41.44
C ASP D 1614 -42.19 60.83 -41.35
N HIS D 1615 -42.03 61.92 -42.15
CA HIS D 1615 -43.05 62.94 -42.21
C HIS D 1615 -43.95 62.97 -43.41
N THR D 1616 -43.38 62.83 -44.63
CA THR D 1616 -44.12 63.14 -45.83
C THR D 1616 -44.45 61.94 -46.65
N GLU D 1617 -45.22 62.18 -47.75
CA GLU D 1617 -45.70 61.19 -48.67
C GLU D 1617 -44.61 60.71 -49.57
N LEU D 1618 -44.71 59.42 -49.99
CA LEU D 1618 -43.78 58.82 -50.89
C LEU D 1618 -44.50 57.86 -51.79
N ASP D 1619 -43.79 57.33 -52.82
CA ASP D 1619 -44.41 56.45 -53.78
C ASP D 1619 -45.00 55.25 -53.12
N ALA D 1620 -46.33 55.23 -53.07
CA ALA D 1620 -47.13 54.18 -52.55
C ALA D 1620 -46.98 52.99 -53.44
N SER D 1621 -46.57 53.25 -54.70
CA SER D 1621 -46.58 52.30 -55.78
C SER D 1621 -46.07 50.95 -55.36
N VAL D 1622 -44.80 50.80 -54.96
CA VAL D 1622 -44.32 49.47 -54.68
C VAL D 1622 -45.07 48.92 -53.50
N LEU D 1623 -46.12 48.10 -53.75
CA LEU D 1623 -46.87 47.59 -52.63
C LEU D 1623 -46.01 46.64 -51.85
N PRO D 1624 -45.58 45.50 -52.35
CA PRO D 1624 -46.05 44.91 -53.59
C PRO D 1624 -47.29 44.10 -53.30
N ALA D 1625 -48.21 43.98 -54.28
CA ALA D 1625 -49.55 43.42 -54.16
C ALA D 1625 -49.63 42.33 -53.12
N PRO D 1626 -50.50 42.60 -52.17
CA PRO D 1626 -50.72 41.76 -51.00
C PRO D 1626 -51.09 40.37 -51.40
N ILE D 1627 -50.47 39.36 -50.73
CA ILE D 1627 -50.76 38.00 -51.08
C ILE D 1627 -51.56 37.41 -49.95
N ILE D 1628 -52.89 37.48 -50.06
CA ILE D 1628 -53.80 37.03 -49.03
C ILE D 1628 -53.52 35.62 -48.65
N VAL D 1629 -53.55 35.34 -47.32
CA VAL D 1629 -53.36 34.01 -46.82
C VAL D 1629 -54.33 33.79 -45.69
N ARG D 1630 -55.06 32.64 -45.69
CA ARG D 1630 -56.00 32.38 -44.65
C ARG D 1630 -55.46 31.27 -43.79
N ARG D 1631 -55.48 31.50 -42.46
CA ARG D 1631 -54.95 30.54 -41.53
C ARG D 1631 -56.13 29.91 -40.84
N PRO D 1632 -56.40 28.67 -41.16
CA PRO D 1632 -57.51 27.96 -40.61
C PRO D 1632 -57.37 27.86 -39.13
N ASN D 1633 -58.50 27.71 -38.42
CA ASN D 1633 -58.59 27.60 -37.00
C ASN D 1633 -57.99 26.28 -36.62
N ASN D 1634 -58.66 25.52 -35.72
CA ASN D 1634 -58.19 24.26 -35.19
C ASN D 1634 -57.58 23.46 -36.28
N ALA D 1635 -56.66 22.55 -35.92
CA ALA D 1635 -55.92 21.85 -36.94
C ALA D 1635 -55.31 22.89 -37.83
N VAL D 1636 -54.20 23.49 -37.34
CA VAL D 1636 -53.45 24.52 -38.01
C VAL D 1636 -52.14 23.97 -38.52
N PHE D 1637 -51.20 24.91 -38.73
CA PHE D 1637 -49.87 24.72 -39.27
C PHE D 1637 -49.95 24.26 -40.68
N ASP D 1638 -51.14 24.41 -41.31
CA ASP D 1638 -51.39 24.15 -42.71
C ASP D 1638 -51.06 25.38 -43.51
N ILE D 1639 -51.70 26.50 -43.09
CA ILE D 1639 -51.70 27.79 -43.75
C ILE D 1639 -52.01 27.69 -45.22
N ILE D 1640 -52.96 28.51 -45.71
CA ILE D 1640 -53.29 28.45 -47.11
C ILE D 1640 -52.75 29.71 -47.72
N GLU D 1641 -52.24 29.61 -48.97
CA GLU D 1641 -51.64 30.76 -49.58
C GLU D 1641 -52.34 31.03 -50.88
N ILE D 1642 -52.99 32.22 -50.99
CA ILE D 1642 -53.68 32.54 -52.20
C ILE D 1642 -52.95 33.70 -52.83
N PRO D 1643 -52.22 33.44 -53.88
CA PRO D 1643 -51.46 34.43 -54.59
C PRO D 1643 -52.44 35.27 -55.35
N ILE D 1644 -52.28 35.40 -56.68
CA ILE D 1644 -53.29 36.14 -57.39
C ILE D 1644 -53.14 35.87 -58.85
N GLY D 1645 -54.05 36.46 -59.66
CA GLY D 1645 -54.01 36.27 -61.08
C GLY D 1645 -54.23 37.60 -61.71
N LYS D 1646 -53.18 38.13 -62.36
CA LYS D 1646 -53.22 39.37 -63.06
C LYS D 1646 -52.98 40.52 -62.14
N ASP D 1647 -52.15 41.48 -62.62
CA ASP D 1647 -51.78 42.67 -61.91
C ASP D 1647 -51.12 42.32 -60.61
N VAL D 1648 -50.45 41.16 -60.55
CA VAL D 1648 -49.75 40.75 -59.34
C VAL D 1648 -48.35 41.28 -59.42
N ASN D 1649 -47.73 41.61 -58.26
CA ASN D 1649 -46.39 42.13 -58.33
C ASN D 1649 -45.56 41.59 -57.20
N LEU D 1650 -44.63 40.64 -57.47
CA LEU D 1650 -43.73 40.17 -56.44
C LEU D 1650 -42.81 39.10 -56.99
N PRO D 1651 -41.64 39.05 -56.42
CA PRO D 1651 -40.62 38.07 -56.77
C PRO D 1651 -40.97 36.74 -56.20
N PRO D 1652 -40.12 35.76 -56.27
CA PRO D 1652 -40.42 34.46 -55.72
C PRO D 1652 -40.73 34.54 -54.26
N LYS D 1653 -41.95 34.13 -53.87
CA LYS D 1653 -42.37 34.17 -52.50
C LYS D 1653 -42.22 32.79 -51.94
N VAL D 1654 -41.64 32.67 -50.73
CA VAL D 1654 -41.49 31.33 -50.24
C VAL D 1654 -42.26 31.22 -48.94
N VAL D 1655 -43.43 30.56 -49.01
CA VAL D 1655 -44.27 30.34 -47.86
C VAL D 1655 -43.60 29.35 -46.97
N VAL D 1656 -42.83 28.42 -47.56
CA VAL D 1656 -42.03 27.51 -46.79
C VAL D 1656 -42.96 26.71 -45.93
N LYS D 1657 -42.46 26.28 -44.75
CA LYS D 1657 -43.26 25.52 -43.84
C LYS D 1657 -43.84 24.37 -44.58
N ARG D 1658 -42.99 23.39 -44.91
CA ARG D 1658 -43.37 22.25 -45.70
C ARG D 1658 -44.67 21.71 -45.18
N GLY D 1659 -45.64 21.53 -46.10
CA GLY D 1659 -46.95 21.10 -45.72
C GLY D 1659 -47.93 22.22 -45.93
N THR D 1660 -47.45 23.43 -46.32
CA THR D 1660 -48.34 24.54 -46.52
C THR D 1660 -49.18 24.33 -47.76
N LYS D 1661 -50.27 25.12 -47.88
CA LYS D 1661 -51.19 25.01 -48.97
C LYS D 1661 -51.04 26.21 -49.86
N ILE D 1662 -51.28 26.04 -51.17
CA ILE D 1662 -51.14 27.10 -52.13
C ILE D 1662 -52.34 27.11 -53.04
N MET D 1663 -52.59 28.27 -53.70
CA MET D 1663 -53.75 28.41 -54.55
C MET D 1663 -53.43 29.51 -55.54
N PHE D 1664 -54.46 30.30 -55.91
CA PHE D 1664 -54.23 31.46 -56.74
C PHE D 1664 -55.50 32.27 -56.73
N MET D 1665 -55.39 33.60 -56.96
CA MET D 1665 -56.54 34.46 -56.98
C MET D 1665 -56.99 34.63 -58.40
N SER D 1666 -58.24 34.24 -58.69
CA SER D 1666 -58.83 34.32 -59.99
C SER D 1666 -59.22 35.73 -60.29
N VAL D 1667 -58.77 36.70 -59.46
CA VAL D 1667 -59.14 38.09 -59.59
C VAL D 1667 -59.00 38.51 -61.03
N ASP D 1668 -59.98 39.30 -61.50
CA ASP D 1668 -60.04 39.73 -62.87
C ASP D 1668 -60.48 38.55 -63.67
N GLU D 1669 -61.76 38.57 -64.10
CA GLU D 1669 -62.38 37.51 -64.84
C GLU D 1669 -61.71 37.41 -66.18
N ALA D 1670 -61.12 38.52 -66.64
CA ALA D 1670 -60.54 38.56 -67.95
C ALA D 1670 -59.55 37.45 -68.07
N VAL D 1671 -58.78 37.19 -67.00
CA VAL D 1671 -57.85 36.10 -67.06
C VAL D 1671 -58.49 34.91 -66.41
N THR D 1672 -58.44 33.75 -67.09
CA THR D 1672 -59.05 32.55 -66.56
C THR D 1672 -58.11 31.92 -65.57
N THR D 1673 -58.34 30.63 -65.26
CA THR D 1673 -57.62 29.79 -64.32
C THR D 1673 -56.35 29.14 -64.81
N PRO D 1674 -55.87 29.12 -66.03
CA PRO D 1674 -54.71 28.31 -66.32
C PRO D 1674 -53.47 28.44 -65.49
N MET D 1675 -52.74 29.57 -65.57
CA MET D 1675 -51.55 29.75 -64.77
C MET D 1675 -50.66 28.55 -64.76
N LEU D 1676 -49.94 28.29 -65.88
CA LEU D 1676 -48.98 27.23 -66.11
C LEU D 1676 -48.74 26.43 -64.87
N ASN D 1677 -47.61 26.69 -64.20
CA ASN D 1677 -47.25 26.05 -62.95
C ASN D 1677 -45.77 26.11 -62.83
N LEU D 1678 -45.16 24.95 -62.48
CA LEU D 1678 -43.75 24.87 -62.35
C LEU D 1678 -43.24 24.74 -63.75
N GLY D 1679 -42.98 25.89 -64.40
CA GLY D 1679 -42.56 25.89 -65.77
C GLY D 1679 -41.31 25.09 -65.91
N SER D 1680 -40.34 25.32 -65.00
CA SER D 1680 -39.10 24.62 -65.11
C SER D 1680 -38.16 25.22 -64.12
N TYR D 1681 -37.10 25.87 -64.64
CA TYR D 1681 -36.10 26.45 -63.80
C TYR D 1681 -36.13 27.92 -64.08
N THR D 1682 -35.26 28.69 -63.42
CA THR D 1682 -35.27 30.12 -63.43
C THR D 1682 -35.30 30.60 -64.85
N ALA D 1683 -34.58 29.94 -65.77
CA ALA D 1683 -34.53 30.40 -67.13
C ALA D 1683 -35.92 30.38 -67.70
N MET D 1684 -36.69 29.31 -67.43
CA MET D 1684 -38.03 29.13 -67.90
C MET D 1684 -38.92 30.16 -67.32
N PHE D 1685 -38.63 30.56 -66.07
CA PHE D 1685 -39.45 31.45 -65.29
C PHE D 1685 -39.56 32.77 -65.98
N LYS D 1686 -38.59 33.08 -66.86
CA LYS D 1686 -38.50 34.30 -67.61
C LYS D 1686 -39.73 34.48 -68.46
N CYS D 1687 -40.59 33.44 -68.57
CA CYS D 1687 -41.81 33.42 -69.33
C CYS D 1687 -41.52 32.87 -70.69
N LYS D 1688 -41.40 31.53 -70.70
CA LYS D 1688 -41.20 30.64 -71.81
C LYS D 1688 -42.41 29.83 -72.24
N VAL D 1689 -43.52 29.83 -71.48
CA VAL D 1689 -44.62 28.88 -71.55
C VAL D 1689 -44.84 28.28 -72.92
N PRO D 1690 -45.07 26.98 -72.88
CA PRO D 1690 -45.24 26.10 -74.03
C PRO D 1690 -46.47 26.42 -74.81
N PRO D 1691 -46.49 26.09 -76.08
CA PRO D 1691 -47.64 26.40 -76.89
C PRO D 1691 -48.86 25.68 -76.46
N PHE D 1692 -49.68 26.31 -75.61
CA PHE D 1692 -50.96 25.82 -75.18
C PHE D 1692 -50.80 24.55 -74.39
N SER D 1693 -49.58 24.01 -74.31
CA SER D 1693 -49.48 22.77 -73.61
C SER D 1693 -49.74 23.13 -72.19
N PHE D 1694 -50.91 22.72 -71.68
CA PHE D 1694 -51.24 23.13 -70.35
C PHE D 1694 -50.56 22.18 -69.42
N HIS D 1695 -49.36 22.56 -68.96
CA HIS D 1695 -48.68 21.70 -68.05
C HIS D 1695 -49.36 21.95 -66.74
N ALA D 1696 -50.47 21.22 -66.54
CA ALA D 1696 -51.37 21.42 -65.43
C ALA D 1696 -50.67 21.26 -64.12
N PHE D 1697 -51.23 21.95 -63.11
CA PHE D 1697 -50.71 21.92 -61.78
C PHE D 1697 -51.50 22.94 -61.02
N GLU D 1698 -51.56 24.17 -61.57
CA GLU D 1698 -52.29 25.23 -60.92
C GLU D 1698 -53.56 25.49 -61.68
N LEU D 1699 -54.72 25.35 -61.00
CA LEU D 1699 -56.02 25.58 -61.57
C LEU D 1699 -56.69 26.63 -60.78
N GLY D 1700 -58.04 26.57 -60.77
CA GLY D 1700 -58.87 27.53 -60.10
C GLY D 1700 -58.69 27.35 -58.63
N LYS D 1701 -59.76 27.57 -57.84
CA LYS D 1701 -59.61 27.40 -56.41
C LYS D 1701 -59.15 25.99 -56.20
N MET D 1702 -57.88 25.85 -55.76
CA MET D 1702 -57.27 24.56 -55.63
C MET D 1702 -56.35 24.62 -54.45
N TYR D 1703 -55.50 23.59 -54.27
CA TYR D 1703 -54.53 23.60 -53.19
C TYR D 1703 -53.42 22.66 -53.54
N SER D 1704 -52.32 22.62 -52.74
CA SER D 1704 -51.27 21.66 -53.00
C SER D 1704 -50.44 21.42 -51.77
N VAL D 1705 -50.33 20.14 -51.35
CA VAL D 1705 -49.58 19.65 -50.21
C VAL D 1705 -48.10 19.45 -50.41
N GLU D 1706 -47.65 19.08 -51.63
CA GLU D 1706 -46.28 18.67 -51.84
C GLU D 1706 -45.30 19.81 -51.64
N SER D 1707 -44.05 19.45 -51.28
CA SER D 1707 -42.99 20.39 -51.01
C SER D 1707 -42.13 20.54 -52.24
N GLY D 1708 -40.91 21.08 -52.05
CA GLY D 1708 -39.99 21.25 -53.14
C GLY D 1708 -40.14 22.63 -53.69
N ASP D 1709 -39.54 22.85 -54.89
CA ASP D 1709 -39.55 24.13 -55.53
C ASP D 1709 -40.65 24.13 -56.56
N TYR D 1710 -41.49 25.18 -56.56
CA TYR D 1710 -42.57 25.27 -57.50
C TYR D 1710 -42.42 26.53 -58.30
N PHE D 1711 -43.54 27.02 -58.88
CA PHE D 1711 -43.49 28.23 -59.67
C PHE D 1711 -44.84 28.41 -60.27
N MET D 1712 -45.17 29.63 -60.73
CA MET D 1712 -46.42 29.86 -61.40
C MET D 1712 -46.22 30.89 -62.47
N THR D 1713 -46.57 30.54 -63.73
CA THR D 1713 -46.42 31.51 -64.78
C THR D 1713 -47.75 31.65 -65.45
N ALA D 1714 -47.89 32.67 -66.32
CA ALA D 1714 -49.14 32.98 -66.94
C ALA D 1714 -49.56 31.87 -67.85
N SER D 1715 -50.90 31.79 -68.06
CA SER D 1715 -51.50 30.74 -68.82
C SER D 1715 -50.86 30.71 -70.18
N THR D 1716 -50.69 31.89 -70.80
CA THR D 1716 -50.12 31.94 -72.12
C THR D 1716 -48.92 32.82 -72.08
N THR D 1717 -48.10 32.80 -73.15
CA THR D 1717 -46.89 33.56 -73.16
C THR D 1717 -47.21 35.02 -73.05
N GLU D 1718 -48.20 35.50 -73.85
CA GLU D 1718 -48.58 36.89 -73.85
C GLU D 1718 -49.23 37.26 -72.55
N LEU D 1719 -50.03 36.36 -71.99
CA LEU D 1719 -50.79 36.58 -70.80
C LEU D 1719 -49.81 36.86 -69.69
N CYS D 1720 -48.57 36.36 -69.83
CA CYS D 1720 -47.53 36.59 -68.85
C CYS D 1720 -47.16 38.05 -68.78
N ASN D 1721 -47.00 38.69 -69.94
CA ASN D 1721 -46.49 40.02 -70.11
C ASN D 1721 -47.47 41.07 -69.65
N ASP D 1722 -48.76 40.68 -69.53
CA ASP D 1722 -49.82 41.58 -69.16
C ASP D 1722 -49.65 42.05 -67.76
N ASN D 1723 -48.94 41.27 -66.91
CA ASN D 1723 -48.81 41.68 -65.55
C ASN D 1723 -47.56 41.09 -64.96
N ASN D 1724 -46.79 40.38 -65.79
CA ASN D 1724 -45.57 39.72 -65.37
C ASN D 1724 -45.84 38.63 -64.35
N LEU D 1725 -46.82 37.73 -64.59
CA LEU D 1725 -47.13 36.66 -63.67
C LEU D 1725 -46.03 35.64 -63.68
N ARG D 1726 -44.99 35.89 -62.87
CA ARG D 1726 -43.86 35.05 -62.62
C ARG D 1726 -43.70 34.43 -61.25
N ILE D 1727 -44.57 34.70 -60.24
CA ILE D 1727 -44.28 34.35 -58.87
C ILE D 1727 -43.75 32.95 -58.71
N HIS D 1728 -42.49 32.86 -58.24
CA HIS D 1728 -41.79 31.62 -58.07
C HIS D 1728 -41.95 31.19 -56.65
N VAL D 1729 -42.98 30.38 -56.37
CA VAL D 1729 -43.24 29.90 -55.05
C VAL D 1729 -42.20 28.87 -54.73
N HIS D 1730 -41.80 28.78 -53.44
CA HIS D 1730 -40.79 27.82 -53.07
C HIS D 1730 -41.17 27.22 -51.74
N VAL D 1731 -40.99 25.88 -51.59
CA VAL D 1731 -41.54 25.35 -50.38
C VAL D 1731 -40.57 24.39 -49.78
N ASP D 1732 -39.89 24.88 -48.72
CA ASP D 1732 -38.91 24.18 -47.99
C ASP D 1732 -39.38 23.89 -46.62
N ASP D 1733 -38.41 23.40 -45.83
CA ASP D 1733 -38.62 22.88 -44.53
C ASP D 1733 -38.28 23.92 -43.50
N GLU D 1734 -38.85 23.70 -42.29
CA GLU D 1734 -38.68 24.45 -41.09
C GLU D 1734 -37.21 24.34 -40.71
#